data_6ZKB
#
_entry.id   6ZKB
#
_cell.length_a   1.00
_cell.length_b   1.00
_cell.length_c   1.00
_cell.angle_alpha   90.00
_cell.angle_beta   90.00
_cell.angle_gamma   90.00
#
_symmetry.space_group_name_H-M   'P 1'
#
loop_
_entity.id
_entity.type
_entity.pdbx_description
1 polymer 'Mitochondrial complex I, 49 kDa subunit'
2 polymer 'NADH-ubiquinone oxidoreductase chain 5'
3 polymer 'NADH-ubiquinone oxidoreductase chain 4'
4 polymer 'NADH-ubiquinone oxidoreductase chain 2'
5 polymer 'Mitochondrial complex I, B14.7 subunit'
6 polymer 'NADH:ubiquinone oxidoreductase subunit B5'
7 polymer 'Acyl carrier protein'
8 polymer 'NADH dehydrogenase [ubiquinone] 1 alpha subcomplex subunit 8'
9 polymer 'Mitochondrial complex I, PDSW subunit'
10 polymer 'NADH dehydrogenase [ubiquinone] 1 alpha subcomplex subunit 10, mitochondrial'
11 polymer 'NADH:ubiquinone oxidoreductase subunit S5'
12 polymer 'NADH:ubiquinone oxidoreductase subunit A3'
13 polymer 'NADH:ubiquinone oxidoreductase subunit B3'
14 polymer 'NADH dehydrogenase [ubiquinone] 1 subunit C2'
15 polymer 'NADH:ubiquinone oxidoreductase subunit B4'
16 polymer 'Mitochondrial complex I, B16.6 subunit'
17 polymer 'Mitochondrial complex I, B17 subunit'
18 polymer 'NADH:ubiquinone oxidoreductase subunit B7'
19 polymer 'NADH:ubiquinone oxidoreductase subunit B9'
20 polymer 'NADH:ubiquinone oxidoreductase subunit B2'
21 polymer 'NADH dehydrogenase [ubiquinone] 1 beta subcomplex subunit 8, mitochondrial'
22 polymer 'Mitochondrial complex I, ESSS subunit'
23 polymer 'Mitochondrial complex I, KFYI subunit'
24 polymer 'Mitochondrial complex I, MNLL subunit'
25 polymer 'Mitochondrial complex I, MWFE subunit'
26 polymer 'NADH-ubiquinone oxidoreductase chain 3'
27 polymer 'NADH-ubiquinone oxidoreductase chain 1'
28 polymer 'NADH-ubiquinone oxidoreductase chain 6'
29 polymer 'NADH-ubiquinone oxidoreductase chain 4L'
30 non-polymer 1,2-Distearoyl-sn-glycerophosphoethanolamine
31 non-polymer 1,2-DIACYL-SN-GLYCERO-3-PHOSPHOCHOLINE
32 non-polymer CARDIOLIPIN
33 non-polymer 'S-[2-({N-[(2S)-2-hydroxy-3,3-dimethyl-4-(phosphonooxy)butanoyl]-beta-alanyl}amino)ethyl] tetradecanethioate'
34 non-polymer 'ADENOSINE MONOPHOSPHATE'
35 non-polymer 'MYRISTIC ACID'
36 water water
#
loop_
_entity_poly.entity_id
_entity_poly.type
_entity_poly.pdbx_seq_one_letter_code
_entity_poly.pdbx_strand_id
1 'polypeptide(L)'
;MAALRALRRLRGAAAQVLRPGAGARLPIQPSRGARQWQPDVEWAEQYGGAVMYPTKETAHWKPPPWNDVDPPKDTLVSNL
TLNFGPGVLRLVMELSGEMVRKCDPHIGLLH(2MR)GTEKLIEYKTYLQALPYFDRLDYVSMMCNEQAYSLAVEKLLNIQ
PPPRAQWIRVLFGEITRLLNHIMAVTTHALDIGAMTPFFWMFEEREKMFEFYERVSGARMHAAYVRPGGVHQDLPLGLMD
DIYEFSKNFSLRIDELEEMLTNNRIWRNRTVDIGVVTAEDALNYGFSGVMLRGSGIQWDLRKTQPYDVYDQVEFDVPIGS
RGDCYDRYLCRVEEMRQSIRIISQCLNKMPPGEIKVDDAKVSPPKRAEMKTSMESLIHHFKLYTEGYQVPPGATYTAIEA
PKGEFGVYLVSDGSSRPYRCKIKAPGFAHLAGLDKMSKGHMLADVVAIIGTQDIVFGEVDR
;
4
2 'polypeptide(L)'
;(FME)NLFSSLTLVTLILLTMPIAAINFNTHKFTNYPLYVKTTISCAFITSMIPTMMFIHTGQEMIISNWHWLTIQTLKL
SLSFKMDFFSMMFVPVALFVTWSIMEFSMWYMHSDPNINQFFKYLLLFLITMLILVTANNLFQLFIGWEGVGIMSFLLIG
WWYGRTDANTAALQAILYNRIGDIGFILAMAWFLINLNTWDLQQIFMLNPNDSNLPLMGLILAATGKSAQFGLHPWLPSA
MEGPTPVSALLHSSTMVVAGIFLLIRFYPLTENNKFGQSIMLCLGAMTTLFTAMCALTQNDIKKIIAFSTSSQLGLMMVT
IGINQPHLAFLHICTHAFFKAMLFMCSGSIIHSLNDEQDIRKMGGLFKAMPFTTTALIIGSLALTGMPFLTGFYSKDLII
ESANTSYTNAWALLMTLVATSFTAIYSTRIIFFALLGQPRFPTLININENNPFLINSIKRLLIGSLFAGFIISNNIPPMT
IPQMTMPHYLKMTALTVTILGFILALEISNTTHYLKFNYPSNTFKFSNLLGYYPTIMHRLTPYMNLTMSQKSASSLLDLI
WLETILPKTISLAQMKMSTTITSQKGLIKLYFLSFLITILISTTLLNFHE
;
L
3 'polypeptide(L)'
;(FME)LKYIIPTMMLMPLTWLSKNSMIWINTTLHSLLISLTSLLLLNQFGDNSLNFSLTFFSDSLSTPLLILTMWLLPLM
LMASQHHLSKENLARKKLFISMLILLQLFLIMTFTATELIFFYIMFEATLVPTLIIITRWGNQTERLNAGLYFLFYTLAG
SLPLLVALIYIQNTMGSLNFLILQYWVQPMPNSWSNTFMWLACMMAFMVKMPLYGLHLWLPKAHVEAPIAGSMVLAAILL
KLGGYGMMRITLLLNPITDFMAYPFIMLSLWGMIMTSSICLRQTDLKSLIAYSSVSHMALVIVAILIQTPWSYMGATALM
IAHGLTSSMLFCLANSNYERVHSRTMILARGLQTLLPLMAAWWLLASLTNLALPPSINLIGELFVVMSTFSWSNITIILM
GLNMVITALYSLYMLITTQRGKHTHHINNILPSFTRENALMSLHMLPLLLLSLNPKIILGPLY
;
M
4 'polypeptide(L)'
;MNPIILIIILMTVMLGTIIVMISTHWLLIWIGFEMNMLAIIPIMMKKHNPRATEASTKYFLTQSTASMLLMMAIIINLMF
SGQWTVMKLFNPMASMLMTMALAMKLGMAPFHFWVPEVTQGIPLSSGLILLTWQKLAPMSVLYQILPSINLDLILTLSIL
SITIGGWGGLNQTQLRKIMAYSSIAHMGWMTAVLLYNPTMTLLNLIIYIIMTSTMFTLFMANSTTTTLSLSHTWNKAPIM
TILVLITLLSMGGLPPLSGFMPKWMIIQEMTKNDSIILPTLMAITALLNLYFYMRLTYSTALTMFPSTNNMKMKWQFPTT
KRMTLLPTMTVLSTMLLPLTPILSILE
;
N
5 'polypeptide(L)'
;M(AYA)KTLLHQYWDIPEGTECHRKTYAATSIGGASGLVVSAYSVALKTPTSFLEGVARTGRYTFTAAAIGAIFGLTSCI
SAQVREKPDDPLNYLIGGCAGGLTLGARTRSYGIGAAACAYMGLTAALVKMGQLEGWKVFAEPKV
;
V
6 'polypeptide(L)'
;MAAMSLLHRASVSAVVALSGRRLGTRLGFGGFLTRDFPKTVAPVRHSGDHGKRLFIIKPSGFYDKRFLKLLRFYILLTGI
PVVIGITLINVFIGEAELAEIPEGYVPEHWEYFKHPISRWIARTFFDAPEKNYERTMAILQIESEKAELRLKELEVRRLM
RAKGDGPWFQYPTIDKALIDHSPKATPDN
;
W
7 'polypeptide(L)'
;VEVKDFYTTNYQTAVSFSPLGPMPSMALMAVSLSGANVPKSGGRPEESRVPVLTQRKVPGRVTPLCRQYSDAPPLTLEGI
KDRVLYVLKLYDKIDPEKLSVNSHFMKDLGLDSLDQVEIIMAMEDEFGFEIPDIDAEKLMCPQEIVDYIADKKDVYE
;
X
8 'polypeptide(L)'
;MPGIVELPSLEDLKVQEVKVSSSVLKAAAHHYGAQCDKPNKEFMLCRWEEKDPRRCLEEGKLVNQCALEFFRQIKRHCAE
PFTEYWTCIDYSGLQLFRRCRKEQAQFDKCVLDKLGWVRPDLGELSKVTKVKTDRPLPENPYHSRARPEPNPEVEGDLKP
ARHGSRLFFWTM
;
Y
9 'polypeptide(L)'
;PDSWDKDVYPEPPRRTPAPSPQTSLPNPITYLTKAFDLLVDRPVTLVREFIERQHAKNKYYYYHREFRRVPDITECHEKD
VLCMFEAEMQWKRDYKVDQEIVNIIQERLKACQQREGESHRQNCAKELQQFTQVVKAYQDRYHDLGAHYSARKCLAKQKQ
RMLAERKATKEAAAA
;
Z
10 'polypeptide(L)'
;MALRFLRLVPASAASRGLAAVPPRVGGIHTSVQRKLQYGPLAYILGEKTTKKMTENSKLITVDGNICSGK(SEP)KLAKE
VAEKLGLKHFPEAGIHYADSTTGDGKPLPVRFSGNCSLEKFYDDPKSNDGNSYRLQAWLYASRLLQYADALEHLLSTGQG
VVLERSIYSDFVFLEAMYRQGFIRKQCVDHYNQVKKVTVCEYLPPHVVIYVDVPVSEVQSRIQKKGNPHEMKITSAYLQD
IENVYKGTFLPEMSEKCEVLQYSAWEAEDAEKVVEDIQYLKYDKGPWLDQDDRKLHNLRMLVQDKLEVLNYTSIPVFLPE
VTIGAHQSDRVFQEFTELPGRKYRAGYNEDVGDKWIWLK
;
k
11 'polypeptide(L)'
;MPFFDVQKKLGVDLDHWMTIQSAEQPHRIPARCHAFEKEWIECAHGIGSIRAEKECKIEFEDFRECLLRQKTMKRLNAIK
RQRDKLIKEGKYTPPPHHSGQEDLRP
;
l
12 'polypeptide(L)'
;MAPRVAAFLKNVWAKEPVLVASFAIAGLAVILPTLSPYTKYSLMINRATPYNYPVPLRDDGNMPDVPSHPQDPQGPSLEW
LKRL
;
m
13 'polypeptide(L)'
;MAHGHGHEHGPSKMELPDYKQWKIEGTPLETVQEKLAARGLRDPWGRNEAWRYMGGFANNVSFVGALLKGFKWGFAAFVV
AVGAEYYLESQKKDKKHH
;
n
14 'polypeptide(L)'
;VTMMTGRQARAPLQFLPDEARSLPPPKLTDPRLAYIGFLGYCSGLIDNAIRRRPVLSAGLHRQFLYITSFVFVGYYLLKR
QDYMYAVRDHDMFSYIKSHPEDFPEKDKKTYREVFEEFHPVR
;
o
15 'polypeptide(L)'
;KMSFPKYEPSRLASLPTTLDPAEYDISSETRKAQAERLAIRSRLKREYQLQYNDPSRRGVVEDPALIRWTCARSANVYPN
FRPNTKTSLLGALFGIGPLIFWYYVFKTDRDRKEKLIQEGKLDRTFNISY
;
p
16 'polypeptide(L)'
;MAASKVKQDMPPVGGYGPIDYKRNLPRRGLSGYSMFAVGIGALLFGYWSMMRWNRERRRLQIEDFEARIALMPLLQAEKD
RRVLQMLRENLEEEATIMKDVPGWKVGESVFHTTRWVTPMMGELYGLRTGEEILSSTYGFIWYT
;
q
17 'polypeptide(L)'
;MSGYTPDEKLRLQQLRELRRRWLKDQELSPREPVLPPRRVSPVERFWNKFLQDGALWKNVIYKTYRHSIFAFTHVLIPVW
IIHYYLKYHVTTKPYTIVEKKPRIFPGDTILETGEVIPPMKEFPDQHH
;
r
18 'polypeptide(L)'
;MGAHLARRYLGDASVEPEPLRMPTFPPDYGFPERKEREMVATQQEMNDAQLVLQQRDYCAHYLIRFLKCKRDSFPNFLAC
KHEQHDWDYCEHLDYVKRMKEFERERRLLQRKKRREQREADMAKGLGPGEVAPEVAL
;
s
19 'polypeptide(L)'
;MAFLPSAAYLTHQQKVLQLYKRALRHLESRCVHRDKYRYFACLLRARFDEHKNEKDMVKATQLLREAEKEFWHGQHPQPY
IFPESPGGTSYERYECYKVPEWCLDDWHPSEKAMYPDYFAKREQWKKLRRESWEREVKQLQEETPVGGPRTEALPPARKQ
GDLPPLWWHIVTRPRERPM
;
t
20 'polypeptide(L)'
;MAGMSALKRLAPFAHVGGHLFRGRCARAVGAGGVRRAGGGAHIEPRYRQFPQLTRSQVIQAEFFSATMWFWILWRFWHDS
DAVLGHFPYPDPSQWTDEELGIPPDDED
;
u
21 'polypeptide(L)'
;MAAARAGVLGIRWLQKAARNVVPLGARTASHITKDMLPGPYPKTPEERAAAAKKYNMRVEDYEPYPDDGMGYGDYPKLPD
RSQQERDPWYDWDHPDLRLNWGEPMHWDLDMYIRNRVDTSPTPVNWNLMCKHLFGFVAFMLFMFWVGETYPTYQPVGPKQ
YPYNNLYLERGGDPNKEPEPVVHYEI
;
v
22 'polypeptide(L)'
;MAAGMLGLCGRRLLAVAATRGLPAASVRWESSSSRAVIAPSTLAGKRPSEPTLRWQEDPEPEDENLYEKNPDSHGYDKDP
AVDVWNMRVVFFFGFSIVLVLGSTFVAYLPDYRMQEWARREAERLVKYREAHGLPLMESNCFDPSKIQLPEDED
;
w
23 'polypeptide(L)' MAPSAFLRPFWKLLAPARFPSVSSSRSKFYIQEPPHGSPNWLKVGLTLGTSAFLWIYLIKQHNEDVLEYKRRNGLE x
24 'polypeptide(L)' MMNLLQVVRDHWIHVLVPVGFVFGYYLDRKNDEKLAAFRNKSLLYKRELKPQEEVTWK y
25 'polypeptide(L)' MWFEVLPGIAVMGVCLFIPGMATARIHRFSNGGREKRVAHYSYQWYLMERDRRVSGVNRYYVSKGLENID z
26 'polypeptide(L)'
;MNLMITLLTNFTLATLLVTIAFWLPQLNVYSEKTSPYECGFDPMGSARLPFSMKFFLVAITFLLFDLEIALLLPLPWASQ
TTNLNTMLTMALLLIFLLAVSLAYEWTQKGLEWTE
;
A
27 'polypeptide(L)'
;MFMINVLTLIIPILLAVAFLTLVERKVLGYMQFRKGPNVVGPYGLLQPIADAIKLFIKEPLRPATSSISMFILAPILALT
LALTMWIPLPMPYPLINMNLGVLFMLAMSSLAVYSILWSGWASNSKYALIGALRAVAQTISYEVTLAIILLSVLLMNGSF
TLSTLIITQEQVWLIFPAWPLAMMWFISTLAETNRAPFDLTEGESELVSGFNVEYAAGPFALFFMAEYANIIMMNIFTTT
LFLGAFHNPYMPELYTINFTIKSLLLSITFLWIRASYPRFRYDQLMHLLWKNFLPLTLALCMWHVSLPILLSSIPPQT
;
H
28 'polypeptide(L)'
;MMTYIVFILSIIFVMGFVGFSSKPSPIYGGLGLIVSGGVGCGIVLNFGGSFLGLMVFLIYLGGMMVVFGYTTAMATEQYP
EVWVSNKVVLGTFITGLLMEFLMVYYVLKDKEVEIVFKFNGMGDWVIYDTGDSGFFSEEAMGIAALYSYGTWLVIVTGWS
LLIGVVVIMEITRGN
;
J
29 'polypeptide(L)'
;(FME)SLVYMNIMMAFTVSLTGLLMYRSHLMSSLLCLEGMMLSLFILATLMILNSHFTLASMMPIILLVFAACEAALGLS
LLVMVSNTYGTDYVQNLNLLQC
;
K
#
loop_
_chem_comp.id
_chem_comp.type
_chem_comp.name
_chem_comp.formula
3PE non-polymer 1,2-Distearoyl-sn-glycerophosphoethanolamine 'C41 H82 N O8 P'
AMP non-polymer 'ADENOSINE MONOPHOSPHATE' 'C10 H14 N5 O7 P'
CDL non-polymer CARDIOLIPIN 'C81 H156 O17 P2 -2'
MYR non-polymer 'MYRISTIC ACID' 'C14 H28 O2'
PC1 non-polymer 1,2-DIACYL-SN-GLYCERO-3-PHOSPHOCHOLINE 'C44 H88 N O8 P'
ZMP non-polymer 'S-[2-({N-[(2S)-2-hydroxy-3,3-dimethyl-4-(phosphonooxy)butanoyl]-beta-alanyl}amino)ethyl] tetradecanethioate' 'C25 H49 N2 O8 P S'
#
# COMPACT_ATOMS: atom_id res chain seq x y z
N ALA A 34 25.06 -17.00 1.67
CA ALA A 34 24.90 -17.22 3.10
C ALA A 34 24.74 -15.89 3.82
N ARG A 35 25.28 -14.83 3.21
CA ARG A 35 25.13 -13.48 3.74
C ARG A 35 23.92 -12.80 3.11
N GLN A 36 23.72 -11.55 3.47
CA GLN A 36 22.57 -10.79 2.98
C GLN A 36 22.78 -10.38 1.54
N TRP A 37 21.74 -10.55 0.72
CA TRP A 37 21.77 -10.07 -0.64
C TRP A 37 21.71 -8.55 -0.65
N GLN A 38 22.64 -7.93 -1.37
CA GLN A 38 22.60 -6.51 -1.67
C GLN A 38 22.76 -6.34 -3.18
N PRO A 39 22.16 -5.30 -3.76
CA PRO A 39 22.04 -5.25 -5.23
C PRO A 39 23.37 -5.08 -5.96
N ASP A 40 23.44 -5.72 -7.13
CA ASP A 40 24.60 -5.72 -7.98
C ASP A 40 24.39 -4.76 -9.14
N VAL A 41 25.31 -4.80 -10.12
CA VAL A 41 25.24 -3.92 -11.28
C VAL A 41 24.05 -4.27 -12.16
N GLU A 42 23.71 -5.55 -12.26
CA GLU A 42 22.56 -5.98 -13.06
C GLU A 42 21.25 -5.47 -12.48
N TRP A 43 21.14 -5.42 -11.15
CA TRP A 43 19.96 -4.85 -10.51
C TRP A 43 19.96 -3.33 -10.60
N ALA A 44 21.12 -2.71 -10.40
CA ALA A 44 21.18 -1.26 -10.30
C ALA A 44 21.10 -0.56 -11.64
N GLU A 45 21.45 -1.23 -12.74
CA GLU A 45 21.32 -0.63 -14.07
C GLU A 45 19.89 -0.61 -14.58
N GLN A 46 18.94 -1.18 -13.85
CA GLN A 46 17.54 -1.04 -14.21
C GLN A 46 17.03 0.37 -13.94
N TYR A 47 17.69 1.11 -13.07
CA TYR A 47 17.27 2.43 -12.65
C TYR A 47 18.09 3.53 -13.30
N GLY A 48 18.78 3.22 -14.39
CA GLY A 48 19.71 4.16 -14.97
C GLY A 48 19.28 4.76 -16.29
N GLY A 49 18.21 4.24 -16.87
CA GLY A 49 17.74 4.74 -18.15
C GLY A 49 17.04 6.08 -18.01
N ALA A 50 16.61 6.61 -19.16
CA ALA A 50 15.85 7.85 -19.15
C ALA A 50 14.47 7.64 -18.55
N VAL A 51 13.90 6.46 -18.73
CA VAL A 51 12.63 6.10 -18.11
C VAL A 51 12.83 4.84 -17.28
N MET A 52 11.76 4.35 -16.69
CA MET A 52 11.80 3.13 -15.89
C MET A 52 11.32 1.91 -16.66
N TYR A 53 10.31 2.06 -17.50
CA TYR A 53 9.75 0.96 -18.29
C TYR A 53 9.95 1.28 -19.75
N PRO A 54 11.05 0.82 -20.37
CA PRO A 54 11.35 1.21 -21.76
C PRO A 54 10.42 0.53 -22.75
N THR A 55 9.67 1.33 -23.50
CA THR A 55 8.83 0.86 -24.58
C THR A 55 9.48 1.19 -25.92
N LYS A 56 8.71 1.01 -27.00
CA LYS A 56 9.22 1.28 -28.35
C LYS A 56 9.43 2.77 -28.56
N GLU A 57 8.52 3.61 -28.04
CA GLU A 57 8.69 5.05 -28.19
C GLU A 57 9.80 5.57 -27.29
N THR A 58 9.87 5.10 -26.05
CA THR A 58 10.86 5.56 -25.09
C THR A 58 12.11 4.70 -25.13
N ALA A 59 12.65 4.48 -26.33
CA ALA A 59 13.83 3.64 -26.51
C ALA A 59 15.06 4.40 -26.96
N HIS A 60 14.88 5.44 -27.77
CA HIS A 60 15.99 6.28 -28.19
C HIS A 60 16.36 7.33 -27.14
N TRP A 61 15.61 7.43 -26.05
CA TRP A 61 15.85 8.44 -25.04
C TRP A 61 17.09 8.08 -24.24
N LYS A 62 18.19 8.78 -24.51
CA LYS A 62 19.36 8.67 -23.67
C LYS A 62 19.11 9.39 -22.34
N PRO A 63 19.80 9.00 -21.27
CA PRO A 63 19.65 9.74 -20.01
C PRO A 63 20.27 11.12 -20.13
N PRO A 64 19.77 12.10 -19.38
CA PRO A 64 20.25 13.48 -19.50
C PRO A 64 21.67 13.63 -18.96
N PRO A 65 22.38 14.69 -19.32
CA PRO A 65 23.76 14.85 -18.83
C PRO A 65 23.81 15.09 -17.32
N TRP A 66 25.01 14.89 -16.78
CA TRP A 66 25.15 14.86 -15.34
C TRP A 66 25.08 16.25 -14.71
N ASN A 67 25.72 17.24 -15.34
CA ASN A 67 25.58 18.62 -14.89
C ASN A 67 24.45 19.35 -15.60
N ASP A 68 23.64 18.62 -16.37
CA ASP A 68 22.50 19.11 -17.16
C ASP A 68 22.91 20.15 -18.21
N VAL A 69 24.17 20.14 -18.61
CA VAL A 69 24.70 21.09 -19.58
C VAL A 69 25.02 20.33 -20.85
N ASP A 70 24.50 20.77 -21.93
CA ASP A 70 24.51 20.21 -23.25
C ASP A 70 25.63 20.81 -24.10
N PRO A 71 26.15 20.07 -25.07
CA PRO A 71 27.11 20.65 -26.00
C PRO A 71 26.45 21.69 -26.88
N PRO A 72 27.17 22.73 -27.32
CA PRO A 72 26.53 23.89 -27.93
C PRO A 72 26.02 23.67 -29.34
N LYS A 73 26.39 22.56 -29.99
CA LYS A 73 26.03 22.14 -31.36
C LYS A 73 26.01 23.25 -32.42
N FME B 1 -15.71 -46.28 50.14
CN FME B 1 -14.99 -47.44 50.08
O1 FME B 1 -14.18 -47.69 49.17
CA FME B 1 -15.59 -45.23 49.17
CB FME B 1 -16.62 -44.11 49.40
CG FME B 1 -16.76 -43.21 48.20
SD FME B 1 -16.10 -41.63 48.64
CE FME B 1 -17.11 -41.21 50.01
C FME B 1 -14.20 -44.58 49.18
O FME B 1 -13.62 -44.21 48.16
N ASN B 2 -13.66 -44.43 50.38
CA ASN B 2 -12.37 -43.80 50.55
C ASN B 2 -11.21 -44.68 50.10
N LEU B 3 -11.43 -46.00 50.08
CA LEU B 3 -10.42 -46.92 49.58
C LEU B 3 -10.43 -47.00 48.07
N PHE B 4 -11.64 -47.08 47.50
CA PHE B 4 -11.85 -47.31 46.08
C PHE B 4 -11.29 -46.16 45.24
N SER B 5 -11.73 -44.94 45.54
CA SER B 5 -11.34 -43.77 44.77
C SER B 5 -9.87 -43.43 44.96
N SER B 6 -9.35 -43.65 46.18
CA SER B 6 -7.95 -43.36 46.44
C SER B 6 -7.04 -44.29 45.66
N LEU B 7 -7.28 -45.61 45.73
CA LEU B 7 -6.41 -46.52 44.99
C LEU B 7 -6.62 -46.41 43.48
N THR B 8 -7.83 -46.01 43.07
CA THR B 8 -8.10 -45.66 41.67
C THR B 8 -7.16 -44.56 41.18
N LEU B 9 -7.12 -43.43 41.88
CA LEU B 9 -6.24 -42.36 41.42
C LEU B 9 -4.76 -42.65 41.68
N VAL B 10 -4.46 -43.50 42.67
CA VAL B 10 -3.08 -43.88 42.96
C VAL B 10 -2.50 -44.70 41.84
N THR B 11 -3.30 -45.55 41.19
CA THR B 11 -2.83 -46.29 40.02
C THR B 11 -2.35 -45.36 38.91
N LEU B 12 -3.13 -44.33 38.61
CA LEU B 12 -2.80 -43.43 37.51
C LEU B 12 -1.63 -42.52 37.87
N ILE B 13 -1.61 -41.98 39.08
CA ILE B 13 -0.52 -41.11 39.51
C ILE B 13 0.78 -41.90 39.64
N LEU B 14 0.67 -43.15 40.09
CA LEU B 14 1.83 -44.04 40.17
C LEU B 14 2.40 -44.32 38.79
N LEU B 15 1.54 -44.46 37.78
CA LEU B 15 2.08 -44.57 36.43
C LEU B 15 2.73 -43.28 35.95
N THR B 16 2.21 -42.12 36.36
CA THR B 16 2.84 -40.88 35.92
C THR B 16 4.15 -40.56 36.63
N MET B 17 4.43 -41.19 37.77
CA MET B 17 5.66 -40.87 38.50
C MET B 17 6.99 -41.18 37.76
N PRO B 18 7.17 -42.32 37.04
CA PRO B 18 8.44 -42.48 36.32
C PRO B 18 8.63 -41.53 35.14
N ILE B 19 7.57 -40.92 34.62
CA ILE B 19 7.74 -39.88 33.60
C ILE B 19 8.39 -38.65 34.22
N ALA B 20 7.97 -38.27 35.42
CA ALA B 20 8.63 -37.20 36.14
C ALA B 20 10.06 -37.58 36.51
N ALA B 21 10.29 -38.85 36.83
CA ALA B 21 11.63 -39.31 37.17
C ALA B 21 12.58 -39.22 35.98
N ILE B 22 12.13 -39.63 34.80
CA ILE B 22 13.01 -39.56 33.63
C ILE B 22 13.11 -38.14 33.09
N ASN B 23 12.11 -37.28 33.31
CA ASN B 23 12.27 -35.90 32.88
C ASN B 23 13.11 -35.09 33.84
N PHE B 24 13.28 -35.55 35.09
CA PHE B 24 14.02 -34.80 36.09
C PHE B 24 15.36 -35.46 36.43
N ASN B 25 16.07 -35.98 35.43
CA ASN B 25 17.28 -36.75 35.68
C ASN B 25 18.53 -35.98 35.31
N THR B 26 19.61 -36.35 35.96
CA THR B 26 20.96 -35.92 35.60
C THR B 26 21.89 -37.11 35.40
N HIS B 27 21.78 -38.11 36.25
CA HIS B 27 22.67 -39.28 36.24
C HIS B 27 22.23 -40.27 35.17
N LYS B 28 22.98 -41.36 35.07
CA LYS B 28 22.56 -42.53 34.31
C LYS B 28 21.87 -43.47 35.30
N PHE B 29 20.68 -43.93 34.93
CA PHE B 29 19.86 -44.71 35.85
C PHE B 29 20.42 -46.08 36.12
N THR B 30 20.27 -46.52 37.37
CA THR B 30 20.45 -47.92 37.74
C THR B 30 19.19 -48.68 37.30
N ASN B 31 19.15 -48.96 36.00
CA ASN B 31 18.12 -49.77 35.33
C ASN B 31 16.73 -49.16 35.52
N TYR B 32 16.57 -47.98 34.90
CA TYR B 32 15.25 -47.41 34.66
C TYR B 32 14.22 -48.34 34.03
N PRO B 33 14.55 -49.28 33.12
CA PRO B 33 13.56 -50.30 32.75
C PRO B 33 13.05 -51.14 33.92
N LEU B 34 13.94 -51.54 34.84
CA LEU B 34 13.50 -52.25 36.04
C LEU B 34 12.63 -51.37 36.91
N TYR B 35 12.90 -50.08 36.95
CA TYR B 35 12.09 -49.15 37.72
C TYR B 35 10.68 -49.01 37.14
N VAL B 36 10.57 -48.89 35.81
CA VAL B 36 9.25 -48.78 35.18
C VAL B 36 8.48 -50.09 35.28
N LYS B 37 9.19 -51.22 35.17
CA LYS B 37 8.52 -52.52 35.29
C LYS B 37 8.04 -52.77 36.71
N THR B 38 8.83 -52.36 37.70
CA THR B 38 8.41 -52.46 39.10
C THR B 38 7.21 -51.55 39.37
N THR B 39 7.21 -50.36 38.77
CA THR B 39 6.11 -49.42 38.93
C THR B 39 4.81 -49.97 38.34
N ILE B 40 4.90 -50.61 37.17
CA ILE B 40 3.69 -51.13 36.55
C ILE B 40 3.20 -52.42 37.20
N SER B 41 4.13 -53.23 37.73
CA SER B 41 3.73 -54.36 38.57
C SER B 41 2.99 -53.88 39.81
N CYS B 42 3.49 -52.83 40.45
CA CYS B 42 2.85 -52.35 41.65
C CYS B 42 1.55 -51.62 41.34
N ALA B 43 1.43 -51.04 40.15
CA ALA B 43 0.17 -50.43 39.76
C ALA B 43 -0.88 -51.46 39.41
N PHE B 44 -0.46 -52.61 38.86
CA PHE B 44 -1.36 -53.75 38.72
C PHE B 44 -1.87 -54.22 40.08
N ILE B 45 -0.96 -54.35 41.05
CA ILE B 45 -1.33 -54.76 42.41
C ILE B 45 -2.28 -53.74 43.03
N THR B 46 -2.04 -52.44 42.77
CA THR B 46 -2.88 -51.38 43.32
C THR B 46 -4.26 -51.39 42.67
N SER B 47 -4.33 -51.59 41.36
CA SER B 47 -5.61 -51.60 40.66
C SER B 47 -6.41 -52.88 40.91
N MET B 48 -5.78 -53.93 41.43
CA MET B 48 -6.55 -55.11 41.77
C MET B 48 -7.43 -54.95 43.01
N ILE B 49 -7.19 -53.96 43.85
CA ILE B 49 -8.09 -53.77 45.00
C ILE B 49 -9.45 -53.20 44.57
N PRO B 50 -9.56 -52.12 43.76
CA PRO B 50 -10.90 -51.71 43.33
C PRO B 50 -11.60 -52.72 42.44
N THR B 51 -10.84 -53.56 41.73
CA THR B 51 -11.45 -54.65 40.98
C THR B 51 -12.07 -55.69 41.90
N MET B 52 -11.39 -56.04 42.99
CA MET B 52 -11.96 -56.99 43.94
C MET B 52 -13.18 -56.41 44.65
N MET B 53 -13.15 -55.14 45.00
CA MET B 53 -14.32 -54.56 45.65
C MET B 53 -15.34 -54.02 44.66
N PHE B 54 -15.13 -54.23 43.36
CA PHE B 54 -16.20 -54.24 42.39
C PHE B 54 -16.82 -55.63 42.23
N ILE B 55 -16.00 -56.68 42.31
CA ILE B 55 -16.55 -58.04 42.18
C ILE B 55 -17.36 -58.39 43.43
N HIS B 56 -17.02 -57.80 44.58
CA HIS B 56 -17.82 -58.05 45.78
C HIS B 56 -19.18 -57.39 45.70
N THR B 57 -19.22 -56.06 45.66
CA THR B 57 -20.49 -55.33 45.73
C THR B 57 -21.07 -54.96 44.37
N GLY B 58 -20.23 -54.66 43.39
CA GLY B 58 -20.68 -53.97 42.21
C GLY B 58 -20.45 -52.48 42.25
N GLN B 59 -19.40 -52.04 42.94
CA GLN B 59 -19.24 -50.62 43.29
C GLN B 59 -18.68 -49.86 42.11
N GLU B 60 -19.55 -49.11 41.43
CA GLU B 60 -19.15 -48.16 40.40
C GLU B 60 -19.16 -46.76 41.00
N MET B 61 -18.29 -45.89 40.50
CA MET B 61 -18.36 -44.49 40.87
C MET B 61 -17.76 -43.63 39.77
N ILE B 62 -17.81 -42.32 40.00
CA ILE B 62 -17.27 -41.32 39.11
C ILE B 62 -16.50 -40.33 39.95
N ILE B 63 -15.25 -40.09 39.59
CA ILE B 63 -14.43 -39.13 40.30
C ILE B 63 -14.29 -37.90 39.41
N SER B 64 -15.15 -36.91 39.60
CA SER B 64 -15.07 -35.66 38.86
C SER B 64 -14.31 -34.63 39.70
N ASN B 65 -13.00 -34.84 39.78
CA ASN B 65 -12.26 -34.23 40.87
C ASN B 65 -11.71 -32.84 40.56
N TRP B 66 -11.61 -32.46 39.30
CA TRP B 66 -11.01 -31.18 38.96
C TRP B 66 -11.85 -30.51 37.88
N HIS B 67 -12.54 -29.45 38.26
CA HIS B 67 -13.16 -28.54 37.31
C HIS B 67 -12.09 -27.88 36.45
N TRP B 68 -12.14 -28.14 35.16
CA TRP B 68 -11.13 -27.63 34.24
C TRP B 68 -11.62 -26.40 33.48
N LEU B 69 -12.84 -26.42 32.95
CA LEU B 69 -13.30 -25.35 32.09
C LEU B 69 -14.82 -25.34 32.14
N THR B 70 -15.42 -24.22 31.73
CA THR B 70 -16.87 -24.12 31.64
C THR B 70 -17.20 -23.26 30.43
N ILE B 71 -17.54 -23.90 29.31
CA ILE B 71 -17.98 -23.18 28.13
C ILE B 71 -19.50 -23.07 28.23
N GLN B 72 -19.93 -22.15 29.08
CA GLN B 72 -21.24 -21.51 29.16
C GLN B 72 -22.42 -22.40 29.50
N THR B 73 -22.39 -23.67 29.12
CA THR B 73 -23.44 -24.62 29.48
C THR B 73 -22.79 -25.97 29.68
N LEU B 74 -21.56 -26.10 29.22
CA LEU B 74 -20.84 -27.36 29.27
C LEU B 74 -19.64 -27.21 30.18
N LYS B 75 -19.69 -27.89 31.32
CA LYS B 75 -18.62 -27.82 32.31
C LYS B 75 -17.68 -29.00 32.08
N LEU B 76 -16.50 -28.73 31.56
CA LEU B 76 -15.47 -29.76 31.40
C LEU B 76 -14.76 -29.96 32.72
N SER B 77 -14.84 -31.18 33.23
CA SER B 77 -14.21 -31.54 34.49
C SER B 77 -13.35 -32.76 34.27
N LEU B 78 -12.28 -32.87 35.06
CA LEU B 78 -11.44 -34.06 35.05
C LEU B 78 -12.21 -35.17 35.74
N SER B 79 -12.86 -36.01 34.94
CA SER B 79 -13.86 -36.94 35.44
C SER B 79 -13.48 -38.34 35.01
N PHE B 80 -13.20 -39.20 35.99
CA PHE B 80 -12.86 -40.60 35.76
C PHE B 80 -14.07 -41.47 36.06
N LYS B 81 -14.29 -42.48 35.23
CA LYS B 81 -15.46 -43.34 35.36
C LYS B 81 -15.01 -44.75 35.72
N MET B 82 -15.24 -45.15 36.96
CA MET B 82 -14.89 -46.49 37.43
C MET B 82 -16.16 -47.34 37.39
N ASP B 83 -16.38 -47.99 36.26
CA ASP B 83 -17.47 -48.94 36.05
C ASP B 83 -16.86 -50.31 35.75
N PHE B 84 -17.72 -51.23 35.28
CA PHE B 84 -17.31 -52.58 34.92
C PHE B 84 -16.18 -52.60 33.90
N PHE B 85 -16.21 -51.67 32.94
CA PHE B 85 -15.26 -51.67 31.85
C PHE B 85 -13.88 -51.23 32.32
N SER B 86 -13.82 -50.15 33.10
CA SER B 86 -12.54 -49.71 33.64
C SER B 86 -11.99 -50.71 34.66
N MET B 87 -12.87 -51.23 35.53
CA MET B 87 -12.45 -52.17 36.57
C MET B 87 -11.97 -53.50 36.02
N MET B 88 -12.47 -53.91 34.86
CA MET B 88 -11.95 -55.15 34.29
C MET B 88 -10.88 -54.95 33.25
N PHE B 89 -10.71 -53.74 32.72
CA PHE B 89 -9.68 -53.54 31.70
C PHE B 89 -8.37 -53.01 32.24
N VAL B 90 -8.40 -52.19 33.29
CA VAL B 90 -7.15 -51.66 33.84
C VAL B 90 -6.22 -52.74 34.40
N PRO B 91 -6.68 -53.73 35.19
CA PRO B 91 -5.73 -54.78 35.60
C PRO B 91 -5.26 -55.68 34.47
N VAL B 92 -6.11 -55.94 33.48
CA VAL B 92 -5.68 -56.74 32.33
C VAL B 92 -4.59 -56.01 31.54
N ALA B 93 -4.78 -54.72 31.30
CA ALA B 93 -3.79 -53.93 30.56
C ALA B 93 -2.51 -53.75 31.37
N LEU B 94 -2.61 -53.61 32.70
CA LEU B 94 -1.41 -53.50 33.52
C LEU B 94 -0.66 -54.82 33.62
N PHE B 95 -1.38 -55.94 33.67
CA PHE B 95 -0.73 -57.25 33.72
C PHE B 95 -0.02 -57.56 32.41
N VAL B 96 -0.70 -57.29 31.30
CA VAL B 96 -0.09 -57.43 29.97
C VAL B 96 1.11 -56.52 29.83
N THR B 97 0.99 -55.25 30.25
CA THR B 97 2.08 -54.29 30.10
C THR B 97 3.28 -54.66 30.98
N TRP B 98 3.03 -55.21 32.15
CA TRP B 98 4.11 -55.70 33.00
C TRP B 98 4.84 -56.87 32.36
N SER B 99 4.09 -57.77 31.70
CA SER B 99 4.73 -58.85 30.95
C SER B 99 5.52 -58.32 29.76
N ILE B 100 4.97 -57.34 29.05
CA ILE B 100 5.64 -56.78 27.87
C ILE B 100 6.91 -56.04 28.28
N MET B 101 6.92 -55.39 29.44
CA MET B 101 8.13 -54.67 29.81
C MET B 101 9.20 -55.57 30.39
N GLU B 102 8.83 -56.65 31.08
CA GLU B 102 9.88 -57.60 31.44
C GLU B 102 10.41 -58.33 30.21
N PHE B 103 9.56 -58.56 29.21
CA PHE B 103 10.04 -59.03 27.91
C PHE B 103 10.92 -58.00 27.22
N SER B 104 10.64 -56.72 27.41
CA SER B 104 11.35 -55.67 26.71
C SER B 104 12.73 -55.42 27.30
N MET B 105 12.89 -55.69 28.59
CA MET B 105 14.22 -55.63 29.21
C MET B 105 15.18 -56.66 28.63
N TRP B 106 14.66 -57.75 28.08
CA TRP B 106 15.45 -58.72 27.34
C TRP B 106 15.57 -58.39 25.86
N TYR B 107 14.43 -58.12 25.20
CA TYR B 107 14.41 -57.97 23.75
C TYR B 107 15.11 -56.69 23.33
N MET B 108 14.81 -55.58 24.01
CA MET B 108 15.37 -54.29 23.66
C MET B 108 16.61 -53.97 24.45
N HIS B 109 17.39 -54.98 24.83
CA HIS B 109 18.55 -54.77 25.69
C HIS B 109 19.73 -54.15 24.95
N SER B 110 19.89 -54.48 23.66
CA SER B 110 20.98 -53.91 22.88
C SER B 110 20.74 -52.46 22.49
N ASP B 111 19.54 -51.95 22.69
CA ASP B 111 19.19 -50.60 22.24
C ASP B 111 19.82 -49.57 23.16
N PRO B 112 20.58 -48.60 22.65
CA PRO B 112 21.11 -47.54 23.51
C PRO B 112 20.06 -46.51 23.92
N ASN B 113 18.87 -46.54 23.34
CA ASN B 113 17.76 -45.68 23.74
C ASN B 113 16.67 -46.48 24.45
N ILE B 114 17.08 -47.41 25.32
CA ILE B 114 16.12 -48.24 26.02
C ILE B 114 15.32 -47.43 27.03
N ASN B 115 15.91 -46.38 27.61
CA ASN B 115 15.18 -45.56 28.57
C ASN B 115 14.11 -44.75 27.87
N GLN B 116 14.40 -44.28 26.65
CA GLN B 116 13.38 -43.62 25.85
C GLN B 116 12.29 -44.59 25.43
N PHE B 117 12.64 -45.86 25.19
CA PHE B 117 11.65 -46.86 24.82
C PHE B 117 10.68 -47.14 25.96
N PHE B 118 11.21 -47.27 27.17
CA PHE B 118 10.35 -47.47 28.33
C PHE B 118 9.56 -46.21 28.68
N LYS B 119 10.13 -45.03 28.45
CA LYS B 119 9.38 -43.78 28.62
C LYS B 119 8.20 -43.71 27.65
N TYR B 120 8.44 -44.04 26.38
CA TYR B 120 7.38 -43.99 25.38
C TYR B 120 6.31 -45.05 25.64
N LEU B 121 6.73 -46.22 26.10
CA LEU B 121 5.79 -47.30 26.31
C LEU B 121 4.92 -47.03 27.54
N LEU B 122 5.52 -46.40 28.56
CA LEU B 122 4.73 -45.93 29.70
C LEU B 122 3.81 -44.77 29.34
N LEU B 123 4.25 -43.89 28.42
CA LEU B 123 3.36 -42.81 27.98
C LEU B 123 2.17 -43.35 27.21
N PHE B 124 2.38 -44.39 26.40
CA PHE B 124 1.26 -45.12 25.80
C PHE B 124 0.32 -45.67 26.86
N LEU B 125 0.88 -46.28 27.92
CA LEU B 125 0.02 -46.86 28.95
C LEU B 125 -0.80 -45.79 29.67
N ILE B 126 -0.19 -44.64 29.93
CA ILE B 126 -0.88 -43.54 30.59
C ILE B 126 -2.00 -43.01 29.71
N THR B 127 -1.74 -42.81 28.42
CA THR B 127 -2.80 -42.33 27.52
C THR B 127 -3.89 -43.37 27.31
N MET B 128 -3.55 -44.67 27.35
CA MET B 128 -4.58 -45.69 27.21
C MET B 128 -5.48 -45.75 28.44
N LEU B 129 -4.91 -45.56 29.63
CA LEU B 129 -5.78 -45.50 30.79
C LEU B 129 -6.51 -44.17 30.90
N ILE B 130 -6.02 -43.10 30.27
CA ILE B 130 -6.83 -41.89 30.11
C ILE B 130 -8.02 -42.19 29.22
N LEU B 131 -7.81 -42.99 28.17
CA LEU B 131 -8.90 -43.37 27.26
C LEU B 131 -9.95 -44.21 27.97
N VAL B 132 -9.54 -45.28 28.66
CA VAL B 132 -10.52 -46.24 29.14
C VAL B 132 -11.20 -45.83 30.43
N THR B 133 -10.69 -44.81 31.12
CA THR B 133 -11.29 -44.34 32.35
C THR B 133 -12.04 -43.03 32.18
N ALA B 134 -12.09 -42.48 30.98
CA ALA B 134 -12.66 -41.16 30.78
C ALA B 134 -14.17 -41.18 30.86
N ASN B 135 -14.72 -40.14 31.49
CA ASN B 135 -16.17 -39.99 31.59
C ASN B 135 -16.74 -39.05 30.54
N ASN B 136 -15.96 -38.10 30.05
CA ASN B 136 -16.42 -37.22 29.00
C ASN B 136 -15.65 -37.47 27.71
N LEU B 137 -16.22 -36.99 26.62
CA LEU B 137 -15.65 -37.25 25.31
C LEU B 137 -14.37 -36.48 25.06
N PHE B 138 -14.16 -35.36 25.77
CA PHE B 138 -12.94 -34.60 25.57
C PHE B 138 -11.73 -35.35 26.13
N GLN B 139 -11.85 -35.88 27.35
CA GLN B 139 -10.76 -36.64 27.94
C GLN B 139 -10.55 -37.97 27.22
N LEU B 140 -11.63 -38.57 26.72
CA LEU B 140 -11.49 -39.77 25.90
C LEU B 140 -10.79 -39.44 24.59
N PHE B 141 -11.01 -38.24 24.06
CA PHE B 141 -10.30 -37.81 22.86
C PHE B 141 -8.83 -37.52 23.15
N ILE B 142 -8.53 -37.06 24.38
CA ILE B 142 -7.15 -36.89 24.82
C ILE B 142 -6.43 -38.22 24.81
N GLY B 143 -7.02 -39.25 25.43
CA GLY B 143 -6.41 -40.56 25.42
C GLY B 143 -6.38 -41.21 24.04
N TRP B 144 -7.39 -40.92 23.22
CA TRP B 144 -7.47 -41.42 21.85
C TRP B 144 -6.32 -40.90 21.00
N GLU B 145 -6.16 -39.59 20.95
CA GLU B 145 -5.04 -38.98 20.23
C GLU B 145 -3.71 -39.30 20.88
N GLY B 146 -3.68 -39.55 22.19
CA GLY B 146 -2.46 -39.95 22.85
C GLY B 146 -1.98 -41.31 22.37
N VAL B 147 -2.89 -42.29 22.28
CA VAL B 147 -2.44 -43.59 21.81
C VAL B 147 -2.14 -43.56 20.31
N GLY B 148 -2.78 -42.66 19.56
CA GLY B 148 -2.39 -42.46 18.17
C GLY B 148 -0.97 -41.91 18.02
N ILE B 149 -0.62 -40.92 18.82
CA ILE B 149 0.70 -40.32 18.71
C ILE B 149 1.78 -41.24 19.27
N MET B 150 1.46 -42.02 20.31
CA MET B 150 2.46 -42.98 20.78
C MET B 150 2.60 -44.14 19.81
N SER B 151 1.54 -44.47 19.06
CA SER B 151 1.68 -45.40 17.95
C SER B 151 2.61 -44.85 16.89
N PHE B 152 2.52 -43.55 16.58
CA PHE B 152 3.47 -42.93 15.66
C PHE B 152 4.90 -43.03 16.18
N LEU B 153 5.11 -42.66 17.44
CA LEU B 153 6.45 -42.61 18.00
C LEU B 153 7.04 -43.99 18.23
N LEU B 154 6.22 -45.04 18.26
CA LEU B 154 6.72 -46.37 18.50
C LEU B 154 6.77 -47.27 17.27
N ILE B 155 5.96 -47.02 16.24
CA ILE B 155 6.17 -47.69 14.96
C ILE B 155 7.47 -47.21 14.34
N GLY B 156 7.62 -45.90 14.22
CA GLY B 156 8.86 -45.33 13.73
C GLY B 156 9.90 -45.19 14.82
N TRP B 157 10.14 -46.28 15.55
CA TRP B 157 11.18 -46.30 16.56
C TRP B 157 12.56 -46.27 15.92
N TRP B 158 12.79 -47.13 14.95
CA TRP B 158 14.00 -47.04 14.14
C TRP B 158 13.67 -46.09 13.01
N TYR B 159 13.93 -44.82 13.24
CA TYR B 159 13.55 -43.74 12.34
C TYR B 159 14.51 -43.55 11.18
N GLY B 160 15.65 -44.23 11.18
CA GLY B 160 16.45 -44.28 9.97
C GLY B 160 15.90 -45.18 8.90
N ARG B 161 14.93 -46.02 9.26
CA ARG B 161 14.28 -46.91 8.32
C ARG B 161 13.12 -46.19 7.64
N THR B 162 13.06 -46.30 6.32
CA THR B 162 12.04 -45.59 5.55
C THR B 162 10.67 -46.23 5.74
N ASP B 163 10.62 -47.56 5.82
CA ASP B 163 9.35 -48.26 6.00
C ASP B 163 8.75 -48.00 7.38
N ALA B 164 9.59 -47.77 8.39
CA ALA B 164 9.08 -47.48 9.72
C ALA B 164 8.36 -46.13 9.76
N ASN B 165 8.97 -45.11 9.16
CA ASN B 165 8.35 -43.80 9.10
C ASN B 165 7.14 -43.80 8.20
N THR B 166 7.19 -44.59 7.12
CA THR B 166 6.06 -44.72 6.21
C THR B 166 4.86 -45.36 6.90
N ALA B 167 5.11 -46.45 7.64
CA ALA B 167 4.03 -47.13 8.34
C ALA B 167 3.51 -46.32 9.52
N ALA B 168 4.37 -45.53 10.16
CA ALA B 168 3.93 -44.66 11.23
C ALA B 168 3.01 -43.58 10.73
N LEU B 169 3.39 -42.91 9.62
CA LEU B 169 2.54 -41.88 9.04
C LEU B 169 1.27 -42.48 8.43
N GLN B 170 1.35 -43.72 7.96
CA GLN B 170 0.16 -44.44 7.49
C GLN B 170 -0.84 -44.68 8.62
N ALA B 171 -0.32 -45.12 9.78
CA ALA B 171 -1.17 -45.33 10.94
C ALA B 171 -1.81 -44.04 11.40
N ILE B 172 -1.05 -42.94 11.36
CA ILE B 172 -1.60 -41.62 11.67
C ILE B 172 -2.69 -41.23 10.69
N LEU B 173 -2.49 -41.50 9.39
CA LEU B 173 -3.48 -41.15 8.36
C LEU B 173 -4.80 -41.86 8.59
N TYR B 174 -4.75 -43.18 8.80
CA TYR B 174 -5.99 -43.93 9.05
C TYR B 174 -6.64 -43.56 10.38
N ASN B 175 -5.83 -43.23 11.40
CA ASN B 175 -6.44 -42.83 12.66
C ASN B 175 -7.07 -41.45 12.58
N ARG B 176 -6.54 -40.54 11.76
CA ARG B 176 -7.22 -39.25 11.60
C ARG B 176 -8.48 -39.38 10.78
N ILE B 177 -8.51 -40.33 9.84
CA ILE B 177 -9.77 -40.62 9.14
C ILE B 177 -10.82 -41.16 10.12
N GLY B 178 -10.40 -41.93 11.12
CA GLY B 178 -11.31 -42.26 12.21
C GLY B 178 -11.65 -41.07 13.11
N ASP B 179 -10.70 -40.15 13.28
CA ASP B 179 -10.93 -38.98 14.13
C ASP B 179 -11.96 -38.04 13.55
N ILE B 180 -12.13 -38.07 12.22
CA ILE B 180 -13.26 -37.39 11.58
C ILE B 180 -14.58 -37.83 12.20
N GLY B 181 -14.76 -39.15 12.33
CA GLY B 181 -15.98 -39.66 12.93
C GLY B 181 -16.06 -39.44 14.42
N PHE B 182 -14.92 -39.45 15.12
CA PHE B 182 -14.93 -39.18 16.56
C PHE B 182 -15.36 -37.73 16.84
N ILE B 183 -14.82 -36.78 16.09
CA ILE B 183 -15.18 -35.38 16.28
C ILE B 183 -16.57 -35.11 15.72
N LEU B 184 -17.03 -35.89 14.74
CA LEU B 184 -18.43 -35.87 14.33
C LEU B 184 -19.35 -36.27 15.47
N ALA B 185 -19.00 -37.33 16.20
CA ALA B 185 -19.81 -37.75 17.34
C ALA B 185 -19.81 -36.70 18.45
N MET B 186 -18.63 -36.13 18.77
CA MET B 186 -18.55 -35.07 19.78
C MET B 186 -19.38 -33.85 19.37
N ALA B 187 -19.36 -33.51 18.09
CA ALA B 187 -20.15 -32.39 17.59
C ALA B 187 -21.63 -32.65 17.71
N TRP B 188 -22.07 -33.87 17.37
CA TRP B 188 -23.49 -34.18 17.46
C TRP B 188 -23.97 -34.18 18.90
N PHE B 189 -23.17 -34.72 19.82
CA PHE B 189 -23.62 -34.76 21.21
C PHE B 189 -23.62 -33.38 21.84
N LEU B 190 -22.64 -32.52 21.48
CA LEU B 190 -22.66 -31.16 22.00
C LEU B 190 -23.82 -30.35 21.43
N ILE B 191 -24.12 -30.50 20.15
CA ILE B 191 -25.18 -29.67 19.58
C ILE B 191 -26.55 -30.18 20.01
N ASN B 192 -26.79 -31.48 19.95
CA ASN B 192 -28.14 -31.98 20.16
C ASN B 192 -28.42 -32.46 21.58
N LEU B 193 -27.40 -32.63 22.42
CA LEU B 193 -27.59 -33.09 23.78
C LEU B 193 -26.88 -32.22 24.81
N ASN B 194 -26.13 -31.21 24.37
CA ASN B 194 -25.41 -30.24 25.22
C ASN B 194 -24.42 -30.92 26.16
N THR B 195 -23.81 -32.01 25.74
CA THR B 195 -22.96 -32.74 26.66
C THR B 195 -21.87 -33.50 25.94
N TRP B 196 -20.76 -33.67 26.63
CA TRP B 196 -19.76 -34.66 26.32
C TRP B 196 -19.66 -35.72 27.40
N ASP B 197 -20.26 -35.47 28.57
CA ASP B 197 -20.34 -36.47 29.63
C ASP B 197 -21.25 -37.62 29.22
N LEU B 198 -20.83 -38.84 29.54
CA LEU B 198 -21.57 -40.03 29.15
C LEU B 198 -22.86 -40.20 29.93
N GLN B 199 -22.96 -39.59 31.11
CA GLN B 199 -24.15 -39.74 31.94
C GLN B 199 -25.33 -39.03 31.31
N GLN B 200 -25.11 -37.82 30.82
CA GLN B 200 -26.18 -37.07 30.18
C GLN B 200 -26.50 -37.62 28.80
N ILE B 201 -25.51 -38.21 28.12
CA ILE B 201 -25.74 -38.91 26.85
C ILE B 201 -26.65 -40.11 27.08
N PHE B 202 -26.36 -40.90 28.11
CA PHE B 202 -27.14 -42.10 28.36
C PHE B 202 -28.48 -41.78 29.00
N MET B 203 -28.58 -40.66 29.70
CA MET B 203 -29.82 -40.30 30.37
C MET B 203 -30.82 -39.66 29.40
N LEU B 204 -30.34 -38.76 28.53
CA LEU B 204 -31.24 -38.13 27.56
C LEU B 204 -31.74 -39.15 26.54
N ASN B 205 -30.87 -40.08 26.14
CA ASN B 205 -31.14 -41.25 25.30
C ASN B 205 -31.81 -40.88 23.99
N PRO B 206 -31.08 -40.29 23.03
CA PRO B 206 -31.73 -39.89 21.77
C PRO B 206 -32.05 -41.09 20.90
N ASN B 207 -33.15 -40.98 20.16
CA ASN B 207 -33.61 -42.06 19.30
C ASN B 207 -33.18 -41.90 17.86
N ASP B 208 -33.03 -40.67 17.37
CA ASP B 208 -32.53 -40.43 16.02
C ASP B 208 -31.01 -40.32 15.99
N SER B 209 -30.36 -41.34 16.54
CA SER B 209 -28.91 -41.34 16.72
C SER B 209 -28.20 -42.12 15.63
N ASN B 210 -28.68 -42.05 14.39
CA ASN B 210 -27.96 -42.69 13.29
C ASN B 210 -26.64 -41.99 13.04
N LEU B 211 -26.65 -40.66 13.00
CA LEU B 211 -25.43 -39.91 12.66
C LEU B 211 -24.31 -40.01 13.71
N PRO B 212 -24.53 -39.85 15.03
CA PRO B 212 -23.41 -40.04 15.95
C PRO B 212 -22.92 -41.47 16.01
N LEU B 213 -23.79 -42.45 15.79
CA LEU B 213 -23.33 -43.82 15.77
C LEU B 213 -22.55 -44.14 14.49
N MET B 214 -22.88 -43.50 13.37
CA MET B 214 -22.02 -43.62 12.19
C MET B 214 -20.66 -42.99 12.45
N GLY B 215 -20.64 -41.87 13.18
CA GLY B 215 -19.38 -41.27 13.58
C GLY B 215 -18.55 -42.18 14.49
N LEU B 216 -19.21 -42.86 15.42
CA LEU B 216 -18.49 -43.76 16.31
C LEU B 216 -18.03 -45.03 15.60
N ILE B 217 -18.80 -45.51 14.62
CA ILE B 217 -18.37 -46.65 13.82
C ILE B 217 -17.18 -46.26 12.94
N LEU B 218 -17.15 -45.02 12.45
CA LEU B 218 -15.98 -44.57 11.70
C LEU B 218 -14.76 -44.42 12.59
N ALA B 219 -14.97 -43.96 13.83
CA ALA B 219 -13.87 -43.87 14.79
C ALA B 219 -13.32 -45.25 15.14
N ALA B 220 -14.21 -46.22 15.31
CA ALA B 220 -13.76 -47.59 15.59
C ALA B 220 -13.15 -48.25 14.38
N THR B 221 -13.58 -47.87 13.17
CA THR B 221 -12.98 -48.38 11.95
C THR B 221 -11.55 -47.90 11.82
N GLY B 222 -11.32 -46.62 12.12
CA GLY B 222 -9.96 -46.09 12.12
C GLY B 222 -9.09 -46.70 13.21
N LYS B 223 -9.65 -46.87 14.41
CA LYS B 223 -8.81 -47.27 15.54
C LYS B 223 -8.63 -48.79 15.62
N SER B 224 -9.71 -49.55 15.43
CA SER B 224 -9.61 -51.00 15.56
C SER B 224 -9.34 -51.69 14.24
N ALA B 225 -9.03 -50.92 13.19
CA ALA B 225 -8.58 -51.41 11.88
C ALA B 225 -9.61 -52.35 11.24
N GLN B 226 -10.81 -51.82 11.04
CA GLN B 226 -11.85 -52.57 10.34
C GLN B 226 -11.64 -52.41 8.84
N PHE B 227 -12.47 -53.08 8.05
CA PHE B 227 -12.27 -53.13 6.60
C PHE B 227 -12.53 -51.77 5.98
N GLY B 228 -11.61 -51.33 5.13
CA GLY B 228 -11.64 -50.00 4.57
C GLY B 228 -10.55 -49.15 5.17
N LEU B 229 -10.35 -49.27 6.47
CA LEU B 229 -9.30 -48.55 7.18
C LEU B 229 -8.37 -49.53 7.91
N HIS B 230 -8.24 -50.74 7.39
CA HIS B 230 -7.42 -51.81 7.97
C HIS B 230 -5.89 -51.83 7.77
N PRO B 231 -5.28 -51.44 6.64
CA PRO B 231 -3.89 -51.88 6.37
C PRO B 231 -2.82 -51.32 7.31
N TRP B 232 -3.15 -50.31 8.11
CA TRP B 232 -2.15 -49.74 9.00
C TRP B 232 -1.79 -50.68 10.12
N LEU B 233 -2.69 -51.58 10.50
CA LEU B 233 -2.36 -52.53 11.56
C LEU B 233 -1.42 -53.64 11.10
N PRO B 234 -1.55 -54.22 9.89
CA PRO B 234 -0.43 -55.06 9.41
C PRO B 234 0.83 -54.29 9.11
N SER B 235 0.72 -53.04 8.64
CA SER B 235 1.93 -52.26 8.42
C SER B 235 2.60 -51.83 9.71
N ALA B 236 1.86 -51.81 10.82
CA ALA B 236 2.33 -51.37 12.12
C ALA B 236 3.20 -52.40 12.83
N MET B 237 3.52 -53.51 12.18
CA MET B 237 4.51 -54.46 12.65
C MET B 237 5.92 -54.03 12.30
N GLU B 238 6.07 -52.82 11.76
CA GLU B 238 7.35 -52.32 11.31
C GLU B 238 8.20 -51.79 12.46
N GLY B 239 7.61 -51.64 13.65
CA GLY B 239 8.32 -51.23 14.83
C GLY B 239 8.84 -52.43 15.58
N PRO B 240 9.33 -52.23 16.80
CA PRO B 240 9.83 -53.35 17.60
C PRO B 240 8.70 -54.28 18.01
N THR B 241 9.09 -55.50 18.36
CA THR B 241 8.14 -56.53 18.77
C THR B 241 7.40 -56.22 20.08
N PRO B 242 7.99 -55.57 21.11
CA PRO B 242 7.13 -55.12 22.21
C PRO B 242 6.10 -54.06 21.84
N VAL B 243 6.35 -53.26 20.81
CA VAL B 243 5.34 -52.32 20.33
C VAL B 243 4.18 -53.07 19.71
N SER B 244 4.49 -54.07 18.88
CA SER B 244 3.46 -54.89 18.26
C SER B 244 2.70 -55.70 19.31
N ALA B 245 3.40 -56.12 20.35
CA ALA B 245 2.81 -56.99 21.36
C ALA B 245 1.90 -56.21 22.29
N LEU B 246 2.37 -55.07 22.78
CA LEU B 246 1.57 -54.30 23.74
C LEU B 246 0.49 -53.51 23.03
N LEU B 247 0.89 -52.61 22.12
CA LEU B 247 -0.04 -51.68 21.51
C LEU B 247 -0.92 -52.39 20.49
N HIS B 248 -0.31 -52.98 19.48
CA HIS B 248 -0.99 -53.32 18.25
C HIS B 248 -1.50 -54.75 18.24
N SER B 249 -1.70 -55.34 19.39
CA SER B 249 -2.36 -56.62 19.52
C SER B 249 -3.46 -56.63 20.55
N SER B 250 -3.27 -55.94 21.64
CA SER B 250 -4.07 -56.18 22.83
C SER B 250 -4.63 -54.93 23.46
N THR B 251 -3.89 -53.83 23.43
CA THR B 251 -4.22 -52.69 24.28
C THR B 251 -4.66 -51.47 23.47
N MET B 252 -3.88 -51.02 22.49
CA MET B 252 -4.28 -49.86 21.72
C MET B 252 -5.43 -50.18 20.77
N VAL B 253 -5.32 -51.29 20.05
CA VAL B 253 -6.23 -51.54 18.92
C VAL B 253 -7.63 -51.93 19.34
N VAL B 254 -7.87 -52.12 20.63
CA VAL B 254 -9.21 -52.44 21.09
C VAL B 254 -9.95 -51.17 21.47
N ALA B 255 -9.33 -50.01 21.25
CA ALA B 255 -9.91 -48.75 21.72
C ALA B 255 -11.13 -48.34 20.92
N GLY B 256 -11.19 -48.69 19.64
CA GLY B 256 -12.42 -48.44 18.89
C GLY B 256 -13.52 -49.40 19.27
N ILE B 257 -13.15 -50.67 19.49
CA ILE B 257 -14.08 -51.64 20.04
C ILE B 257 -14.52 -51.23 21.44
N PHE B 258 -13.60 -50.71 22.24
CA PHE B 258 -13.95 -50.25 23.58
C PHE B 258 -14.82 -49.00 23.52
N LEU B 259 -14.67 -48.18 22.48
CA LEU B 259 -15.51 -47.01 22.32
C LEU B 259 -16.94 -47.41 21.99
N LEU B 260 -17.11 -48.38 21.07
CA LEU B 260 -18.47 -48.84 20.77
C LEU B 260 -19.06 -49.70 21.89
N ILE B 261 -18.22 -50.32 22.72
CA ILE B 261 -18.70 -51.00 23.91
C ILE B 261 -19.16 -49.99 24.95
N ARG B 262 -18.43 -48.88 25.07
CA ARG B 262 -18.76 -47.83 26.02
C ARG B 262 -20.11 -47.19 25.71
N PHE B 263 -20.44 -47.06 24.43
CA PHE B 263 -21.71 -46.51 23.99
C PHE B 263 -22.77 -47.57 23.72
N TYR B 264 -22.77 -48.67 24.47
CA TYR B 264 -23.82 -49.68 24.29
C TYR B 264 -25.26 -49.22 24.58
N PRO B 265 -25.58 -48.27 25.50
CA PRO B 265 -27.00 -47.91 25.64
C PRO B 265 -27.57 -47.13 24.47
N LEU B 266 -26.75 -46.67 23.53
CA LEU B 266 -27.25 -46.08 22.30
C LEU B 266 -27.25 -47.06 21.15
N THR B 267 -26.28 -47.98 21.10
CA THR B 267 -26.27 -48.98 20.04
C THR B 267 -27.31 -50.06 20.27
N GLU B 268 -27.74 -50.27 21.52
CA GLU B 268 -28.74 -51.30 21.77
C GLU B 268 -30.14 -50.92 21.32
N ASN B 269 -30.37 -49.64 21.01
CA ASN B 269 -31.67 -49.17 20.57
C ASN B 269 -31.69 -48.78 19.11
N ASN B 270 -30.60 -49.01 18.39
CA ASN B 270 -30.50 -48.65 16.97
C ASN B 270 -30.15 -49.94 16.22
N LYS B 271 -31.13 -50.50 15.52
CA LYS B 271 -30.89 -51.73 14.78
C LYS B 271 -30.07 -51.48 13.52
N PHE B 272 -30.17 -50.26 12.97
CA PHE B 272 -29.38 -49.91 11.78
C PHE B 272 -27.89 -49.87 12.11
N GLY B 273 -27.54 -49.25 13.23
CA GLY B 273 -26.15 -49.24 13.66
C GLY B 273 -25.63 -50.62 13.99
N GLN B 274 -26.48 -51.48 14.54
CA GLN B 274 -26.09 -52.86 14.81
C GLN B 274 -25.85 -53.63 13.52
N SER B 275 -26.67 -53.39 12.50
CA SER B 275 -26.47 -54.06 11.22
C SER B 275 -25.20 -53.57 10.53
N ILE B 276 -24.90 -52.28 10.65
CA ILE B 276 -23.65 -51.74 10.10
C ILE B 276 -22.45 -52.32 10.82
N MET B 277 -22.49 -52.40 12.15
CA MET B 277 -21.39 -52.98 12.91
C MET B 277 -21.22 -54.46 12.60
N LEU B 278 -22.33 -55.19 12.46
CA LEU B 278 -22.28 -56.61 12.16
C LEU B 278 -21.68 -56.88 10.78
N CYS B 279 -22.12 -56.14 9.76
CA CYS B 279 -21.61 -56.33 8.41
C CYS B 279 -20.16 -55.91 8.30
N LEU B 280 -19.78 -54.80 8.94
CA LEU B 280 -18.40 -54.33 8.86
C LEU B 280 -17.46 -55.26 9.61
N GLY B 281 -17.87 -55.75 10.78
CA GLY B 281 -17.03 -56.68 11.51
C GLY B 281 -16.90 -58.02 10.84
N ALA B 282 -17.97 -58.50 10.19
CA ALA B 282 -17.89 -59.77 9.48
C ALA B 282 -17.03 -59.65 8.24
N MET B 283 -17.13 -58.51 7.53
CA MET B 283 -16.25 -58.22 6.42
C MET B 283 -14.79 -58.19 6.85
N THR B 284 -14.51 -57.57 8.00
CA THR B 284 -13.13 -57.48 8.49
C THR B 284 -12.61 -58.84 8.91
N THR B 285 -13.41 -59.61 9.66
CA THR B 285 -12.92 -60.89 10.17
C THR B 285 -12.82 -61.92 9.05
N LEU B 286 -13.59 -61.78 7.98
CA LEU B 286 -13.37 -62.61 6.80
C LEU B 286 -12.08 -62.21 6.09
N PHE B 287 -11.98 -60.93 5.73
CA PHE B 287 -10.94 -60.46 4.82
C PHE B 287 -9.55 -60.59 5.42
N THR B 288 -9.41 -60.22 6.70
CA THR B 288 -8.08 -60.23 7.30
C THR B 288 -7.62 -61.64 7.61
N ALA B 289 -8.53 -62.51 8.05
CA ALA B 289 -8.16 -63.92 8.24
C ALA B 289 -7.89 -64.62 6.92
N MET B 290 -8.54 -64.17 5.83
CA MET B 290 -8.23 -64.71 4.52
C MET B 290 -6.87 -64.23 4.03
N CYS B 291 -6.52 -62.99 4.35
CA CYS B 291 -5.19 -62.49 4.02
C CYS B 291 -4.10 -63.21 4.80
N ALA B 292 -4.37 -63.56 6.05
CA ALA B 292 -3.38 -64.24 6.89
C ALA B 292 -3.09 -65.67 6.48
N LEU B 293 -3.85 -66.24 5.54
CA LEU B 293 -3.68 -67.66 5.22
C LEU B 293 -2.38 -67.91 4.48
N THR B 294 -1.91 -66.94 3.70
CA THR B 294 -0.76 -67.14 2.83
C THR B 294 0.32 -66.09 3.06
N GLN B 295 0.36 -65.51 4.26
CA GLN B 295 1.45 -64.63 4.60
C GLN B 295 2.63 -65.44 5.10
N ASN B 296 3.83 -64.90 4.89
CA ASN B 296 5.06 -65.59 5.27
C ASN B 296 5.81 -64.88 6.38
N ASP B 297 5.54 -63.59 6.61
CA ASP B 297 6.11 -62.90 7.75
C ASP B 297 5.25 -63.21 8.96
N ILE B 298 5.89 -63.58 10.07
CA ILE B 298 5.13 -64.07 11.23
C ILE B 298 4.39 -62.92 11.91
N LYS B 299 4.94 -61.72 11.90
CA LYS B 299 4.27 -60.60 12.53
C LYS B 299 3.08 -60.12 11.71
N LYS B 300 3.15 -60.25 10.39
CA LYS B 300 1.98 -59.94 9.57
C LYS B 300 0.87 -60.94 9.78
N ILE B 301 1.22 -62.22 10.00
CA ILE B 301 0.21 -63.24 10.30
C ILE B 301 -0.48 -62.91 11.61
N ILE B 302 0.28 -62.57 12.65
CA ILE B 302 -0.34 -62.26 13.93
C ILE B 302 -1.06 -60.91 13.89
N ALA B 303 -0.67 -60.00 12.99
CA ALA B 303 -1.39 -58.74 12.87
C ALA B 303 -2.74 -58.91 12.17
N PHE B 304 -2.78 -59.70 11.10
CA PHE B 304 -4.07 -60.03 10.53
C PHE B 304 -4.90 -60.90 11.47
N SER B 305 -4.24 -61.68 12.34
CA SER B 305 -4.94 -62.44 13.37
C SER B 305 -5.65 -61.51 14.35
N THR B 306 -4.93 -60.50 14.86
CA THR B 306 -5.56 -59.62 15.83
C THR B 306 -6.58 -58.70 15.18
N SER B 307 -6.42 -58.36 13.89
CA SER B 307 -7.47 -57.59 13.24
C SER B 307 -8.70 -58.45 12.93
N SER B 308 -8.51 -59.75 12.68
CA SER B 308 -9.66 -60.65 12.52
C SER B 308 -10.38 -60.85 13.83
N GLN B 309 -9.65 -60.89 14.95
CA GLN B 309 -10.30 -61.00 16.25
C GLN B 309 -11.00 -59.70 16.63
N LEU B 310 -10.44 -58.55 16.25
CA LEU B 310 -11.15 -57.28 16.43
C LEU B 310 -12.40 -57.22 15.55
N GLY B 311 -12.36 -57.83 14.36
CA GLY B 311 -13.56 -57.96 13.57
C GLY B 311 -14.61 -58.85 14.21
N LEU B 312 -14.18 -59.92 14.89
CA LEU B 312 -15.10 -60.74 15.66
C LEU B 312 -15.71 -59.95 16.82
N MET B 313 -14.91 -59.08 17.45
CA MET B 313 -15.43 -58.19 18.49
C MET B 313 -16.47 -57.23 17.93
N MET B 314 -16.23 -56.72 16.72
CA MET B 314 -17.20 -55.84 16.08
C MET B 314 -18.48 -56.59 15.70
N VAL B 315 -18.35 -57.86 15.30
CA VAL B 315 -19.51 -58.72 15.07
C VAL B 315 -20.34 -58.85 16.35
N THR B 316 -19.68 -59.19 17.46
CA THR B 316 -20.47 -59.43 18.66
C THR B 316 -20.92 -58.14 19.35
N ILE B 317 -20.38 -56.98 18.98
CA ILE B 317 -21.09 -55.74 19.30
C ILE B 317 -22.33 -55.62 18.42
N GLY B 318 -22.20 -56.01 17.15
CA GLY B 318 -23.29 -55.87 16.20
C GLY B 318 -24.49 -56.77 16.44
N ILE B 319 -24.33 -57.84 17.20
CA ILE B 319 -25.45 -58.69 17.57
C ILE B 319 -25.99 -58.33 18.95
N ASN B 320 -25.68 -57.11 19.43
CA ASN B 320 -26.15 -56.55 20.70
C ASN B 320 -25.69 -57.40 21.88
N GLN B 321 -24.41 -57.77 21.86
CA GLN B 321 -23.74 -58.45 22.98
C GLN B 321 -22.46 -57.70 23.33
N PRO B 322 -22.57 -56.53 23.96
CA PRO B 322 -21.35 -55.74 24.20
C PRO B 322 -20.48 -56.29 25.31
N HIS B 323 -21.05 -56.98 26.28
CA HIS B 323 -20.25 -57.51 27.37
C HIS B 323 -19.48 -58.75 26.97
N LEU B 324 -20.00 -59.52 26.00
CA LEU B 324 -19.20 -60.59 25.41
C LEU B 324 -18.03 -60.02 24.61
N ALA B 325 -18.23 -58.87 23.96
CA ALA B 325 -17.14 -58.22 23.24
C ALA B 325 -16.07 -57.71 24.18
N PHE B 326 -16.48 -57.17 25.33
CA PHE B 326 -15.49 -56.69 26.29
C PHE B 326 -14.78 -57.86 26.97
N LEU B 327 -15.51 -58.95 27.23
CA LEU B 327 -14.89 -60.17 27.71
C LEU B 327 -13.89 -60.72 26.70
N HIS B 328 -14.19 -60.58 25.41
CA HIS B 328 -13.26 -61.05 24.40
C HIS B 328 -12.06 -60.15 24.26
N ILE B 329 -12.20 -58.85 24.56
CA ILE B 329 -11.02 -57.98 24.67
C ILE B 329 -10.11 -58.45 25.79
N CYS B 330 -10.68 -58.61 26.99
CA CYS B 330 -9.91 -58.98 28.17
C CYS B 330 -9.32 -60.38 28.05
N THR B 331 -10.01 -61.26 27.34
CA THR B 331 -9.50 -62.60 27.05
C THR B 331 -8.42 -62.58 25.98
N HIS B 332 -8.66 -61.82 24.91
CA HIS B 332 -7.77 -61.77 23.75
C HIS B 332 -6.43 -61.16 24.07
N ALA B 333 -6.39 -60.25 25.05
CA ALA B 333 -5.14 -59.56 25.40
C ALA B 333 -4.04 -60.53 25.82
N PHE B 334 -4.39 -61.52 26.64
CA PHE B 334 -3.43 -62.47 27.19
C PHE B 334 -2.73 -63.28 26.11
N PHE B 335 -3.50 -64.08 25.37
CA PHE B 335 -2.86 -64.94 24.40
C PHE B 335 -2.35 -64.19 23.18
N LYS B 336 -2.87 -63.00 22.87
CA LYS B 336 -2.33 -62.35 21.68
C LYS B 336 -1.03 -61.63 21.99
N ALA B 337 -0.91 -61.03 23.18
CA ALA B 337 0.38 -60.52 23.63
C ALA B 337 1.39 -61.64 23.78
N MET B 338 0.95 -62.82 24.24
CA MET B 338 1.89 -63.92 24.39
C MET B 338 2.30 -64.52 23.04
N LEU B 339 1.40 -64.52 22.04
CA LEU B 339 1.79 -64.96 20.70
C LEU B 339 2.82 -64.03 20.09
N PHE B 340 2.66 -62.71 20.26
CA PHE B 340 3.71 -61.82 19.79
C PHE B 340 5.01 -61.97 20.58
N MET B 341 4.93 -62.30 21.86
CA MET B 341 6.16 -62.49 22.64
C MET B 341 6.89 -63.77 22.23
N CYS B 342 6.14 -64.83 21.95
CA CYS B 342 6.77 -66.07 21.50
C CYS B 342 7.37 -65.91 20.10
N SER B 343 6.65 -65.19 19.22
CA SER B 343 7.20 -64.90 17.90
C SER B 343 8.44 -64.01 18.02
N GLY B 344 8.45 -63.08 18.98
CA GLY B 344 9.63 -62.25 19.18
C GLY B 344 10.80 -63.01 19.75
N SER B 345 10.54 -64.02 20.58
CA SER B 345 11.61 -64.90 21.04
C SER B 345 12.19 -65.71 19.89
N ILE B 346 11.32 -66.16 18.97
CA ILE B 346 11.79 -66.87 17.78
C ILE B 346 12.61 -65.94 16.88
N ILE B 347 12.15 -64.71 16.69
CA ILE B 347 12.84 -63.71 15.86
C ILE B 347 14.20 -63.37 16.45
N HIS B 348 14.26 -63.17 17.77
CA HIS B 348 15.51 -62.78 18.40
C HIS B 348 16.49 -63.93 18.47
N SER B 349 15.99 -65.17 18.58
CA SER B 349 16.89 -66.32 18.61
C SER B 349 17.46 -66.64 17.23
N LEU B 350 16.69 -66.38 16.16
CA LEU B 350 17.12 -66.68 14.81
C LEU B 350 17.74 -65.47 14.11
N ASN B 351 18.29 -64.53 14.89
CA ASN B 351 19.01 -63.34 14.41
C ASN B 351 18.12 -62.47 13.52
N ASP B 352 17.05 -61.94 14.13
CA ASP B 352 16.14 -60.96 13.53
C ASP B 352 15.43 -61.51 12.30
N GLU B 353 15.18 -62.81 12.26
CA GLU B 353 14.51 -63.45 11.15
C GLU B 353 13.02 -63.52 11.42
N GLN B 354 12.23 -62.82 10.61
CA GLN B 354 10.79 -62.73 10.83
C GLN B 354 9.98 -63.54 9.83
N ASP B 355 10.63 -64.33 8.99
CA ASP B 355 9.96 -65.04 7.91
C ASP B 355 9.87 -66.51 8.27
N ILE B 356 8.66 -67.08 8.19
CA ILE B 356 8.43 -68.45 8.64
C ILE B 356 8.96 -69.49 7.67
N ARG B 357 9.36 -69.09 6.46
CA ARG B 357 9.98 -70.01 5.52
C ARG B 357 11.45 -70.26 5.84
N LYS B 358 12.02 -69.54 6.79
CA LYS B 358 13.36 -69.79 7.31
C LYS B 358 13.29 -70.11 8.80
N MET B 359 12.33 -70.94 9.18
CA MET B 359 12.15 -71.35 10.57
C MET B 359 11.96 -72.86 10.54
N GLY B 360 11.49 -73.42 11.63
CA GLY B 360 11.26 -74.84 11.62
C GLY B 360 12.30 -75.57 12.44
N GLY B 361 11.92 -76.73 12.96
CA GLY B 361 12.78 -77.45 13.87
C GLY B 361 12.91 -76.80 15.23
N LEU B 362 12.00 -75.90 15.56
CA LEU B 362 12.03 -75.18 16.83
C LEU B 362 11.13 -75.82 17.88
N PHE B 363 10.69 -77.05 17.65
CA PHE B 363 9.89 -77.76 18.65
C PHE B 363 10.74 -78.07 19.88
N LYS B 364 11.80 -78.85 19.68
CA LYS B 364 12.67 -79.20 20.79
C LYS B 364 13.75 -78.15 21.04
N ALA B 365 14.02 -77.29 20.06
CA ALA B 365 15.09 -76.31 20.21
C ALA B 365 14.68 -75.17 21.14
N MET B 366 13.42 -74.74 21.06
CA MET B 366 12.88 -73.69 21.91
C MET B 366 11.65 -74.25 22.61
N PRO B 367 11.83 -75.10 23.63
CA PRO B 367 10.69 -75.87 24.14
C PRO B 367 9.70 -75.05 24.94
N PHE B 368 10.14 -74.05 25.69
CA PHE B 368 9.20 -73.21 26.43
C PHE B 368 8.45 -72.28 25.49
N THR B 369 9.15 -71.74 24.49
CA THR B 369 8.52 -70.94 23.45
C THR B 369 7.53 -71.79 22.65
N THR B 370 7.89 -73.05 22.36
CA THR B 370 7.00 -73.95 21.66
C THR B 370 5.75 -74.24 22.47
N THR B 371 5.92 -74.51 23.77
CA THR B 371 4.79 -74.78 24.66
C THR B 371 3.85 -73.60 24.73
N ALA B 372 4.39 -72.40 24.94
CA ALA B 372 3.52 -71.24 25.07
C ALA B 372 2.92 -70.83 23.75
N LEU B 373 3.59 -71.10 22.63
CA LEU B 373 3.01 -70.79 21.32
C LEU B 373 1.86 -71.73 21.02
N ILE B 374 2.00 -73.02 21.36
CA ILE B 374 0.91 -73.97 21.18
C ILE B 374 -0.27 -73.61 22.08
N ILE B 375 0.01 -73.18 23.33
CA ILE B 375 -1.06 -72.82 24.25
C ILE B 375 -1.78 -71.55 23.78
N GLY B 376 -1.02 -70.55 23.30
CA GLY B 376 -1.65 -69.35 22.78
C GLY B 376 -2.41 -69.56 21.48
N SER B 377 -1.92 -70.46 20.62
CA SER B 377 -2.64 -70.75 19.39
C SER B 377 -3.90 -71.55 19.65
N LEU B 378 -3.87 -72.49 20.60
CA LEU B 378 -5.07 -73.21 20.95
C LEU B 378 -6.08 -72.33 21.68
N ALA B 379 -5.60 -71.36 22.47
CA ALA B 379 -6.51 -70.40 23.08
C ALA B 379 -7.09 -69.45 22.05
N LEU B 380 -6.34 -69.16 20.99
CA LEU B 380 -6.85 -68.33 19.90
C LEU B 380 -7.97 -69.01 19.14
N THR B 381 -7.76 -70.28 18.78
CA THR B 381 -8.74 -71.01 17.97
C THR B 381 -9.97 -71.41 18.77
N GLY B 382 -9.87 -71.48 20.08
CA GLY B 382 -11.00 -71.92 20.87
C GLY B 382 -10.92 -73.38 21.25
N MET B 383 -9.75 -73.81 21.74
CA MET B 383 -9.66 -75.06 22.45
C MET B 383 -10.54 -75.00 23.68
N PRO B 384 -11.26 -76.07 24.02
CA PRO B 384 -12.18 -76.01 25.16
C PRO B 384 -11.48 -75.77 26.49
N PHE B 385 -12.03 -74.83 27.25
CA PHE B 385 -11.68 -74.49 28.62
C PHE B 385 -10.31 -73.84 28.76
N LEU B 386 -9.74 -73.33 27.67
CA LEU B 386 -8.67 -72.35 27.77
C LEU B 386 -9.34 -70.98 27.88
N THR B 387 -8.56 -69.90 27.77
CA THR B 387 -9.15 -68.58 27.99
C THR B 387 -10.06 -68.17 26.84
N GLY B 388 -9.65 -68.44 25.59
CA GLY B 388 -10.44 -68.05 24.44
C GLY B 388 -11.74 -68.80 24.29
N PHE B 389 -11.88 -69.92 24.99
CA PHE B 389 -13.15 -70.62 25.02
C PHE B 389 -14.20 -69.84 25.78
N TYR B 390 -13.81 -69.06 26.80
CA TYR B 390 -14.84 -68.48 27.65
C TYR B 390 -15.47 -67.22 27.09
N SER B 391 -14.96 -66.69 25.98
CA SER B 391 -15.61 -65.58 25.30
C SER B 391 -16.03 -65.96 23.89
N LYS B 392 -15.06 -66.39 23.06
CA LYS B 392 -15.27 -66.55 21.62
C LYS B 392 -16.32 -67.59 21.30
N ASP B 393 -16.29 -68.73 22.00
CA ASP B 393 -17.30 -69.75 21.84
C ASP B 393 -18.69 -69.21 22.17
N LEU B 394 -18.80 -68.45 23.28
CA LEU B 394 -20.07 -67.81 23.63
C LEU B 394 -20.50 -66.83 22.56
N ILE B 395 -19.53 -66.15 21.93
CA ILE B 395 -19.82 -65.25 20.82
C ILE B 395 -20.49 -66.01 19.70
N ILE B 396 -19.96 -67.19 19.38
CA ILE B 396 -20.56 -68.01 18.33
C ILE B 396 -21.92 -68.52 18.78
N GLU B 397 -22.07 -68.79 20.08
CA GLU B 397 -23.36 -69.25 20.59
C GLU B 397 -24.39 -68.14 20.53
N SER B 398 -23.95 -66.88 20.54
CA SER B 398 -24.88 -65.79 20.33
C SER B 398 -24.93 -65.34 18.88
N ALA B 399 -23.98 -65.76 18.06
CA ALA B 399 -24.05 -65.37 16.65
C ALA B 399 -25.04 -66.25 15.91
N ASN B 400 -25.08 -67.53 16.26
CA ASN B 400 -25.99 -68.47 15.60
C ASN B 400 -27.42 -68.23 16.04
N THR B 401 -27.63 -68.10 17.35
CA THR B 401 -28.96 -68.10 17.94
C THR B 401 -29.47 -66.68 18.19
N SER B 402 -29.57 -65.90 17.11
CA SER B 402 -30.05 -64.53 17.24
C SER B 402 -30.59 -64.07 15.91
N TYR B 403 -31.38 -62.99 15.95
CA TYR B 403 -31.93 -62.38 14.74
C TYR B 403 -30.79 -61.65 14.05
N THR B 404 -30.20 -62.26 13.04
CA THR B 404 -28.88 -61.88 12.57
C THR B 404 -28.90 -61.82 11.04
N ASN B 405 -28.11 -60.90 10.49
CA ASN B 405 -27.66 -60.97 9.11
C ASN B 405 -26.99 -62.33 8.87
N ALA B 406 -27.57 -63.13 7.98
CA ALA B 406 -27.15 -64.52 7.84
C ALA B 406 -25.81 -64.64 7.12
N TRP B 407 -25.56 -63.76 6.14
CA TRP B 407 -24.28 -63.77 5.45
C TRP B 407 -23.15 -63.35 6.37
N ALA B 408 -23.43 -62.44 7.31
CA ALA B 408 -22.44 -62.06 8.31
C ALA B 408 -22.13 -63.22 9.25
N LEU B 409 -23.16 -64.00 9.59
CA LEU B 409 -22.96 -65.22 10.39
C LEU B 409 -22.07 -66.22 9.67
N LEU B 410 -22.35 -66.46 8.38
CA LEU B 410 -21.60 -67.47 7.66
C LEU B 410 -20.17 -67.01 7.41
N MET B 411 -19.95 -65.72 7.22
CA MET B 411 -18.58 -65.22 7.08
C MET B 411 -17.84 -65.24 8.40
N THR B 412 -18.55 -65.07 9.52
CA THR B 412 -17.93 -65.24 10.83
C THR B 412 -17.48 -66.68 11.04
N LEU B 413 -18.27 -67.64 10.57
CA LEU B 413 -17.89 -69.05 10.72
C LEU B 413 -16.72 -69.43 9.80
N VAL B 414 -16.72 -68.92 8.57
CA VAL B 414 -15.58 -69.15 7.68
C VAL B 414 -14.31 -68.49 8.24
N ALA B 415 -14.47 -67.33 8.88
CA ALA B 415 -13.36 -66.72 9.60
C ALA B 415 -12.87 -67.58 10.75
N THR B 416 -13.79 -68.23 11.45
CA THR B 416 -13.43 -69.11 12.57
C THR B 416 -12.62 -70.31 12.09
N SER B 417 -12.96 -70.85 10.92
CA SER B 417 -12.14 -71.93 10.37
C SER B 417 -10.78 -71.41 9.88
N PHE B 418 -10.76 -70.21 9.31
CA PHE B 418 -9.50 -69.62 8.84
C PHE B 418 -8.54 -69.33 9.99
N THR B 419 -9.06 -69.02 11.18
CA THR B 419 -8.21 -68.83 12.35
C THR B 419 -7.44 -70.09 12.69
N ALA B 420 -8.11 -71.25 12.65
CA ALA B 420 -7.45 -72.52 12.86
C ALA B 420 -6.42 -72.79 11.77
N ILE B 421 -6.73 -72.38 10.53
CA ILE B 421 -5.81 -72.61 9.41
C ILE B 421 -4.51 -71.82 9.60
N TYR B 422 -4.59 -70.52 9.89
CA TYR B 422 -3.33 -69.81 10.07
C TYR B 422 -2.64 -70.10 11.40
N SER B 423 -3.38 -70.55 12.42
CA SER B 423 -2.73 -70.95 13.67
C SER B 423 -1.87 -72.19 13.45
N THR B 424 -2.40 -73.20 12.76
CA THR B 424 -1.54 -74.33 12.47
C THR B 424 -0.53 -74.04 11.37
N ARG B 425 -0.73 -72.98 10.57
CA ARG B 425 0.35 -72.52 9.69
C ARG B 425 1.54 -72.00 10.50
N ILE B 426 1.25 -71.19 11.52
CA ILE B 426 2.29 -70.71 12.45
C ILE B 426 2.99 -71.88 13.13
N ILE B 427 2.22 -72.82 13.67
CA ILE B 427 2.81 -73.96 14.39
C ILE B 427 3.59 -74.87 13.44
N PHE B 428 3.12 -75.03 12.21
CA PHE B 428 3.76 -75.94 11.28
C PHE B 428 5.07 -75.36 10.75
N PHE B 429 5.05 -74.11 10.28
CA PHE B 429 6.27 -73.57 9.70
C PHE B 429 7.25 -73.12 10.76
N ALA B 430 6.78 -72.52 11.86
CA ALA B 430 7.71 -71.96 12.83
C ALA B 430 8.32 -73.05 13.71
N LEU B 431 7.50 -74.00 14.17
CA LEU B 431 7.94 -74.95 15.19
C LEU B 431 8.24 -76.34 14.63
N LEU B 432 7.39 -76.85 13.76
CA LEU B 432 7.47 -78.23 13.34
C LEU B 432 8.46 -78.42 12.20
N GLY B 433 8.63 -79.67 11.81
CA GLY B 433 9.47 -79.98 10.67
C GLY B 433 10.94 -79.89 10.99
N GLN B 434 11.69 -79.67 9.93
CA GLN B 434 13.14 -79.62 9.89
C GLN B 434 13.61 -78.18 9.85
N PRO B 435 14.86 -77.90 10.26
CA PRO B 435 15.34 -76.52 10.24
C PRO B 435 15.49 -75.97 8.84
N ARG B 436 15.28 -74.67 8.72
CA ARG B 436 15.50 -73.94 7.48
C ARG B 436 16.28 -72.66 7.70
N PHE B 437 16.60 -72.34 8.95
CA PHE B 437 17.36 -71.14 9.31
C PHE B 437 18.84 -71.36 9.00
N PRO B 438 19.66 -70.29 9.00
CA PRO B 438 21.09 -70.47 8.73
C PRO B 438 21.83 -71.29 9.80
N THR B 439 23.08 -71.59 9.49
CA THR B 439 23.78 -72.72 10.10
C THR B 439 24.42 -72.41 11.44
N LEU B 440 24.59 -71.14 11.79
CA LEU B 440 25.11 -70.80 13.12
C LEU B 440 23.92 -70.77 14.07
N ILE B 441 23.78 -71.82 14.87
CA ILE B 441 22.66 -71.91 15.80
C ILE B 441 23.04 -71.12 17.05
N ASN B 442 22.41 -69.97 17.23
CA ASN B 442 22.50 -69.19 18.46
C ASN B 442 21.14 -69.17 19.15
N ILE B 443 20.48 -70.32 19.14
CA ILE B 443 19.17 -70.45 19.79
C ILE B 443 19.38 -70.47 21.30
N ASN B 444 18.82 -69.47 21.97
CA ASN B 444 18.93 -69.35 23.41
C ASN B 444 17.72 -68.59 23.91
N GLU B 445 16.94 -69.22 24.79
CA GLU B 445 15.77 -68.59 25.38
C GLU B 445 15.76 -68.85 26.89
N ASN B 446 16.89 -68.57 27.52
CA ASN B 446 17.12 -68.90 28.92
C ASN B 446 17.26 -67.69 29.83
N ASN B 447 17.15 -66.47 29.32
CA ASN B 447 17.19 -65.29 30.18
C ASN B 447 15.86 -65.21 30.91
N PRO B 448 15.83 -65.22 32.25
CA PRO B 448 14.55 -65.35 32.97
C PRO B 448 13.63 -64.15 32.87
N PHE B 449 14.06 -63.03 32.29
CA PHE B 449 13.11 -62.00 31.87
C PHE B 449 12.13 -62.57 30.86
N LEU B 450 12.66 -63.22 29.82
CA LEU B 450 11.85 -63.87 28.80
C LEU B 450 10.98 -64.97 29.39
N ILE B 451 11.58 -65.80 30.26
CA ILE B 451 10.87 -66.94 30.84
C ILE B 451 9.72 -66.47 31.73
N ASN B 452 9.99 -65.53 32.63
CA ASN B 452 8.94 -65.09 33.55
C ASN B 452 7.88 -64.27 32.82
N SER B 453 8.27 -63.48 31.83
CA SER B 453 7.32 -62.64 31.12
C SER B 453 6.39 -63.48 30.25
N ILE B 454 6.91 -64.54 29.62
CA ILE B 454 6.03 -65.44 28.91
C ILE B 454 5.21 -66.28 29.90
N LYS B 455 5.79 -66.61 31.06
CA LYS B 455 5.16 -67.50 32.02
C LYS B 455 3.92 -66.89 32.65
N ARG B 456 3.95 -65.59 32.93
CA ARG B 456 2.80 -64.97 33.59
C ARG B 456 1.62 -64.82 32.62
N LEU B 457 1.90 -64.48 31.36
CA LEU B 457 0.83 -64.54 30.36
C LEU B 457 0.47 -65.96 29.99
N LEU B 458 1.30 -66.95 30.32
CA LEU B 458 0.93 -68.33 30.10
C LEU B 458 -0.06 -68.82 31.14
N ILE B 459 0.17 -68.44 32.40
CA ILE B 459 -0.81 -68.65 33.46
C ILE B 459 -2.10 -67.89 33.15
N GLY B 460 -1.96 -66.70 32.56
CA GLY B 460 -3.12 -65.97 32.08
C GLY B 460 -3.88 -66.70 30.98
N SER B 461 -3.18 -67.14 29.94
CA SER B 461 -3.79 -67.85 28.83
C SER B 461 -4.35 -69.21 29.21
N LEU B 462 -3.94 -69.77 30.35
CA LEU B 462 -4.61 -70.96 30.83
C LEU B 462 -5.85 -70.63 31.66
N PHE B 463 -5.74 -69.75 32.65
CA PHE B 463 -6.76 -69.70 33.69
C PHE B 463 -7.56 -68.40 33.74
N ALA B 464 -7.11 -67.35 33.07
CA ALA B 464 -7.71 -66.03 33.26
C ALA B 464 -9.10 -65.93 32.64
N GLY B 465 -9.37 -66.71 31.59
CA GLY B 465 -10.71 -66.73 31.04
C GLY B 465 -11.73 -67.33 32.01
N PHE B 466 -11.35 -68.43 32.67
CA PHE B 466 -12.19 -69.04 33.69
C PHE B 466 -12.40 -68.10 34.87
N ILE B 467 -11.32 -67.46 35.33
CA ILE B 467 -11.37 -66.57 36.49
C ILE B 467 -12.24 -65.34 36.20
N ILE B 468 -12.04 -64.71 35.04
CA ILE B 468 -12.80 -63.51 34.71
C ILE B 468 -14.25 -63.85 34.43
N SER B 469 -14.50 -64.89 33.63
CA SER B 469 -15.88 -65.26 33.27
C SER B 469 -16.67 -65.77 34.47
N ASN B 470 -16.01 -66.22 35.53
CA ASN B 470 -16.74 -66.50 36.76
C ASN B 470 -16.90 -65.29 37.65
N ASN B 471 -15.96 -64.34 37.60
CA ASN B 471 -16.04 -63.20 38.51
C ASN B 471 -16.99 -62.10 38.04
N ILE B 472 -17.25 -61.99 36.75
CA ILE B 472 -18.03 -60.86 36.24
C ILE B 472 -19.50 -61.05 36.57
N PRO B 473 -20.25 -59.99 36.85
CA PRO B 473 -21.68 -60.12 37.05
C PRO B 473 -22.39 -60.28 35.72
N PRO B 474 -23.56 -60.92 35.70
CA PRO B 474 -24.31 -61.04 34.45
C PRO B 474 -24.90 -59.70 34.06
N MET B 475 -24.69 -59.30 32.81
CA MET B 475 -25.28 -58.08 32.29
C MET B 475 -26.28 -58.33 31.16
N THR B 476 -26.31 -59.54 30.61
CA THR B 476 -27.34 -59.97 29.69
C THR B 476 -27.93 -61.27 30.19
N ILE B 477 -28.73 -61.93 29.36
CA ILE B 477 -29.20 -63.28 29.64
C ILE B 477 -28.48 -64.23 28.69
N PRO B 478 -27.64 -65.14 29.20
CA PRO B 478 -26.83 -65.97 28.30
C PRO B 478 -27.68 -67.01 27.58
N GLN B 479 -27.56 -67.03 26.26
CA GLN B 479 -28.32 -67.98 25.47
C GLN B 479 -27.71 -69.37 25.61
N MET B 480 -28.44 -70.26 26.27
CA MET B 480 -27.91 -71.58 26.61
C MET B 480 -28.81 -72.72 26.15
N THR B 481 -29.85 -72.42 25.38
CA THR B 481 -30.69 -73.46 24.79
C THR B 481 -30.63 -73.33 23.29
N MET B 482 -30.12 -74.37 22.62
CA MET B 482 -29.87 -74.35 21.20
C MET B 482 -29.70 -75.80 20.74
N PRO B 483 -30.02 -76.13 19.50
CA PRO B 483 -29.94 -77.53 19.06
C PRO B 483 -28.50 -78.01 18.97
N HIS B 484 -28.38 -79.33 18.83
CA HIS B 484 -27.08 -79.99 18.94
C HIS B 484 -26.15 -79.64 17.78
N TYR B 485 -26.70 -79.45 16.59
CA TYR B 485 -25.86 -79.03 15.47
C TYR B 485 -25.44 -77.58 15.61
N LEU B 486 -26.16 -76.79 16.40
CA LEU B 486 -25.91 -75.37 16.51
C LEU B 486 -25.14 -75.01 17.77
N LYS B 487 -25.13 -75.90 18.76
CA LYS B 487 -24.23 -75.76 19.90
C LYS B 487 -22.80 -76.12 19.52
N MET B 488 -22.65 -77.18 18.74
CA MET B 488 -21.34 -77.71 18.37
C MET B 488 -20.75 -77.05 17.14
N THR B 489 -21.20 -75.83 16.79
CA THR B 489 -20.80 -75.24 15.52
C THR B 489 -19.35 -74.78 15.55
N ALA B 490 -18.96 -74.02 16.58
CA ALA B 490 -17.64 -73.41 16.62
C ALA B 490 -16.54 -74.46 16.73
N LEU B 491 -16.77 -75.48 17.56
CA LEU B 491 -15.78 -76.54 17.73
C LEU B 491 -15.62 -77.36 16.46
N THR B 492 -16.72 -77.70 15.79
CA THR B 492 -16.64 -78.50 14.57
C THR B 492 -16.02 -77.70 13.43
N VAL B 493 -16.34 -76.42 13.32
CA VAL B 493 -15.76 -75.58 12.28
C VAL B 493 -14.26 -75.38 12.52
N THR B 494 -13.85 -75.24 13.79
CA THR B 494 -12.42 -75.13 14.10
C THR B 494 -11.68 -76.44 13.80
N ILE B 495 -12.31 -77.58 14.10
CA ILE B 495 -11.68 -78.88 13.80
C ILE B 495 -11.60 -79.11 12.29
N LEU B 496 -12.62 -78.66 11.53
CA LEU B 496 -12.55 -78.74 10.07
C LEU B 496 -11.45 -77.85 9.52
N GLY B 497 -11.22 -76.68 10.15
CA GLY B 497 -10.11 -75.84 9.76
C GLY B 497 -8.77 -76.49 10.02
N PHE B 498 -8.62 -77.15 11.18
CA PHE B 498 -7.39 -77.88 11.48
C PHE B 498 -7.15 -79.03 10.51
N ILE B 499 -8.21 -79.77 10.16
CA ILE B 499 -8.06 -80.91 9.25
C ILE B 499 -7.69 -80.45 7.84
N LEU B 500 -8.42 -79.44 7.33
CA LEU B 500 -8.15 -78.92 5.98
C LEU B 500 -6.76 -78.30 5.90
N ALA B 501 -6.33 -77.61 6.94
CA ALA B 501 -5.00 -77.02 6.89
C ALA B 501 -3.90 -78.03 7.15
N LEU B 502 -4.18 -79.15 7.83
CA LEU B 502 -3.20 -80.23 7.87
C LEU B 502 -3.03 -80.88 6.50
N GLU B 503 -4.14 -80.99 5.75
CA GLU B 503 -4.02 -81.43 4.35
C GLU B 503 -3.15 -80.48 3.55
N ILE B 504 -3.38 -79.17 3.71
CA ILE B 504 -2.60 -78.16 2.99
C ILE B 504 -1.13 -78.20 3.40
N SER B 505 -0.86 -78.43 4.69
CA SER B 505 0.52 -78.45 5.18
C SER B 505 1.25 -79.70 4.74
N ASN B 506 0.57 -80.86 4.72
CA ASN B 506 1.23 -82.07 4.25
C ASN B 506 1.40 -82.11 2.74
N THR B 507 0.61 -81.33 1.98
CA THR B 507 0.87 -81.26 0.54
C THR B 507 2.04 -80.35 0.17
N THR B 508 2.67 -79.69 1.14
CA THR B 508 3.86 -78.89 0.82
C THR B 508 5.13 -79.74 0.79
N HIS B 509 5.12 -80.90 1.42
CA HIS B 509 6.26 -81.80 1.38
C HIS B 509 6.35 -82.60 0.09
N TYR B 510 5.29 -82.60 -0.71
CA TYR B 510 5.26 -83.41 -1.92
C TYR B 510 6.16 -82.81 -2.98
N LEU B 511 6.83 -83.69 -3.74
CA LEU B 511 7.81 -83.28 -4.74
C LEU B 511 7.16 -82.91 -6.06
N LYS B 512 6.18 -82.01 -6.01
CA LYS B 512 5.52 -81.47 -7.18
C LYS B 512 5.43 -79.96 -7.04
N PHE B 513 5.36 -79.26 -8.17
CA PHE B 513 5.36 -77.81 -8.19
C PHE B 513 4.01 -77.34 -8.74
N ASN B 514 3.24 -76.67 -7.89
CA ASN B 514 1.96 -76.11 -8.30
C ASN B 514 2.15 -74.65 -8.68
N TYR B 515 1.45 -74.23 -9.72
CA TYR B 515 1.48 -72.84 -10.17
C TYR B 515 0.63 -71.98 -9.24
N PRO B 516 1.03 -70.73 -9.01
CA PRO B 516 0.24 -69.85 -8.13
C PRO B 516 -1.07 -69.43 -8.79
N SER B 517 -2.16 -69.63 -8.06
CA SER B 517 -3.47 -69.26 -8.56
C SER B 517 -3.76 -67.79 -8.27
N ASN B 518 -4.90 -67.31 -8.79
CA ASN B 518 -5.31 -65.94 -8.50
C ASN B 518 -5.80 -65.80 -7.06
N THR B 519 -6.31 -66.88 -6.48
CA THR B 519 -6.71 -66.85 -5.08
C THR B 519 -5.50 -66.73 -4.16
N PHE B 520 -4.40 -67.42 -4.50
CA PHE B 520 -3.17 -67.31 -3.72
C PHE B 520 -2.59 -65.90 -3.82
N LYS B 521 -2.58 -65.33 -5.02
CA LYS B 521 -2.07 -63.97 -5.19
C LYS B 521 -2.97 -62.95 -4.54
N PHE B 522 -4.28 -63.24 -4.45
CA PHE B 522 -5.19 -62.33 -3.78
C PHE B 522 -5.00 -62.36 -2.28
N SER B 523 -4.80 -63.55 -1.72
CA SER B 523 -4.59 -63.65 -0.28
C SER B 523 -3.17 -63.30 0.14
N ASN B 524 -2.21 -63.28 -0.79
CA ASN B 524 -0.82 -63.05 -0.45
C ASN B 524 -0.43 -61.59 -0.63
N LEU B 525 -1.01 -60.90 -1.60
CA LEU B 525 -0.77 -59.48 -1.82
C LEU B 525 -1.75 -58.61 -1.06
N LEU B 526 -2.19 -59.07 0.11
CA LEU B 526 -2.94 -58.31 1.11
C LEU B 526 -4.33 -57.92 0.60
N GLY B 527 -4.87 -58.70 -0.34
CA GLY B 527 -6.17 -58.39 -0.90
C GLY B 527 -6.19 -57.24 -1.87
N TYR B 528 -5.03 -56.80 -2.36
CA TYR B 528 -4.78 -55.76 -3.36
C TYR B 528 -5.13 -54.36 -2.87
N TYR B 529 -5.61 -54.21 -1.64
CA TYR B 529 -6.03 -52.93 -1.08
C TYR B 529 -4.84 -52.09 -0.59
N PRO B 530 -3.80 -52.64 0.06
CA PRO B 530 -2.59 -51.82 0.26
C PRO B 530 -1.76 -51.62 -1.00
N THR B 531 -2.08 -52.30 -2.10
CA THR B 531 -1.35 -52.03 -3.32
C THR B 531 -1.99 -50.91 -4.12
N ILE B 532 -3.31 -50.99 -4.34
CA ILE B 532 -3.98 -49.97 -5.14
C ILE B 532 -4.14 -48.67 -4.34
N MET B 533 -4.80 -48.76 -3.19
CA MET B 533 -5.19 -47.57 -2.44
C MET B 533 -4.02 -46.84 -1.80
N HIS B 534 -2.84 -47.44 -1.75
CA HIS B 534 -1.65 -46.75 -1.28
C HIS B 534 -0.79 -46.22 -2.41
N ARG B 535 -1.13 -46.55 -3.65
CA ARG B 535 -0.51 -45.94 -4.82
C ARG B 535 -1.42 -44.90 -5.46
N LEU B 536 -2.70 -45.23 -5.63
CA LEU B 536 -3.63 -44.38 -6.37
C LEU B 536 -4.05 -43.16 -5.55
N THR B 537 -4.48 -43.39 -4.33
CA THR B 537 -5.02 -42.32 -3.48
C THR B 537 -3.97 -41.31 -3.00
N PRO B 538 -2.70 -41.69 -2.72
CA PRO B 538 -1.69 -40.62 -2.60
C PRO B 538 -1.45 -39.86 -3.90
N TYR B 539 -1.32 -40.56 -5.03
CA TYR B 539 -1.08 -39.95 -6.35
C TYR B 539 -2.10 -38.86 -6.67
N MET B 540 -3.39 -39.25 -6.66
CA MET B 540 -4.48 -38.32 -6.92
C MET B 540 -4.55 -37.18 -5.91
N ASN B 541 -3.99 -37.37 -4.71
CA ASN B 541 -3.91 -36.24 -3.81
C ASN B 541 -2.74 -35.34 -4.20
N LEU B 542 -1.56 -35.94 -4.39
CA LEU B 542 -0.34 -35.15 -4.40
C LEU B 542 -0.21 -34.33 -5.68
N THR B 543 -0.62 -34.90 -6.82
CA THR B 543 -0.72 -34.09 -8.04
C THR B 543 -1.73 -32.98 -7.88
N MET B 544 -2.88 -33.28 -7.24
CA MET B 544 -3.84 -32.23 -6.92
C MET B 544 -3.27 -31.26 -5.90
N SER B 545 -2.30 -31.70 -5.08
CA SER B 545 -1.64 -30.79 -4.17
C SER B 545 -0.66 -29.88 -4.89
N GLN B 546 -0.20 -30.27 -6.08
CA GLN B 546 0.81 -29.47 -6.79
C GLN B 546 0.30 -28.94 -8.11
N LYS B 547 -0.22 -29.81 -8.98
CA LYS B 547 -0.60 -29.39 -10.32
C LYS B 547 -1.89 -28.56 -10.33
N SER B 548 -2.64 -28.58 -9.25
CA SER B 548 -3.85 -27.79 -9.12
C SER B 548 -3.72 -26.71 -8.06
N ALA B 549 -3.40 -27.09 -6.82
CA ALA B 549 -3.38 -26.13 -5.72
C ALA B 549 -2.16 -25.23 -5.77
N SER B 550 -0.97 -25.83 -5.81
CA SER B 550 0.26 -25.05 -5.71
C SER B 550 0.58 -24.31 -7.00
N SER B 551 0.78 -25.05 -8.09
CA SER B 551 1.27 -24.45 -9.31
C SER B 551 0.19 -23.66 -10.03
N LEU B 552 -0.99 -24.27 -10.23
CA LEU B 552 -2.00 -23.67 -11.09
C LEU B 552 -2.70 -22.49 -10.44
N LEU B 553 -3.10 -22.63 -9.18
CA LEU B 553 -3.89 -21.56 -8.56
C LEU B 553 -3.01 -20.55 -7.84
N ASP B 554 -2.25 -21.00 -6.85
CA ASP B 554 -1.59 -20.11 -5.92
C ASP B 554 -0.15 -19.81 -6.30
N LEU B 555 0.25 -20.16 -7.51
CA LEU B 555 1.41 -19.59 -8.17
C LEU B 555 1.10 -18.95 -9.51
N ILE B 556 -0.03 -19.29 -10.12
CA ILE B 556 -0.35 -18.71 -11.42
C ILE B 556 -1.64 -17.90 -11.37
N TRP B 557 -2.80 -18.54 -11.13
CA TRP B 557 -4.04 -17.84 -11.45
C TRP B 557 -4.45 -16.86 -10.37
N LEU B 558 -4.31 -17.23 -9.09
CA LEU B 558 -4.54 -16.26 -8.03
C LEU B 558 -3.45 -15.20 -8.04
N GLU B 559 -2.27 -15.57 -8.53
CA GLU B 559 -1.25 -14.58 -8.85
C GLU B 559 -1.63 -13.79 -10.09
N THR B 560 -2.41 -14.36 -11.00
CA THR B 560 -2.74 -13.63 -12.23
C THR B 560 -3.80 -12.56 -11.99
N ILE B 561 -4.87 -12.90 -11.26
CA ILE B 561 -6.08 -12.09 -11.32
C ILE B 561 -5.91 -10.78 -10.55
N LEU B 562 -5.54 -10.84 -9.26
CA LEU B 562 -5.43 -9.55 -8.57
C LEU B 562 -4.10 -8.85 -8.87
N PRO B 563 -2.89 -9.38 -8.50
CA PRO B 563 -1.72 -8.50 -8.53
C PRO B 563 -1.06 -8.27 -9.88
N LYS B 564 -0.99 -9.28 -10.74
CA LYS B 564 -0.21 -9.12 -11.97
C LYS B 564 -0.97 -8.33 -13.03
N THR B 565 -2.29 -8.49 -13.11
CA THR B 565 -3.05 -7.71 -14.07
C THR B 565 -3.11 -6.24 -13.66
N ILE B 566 -3.23 -5.96 -12.36
CA ILE B 566 -3.20 -4.59 -11.88
C ILE B 566 -1.81 -3.98 -12.09
N SER B 567 -0.76 -4.77 -11.88
CA SER B 567 0.60 -4.29 -12.10
C SER B 567 0.85 -3.97 -13.57
N LEU B 568 0.40 -4.84 -14.47
CA LEU B 568 0.56 -4.58 -15.90
C LEU B 568 -0.30 -3.42 -16.37
N ALA B 569 -1.49 -3.23 -15.79
CA ALA B 569 -2.33 -2.11 -16.16
C ALA B 569 -1.72 -0.78 -15.73
N GLN B 570 -1.17 -0.72 -14.52
CA GLN B 570 -0.55 0.53 -14.10
C GLN B 570 0.75 0.79 -14.83
N MET B 571 1.50 -0.27 -15.19
CA MET B 571 2.67 -0.11 -16.04
C MET B 571 2.31 0.41 -17.42
N LYS B 572 1.24 -0.12 -18.02
CA LYS B 572 0.83 0.29 -19.36
C LYS B 572 0.33 1.72 -19.38
N MET B 573 -0.50 2.10 -18.39
CA MET B 573 -0.96 3.48 -18.30
C MET B 573 0.20 4.43 -17.99
N SER B 574 1.18 3.98 -17.21
CA SER B 574 2.35 4.80 -16.93
C SER B 574 3.17 5.05 -18.19
N THR B 575 3.32 4.03 -19.02
CA THR B 575 4.08 4.23 -20.26
C THR B 575 3.29 5.02 -21.29
N THR B 576 1.96 4.99 -21.25
CA THR B 576 1.22 5.84 -22.18
C THR B 576 1.20 7.31 -21.75
N ILE B 577 1.17 7.57 -20.44
CA ILE B 577 1.20 8.96 -19.97
C ILE B 577 2.54 9.62 -20.28
N THR B 578 3.65 8.92 -20.01
CA THR B 578 4.98 9.51 -20.09
C THR B 578 5.64 9.31 -21.44
N SER B 579 4.89 9.00 -22.50
CA SER B 579 5.46 8.81 -23.82
C SER B 579 5.36 10.08 -24.66
N GLN B 580 5.41 11.25 -24.03
CA GLN B 580 5.23 12.49 -24.75
C GLN B 580 6.53 12.92 -25.41
N LYS B 581 6.41 13.62 -26.54
CA LYS B 581 7.56 14.00 -27.35
C LYS B 581 8.13 15.35 -26.98
N GLY B 582 7.70 15.95 -25.87
CA GLY B 582 8.32 17.15 -25.36
C GLY B 582 8.11 18.39 -26.20
N LEU B 583 7.04 18.44 -26.97
CA LEU B 583 6.83 19.52 -27.92
C LEU B 583 5.78 20.50 -27.41
N ILE B 584 6.09 21.78 -27.53
CA ILE B 584 5.17 22.86 -27.17
C ILE B 584 3.91 22.80 -28.02
N LYS B 585 4.08 22.46 -29.30
CA LYS B 585 2.98 22.44 -30.27
C LYS B 585 1.90 21.45 -29.87
N LEU B 586 2.30 20.24 -29.50
CA LEU B 586 1.36 19.19 -29.18
C LEU B 586 0.68 19.44 -27.84
N TYR B 587 1.43 20.01 -26.89
CA TYR B 587 0.89 20.32 -25.57
C TYR B 587 -0.18 21.39 -25.65
N PHE B 588 0.09 22.48 -26.38
CA PHE B 588 -0.93 23.51 -26.48
C PHE B 588 -2.07 23.13 -27.41
N LEU B 589 -1.84 22.24 -28.37
CA LEU B 589 -2.97 21.72 -29.14
C LEU B 589 -3.86 20.85 -28.27
N SER B 590 -3.27 20.10 -27.33
CA SER B 590 -4.07 19.39 -26.33
C SER B 590 -4.81 20.36 -25.40
N PHE B 591 -4.22 21.52 -25.13
CA PHE B 591 -4.93 22.53 -24.32
C PHE B 591 -6.15 23.05 -25.05
N LEU B 592 -6.01 23.28 -26.37
CA LEU B 592 -7.14 23.71 -27.18
C LEU B 592 -8.24 22.68 -27.22
N ILE B 593 -7.87 21.41 -27.36
CA ILE B 593 -8.87 20.34 -27.37
C ILE B 593 -9.55 20.22 -26.00
N THR B 594 -8.81 20.48 -24.91
CA THR B 594 -9.40 20.52 -23.58
C THR B 594 -10.44 21.63 -23.45
N ILE B 595 -10.11 22.83 -23.95
CA ILE B 595 -11.04 23.96 -23.89
C ILE B 595 -12.29 23.68 -24.72
N LEU B 596 -12.12 23.08 -25.89
CA LEU B 596 -13.26 22.78 -26.75
C LEU B 596 -14.14 21.67 -26.18
N ILE B 597 -13.56 20.70 -25.49
CA ILE B 597 -14.36 19.67 -24.84
C ILE B 597 -15.08 20.24 -23.63
N SER B 598 -14.44 21.17 -22.91
CA SER B 598 -15.08 21.78 -21.75
C SER B 598 -16.25 22.66 -22.15
N THR B 599 -16.12 23.38 -23.26
CA THR B 599 -17.22 24.22 -23.73
C THR B 599 -18.29 23.40 -24.43
N THR B 600 -17.92 22.72 -25.52
CA THR B 600 -18.91 22.08 -26.36
C THR B 600 -19.43 20.78 -25.75
N LEU B 601 -18.53 19.91 -25.30
CA LEU B 601 -18.91 18.55 -24.94
C LEU B 601 -19.39 18.44 -23.50
N LEU B 602 -18.71 19.09 -22.56
CA LEU B 602 -19.02 18.92 -21.15
C LEU B 602 -19.86 20.04 -20.55
N ASN B 603 -19.86 21.21 -21.18
CA ASN B 603 -20.61 22.40 -20.75
C ASN B 603 -20.24 22.83 -19.33
N PHE B 604 -18.97 23.17 -19.16
CA PHE B 604 -18.47 23.69 -17.89
C PHE B 604 -18.57 25.20 -17.80
N HIS B 605 -19.06 25.85 -18.86
CA HIS B 605 -19.30 27.28 -18.87
C HIS B 605 -20.76 27.62 -18.57
N GLU B 606 -21.49 26.69 -17.98
CA GLU B 606 -22.92 26.84 -17.76
C GLU B 606 -23.21 27.04 -16.28
N FME C 1 -3.58 1.97 30.20
CN FME C 1 -3.67 1.70 31.54
O1 FME C 1 -2.98 0.84 32.10
CA FME C 1 -2.66 1.27 29.35
CB FME C 1 -3.21 0.96 27.95
CG FME C 1 -3.94 -0.35 27.89
SD FME C 1 -2.74 -1.66 27.87
CE FME C 1 -1.62 -1.13 26.63
C FME C 1 -1.39 2.06 29.14
O FME C 1 -0.55 1.78 28.29
N LEU C 2 -1.26 3.10 29.95
CA LEU C 2 -0.16 4.04 29.80
C LEU C 2 1.01 3.53 30.64
N LYS C 3 0.74 2.53 31.48
CA LYS C 3 1.78 1.84 32.21
C LYS C 3 2.47 0.77 31.36
N TYR C 4 2.01 0.57 30.12
CA TYR C 4 2.66 -0.33 29.18
C TYR C 4 3.23 0.37 27.97
N ILE C 5 2.67 1.51 27.61
CA ILE C 5 3.14 2.26 26.46
C ILE C 5 4.43 3.00 26.79
N ILE C 6 4.51 3.58 27.98
CA ILE C 6 5.71 4.32 28.42
C ILE C 6 6.91 3.40 28.69
N PRO C 7 6.80 2.19 29.28
CA PRO C 7 7.99 1.32 29.31
C PRO C 7 8.47 0.86 27.94
N THR C 8 7.53 0.58 27.04
CA THR C 8 7.90 0.24 25.67
C THR C 8 8.60 1.41 24.98
N MET C 9 8.14 2.64 25.23
CA MET C 9 8.83 3.81 24.70
C MET C 9 10.20 3.99 25.33
N MET C 10 10.32 3.72 26.63
CA MET C 10 11.58 3.89 27.33
C MET C 10 12.57 2.79 26.98
N LEU C 11 12.12 1.75 26.29
CA LEU C 11 13.06 0.85 25.63
C LEU C 11 13.84 1.50 24.49
N MET C 12 13.40 2.66 23.97
CA MET C 12 14.21 3.35 22.96
C MET C 12 15.48 3.98 23.53
N PRO C 13 15.47 4.74 24.65
CA PRO C 13 16.75 5.12 25.24
C PRO C 13 17.50 3.92 25.79
N LEU C 14 16.78 2.89 26.23
CA LEU C 14 17.43 1.71 26.78
C LEU C 14 18.22 0.96 25.72
N THR C 15 17.81 1.03 24.45
CA THR C 15 18.62 0.42 23.41
C THR C 15 19.57 1.40 22.74
N TRP C 16 19.37 2.71 22.89
CA TRP C 16 20.28 3.66 22.27
C TRP C 16 21.28 4.28 23.24
N LEU C 17 21.12 4.10 24.55
CA LEU C 17 22.11 4.59 25.50
C LEU C 17 22.92 3.46 26.12
N SER C 18 22.80 2.24 25.61
CA SER C 18 23.49 1.11 26.20
C SER C 18 24.91 1.01 25.67
N LYS C 19 25.70 0.14 26.30
CA LYS C 19 27.02 -0.18 25.80
C LYS C 19 26.91 -0.97 24.50
N ASN C 20 28.02 -1.04 23.78
CA ASN C 20 27.99 -1.68 22.46
C ASN C 20 27.87 -3.20 22.54
N SER C 21 28.03 -3.79 23.73
CA SER C 21 27.89 -5.22 23.91
C SER C 21 26.67 -5.61 24.72
N MET C 22 26.01 -4.66 25.37
CA MET C 22 24.92 -4.93 26.29
C MET C 22 23.54 -4.71 25.69
N ILE C 23 23.43 -4.34 24.40
CA ILE C 23 22.14 -3.92 23.88
C ILE C 23 21.17 -5.08 23.69
N TRP C 24 21.66 -6.32 23.59
CA TRP C 24 20.72 -7.42 23.54
C TRP C 24 20.27 -7.80 24.95
N ILE C 25 21.19 -7.73 25.90
CA ILE C 25 20.91 -8.14 27.28
C ILE C 25 19.93 -7.17 27.93
N ASN C 26 20.15 -5.86 27.73
CA ASN C 26 19.30 -4.86 28.38
C ASN C 26 17.88 -4.90 27.81
N THR C 27 17.76 -4.99 26.49
CA THR C 27 16.44 -5.02 25.88
C THR C 27 15.71 -6.31 26.18
N THR C 28 16.44 -7.43 26.25
CA THR C 28 15.83 -8.70 26.64
C THR C 28 15.34 -8.67 28.08
N LEU C 29 16.17 -8.15 29.00
CA LEU C 29 15.82 -8.09 30.41
C LEU C 29 14.61 -7.20 30.65
N HIS C 30 14.62 -5.99 30.08
CA HIS C 30 13.53 -5.08 30.38
C HIS C 30 12.27 -5.40 29.58
N SER C 31 12.38 -6.05 28.42
CA SER C 31 11.19 -6.52 27.76
C SER C 31 10.60 -7.75 28.43
N LEU C 32 11.43 -8.56 29.10
CA LEU C 32 10.90 -9.62 29.96
C LEU C 32 10.21 -9.05 31.19
N LEU C 33 10.71 -7.93 31.72
CA LEU C 33 10.00 -7.25 32.81
C LEU C 33 8.65 -6.69 32.35
N ILE C 34 8.60 -6.11 31.14
CA ILE C 34 7.34 -5.63 30.58
C ILE C 34 6.38 -6.80 30.34
N SER C 35 6.91 -7.94 29.91
CA SER C 35 6.06 -9.12 29.71
C SER C 35 5.55 -9.69 31.03
N LEU C 36 6.33 -9.59 32.10
CA LEU C 36 5.84 -9.96 33.42
C LEU C 36 4.77 -8.99 33.89
N THR C 37 4.92 -7.72 33.55
CA THR C 37 3.95 -6.71 33.95
C THR C 37 2.66 -6.81 33.16
N SER C 38 2.71 -7.42 31.97
CA SER C 38 1.53 -7.59 31.12
C SER C 38 0.42 -8.44 31.72
N LEU C 39 0.69 -9.17 32.80
CA LEU C 39 -0.32 -9.99 33.44
C LEU C 39 -1.30 -9.19 34.29
N LEU C 40 -1.07 -7.89 34.49
CA LEU C 40 -2.03 -7.08 35.22
C LEU C 40 -3.27 -6.75 34.40
N LEU C 41 -3.27 -7.10 33.11
CA LEU C 41 -4.40 -6.92 32.22
C LEU C 41 -5.44 -8.01 32.41
N LEU C 42 -5.17 -9.01 33.25
CA LEU C 42 -6.09 -10.09 33.56
C LEU C 42 -7.13 -9.71 34.60
N ASN C 43 -7.29 -8.43 34.89
CA ASN C 43 -8.38 -7.93 35.74
C ASN C 43 -9.63 -7.79 34.87
N GLN C 44 -10.16 -8.93 34.46
CA GLN C 44 -11.31 -8.95 33.59
C GLN C 44 -12.53 -9.38 34.37
N PHE C 45 -13.69 -8.89 33.93
CA PHE C 45 -14.94 -9.14 34.61
C PHE C 45 -15.90 -9.83 33.66
N GLY C 46 -16.86 -10.54 34.23
CA GLY C 46 -17.79 -11.29 33.41
C GLY C 46 -18.84 -10.45 32.72
N ASP C 47 -18.95 -9.18 33.09
CA ASP C 47 -19.88 -8.26 32.44
C ASP C 47 -19.16 -7.10 31.77
N ASN C 48 -18.21 -6.46 32.42
CA ASN C 48 -17.61 -5.22 31.94
C ASN C 48 -16.18 -5.47 31.53
N SER C 49 -15.76 -4.83 30.44
CA SER C 49 -14.36 -4.85 30.05
C SER C 49 -13.55 -3.96 30.99
N LEU C 50 -12.24 -4.11 30.96
CA LEU C 50 -11.36 -3.29 31.78
C LEU C 50 -11.10 -2.01 31.00
N ASN C 51 -11.81 -0.95 31.38
CA ASN C 51 -11.89 0.29 30.61
C ASN C 51 -11.04 1.33 31.32
N PHE C 52 -9.85 1.58 30.77
CA PHE C 52 -8.88 2.42 31.48
C PHE C 52 -9.21 3.90 31.33
N SER C 53 -9.53 4.34 30.13
CA SER C 53 -9.59 5.76 29.82
C SER C 53 -10.50 5.95 28.61
N LEU C 54 -10.57 7.20 28.14
CA LEU C 54 -11.28 7.49 26.91
C LEU C 54 -10.58 6.92 25.69
N THR C 55 -9.28 6.64 25.81
CA THR C 55 -8.46 6.20 24.69
C THR C 55 -8.20 4.70 24.72
N PHE C 56 -7.99 4.11 25.88
CA PHE C 56 -7.54 2.72 25.97
C PHE C 56 -8.44 1.89 26.87
N PHE C 57 -8.75 0.67 26.42
CA PHE C 57 -9.47 -0.30 27.23
C PHE C 57 -8.94 -1.68 26.85
N SER C 58 -9.31 -2.69 27.63
CA SER C 58 -8.87 -4.04 27.33
C SER C 58 -9.91 -5.04 27.83
N ASP C 59 -10.61 -5.68 26.91
CA ASP C 59 -11.51 -6.77 27.27
C ASP C 59 -10.73 -8.08 27.32
N SER C 60 -11.46 -9.20 27.35
CA SER C 60 -10.81 -10.50 27.36
C SER C 60 -10.42 -10.99 25.98
N LEU C 61 -10.68 -10.21 24.93
CA LEU C 61 -10.14 -10.51 23.61
C LEU C 61 -8.76 -9.91 23.42
N SER C 62 -8.62 -8.64 23.79
CA SER C 62 -7.36 -7.96 23.56
C SER C 62 -6.29 -8.39 24.56
N THR C 63 -6.69 -8.80 25.75
CA THR C 63 -5.73 -9.18 26.80
C THR C 63 -4.82 -10.36 26.44
N PRO C 64 -5.29 -11.49 25.88
CA PRO C 64 -4.33 -12.52 25.47
C PRO C 64 -3.43 -12.09 24.32
N LEU C 65 -3.96 -11.30 23.39
CA LEU C 65 -3.15 -10.75 22.31
C LEU C 65 -2.08 -9.81 22.84
N LEU C 66 -2.40 -9.05 23.89
CA LEU C 66 -1.42 -8.16 24.52
C LEU C 66 -0.35 -8.92 25.26
N ILE C 67 -0.74 -9.97 25.99
CA ILE C 67 0.25 -10.77 26.72
C ILE C 67 1.16 -11.49 25.73
N LEU C 68 0.59 -12.00 24.63
CA LEU C 68 1.38 -12.63 23.58
C LEU C 68 2.27 -11.62 22.87
N THR C 69 1.79 -10.40 22.68
CA THR C 69 2.55 -9.35 22.01
C THR C 69 3.75 -8.92 22.86
N MET C 70 3.52 -8.65 24.14
CA MET C 70 4.60 -8.24 25.03
C MET C 70 5.51 -9.40 25.40
N TRP C 71 5.07 -10.65 25.23
CA TRP C 71 5.93 -11.80 25.41
C TRP C 71 6.77 -12.11 24.18
N LEU C 72 6.28 -11.77 22.99
CA LEU C 72 6.99 -12.10 21.77
C LEU C 72 8.26 -11.28 21.60
N LEU C 73 8.32 -10.07 22.16
CA LEU C 73 9.47 -9.19 21.94
C LEU C 73 10.79 -9.73 22.50
N PRO C 74 10.91 -10.23 23.74
CA PRO C 74 12.18 -10.85 24.14
C PRO C 74 12.54 -12.06 23.31
N LEU C 75 11.53 -12.80 22.85
CA LEU C 75 11.77 -13.98 22.02
C LEU C 75 12.29 -13.60 20.65
N MET C 76 11.79 -12.49 20.09
CA MET C 76 12.34 -11.99 18.83
C MET C 76 13.74 -11.46 19.00
N LEU C 77 14.03 -10.84 20.14
CA LEU C 77 15.38 -10.37 20.41
C LEU C 77 16.35 -11.53 20.61
N MET C 78 15.89 -12.64 21.16
CA MET C 78 16.74 -13.83 21.30
C MET C 78 16.97 -14.49 19.97
N ALA C 79 15.94 -14.57 19.12
CA ALA C 79 16.09 -15.19 17.82
C ALA C 79 16.98 -14.36 16.90
N SER C 80 16.91 -13.04 17.01
CA SER C 80 17.52 -12.17 16.02
C SER C 80 18.95 -11.77 16.32
N GLN C 81 19.49 -12.16 17.47
CA GLN C 81 20.82 -11.71 17.86
C GLN C 81 21.94 -12.59 17.34
N HIS C 82 21.61 -13.68 16.65
CA HIS C 82 22.67 -14.50 16.07
C HIS C 82 23.03 -14.04 14.67
N HIS C 83 22.04 -13.88 13.80
CA HIS C 83 22.30 -13.49 12.42
C HIS C 83 22.58 -11.99 12.29
N LEU C 84 22.49 -11.24 13.38
CA LEU C 84 22.91 -9.85 13.42
C LEU C 84 24.09 -9.68 14.36
N SER C 85 25.03 -10.61 14.31
CA SER C 85 26.22 -10.55 15.15
C SER C 85 27.36 -9.80 14.47
N LYS C 86 27.47 -9.89 13.15
CA LYS C 86 28.44 -9.12 12.40
C LYS C 86 27.92 -7.74 12.03
N GLU C 87 26.70 -7.40 12.45
CA GLU C 87 26.03 -6.20 12.03
C GLU C 87 26.71 -4.97 12.65
N ASN C 88 26.62 -3.85 11.94
CA ASN C 88 26.98 -2.55 12.49
C ASN C 88 26.14 -2.28 13.74
N LEU C 89 26.76 -1.60 14.70
CA LEU C 89 26.12 -1.29 15.97
C LEU C 89 24.92 -0.36 15.78
N ALA C 90 25.05 0.61 14.87
CA ALA C 90 23.95 1.52 14.60
C ALA C 90 22.78 0.81 13.92
N ARG C 91 23.08 -0.08 12.97
CA ARG C 91 22.01 -0.82 12.32
C ARG C 91 21.41 -1.88 13.25
N LYS C 92 22.20 -2.37 14.19
CA LYS C 92 21.70 -3.29 15.19
C LYS C 92 20.70 -2.59 16.11
N LYS C 93 21.06 -1.38 16.56
CA LYS C 93 20.14 -0.57 17.35
C LYS C 93 18.92 -0.13 16.54
N LEU C 94 19.07 0.07 15.23
CA LEU C 94 17.91 0.38 14.39
C LEU C 94 16.96 -0.80 14.27
N PHE C 95 17.49 -2.02 14.18
CA PHE C 95 16.63 -3.21 14.14
C PHE C 95 15.89 -3.40 15.45
N ILE C 96 16.60 -3.24 16.57
CA ILE C 96 15.95 -3.35 17.87
C ILE C 96 14.92 -2.24 18.05
N SER C 97 15.19 -1.04 17.52
CA SER C 97 14.23 0.04 17.56
C SER C 97 13.00 -0.24 16.72
N MET C 98 13.15 -0.92 15.58
CA MET C 98 11.96 -1.25 14.78
C MET C 98 11.12 -2.30 15.49
N LEU C 99 11.75 -3.26 16.17
CA LEU C 99 10.97 -4.21 16.95
C LEU C 99 10.25 -3.55 18.12
N ILE C 100 10.93 -2.61 18.80
CA ILE C 100 10.32 -1.88 19.91
C ILE C 100 9.17 -1.01 19.44
N LEU C 101 9.34 -0.34 18.30
CA LEU C 101 8.30 0.52 17.75
C LEU C 101 7.12 -0.29 17.25
N LEU C 102 7.37 -1.48 16.71
CA LEU C 102 6.31 -2.38 16.28
C LEU C 102 5.51 -2.90 17.47
N GLN C 103 6.19 -3.25 18.57
CA GLN C 103 5.50 -3.61 19.80
C GLN C 103 4.66 -2.47 20.32
N LEU C 104 5.21 -1.25 20.25
CA LEU C 104 4.51 -0.07 20.72
C LEU C 104 3.26 0.20 19.91
N PHE C 105 3.32 -0.03 18.60
CA PHE C 105 2.13 0.14 17.78
C PHE C 105 1.12 -0.97 18.02
N LEU C 106 1.57 -2.20 18.27
CA LEU C 106 0.64 -3.31 18.48
C LEU C 106 -0.10 -3.20 19.79
N ILE C 107 0.60 -2.83 20.87
CA ILE C 107 -0.04 -2.81 22.19
C ILE C 107 -1.02 -1.66 22.36
N MET C 108 -1.03 -0.68 21.47
CA MET C 108 -2.12 0.28 21.40
C MET C 108 -2.89 0.17 20.09
N THR C 109 -2.63 -0.85 19.30
CA THR C 109 -3.60 -1.30 18.32
C THR C 109 -4.68 -2.12 19.00
N PHE C 110 -4.28 -3.03 19.89
CA PHE C 110 -5.26 -3.90 20.51
C PHE C 110 -6.07 -3.21 21.60
N THR C 111 -5.59 -2.10 22.14
CA THR C 111 -6.31 -1.44 23.23
C THR C 111 -7.04 -0.19 22.80
N ALA C 112 -6.98 0.16 21.51
CA ALA C 112 -7.64 1.34 20.98
C ALA C 112 -9.14 1.26 21.16
N THR C 113 -9.67 2.11 22.04
CA THR C 113 -11.10 2.14 22.30
C THR C 113 -11.88 2.64 21.11
N GLU C 114 -11.29 3.55 20.34
CA GLU C 114 -11.94 4.18 19.20
C GLU C 114 -11.35 3.62 17.91
N LEU C 115 -12.22 3.39 16.92
CA LEU C 115 -11.86 2.57 15.78
C LEU C 115 -10.97 3.26 14.76
N ILE C 116 -10.92 4.59 14.72
CA ILE C 116 -9.97 5.18 13.78
C ILE C 116 -8.58 5.26 14.41
N PHE C 117 -8.49 5.27 15.74
CA PHE C 117 -7.18 5.09 16.37
C PHE C 117 -6.70 3.66 16.19
N PHE C 118 -7.64 2.72 16.23
CA PHE C 118 -7.37 1.35 15.81
C PHE C 118 -6.88 1.29 14.38
N TYR C 119 -7.48 2.05 13.47
CA TYR C 119 -7.02 2.07 12.09
C TYR C 119 -5.61 2.64 11.97
N ILE C 120 -5.34 3.73 12.69
CA ILE C 120 -4.05 4.40 12.56
C ILE C 120 -2.92 3.53 13.11
N MET C 121 -3.15 2.86 14.24
CA MET C 121 -2.12 1.96 14.74
C MET C 121 -2.04 0.67 13.92
N PHE C 122 -3.20 0.20 13.45
CA PHE C 122 -3.33 -0.99 12.61
C PHE C 122 -2.59 -0.83 11.29
N GLU C 123 -2.56 0.37 10.75
CA GLU C 123 -1.83 0.66 9.53
C GLU C 123 -0.48 1.30 9.78
N ALA C 124 -0.19 1.69 11.02
CA ALA C 124 1.14 2.09 11.42
C ALA C 124 2.04 0.90 11.66
N THR C 125 1.46 -0.28 11.92
CA THR C 125 2.26 -1.49 12.04
C THR C 125 2.89 -1.96 10.72
N LEU C 126 2.56 -1.32 9.59
CA LEU C 126 3.21 -1.69 8.34
C LEU C 126 4.66 -1.27 8.31
N VAL C 127 4.92 -0.01 8.66
CA VAL C 127 6.20 0.66 8.37
C VAL C 127 7.38 0.04 9.12
N PRO C 128 7.34 -0.26 10.44
CA PRO C 128 8.48 -1.02 11.00
C PRO C 128 8.57 -2.43 10.47
N THR C 129 7.44 -3.07 10.19
CA THR C 129 7.44 -4.40 9.60
C THR C 129 7.99 -4.39 8.18
N LEU C 130 7.59 -3.39 7.38
CA LEU C 130 8.14 -3.21 6.04
C LEU C 130 9.64 -2.99 6.07
N ILE C 131 10.11 -2.14 6.99
CA ILE C 131 11.54 -1.86 7.09
C ILE C 131 12.32 -3.10 7.53
N ILE C 132 11.76 -3.88 8.45
CA ILE C 132 12.42 -5.11 8.92
C ILE C 132 12.53 -6.13 7.79
N ILE C 133 11.44 -6.35 7.04
CA ILE C 133 11.45 -7.33 5.96
C ILE C 133 12.38 -6.90 4.85
N THR C 134 12.25 -5.65 4.39
CA THR C 134 13.00 -5.22 3.22
C THR C 134 14.42 -4.76 3.53
N ARG C 135 14.79 -4.61 4.79
CA ARG C 135 16.14 -4.23 5.15
C ARG C 135 16.95 -5.38 5.73
N TRP C 136 16.39 -6.15 6.67
CA TRP C 136 17.14 -7.22 7.28
C TRP C 136 16.71 -8.59 6.80
N GLY C 137 15.97 -8.66 5.71
CA GLY C 137 15.76 -9.92 5.04
C GLY C 137 17.03 -10.39 4.36
N ASN C 138 17.00 -11.62 3.87
CA ASN C 138 18.21 -12.27 3.40
C ASN C 138 18.35 -12.27 1.88
N GLN C 139 17.28 -12.57 1.15
CA GLN C 139 17.39 -12.87 -0.27
C GLN C 139 17.05 -11.65 -1.11
N THR C 140 17.02 -11.88 -2.43
CA THR C 140 16.69 -10.83 -3.39
C THR C 140 15.22 -10.46 -3.32
N GLU C 141 14.37 -11.45 -3.06
CA GLU C 141 12.92 -11.28 -3.14
C GLU C 141 12.32 -10.62 -1.92
N ARG C 142 13.12 -10.02 -1.04
CA ARG C 142 12.55 -9.31 0.10
C ARG C 142 11.92 -7.99 -0.32
N LEU C 143 12.36 -7.41 -1.43
CA LEU C 143 11.79 -6.16 -1.90
C LEU C 143 10.41 -6.39 -2.51
N ASN C 144 10.28 -7.44 -3.32
CA ASN C 144 8.97 -7.84 -3.84
C ASN C 144 8.05 -8.30 -2.72
N ALA C 145 8.62 -8.95 -1.69
CA ALA C 145 7.84 -9.34 -0.52
C ALA C 145 7.27 -8.12 0.19
N GLY C 146 8.09 -7.08 0.35
CA GLY C 146 7.60 -5.85 0.95
C GLY C 146 6.57 -5.14 0.10
N LEU C 147 6.70 -5.19 -1.23
CA LEU C 147 5.71 -4.55 -2.10
C LEU C 147 4.37 -5.27 -2.06
N TYR C 148 4.37 -6.60 -2.13
CA TYR C 148 3.13 -7.36 -2.01
C TYR C 148 2.50 -7.19 -0.64
N PHE C 149 3.33 -7.21 0.42
CA PHE C 149 2.84 -7.01 1.79
C PHE C 149 2.23 -5.63 1.99
N LEU C 150 2.79 -4.62 1.36
CA LEU C 150 2.29 -3.26 1.55
C LEU C 150 1.03 -3.01 0.72
N PHE C 151 1.01 -3.50 -0.52
CA PHE C 151 -0.06 -3.14 -1.43
C PHE C 151 -1.20 -4.13 -1.46
N TYR C 152 -1.13 -5.28 -0.79
CA TYR C 152 -2.40 -5.93 -0.50
C TYR C 152 -3.08 -5.26 0.68
N THR C 153 -2.27 -4.87 1.66
CA THR C 153 -2.78 -4.31 2.91
C THR C 153 -3.47 -2.97 2.69
N LEU C 154 -2.80 -2.05 1.99
CA LEU C 154 -3.38 -0.73 1.80
C LEU C 154 -4.53 -0.76 0.82
N ALA C 155 -4.51 -1.68 -0.15
CA ALA C 155 -5.66 -1.87 -1.02
C ALA C 155 -6.87 -2.37 -0.24
N GLY C 156 -6.62 -3.21 0.78
CA GLY C 156 -7.72 -3.64 1.61
C GLY C 156 -8.20 -2.58 2.59
N SER C 157 -7.29 -1.74 3.07
CA SER C 157 -7.59 -0.88 4.21
C SER C 157 -7.96 0.55 3.86
N LEU C 158 -7.66 1.00 2.66
CA LEU C 158 -8.11 2.33 2.28
C LEU C 158 -9.61 2.44 2.05
N PRO C 159 -10.34 1.39 1.63
CA PRO C 159 -11.79 1.41 1.86
C PRO C 159 -12.20 1.36 3.33
N LEU C 160 -11.40 0.75 4.21
CA LEU C 160 -11.76 0.66 5.62
C LEU C 160 -11.74 2.02 6.29
N LEU C 161 -10.80 2.88 5.90
CA LEU C 161 -10.75 4.25 6.39
C LEU C 161 -12.02 5.01 6.02
N VAL C 162 -12.46 4.88 4.78
CA VAL C 162 -13.67 5.57 4.32
C VAL C 162 -14.90 5.04 5.03
N ALA C 163 -14.95 3.71 5.26
CA ALA C 163 -16.08 3.12 5.97
C ALA C 163 -16.13 3.56 7.43
N LEU C 164 -14.97 3.64 8.09
CA LEU C 164 -14.94 4.10 9.47
C LEU C 164 -15.30 5.58 9.60
N ILE C 165 -14.89 6.40 8.63
CA ILE C 165 -15.28 7.81 8.69
C ILE C 165 -16.76 7.96 8.37
N TYR C 166 -17.33 7.06 7.57
CA TYR C 166 -18.78 7.03 7.36
C TYR C 166 -19.51 6.70 8.66
N ILE C 167 -19.00 5.74 9.43
CA ILE C 167 -19.61 5.42 10.72
C ILE C 167 -19.45 6.57 11.70
N GLN C 168 -18.31 7.26 11.64
CA GLN C 168 -18.08 8.43 12.47
C GLN C 168 -19.08 9.54 12.16
N ASN C 169 -19.39 9.73 10.88
CA ASN C 169 -20.32 10.79 10.51
C ASN C 169 -21.78 10.40 10.72
N THR C 170 -22.09 9.10 10.64
CA THR C 170 -23.47 8.65 10.75
C THR C 170 -23.88 8.39 12.19
N MET C 171 -23.14 7.51 12.88
CA MET C 171 -23.45 7.21 14.27
C MET C 171 -23.10 8.38 15.18
N GLY C 172 -21.95 9.00 14.95
CA GLY C 172 -21.47 10.09 15.76
C GLY C 172 -20.19 9.79 16.50
N SER C 173 -19.83 8.51 16.63
CA SER C 173 -18.64 8.12 17.37
C SER C 173 -18.18 6.76 16.90
N LEU C 174 -16.87 6.59 16.79
CA LEU C 174 -16.27 5.28 16.58
C LEU C 174 -15.76 4.67 17.87
N ASN C 175 -16.18 5.18 19.02
CA ASN C 175 -15.96 4.50 20.29
C ASN C 175 -16.68 3.15 20.26
N PHE C 176 -15.92 2.10 20.54
CA PHE C 176 -16.49 0.76 20.57
C PHE C 176 -17.41 0.59 21.77
N LEU C 177 -17.19 1.36 22.83
CA LEU C 177 -18.07 1.30 23.99
C LEU C 177 -19.40 1.98 23.72
N ILE C 178 -19.40 3.07 22.95
CA ILE C 178 -20.65 3.69 22.51
C ILE C 178 -21.33 2.83 21.45
N LEU C 179 -20.55 2.28 20.52
CA LEU C 179 -21.12 1.48 19.44
C LEU C 179 -21.63 0.13 19.90
N GLN C 180 -21.36 -0.29 21.13
CA GLN C 180 -22.08 -1.44 21.68
C GLN C 180 -23.52 -1.11 22.02
N TYR C 181 -23.81 0.17 22.24
CA TYR C 181 -25.13 0.60 22.71
C TYR C 181 -25.87 1.43 21.68
N TRP C 182 -25.20 1.89 20.62
CA TRP C 182 -25.85 2.63 19.56
C TRP C 182 -25.82 1.89 18.24
N VAL C 183 -25.57 0.59 18.26
CA VAL C 183 -25.49 -0.17 17.03
C VAL C 183 -26.89 -0.34 16.44
N GLN C 184 -27.02 -0.01 15.18
CA GLN C 184 -28.26 -0.13 14.45
C GLN C 184 -28.17 -1.30 13.47
N PRO C 185 -29.28 -1.96 13.17
CA PRO C 185 -29.22 -3.07 12.22
C PRO C 185 -28.95 -2.57 10.80
N MET C 186 -27.97 -3.19 10.15
CA MET C 186 -27.54 -2.78 8.82
C MET C 186 -28.37 -3.53 7.78
N PRO C 187 -29.26 -2.86 7.07
CA PRO C 187 -30.25 -3.57 6.24
C PRO C 187 -29.63 -4.09 4.94
N ASN C 188 -30.50 -4.67 4.11
CA ASN C 188 -30.13 -5.25 2.84
C ASN C 188 -30.20 -4.16 1.77
N SER C 189 -29.04 -3.67 1.35
CA SER C 189 -28.95 -2.74 0.24
C SER C 189 -27.56 -2.86 -0.35
N TRP C 190 -27.38 -2.27 -1.53
CA TRP C 190 -26.07 -2.30 -2.16
C TRP C 190 -25.09 -1.38 -1.46
N SER C 191 -25.59 -0.25 -0.96
CA SER C 191 -24.77 0.66 -0.14
C SER C 191 -24.24 -0.06 1.09
N ASN C 192 -25.12 -0.81 1.77
CA ASN C 192 -24.71 -1.56 2.93
C ASN C 192 -23.88 -2.79 2.56
N THR C 193 -24.04 -3.31 1.35
CA THR C 193 -23.17 -4.39 0.88
C THR C 193 -21.73 -3.93 0.74
N PHE C 194 -21.52 -2.81 0.05
CA PHE C 194 -20.16 -2.30 -0.07
C PHE C 194 -19.67 -1.67 1.22
N MET C 195 -20.59 -1.27 2.11
CA MET C 195 -20.22 -0.94 3.49
C MET C 195 -19.61 -2.15 4.19
N TRP C 196 -20.24 -3.32 4.06
CA TRP C 196 -19.73 -4.56 4.65
C TRP C 196 -18.37 -4.91 4.07
N LEU C 197 -18.23 -4.81 2.75
CA LEU C 197 -16.95 -5.15 2.11
C LEU C 197 -15.85 -4.19 2.51
N ALA C 198 -16.13 -2.89 2.61
CA ALA C 198 -15.13 -1.96 3.07
C ALA C 198 -14.77 -2.19 4.54
N CYS C 199 -15.72 -2.61 5.35
CA CYS C 199 -15.40 -2.95 6.74
C CYS C 199 -14.63 -4.25 6.88
N MET C 200 -14.76 -5.19 5.95
CA MET C 200 -14.20 -6.51 6.16
C MET C 200 -12.95 -6.84 5.35
N MET C 201 -12.78 -6.28 4.15
CA MET C 201 -11.73 -6.74 3.25
C MET C 201 -10.32 -6.42 3.72
N ALA C 202 -10.15 -5.37 4.53
CA ALA C 202 -8.84 -5.10 5.14
C ALA C 202 -8.41 -6.24 6.05
N PHE C 203 -9.33 -6.72 6.86
CA PHE C 203 -9.02 -7.79 7.77
C PHE C 203 -8.96 -9.12 7.04
N MET C 204 -9.76 -9.28 5.98
CA MET C 204 -9.66 -10.45 5.10
C MET C 204 -8.28 -10.53 4.46
N VAL C 205 -7.69 -9.38 4.14
CA VAL C 205 -6.32 -9.37 3.65
C VAL C 205 -5.35 -9.75 4.76
N LYS C 206 -5.49 -9.14 5.93
CA LYS C 206 -4.47 -9.41 6.96
C LYS C 206 -4.64 -10.72 7.71
N MET C 207 -5.72 -11.48 7.49
CA MET C 207 -5.84 -12.75 8.23
C MET C 207 -4.86 -13.83 7.79
N PRO C 208 -4.71 -14.17 6.49
CA PRO C 208 -5.28 -13.76 5.20
C PRO C 208 -6.44 -14.62 4.75
N LEU C 209 -7.26 -14.08 3.87
CA LEU C 209 -8.25 -14.88 3.18
C LEU C 209 -7.55 -15.69 2.11
N TYR C 210 -8.11 -16.85 1.80
CA TYR C 210 -7.65 -17.60 0.63
C TYR C 210 -8.03 -16.86 -0.64
N GLY C 211 -7.08 -16.75 -1.56
CA GLY C 211 -7.21 -15.91 -2.72
C GLY C 211 -6.55 -14.56 -2.56
N LEU C 212 -6.55 -14.03 -1.34
CA LEU C 212 -5.81 -12.82 -1.01
C LEU C 212 -4.56 -13.14 -0.20
N HIS C 213 -4.22 -14.41 -0.06
CA HIS C 213 -3.16 -14.84 0.83
C HIS C 213 -1.78 -14.72 0.22
N LEU C 214 -1.68 -14.24 -1.03
CA LEU C 214 -0.46 -14.37 -1.80
C LEU C 214 0.67 -13.49 -1.29
N TRP C 215 0.37 -12.48 -0.47
CA TRP C 215 1.42 -11.66 0.12
C TRP C 215 2.19 -12.43 1.18
N LEU C 216 1.57 -13.42 1.79
CA LEU C 216 2.11 -14.05 2.98
C LEU C 216 3.26 -15.04 2.74
N PRO C 217 3.21 -15.99 1.78
CA PRO C 217 4.38 -16.86 1.61
C PRO C 217 5.56 -16.16 0.99
N LYS C 218 5.39 -14.94 0.48
CA LYS C 218 6.52 -14.08 0.17
C LYS C 218 6.99 -13.31 1.40
N ALA C 219 6.06 -12.74 2.18
CA ALA C 219 6.49 -11.95 3.33
C ALA C 219 6.98 -12.79 4.49
N HIS C 220 6.63 -14.08 4.57
CA HIS C 220 7.17 -14.88 5.66
C HIS C 220 8.54 -15.46 5.35
N VAL C 221 8.79 -15.87 4.11
CA VAL C 221 10.06 -16.54 3.84
C VAL C 221 11.17 -15.54 3.56
N GLU C 222 10.83 -14.29 3.24
CA GLU C 222 11.83 -13.30 2.92
C GLU C 222 12.13 -12.37 4.08
N ALA C 223 11.32 -12.42 5.13
CA ALA C 223 11.59 -11.68 6.34
C ALA C 223 12.74 -12.32 7.10
N PRO C 224 13.36 -11.59 8.02
CA PRO C 224 14.22 -12.24 9.02
C PRO C 224 13.36 -12.92 10.07
N ILE C 225 14.03 -13.49 11.09
CA ILE C 225 13.33 -14.36 12.01
C ILE C 225 12.42 -13.57 12.94
N ALA C 226 12.83 -12.36 13.35
CA ALA C 226 11.94 -11.53 14.15
C ALA C 226 10.74 -11.06 13.33
N GLY C 227 10.95 -10.78 12.05
CA GLY C 227 9.83 -10.47 11.17
C GLY C 227 8.89 -11.64 10.98
N SER C 228 9.44 -12.84 10.78
CA SER C 228 8.61 -14.02 10.61
C SER C 228 7.81 -14.33 11.87
N MET C 229 8.43 -14.17 13.04
CA MET C 229 7.75 -14.38 14.31
C MET C 229 6.66 -13.33 14.54
N VAL C 230 6.87 -12.08 14.13
CA VAL C 230 5.83 -11.10 14.41
C VAL C 230 4.71 -11.17 13.39
N LEU C 231 4.98 -11.58 12.14
CA LEU C 231 3.87 -11.78 11.20
C LEU C 231 3.07 -13.01 11.54
N ALA C 232 3.75 -14.10 11.92
CA ALA C 232 3.03 -15.31 12.30
C ALA C 232 2.25 -15.11 13.58
N ALA C 233 2.91 -14.56 14.60
CA ALA C 233 2.36 -14.60 15.94
C ALA C 233 1.31 -13.53 16.18
N ILE C 234 1.52 -12.30 15.67
CA ILE C 234 0.67 -11.17 16.04
C ILE C 234 0.02 -10.54 14.81
N LEU C 235 0.80 -10.25 13.77
CA LEU C 235 0.33 -9.40 12.68
C LEU C 235 -0.72 -10.05 11.80
N LEU C 236 -0.94 -11.35 11.89
CA LEU C 236 -2.12 -11.93 11.27
C LEU C 236 -3.35 -11.75 12.13
N LYS C 237 -3.17 -11.53 13.42
CA LYS C 237 -4.27 -11.52 14.37
C LYS C 237 -4.87 -10.14 14.53
N LEU C 238 -4.25 -9.13 13.92
CA LEU C 238 -4.89 -7.83 13.77
C LEU C 238 -6.16 -7.96 12.94
N GLY C 239 -6.14 -8.82 11.92
CA GLY C 239 -7.34 -9.07 11.14
C GLY C 239 -8.45 -9.72 11.95
N GLY C 240 -8.10 -10.69 12.79
CA GLY C 240 -9.11 -11.34 13.60
C GLY C 240 -9.68 -10.43 14.68
N TYR C 241 -8.80 -9.67 15.34
CA TYR C 241 -9.24 -8.67 16.31
C TYR C 241 -10.14 -7.62 15.67
N GLY C 242 -9.75 -7.14 14.49
CA GLY C 242 -10.55 -6.14 13.82
C GLY C 242 -11.87 -6.66 13.32
N MET C 243 -11.91 -7.92 12.88
CA MET C 243 -13.18 -8.54 12.52
C MET C 243 -14.11 -8.68 13.72
N MET C 244 -13.56 -9.14 14.85
CA MET C 244 -14.40 -9.29 16.04
C MET C 244 -14.86 -7.95 16.61
N ARG C 245 -14.15 -6.86 16.32
CA ARG C 245 -14.71 -5.57 16.67
C ARG C 245 -15.75 -5.11 15.66
N ILE C 246 -15.46 -5.27 14.36
CA ILE C 246 -16.24 -4.57 13.35
C ILE C 246 -17.50 -5.33 12.97
N THR C 247 -17.60 -6.63 13.28
CA THR C 247 -18.82 -7.36 12.96
C THR C 247 -19.96 -7.08 13.92
N LEU C 248 -19.71 -6.30 14.98
CA LEU C 248 -20.80 -5.72 15.76
C LEU C 248 -21.68 -4.84 14.90
N LEU C 249 -21.08 -4.03 14.04
CA LEU C 249 -21.79 -3.04 13.25
C LEU C 249 -22.43 -3.64 12.01
N LEU C 250 -22.03 -4.84 11.62
CA LEU C 250 -22.35 -5.40 10.30
C LEU C 250 -23.44 -6.46 10.39
N ASN C 251 -24.41 -6.24 11.25
CA ASN C 251 -25.53 -7.15 11.40
C ASN C 251 -26.81 -6.45 10.94
N PRO C 252 -27.76 -7.20 10.35
CA PRO C 252 -27.79 -8.63 10.03
C PRO C 252 -27.32 -8.95 8.63
N ILE C 253 -26.55 -8.06 8.01
CA ILE C 253 -26.15 -8.27 6.62
C ILE C 253 -25.15 -9.42 6.52
N THR C 254 -24.35 -9.64 7.58
CA THR C 254 -23.34 -10.69 7.62
C THR C 254 -23.93 -12.07 7.39
N ASP C 255 -25.14 -12.28 7.92
CA ASP C 255 -25.86 -13.55 7.81
C ASP C 255 -26.26 -13.90 6.38
N PHE C 256 -26.08 -13.00 5.41
CA PHE C 256 -26.09 -13.41 4.01
C PHE C 256 -24.92 -12.88 3.21
N MET C 257 -24.01 -12.13 3.84
CA MET C 257 -22.89 -11.60 3.09
C MET C 257 -21.60 -12.37 3.35
N ALA C 258 -21.56 -13.14 4.44
CA ALA C 258 -20.39 -13.94 4.76
C ALA C 258 -20.31 -15.24 3.98
N TYR C 259 -21.35 -15.59 3.21
CA TYR C 259 -21.32 -16.83 2.43
C TYR C 259 -20.16 -16.97 1.44
N PRO C 260 -19.76 -15.98 0.63
CA PRO C 260 -18.60 -16.20 -0.25
C PRO C 260 -17.29 -16.29 0.49
N PHE C 261 -17.20 -15.71 1.67
CA PHE C 261 -15.95 -15.66 2.41
C PHE C 261 -15.79 -16.84 3.34
N ILE C 262 -16.86 -17.58 3.60
CA ILE C 262 -16.74 -18.84 4.32
C ILE C 262 -16.30 -19.95 3.37
N MET C 263 -16.88 -19.98 2.16
CA MET C 263 -16.53 -21.00 1.16
C MET C 263 -15.07 -20.92 0.78
N LEU C 264 -14.61 -19.71 0.41
CA LEU C 264 -13.20 -19.41 0.20
C LEU C 264 -12.32 -19.83 1.36
N SER C 265 -12.84 -19.76 2.58
CA SER C 265 -12.05 -20.25 3.69
C SER C 265 -12.15 -21.77 3.81
N LEU C 266 -13.38 -22.31 3.72
CA LEU C 266 -13.57 -23.73 4.00
C LEU C 266 -12.96 -24.61 2.91
N TRP C 267 -12.92 -24.12 1.68
CA TRP C 267 -12.15 -24.82 0.66
C TRP C 267 -10.70 -24.40 0.69
N GLY C 268 -10.41 -23.16 1.10
CA GLY C 268 -9.06 -22.66 1.04
C GLY C 268 -8.14 -23.28 2.07
N MET C 269 -8.66 -23.58 3.25
CA MET C 269 -7.92 -24.35 4.22
C MET C 269 -7.70 -25.78 3.77
N ILE C 270 -8.49 -26.27 2.81
CA ILE C 270 -8.16 -27.55 2.19
C ILE C 270 -7.01 -27.37 1.22
N MET C 271 -7.00 -26.25 0.50
CA MET C 271 -6.02 -26.09 -0.57
C MET C 271 -4.63 -25.80 -0.01
N THR C 272 -4.53 -24.83 0.90
CA THR C 272 -3.25 -24.43 1.44
C THR C 272 -2.60 -25.54 2.26
N SER C 273 -3.41 -26.29 3.02
CA SER C 273 -2.92 -27.49 3.69
C SER C 273 -2.38 -28.49 2.68
N SER C 274 -3.08 -28.66 1.56
CA SER C 274 -2.61 -29.52 0.50
C SER C 274 -1.30 -29.01 -0.08
N ILE C 275 -1.14 -27.69 -0.14
CA ILE C 275 0.10 -27.07 -0.59
C ILE C 275 1.24 -27.47 0.34
N CYS C 276 0.95 -27.58 1.64
CA CYS C 276 1.97 -27.99 2.60
C CYS C 276 2.39 -29.43 2.44
N LEU C 277 1.66 -30.24 1.67
CA LEU C 277 2.13 -31.58 1.39
C LEU C 277 3.25 -31.60 0.37
N ARG C 278 3.43 -30.53 -0.40
CA ARG C 278 4.38 -30.53 -1.51
C ARG C 278 5.37 -29.38 -1.46
N GLN C 279 5.46 -28.66 -0.35
CA GLN C 279 6.39 -27.53 -0.27
C GLN C 279 7.82 -28.00 -0.05
N THR C 280 8.70 -27.62 -0.96
CA THR C 280 10.11 -27.94 -0.85
C THR C 280 10.81 -27.03 0.15
N ASP C 281 10.27 -25.83 0.35
CA ASP C 281 10.81 -24.86 1.28
C ASP C 281 10.12 -25.06 2.63
N LEU C 282 10.90 -25.12 3.70
CA LEU C 282 10.33 -25.38 5.02
C LEU C 282 9.57 -24.17 5.53
N LYS C 283 10.14 -22.98 5.32
CA LYS C 283 9.53 -21.75 5.80
C LYS C 283 8.27 -21.41 5.01
N SER C 284 8.23 -21.80 3.73
CA SER C 284 7.00 -21.69 2.96
C SER C 284 5.93 -22.67 3.43
N LEU C 285 6.34 -23.85 3.90
CA LEU C 285 5.39 -24.80 4.46
C LEU C 285 4.76 -24.25 5.71
N ILE C 286 5.56 -23.59 6.56
CA ILE C 286 5.01 -22.98 7.76
C ILE C 286 4.11 -21.79 7.41
N ALA C 287 4.44 -21.06 6.35
CA ALA C 287 3.59 -19.95 5.90
C ALA C 287 2.23 -20.43 5.41
N TYR C 288 2.21 -21.44 4.54
CA TYR C 288 0.92 -21.96 4.07
C TYR C 288 0.13 -22.66 5.18
N SER C 289 0.82 -23.22 6.18
CA SER C 289 0.11 -23.70 7.35
C SER C 289 -0.53 -22.56 8.13
N SER C 290 0.12 -21.39 8.16
CA SER C 290 -0.48 -20.24 8.83
C SER C 290 -1.75 -19.77 8.10
N VAL C 291 -1.73 -19.80 6.77
CA VAL C 291 -2.95 -19.50 6.00
C VAL C 291 -4.05 -20.51 6.31
N SER C 292 -3.67 -21.79 6.37
CA SER C 292 -4.63 -22.86 6.64
C SER C 292 -5.26 -22.74 8.02
N HIS C 293 -4.47 -22.36 9.02
CA HIS C 293 -5.03 -22.23 10.37
C HIS C 293 -5.83 -20.95 10.53
N MET C 294 -5.47 -19.86 9.85
CA MET C 294 -6.26 -18.65 10.01
C MET C 294 -7.55 -18.67 9.21
N ALA C 295 -7.67 -19.59 8.24
CA ALA C 295 -8.95 -19.77 7.56
C ALA C 295 -10.04 -20.25 8.51
N LEU C 296 -9.70 -21.06 9.51
CA LEU C 296 -10.67 -21.48 10.52
C LEU C 296 -11.12 -20.30 11.37
N VAL C 297 -10.20 -19.39 11.67
CA VAL C 297 -10.55 -18.20 12.43
C VAL C 297 -11.46 -17.29 11.62
N ILE C 298 -11.24 -17.23 10.29
CA ILE C 298 -12.13 -16.46 9.43
C ILE C 298 -13.55 -17.06 9.43
N VAL C 299 -13.66 -18.39 9.32
CA VAL C 299 -14.97 -19.05 9.37
C VAL C 299 -15.64 -18.80 10.71
N ALA C 300 -14.87 -18.91 11.80
CA ALA C 300 -15.43 -18.76 13.13
C ALA C 300 -15.89 -17.34 13.41
N ILE C 301 -15.23 -16.33 12.85
CA ILE C 301 -15.72 -14.98 13.05
C ILE C 301 -16.96 -14.74 12.18
N LEU C 302 -16.95 -15.26 10.96
CA LEU C 302 -18.06 -14.98 10.05
C LEU C 302 -19.35 -15.72 10.42
N ILE C 303 -19.27 -16.81 11.19
CA ILE C 303 -20.50 -17.44 11.63
C ILE C 303 -21.01 -16.86 12.94
N GLN C 304 -20.16 -16.14 13.68
CA GLN C 304 -20.46 -15.26 14.83
C GLN C 304 -21.38 -15.89 15.89
N THR C 305 -21.07 -17.11 16.26
CA THR C 305 -21.64 -17.75 17.42
C THR C 305 -20.65 -17.68 18.57
N PRO C 306 -21.08 -17.84 19.83
CA PRO C 306 -20.13 -17.71 20.96
C PRO C 306 -19.03 -18.74 21.00
N TRP C 307 -19.36 -20.02 20.79
CA TRP C 307 -18.36 -21.07 20.71
C TRP C 307 -17.35 -20.82 19.60
N SER C 308 -17.80 -20.24 18.49
CA SER C 308 -16.90 -19.90 17.40
C SER C 308 -15.93 -18.80 17.78
N TYR C 309 -16.40 -17.76 18.48
CA TYR C 309 -15.47 -16.71 18.92
C TYR C 309 -14.49 -17.22 19.96
N MET C 310 -14.96 -18.07 20.88
CA MET C 310 -14.06 -18.64 21.88
C MET C 310 -12.99 -19.52 21.24
N GLY C 311 -13.40 -20.37 20.29
CA GLY C 311 -12.43 -21.16 19.57
C GLY C 311 -11.52 -20.34 18.69
N ALA C 312 -12.02 -19.24 18.13
CA ALA C 312 -11.19 -18.43 17.25
C ALA C 312 -10.13 -17.67 18.03
N THR C 313 -10.46 -17.15 19.22
CA THR C 313 -9.43 -16.46 19.98
C THR C 313 -8.45 -17.43 20.62
N ALA C 314 -8.91 -18.63 21.04
CA ALA C 314 -7.98 -19.64 21.52
C ALA C 314 -7.07 -20.13 20.41
N LEU C 315 -7.61 -20.23 19.20
CA LEU C 315 -6.85 -20.68 18.05
C LEU C 315 -5.86 -19.62 17.61
N MET C 316 -6.20 -18.34 17.75
CA MET C 316 -5.26 -17.28 17.43
C MET C 316 -4.07 -17.27 18.37
N ILE C 317 -4.31 -17.39 19.68
CA ILE C 317 -3.19 -17.38 20.63
C ILE C 317 -2.33 -18.63 20.47
N ALA C 318 -2.97 -19.79 20.30
CA ALA C 318 -2.28 -21.05 20.13
C ALA C 318 -1.47 -21.09 18.85
N HIS C 319 -2.05 -20.59 17.76
CA HIS C 319 -1.35 -20.55 16.49
C HIS C 319 -0.22 -19.54 16.51
N GLY C 320 -0.37 -18.44 17.26
CA GLY C 320 0.72 -17.50 17.41
C GLY C 320 1.95 -18.13 18.03
N LEU C 321 1.77 -18.78 19.17
CA LEU C 321 2.88 -19.49 19.82
C LEU C 321 3.44 -20.61 18.95
N THR C 322 2.57 -21.42 18.34
CA THR C 322 3.02 -22.60 17.60
C THR C 322 3.77 -22.21 16.33
N SER C 323 3.20 -21.29 15.54
CA SER C 323 3.84 -20.88 14.30
C SER C 323 5.12 -20.09 14.55
N SER C 324 5.17 -19.30 15.63
CA SER C 324 6.42 -18.64 16.00
C SER C 324 7.50 -19.67 16.34
N MET C 325 7.13 -20.74 17.05
CA MET C 325 8.09 -21.79 17.35
C MET C 325 8.54 -22.53 16.09
N LEU C 326 7.63 -22.74 15.15
CA LEU C 326 7.99 -23.44 13.91
C LEU C 326 8.95 -22.61 13.08
N PHE C 327 8.73 -21.30 12.97
CA PHE C 327 9.70 -20.45 12.28
C PHE C 327 11.04 -20.40 13.00
N CYS C 328 11.03 -20.46 14.34
CA CYS C 328 12.31 -20.48 15.07
C CYS C 328 13.06 -21.79 14.85
N LEU C 329 12.35 -22.91 14.74
CA LEU C 329 13.00 -24.19 14.45
C LEU C 329 13.56 -24.23 13.03
N ALA C 330 12.80 -23.71 12.06
CA ALA C 330 13.29 -23.59 10.69
C ALA C 330 14.49 -22.67 10.61
N ASN C 331 14.52 -21.61 11.44
CA ASN C 331 15.69 -20.76 11.52
C ASN C 331 16.88 -21.49 12.13
N SER C 332 16.60 -22.36 13.10
CA SER C 332 17.68 -23.14 13.72
C SER C 332 18.35 -24.05 12.72
N ASN C 333 17.59 -24.59 11.76
CA ASN C 333 18.26 -25.32 10.69
C ASN C 333 18.90 -24.39 9.65
N TYR C 334 18.28 -23.23 9.38
CA TYR C 334 18.82 -22.33 8.37
C TYR C 334 20.14 -21.69 8.82
N GLU C 335 20.34 -21.54 10.12
CA GLU C 335 21.59 -21.00 10.62
C GLU C 335 22.74 -22.00 10.56
N ARG C 336 22.46 -23.25 10.19
CA ARG C 336 23.48 -24.28 10.03
C ARG C 336 23.69 -24.72 8.60
N VAL C 337 22.62 -24.88 7.82
CA VAL C 337 22.79 -25.34 6.44
C VAL C 337 22.69 -24.21 5.43
N HIS C 338 22.25 -23.02 5.84
CA HIS C 338 22.19 -21.80 5.03
C HIS C 338 21.33 -21.97 3.77
N SER C 339 20.29 -22.79 3.88
CA SER C 339 19.31 -22.97 2.83
C SER C 339 18.02 -23.43 3.49
N ARG C 340 16.90 -22.93 2.98
CA ARG C 340 15.60 -23.25 3.54
C ARG C 340 14.98 -24.50 2.93
N THR C 341 15.73 -25.24 2.12
CA THR C 341 15.21 -26.44 1.49
C THR C 341 15.03 -27.53 2.53
N MET C 342 13.82 -28.10 2.57
CA MET C 342 13.46 -29.06 3.60
C MET C 342 14.06 -30.43 3.35
N ILE C 343 14.37 -30.76 2.09
CA ILE C 343 14.96 -32.05 1.76
C ILE C 343 16.49 -32.01 1.84
N LEU C 344 17.08 -30.85 2.11
CA LEU C 344 18.54 -30.73 2.16
C LEU C 344 19.12 -31.44 3.37
N ALA C 345 18.75 -30.99 4.56
CA ALA C 345 19.23 -31.58 5.81
C ALA C 345 18.17 -32.53 6.34
N ARG C 346 18.51 -33.80 6.42
CA ARG C 346 17.61 -34.85 6.88
C ARG C 346 18.23 -35.53 8.08
N GLY C 347 17.44 -36.41 8.71
CA GLY C 347 17.94 -37.28 9.78
C GLY C 347 18.48 -36.57 10.99
N LEU C 348 17.94 -35.40 11.31
CA LEU C 348 18.52 -34.52 12.32
C LEU C 348 18.11 -34.88 13.74
N GLN C 349 17.46 -36.02 13.95
CA GLN C 349 17.28 -36.51 15.31
C GLN C 349 18.51 -37.26 15.79
N THR C 350 19.29 -37.82 14.86
CA THR C 350 20.56 -38.43 15.23
C THR C 350 21.59 -37.39 15.63
N LEU C 351 21.47 -36.17 15.11
CA LEU C 351 22.46 -35.14 15.33
C LEU C 351 22.04 -34.14 16.39
N LEU C 352 20.78 -33.74 16.41
CA LEU C 352 20.22 -32.82 17.40
C LEU C 352 19.02 -33.49 18.04
N PRO C 353 19.24 -34.29 19.10
CA PRO C 353 18.11 -35.02 19.69
C PRO C 353 17.14 -34.16 20.48
N LEU C 354 17.64 -33.23 21.30
CA LEU C 354 16.74 -32.38 22.08
C LEU C 354 16.03 -31.38 21.18
N MET C 355 16.70 -30.89 20.15
CA MET C 355 16.04 -30.04 19.18
C MET C 355 15.01 -30.83 18.38
N ALA C 356 15.24 -32.12 18.19
CA ALA C 356 14.21 -32.96 17.57
C ALA C 356 13.04 -33.18 18.51
N ALA C 357 13.27 -33.17 19.82
CA ALA C 357 12.15 -33.19 20.76
C ALA C 357 11.33 -31.90 20.69
N TRP C 358 12.00 -30.76 20.48
CA TRP C 358 11.26 -29.51 20.30
C TRP C 358 10.49 -29.51 18.98
N TRP C 359 11.10 -30.06 17.92
CA TRP C 359 10.39 -30.27 16.66
C TRP C 359 9.17 -31.16 16.83
N LEU C 360 9.30 -32.23 17.62
CA LEU C 360 8.19 -33.13 17.87
C LEU C 360 7.06 -32.44 18.59
N LEU C 361 7.37 -31.64 19.62
CA LEU C 361 6.32 -30.95 20.36
C LEU C 361 5.64 -29.88 19.53
N ALA C 362 6.41 -29.14 18.72
CA ALA C 362 5.81 -28.13 17.86
C ALA C 362 4.98 -28.75 16.76
N SER C 363 5.39 -29.92 16.26
CA SER C 363 4.61 -30.60 15.25
C SER C 363 3.34 -31.19 15.85
N LEU C 364 3.38 -31.60 17.12
CA LEU C 364 2.18 -32.12 17.76
C LEU C 364 1.18 -31.01 18.07
N THR C 365 1.68 -29.84 18.46
CA THR C 365 0.78 -28.71 18.63
C THR C 365 0.31 -28.14 17.30
N ASN C 366 1.03 -28.38 16.21
CA ASN C 366 0.51 -27.98 14.90
C ASN C 366 -0.65 -28.87 14.48
N LEU C 367 -0.58 -30.18 14.76
CA LEU C 367 -1.63 -31.10 14.37
C LEU C 367 -2.78 -31.17 15.36
N ALA C 368 -2.85 -30.23 16.31
CA ALA C 368 -3.91 -30.10 17.30
C ALA C 368 -4.03 -31.36 18.16
N LEU C 369 -2.99 -31.58 18.93
CA LEU C 369 -3.00 -32.68 19.89
C LEU C 369 -3.63 -32.22 21.19
N PRO C 370 -4.65 -32.92 21.68
CA PRO C 370 -5.28 -32.53 22.94
C PRO C 370 -4.38 -32.85 24.13
N PRO C 371 -4.54 -32.14 25.25
CA PRO C 371 -5.44 -31.01 25.51
C PRO C 371 -4.85 -29.64 25.25
N SER C 372 -4.04 -29.49 24.19
CA SER C 372 -3.45 -28.19 23.92
C SER C 372 -4.52 -27.21 23.47
N ILE C 373 -4.21 -25.93 23.63
CA ILE C 373 -5.14 -24.88 23.25
C ILE C 373 -5.30 -24.77 21.74
N ASN C 374 -4.34 -25.31 20.99
CA ASN C 374 -4.53 -25.59 19.56
C ASN C 374 -5.75 -26.48 19.34
N LEU C 375 -5.83 -27.59 20.05
CA LEU C 375 -6.98 -28.47 19.90
C LEU C 375 -8.23 -27.84 20.49
N ILE C 376 -8.10 -27.03 21.54
CA ILE C 376 -9.26 -26.37 22.13
C ILE C 376 -9.90 -25.41 21.14
N GLY C 377 -9.07 -24.59 20.48
CA GLY C 377 -9.60 -23.67 19.49
C GLY C 377 -10.10 -24.37 18.23
N GLU C 378 -9.29 -25.31 17.70
CA GLU C 378 -9.68 -26.16 16.59
C GLU C 378 -11.00 -26.85 16.83
N LEU C 379 -11.14 -27.46 18.01
CA LEU C 379 -12.33 -28.21 18.35
C LEU C 379 -13.54 -27.32 18.48
N PHE C 380 -13.41 -26.16 19.13
CA PHE C 380 -14.57 -25.30 19.30
C PHE C 380 -15.03 -24.68 17.99
N VAL C 381 -14.10 -24.38 17.09
CA VAL C 381 -14.47 -23.94 15.74
C VAL C 381 -15.20 -25.05 15.01
N VAL C 382 -14.74 -26.29 15.14
CA VAL C 382 -15.40 -27.41 14.47
C VAL C 382 -16.79 -27.66 15.05
N MET C 383 -16.97 -27.47 16.37
CA MET C 383 -18.28 -27.61 16.99
C MET C 383 -19.25 -26.56 16.48
N SER C 384 -18.82 -25.29 16.45
CA SER C 384 -19.70 -24.21 16.03
C SER C 384 -19.99 -24.26 14.54
N THR C 385 -19.06 -24.77 13.73
CA THR C 385 -19.37 -24.95 12.32
C THR C 385 -20.18 -26.19 12.03
N PHE C 386 -20.17 -27.19 12.91
CA PHE C 386 -21.16 -28.24 12.82
C PHE C 386 -22.54 -27.72 13.17
N SER C 387 -22.61 -26.77 14.11
CA SER C 387 -23.87 -26.10 14.37
C SER C 387 -24.31 -25.24 13.20
N TRP C 388 -23.36 -24.68 12.46
CA TRP C 388 -23.68 -23.87 11.29
C TRP C 388 -24.30 -24.72 10.19
N SER C 389 -23.55 -25.69 9.68
CA SER C 389 -24.05 -26.66 8.72
C SER C 389 -23.40 -28.00 9.04
N ASN C 390 -24.20 -29.07 9.05
CA ASN C 390 -23.69 -30.37 9.45
C ASN C 390 -22.74 -30.97 8.42
N ILE C 391 -22.75 -30.48 7.18
CA ILE C 391 -21.89 -31.03 6.15
C ILE C 391 -20.45 -30.53 6.30
N THR C 392 -20.25 -29.39 6.99
CA THR C 392 -18.94 -28.76 7.12
C THR C 392 -17.91 -29.64 7.81
N ILE C 393 -18.36 -30.63 8.60
CA ILE C 393 -17.48 -31.59 9.26
C ILE C 393 -16.60 -32.32 8.26
N ILE C 394 -17.12 -32.56 7.04
CA ILE C 394 -16.31 -33.12 5.95
C ILE C 394 -15.11 -32.24 5.68
N LEU C 395 -15.37 -30.97 5.37
CA LEU C 395 -14.30 -30.01 5.15
C LEU C 395 -13.49 -29.75 6.41
N MET C 396 -14.08 -29.97 7.59
CA MET C 396 -13.26 -29.88 8.78
C MET C 396 -12.39 -31.11 8.94
N GLY C 397 -13.01 -32.29 8.81
CA GLY C 397 -12.33 -33.51 9.19
C GLY C 397 -11.22 -33.87 8.23
N LEU C 398 -11.48 -33.68 6.94
CA LEU C 398 -10.47 -33.84 5.90
C LEU C 398 -9.28 -32.91 6.15
N ASN C 399 -9.56 -31.68 6.61
CA ASN C 399 -8.47 -30.77 6.95
C ASN C 399 -7.67 -31.30 8.12
N MET C 400 -8.35 -31.87 9.11
CA MET C 400 -7.65 -32.44 10.25
C MET C 400 -6.90 -33.71 9.88
N VAL C 401 -7.18 -34.31 8.72
CA VAL C 401 -6.29 -35.34 8.22
C VAL C 401 -5.05 -34.69 7.65
N ILE C 402 -5.23 -33.69 6.78
CA ILE C 402 -4.11 -33.13 6.03
C ILE C 402 -3.19 -32.34 6.94
N THR C 403 -3.75 -31.70 7.97
CA THR C 403 -2.95 -30.99 8.97
C THR C 403 -2.04 -31.96 9.74
N ALA C 404 -2.46 -33.21 9.89
CA ALA C 404 -1.52 -34.20 10.42
C ALA C 404 -0.48 -34.56 9.38
N LEU C 405 -0.90 -34.71 8.13
CA LEU C 405 -0.04 -35.25 7.08
C LEU C 405 1.04 -34.30 6.62
N TYR C 406 1.01 -33.02 7.00
CA TYR C 406 2.20 -32.21 6.84
C TYR C 406 2.88 -31.89 8.17
N SER C 407 2.22 -32.11 9.30
CA SER C 407 2.88 -31.83 10.57
C SER C 407 3.92 -32.89 10.86
N LEU C 408 3.63 -34.13 10.51
CA LEU C 408 4.57 -35.21 10.71
C LEU C 408 5.51 -35.39 9.54
N TYR C 409 5.07 -35.06 8.33
CA TYR C 409 5.94 -35.07 7.15
C TYR C 409 7.12 -34.14 7.35
N MET C 410 6.84 -32.90 7.77
CA MET C 410 7.86 -31.97 8.22
C MET C 410 8.72 -32.55 9.33
N LEU C 411 8.12 -33.36 10.21
CA LEU C 411 8.91 -34.05 11.22
C LEU C 411 9.75 -35.16 10.60
N ILE C 412 9.20 -35.89 9.62
CA ILE C 412 9.93 -37.03 9.07
C ILE C 412 10.98 -36.58 8.07
N THR C 413 10.71 -35.51 7.31
CA THR C 413 11.68 -35.06 6.31
C THR C 413 12.88 -34.39 6.96
N THR C 414 12.65 -33.49 7.92
CA THR C 414 13.76 -32.79 8.54
C THR C 414 14.50 -33.66 9.54
N GLN C 415 13.76 -34.35 10.41
CA GLN C 415 14.37 -34.97 11.58
C GLN C 415 14.61 -36.46 11.44
N ARG C 416 14.01 -37.13 10.48
CA ARG C 416 14.11 -38.57 10.43
C ARG C 416 14.72 -39.02 9.11
N GLY C 417 14.88 -40.33 8.96
CA GLY C 417 15.60 -40.88 7.84
C GLY C 417 17.09 -40.87 8.08
N LYS C 418 17.82 -41.26 7.05
CA LYS C 418 19.27 -41.19 7.09
C LYS C 418 19.72 -39.76 6.89
N HIS C 419 20.69 -39.33 7.69
CA HIS C 419 21.17 -37.95 7.64
C HIS C 419 21.92 -37.69 6.34
N THR C 420 22.05 -36.41 6.01
CA THR C 420 22.79 -36.03 4.82
C THR C 420 24.28 -36.20 5.08
N HIS C 421 24.95 -36.93 4.17
CA HIS C 421 26.35 -37.26 4.39
C HIS C 421 27.25 -36.05 4.24
N HIS C 422 27.00 -35.21 3.23
CA HIS C 422 27.92 -34.15 2.87
C HIS C 422 27.69 -32.87 3.65
N ILE C 423 26.82 -32.88 4.66
CA ILE C 423 26.65 -31.73 5.54
C ILE C 423 27.26 -32.08 6.88
N ASN C 424 28.28 -31.31 7.28
CA ASN C 424 29.01 -31.59 8.50
C ASN C 424 29.19 -30.36 9.39
N ASN C 425 28.55 -29.25 9.09
CA ASN C 425 28.56 -28.10 9.98
C ASN C 425 27.36 -28.09 10.92
N ILE C 426 26.78 -29.26 11.20
CA ILE C 426 25.61 -29.34 12.05
C ILE C 426 26.08 -29.27 13.49
N LEU C 427 26.11 -28.06 14.03
CA LEU C 427 26.58 -27.81 15.39
C LEU C 427 25.58 -28.34 16.40
N PRO C 428 26.02 -28.61 17.63
CA PRO C 428 25.06 -28.88 18.71
C PRO C 428 24.22 -27.64 19.01
N SER C 429 23.05 -27.89 19.60
CA SER C 429 22.08 -26.83 19.82
C SER C 429 22.58 -25.85 20.87
N PHE C 430 22.58 -24.56 20.52
CA PHE C 430 23.01 -23.54 21.46
C PHE C 430 21.97 -23.37 22.56
N THR C 431 22.42 -22.86 23.69
CA THR C 431 21.54 -22.62 24.83
C THR C 431 20.54 -21.51 24.51
N ARG C 432 20.93 -20.56 23.66
CA ARG C 432 20.01 -19.57 23.13
C ARG C 432 18.86 -20.21 22.36
N GLU C 433 19.18 -21.22 21.54
CA GLU C 433 18.17 -21.85 20.69
C GLU C 433 17.21 -22.71 21.50
N ASN C 434 17.75 -23.52 22.41
CA ASN C 434 16.90 -24.34 23.26
C ASN C 434 16.08 -23.48 24.22
N ALA C 435 16.65 -22.37 24.68
CA ALA C 435 15.90 -21.41 25.49
C ALA C 435 14.75 -20.81 24.71
N LEU C 436 14.99 -20.50 23.43
CA LEU C 436 13.96 -19.94 22.57
C LEU C 436 12.82 -20.94 22.34
N MET C 437 13.17 -22.20 22.08
CA MET C 437 12.15 -23.22 21.89
C MET C 437 11.36 -23.47 23.18
N SER C 438 12.03 -23.42 24.32
CA SER C 438 11.32 -23.65 25.58
C SER C 438 10.43 -22.46 25.94
N LEU C 439 10.86 -21.24 25.63
CA LEU C 439 10.01 -20.08 25.90
C LEU C 439 8.86 -19.98 24.92
N HIS C 440 8.91 -20.69 23.79
CA HIS C 440 7.69 -20.84 23.00
C HIS C 440 6.79 -21.94 23.53
N MET C 441 7.35 -23.10 23.87
CA MET C 441 6.51 -24.27 24.09
C MET C 441 5.96 -24.34 25.51
N LEU C 442 6.74 -23.95 26.52
CA LEU C 442 6.27 -24.08 27.90
C LEU C 442 5.09 -23.18 28.25
N PRO C 443 4.98 -21.91 27.78
CA PRO C 443 3.70 -21.22 27.95
C PRO C 443 2.56 -21.86 27.18
N LEU C 444 2.81 -22.38 25.98
CA LEU C 444 1.79 -23.06 25.19
C LEU C 444 1.27 -24.31 25.88
N LEU C 445 2.10 -24.99 26.65
CA LEU C 445 1.66 -26.16 27.40
C LEU C 445 1.03 -25.78 28.73
N LEU C 446 1.51 -24.73 29.39
CA LEU C 446 0.90 -24.32 30.65
C LEU C 446 -0.47 -23.71 30.44
N LEU C 447 -0.74 -23.13 29.28
CA LEU C 447 -2.09 -22.63 28.98
C LEU C 447 -3.11 -23.74 28.80
N SER C 448 -2.71 -25.01 28.73
CA SER C 448 -3.67 -26.10 28.77
C SER C 448 -4.21 -26.30 30.18
N LEU C 449 -3.41 -25.94 31.19
CA LEU C 449 -3.87 -26.06 32.58
C LEU C 449 -4.94 -25.04 32.90
N ASN C 450 -4.95 -23.90 32.22
CA ASN C 450 -5.90 -22.83 32.51
C ASN C 450 -6.23 -22.09 31.22
N PRO C 451 -7.09 -22.68 30.36
CA PRO C 451 -7.38 -22.05 29.08
C PRO C 451 -8.38 -20.90 29.16
N LYS C 452 -8.99 -20.65 30.32
CA LYS C 452 -10.09 -19.69 30.39
C LYS C 452 -9.61 -18.26 30.20
N ILE C 453 -8.31 -18.00 30.36
CA ILE C 453 -7.78 -16.66 30.10
C ILE C 453 -7.54 -16.40 28.63
N ILE C 454 -7.68 -17.41 27.76
CA ILE C 454 -7.46 -17.16 26.34
C ILE C 454 -8.70 -17.50 25.53
N LEU C 455 -9.88 -17.32 26.12
CA LEU C 455 -11.14 -17.66 25.48
C LEU C 455 -12.07 -16.46 25.31
N GLY C 456 -11.52 -15.26 25.20
CA GLY C 456 -12.24 -14.13 24.69
C GLY C 456 -13.28 -13.53 25.61
N PRO C 457 -14.02 -12.52 25.12
CA PRO C 457 -14.89 -11.72 25.99
C PRO C 457 -16.18 -12.40 26.39
N LEU C 458 -16.35 -13.67 26.07
CA LEU C 458 -17.66 -14.29 26.22
C LEU C 458 -17.52 -15.72 26.74
N TYR C 459 -16.41 -16.00 27.40
CA TYR C 459 -16.26 -17.16 28.28
C TYR C 459 -17.34 -17.15 29.36
N MET D 1 24.85 34.64 -10.86
CA MET D 1 24.07 35.87 -10.76
C MET D 1 24.65 36.73 -9.65
N ASN D 2 24.63 38.04 -9.84
CA ASN D 2 25.03 39.00 -8.82
C ASN D 2 24.08 38.88 -7.63
N PRO D 3 24.58 38.65 -6.42
CA PRO D 3 23.67 38.35 -5.29
C PRO D 3 22.73 39.48 -4.88
N ILE D 4 23.08 40.73 -5.16
CA ILE D 4 22.11 41.81 -4.97
C ILE D 4 20.94 41.65 -5.93
N ILE D 5 21.23 41.30 -7.17
CA ILE D 5 20.19 41.08 -8.17
C ILE D 5 19.40 39.81 -7.83
N LEU D 6 20.04 38.80 -7.25
CA LEU D 6 19.33 37.61 -6.82
C LEU D 6 18.38 37.91 -5.66
N ILE D 7 18.82 38.75 -4.72
CA ILE D 7 17.96 39.17 -3.61
C ILE D 7 16.77 39.97 -4.14
N ILE D 8 17.01 40.90 -5.06
CA ILE D 8 15.93 41.73 -5.58
C ILE D 8 14.92 40.92 -6.39
N ILE D 9 15.41 39.95 -7.17
CA ILE D 9 14.53 39.12 -7.98
C ILE D 9 13.72 38.16 -7.11
N LEU D 10 14.32 37.61 -6.05
CA LEU D 10 13.57 36.73 -5.16
C LEU D 10 12.56 37.51 -4.32
N MET D 11 12.92 38.73 -3.89
CA MET D 11 11.94 39.58 -3.22
C MET D 11 10.83 40.02 -4.16
N THR D 12 11.11 40.08 -5.46
CA THR D 12 10.06 40.43 -6.41
C THR D 12 9.12 39.25 -6.69
N VAL D 13 9.64 38.02 -6.70
CA VAL D 13 8.79 36.83 -6.73
C VAL D 13 7.87 36.80 -5.51
N MET D 14 8.46 37.04 -4.33
CA MET D 14 7.68 37.10 -3.10
C MET D 14 6.68 38.24 -3.12
N LEU D 15 7.06 39.38 -3.71
CA LEU D 15 6.17 40.52 -3.81
C LEU D 15 4.99 40.23 -4.72
N GLY D 16 5.22 39.52 -5.82
CA GLY D 16 4.11 39.14 -6.68
C GLY D 16 3.13 38.21 -6.00
N THR D 17 3.64 37.24 -5.22
CA THR D 17 2.75 36.36 -4.47
C THR D 17 1.98 37.12 -3.39
N ILE D 18 2.63 38.06 -2.71
CA ILE D 18 1.96 38.84 -1.68
C ILE D 18 0.91 39.77 -2.28
N ILE D 19 1.21 40.37 -3.44
CA ILE D 19 0.24 41.24 -4.12
C ILE D 19 -0.98 40.44 -4.57
N VAL D 20 -0.79 39.17 -4.95
CA VAL D 20 -1.96 38.33 -5.19
C VAL D 20 -2.71 38.05 -3.88
N MET D 21 -1.98 37.82 -2.78
CA MET D 21 -2.64 37.40 -1.54
C MET D 21 -3.43 38.54 -0.87
N ILE D 22 -2.93 39.77 -0.93
CA ILE D 22 -3.48 40.82 -0.07
C ILE D 22 -4.44 41.76 -0.77
N SER D 23 -4.58 41.67 -2.09
CA SER D 23 -5.29 42.67 -2.84
C SER D 23 -6.75 42.31 -3.07
N THR D 24 -7.61 43.32 -3.10
CA THR D 24 -9.04 43.15 -3.25
C THR D 24 -9.52 43.48 -4.65
N HIS D 25 -8.60 43.69 -5.59
CA HIS D 25 -8.92 44.15 -6.94
C HIS D 25 -8.35 43.17 -7.93
N TRP D 26 -9.11 42.89 -9.00
CA TRP D 26 -8.70 41.84 -9.94
C TRP D 26 -7.48 42.23 -10.76
N LEU D 27 -7.38 43.51 -11.10
CA LEU D 27 -6.21 43.98 -11.84
C LEU D 27 -4.94 43.81 -11.03
N LEU D 28 -5.01 43.94 -9.71
CA LEU D 28 -3.84 43.74 -8.87
C LEU D 28 -3.49 42.27 -8.71
N ILE D 29 -4.48 41.38 -8.73
CA ILE D 29 -4.23 39.95 -8.83
C ILE D 29 -3.44 39.64 -10.10
N TRP D 30 -3.89 40.21 -11.22
CA TRP D 30 -3.24 39.95 -12.50
C TRP D 30 -1.83 40.55 -12.54
N ILE D 31 -1.65 41.74 -11.95
CA ILE D 31 -0.34 42.37 -11.82
C ILE D 31 0.59 41.52 -10.96
N GLY D 32 0.06 40.94 -9.88
CA GLY D 32 0.87 40.07 -9.04
C GLY D 32 1.31 38.81 -9.76
N PHE D 33 0.42 38.22 -10.56
CA PHE D 33 0.82 37.06 -11.35
C PHE D 33 1.84 37.40 -12.42
N GLU D 34 1.68 38.56 -13.08
CA GLU D 34 2.64 39.00 -14.09
C GLU D 34 4.00 39.27 -13.48
N MET D 35 4.02 39.93 -12.32
CA MET D 35 5.26 40.20 -11.60
C MET D 35 5.92 38.93 -11.12
N ASN D 36 5.13 37.94 -10.69
CA ASN D 36 5.64 36.66 -10.24
C ASN D 36 6.32 35.91 -11.37
N MET D 37 5.64 35.79 -12.53
CA MET D 37 6.23 35.13 -13.69
C MET D 37 7.48 35.84 -14.17
N LEU D 38 7.37 37.16 -14.36
CA LEU D 38 8.46 37.99 -14.86
C LEU D 38 9.69 37.90 -13.97
N ALA D 39 9.51 37.85 -12.66
CA ALA D 39 10.67 37.73 -11.80
C ALA D 39 11.18 36.30 -11.71
N ILE D 40 10.33 35.28 -11.84
CA ILE D 40 10.85 33.93 -11.65
C ILE D 40 11.54 33.39 -12.89
N ILE D 41 11.37 34.01 -14.07
CA ILE D 41 12.09 33.53 -15.27
C ILE D 41 13.62 33.56 -15.14
N PRO D 42 14.28 34.59 -14.57
CA PRO D 42 15.74 34.45 -14.36
C PRO D 42 16.15 33.51 -13.24
N ILE D 43 15.24 33.13 -12.35
CA ILE D 43 15.58 32.09 -11.39
C ILE D 43 15.70 30.76 -12.11
N MET D 44 14.91 30.55 -13.15
CA MET D 44 15.00 29.33 -13.94
C MET D 44 16.25 29.33 -14.81
N MET D 45 16.66 30.49 -15.32
CA MET D 45 17.84 30.60 -16.17
C MET D 45 19.06 31.03 -15.38
N LYS D 46 19.19 30.52 -14.16
CA LYS D 46 20.32 30.84 -13.31
C LYS D 46 21.61 30.23 -13.85
N LYS D 47 21.52 29.13 -14.61
CA LYS D 47 22.70 28.39 -15.01
C LYS D 47 23.12 28.61 -16.46
N HIS D 48 22.20 29.06 -17.32
CA HIS D 48 22.45 29.39 -18.73
C HIS D 48 22.97 28.18 -19.52
N ASN D 49 22.14 27.16 -19.59
CA ASN D 49 22.31 25.99 -20.45
C ASN D 49 21.02 25.84 -21.25
N PRO D 50 21.03 25.06 -22.35
CA PRO D 50 19.81 24.96 -23.18
C PRO D 50 18.59 24.36 -22.49
N ARG D 51 18.76 23.55 -21.45
CA ARG D 51 17.61 22.98 -20.77
C ARG D 51 16.89 24.02 -19.93
N ALA D 52 17.62 24.95 -19.32
CA ALA D 52 16.96 26.03 -18.59
C ALA D 52 16.27 27.00 -19.52
N THR D 53 16.83 27.24 -20.72
CA THR D 53 16.18 28.11 -21.68
C THR D 53 14.92 27.46 -22.23
N GLU D 54 14.96 26.15 -22.47
CA GLU D 54 13.76 25.43 -22.91
C GLU D 54 12.68 25.41 -21.84
N ALA D 55 13.09 25.15 -20.59
CA ALA D 55 12.15 25.16 -19.48
C ALA D 55 11.54 26.55 -19.27
N SER D 56 12.35 27.58 -19.42
CA SER D 56 11.85 28.94 -19.26
C SER D 56 10.93 29.34 -20.39
N THR D 57 11.19 28.86 -21.61
CA THR D 57 10.31 29.14 -22.73
C THR D 57 8.96 28.47 -22.55
N LYS D 58 8.96 27.19 -22.17
CA LYS D 58 7.72 26.46 -21.93
C LYS D 58 6.94 27.05 -20.77
N TYR D 59 7.65 27.47 -19.71
CA TYR D 59 6.99 28.08 -18.57
C TYR D 59 6.40 29.44 -18.91
N PHE D 60 7.13 30.24 -19.69
CA PHE D 60 6.62 31.54 -20.12
C PHE D 60 5.39 31.38 -20.99
N LEU D 61 5.38 30.41 -21.90
CA LEU D 61 4.23 30.24 -22.78
C LEU D 61 3.00 29.76 -22.02
N THR D 62 3.18 28.79 -21.10
CA THR D 62 2.04 28.31 -20.31
C THR D 62 1.51 29.40 -19.37
N GLN D 63 2.38 30.11 -18.67
CA GLN D 63 1.91 31.09 -17.71
C GLN D 63 1.38 32.34 -18.40
N SER D 64 1.88 32.66 -19.59
CA SER D 64 1.33 33.77 -20.34
C SER D 64 -0.04 33.45 -20.88
N THR D 65 -0.24 32.22 -21.38
CA THR D 65 -1.56 31.79 -21.83
C THR D 65 -2.56 31.78 -20.69
N ALA D 66 -2.12 31.31 -19.52
CA ALA D 66 -2.97 31.31 -18.34
C ALA D 66 -3.32 32.73 -17.91
N SER D 67 -2.38 33.65 -17.99
CA SER D 67 -2.67 35.02 -17.59
C SER D 67 -3.58 35.73 -18.59
N MET D 68 -3.51 35.35 -19.87
CA MET D 68 -4.48 35.83 -20.84
C MET D 68 -5.89 35.38 -20.51
N LEU D 69 -6.04 34.08 -20.20
CA LEU D 69 -7.36 33.57 -19.84
C LEU D 69 -7.86 34.17 -18.52
N LEU D 70 -6.93 34.46 -17.60
CA LEU D 70 -7.28 35.11 -16.35
C LEU D 70 -7.80 36.52 -16.58
N MET D 71 -7.13 37.29 -17.44
CA MET D 71 -7.60 38.64 -17.71
C MET D 71 -8.89 38.65 -18.52
N MET D 72 -9.11 37.67 -19.38
CA MET D 72 -10.40 37.57 -20.05
C MET D 72 -11.53 37.23 -19.07
N ALA D 73 -11.26 36.36 -18.10
CA ALA D 73 -12.24 36.09 -17.05
C ALA D 73 -12.53 37.33 -16.22
N ILE D 74 -11.50 38.13 -15.96
CA ILE D 74 -11.65 39.39 -15.23
C ILE D 74 -12.50 40.39 -15.99
N ILE D 75 -12.30 40.49 -17.31
CA ILE D 75 -13.05 41.44 -18.12
C ILE D 75 -14.50 40.99 -18.31
N ILE D 76 -14.74 39.68 -18.43
CA ILE D 76 -16.12 39.20 -18.49
C ILE D 76 -16.83 39.41 -17.14
N ASN D 77 -16.10 39.26 -16.02
CA ASN D 77 -16.65 39.62 -14.72
C ASN D 77 -16.97 41.11 -14.64
N LEU D 78 -16.13 41.94 -15.26
CA LEU D 78 -16.37 43.38 -15.29
C LEU D 78 -17.63 43.71 -16.08
N MET D 79 -17.87 42.99 -17.16
CA MET D 79 -19.10 43.18 -17.93
C MET D 79 -20.32 42.79 -17.11
N PHE D 80 -20.33 41.58 -16.59
CA PHE D 80 -21.52 41.04 -15.96
C PHE D 80 -21.67 41.46 -14.51
N SER D 81 -20.75 42.25 -13.98
CA SER D 81 -20.89 42.75 -12.62
C SER D 81 -20.54 44.22 -12.42
N GLY D 82 -19.88 44.88 -13.36
CA GLY D 82 -19.58 46.30 -13.22
C GLY D 82 -18.63 46.65 -12.12
N GLN D 83 -17.81 45.71 -11.67
CA GLN D 83 -16.98 45.91 -10.49
C GLN D 83 -15.76 45.01 -10.57
N TRP D 84 -14.86 45.18 -9.61
CA TRP D 84 -13.55 44.56 -9.65
C TRP D 84 -13.18 43.81 -8.38
N THR D 85 -14.12 43.53 -7.49
CA THR D 85 -13.76 43.00 -6.18
C THR D 85 -13.36 41.54 -6.31
N VAL D 86 -12.30 41.16 -5.60
CA VAL D 86 -11.88 39.77 -5.61
C VAL D 86 -12.79 39.01 -4.66
N MET D 87 -13.78 38.34 -5.24
CA MET D 87 -14.80 37.58 -4.55
C MET D 87 -15.32 36.59 -5.59
N LYS D 88 -16.52 36.06 -5.37
CA LYS D 88 -17.15 35.20 -6.35
C LYS D 88 -17.33 35.90 -7.69
N LEU D 89 -17.37 35.10 -8.75
CA LEU D 89 -17.50 35.59 -10.11
C LEU D 89 -18.95 35.51 -10.53
N PHE D 90 -19.41 36.51 -11.28
CA PHE D 90 -20.82 36.67 -11.58
C PHE D 90 -21.20 36.17 -12.95
N ASN D 91 -20.48 35.16 -13.45
CA ASN D 91 -20.75 34.55 -14.74
C ASN D 91 -20.08 33.19 -14.76
N PRO D 92 -20.77 32.12 -15.18
CA PRO D 92 -20.10 30.82 -15.32
C PRO D 92 -19.04 30.76 -16.39
N MET D 93 -19.11 31.61 -17.42
CA MET D 93 -18.04 31.63 -18.42
C MET D 93 -16.75 32.18 -17.85
N ALA D 94 -16.84 33.29 -17.10
CA ALA D 94 -15.68 33.82 -16.40
C ALA D 94 -15.20 32.87 -15.32
N SER D 95 -16.13 32.14 -14.69
CA SER D 95 -15.76 31.13 -13.70
C SER D 95 -14.95 30.01 -14.34
N MET D 96 -15.39 29.54 -15.51
CA MET D 96 -14.67 28.49 -16.22
C MET D 96 -13.30 28.98 -16.67
N LEU D 97 -13.23 30.19 -17.23
CA LEU D 97 -11.95 30.69 -17.73
C LEU D 97 -10.96 30.95 -16.61
N MET D 98 -11.44 31.43 -15.46
CA MET D 98 -10.53 31.64 -14.35
C MET D 98 -10.12 30.32 -13.70
N THR D 99 -11.01 29.33 -13.69
CA THR D 99 -10.62 28.02 -13.18
C THR D 99 -9.61 27.34 -14.11
N MET D 100 -9.77 27.50 -15.42
CA MET D 100 -8.78 27.01 -16.38
C MET D 100 -7.45 27.72 -16.22
N ALA D 101 -7.48 29.03 -16.04
CA ALA D 101 -6.26 29.81 -15.86
C ALA D 101 -5.49 29.40 -14.61
N LEU D 102 -6.21 29.23 -13.50
CA LEU D 102 -5.55 28.83 -12.27
C LEU D 102 -5.10 27.38 -12.33
N ALA D 103 -5.83 26.52 -13.05
CA ALA D 103 -5.38 25.14 -13.23
C ALA D 103 -4.14 25.05 -14.10
N MET D 104 -4.01 25.94 -15.09
CA MET D 104 -2.77 26.00 -15.86
C MET D 104 -1.62 26.52 -15.01
N LYS D 105 -1.89 27.51 -14.15
CA LYS D 105 -0.83 28.05 -13.30
C LYS D 105 -0.39 27.05 -12.24
N LEU D 106 -1.29 26.18 -11.79
CA LEU D 106 -0.90 25.11 -10.88
C LEU D 106 -0.26 23.94 -11.60
N GLY D 107 -0.44 23.83 -12.91
CA GLY D 107 -0.01 22.66 -13.61
C GLY D 107 -0.85 21.45 -13.35
N MET D 108 -2.13 21.64 -13.06
CA MET D 108 -3.04 20.54 -12.86
C MET D 108 -3.41 19.94 -14.20
N ALA D 109 -3.58 18.62 -14.24
CA ALA D 109 -3.90 17.93 -15.47
C ALA D 109 -5.31 18.31 -15.94
N PRO D 110 -5.55 18.35 -17.26
CA PRO D 110 -4.70 18.03 -18.41
C PRO D 110 -3.83 19.19 -18.88
N PHE D 111 -3.60 20.16 -18.02
CA PHE D 111 -2.67 21.24 -18.29
C PHE D 111 -1.32 20.98 -17.65
N HIS D 112 -1.06 19.73 -17.30
CA HIS D 112 0.09 19.30 -16.53
C HIS D 112 1.34 19.17 -17.37
N PHE D 113 1.25 19.36 -18.68
CA PHE D 113 2.30 18.99 -19.62
C PHE D 113 3.55 19.83 -19.51
N TRP D 114 3.64 20.79 -18.60
CA TRP D 114 4.84 21.58 -18.46
C TRP D 114 5.60 21.31 -17.18
N VAL D 115 4.96 20.74 -16.16
CA VAL D 115 5.56 20.62 -14.83
C VAL D 115 6.73 19.63 -14.80
N PRO D 116 6.67 18.42 -15.39
CA PRO D 116 7.92 17.63 -15.43
C PRO D 116 9.00 18.21 -16.32
N GLU D 117 8.63 18.80 -17.45
CA GLU D 117 9.60 19.43 -18.35
C GLU D 117 10.32 20.60 -17.66
N VAL D 118 9.56 21.57 -17.17
CA VAL D 118 10.12 22.76 -16.54
C VAL D 118 10.84 22.39 -15.25
N THR D 119 10.31 21.42 -14.49
CA THR D 119 10.95 21.03 -13.25
C THR D 119 12.28 20.29 -13.50
N GLN D 120 12.34 19.49 -14.55
CA GLN D 120 13.60 18.83 -14.89
C GLN D 120 14.63 19.80 -15.45
N GLY D 121 14.19 20.83 -16.18
CA GLY D 121 15.14 21.69 -16.85
C GLY D 121 15.91 22.63 -15.94
N ILE D 122 15.35 22.95 -14.78
CA ILE D 122 15.88 24.01 -13.92
C ILE D 122 16.59 23.38 -12.73
N PRO D 123 17.40 24.11 -11.96
CA PRO D 123 18.05 23.51 -10.78
C PRO D 123 17.07 23.08 -9.70
N LEU D 124 17.63 22.43 -8.67
CA LEU D 124 16.82 21.93 -7.58
C LEU D 124 16.27 23.04 -6.70
N SER D 125 17.01 24.14 -6.55
CA SER D 125 16.53 25.25 -5.74
C SER D 125 15.41 26.00 -6.45
N SER D 126 15.58 26.26 -7.75
CA SER D 126 14.52 26.89 -8.51
C SER D 126 13.36 25.95 -8.74
N GLY D 127 13.61 24.65 -8.79
CA GLY D 127 12.53 23.68 -8.81
C GLY D 127 11.76 23.66 -7.51
N LEU D 128 12.44 23.90 -6.40
CA LEU D 128 11.76 24.04 -5.11
C LEU D 128 10.89 25.28 -5.08
N ILE D 129 11.41 26.40 -5.56
CA ILE D 129 10.64 27.63 -5.68
C ILE D 129 9.40 27.40 -6.54
N LEU D 130 9.57 26.70 -7.67
CA LEU D 130 8.47 26.42 -8.59
C LEU D 130 7.40 25.55 -7.94
N LEU D 131 7.80 24.46 -7.29
CA LEU D 131 6.80 23.53 -6.79
C LEU D 131 6.22 23.93 -5.44
N THR D 132 6.80 24.90 -4.74
CA THR D 132 6.21 25.33 -3.48
C THR D 132 5.66 26.75 -3.53
N TRP D 133 6.47 27.73 -3.88
CA TRP D 133 6.04 29.12 -3.75
C TRP D 133 5.08 29.53 -4.85
N GLN D 134 5.15 28.88 -6.01
CA GLN D 134 4.24 29.19 -7.09
C GLN D 134 2.89 28.50 -6.94
N LYS D 135 2.74 27.65 -5.92
CA LYS D 135 1.47 27.03 -5.60
C LYS D 135 0.74 27.78 -4.49
N LEU D 136 1.02 29.07 -4.33
CA LEU D 136 0.41 29.86 -3.26
C LEU D 136 -0.51 30.95 -3.77
N ALA D 137 -0.18 31.56 -4.89
CA ALA D 137 -1.01 32.60 -5.46
C ALA D 137 -2.24 32.05 -6.20
N PRO D 138 -2.16 31.00 -7.05
CA PRO D 138 -3.41 30.47 -7.60
C PRO D 138 -4.27 29.79 -6.57
N MET D 139 -3.69 29.26 -5.50
CA MET D 139 -4.51 28.69 -4.44
C MET D 139 -5.17 29.78 -3.60
N SER D 140 -4.55 30.96 -3.53
CA SER D 140 -5.23 32.12 -2.97
C SER D 140 -6.45 32.49 -3.79
N VAL D 141 -6.29 32.56 -5.12
CA VAL D 141 -7.42 33.00 -5.95
C VAL D 141 -8.51 31.93 -5.98
N LEU D 142 -8.13 30.65 -5.93
CA LEU D 142 -9.12 29.58 -5.82
C LEU D 142 -9.81 29.58 -4.47
N TYR D 143 -9.10 29.97 -3.40
CA TYR D 143 -9.72 30.11 -2.09
C TYR D 143 -10.72 31.25 -2.08
N GLN D 144 -10.52 32.25 -2.94
CA GLN D 144 -11.35 33.43 -2.94
C GLN D 144 -12.54 33.37 -3.89
N ILE D 145 -12.58 32.43 -4.85
CA ILE D 145 -13.66 32.39 -5.83
C ILE D 145 -14.50 31.12 -5.71
N LEU D 146 -14.33 30.34 -4.65
CA LEU D 146 -15.05 29.08 -4.50
C LEU D 146 -16.59 29.12 -4.45
N PRO D 147 -17.27 30.24 -4.12
CA PRO D 147 -18.71 30.28 -4.42
C PRO D 147 -19.07 30.24 -5.90
N SER D 148 -18.13 30.47 -6.81
CA SER D 148 -18.42 30.45 -8.23
C SER D 148 -17.73 29.34 -9.00
N ILE D 149 -16.90 28.53 -8.36
CA ILE D 149 -16.21 27.46 -9.09
C ILE D 149 -17.20 26.36 -9.40
N ASN D 150 -17.22 25.93 -10.66
CA ASN D 150 -18.02 24.79 -11.08
C ASN D 150 -17.54 23.54 -10.36
N LEU D 151 -18.49 22.78 -9.81
CA LEU D 151 -18.15 21.58 -9.05
C LEU D 151 -17.56 20.51 -9.95
N ASP D 152 -18.20 20.29 -11.10
CA ASP D 152 -17.79 19.23 -12.02
C ASP D 152 -16.42 19.52 -12.61
N LEU D 153 -16.13 20.80 -12.87
CA LEU D 153 -14.84 21.19 -13.44
C LEU D 153 -13.70 20.99 -12.44
N ILE D 154 -13.87 21.46 -11.21
CA ILE D 154 -12.77 21.35 -10.26
C ILE D 154 -12.60 19.91 -9.79
N LEU D 155 -13.68 19.11 -9.78
CA LEU D 155 -13.50 17.71 -9.43
C LEU D 155 -12.92 16.91 -10.57
N THR D 156 -13.24 17.25 -11.83
CA THR D 156 -12.62 16.59 -12.97
C THR D 156 -11.14 16.90 -13.05
N LEU D 157 -10.78 18.18 -12.91
CA LEU D 157 -9.38 18.60 -12.83
C LEU D 157 -8.66 17.91 -11.69
N SER D 158 -9.31 17.75 -10.54
CA SER D 158 -8.67 17.18 -9.36
C SER D 158 -8.40 15.69 -9.54
N ILE D 159 -9.41 14.92 -9.94
CA ILE D 159 -9.19 13.48 -10.04
C ILE D 159 -8.35 13.14 -11.26
N LEU D 160 -8.42 13.96 -12.30
CA LEU D 160 -7.58 13.74 -13.47
C LEU D 160 -6.12 14.07 -13.13
N SER D 161 -5.91 15.06 -12.26
CA SER D 161 -4.57 15.37 -11.78
C SER D 161 -4.03 14.25 -10.90
N ILE D 162 -4.86 13.69 -10.02
CA ILE D 162 -4.42 12.62 -9.13
C ILE D 162 -4.06 11.37 -9.92
N THR D 163 -4.88 11.02 -10.92
CA THR D 163 -4.59 9.83 -11.73
C THR D 163 -3.37 10.02 -12.61
N ILE D 164 -3.27 11.16 -13.29
CA ILE D 164 -2.15 11.38 -14.21
C ILE D 164 -0.84 11.58 -13.44
N GLY D 165 -0.87 12.29 -12.31
CA GLY D 165 0.29 12.40 -11.48
C GLY D 165 0.67 11.12 -10.78
N GLY D 166 -0.28 10.21 -10.59
CA GLY D 166 0.08 8.89 -10.11
C GLY D 166 0.78 8.07 -11.17
N TRP D 167 0.20 7.99 -12.37
CA TRP D 167 0.80 7.17 -13.42
C TRP D 167 2.08 7.76 -13.97
N GLY D 168 2.29 9.07 -13.86
CA GLY D 168 3.45 9.67 -14.47
C GLY D 168 4.75 9.34 -13.76
N GLY D 169 4.72 9.33 -12.43
CA GLY D 169 5.92 9.09 -11.67
C GLY D 169 6.41 7.67 -11.66
N LEU D 170 5.60 6.72 -12.14
CA LEU D 170 6.03 5.33 -12.14
C LEU D 170 7.09 5.07 -13.20
N ASN D 171 7.11 5.86 -14.27
CA ASN D 171 8.01 5.65 -15.39
C ASN D 171 9.23 6.55 -15.29
N GLN D 172 9.57 7.04 -14.10
CA GLN D 172 10.60 8.05 -13.96
C GLN D 172 11.79 7.51 -13.18
N THR D 173 12.99 7.92 -13.59
CA THR D 173 14.19 7.76 -12.82
C THR D 173 14.84 9.08 -12.45
N GLN D 174 14.34 10.20 -12.96
CA GLN D 174 14.86 11.51 -12.63
C GLN D 174 14.07 12.06 -11.45
N LEU D 175 14.77 12.58 -10.45
CA LEU D 175 14.13 12.97 -9.20
C LEU D 175 13.23 14.19 -9.37
N ARG D 176 13.59 15.11 -10.28
CA ARG D 176 12.78 16.30 -10.48
C ARG D 176 11.47 15.99 -11.18
N LYS D 177 11.47 15.03 -12.11
CA LYS D 177 10.20 14.63 -12.71
C LYS D 177 9.34 13.83 -11.74
N ILE D 178 9.97 13.10 -10.81
CA ILE D 178 9.23 12.42 -9.75
C ILE D 178 8.53 13.45 -8.86
N MET D 179 9.26 14.49 -8.45
CA MET D 179 8.66 15.53 -7.63
C MET D 179 7.61 16.34 -8.39
N ALA D 180 7.74 16.43 -9.71
CA ALA D 180 6.74 17.14 -10.50
C ALA D 180 5.44 16.36 -10.64
N TYR D 181 5.51 15.06 -10.89
CA TYR D 181 4.26 14.30 -10.93
C TYR D 181 3.66 14.14 -9.54
N SER D 182 4.51 14.10 -8.51
CA SER D 182 4.04 14.19 -7.13
C SER D 182 3.30 15.49 -6.87
N SER D 183 3.81 16.60 -7.44
CA SER D 183 3.13 17.88 -7.37
C SER D 183 1.76 17.84 -8.02
N ILE D 184 1.66 17.21 -9.19
CA ILE D 184 0.38 17.13 -9.91
C ILE D 184 -0.65 16.38 -9.09
N ALA D 185 -0.25 15.23 -8.53
CA ALA D 185 -1.17 14.43 -7.72
C ALA D 185 -1.60 15.16 -6.45
N HIS D 186 -0.67 15.88 -5.81
CA HIS D 186 -1.02 16.59 -4.60
C HIS D 186 -1.88 17.82 -4.86
N MET D 187 -1.69 18.51 -5.99
CA MET D 187 -2.61 19.60 -6.30
C MET D 187 -4.01 19.09 -6.61
N GLY D 188 -4.10 17.89 -7.18
CA GLY D 188 -5.41 17.25 -7.32
C GLY D 188 -6.07 16.98 -5.98
N TRP D 189 -5.29 16.51 -5.00
CA TRP D 189 -5.82 16.32 -3.65
C TRP D 189 -6.26 17.62 -3.01
N MET D 190 -5.53 18.71 -3.25
CA MET D 190 -5.89 19.99 -2.62
C MET D 190 -7.15 20.58 -3.22
N THR D 191 -7.29 20.50 -4.54
CA THR D 191 -8.45 21.11 -5.18
C THR D 191 -9.70 20.25 -5.12
N ALA D 192 -9.56 18.95 -4.80
CA ALA D 192 -10.76 18.14 -4.66
C ALA D 192 -11.54 18.47 -3.40
N VAL D 193 -10.88 19.02 -2.38
CA VAL D 193 -11.52 19.30 -1.10
C VAL D 193 -11.79 20.80 -1.03
N LEU D 194 -11.62 21.49 -2.16
CA LEU D 194 -11.71 22.95 -2.17
C LEU D 194 -13.13 23.43 -1.94
N LEU D 195 -14.11 22.82 -2.58
CA LEU D 195 -15.47 23.29 -2.41
C LEU D 195 -16.15 22.72 -1.17
N TYR D 196 -15.58 21.67 -0.57
CA TYR D 196 -16.18 21.07 0.60
C TYR D 196 -15.68 21.72 1.89
N ASN D 197 -14.36 21.83 2.03
CA ASN D 197 -13.76 22.55 3.17
C ASN D 197 -12.42 23.08 2.70
N PRO D 198 -12.31 24.38 2.43
CA PRO D 198 -11.03 24.95 1.98
C PRO D 198 -9.97 25.06 3.07
N THR D 199 -10.35 24.86 4.34
CA THR D 199 -9.36 24.72 5.39
C THR D 199 -8.51 23.48 5.16
N MET D 200 -9.10 22.41 4.63
CA MET D 200 -8.34 21.21 4.32
C MET D 200 -7.47 21.43 3.09
N THR D 201 -7.90 22.30 2.19
CA THR D 201 -7.05 22.73 1.08
C THR D 201 -5.81 23.43 1.58
N LEU D 202 -5.96 24.33 2.54
CA LEU D 202 -4.81 25.03 3.10
C LEU D 202 -3.93 24.09 3.92
N LEU D 203 -4.54 23.13 4.61
CA LEU D 203 -3.79 22.14 5.37
C LEU D 203 -2.94 21.26 4.47
N ASN D 204 -3.52 20.78 3.37
CA ASN D 204 -2.79 19.96 2.42
C ASN D 204 -1.70 20.76 1.74
N LEU D 205 -1.95 22.04 1.47
CA LEU D 205 -0.94 22.91 0.88
C LEU D 205 0.25 23.09 1.81
N ILE D 206 0.00 23.30 3.10
CA ILE D 206 1.09 23.53 4.05
C ILE D 206 1.89 22.25 4.31
N ILE D 207 1.20 21.12 4.50
CA ILE D 207 1.91 19.86 4.74
C ILE D 207 2.69 19.44 3.49
N TYR D 208 2.12 19.66 2.31
CA TYR D 208 2.81 19.38 1.06
C TYR D 208 4.04 20.25 0.88
N ILE D 209 3.94 21.55 1.21
CA ILE D 209 5.09 22.44 1.06
C ILE D 209 6.19 22.04 2.03
N ILE D 210 5.82 21.61 3.25
CA ILE D 210 6.82 21.11 4.21
C ILE D 210 7.52 19.87 3.68
N MET D 211 6.75 18.90 3.15
CA MET D 211 7.36 17.65 2.70
C MET D 211 8.18 17.83 1.44
N THR D 212 7.72 18.69 0.53
CA THR D 212 8.44 18.95 -0.71
C THR D 212 9.70 19.76 -0.46
N SER D 213 9.63 20.71 0.47
CA SER D 213 10.82 21.46 0.84
C SER D 213 11.83 20.58 1.54
N THR D 214 11.35 19.62 2.33
CA THR D 214 12.24 18.62 2.92
C THR D 214 12.93 17.79 1.86
N MET D 215 12.18 17.31 0.87
CA MET D 215 12.77 16.44 -0.15
C MET D 215 13.74 17.19 -1.05
N PHE D 216 13.41 18.42 -1.45
CA PHE D 216 14.37 19.18 -2.25
C PHE D 216 15.58 19.62 -1.44
N THR D 217 15.42 19.90 -0.13
CA THR D 217 16.57 20.23 0.68
C THR D 217 17.47 19.01 0.89
N LEU D 218 16.89 17.81 0.98
CA LEU D 218 17.67 16.59 1.04
C LEU D 218 18.40 16.33 -0.28
N PHE D 219 17.75 16.61 -1.41
CA PHE D 219 18.39 16.43 -2.71
C PHE D 219 19.54 17.43 -2.90
N MET D 220 19.34 18.67 -2.47
CA MET D 220 20.41 19.66 -2.56
C MET D 220 21.54 19.36 -1.60
N ALA D 221 21.21 18.85 -0.42
CA ALA D 221 22.24 18.52 0.57
C ALA D 221 23.05 17.31 0.15
N ASN D 222 22.47 16.43 -0.67
CA ASN D 222 23.20 15.30 -1.18
C ASN D 222 23.74 15.50 -2.59
N SER D 223 23.34 16.59 -3.25
CA SER D 223 23.71 16.93 -4.64
C SER D 223 23.33 15.81 -5.61
N THR D 224 22.09 15.33 -5.47
CA THR D 224 21.58 14.24 -6.27
C THR D 224 20.41 14.71 -7.11
N THR D 225 20.44 14.39 -8.40
CA THR D 225 19.37 14.74 -9.32
C THR D 225 18.76 13.53 -10.02
N THR D 226 19.35 12.35 -9.88
CA THR D 226 18.80 11.11 -10.42
C THR D 226 18.57 10.12 -9.28
N THR D 227 17.79 9.09 -9.58
CA THR D 227 17.58 7.99 -8.63
C THR D 227 18.88 7.29 -8.31
N LEU D 228 19.67 7.02 -9.33
CA LEU D 228 20.86 6.21 -9.23
C LEU D 228 22.02 6.95 -8.59
N SER D 229 21.95 8.28 -8.50
CA SER D 229 22.92 9.04 -7.73
C SER D 229 22.44 9.28 -6.31
N LEU D 230 21.14 9.31 -6.09
CA LEU D 230 20.59 9.26 -4.74
C LEU D 230 20.89 7.93 -4.07
N SER D 231 21.06 6.87 -4.86
CA SER D 231 21.36 5.56 -4.32
C SER D 231 22.78 5.42 -3.78
N HIS D 232 23.65 6.41 -3.97
CA HIS D 232 24.98 6.38 -3.38
C HIS D 232 25.06 7.03 -2.01
N THR D 233 23.92 7.48 -1.47
CA THR D 233 23.91 8.31 -0.27
C THR D 233 24.26 7.52 0.98
N TRP D 234 24.03 6.20 0.98
CA TRP D 234 24.36 5.37 2.14
C TRP D 234 25.85 5.27 2.36
N ASN D 235 26.65 5.46 1.33
CA ASN D 235 28.09 5.34 1.43
C ASN D 235 28.75 6.67 1.77
N LYS D 236 27.98 7.76 1.77
CA LYS D 236 28.51 9.09 1.99
C LYS D 236 27.96 9.71 3.27
N ALA D 237 26.64 9.80 3.42
CA ALA D 237 26.00 10.30 4.63
C ALA D 237 24.79 9.43 4.91
N PRO D 238 24.93 8.42 5.77
CA PRO D 238 23.84 7.45 5.96
C PRO D 238 22.64 7.99 6.74
N ILE D 239 22.76 9.13 7.42
CA ILE D 239 21.60 9.73 8.06
C ILE D 239 20.65 10.30 7.01
N MET D 240 21.17 10.72 5.85
CA MET D 240 20.33 11.28 4.81
C MET D 240 19.43 10.23 4.19
N THR D 241 19.89 8.97 4.17
CA THR D 241 19.04 7.88 3.71
C THR D 241 17.87 7.64 4.65
N ILE D 242 18.12 7.78 5.96
CA ILE D 242 17.04 7.69 6.94
C ILE D 242 16.05 8.83 6.77
N LEU D 243 16.56 10.03 6.50
CA LEU D 243 15.67 11.18 6.33
C LEU D 243 14.84 11.08 5.06
N VAL D 244 15.43 10.60 3.96
CA VAL D 244 14.62 10.45 2.76
C VAL D 244 13.69 9.25 2.91
N LEU D 245 14.05 8.25 3.73
CA LEU D 245 13.14 7.15 4.01
C LEU D 245 11.89 7.63 4.74
N ILE D 246 12.08 8.36 5.83
CA ILE D 246 10.95 8.81 6.62
C ILE D 246 10.13 9.86 5.87
N THR D 247 10.78 10.68 5.03
CA THR D 247 10.02 11.70 4.31
C THR D 247 9.27 11.12 3.13
N LEU D 248 9.84 10.13 2.43
CA LEU D 248 9.13 9.50 1.32
C LEU D 248 8.03 8.58 1.81
N LEU D 249 8.20 7.93 2.96
CA LEU D 249 7.09 7.19 3.54
C LEU D 249 6.03 8.13 4.08
N SER D 250 6.43 9.35 4.46
CA SER D 250 5.44 10.35 4.87
C SER D 250 4.66 10.87 3.67
N MET D 251 5.34 11.12 2.55
CA MET D 251 4.65 11.66 1.37
C MET D 251 3.70 10.67 0.73
N GLY D 252 3.87 9.36 0.98
CA GLY D 252 2.95 8.38 0.46
C GLY D 252 1.64 8.29 1.18
N GLY D 253 1.49 9.00 2.29
CA GLY D 253 0.28 8.93 3.07
C GLY D 253 0.23 7.75 4.01
N LEU D 254 1.36 7.39 4.58
CA LEU D 254 1.32 6.27 5.51
C LEU D 254 1.23 6.77 6.93
N PRO D 255 0.34 6.24 7.75
CA PRO D 255 0.40 6.53 9.18
C PRO D 255 1.61 5.85 9.80
N PRO D 256 2.13 6.36 10.92
CA PRO D 256 1.68 7.46 11.77
C PRO D 256 2.30 8.80 11.40
N LEU D 257 2.51 9.05 10.11
CA LEU D 257 3.28 10.18 9.64
C LEU D 257 2.36 11.32 9.24
N SER D 258 2.93 12.52 9.13
CA SER D 258 2.11 13.71 8.95
C SER D 258 1.54 13.83 7.55
N GLY D 259 2.14 13.16 6.56
CA GLY D 259 1.56 13.15 5.25
C GLY D 259 0.29 12.33 5.13
N PHE D 260 0.01 11.48 6.12
CA PHE D 260 -1.32 10.89 6.23
C PHE D 260 -2.34 11.89 6.73
N MET D 261 -1.89 12.97 7.39
CA MET D 261 -2.78 13.98 7.95
C MET D 261 -3.69 14.67 6.92
N PRO D 262 -3.21 15.21 5.74
CA PRO D 262 -4.13 15.91 4.85
C PRO D 262 -5.16 15.00 4.22
N LYS D 263 -4.64 13.92 3.61
CA LYS D 263 -5.42 12.91 2.90
C LYS D 263 -6.64 12.45 3.68
N TRP D 264 -6.38 11.92 4.88
CA TRP D 264 -7.41 11.49 5.81
C TRP D 264 -8.43 12.58 6.09
N MET D 265 -7.96 13.81 6.37
CA MET D 265 -8.87 14.92 6.63
C MET D 265 -9.70 15.26 5.39
N ILE D 266 -9.09 15.13 4.21
CA ILE D 266 -9.82 15.36 2.96
C ILE D 266 -10.92 14.32 2.81
N ILE D 267 -10.60 13.06 3.12
CA ILE D 267 -11.61 12.01 3.13
C ILE D 267 -12.65 12.31 4.19
N GLN D 268 -12.19 12.84 5.34
CA GLN D 268 -13.05 13.20 6.44
C GLN D 268 -14.01 14.31 6.07
N GLU D 269 -13.66 15.15 5.08
CA GLU D 269 -14.58 16.19 4.66
C GLU D 269 -15.35 15.83 3.40
N MET D 270 -14.98 14.76 2.70
CA MET D 270 -15.74 14.42 1.52
C MET D 270 -16.82 13.38 1.79
N THR D 271 -16.65 12.59 2.86
CA THR D 271 -17.70 11.67 3.27
C THR D 271 -18.82 12.36 4.04
N LYS D 272 -18.54 13.52 4.65
CA LYS D 272 -19.60 14.33 5.25
C LYS D 272 -20.59 14.82 4.22
N ASN D 273 -20.09 15.13 3.03
CA ASN D 273 -20.89 15.66 1.94
C ASN D 273 -21.42 14.57 1.03
N ASP D 274 -21.54 13.34 1.55
CA ASP D 274 -22.14 12.17 0.89
C ASP D 274 -21.42 11.79 -0.40
N SER D 275 -20.13 12.08 -0.49
CA SER D 275 -19.30 11.60 -1.59
C SER D 275 -18.42 10.50 -1.04
N ILE D 276 -18.71 9.26 -1.45
CA ILE D 276 -17.99 8.09 -0.99
C ILE D 276 -17.11 7.51 -2.08
N ILE D 277 -17.61 7.50 -3.32
CA ILE D 277 -16.88 6.95 -4.45
C ILE D 277 -15.62 7.76 -4.72
N LEU D 278 -15.74 9.09 -4.68
CA LEU D 278 -14.65 9.94 -5.14
C LEU D 278 -13.45 9.93 -4.21
N PRO D 279 -13.57 10.11 -2.88
CA PRO D 279 -12.36 9.97 -2.04
C PRO D 279 -11.82 8.56 -1.98
N THR D 280 -12.65 7.54 -2.26
CA THR D 280 -12.14 6.17 -2.33
C THR D 280 -11.25 5.98 -3.53
N LEU D 281 -11.68 6.44 -4.72
CA LEU D 281 -10.84 6.40 -5.91
C LEU D 281 -9.58 7.23 -5.73
N MET D 282 -9.69 8.37 -5.05
CA MET D 282 -8.52 9.19 -4.77
C MET D 282 -7.52 8.49 -3.87
N ALA D 283 -8.00 7.83 -2.81
CA ALA D 283 -7.13 7.10 -1.90
C ALA D 283 -6.45 5.93 -2.59
N ILE D 284 -7.21 5.14 -3.37
CA ILE D 284 -6.64 4.01 -4.07
C ILE D 284 -5.66 4.47 -5.15
N THR D 285 -5.92 5.61 -5.78
CA THR D 285 -5.01 6.13 -6.79
C THR D 285 -3.74 6.71 -6.17
N ALA D 286 -3.78 7.13 -4.90
CA ALA D 286 -2.57 7.56 -4.22
C ALA D 286 -1.58 6.43 -3.94
N LEU D 287 -1.98 5.16 -4.11
CA LEU D 287 -1.07 4.05 -3.97
C LEU D 287 -0.01 4.03 -5.06
N LEU D 288 -0.26 4.68 -6.19
CA LEU D 288 0.74 4.80 -7.24
C LEU D 288 1.86 5.74 -6.83
N ASN D 289 1.48 6.88 -6.23
CA ASN D 289 2.44 7.79 -5.62
C ASN D 289 3.26 7.08 -4.57
N LEU D 290 2.59 6.33 -3.70
CA LEU D 290 3.27 5.50 -2.71
C LEU D 290 4.20 4.47 -3.35
N TYR D 291 3.85 3.96 -4.52
CA TYR D 291 4.69 2.96 -5.15
C TYR D 291 5.99 3.55 -5.67
N PHE D 292 5.95 4.72 -6.32
CA PHE D 292 7.26 5.21 -6.74
C PHE D 292 8.04 5.85 -5.59
N TYR D 293 7.36 6.29 -4.52
CA TYR D 293 8.08 6.65 -3.30
C TYR D 293 8.78 5.43 -2.70
N MET D 294 8.12 4.28 -2.69
CA MET D 294 8.73 3.05 -2.20
C MET D 294 9.87 2.58 -3.09
N ARG D 295 9.77 2.85 -4.40
CA ARG D 295 10.90 2.58 -5.29
C ARG D 295 12.12 3.40 -4.91
N LEU D 296 11.92 4.69 -4.61
CA LEU D 296 13.05 5.51 -4.17
C LEU D 296 13.59 5.09 -2.82
N THR D 297 12.73 4.63 -1.91
CA THR D 297 13.23 4.16 -0.61
C THR D 297 13.97 2.83 -0.75
N TYR D 298 13.55 1.97 -1.68
CA TYR D 298 14.31 0.76 -1.96
C TYR D 298 15.69 1.07 -2.51
N SER D 299 15.76 2.02 -3.46
CA SER D 299 17.06 2.32 -4.04
C SER D 299 17.97 3.08 -3.08
N THR D 300 17.39 3.83 -2.14
CA THR D 300 18.22 4.68 -1.29
C THR D 300 18.49 4.10 0.09
N ALA D 301 17.45 3.75 0.84
CA ALA D 301 17.59 3.43 2.26
C ALA D 301 17.58 1.93 2.54
N LEU D 302 16.62 1.20 2.00
CA LEU D 302 16.38 -0.17 2.42
C LEU D 302 17.36 -1.16 1.81
N THR D 303 18.02 -0.80 0.72
CA THR D 303 19.10 -1.60 0.16
C THR D 303 20.33 -0.72 0.02
N MET D 304 21.41 -1.33 -0.49
CA MET D 304 22.68 -0.65 -0.67
C MET D 304 23.15 -0.91 -2.10
N PHE D 305 22.88 0.03 -3.01
CA PHE D 305 23.38 -0.10 -4.38
C PHE D 305 24.90 0.04 -4.38
N PRO D 306 25.59 -0.54 -5.37
CA PRO D 306 27.05 -0.44 -5.38
C PRO D 306 27.52 0.96 -5.70
N SER D 307 28.52 1.42 -4.95
CA SER D 307 29.09 2.73 -5.12
C SER D 307 30.38 2.63 -5.94
N THR D 308 31.11 3.72 -6.05
CA THR D 308 32.33 3.81 -6.81
C THR D 308 33.53 3.92 -5.88
N ASN D 309 34.72 4.00 -6.47
CA ASN D 309 35.91 4.14 -5.65
C ASN D 309 36.11 5.57 -5.16
N ASN D 310 35.74 6.56 -5.97
CA ASN D 310 36.01 7.95 -5.67
C ASN D 310 35.18 8.47 -4.49
N MET D 311 34.15 7.73 -4.09
CA MET D 311 33.39 8.03 -2.88
C MET D 311 34.29 8.06 -1.65
N LYS D 312 35.36 7.25 -1.65
CA LYS D 312 36.35 7.26 -0.58
C LYS D 312 37.01 8.62 -0.38
N MET D 313 37.06 9.46 -1.42
CA MET D 313 37.57 10.79 -1.20
C MET D 313 36.54 11.66 -0.50
N LYS D 314 35.26 11.50 -0.85
CA LYS D 314 34.20 12.29 -0.25
C LYS D 314 33.89 11.88 1.18
N TRP D 315 34.51 10.81 1.68
CA TRP D 315 34.44 10.50 3.09
C TRP D 315 35.25 11.50 3.91
N GLN D 316 36.22 12.16 3.31
CA GLN D 316 37.14 13.01 4.05
C GLN D 316 36.69 14.46 4.08
N PHE D 317 35.53 14.78 3.51
CA PHE D 317 35.05 16.13 3.44
C PHE D 317 33.63 16.20 3.96
N PRO D 318 33.34 17.06 4.92
CA PRO D 318 31.97 17.20 5.41
C PRO D 318 31.18 18.14 4.50
N THR D 319 29.89 18.26 4.80
CA THR D 319 29.03 19.17 4.07
C THR D 319 29.20 20.58 4.63
N THR D 320 29.58 21.51 3.76
CA THR D 320 29.58 22.93 4.09
C THR D 320 28.33 23.62 3.58
N LYS D 321 27.28 22.86 3.26
CA LYS D 321 26.09 23.43 2.66
C LYS D 321 25.16 24.03 3.70
N ARG D 322 24.44 25.06 3.29
CA ARG D 322 23.37 25.63 4.09
C ARG D 322 22.16 24.73 3.93
N MET D 323 22.03 23.77 4.84
CA MET D 323 20.87 22.89 4.87
C MET D 323 19.78 23.56 5.72
N THR D 324 19.22 24.62 5.15
CA THR D 324 18.40 25.55 5.91
C THR D 324 17.08 24.92 6.32
N LEU D 325 16.88 24.81 7.64
CA LEU D 325 15.68 24.27 8.30
C LEU D 325 15.45 22.80 7.98
N LEU D 326 16.48 22.08 7.53
CA LEU D 326 16.32 20.66 7.21
C LEU D 326 15.95 19.77 8.39
N PRO D 327 16.53 19.90 9.60
CA PRO D 327 15.99 19.10 10.71
C PRO D 327 14.61 19.55 11.15
N THR D 328 14.31 20.84 11.07
CA THR D 328 12.98 21.34 11.43
C THR D 328 11.93 20.84 10.45
N MET D 329 12.23 20.91 9.15
CA MET D 329 11.29 20.41 8.15
C MET D 329 11.21 18.90 8.15
N THR D 330 12.27 18.21 8.57
CA THR D 330 12.21 16.76 8.63
C THR D 330 11.37 16.29 9.80
N VAL D 331 11.45 16.99 10.92
CA VAL D 331 10.60 16.69 12.06
C VAL D 331 9.14 17.05 11.76
N LEU D 332 8.91 18.19 11.09
CA LEU D 332 7.55 18.60 10.81
C LEU D 332 6.88 17.74 9.73
N SER D 333 7.66 17.15 8.84
CA SER D 333 7.07 16.33 7.80
C SER D 333 6.83 14.90 8.21
N THR D 334 7.32 14.48 9.37
CA THR D 334 7.16 13.10 9.79
C THR D 334 6.39 12.94 11.10
N MET D 335 6.59 13.81 12.07
CA MET D 335 6.09 13.60 13.42
C MET D 335 5.06 14.65 13.81
N LEU D 336 4.15 14.99 12.92
CA LEU D 336 3.20 16.04 13.21
C LEU D 336 1.78 15.51 13.36
N LEU D 337 1.54 14.23 13.03
CA LEU D 337 0.20 13.63 13.13
C LEU D 337 -0.44 13.66 14.53
N PRO D 338 0.26 13.47 15.67
CA PRO D 338 -0.42 13.68 16.96
C PRO D 338 -0.88 15.10 17.21
N LEU D 339 -0.37 16.05 16.45
CA LEU D 339 -0.85 17.43 16.46
C LEU D 339 -1.81 17.70 15.31
N THR D 340 -2.56 16.69 14.88
CA THR D 340 -3.51 16.88 13.79
C THR D 340 -4.60 17.93 14.05
N PRO D 341 -5.19 18.10 15.28
CA PRO D 341 -6.16 19.19 15.43
C PRO D 341 -5.61 20.61 15.43
N ILE D 342 -4.33 20.79 15.07
CA ILE D 342 -3.78 22.12 14.88
C ILE D 342 -4.37 22.79 13.64
N LEU D 343 -5.00 22.02 12.74
CA LEU D 343 -5.53 22.53 11.48
C LEU D 343 -6.62 23.58 11.67
N SER D 344 -7.22 23.64 12.86
CA SER D 344 -8.21 24.66 13.18
C SER D 344 -7.62 26.07 13.17
N ILE D 345 -6.30 26.22 13.27
CA ILE D 345 -5.74 27.56 13.15
C ILE D 345 -5.82 28.07 11.72
N LEU D 346 -6.05 27.18 10.75
CA LEU D 346 -6.17 27.57 9.35
C LEU D 346 -7.59 27.95 8.97
N GLU D 347 -8.51 27.97 9.92
CA GLU D 347 -9.89 28.36 9.66
C GLU D 347 -10.00 29.86 9.42
N AYA E 2 -22.71 16.83 -23.82
CA AYA E 2 -23.16 15.46 -23.77
CB AYA E 2 -22.12 14.48 -24.28
C AYA E 2 -23.55 15.06 -22.36
O AYA E 2 -23.42 13.93 -21.89
CT AYA E 2 -23.22 17.79 -24.66
OT AYA E 2 -22.77 18.94 -24.65
CM AYA E 2 -24.34 17.42 -25.60
N LYS E 3 -24.07 16.05 -21.65
CA LYS E 3 -24.74 15.83 -20.37
C LYS E 3 -26.13 15.30 -20.70
N THR E 4 -26.66 15.76 -21.83
CA THR E 4 -27.97 15.32 -22.28
C THR E 4 -27.94 13.98 -22.99
N LEU E 5 -26.75 13.51 -23.42
CA LEU E 5 -26.64 12.19 -24.01
C LEU E 5 -26.86 11.11 -22.95
N LEU E 6 -26.23 11.28 -21.79
CA LEU E 6 -26.44 10.35 -20.68
C LEU E 6 -27.85 10.46 -20.12
N HIS E 7 -28.43 11.67 -20.15
CA HIS E 7 -29.82 11.82 -19.71
C HIS E 7 -30.78 11.10 -20.64
N GLN E 8 -30.62 11.27 -21.96
CA GLN E 8 -31.52 10.55 -22.87
C GLN E 8 -31.18 9.07 -22.96
N TYR E 9 -30.04 8.63 -22.42
CA TYR E 9 -29.85 7.21 -22.15
C TYR E 9 -30.66 6.77 -20.94
N TRP E 10 -30.58 7.51 -19.83
CA TRP E 10 -31.17 7.07 -18.57
C TRP E 10 -32.64 7.45 -18.41
N ASP E 11 -33.22 8.23 -19.32
CA ASP E 11 -34.64 8.59 -19.19
C ASP E 11 -35.56 7.54 -19.81
N ILE E 12 -35.06 6.38 -20.14
CA ILE E 12 -35.82 5.31 -20.79
C ILE E 12 -35.90 4.15 -19.81
N PRO E 13 -37.09 3.57 -19.59
CA PRO E 13 -37.18 2.39 -18.70
C PRO E 13 -36.49 1.18 -19.30
N GLU E 14 -35.90 0.38 -18.42
CA GLU E 14 -35.09 -0.75 -18.83
C GLU E 14 -35.95 -1.87 -19.39
N GLY E 15 -35.52 -2.45 -20.50
CA GLY E 15 -36.24 -3.57 -21.08
C GLY E 15 -37.50 -3.20 -21.84
N THR E 16 -37.61 -1.96 -22.33
CA THR E 16 -38.81 -1.52 -23.03
C THR E 16 -38.54 -1.23 -24.50
N GLU E 17 -37.59 -0.34 -24.80
CA GLU E 17 -37.30 0.08 -26.17
C GLU E 17 -35.82 -0.16 -26.42
N CYS E 18 -35.51 -1.29 -27.06
CA CYS E 18 -34.12 -1.72 -27.18
C CYS E 18 -33.34 -0.93 -28.22
N HIS E 19 -34.01 -0.50 -29.29
CA HIS E 19 -33.31 0.21 -30.37
C HIS E 19 -32.85 1.60 -29.91
N ARG E 20 -33.70 2.30 -29.15
CA ARG E 20 -33.32 3.64 -28.71
C ARG E 20 -32.27 3.59 -27.60
N LYS E 21 -32.31 2.57 -26.73
CA LYS E 21 -31.25 2.36 -25.76
C LYS E 21 -29.93 2.05 -26.43
N THR E 22 -29.96 1.19 -27.46
CA THR E 22 -28.76 0.83 -28.19
C THR E 22 -28.19 2.05 -28.92
N TYR E 23 -29.06 2.89 -29.49
CA TYR E 23 -28.62 4.09 -30.17
C TYR E 23 -28.04 5.12 -29.20
N ALA E 24 -28.65 5.26 -28.02
CA ALA E 24 -28.15 6.22 -27.03
C ALA E 24 -26.80 5.80 -26.47
N ALA E 25 -26.63 4.52 -26.17
CA ALA E 25 -25.33 4.04 -25.72
C ALA E 25 -24.30 4.06 -26.84
N THR E 26 -24.76 3.88 -28.09
CA THR E 26 -23.87 4.02 -29.24
C THR E 26 -23.35 5.45 -29.38
N SER E 27 -24.22 6.43 -29.15
CA SER E 27 -23.82 7.83 -29.23
C SER E 27 -22.90 8.21 -28.06
N ILE E 28 -23.15 7.65 -26.87
CA ILE E 28 -22.24 7.88 -25.73
C ILE E 28 -20.86 7.32 -26.03
N GLY E 29 -20.81 6.09 -26.56
CA GLY E 29 -19.53 5.51 -26.96
C GLY E 29 -18.86 6.27 -28.08
N GLY E 30 -19.65 6.82 -29.01
CA GLY E 30 -19.07 7.59 -30.09
C GLY E 30 -18.48 8.90 -29.63
N ALA E 31 -19.12 9.56 -28.66
CA ALA E 31 -18.55 10.78 -28.09
C ALA E 31 -17.28 10.49 -27.29
N SER E 32 -17.27 9.38 -26.55
CA SER E 32 -16.05 8.99 -25.84
C SER E 32 -14.91 8.65 -26.80
N GLY E 33 -15.23 7.97 -27.89
CA GLY E 33 -14.23 7.68 -28.90
C GLY E 33 -13.72 8.89 -29.63
N LEU E 34 -14.58 9.91 -29.83
CA LEU E 34 -14.12 11.15 -30.43
C LEU E 34 -13.21 11.92 -29.50
N VAL E 35 -13.47 11.88 -28.18
CA VAL E 35 -12.58 12.54 -27.22
C VAL E 35 -11.21 11.85 -27.20
N VAL E 36 -11.21 10.52 -27.16
CA VAL E 36 -9.96 9.76 -27.17
C VAL E 36 -9.21 9.97 -28.49
N SER E 37 -9.95 10.06 -29.60
CA SER E 37 -9.34 10.29 -30.90
C SER E 37 -8.74 11.69 -31.01
N ALA E 38 -9.42 12.68 -30.42
CA ALA E 38 -8.92 14.05 -30.45
C ALA E 38 -7.63 14.18 -29.65
N TYR E 39 -7.59 13.62 -28.44
CA TYR E 39 -6.34 13.63 -27.69
C TYR E 39 -5.27 12.74 -28.33
N SER E 40 -5.68 11.71 -29.06
CA SER E 40 -4.70 10.82 -29.67
C SER E 40 -4.02 11.47 -30.87
N VAL E 41 -4.78 12.19 -31.69
CA VAL E 41 -4.15 12.95 -32.76
C VAL E 41 -3.50 14.23 -32.26
N ALA E 42 -3.85 14.67 -31.04
CA ALA E 42 -3.16 15.81 -30.44
C ALA E 42 -1.76 15.43 -29.98
N LEU E 43 -1.67 14.50 -29.05
CA LEU E 43 -0.40 14.29 -28.36
C LEU E 43 0.56 13.44 -29.18
N LYS E 44 0.05 12.57 -30.05
CA LYS E 44 0.87 11.71 -30.89
C LYS E 44 0.52 12.00 -32.34
N THR E 45 1.42 12.66 -33.05
CA THR E 45 1.14 13.17 -34.38
C THR E 45 1.03 12.03 -35.38
N PRO E 46 -0.11 11.86 -36.05
CA PRO E 46 -0.20 10.86 -37.11
C PRO E 46 0.60 11.29 -38.32
N THR E 47 1.08 10.29 -39.07
CA THR E 47 2.00 10.56 -40.16
C THR E 47 1.34 11.26 -41.35
N SER E 48 0.02 11.18 -41.47
CA SER E 48 -0.69 11.87 -42.54
C SER E 48 -2.10 12.18 -42.08
N PHE E 49 -2.82 12.94 -42.90
CA PHE E 49 -4.22 13.23 -42.61
C PHE E 49 -5.08 11.98 -42.76
N LEU E 50 -4.74 11.13 -43.73
CA LEU E 50 -5.45 9.87 -43.91
C LEU E 50 -5.23 8.94 -42.73
N GLU E 51 -3.99 8.90 -42.20
CA GLU E 51 -3.72 8.10 -41.02
C GLU E 51 -4.41 8.67 -39.79
N GLY E 52 -4.53 10.00 -39.72
CA GLY E 52 -5.23 10.62 -38.60
C GLY E 52 -6.72 10.31 -38.60
N VAL E 53 -7.36 10.43 -39.77
CA VAL E 53 -8.78 10.09 -39.82
C VAL E 53 -8.98 8.57 -39.73
N ALA E 54 -7.99 7.77 -40.08
CA ALA E 54 -8.09 6.33 -39.88
C ALA E 54 -8.05 5.97 -38.40
N ARG E 55 -7.14 6.60 -37.64
CA ARG E 55 -7.11 6.39 -36.18
C ARG E 55 -8.38 6.92 -35.52
N THR E 56 -8.88 8.07 -36.00
CA THR E 56 -10.11 8.64 -35.45
C THR E 56 -11.31 7.74 -35.69
N GLY E 57 -11.47 7.27 -36.93
CA GLY E 57 -12.55 6.35 -37.24
C GLY E 57 -12.43 5.01 -36.56
N ARG E 58 -11.19 4.53 -36.38
CA ARG E 58 -10.98 3.25 -35.70
C ARG E 58 -11.36 3.34 -34.23
N TYR E 59 -10.89 4.38 -33.53
CA TYR E 59 -11.22 4.51 -32.11
C TYR E 59 -12.70 4.83 -31.91
N THR E 60 -13.27 5.63 -32.82
CA THR E 60 -14.69 5.98 -32.72
C THR E 60 -15.58 4.77 -32.96
N PHE E 61 -15.27 3.96 -33.98
CA PHE E 61 -16.07 2.77 -34.23
C PHE E 61 -15.84 1.70 -33.16
N THR E 62 -14.64 1.65 -32.58
CA THR E 62 -14.39 0.73 -31.46
C THR E 62 -15.27 1.07 -30.26
N ALA E 63 -15.22 2.33 -29.81
CA ALA E 63 -16.00 2.70 -28.64
C ALA E 63 -17.49 2.73 -28.92
N ALA E 64 -17.89 3.02 -30.16
CA ALA E 64 -19.31 2.98 -30.50
C ALA E 64 -19.83 1.55 -30.59
N ALA E 65 -18.99 0.61 -31.04
CA ALA E 65 -19.40 -0.79 -31.04
C ALA E 65 -19.50 -1.33 -29.62
N ILE E 66 -18.59 -0.90 -28.74
CA ILE E 66 -18.68 -1.22 -27.32
C ILE E 66 -19.99 -0.72 -26.73
N GLY E 67 -20.33 0.54 -27.01
CA GLY E 67 -21.58 1.10 -26.50
C GLY E 67 -22.82 0.42 -27.07
N ALA E 68 -22.79 0.09 -28.36
CA ALA E 68 -23.92 -0.56 -29.01
C ALA E 68 -24.17 -1.95 -28.44
N ILE E 69 -23.11 -2.75 -28.31
CA ILE E 69 -23.27 -4.11 -27.78
C ILE E 69 -23.58 -4.08 -26.28
N PHE E 70 -23.08 -3.07 -25.55
CA PHE E 70 -23.46 -2.89 -24.15
C PHE E 70 -24.96 -2.62 -23.99
N GLY E 71 -25.47 -1.63 -24.71
CA GLY E 71 -26.87 -1.29 -24.58
C GLY E 71 -27.79 -2.39 -25.09
N LEU E 72 -27.38 -3.05 -26.19
CA LEU E 72 -28.15 -4.17 -26.73
C LEU E 72 -28.22 -5.32 -25.74
N THR E 73 -27.07 -5.73 -25.19
CA THR E 73 -27.02 -6.87 -24.28
C THR E 73 -27.75 -6.57 -22.97
N SER E 74 -27.62 -5.33 -22.47
CA SER E 74 -28.29 -4.94 -21.24
C SER E 74 -29.81 -4.92 -21.40
N CYS E 75 -30.30 -4.34 -22.50
CA CYS E 75 -31.74 -4.25 -22.66
C CYS E 75 -32.36 -5.60 -23.03
N ILE E 76 -31.65 -6.43 -23.80
CA ILE E 76 -32.15 -7.76 -24.12
C ILE E 76 -32.16 -8.64 -22.87
N SER E 77 -31.16 -8.51 -21.99
CA SER E 77 -31.17 -9.26 -20.76
C SER E 77 -32.25 -8.78 -19.80
N ALA E 78 -32.53 -7.48 -19.79
CA ALA E 78 -33.64 -6.97 -18.98
C ALA E 78 -35.00 -7.39 -19.54
N GLN E 79 -35.09 -7.61 -20.84
CA GLN E 79 -36.32 -8.15 -21.41
C GLN E 79 -36.51 -9.62 -21.06
N VAL E 80 -35.47 -10.43 -21.29
CA VAL E 80 -35.64 -11.88 -21.13
C VAL E 80 -35.57 -12.32 -19.67
N ARG E 81 -35.05 -11.49 -18.77
CA ARG E 81 -35.01 -11.85 -17.36
C ARG E 81 -36.10 -11.18 -16.54
N GLU E 82 -36.79 -10.18 -17.10
CA GLU E 82 -37.92 -9.47 -16.49
C GLU E 82 -37.53 -8.80 -15.17
N LYS E 83 -36.27 -8.36 -15.07
CA LYS E 83 -35.75 -7.71 -13.88
C LYS E 83 -35.05 -6.44 -14.33
N PRO E 84 -35.80 -5.33 -14.45
CA PRO E 84 -35.20 -4.12 -15.02
C PRO E 84 -34.25 -3.40 -14.07
N ASP E 85 -34.56 -3.38 -12.78
CA ASP E 85 -33.72 -2.69 -11.79
C ASP E 85 -32.72 -3.66 -11.15
N ASP E 86 -31.91 -4.27 -12.00
CA ASP E 86 -31.05 -5.36 -11.56
C ASP E 86 -29.65 -5.21 -12.14
N PRO E 87 -28.61 -5.15 -11.30
CA PRO E 87 -27.25 -4.90 -11.80
C PRO E 87 -26.62 -6.08 -12.53
N LEU E 88 -27.22 -7.27 -12.48
CA LEU E 88 -26.68 -8.41 -13.21
C LEU E 88 -26.87 -8.23 -14.71
N ASN E 89 -27.92 -7.49 -15.11
CA ASN E 89 -28.10 -7.11 -16.50
C ASN E 89 -26.92 -6.28 -17.01
N TYR E 90 -26.51 -5.28 -16.22
CA TYR E 90 -25.36 -4.50 -16.66
C TYR E 90 -24.04 -5.21 -16.44
N LEU E 91 -23.99 -6.23 -15.58
CA LEU E 91 -22.80 -7.07 -15.52
C LEU E 91 -22.62 -7.86 -16.82
N ILE E 92 -23.71 -8.45 -17.32
CA ILE E 92 -23.67 -9.15 -18.61
C ILE E 92 -23.38 -8.17 -19.75
N GLY E 93 -23.97 -6.98 -19.69
CA GLY E 93 -23.72 -5.98 -20.71
C GLY E 93 -22.29 -5.46 -20.71
N GLY E 94 -21.70 -5.30 -19.52
CA GLY E 94 -20.32 -4.87 -19.43
C GLY E 94 -19.35 -5.94 -19.86
N CYS E 95 -19.68 -7.22 -19.62
CA CYS E 95 -18.83 -8.26 -20.16
C CYS E 95 -18.96 -8.37 -21.68
N ALA E 96 -20.15 -8.09 -22.22
CA ALA E 96 -20.31 -8.05 -23.67
C ALA E 96 -19.53 -6.89 -24.28
N GLY E 97 -19.52 -5.74 -23.62
CA GLY E 97 -18.68 -4.64 -24.06
C GLY E 97 -17.20 -4.92 -23.94
N GLY E 98 -16.80 -5.69 -22.91
CA GLY E 98 -15.40 -6.06 -22.78
C GLY E 98 -14.96 -7.05 -23.84
N LEU E 99 -15.81 -8.02 -24.17
CA LEU E 99 -15.54 -8.91 -25.29
C LEU E 99 -15.54 -8.16 -26.62
N THR E 100 -16.35 -7.11 -26.73
CA THR E 100 -16.30 -6.26 -27.92
C THR E 100 -14.97 -5.53 -28.02
N LEU E 101 -14.48 -4.99 -26.91
CA LEU E 101 -13.18 -4.32 -26.89
C LEU E 101 -12.04 -5.29 -27.17
N GLY E 102 -12.18 -6.54 -26.72
CA GLY E 102 -11.17 -7.54 -27.05
C GLY E 102 -11.20 -7.94 -28.51
N ALA E 103 -12.41 -8.02 -29.09
CA ALA E 103 -12.51 -8.33 -30.52
C ALA E 103 -12.04 -7.19 -31.38
N ARG E 104 -12.15 -5.95 -30.91
CA ARG E 104 -11.59 -4.82 -31.64
C ARG E 104 -10.09 -4.73 -31.48
N THR E 105 -9.54 -5.08 -30.32
CA THR E 105 -8.10 -5.16 -30.14
C THR E 105 -7.52 -6.50 -30.59
N ARG E 106 -8.37 -7.43 -31.04
CA ARG E 106 -7.97 -8.70 -31.65
C ARG E 106 -7.16 -9.57 -30.70
N SER E 107 -7.66 -9.73 -29.47
CA SER E 107 -6.97 -10.50 -28.46
C SER E 107 -7.97 -10.98 -27.42
N TYR E 108 -7.69 -12.14 -26.84
CA TYR E 108 -8.59 -12.76 -25.87
C TYR E 108 -8.33 -12.29 -24.45
N GLY E 109 -7.08 -11.99 -24.10
CA GLY E 109 -6.79 -11.58 -22.73
C GLY E 109 -7.31 -10.20 -22.40
N ILE E 110 -7.18 -9.27 -23.35
CA ILE E 110 -7.78 -7.94 -23.19
C ILE E 110 -9.29 -8.06 -23.15
N GLY E 111 -9.86 -9.01 -23.89
CA GLY E 111 -11.29 -9.25 -23.84
C GLY E 111 -11.77 -9.76 -22.50
N ALA E 112 -11.02 -10.68 -21.88
CA ALA E 112 -11.42 -11.21 -20.58
C ALA E 112 -11.23 -10.18 -19.47
N ALA E 113 -10.12 -9.44 -19.53
CA ALA E 113 -9.86 -8.41 -18.51
C ALA E 113 -10.86 -7.27 -18.63
N ALA E 114 -11.20 -6.85 -19.85
CA ALA E 114 -12.19 -5.80 -20.03
C ALA E 114 -13.59 -6.30 -19.71
N CYS E 115 -13.87 -7.60 -19.96
CA CYS E 115 -15.11 -8.21 -19.49
C CYS E 115 -15.27 -8.08 -17.99
N ALA E 116 -14.25 -8.49 -17.24
CA ALA E 116 -14.31 -8.45 -15.77
C ALA E 116 -14.45 -7.01 -15.27
N TYR E 117 -13.56 -6.12 -15.68
CA TYR E 117 -13.56 -4.79 -15.08
C TYR E 117 -14.69 -3.90 -15.61
N MET E 118 -15.05 -4.01 -16.89
CA MET E 118 -16.18 -3.23 -17.39
C MET E 118 -17.52 -3.79 -16.92
N GLY E 119 -17.61 -5.10 -16.66
CA GLY E 119 -18.82 -5.62 -16.05
C GLY E 119 -18.99 -5.16 -14.62
N LEU E 120 -17.90 -5.15 -13.85
CA LEU E 120 -17.97 -4.62 -12.50
C LEU E 120 -18.26 -3.13 -12.50
N THR E 121 -17.72 -2.39 -13.47
CA THR E 121 -17.95 -0.96 -13.56
C THR E 121 -19.40 -0.65 -13.93
N ALA E 122 -19.95 -1.35 -14.91
CA ALA E 122 -21.35 -1.15 -15.29
C ALA E 122 -22.31 -1.59 -14.18
N ALA E 123 -21.94 -2.64 -13.44
CA ALA E 123 -22.74 -3.04 -12.28
C ALA E 123 -22.74 -1.97 -11.21
N LEU E 124 -21.57 -1.36 -10.94
CA LEU E 124 -21.50 -0.27 -9.98
C LEU E 124 -22.27 0.97 -10.45
N VAL E 125 -22.29 1.21 -11.76
CA VAL E 125 -23.08 2.33 -12.30
C VAL E 125 -24.57 2.07 -12.11
N LYS E 126 -25.01 0.83 -12.29
CA LYS E 126 -26.43 0.53 -12.06
C LYS E 126 -26.78 0.62 -10.58
N MET E 127 -25.89 0.18 -9.70
CA MET E 127 -26.13 0.31 -8.26
C MET E 127 -26.14 1.77 -7.83
N GLY E 128 -25.31 2.60 -8.47
CA GLY E 128 -25.36 4.03 -8.21
C GLY E 128 -26.63 4.67 -8.71
N GLN E 129 -27.18 4.17 -9.82
CA GLN E 129 -28.48 4.68 -10.27
C GLN E 129 -29.60 4.21 -9.36
N LEU E 130 -29.45 3.04 -8.73
CA LEU E 130 -30.47 2.55 -7.82
C LEU E 130 -30.46 3.31 -6.50
N GLU E 131 -29.34 3.29 -5.78
CA GLU E 131 -29.29 3.92 -4.47
C GLU E 131 -28.94 5.40 -4.51
N GLY E 132 -28.80 5.99 -5.70
CA GLY E 132 -28.53 7.42 -5.76
C GLY E 132 -27.14 7.80 -5.32
N TRP E 133 -26.12 7.05 -5.75
CA TRP E 133 -24.76 7.36 -5.38
C TRP E 133 -24.29 8.58 -6.14
N LYS E 134 -23.49 9.41 -5.48
CA LYS E 134 -23.00 10.65 -6.05
C LYS E 134 -21.48 10.54 -6.18
N VAL E 135 -20.99 10.72 -7.39
CA VAL E 135 -19.54 10.85 -7.58
C VAL E 135 -19.11 12.32 -7.54
N PHE E 136 -19.83 13.21 -8.22
CA PHE E 136 -19.61 14.65 -8.10
C PHE E 136 -20.69 15.20 -7.19
N ALA E 137 -20.50 14.98 -5.88
CA ALA E 137 -21.53 15.33 -4.91
C ALA E 137 -21.50 16.82 -4.60
N GLU E 138 -22.69 17.42 -4.54
CA GLU E 138 -22.81 18.83 -4.20
C GLU E 138 -22.44 19.03 -2.72
N PRO E 139 -21.72 20.10 -2.40
CA PRO E 139 -21.38 20.36 -0.99
C PRO E 139 -22.61 20.69 -0.17
N LYS E 140 -22.81 19.95 0.92
CA LYS E 140 -23.96 20.15 1.79
C LYS E 140 -23.61 20.69 3.16
N VAL E 141 -22.46 20.32 3.74
CA VAL E 141 -22.10 20.82 5.05
C VAL E 141 -20.88 21.72 4.95
N GLY F 51 37.46 -57.65 26.75
CA GLY F 51 36.07 -57.70 26.33
C GLY F 51 35.82 -56.95 25.04
N LYS F 52 36.88 -56.31 24.54
CA LYS F 52 36.92 -55.45 23.35
C LYS F 52 35.72 -54.49 23.27
N ARG F 53 35.65 -53.62 24.27
CA ARG F 53 34.66 -52.57 24.30
C ARG F 53 34.92 -51.58 23.17
N LEU F 54 33.90 -51.30 22.38
CA LEU F 54 34.02 -50.43 21.21
C LEU F 54 33.46 -49.05 21.50
N PHE F 55 34.06 -48.05 20.86
CA PHE F 55 33.68 -46.67 21.04
C PHE F 55 32.41 -46.40 20.26
N ILE F 56 31.38 -45.91 20.94
CA ILE F 56 30.12 -45.58 20.30
C ILE F 56 30.16 -44.10 19.94
N ILE F 57 30.24 -43.80 18.65
CA ILE F 57 30.21 -42.42 18.19
C ILE F 57 28.80 -41.87 18.39
N LYS F 58 28.69 -40.78 19.13
CA LYS F 58 27.44 -40.12 19.40
C LYS F 58 27.69 -38.62 19.32
N PRO F 59 26.67 -37.81 19.06
CA PRO F 59 26.87 -36.36 19.05
C PRO F 59 27.10 -35.83 20.45
N SER F 60 27.44 -34.54 20.50
CA SER F 60 27.78 -33.88 21.76
C SER F 60 26.53 -33.73 22.61
N GLY F 61 26.37 -34.62 23.58
CA GLY F 61 25.30 -34.50 24.53
C GLY F 61 25.59 -33.58 25.69
N PHE F 62 26.71 -32.85 25.65
CA PHE F 62 27.03 -31.93 26.74
C PHE F 62 26.11 -30.72 26.73
N TYR F 63 25.81 -30.18 25.56
CA TYR F 63 25.15 -28.88 25.49
C TYR F 63 23.66 -29.01 25.76
N ASP F 64 23.04 -30.09 25.30
CA ASP F 64 21.63 -30.33 25.59
C ASP F 64 21.41 -30.67 27.06
N LYS F 65 22.30 -31.49 27.64
CA LYS F 65 22.21 -31.77 29.07
C LYS F 65 22.50 -30.54 29.92
N ARG F 66 23.41 -29.67 29.46
CA ARG F 66 23.66 -28.43 30.18
C ARG F 66 22.47 -27.50 30.12
N PHE F 67 21.79 -27.45 28.96
CA PHE F 67 20.54 -26.71 28.87
C PHE F 67 19.49 -27.26 29.82
N LEU F 68 19.36 -28.57 29.90
CA LEU F 68 18.32 -29.13 30.76
C LEU F 68 18.64 -28.94 32.23
N LYS F 69 19.93 -29.00 32.59
CA LYS F 69 20.34 -28.70 33.97
C LYS F 69 20.07 -27.25 34.33
N LEU F 70 20.43 -26.32 33.43
CA LEU F 70 20.17 -24.90 33.70
C LEU F 70 18.67 -24.58 33.66
N LEU F 71 17.91 -25.28 32.81
CA LEU F 71 16.47 -25.10 32.76
C LEU F 71 15.80 -25.53 34.06
N ARG F 72 16.17 -26.72 34.55
CA ARG F 72 15.64 -27.19 35.82
C ARG F 72 16.09 -26.31 36.98
N PHE F 73 17.34 -25.82 36.94
CA PHE F 73 17.82 -24.97 38.01
C PHE F 73 17.10 -23.63 38.06
N TYR F 74 16.97 -22.95 36.91
CA TYR F 74 16.33 -21.65 36.92
C TYR F 74 14.81 -21.74 37.01
N ILE F 75 14.21 -22.90 36.77
CA ILE F 75 12.81 -23.05 37.12
C ILE F 75 12.66 -23.30 38.61
N LEU F 76 13.40 -24.27 39.17
CA LEU F 76 13.23 -24.60 40.58
C LEU F 76 13.74 -23.53 41.52
N LEU F 77 14.62 -22.63 41.05
CA LEU F 77 15.20 -21.56 41.87
C LEU F 77 14.14 -20.66 42.48
N THR F 78 13.08 -20.36 41.73
CA THR F 78 11.92 -19.72 42.30
C THR F 78 10.70 -20.62 42.29
N GLY F 79 10.82 -21.86 41.84
CA GLY F 79 9.70 -22.76 41.92
C GLY F 79 9.55 -23.36 43.30
N ILE F 80 10.66 -23.76 43.90
CA ILE F 80 10.64 -24.35 45.23
C ILE F 80 10.30 -23.31 46.30
N PRO F 81 10.83 -22.07 46.31
CA PRO F 81 10.31 -21.09 47.29
C PRO F 81 8.86 -20.71 47.09
N VAL F 82 8.36 -20.70 45.85
CA VAL F 82 6.94 -20.42 45.64
C VAL F 82 6.08 -21.55 46.18
N VAL F 83 6.47 -22.81 45.95
CA VAL F 83 5.68 -23.94 46.44
C VAL F 83 5.72 -24.01 47.96
N ILE F 84 6.89 -23.75 48.56
CA ILE F 84 6.99 -23.69 50.01
C ILE F 84 6.17 -22.54 50.58
N GLY F 85 6.18 -21.39 49.91
CA GLY F 85 5.39 -20.26 50.38
C GLY F 85 3.90 -20.48 50.26
N ILE F 86 3.47 -21.14 49.18
CA ILE F 86 2.06 -21.47 49.02
C ILE F 86 1.62 -22.49 50.07
N THR F 87 2.49 -23.43 50.41
CA THR F 87 2.20 -24.39 51.47
C THR F 87 2.10 -23.69 52.83
N LEU F 88 3.00 -22.74 53.11
CA LEU F 88 2.96 -22.03 54.38
C LEU F 88 1.78 -21.07 54.46
N ILE F 89 1.34 -20.52 53.33
CA ILE F 89 0.15 -19.67 53.33
C ILE F 89 -1.11 -20.49 53.52
N ASN F 90 -1.21 -21.64 52.85
CA ASN F 90 -2.41 -22.46 52.96
C ASN F 90 -2.52 -23.13 54.32
N VAL F 91 -1.40 -23.52 54.91
CA VAL F 91 -1.43 -24.14 56.24
C VAL F 91 -1.65 -23.09 57.31
N PHE F 92 -0.76 -22.10 57.39
CA PHE F 92 -0.73 -21.20 58.53
C PHE F 92 -1.68 -20.02 58.37
N ILE F 93 -1.57 -19.28 57.27
CA ILE F 93 -2.47 -18.14 57.06
C ILE F 93 -3.87 -18.63 56.73
N GLY F 94 -3.99 -19.49 55.74
CA GLY F 94 -5.22 -20.26 55.65
C GLY F 94 -6.22 -19.66 54.69
N GLU F 95 -7.00 -20.55 54.08
CA GLU F 95 -8.08 -20.15 53.19
C GLU F 95 -9.22 -19.54 54.00
N ALA F 96 -9.96 -18.62 53.37
CA ALA F 96 -10.97 -17.85 54.06
C ALA F 96 -12.23 -18.68 54.29
N GLU F 97 -13.20 -18.07 54.98
CA GLU F 97 -14.49 -18.70 55.26
C GLU F 97 -15.60 -17.80 54.75
N LEU F 98 -16.59 -18.41 54.09
CA LEU F 98 -17.71 -17.65 53.58
C LEU F 98 -18.61 -17.20 54.71
N ALA F 99 -18.97 -15.93 54.71
CA ALA F 99 -19.83 -15.35 55.74
C ALA F 99 -20.80 -14.36 55.10
N GLU F 100 -21.95 -14.22 55.73
CA GLU F 100 -22.91 -13.21 55.29
C GLU F 100 -22.37 -11.82 55.60
N ILE F 101 -22.82 -10.85 54.81
CA ILE F 101 -22.36 -9.46 55.00
C ILE F 101 -23.09 -8.88 56.22
N PRO F 102 -22.36 -8.33 57.19
CA PRO F 102 -23.02 -7.70 58.33
C PRO F 102 -23.75 -6.42 57.94
N GLU F 103 -24.69 -6.02 58.78
CA GLU F 103 -25.49 -4.83 58.50
C GLU F 103 -24.65 -3.57 58.69
N GLY F 104 -24.70 -2.69 57.70
CA GLY F 104 -23.94 -1.46 57.73
C GLY F 104 -22.48 -1.59 57.34
N TYR F 105 -21.98 -2.80 57.15
CA TYR F 105 -20.60 -3.03 56.77
C TYR F 105 -20.50 -3.10 55.27
N VAL F 106 -19.68 -2.24 54.68
CA VAL F 106 -19.39 -2.27 53.25
C VAL F 106 -18.03 -2.95 53.08
N PRO F 107 -17.97 -4.16 52.55
CA PRO F 107 -16.69 -4.85 52.42
C PRO F 107 -15.82 -4.23 51.33
N GLU F 108 -14.51 -4.35 51.53
CA GLU F 108 -13.55 -3.96 50.52
C GLU F 108 -13.65 -4.90 49.33
N HIS F 109 -13.17 -4.43 48.17
CA HIS F 109 -13.31 -5.21 46.94
C HIS F 109 -12.47 -6.47 46.95
N TRP F 110 -11.37 -6.47 47.72
CA TRP F 110 -10.55 -7.66 47.88
C TRP F 110 -11.08 -8.60 48.94
N GLU F 111 -12.13 -8.23 49.66
CA GLU F 111 -12.71 -9.07 50.71
C GLU F 111 -13.81 -9.97 50.18
N TYR F 112 -13.88 -10.17 48.87
CA TYR F 112 -14.84 -11.08 48.28
C TYR F 112 -14.18 -12.32 47.70
N PHE F 113 -12.89 -12.50 47.95
CA PHE F 113 -12.13 -13.59 47.36
C PHE F 113 -11.59 -14.48 48.47
N LYS F 114 -11.35 -15.74 48.12
CA LYS F 114 -11.24 -16.80 49.11
C LYS F 114 -9.80 -17.17 49.45
N HIS F 115 -8.92 -17.25 48.48
CA HIS F 115 -7.55 -17.60 48.82
C HIS F 115 -6.76 -16.35 49.19
N PRO F 116 -5.79 -16.44 50.10
CA PRO F 116 -5.01 -15.23 50.48
C PRO F 116 -4.22 -14.61 49.35
N ILE F 117 -3.70 -15.42 48.41
CA ILE F 117 -2.94 -14.87 47.32
C ILE F 117 -3.87 -14.13 46.35
N SER F 118 -5.10 -14.63 46.17
CA SER F 118 -6.07 -13.93 45.35
C SER F 118 -6.51 -12.62 46.00
N ARG F 119 -6.65 -12.60 47.33
CA ARG F 119 -6.97 -11.38 48.04
C ARG F 119 -5.82 -10.38 47.95
N TRP F 120 -4.58 -10.86 47.98
CA TRP F 120 -3.44 -9.96 47.85
C TRP F 120 -3.32 -9.40 46.44
N ILE F 121 -3.61 -10.21 45.44
CA ILE F 121 -3.60 -9.73 44.05
C ILE F 121 -4.72 -8.71 43.82
N ALA F 122 -5.90 -8.96 44.41
CA ALA F 122 -7.00 -8.02 44.24
C ALA F 122 -6.76 -6.73 45.02
N ARG F 123 -6.12 -6.79 46.18
CA ARG F 123 -5.88 -5.60 46.97
C ARG F 123 -4.72 -4.78 46.40
N THR F 124 -3.65 -5.44 45.96
CA THR F 124 -2.44 -4.74 45.58
C THR F 124 -2.54 -4.18 44.16
N PHE F 125 -2.80 -5.05 43.19
CA PHE F 125 -2.63 -4.71 41.78
C PHE F 125 -3.92 -4.26 41.11
N PHE F 126 -5.02 -4.94 41.37
CA PHE F 126 -6.21 -4.80 40.54
C PHE F 126 -7.11 -3.67 41.02
N ASP F 127 -7.77 -3.03 40.06
CA ASP F 127 -8.78 -2.04 40.34
C ASP F 127 -10.06 -2.72 40.82
N ALA F 128 -10.82 -2.00 41.64
CA ALA F 128 -12.09 -2.49 42.12
C ALA F 128 -13.10 -2.56 40.96
N PRO F 129 -14.11 -3.43 41.06
CA PRO F 129 -15.19 -3.39 40.07
C PRO F 129 -16.02 -2.13 40.15
N GLU F 130 -16.13 -1.53 41.34
CA GLU F 130 -16.76 -0.22 41.50
C GLU F 130 -16.01 0.85 40.72
N LYS F 131 -14.68 0.84 40.82
CA LYS F 131 -13.85 1.83 40.16
C LYS F 131 -13.95 1.72 38.65
N ASN F 132 -13.80 0.51 38.11
CA ASN F 132 -13.93 0.29 36.68
C ASN F 132 -15.33 0.60 36.19
N TYR F 133 -16.34 0.29 37.00
CA TYR F 133 -17.73 0.48 36.61
C TYR F 133 -18.08 1.96 36.49
N GLU F 134 -17.76 2.73 37.53
CA GLU F 134 -18.08 4.15 37.53
C GLU F 134 -17.16 4.94 36.60
N ARG F 135 -15.93 4.46 36.41
CA ARG F 135 -15.04 5.05 35.42
C ARG F 135 -15.56 4.83 34.01
N THR F 136 -16.13 3.64 33.75
CA THR F 136 -16.75 3.35 32.46
C THR F 136 -17.97 4.24 32.24
N MET F 137 -18.73 4.50 33.30
CA MET F 137 -19.86 5.42 33.17
C MET F 137 -19.42 6.84 32.86
N ALA F 138 -18.30 7.28 33.44
CA ALA F 138 -17.75 8.60 33.11
C ALA F 138 -17.28 8.66 31.66
N ILE F 139 -16.61 7.61 31.20
CA ILE F 139 -16.15 7.50 29.80
C ILE F 139 -17.33 7.53 28.85
N LEU F 140 -18.40 6.80 29.18
CA LEU F 140 -19.58 6.75 28.32
C LEU F 140 -20.31 8.08 28.28
N GLN F 141 -20.35 8.81 29.41
CA GLN F 141 -20.94 10.14 29.41
C GLN F 141 -20.18 11.07 28.48
N ILE F 142 -18.85 11.11 28.61
CA ILE F 142 -18.02 12.01 27.81
C ILE F 142 -18.14 11.68 26.32
N GLU F 143 -18.11 10.40 25.98
CA GLU F 143 -18.12 10.04 24.57
C GLU F 143 -19.50 10.15 23.95
N SER F 144 -20.58 9.92 24.72
CA SER F 144 -21.91 10.14 24.17
C SER F 144 -22.19 11.62 23.98
N GLU F 145 -21.69 12.47 24.88
CA GLU F 145 -21.83 13.91 24.69
C GLU F 145 -21.05 14.41 23.49
N LYS F 146 -19.84 13.87 23.27
CA LYS F 146 -19.08 14.22 22.07
C LYS F 146 -19.77 13.74 20.81
N ALA F 147 -20.40 12.58 20.84
CA ALA F 147 -21.08 12.07 19.64
C ALA F 147 -22.32 12.88 19.30
N GLU F 148 -23.09 13.26 20.32
CA GLU F 148 -24.26 14.11 20.09
C GLU F 148 -23.84 15.50 19.61
N LEU F 149 -22.72 16.02 20.12
CA LEU F 149 -22.24 17.31 19.63
C LEU F 149 -21.69 17.23 18.21
N ARG F 150 -21.13 16.08 17.80
CA ARG F 150 -20.71 15.93 16.41
C ARG F 150 -21.90 15.89 15.46
N LEU F 151 -22.97 15.21 15.87
CA LEU F 151 -24.17 15.18 15.03
C LEU F 151 -24.82 16.56 14.96
N LYS F 152 -24.84 17.30 16.07
CA LYS F 152 -25.30 18.68 16.04
C LYS F 152 -24.43 19.56 15.16
N GLU F 153 -23.11 19.32 15.17
CA GLU F 153 -22.18 20.11 14.37
C GLU F 153 -22.42 19.88 12.88
N LEU F 154 -22.66 18.63 12.49
CA LEU F 154 -22.99 18.33 11.08
C LEU F 154 -24.31 18.98 10.67
N GLU F 155 -25.31 18.95 11.55
CA GLU F 155 -26.61 19.53 11.18
C GLU F 155 -26.53 21.05 11.10
N VAL F 156 -25.76 21.67 12.01
CA VAL F 156 -25.56 23.12 11.97
C VAL F 156 -24.81 23.55 10.71
N ARG F 157 -23.79 22.77 10.31
CA ARG F 157 -23.07 23.09 9.07
C ARG F 157 -23.98 22.95 7.86
N ARG F 158 -24.84 21.93 7.84
CA ARG F 158 -25.75 21.74 6.72
C ARG F 158 -26.75 22.90 6.63
N LEU F 159 -27.31 23.31 7.77
CA LEU F 159 -28.30 24.39 7.76
C LEU F 159 -27.66 25.74 7.43
N MET F 160 -26.44 25.98 7.90
CA MET F 160 -25.79 27.24 7.60
C MET F 160 -25.32 27.33 6.14
N ARG F 161 -24.89 26.22 5.55
CA ARG F 161 -24.56 26.26 4.13
C ARG F 161 -25.83 26.38 3.29
N ALA F 162 -26.92 25.75 3.72
CA ALA F 162 -28.14 25.81 2.93
C ALA F 162 -28.80 27.18 3.00
N LYS F 163 -28.85 27.79 4.18
CA LYS F 163 -29.58 29.04 4.34
C LYS F 163 -28.69 30.27 4.32
N GLY F 164 -27.45 30.18 4.78
CA GLY F 164 -26.56 31.33 4.75
C GLY F 164 -26.88 32.39 5.77
N ASP F 165 -27.55 32.03 6.86
CA ASP F 165 -27.98 32.99 7.87
C ASP F 165 -27.18 32.90 9.16
N GLY F 166 -26.16 32.07 9.21
CA GLY F 166 -25.34 31.93 10.40
C GLY F 166 -24.02 32.65 10.23
N PRO F 167 -23.19 32.63 11.28
CA PRO F 167 -21.87 33.27 11.18
C PRO F 167 -20.88 32.55 10.30
N TRP F 168 -21.15 31.31 9.91
CA TRP F 168 -20.25 30.57 9.02
C TRP F 168 -20.77 30.69 7.60
N PHE F 169 -19.88 30.43 6.65
CA PHE F 169 -20.13 30.51 5.20
C PHE F 169 -20.57 31.91 4.79
N GLN F 170 -20.04 32.93 5.47
CA GLN F 170 -20.33 34.32 5.13
C GLN F 170 -19.26 34.77 4.14
N TYR F 171 -19.50 34.45 2.88
CA TYR F 171 -18.58 34.81 1.83
C TYR F 171 -18.68 36.32 1.58
N PRO F 172 -17.57 36.96 1.18
CA PRO F 172 -17.54 38.42 1.19
C PRO F 172 -18.40 39.03 0.09
N THR F 173 -19.04 40.15 0.43
CA THR F 173 -19.70 41.03 -0.50
C THR F 173 -19.02 42.40 -0.44
N ILE F 174 -19.56 43.35 -1.18
CA ILE F 174 -18.93 44.66 -1.30
C ILE F 174 -19.32 45.53 -0.11
N ASP F 175 -18.33 46.19 0.47
CA ASP F 175 -18.58 47.18 1.52
C ASP F 175 -19.35 48.37 0.95
N LYS F 176 -20.32 48.86 1.71
CA LYS F 176 -21.04 50.06 1.35
C LYS F 176 -20.42 51.32 1.93
N ALA F 177 -19.32 51.18 2.67
CA ALA F 177 -18.54 52.36 3.06
C ALA F 177 -17.68 52.86 1.91
N LEU F 178 -17.48 52.04 0.88
CA LEU F 178 -16.76 52.47 -0.31
C LEU F 178 -17.58 53.39 -1.18
N ILE F 179 -18.91 53.40 -1.01
CA ILE F 179 -19.79 54.17 -1.88
C ILE F 179 -19.66 55.65 -1.56
N ASP F 180 -19.49 56.46 -2.60
CA ASP F 180 -19.45 57.91 -2.46
C ASP F 180 -20.87 58.45 -2.61
N HIS F 181 -21.36 59.14 -1.58
CA HIS F 181 -22.70 59.72 -1.59
C HIS F 181 -22.67 61.23 -1.79
N SER F 182 -21.56 61.76 -2.29
CA SER F 182 -21.46 63.19 -2.54
C SER F 182 -22.32 63.58 -3.74
N PRO F 183 -22.72 64.85 -3.83
CA PRO F 183 -23.41 65.32 -5.05
C PRO F 183 -22.48 65.28 -6.26
N LYS F 184 -22.86 64.49 -7.25
CA LYS F 184 -21.99 64.20 -8.38
C LYS F 184 -22.09 65.30 -9.43
N ALA F 185 -21.58 65.03 -10.62
CA ALA F 185 -21.58 66.03 -11.69
C ALA F 185 -22.95 66.15 -12.34
N THR F 186 -23.57 65.02 -12.68
CA THR F 186 -24.91 65.02 -13.24
C THR F 186 -25.92 64.59 -12.20
N PRO F 187 -27.14 65.14 -12.18
CA PRO F 187 -28.04 64.88 -11.05
C PRO F 187 -28.72 63.53 -11.05
N ASP F 188 -28.86 62.86 -12.19
CA ASP F 188 -29.70 61.67 -12.31
C ASP F 188 -28.89 60.43 -11.95
N ASN F 189 -28.72 60.22 -10.64
CA ASN F 189 -27.93 59.10 -10.13
C ASN F 189 -28.24 58.77 -8.68
N ASP G 71 23.54 -62.30 22.14
CA ASP G 71 23.06 -62.49 20.77
C ASP G 71 24.09 -62.06 19.74
N ALA G 72 24.08 -62.75 18.57
CA ALA G 72 24.90 -62.47 17.39
C ALA G 72 26.39 -62.42 17.73
N PRO G 73 27.03 -63.57 17.92
CA PRO G 73 28.44 -63.55 18.34
C PRO G 73 29.32 -63.00 17.23
N PRO G 74 30.39 -62.29 17.58
CA PRO G 74 31.17 -61.59 16.55
C PRO G 74 32.00 -62.55 15.72
N LEU G 75 32.09 -62.23 14.43
CA LEU G 75 32.83 -63.06 13.50
C LEU G 75 34.31 -62.70 13.51
N THR G 76 35.15 -63.70 13.28
CA THR G 76 36.59 -63.51 13.11
C THR G 76 36.96 -63.85 11.68
N LEU G 77 38.17 -63.45 11.28
CA LEU G 77 38.66 -63.81 9.95
C LEU G 77 38.91 -65.30 9.82
N GLU G 78 39.45 -65.92 10.87
CA GLU G 78 39.65 -67.35 10.85
C GLU G 78 38.32 -68.10 10.86
N GLY G 79 37.32 -67.56 11.58
CA GLY G 79 36.02 -68.20 11.59
C GLY G 79 35.29 -68.10 10.27
N ILE G 80 35.34 -66.93 9.62
CA ILE G 80 34.74 -66.76 8.30
C ILE G 80 35.46 -67.65 7.28
N LYS G 81 36.79 -67.73 7.37
CA LYS G 81 37.54 -68.55 6.42
C LYS G 81 37.24 -70.04 6.62
N ASP G 82 37.10 -70.47 7.87
CA ASP G 82 36.76 -71.86 8.15
C ASP G 82 35.35 -72.19 7.68
N ARG G 83 34.41 -71.26 7.83
CA ARG G 83 33.04 -71.55 7.40
C ARG G 83 32.90 -71.53 5.88
N VAL G 84 33.64 -70.63 5.20
CA VAL G 84 33.62 -70.60 3.73
C VAL G 84 34.24 -71.86 3.16
N LEU G 85 35.39 -72.27 3.68
CA LEU G 85 35.99 -73.52 3.22
C LEU G 85 35.16 -74.73 3.66
N TYR G 86 34.41 -74.60 4.76
CA TYR G 86 33.57 -75.70 5.22
C TYR G 86 32.39 -75.90 4.28
N VAL G 87 31.82 -74.82 3.77
CA VAL G 87 30.77 -74.94 2.77
C VAL G 87 31.33 -75.49 1.47
N LEU G 88 32.48 -74.97 1.04
CA LEU G 88 33.04 -75.40 -0.24
C LEU G 88 33.58 -76.82 -0.23
N LYS G 89 33.90 -77.37 0.95
CA LYS G 89 34.21 -78.78 1.04
C LYS G 89 32.98 -79.67 1.03
N LEU G 90 31.79 -79.10 1.22
CA LEU G 90 30.54 -79.85 1.17
C LEU G 90 29.86 -79.73 -0.18
N TYR G 91 30.63 -79.48 -1.23
CA TYR G 91 30.10 -79.27 -2.57
C TYR G 91 30.69 -80.33 -3.49
N ASP G 92 29.81 -81.00 -4.24
CA ASP G 92 30.17 -82.20 -4.98
C ASP G 92 30.77 -81.92 -6.35
N LYS G 93 31.19 -80.69 -6.61
CA LYS G 93 32.02 -80.39 -7.76
C LYS G 93 33.41 -79.89 -7.38
N ILE G 94 33.61 -79.50 -6.13
CA ILE G 94 34.92 -79.10 -5.61
C ILE G 94 35.45 -80.22 -4.75
N ASP G 95 36.57 -80.79 -5.14
CA ASP G 95 37.20 -81.81 -4.32
C ASP G 95 37.88 -81.16 -3.12
N PRO G 96 37.67 -81.68 -1.90
CA PRO G 96 38.20 -81.01 -0.71
C PRO G 96 39.70 -81.13 -0.55
N GLU G 97 40.33 -82.10 -1.21
CA GLU G 97 41.78 -82.26 -1.11
C GLU G 97 42.56 -81.27 -1.97
N LYS G 98 41.89 -80.60 -2.89
CA LYS G 98 42.52 -79.61 -3.76
C LYS G 98 42.19 -78.18 -3.34
N LEU G 99 41.19 -78.00 -2.49
CA LEU G 99 40.70 -76.67 -2.14
C LEU G 99 41.70 -75.92 -1.27
N SER G 100 41.86 -74.63 -1.56
CA SER G 100 42.63 -73.71 -0.74
C SER G 100 41.90 -72.38 -0.73
N VAL G 101 42.44 -71.42 0.03
CA VAL G 101 41.81 -70.10 0.07
C VAL G 101 42.07 -69.31 -1.21
N ASN G 102 43.10 -69.67 -1.96
CA ASN G 102 43.48 -68.96 -3.18
C ASN G 102 43.12 -69.75 -4.43
N SER G 103 42.27 -70.77 -4.29
CA SER G 103 41.87 -71.61 -5.41
C SER G 103 40.81 -70.88 -6.22
N HIS G 104 41.18 -70.44 -7.41
CA HIS G 104 40.24 -69.77 -8.31
C HIS G 104 39.18 -70.78 -8.76
N PHE G 105 37.92 -70.35 -8.79
CA PHE G 105 36.85 -71.32 -9.06
C PHE G 105 36.81 -71.71 -10.53
N MET G 106 37.05 -70.76 -11.43
CA MET G 106 36.96 -71.09 -12.85
C MET G 106 38.26 -71.65 -13.40
N LYS G 107 39.41 -71.15 -12.94
CA LYS G 107 40.69 -71.53 -13.52
C LYS G 107 41.42 -72.61 -12.72
N ASP G 108 41.30 -72.60 -11.39
CA ASP G 108 42.02 -73.55 -10.56
C ASP G 108 41.13 -74.67 -10.02
N LEU G 109 39.82 -74.58 -10.20
CA LEU G 109 38.91 -75.66 -9.82
C LEU G 109 38.08 -76.18 -10.98
N GLY G 110 38.06 -75.49 -12.11
CA GLY G 110 37.36 -75.97 -13.28
C GLY G 110 35.85 -75.94 -13.18
N LEU G 111 35.30 -74.88 -12.60
CA LEU G 111 33.86 -74.77 -12.41
C LEU G 111 33.24 -73.92 -13.52
N ASP G 112 31.97 -73.61 -13.35
CA ASP G 112 31.18 -72.85 -14.30
C ASP G 112 30.73 -71.56 -13.62
N SER G 113 30.23 -70.61 -14.43
CA SER G 113 29.67 -69.40 -13.86
C SER G 113 28.37 -69.68 -13.11
N LEU G 114 27.61 -70.69 -13.56
CA LEU G 114 26.42 -71.11 -12.83
C LEU G 114 26.79 -71.70 -11.48
N ASP G 115 27.89 -72.47 -11.45
CA ASP G 115 28.41 -72.99 -10.19
C ASP G 115 28.88 -71.88 -9.28
N GLN G 116 29.42 -70.80 -9.84
CA GLN G 116 29.87 -69.68 -9.02
C GLN G 116 28.69 -68.93 -8.43
N VAL G 117 27.59 -68.82 -9.20
CA VAL G 117 26.37 -68.24 -8.66
C VAL G 117 25.81 -69.10 -7.52
N GLU G 118 25.86 -70.42 -7.68
CA GLU G 118 25.41 -71.31 -6.60
C GLU G 118 26.32 -71.25 -5.38
N ILE G 119 27.62 -71.03 -5.58
CA ILE G 119 28.55 -70.88 -4.46
C ILE G 119 28.25 -69.60 -3.69
N ILE G 120 27.99 -68.50 -4.39
CA ILE G 120 27.68 -67.25 -3.69
C ILE G 120 26.32 -67.35 -3.00
N MET G 121 25.37 -68.08 -3.59
CA MET G 121 24.11 -68.31 -2.89
C MET G 121 24.29 -69.18 -1.65
N ALA G 122 25.23 -70.13 -1.69
CA ALA G 122 25.53 -70.89 -0.48
C ALA G 122 26.20 -70.03 0.57
N MET G 123 27.02 -69.07 0.16
CA MET G 123 27.59 -68.11 1.11
C MET G 123 26.51 -67.24 1.74
N GLU G 124 25.52 -66.85 0.95
CA GLU G 124 24.40 -66.06 1.46
C GLU G 124 23.55 -66.86 2.44
N ASP G 125 23.30 -68.14 2.14
CA ASP G 125 22.57 -68.99 3.06
C ASP G 125 23.40 -69.32 4.30
N GLU G 126 24.73 -69.31 4.17
CA GLU G 126 25.60 -69.62 5.28
C GLU G 126 25.70 -68.47 6.27
N PHE G 127 25.87 -67.25 5.77
CA PHE G 127 26.11 -66.10 6.64
C PHE G 127 24.90 -65.21 6.80
N GLY G 128 23.79 -65.52 6.13
CA GLY G 128 22.54 -64.84 6.40
C GLY G 128 22.41 -63.44 5.86
N PHE G 129 23.17 -63.08 4.82
CA PHE G 129 23.01 -61.77 4.22
C PHE G 129 23.31 -61.90 2.73
N GLU G 130 22.67 -61.03 1.94
CA GLU G 130 22.78 -61.10 0.50
C GLU G 130 24.03 -60.38 0.01
N ILE G 131 24.74 -61.01 -0.92
CA ILE G 131 25.76 -60.35 -1.71
C ILE G 131 25.11 -59.89 -3.01
N PRO G 132 25.17 -58.60 -3.35
CA PRO G 132 24.62 -58.15 -4.63
C PRO G 132 25.43 -58.69 -5.80
N ASP G 133 24.76 -58.78 -6.95
CA ASP G 133 25.28 -59.52 -8.10
C ASP G 133 26.50 -58.85 -8.69
N ILE G 134 26.55 -57.52 -8.67
CA ILE G 134 27.71 -56.78 -9.16
C ILE G 134 28.92 -57.02 -8.26
N ASP G 135 28.70 -57.30 -6.98
CA ASP G 135 29.77 -57.74 -6.10
C ASP G 135 29.95 -59.24 -6.12
N ALA G 136 28.92 -60.00 -6.46
CA ALA G 136 28.99 -61.46 -6.44
C ALA G 136 29.79 -62.00 -7.62
N GLU G 137 29.68 -61.37 -8.77
CA GLU G 137 30.34 -61.87 -9.97
C GLU G 137 31.82 -61.52 -10.01
N LYS G 138 32.36 -60.89 -8.98
CA LYS G 138 33.76 -60.57 -8.87
C LYS G 138 34.46 -61.39 -7.81
N LEU G 139 33.74 -62.23 -7.08
CA LEU G 139 34.31 -63.08 -6.04
C LEU G 139 34.62 -64.42 -6.67
N MET G 140 35.89 -64.63 -7.02
CA MET G 140 36.29 -65.82 -7.77
C MET G 140 37.26 -66.72 -7.02
N CYS G 141 37.49 -66.48 -5.74
CA CYS G 141 38.26 -67.39 -4.91
C CYS G 141 37.67 -67.34 -3.52
N PRO G 142 37.97 -68.31 -2.65
CA PRO G 142 37.49 -68.21 -1.26
C PRO G 142 38.03 -67.01 -0.51
N GLN G 143 39.23 -66.53 -0.83
CA GLN G 143 39.79 -65.39 -0.11
C GLN G 143 39.04 -64.11 -0.43
N GLU G 144 38.58 -63.94 -1.68
CA GLU G 144 37.78 -62.77 -2.02
C GLU G 144 36.42 -62.80 -1.32
N ILE G 145 35.84 -63.99 -1.15
CA ILE G 145 34.58 -64.13 -0.42
C ILE G 145 34.78 -63.79 1.06
N VAL G 146 35.86 -64.31 1.65
CA VAL G 146 36.18 -64.03 3.05
C VAL G 146 36.44 -62.54 3.26
N ASP G 147 37.13 -61.91 2.32
CA ASP G 147 37.41 -60.48 2.43
C ASP G 147 36.16 -59.64 2.23
N TYR G 148 35.22 -60.10 1.40
CA TYR G 148 33.97 -59.36 1.23
C TYR G 148 33.12 -59.43 2.49
N ILE G 149 32.98 -60.64 3.05
CA ILE G 149 32.20 -60.81 4.28
C ILE G 149 32.89 -60.11 5.45
N ALA G 150 34.22 -60.03 5.42
CA ALA G 150 34.98 -59.27 6.40
C ALA G 150 34.69 -57.79 6.30
N ASP G 151 34.68 -57.25 5.07
CA ASP G 151 34.47 -55.83 4.88
C ASP G 151 33.04 -55.44 5.19
N LYS G 152 32.08 -56.32 4.96
CA LYS G 152 30.70 -55.97 5.26
C LYS G 152 30.36 -56.15 6.72
N LYS G 153 30.80 -57.26 7.33
CA LYS G 153 30.49 -57.50 8.74
C LYS G 153 31.41 -56.74 9.70
N ASP G 154 32.43 -56.04 9.18
CA ASP G 154 33.34 -55.19 9.95
C ASP G 154 34.07 -55.98 11.03
N VAL G 155 34.86 -56.95 10.60
CA VAL G 155 35.53 -57.85 11.52
C VAL G 155 36.94 -57.35 11.78
N TYR G 156 37.53 -57.86 12.87
CA TYR G 156 38.74 -57.34 13.51
C TYR G 156 38.63 -55.84 13.78
N GLU G 157 37.69 -55.53 14.66
CA GLU G 157 37.63 -54.24 15.32
C GLU G 157 38.72 -54.16 16.36
N PRO H 2 -42.40 44.46 -15.83
CA PRO H 2 -42.61 45.48 -14.80
C PRO H 2 -43.73 46.46 -15.14
N GLY H 3 -43.61 47.70 -14.67
CA GLY H 3 -44.69 48.66 -14.75
C GLY H 3 -44.57 49.62 -15.92
N ILE H 4 -45.66 50.36 -16.15
CA ILE H 4 -45.67 51.41 -17.15
C ILE H 4 -44.81 52.56 -16.67
N VAL H 5 -43.92 53.04 -17.54
CA VAL H 5 -43.20 54.28 -17.24
C VAL H 5 -44.16 55.45 -17.40
N GLU H 6 -44.11 56.38 -16.45
CA GLU H 6 -45.06 57.49 -16.38
C GLU H 6 -44.36 58.75 -16.87
N LEU H 7 -44.64 59.15 -18.07
CA LEU H 7 -44.12 60.34 -18.71
C LEU H 7 -45.18 61.44 -18.75
N PRO H 8 -44.78 62.70 -18.66
CA PRO H 8 -45.74 63.78 -18.86
C PRO H 8 -46.14 63.90 -20.31
N SER H 9 -47.29 64.52 -20.54
CA SER H 9 -47.81 64.67 -21.89
C SER H 9 -47.06 65.80 -22.62
N LEU H 10 -47.39 65.95 -23.90
CA LEU H 10 -46.73 66.98 -24.70
C LEU H 10 -47.18 68.38 -24.33
N GLU H 11 -48.43 68.52 -23.87
CA GLU H 11 -48.90 69.82 -23.41
C GLU H 11 -48.30 70.20 -22.06
N ASP H 12 -47.82 69.21 -21.29
CA ASP H 12 -47.18 69.51 -20.03
C ASP H 12 -45.78 70.08 -20.21
N LEU H 13 -45.19 69.90 -21.39
CA LEU H 13 -43.81 70.30 -21.65
C LEU H 13 -43.72 71.58 -22.46
N LYS H 14 -44.85 72.16 -22.87
CA LYS H 14 -44.83 73.36 -23.70
C LYS H 14 -44.57 74.58 -22.83
N VAL H 15 -43.51 75.32 -23.16
CA VAL H 15 -43.15 76.53 -22.45
C VAL H 15 -42.43 77.43 -23.44
N GLN H 16 -42.47 78.74 -23.19
CA GLN H 16 -41.83 79.69 -24.08
C GLN H 16 -40.31 79.60 -23.91
N GLU H 17 -39.65 79.00 -24.90
CA GLU H 17 -38.22 78.72 -24.80
C GLU H 17 -37.40 80.00 -24.94
N VAL H 18 -36.17 79.93 -24.47
CA VAL H 18 -35.21 81.02 -24.65
C VAL H 18 -34.55 80.78 -26.00
N LYS H 19 -35.10 81.39 -27.04
CA LYS H 19 -34.69 81.11 -28.41
C LYS H 19 -33.51 81.98 -28.84
N VAL H 20 -32.43 81.99 -28.06
CA VAL H 20 -31.24 82.74 -28.43
C VAL H 20 -30.08 81.76 -28.57
N SER H 21 -29.01 82.22 -29.21
CA SER H 21 -27.88 81.36 -29.49
C SER H 21 -26.97 81.24 -28.27
N SER H 22 -25.91 80.45 -28.40
CA SER H 22 -25.04 80.20 -27.26
C SER H 22 -24.12 81.37 -26.96
N SER H 23 -23.78 82.16 -27.97
CA SER H 23 -22.97 83.35 -27.71
C SER H 23 -23.77 84.45 -27.06
N VAL H 24 -25.07 84.52 -27.35
CA VAL H 24 -25.96 85.45 -26.66
C VAL H 24 -26.09 85.06 -25.20
N LEU H 25 -26.10 83.75 -24.92
CA LEU H 25 -26.16 83.28 -23.55
C LEU H 25 -24.84 83.49 -22.82
N LYS H 26 -23.71 83.22 -23.49
CA LYS H 26 -22.42 83.33 -22.84
C LYS H 26 -22.02 84.78 -22.63
N ALA H 27 -22.51 85.68 -23.48
CA ALA H 27 -22.25 87.10 -23.28
C ALA H 27 -23.00 87.65 -22.09
N ALA H 28 -24.21 87.15 -21.83
CA ALA H 28 -25.02 87.60 -20.71
C ALA H 28 -24.92 86.69 -19.51
N ALA H 29 -23.89 85.85 -19.44
CA ALA H 29 -23.88 84.73 -18.51
C ALA H 29 -23.67 85.17 -17.07
N HIS H 30 -22.76 86.13 -16.84
CA HIS H 30 -22.46 86.54 -15.48
C HIS H 30 -23.61 87.33 -14.86
N HIS H 31 -24.24 88.21 -15.63
CA HIS H 31 -25.41 88.90 -15.12
C HIS H 31 -26.61 87.98 -15.01
N TYR H 32 -26.66 86.91 -15.79
CA TYR H 32 -27.71 85.91 -15.62
C TYR H 32 -27.50 85.12 -14.33
N GLY H 33 -26.25 84.79 -14.01
CA GLY H 33 -25.95 84.13 -12.76
C GLY H 33 -26.13 85.02 -11.55
N ALA H 34 -26.03 86.34 -11.73
CA ALA H 34 -26.31 87.25 -10.64
C ALA H 34 -27.81 87.47 -10.45
N GLN H 35 -28.51 87.89 -11.51
CA GLN H 35 -29.89 88.33 -11.36
C GLN H 35 -30.88 87.18 -11.30
N CYS H 36 -30.62 86.08 -12.00
CA CYS H 36 -31.53 84.95 -12.03
C CYS H 36 -31.05 83.84 -11.11
N ASP H 37 -30.53 84.22 -9.94
CA ASP H 37 -29.97 83.27 -8.99
C ASP H 37 -31.05 82.35 -8.41
N LYS H 38 -32.13 82.94 -7.90
CA LYS H 38 -33.01 82.21 -6.98
C LYS H 38 -33.82 81.11 -7.64
N PRO H 39 -34.54 81.31 -8.78
CA PRO H 39 -35.23 80.16 -9.37
C PRO H 39 -34.29 79.14 -9.99
N ASN H 40 -33.12 79.57 -10.47
CA ASN H 40 -32.14 78.62 -10.98
C ASN H 40 -31.62 77.71 -9.87
N LYS H 41 -31.35 78.27 -8.69
CA LYS H 41 -30.85 77.43 -7.61
C LYS H 41 -31.95 76.58 -6.99
N GLU H 42 -33.19 77.08 -6.94
CA GLU H 42 -34.32 76.24 -6.55
C GLU H 42 -34.48 75.07 -7.52
N PHE H 43 -34.30 75.32 -8.81
CA PHE H 43 -34.41 74.26 -9.80
C PHE H 43 -33.27 73.24 -9.69
N MET H 44 -32.03 73.69 -9.53
CA MET H 44 -30.93 72.74 -9.47
C MET H 44 -30.92 71.99 -8.14
N LEU H 45 -31.42 72.60 -7.08
CA LEU H 45 -31.62 71.88 -5.84
C LEU H 45 -32.70 70.82 -5.99
N CYS H 46 -33.81 71.16 -6.66
CA CYS H 46 -34.86 70.19 -6.93
C CYS H 46 -34.37 69.08 -7.85
N ARG H 47 -33.41 69.41 -8.72
CA ARG H 47 -32.91 68.50 -9.72
C ARG H 47 -31.94 67.49 -9.12
N TRP H 48 -31.06 67.94 -8.21
CA TRP H 48 -30.22 66.99 -7.48
C TRP H 48 -30.93 66.30 -6.33
N GLU H 49 -32.05 66.83 -5.83
CA GLU H 49 -32.71 66.10 -4.74
C GLU H 49 -33.75 65.11 -5.25
N GLU H 50 -34.55 65.47 -6.25
CA GLU H 50 -35.52 64.54 -6.79
C GLU H 50 -34.86 63.42 -7.58
N LYS H 51 -33.75 63.73 -8.28
CA LYS H 51 -33.01 62.82 -9.17
C LYS H 51 -33.91 62.27 -10.27
N ASP H 52 -34.86 63.08 -10.71
CA ASP H 52 -35.92 62.72 -11.64
C ASP H 52 -36.39 64.02 -12.29
N PRO H 53 -36.23 64.18 -13.61
CA PRO H 53 -36.65 65.43 -14.26
C PRO H 53 -38.15 65.62 -14.29
N ARG H 54 -38.92 64.54 -14.22
CA ARG H 54 -40.38 64.64 -14.28
C ARG H 54 -40.95 65.31 -13.05
N ARG H 55 -40.25 65.24 -11.92
CA ARG H 55 -40.62 65.95 -10.71
C ARG H 55 -39.94 67.32 -10.61
N CYS H 56 -39.41 67.83 -11.72
CA CYS H 56 -38.68 69.10 -11.71
C CYS H 56 -39.15 70.03 -12.81
N LEU H 57 -40.32 69.79 -13.41
CA LEU H 57 -40.73 70.53 -14.58
C LEU H 57 -41.16 71.95 -14.21
N GLU H 58 -41.95 72.08 -13.15
CA GLU H 58 -42.55 73.36 -12.78
C GLU H 58 -41.48 74.37 -12.37
N GLU H 59 -40.56 73.95 -11.50
CA GLU H 59 -39.39 74.77 -11.17
C GLU H 59 -38.58 75.09 -12.42
N GLY H 60 -38.47 74.14 -13.34
CA GLY H 60 -37.79 74.39 -14.59
C GLY H 60 -38.48 75.44 -15.42
N LYS H 61 -39.81 75.45 -15.39
CA LYS H 61 -40.57 76.50 -16.08
C LYS H 61 -40.29 77.86 -15.48
N LEU H 62 -40.06 77.90 -14.15
CA LEU H 62 -39.68 79.15 -13.50
C LEU H 62 -38.35 79.66 -14.03
N VAL H 63 -37.42 78.73 -14.31
CA VAL H 63 -36.18 79.08 -14.99
C VAL H 63 -36.47 79.70 -16.34
N ASN H 64 -37.35 79.04 -17.11
CA ASN H 64 -37.70 79.56 -18.41
C ASN H 64 -38.64 80.76 -18.28
N GLN H 65 -39.17 81.03 -17.09
CA GLN H 65 -39.87 82.28 -16.87
C GLN H 65 -38.89 83.40 -16.54
N CYS H 66 -37.80 83.08 -15.83
CA CYS H 66 -36.94 84.12 -15.29
C CYS H 66 -35.82 84.51 -16.24
N ALA H 67 -35.45 83.63 -17.16
CA ALA H 67 -34.43 83.96 -18.14
C ALA H 67 -34.94 85.00 -19.13
N LEU H 68 -36.17 84.81 -19.62
CA LEU H 68 -36.73 85.69 -20.64
C LEU H 68 -36.94 87.11 -20.12
N GLU H 69 -37.40 87.22 -18.88
CA GLU H 69 -37.51 88.52 -18.23
C GLU H 69 -36.14 89.14 -17.98
N PHE H 70 -35.10 88.30 -17.87
CA PHE H 70 -33.74 88.80 -17.87
C PHE H 70 -33.37 89.43 -19.20
N PHE H 71 -33.81 88.85 -20.32
CA PHE H 71 -33.37 89.37 -21.60
C PHE H 71 -34.21 90.55 -22.06
N ARG H 72 -35.52 90.54 -21.76
CA ARG H 72 -36.37 91.69 -22.10
C ARG H 72 -35.91 92.94 -21.39
N GLN H 73 -35.49 92.81 -20.13
CA GLN H 73 -34.93 93.94 -19.40
C GLN H 73 -33.59 94.38 -19.97
N ILE H 74 -32.89 93.50 -20.67
CA ILE H 74 -31.75 93.94 -21.48
C ILE H 74 -32.25 94.55 -22.79
N LYS H 75 -33.32 93.99 -23.36
CA LYS H 75 -33.80 94.45 -24.65
C LYS H 75 -34.49 95.81 -24.53
N ARG H 76 -35.12 96.10 -23.39
CA ARG H 76 -35.78 97.39 -23.24
C ARG H 76 -34.79 98.52 -23.02
N HIS H 77 -33.61 98.23 -22.46
CA HIS H 77 -32.70 99.29 -22.03
C HIS H 77 -31.39 99.30 -22.80
N CYS H 78 -30.69 98.17 -22.87
CA CYS H 78 -29.31 98.11 -23.34
C CYS H 78 -29.18 97.10 -24.47
N ALA H 79 -30.05 97.21 -25.47
CA ALA H 79 -30.08 96.24 -26.56
C ALA H 79 -28.86 96.37 -27.47
N GLU H 80 -28.42 97.58 -27.75
CA GLU H 80 -27.35 97.77 -28.73
C GLU H 80 -25.94 97.51 -28.20
N PRO H 81 -25.52 97.94 -26.98
CA PRO H 81 -24.22 97.49 -26.49
C PRO H 81 -24.15 96.00 -26.24
N PHE H 82 -25.25 95.39 -25.79
CA PHE H 82 -25.28 93.94 -25.68
C PHE H 82 -25.22 93.27 -27.04
N THR H 83 -25.84 93.87 -28.06
CA THR H 83 -25.81 93.28 -29.39
C THR H 83 -24.40 93.29 -29.96
N GLU H 84 -23.70 94.42 -29.80
CA GLU H 84 -22.30 94.49 -30.21
C GLU H 84 -21.44 93.52 -29.40
N TYR H 85 -21.75 93.34 -28.11
CA TYR H 85 -20.93 92.48 -27.28
C TYR H 85 -21.12 91.00 -27.61
N TRP H 86 -22.37 90.54 -27.81
CA TRP H 86 -22.50 89.14 -28.18
C TRP H 86 -22.10 88.90 -29.63
N THR H 87 -22.12 89.93 -30.48
CA THR H 87 -21.57 89.75 -31.83
C THR H 87 -20.06 89.53 -31.77
N CYS H 88 -19.36 90.31 -30.93
CA CYS H 88 -17.92 90.15 -30.80
C CYS H 88 -17.55 88.83 -30.12
N ILE H 89 -18.35 88.39 -29.14
CA ILE H 89 -18.17 87.05 -28.57
C ILE H 89 -18.45 85.99 -29.63
N ASP H 90 -19.45 86.22 -30.47
CA ASP H 90 -19.90 85.26 -31.46
C ASP H 90 -18.89 85.08 -32.60
N TYR H 91 -18.00 86.06 -32.81
CA TYR H 91 -16.99 85.91 -33.86
C TYR H 91 -16.02 84.78 -33.56
N SER H 92 -15.59 84.64 -32.30
CA SER H 92 -14.48 83.76 -32.00
C SER H 92 -14.91 82.30 -31.99
N GLY H 93 -13.94 81.41 -32.20
CA GLY H 93 -14.20 80.00 -32.24
C GLY H 93 -14.42 79.41 -30.86
N LEU H 94 -13.48 79.65 -29.96
CA LEU H 94 -13.62 79.25 -28.56
C LEU H 94 -14.45 80.23 -27.73
N GLN H 95 -14.92 81.32 -28.35
CA GLN H 95 -15.75 82.35 -27.73
C GLN H 95 -15.06 82.97 -26.51
N LEU H 96 -13.93 83.61 -26.79
CA LEU H 96 -13.08 84.12 -25.71
C LEU H 96 -13.69 85.36 -25.09
N PHE H 97 -13.73 85.40 -23.77
CA PHE H 97 -14.03 86.65 -23.07
C PHE H 97 -12.88 87.63 -23.18
N ARG H 98 -11.66 87.13 -23.37
CA ARG H 98 -10.48 88.00 -23.33
C ARG H 98 -10.28 88.77 -24.62
N ARG H 99 -10.94 88.40 -25.70
CA ARG H 99 -10.84 89.11 -26.96
C ARG H 99 -11.86 90.24 -27.08
N CYS H 100 -12.70 90.45 -26.08
CA CYS H 100 -13.86 91.33 -26.21
C CYS H 100 -14.02 92.21 -24.99
N ARG H 101 -12.91 92.70 -24.43
CA ARG H 101 -12.99 93.40 -23.15
C ARG H 101 -13.56 94.82 -23.28
N LYS H 102 -13.43 95.46 -24.43
CA LYS H 102 -13.95 96.81 -24.54
C LYS H 102 -15.47 96.82 -24.70
N GLU H 103 -16.03 95.87 -25.46
CA GLU H 103 -17.48 95.74 -25.54
C GLU H 103 -18.04 95.23 -24.23
N GLN H 104 -17.28 94.43 -23.50
CA GLN H 104 -17.66 94.02 -22.15
C GLN H 104 -17.72 95.21 -21.21
N ALA H 105 -16.74 96.11 -21.31
CA ALA H 105 -16.74 97.30 -20.45
C ALA H 105 -17.90 98.23 -20.79
N GLN H 106 -18.20 98.37 -22.09
CA GLN H 106 -19.34 99.19 -22.49
C GLN H 106 -20.67 98.58 -22.03
N PHE H 107 -20.80 97.27 -22.15
CA PHE H 107 -22.01 96.59 -21.71
C PHE H 107 -22.18 96.66 -20.20
N ASP H 108 -21.11 96.44 -19.44
CA ASP H 108 -21.19 96.50 -17.99
C ASP H 108 -21.46 97.92 -17.52
N LYS H 109 -20.89 98.93 -18.19
CA LYS H 109 -21.17 100.31 -17.83
C LYS H 109 -22.61 100.70 -18.12
N CYS H 110 -23.14 100.28 -19.27
CA CYS H 110 -24.51 100.62 -19.63
C CYS H 110 -25.51 99.89 -18.75
N VAL H 111 -25.19 98.65 -18.35
CA VAL H 111 -26.05 97.90 -17.44
C VAL H 111 -26.03 98.49 -16.04
N LEU H 112 -24.83 98.82 -15.54
CA LEU H 112 -24.71 99.38 -14.19
C LEU H 112 -25.33 100.77 -14.10
N ASP H 113 -25.32 101.53 -15.19
CA ASP H 113 -25.98 102.82 -15.17
C ASP H 113 -27.49 102.68 -15.29
N LYS H 114 -27.97 101.95 -16.30
CA LYS H 114 -29.39 101.95 -16.59
C LYS H 114 -30.19 100.94 -15.78
N LEU H 115 -29.57 99.88 -15.27
CA LEU H 115 -30.28 98.86 -14.52
C LEU H 115 -29.71 98.59 -13.13
N GLY H 116 -28.47 98.97 -12.86
CA GLY H 116 -27.92 98.80 -11.52
C GLY H 116 -27.53 97.38 -11.18
N TRP H 117 -26.95 96.64 -12.12
CA TRP H 117 -26.50 95.28 -11.88
C TRP H 117 -24.98 95.28 -11.75
N VAL H 118 -24.48 94.64 -10.71
CA VAL H 118 -23.04 94.46 -10.53
C VAL H 118 -22.67 93.13 -11.17
N ARG H 119 -21.65 93.14 -12.01
CA ARG H 119 -21.14 91.89 -12.59
C ARG H 119 -20.44 91.10 -11.50
N PRO H 120 -20.68 89.79 -11.40
CA PRO H 120 -19.99 88.98 -10.39
C PRO H 120 -18.51 88.90 -10.66
N ASP H 121 -17.72 88.91 -9.59
CA ASP H 121 -16.27 88.95 -9.70
C ASP H 121 -15.74 87.55 -10.01
N LEU H 122 -14.42 87.42 -9.99
CA LEU H 122 -13.78 86.13 -10.20
C LEU H 122 -13.88 85.32 -8.92
N GLY H 123 -14.75 84.30 -8.91
CA GLY H 123 -14.90 83.44 -7.77
C GLY H 123 -16.31 83.36 -7.22
N GLU H 124 -17.21 84.25 -7.61
CA GLU H 124 -18.50 84.32 -6.93
C GLU H 124 -19.49 83.30 -7.46
N LEU H 125 -19.59 83.13 -8.78
CA LEU H 125 -20.61 82.26 -9.35
C LEU H 125 -20.36 80.78 -9.10
N SER H 126 -19.19 80.40 -8.60
CA SER H 126 -18.90 79.03 -8.25
C SER H 126 -19.16 78.72 -6.79
N LYS H 127 -19.79 79.63 -6.06
CA LYS H 127 -20.07 79.38 -4.65
C LYS H 127 -21.22 78.41 -4.49
N VAL H 128 -21.20 77.69 -3.36
CA VAL H 128 -22.30 76.82 -2.97
C VAL H 128 -23.20 77.64 -2.06
N THR H 129 -24.43 77.88 -2.50
CA THR H 129 -25.34 78.76 -1.79
C THR H 129 -26.47 77.96 -1.17
N LYS H 130 -27.11 78.55 -0.16
CA LYS H 130 -28.23 77.91 0.53
C LYS H 130 -29.54 78.41 -0.07
N VAL H 131 -30.49 77.49 -0.20
CA VAL H 131 -31.74 77.74 -0.92
C VAL H 131 -32.90 77.47 0.03
N LYS H 132 -33.80 78.45 0.15
CA LYS H 132 -34.97 78.34 1.02
C LYS H 132 -36.16 77.91 0.17
N THR H 133 -36.54 76.64 0.25
CA THR H 133 -37.69 76.11 -0.45
C THR H 133 -38.76 75.65 0.53
N ASP H 134 -39.99 75.57 0.03
CA ASP H 134 -41.12 75.04 0.78
C ASP H 134 -41.53 73.64 0.35
N ARG H 135 -40.93 73.11 -0.71
CA ARG H 135 -41.20 71.75 -1.11
C ARG H 135 -40.56 70.78 -0.10
N PRO H 136 -41.15 69.60 0.11
CA PRO H 136 -40.59 68.68 1.10
C PRO H 136 -39.32 68.00 0.61
N LEU H 137 -38.50 67.60 1.56
CA LEU H 137 -37.33 66.79 1.25
C LEU H 137 -37.80 65.40 0.84
N PRO H 138 -37.34 64.86 -0.28
CA PRO H 138 -37.77 63.51 -0.70
C PRO H 138 -37.21 62.45 0.23
N GLU H 139 -38.12 61.66 0.82
CA GLU H 139 -37.72 60.68 1.81
C GLU H 139 -37.08 59.45 1.19
N ASN H 140 -37.30 59.21 -0.09
CA ASN H 140 -36.69 58.07 -0.79
C ASN H 140 -36.52 58.43 -2.25
N PRO H 141 -35.47 59.21 -2.58
CA PRO H 141 -35.29 59.65 -3.97
C PRO H 141 -34.77 58.56 -4.89
N TYR H 142 -34.32 57.44 -4.34
CA TYR H 142 -33.86 56.32 -5.15
C TYR H 142 -34.93 55.28 -5.39
N HIS H 143 -36.16 55.52 -4.89
CA HIS H 143 -37.30 54.60 -5.00
C HIS H 143 -36.93 53.21 -4.49
N SER H 144 -36.16 53.18 -3.41
CA SER H 144 -35.58 51.94 -2.90
C SER H 144 -36.64 51.17 -2.12
N ARG H 145 -36.21 50.07 -1.52
CA ARG H 145 -37.13 49.25 -0.75
C ARG H 145 -36.47 48.82 0.56
N ALA H 146 -37.11 47.88 1.26
CA ALA H 146 -36.63 47.45 2.57
C ALA H 146 -35.31 46.70 2.42
N ARG H 147 -34.28 47.19 3.08
CA ARG H 147 -33.02 46.48 3.13
C ARG H 147 -33.18 45.19 3.92
N PRO H 148 -32.51 44.11 3.53
CA PRO H 148 -32.70 42.83 4.22
C PRO H 148 -32.13 42.86 5.63
N GLU H 149 -32.71 42.01 6.48
CA GLU H 149 -32.28 41.96 7.87
C GLU H 149 -30.88 41.35 7.96
N PRO H 150 -29.96 41.97 8.68
CA PRO H 150 -28.60 41.43 8.76
C PRO H 150 -28.56 40.19 9.64
N ASN H 151 -27.48 39.44 9.50
CA ASN H 151 -27.27 38.26 10.31
C ASN H 151 -27.02 38.69 11.76
N PRO H 152 -27.47 37.88 12.73
CA PRO H 152 -27.28 38.25 14.14
C PRO H 152 -25.82 38.22 14.53
N GLU H 153 -25.43 39.17 15.38
CA GLU H 153 -24.04 39.29 15.78
C GLU H 153 -23.66 38.19 16.78
N VAL H 154 -22.42 38.24 17.23
CA VAL H 154 -21.94 37.35 18.28
C VAL H 154 -22.06 38.05 19.63
N GLU H 155 -22.52 37.32 20.63
CA GLU H 155 -22.64 37.88 21.96
C GLU H 155 -22.50 36.76 22.98
N GLY H 156 -22.20 37.15 24.22
CA GLY H 156 -21.95 36.19 25.27
C GLY H 156 -20.47 35.97 25.47
N ASP H 157 -20.11 35.57 26.70
CA ASP H 157 -18.72 35.30 27.01
C ASP H 157 -18.28 33.99 26.38
N LEU H 158 -17.05 33.97 25.88
CA LEU H 158 -16.55 32.84 25.11
C LEU H 158 -16.11 31.74 26.08
N LYS H 159 -16.91 30.69 26.18
CA LYS H 159 -16.58 29.55 27.01
C LYS H 159 -15.61 28.63 26.26
N PRO H 160 -14.88 27.77 26.97
CA PRO H 160 -14.00 26.81 26.29
C PRO H 160 -14.80 25.80 25.47
N ALA H 161 -14.07 25.13 24.58
CA ALA H 161 -14.69 24.14 23.71
C ALA H 161 -15.13 22.92 24.52
N ARG H 162 -16.32 22.43 24.22
CA ARG H 162 -16.88 21.29 24.92
C ARG H 162 -16.09 20.04 24.55
N HIS H 163 -15.38 19.49 25.55
CA HIS H 163 -14.56 18.29 25.43
C HIS H 163 -13.46 18.45 24.38
N GLY H 164 -12.94 19.66 24.24
CA GLY H 164 -11.82 19.91 23.34
C GLY H 164 -12.20 19.98 21.88
N SER H 165 -11.39 19.33 21.04
CA SER H 165 -11.54 19.47 19.59
C SER H 165 -12.62 18.57 19.02
N ARG H 166 -12.88 17.43 19.69
CA ARG H 166 -13.80 16.38 19.21
C ARG H 166 -13.42 15.90 17.81
N LEU H 167 -12.14 15.67 17.59
CA LEU H 167 -11.64 15.18 16.31
C LEU H 167 -11.22 13.74 16.51
N PHE H 168 -12.18 12.83 16.38
CA PHE H 168 -12.09 11.37 16.33
C PHE H 168 -11.61 10.68 17.59
N PHE H 169 -10.56 11.20 18.23
CA PHE H 169 -10.09 10.63 19.48
C PHE H 169 -9.29 11.62 20.31
N TRP H 170 -9.07 12.83 19.81
CA TRP H 170 -8.22 13.77 20.53
C TRP H 170 -9.04 14.38 21.66
N THR H 171 -8.66 14.02 22.89
CA THR H 171 -9.39 14.45 24.08
C THR H 171 -9.06 15.87 24.49
N MET H 172 -8.11 16.53 23.82
CA MET H 172 -7.96 17.97 23.94
C MET H 172 -8.11 18.63 22.58
N SER I 3 -18.34 -28.09 53.04
CA SER I 3 -19.60 -28.71 52.67
C SER I 3 -20.38 -27.84 51.69
N TRP I 4 -21.60 -28.27 51.39
CA TRP I 4 -22.47 -27.55 50.47
C TRP I 4 -23.86 -27.50 51.06
N ASP I 5 -24.83 -27.09 50.25
CA ASP I 5 -26.23 -27.05 50.67
C ASP I 5 -26.94 -28.26 50.10
N LYS I 6 -27.59 -29.02 50.98
CA LYS I 6 -28.18 -30.29 50.58
C LYS I 6 -29.49 -30.13 49.81
N ASP I 7 -30.03 -28.92 49.71
CA ASP I 7 -31.29 -28.69 49.02
C ASP I 7 -31.09 -28.28 47.57
N VAL I 8 -30.03 -27.54 47.27
CA VAL I 8 -29.75 -27.19 45.89
C VAL I 8 -28.99 -28.33 45.19
N TYR I 9 -28.27 -29.15 45.94
CA TYR I 9 -27.65 -30.38 45.42
C TYR I 9 -28.25 -31.56 46.16
N PRO I 10 -29.43 -32.03 45.76
CA PRO I 10 -30.12 -33.04 46.54
C PRO I 10 -29.55 -34.43 46.33
N GLU I 11 -29.59 -35.23 47.39
CA GLU I 11 -29.20 -36.63 47.33
C GLU I 11 -30.23 -37.41 48.12
N PRO I 12 -30.72 -38.52 47.60
CA PRO I 12 -31.56 -39.42 48.39
C PRO I 12 -30.74 -40.09 49.49
N PRO I 13 -31.37 -40.57 50.56
CA PRO I 13 -30.60 -41.18 51.65
C PRO I 13 -29.97 -42.49 51.23
N ARG I 14 -28.69 -42.66 51.55
CA ARG I 14 -27.97 -43.87 51.22
C ARG I 14 -28.47 -45.02 52.07
N ARG I 15 -28.80 -46.14 51.43
CA ARG I 15 -29.27 -47.34 52.11
C ARG I 15 -28.28 -48.45 51.78
N THR I 16 -27.26 -48.59 52.64
CA THR I 16 -26.36 -49.68 52.32
C THR I 16 -26.82 -50.96 53.00
N PRO I 17 -26.65 -52.12 52.37
CA PRO I 17 -27.04 -53.36 53.03
C PRO I 17 -26.00 -53.81 54.03
N ALA I 18 -26.47 -54.50 55.05
CA ALA I 18 -25.56 -55.05 56.05
C ALA I 18 -24.76 -56.20 55.44
N PRO I 19 -23.50 -56.35 55.84
CA PRO I 19 -22.69 -57.49 55.36
C PRO I 19 -23.23 -58.80 55.92
N SER I 20 -23.63 -59.70 55.02
CA SER I 20 -24.12 -61.02 55.38
C SER I 20 -23.22 -62.05 54.70
N PRO I 21 -22.07 -62.36 55.27
CA PRO I 21 -21.15 -63.30 54.62
C PRO I 21 -21.65 -64.74 54.75
N GLN I 22 -21.70 -65.43 53.61
CA GLN I 22 -22.11 -66.83 53.57
C GLN I 22 -20.94 -67.80 53.64
N THR I 23 -19.83 -67.47 52.96
CA THR I 23 -18.68 -68.36 52.96
C THR I 23 -17.89 -68.22 54.25
N SER I 24 -16.92 -69.12 54.42
CA SER I 24 -15.98 -69.05 55.54
C SER I 24 -14.66 -68.40 55.16
N LEU I 25 -14.42 -68.15 53.89
CA LEU I 25 -13.19 -67.50 53.46
C LEU I 25 -13.24 -66.02 53.83
N PRO I 26 -12.23 -65.50 54.52
CA PRO I 26 -12.20 -64.07 54.83
C PRO I 26 -11.87 -63.25 53.58
N ASN I 27 -12.74 -62.30 53.25
CA ASN I 27 -12.50 -61.47 52.09
C ASN I 27 -11.36 -60.49 52.37
N PRO I 28 -10.56 -60.17 51.34
CA PRO I 28 -9.44 -59.24 51.55
C PRO I 28 -9.87 -57.81 51.80
N ILE I 29 -11.12 -57.46 51.50
CA ILE I 29 -11.53 -56.07 51.48
C ILE I 29 -11.69 -55.53 52.90
N THR I 30 -12.12 -56.36 53.84
CA THR I 30 -12.22 -55.91 55.23
C THR I 30 -10.84 -55.66 55.84
N TYR I 31 -9.87 -56.53 55.51
CA TYR I 31 -8.51 -56.32 55.98
C TYR I 31 -7.88 -55.10 55.32
N LEU I 32 -8.19 -54.86 54.04
CA LEU I 32 -7.66 -53.68 53.37
C LEU I 32 -8.34 -52.42 53.86
N THR I 33 -9.60 -52.50 54.29
CA THR I 33 -10.26 -51.35 54.87
C THR I 33 -9.69 -51.02 56.24
N LYS I 34 -9.40 -52.05 57.04
CA LYS I 34 -8.72 -51.84 58.33
C LYS I 34 -7.33 -51.27 58.12
N ALA I 35 -6.59 -51.77 57.13
CA ALA I 35 -5.25 -51.26 56.85
C ALA I 35 -5.29 -49.85 56.30
N PHE I 36 -6.31 -49.51 55.53
CA PHE I 36 -6.44 -48.15 55.02
C PHE I 36 -6.84 -47.19 56.12
N ASP I 37 -7.60 -47.67 57.11
CA ASP I 37 -7.95 -46.80 58.22
C ASP I 37 -6.76 -46.60 59.15
N LEU I 38 -5.98 -47.65 59.37
CA LEU I 38 -4.86 -47.55 60.30
C LEU I 38 -3.66 -46.85 59.69
N LEU I 39 -3.38 -47.06 58.40
CA LEU I 39 -2.17 -46.55 57.78
C LEU I 39 -2.36 -45.22 57.07
N VAL I 40 -3.56 -44.94 56.57
CA VAL I 40 -3.78 -43.81 55.68
C VAL I 40 -4.74 -42.80 56.29
N ASP I 41 -5.90 -43.26 56.77
CA ASP I 41 -6.95 -42.33 57.19
C ASP I 41 -6.57 -41.62 58.47
N ARG I 42 -5.92 -42.32 59.40
CA ARG I 42 -5.50 -41.66 60.64
C ARG I 42 -4.35 -40.67 60.48
N PRO I 43 -3.27 -40.92 59.71
CA PRO I 43 -2.27 -39.85 59.54
C PRO I 43 -2.77 -38.66 58.76
N VAL I 44 -3.58 -38.89 57.71
CA VAL I 44 -4.20 -37.79 56.98
C VAL I 44 -5.14 -37.00 57.87
N THR I 45 -5.86 -37.70 58.77
CA THR I 45 -6.75 -37.03 59.71
C THR I 45 -5.96 -36.19 60.72
N LEU I 46 -4.81 -36.70 61.18
CA LEU I 46 -3.98 -35.93 62.11
C LEU I 46 -3.40 -34.68 61.45
N VAL I 47 -2.93 -34.82 60.20
CA VAL I 47 -2.39 -33.67 59.47
C VAL I 47 -3.47 -32.64 59.21
N ARG I 48 -4.69 -33.10 58.87
CA ARG I 48 -5.77 -32.16 58.63
C ARG I 48 -6.24 -31.50 59.92
N GLU I 49 -6.19 -32.20 61.06
CA GLU I 49 -6.53 -31.55 62.32
C GLU I 49 -5.49 -30.52 62.71
N PHE I 50 -4.21 -30.77 62.40
CA PHE I 50 -3.16 -29.78 62.64
C PHE I 50 -3.38 -28.54 61.78
N ILE I 51 -3.66 -28.75 60.49
CA ILE I 51 -3.92 -27.63 59.58
C ILE I 51 -5.19 -26.88 59.97
N GLU I 52 -6.19 -27.60 60.48
CA GLU I 52 -7.43 -26.99 60.91
C GLU I 52 -7.24 -26.15 62.16
N ARG I 53 -6.37 -26.60 63.08
CA ARG I 53 -6.02 -25.76 64.23
C ARG I 53 -5.29 -24.50 63.77
N GLN I 54 -4.41 -24.63 62.77
CA GLN I 54 -3.71 -23.46 62.26
C GLN I 54 -4.66 -22.51 61.53
N HIS I 55 -5.73 -23.03 60.93
CA HIS I 55 -6.78 -22.16 60.41
C HIS I 55 -7.51 -21.46 61.53
N ALA I 56 -7.82 -22.18 62.60
CA ALA I 56 -8.58 -21.63 63.71
C ALA I 56 -7.81 -20.59 64.50
N LYS I 57 -6.47 -20.59 64.42
CA LYS I 57 -5.69 -19.57 65.11
C LYS I 57 -5.85 -18.18 64.50
N ASN I 58 -6.25 -18.09 63.23
CA ASN I 58 -6.54 -16.80 62.61
C ASN I 58 -7.74 -16.95 61.66
N LYS I 59 -8.89 -16.46 62.11
CA LYS I 59 -10.14 -16.63 61.38
C LYS I 59 -10.52 -15.30 60.73
N TYR I 60 -10.66 -15.31 59.42
CA TYR I 60 -11.12 -14.15 58.68
C TYR I 60 -12.10 -14.62 57.61
N TYR I 61 -12.76 -13.69 56.95
CA TYR I 61 -13.93 -14.02 56.16
C TYR I 61 -13.88 -13.39 54.79
N TYR I 62 -14.56 -14.03 53.83
CA TYR I 62 -14.85 -13.43 52.54
C TYR I 62 -16.37 -13.46 52.37
N TYR I 63 -16.85 -12.62 51.46
CA TYR I 63 -18.28 -12.36 51.35
C TYR I 63 -18.76 -12.66 49.94
N HIS I 64 -20.06 -12.89 49.82
CA HIS I 64 -20.71 -13.06 48.53
C HIS I 64 -21.20 -11.69 48.06
N ARG I 65 -20.75 -11.27 46.88
CA ARG I 65 -21.03 -9.92 46.41
C ARG I 65 -22.49 -9.79 46.00
N GLU I 66 -23.18 -8.84 46.61
CA GLU I 66 -24.60 -8.60 46.35
C GLU I 66 -24.73 -7.43 45.37
N PHE I 67 -25.32 -7.70 44.21
CA PHE I 67 -25.63 -6.67 43.23
C PHE I 67 -27.08 -6.26 43.40
N ARG I 68 -27.33 -4.98 43.66
CA ARG I 68 -28.71 -4.53 43.69
C ARG I 68 -29.25 -4.41 42.28
N ARG I 69 -30.58 -4.48 42.15
CA ARG I 69 -31.24 -4.56 40.86
C ARG I 69 -31.41 -3.15 40.30
N VAL I 70 -30.64 -2.83 39.28
CA VAL I 70 -30.72 -1.54 38.58
C VAL I 70 -31.86 -1.66 37.56
N PRO I 71 -32.35 -0.57 36.98
CA PRO I 71 -33.37 -0.70 35.92
C PRO I 71 -32.88 -1.47 34.70
N ASP I 72 -33.74 -2.35 34.19
CA ASP I 72 -33.41 -3.19 33.05
C ASP I 72 -33.59 -2.42 31.74
N ILE I 73 -33.42 -3.11 30.61
CA ILE I 73 -33.33 -2.45 29.31
C ILE I 73 -34.68 -1.93 28.84
N THR I 74 -35.78 -2.43 29.40
CA THR I 74 -37.10 -2.00 28.93
C THR I 74 -37.44 -0.61 29.40
N GLU I 75 -36.89 -0.17 30.53
CA GLU I 75 -37.11 1.17 31.05
C GLU I 75 -35.86 2.04 30.92
N CYS I 76 -35.06 1.78 29.90
CA CYS I 76 -33.97 2.65 29.49
C CYS I 76 -34.35 3.37 28.21
N HIS I 77 -34.06 4.65 28.15
CA HIS I 77 -34.32 5.43 26.94
C HIS I 77 -33.40 4.97 25.81
N GLU I 78 -33.90 5.11 24.59
CA GLU I 78 -33.13 4.71 23.42
C GLU I 78 -31.91 5.59 23.25
N LYS I 79 -30.74 4.95 23.09
CA LYS I 79 -29.43 5.60 22.93
C LYS I 79 -29.08 6.47 24.14
N ASP I 80 -29.43 5.99 25.33
CA ASP I 80 -29.08 6.64 26.61
C ASP I 80 -28.12 5.70 27.32
N VAL I 81 -26.82 5.91 27.09
CA VAL I 81 -25.81 4.93 27.48
C VAL I 81 -25.64 4.80 29.00
N LEU I 82 -25.97 5.84 29.78
CA LEU I 82 -25.73 5.78 31.21
C LEU I 82 -26.72 4.88 31.92
N CYS I 83 -27.88 4.63 31.32
CA CYS I 83 -28.85 3.68 31.87
C CYS I 83 -28.76 2.32 31.20
N MET I 84 -28.61 2.29 29.88
CA MET I 84 -28.58 1.01 29.19
C MET I 84 -27.24 0.31 29.36
N PHE I 85 -26.19 1.04 29.77
CA PHE I 85 -24.97 0.39 30.25
C PHE I 85 -25.24 -0.43 31.50
N GLU I 86 -25.92 0.15 32.48
CA GLU I 86 -26.22 -0.56 33.71
C GLU I 86 -27.18 -1.72 33.46
N ALA I 87 -28.14 -1.50 32.57
CA ALA I 87 -29.06 -2.57 32.18
C ALA I 87 -28.33 -3.71 31.48
N GLU I 88 -27.34 -3.38 30.64
CA GLU I 88 -26.59 -4.41 29.93
C GLU I 88 -25.69 -5.19 30.88
N MET I 89 -25.07 -4.52 31.85
CA MET I 89 -24.24 -5.24 32.82
C MET I 89 -25.09 -6.14 33.70
N GLN I 90 -26.28 -5.66 34.10
CA GLN I 90 -27.22 -6.48 34.86
C GLN I 90 -27.65 -7.70 34.07
N TRP I 91 -27.91 -7.52 32.77
CA TRP I 91 -28.32 -8.63 31.93
C TRP I 91 -27.20 -9.64 31.73
N LYS I 92 -25.95 -9.17 31.61
CA LYS I 92 -24.84 -10.11 31.45
C LYS I 92 -24.58 -10.90 32.72
N ARG I 93 -24.74 -10.26 33.89
CA ARG I 93 -24.60 -11.00 35.14
C ARG I 93 -25.71 -12.02 35.30
N ASP I 94 -26.96 -11.65 34.97
CA ASP I 94 -28.05 -12.60 35.03
C ASP I 94 -27.91 -13.70 34.00
N TYR I 95 -27.26 -13.40 32.87
CA TYR I 95 -26.95 -14.39 31.85
C TYR I 95 -25.97 -15.43 32.38
N LYS I 96 -24.90 -14.98 33.05
CA LYS I 96 -23.97 -15.92 33.68
C LYS I 96 -24.64 -16.75 34.77
N VAL I 97 -25.53 -16.13 35.55
CA VAL I 97 -26.21 -16.87 36.61
C VAL I 97 -27.14 -17.92 36.04
N ASP I 98 -27.86 -17.59 34.95
CA ASP I 98 -28.74 -18.57 34.31
C ASP I 98 -27.95 -19.71 33.68
N GLN I 99 -26.77 -19.40 33.12
CA GLN I 99 -25.85 -20.42 32.65
C GLN I 99 -25.44 -21.37 33.77
N GLU I 100 -25.12 -20.84 34.94
CA GLU I 100 -24.73 -21.71 36.03
C GLU I 100 -25.91 -22.46 36.64
N ILE I 101 -27.13 -21.93 36.54
CA ILE I 101 -28.31 -22.69 36.95
C ILE I 101 -28.50 -23.91 36.05
N VAL I 102 -28.32 -23.72 34.74
CA VAL I 102 -28.37 -24.85 33.81
C VAL I 102 -27.25 -25.86 34.11
N ASN I 103 -26.07 -25.36 34.51
CA ASN I 103 -24.97 -26.25 34.89
C ASN I 103 -25.30 -27.04 36.17
N ILE I 104 -25.96 -26.41 37.14
CA ILE I 104 -26.35 -27.09 38.37
C ILE I 104 -27.35 -28.20 38.08
N ILE I 105 -28.31 -27.93 37.20
CA ILE I 105 -29.31 -28.96 36.89
C ILE I 105 -28.70 -30.08 36.05
N GLN I 106 -27.70 -29.77 35.22
CA GLN I 106 -26.97 -30.84 34.53
C GLN I 106 -26.19 -31.70 35.50
N GLU I 107 -25.59 -31.09 36.54
CA GLU I 107 -24.91 -31.87 37.57
C GLU I 107 -25.89 -32.78 38.31
N ARG I 108 -27.10 -32.27 38.59
CA ARG I 108 -28.14 -33.10 39.22
C ARG I 108 -28.53 -34.28 38.35
N LEU I 109 -28.67 -34.05 37.05
CA LEU I 109 -29.08 -35.12 36.14
C LEU I 109 -28.01 -36.19 36.01
N LYS I 110 -26.75 -35.78 35.87
CA LYS I 110 -25.66 -36.75 35.74
C LYS I 110 -25.43 -37.51 37.03
N ALA I 111 -25.53 -36.83 38.18
CA ALA I 111 -25.38 -37.49 39.46
C ALA I 111 -26.53 -38.46 39.71
N CYS I 112 -27.74 -38.14 39.26
CA CYS I 112 -28.85 -39.07 39.38
C CYS I 112 -28.62 -40.31 38.53
N GLN I 113 -28.15 -40.11 37.30
CA GLN I 113 -27.93 -41.24 36.39
C GLN I 113 -26.88 -42.19 36.95
N GLN I 114 -25.79 -41.64 37.50
CA GLN I 114 -24.76 -42.48 38.11
C GLN I 114 -25.23 -43.14 39.40
N ARG I 115 -25.88 -42.39 40.29
CA ARG I 115 -26.24 -42.97 41.58
C ARG I 115 -27.38 -43.97 41.46
N GLU I 116 -28.20 -43.89 40.41
CA GLU I 116 -29.22 -44.90 40.22
C GLU I 116 -28.72 -46.08 39.42
N GLY I 117 -27.70 -45.90 38.58
CA GLY I 117 -27.07 -47.06 38.00
C GLY I 117 -27.81 -47.62 36.82
N GLU I 118 -28.55 -48.70 37.04
CA GLU I 118 -29.21 -49.40 35.96
C GLU I 118 -30.69 -49.09 35.87
N SER I 119 -31.34 -48.75 36.98
CA SER I 119 -32.73 -48.32 37.00
C SER I 119 -32.87 -46.80 36.88
N HIS I 120 -31.93 -46.16 36.20
CA HIS I 120 -31.90 -44.71 36.11
C HIS I 120 -32.95 -44.16 35.17
N ARG I 121 -33.45 -44.95 34.24
CA ARG I 121 -34.46 -44.44 33.31
C ARG I 121 -35.80 -44.29 34.01
N GLN I 122 -36.09 -45.17 34.97
CA GLN I 122 -37.28 -44.99 35.79
C GLN I 122 -37.03 -43.98 36.91
N ASN I 123 -35.91 -44.12 37.61
CA ASN I 123 -35.73 -43.43 38.87
C ASN I 123 -35.14 -42.03 38.72
N CYS I 124 -35.03 -41.50 37.52
CA CYS I 124 -34.58 -40.12 37.32
C CYS I 124 -35.51 -39.39 36.37
N ALA I 125 -36.82 -39.58 36.53
CA ALA I 125 -37.77 -38.83 35.72
C ALA I 125 -37.93 -37.40 36.21
N LYS I 126 -37.77 -37.18 37.51
CA LYS I 126 -37.92 -35.82 38.06
C LYS I 126 -36.76 -34.93 37.65
N GLU I 127 -35.53 -35.46 37.71
CA GLU I 127 -34.37 -34.68 37.29
C GLU I 127 -34.38 -34.44 35.79
N LEU I 128 -34.87 -35.40 35.01
CA LEU I 128 -35.02 -35.21 33.57
C LEU I 128 -36.07 -34.16 33.27
N GLN I 129 -37.16 -34.12 34.05
CA GLN I 129 -38.20 -33.13 33.83
C GLN I 129 -37.70 -31.73 34.19
N GLN I 130 -36.96 -31.60 35.30
CA GLN I 130 -36.38 -30.31 35.67
C GLN I 130 -35.37 -29.84 34.65
N PHE I 131 -34.58 -30.77 34.11
CA PHE I 131 -33.60 -30.45 33.07
C PHE I 131 -34.28 -29.99 31.79
N THR I 132 -35.36 -30.67 31.39
CA THR I 132 -36.11 -30.26 30.20
C THR I 132 -36.75 -28.89 30.37
N GLN I 133 -37.30 -28.61 31.56
CA GLN I 133 -37.88 -27.30 31.84
C GLN I 133 -36.83 -26.20 31.78
N VAL I 134 -35.68 -26.41 32.43
CA VAL I 134 -34.70 -25.33 32.50
C VAL I 134 -33.99 -25.14 31.16
N VAL I 135 -33.88 -26.20 30.35
CA VAL I 135 -33.28 -26.05 29.03
C VAL I 135 -34.25 -25.37 28.06
N LYS I 136 -35.55 -25.67 28.18
CA LYS I 136 -36.54 -24.95 27.37
C LYS I 136 -36.60 -23.48 27.73
N ALA I 137 -36.49 -23.16 29.02
CA ALA I 137 -36.47 -21.76 29.44
C ALA I 137 -35.21 -21.05 28.99
N TYR I 138 -34.04 -21.70 29.10
CA TYR I 138 -32.79 -21.12 28.65
C TYR I 138 -32.76 -20.95 27.15
N GLN I 139 -33.43 -21.84 26.40
CA GLN I 139 -33.43 -21.74 24.95
C GLN I 139 -34.39 -20.67 24.48
N ASP I 140 -35.53 -20.53 25.15
CA ASP I 140 -36.42 -19.42 24.82
C ASP I 140 -35.85 -18.09 25.28
N ARG I 141 -34.94 -18.10 26.24
CA ARG I 141 -34.42 -16.85 26.76
C ARG I 141 -33.17 -16.38 26.01
N TYR I 142 -32.18 -17.25 25.82
CA TYR I 142 -30.87 -16.79 25.34
C TYR I 142 -30.37 -17.42 24.05
N HIS I 143 -31.12 -18.33 23.43
CA HIS I 143 -30.56 -19.01 22.27
C HIS I 143 -30.66 -18.12 21.05
N ASP I 144 -29.82 -18.41 20.06
CA ASP I 144 -29.78 -17.77 18.74
C ASP I 144 -29.52 -16.27 18.80
N LEU I 145 -28.87 -15.77 19.85
CA LEU I 145 -28.61 -14.35 19.94
C LEU I 145 -27.37 -13.96 19.15
N GLY I 146 -26.38 -14.83 19.09
CA GLY I 146 -25.14 -14.52 18.41
C GLY I 146 -24.05 -14.14 19.38
N ALA I 147 -22.86 -13.96 18.81
CA ALA I 147 -21.69 -13.65 19.62
C ALA I 147 -21.68 -12.22 20.12
N HIS I 148 -22.45 -11.33 19.50
CA HIS I 148 -22.61 -9.95 19.96
C HIS I 148 -23.92 -9.78 20.70
N TYR I 149 -24.26 -10.77 21.52
CA TYR I 149 -25.49 -10.78 22.30
C TYR I 149 -25.57 -9.57 23.23
N SER I 150 -26.79 -9.08 23.41
CA SER I 150 -27.01 -7.94 24.28
C SER I 150 -28.41 -8.03 24.85
N ALA I 151 -28.73 -7.10 25.74
CA ALA I 151 -30.09 -7.02 26.26
C ALA I 151 -31.05 -6.51 25.20
N ARG I 152 -30.56 -5.74 24.23
CA ARG I 152 -31.39 -5.35 23.09
C ARG I 152 -31.74 -6.54 22.21
N LYS I 153 -30.76 -7.41 21.94
CA LYS I 153 -31.02 -8.63 21.17
C LYS I 153 -31.99 -9.55 21.89
N CYS I 154 -31.82 -9.69 23.22
CA CYS I 154 -32.70 -10.57 23.99
C CYS I 154 -34.10 -10.00 24.12
N LEU I 155 -34.22 -8.67 24.23
CA LEU I 155 -35.53 -8.05 24.24
C LEU I 155 -36.21 -8.15 22.89
N ALA I 156 -35.45 -8.06 21.80
CA ALA I 156 -36.03 -8.21 20.47
C ALA I 156 -36.50 -9.63 20.23
N LYS I 157 -35.73 -10.62 20.71
CA LYS I 157 -36.15 -12.01 20.63
C LYS I 157 -37.40 -12.26 21.47
N GLN I 158 -37.47 -11.65 22.65
CA GLN I 158 -38.65 -11.81 23.50
C GLN I 158 -39.87 -11.16 22.87
N LYS I 159 -39.71 -9.99 22.24
CA LYS I 159 -40.84 -9.34 21.57
C LYS I 159 -41.30 -10.14 20.36
N GLN I 160 -40.37 -10.75 19.62
CA GLN I 160 -40.76 -11.60 18.50
C GLN I 160 -41.52 -12.84 18.98
N ARG I 161 -41.04 -13.46 20.04
CA ARG I 161 -41.72 -14.63 20.60
C ARG I 161 -43.07 -14.26 21.18
N MET I 162 -43.20 -13.09 21.80
CA MET I 162 -44.48 -12.67 22.34
C MET I 162 -45.46 -12.28 21.25
N LEU I 163 -44.98 -11.74 20.13
CA LEU I 163 -45.85 -11.55 18.97
C LEU I 163 -46.33 -12.87 18.41
N ALA I 164 -45.45 -13.89 18.38
CA ALA I 164 -45.86 -15.21 17.93
C ALA I 164 -46.88 -15.83 18.88
N GLU I 165 -46.69 -15.65 20.19
CA GLU I 165 -47.63 -16.15 21.18
C GLU I 165 -48.98 -15.45 21.09
N ARG I 166 -48.98 -14.14 20.87
CA ARG I 166 -50.23 -13.39 20.77
C ARG I 166 -50.96 -13.74 19.47
N LYS I 167 -50.21 -13.95 18.39
CA LYS I 167 -50.84 -14.35 17.13
C LYS I 167 -51.40 -15.77 17.22
N ALA I 168 -50.71 -16.66 17.93
CA ALA I 168 -51.22 -18.02 18.13
C ALA I 168 -52.43 -18.03 19.05
N THR I 169 -52.49 -17.10 20.00
CA THR I 169 -53.67 -16.97 20.85
C THR I 169 -54.85 -16.42 20.06
N LYS I 170 -54.59 -15.45 19.16
CA LYS I 170 -55.66 -14.84 18.38
C LYS I 170 -56.21 -15.80 17.32
N GLU I 171 -55.33 -16.56 16.66
CA GLU I 171 -55.78 -17.46 15.60
C GLU I 171 -56.46 -18.71 16.13
N ALA I 172 -56.35 -18.99 17.43
CA ALA I 172 -56.96 -20.17 18.04
C ALA I 172 -58.02 -19.77 19.06
N ALA I 173 -58.83 -18.78 18.72
CA ALA I 173 -59.89 -18.32 19.61
C ALA I 173 -61.14 -17.95 18.82
N LEU J 36 30.58 29.54 8.88
CA LEU J 36 31.47 29.56 7.73
C LEU J 36 32.23 30.87 7.63
N GLN J 37 32.90 31.08 6.50
CA GLN J 37 33.77 32.25 6.39
C GLN J 37 33.50 33.08 5.14
N TYR J 38 33.19 32.46 4.01
CA TYR J 38 32.91 33.19 2.78
C TYR J 38 31.55 32.79 2.24
N GLY J 39 30.84 33.76 1.68
CA GLY J 39 29.53 33.53 1.10
C GLY J 39 29.09 34.73 0.29
N PRO J 40 27.79 34.76 -0.07
CA PRO J 40 27.28 35.94 -0.78
C PRO J 40 27.25 37.19 0.07
N LEU J 41 27.08 37.06 1.39
CA LEU J 41 27.05 38.23 2.27
C LEU J 41 28.41 38.90 2.36
N ALA J 42 29.49 38.13 2.32
CA ALA J 42 30.82 38.72 2.26
C ALA J 42 31.06 39.45 0.95
N TYR J 43 30.50 38.93 -0.15
CA TYR J 43 30.60 39.61 -1.43
C TYR J 43 29.80 40.90 -1.45
N ILE J 44 28.65 40.91 -0.76
CA ILE J 44 27.83 42.11 -0.71
C ILE J 44 28.51 43.19 0.11
N LEU J 45 29.09 42.82 1.25
CA LEU J 45 29.64 43.79 2.19
C LEU J 45 31.02 44.31 1.79
N GLY J 46 31.47 44.12 0.56
CA GLY J 46 32.62 44.81 0.03
C GLY J 46 33.77 43.92 -0.41
N GLU J 47 33.78 42.66 -0.01
CA GLU J 47 34.90 41.78 -0.34
C GLU J 47 34.78 41.36 -1.80
N LYS J 48 35.30 42.22 -2.68
CA LYS J 48 35.44 41.89 -4.08
C LYS J 48 36.79 41.20 -4.28
N THR J 49 36.77 40.15 -5.10
CA THR J 49 37.95 39.30 -5.26
C THR J 49 38.86 39.74 -6.40
N THR J 50 38.62 40.90 -6.98
CA THR J 50 39.60 41.54 -7.85
C THR J 50 40.27 42.73 -7.19
N LYS J 51 39.86 43.07 -5.97
CA LYS J 51 40.58 44.07 -5.18
C LYS J 51 41.92 43.56 -4.69
N LYS J 52 42.11 42.25 -4.66
CA LYS J 52 43.38 41.63 -4.28
C LYS J 52 44.06 40.92 -5.44
N MET J 53 43.44 40.90 -6.62
CA MET J 53 44.02 40.27 -7.81
C MET J 53 45.11 41.19 -8.34
N THR J 54 46.35 40.92 -7.95
CA THR J 54 47.50 41.71 -8.37
C THR J 54 48.21 41.02 -9.53
N GLU J 55 49.35 41.58 -9.94
CA GLU J 55 50.15 40.97 -11.00
C GLU J 55 50.98 39.80 -10.51
N ASN J 56 51.09 39.62 -9.19
CA ASN J 56 51.72 38.44 -8.62
C ASN J 56 50.77 37.25 -8.59
N SER J 57 49.48 37.47 -8.79
CA SER J 57 48.46 36.42 -8.74
C SER J 57 48.46 35.68 -10.08
N LYS J 58 49.39 34.73 -10.21
CA LYS J 58 49.52 33.94 -11.43
C LYS J 58 49.50 32.46 -11.06
N LEU J 59 48.57 31.73 -11.66
CA LEU J 59 48.46 30.29 -11.50
C LEU J 59 49.35 29.64 -12.56
N ILE J 60 50.43 29.00 -12.12
CA ILE J 60 51.47 28.49 -13.01
C ILE J 60 51.55 26.98 -12.83
N THR J 61 51.39 26.23 -13.91
CA THR J 61 51.45 24.78 -13.86
C THR J 61 52.67 24.28 -14.63
N VAL J 62 53.57 23.62 -13.93
CA VAL J 62 54.78 23.06 -14.53
C VAL J 62 54.49 21.61 -14.92
N ASP J 63 54.76 21.28 -16.18
CA ASP J 63 54.48 19.95 -16.72
C ASP J 63 55.77 19.30 -17.19
N GLY J 64 55.63 18.14 -17.81
CA GLY J 64 56.78 17.38 -18.27
C GLY J 64 56.59 15.89 -18.13
N ASN J 65 57.58 15.11 -18.56
CA ASN J 65 57.49 13.65 -18.57
C ASN J 65 57.76 13.14 -17.16
N ILE J 66 57.99 11.83 -17.01
CA ILE J 66 57.98 11.18 -15.70
C ILE J 66 59.17 11.62 -14.83
N CYS J 67 60.34 11.77 -15.43
CA CYS J 67 61.50 12.24 -14.69
C CYS J 67 62.12 13.45 -15.37
N SER J 68 61.28 14.45 -15.67
CA SER J 68 61.75 15.66 -16.35
C SER J 68 62.60 16.56 -15.48
N GLY J 69 62.69 16.32 -14.18
CA GLY J 69 63.42 17.23 -13.31
C GLY J 69 62.67 18.51 -13.01
N LYS J 70 61.35 18.48 -13.18
CA LYS J 70 60.50 19.64 -12.93
C LYS J 70 60.18 19.78 -11.44
N SEP J 71 60.45 18.70 -10.70
CA SEP J 71 60.02 18.54 -9.32
CB SEP J 71 60.31 17.12 -8.85
OG SEP J 71 59.87 16.16 -9.80
C SEP J 71 60.69 19.54 -8.38
O SEP J 71 60.12 19.91 -7.35
P SEP J 71 61.14 15.48 -10.53
O1P SEP J 71 61.37 13.99 -9.97
O2P SEP J 71 62.45 16.37 -10.23
O3P SEP J 71 60.88 15.43 -12.11
N LYS J 72 61.88 19.97 -8.74
CA LYS J 72 62.53 21.04 -8.00
C LYS J 72 62.25 22.38 -8.67
N LEU J 73 62.07 22.33 -10.00
CA LEU J 73 61.96 23.54 -10.82
C LEU J 73 60.78 24.39 -10.40
N ALA J 74 59.62 23.75 -10.23
CA ALA J 74 58.42 24.41 -9.74
C ALA J 74 58.67 25.06 -8.39
N LYS J 75 59.33 24.33 -7.47
CA LYS J 75 59.65 24.91 -6.16
C LYS J 75 60.61 26.08 -6.31
N GLU J 76 61.53 25.97 -7.27
CA GLU J 76 62.45 27.08 -7.54
C GLU J 76 61.70 28.29 -8.05
N VAL J 77 60.69 28.07 -8.90
CA VAL J 77 59.83 29.17 -9.33
C VAL J 77 59.09 29.74 -8.13
N ALA J 78 58.65 28.86 -7.23
CA ALA J 78 57.96 29.32 -6.05
C ALA J 78 58.87 29.97 -5.02
N GLU J 79 60.19 29.90 -5.20
CA GLU J 79 61.07 30.68 -4.34
C GLU J 79 61.70 31.84 -5.09
N LYS J 80 61.19 32.17 -6.28
CA LYS J 80 61.58 33.40 -6.96
C LYS J 80 60.43 34.38 -7.06
N LEU J 81 59.27 33.93 -7.51
CA LEU J 81 58.11 34.78 -7.68
C LEU J 81 57.33 34.99 -6.40
N GLY J 82 57.72 34.34 -5.30
CA GLY J 82 56.96 34.46 -4.07
C GLY J 82 55.64 33.77 -4.09
N LEU J 83 55.54 32.64 -4.79
CA LEU J 83 54.30 31.91 -4.94
C LEU J 83 54.26 30.72 -3.99
N LYS J 84 53.11 30.10 -3.90
CA LYS J 84 52.91 28.93 -3.04
C LYS J 84 53.00 27.68 -3.89
N HIS J 85 53.97 26.82 -3.60
CA HIS J 85 54.14 25.58 -4.33
C HIS J 85 53.20 24.52 -3.78
N PHE J 86 52.47 23.88 -4.67
CA PHE J 86 51.79 22.65 -4.30
C PHE J 86 52.53 21.48 -4.91
N PRO J 87 52.84 20.45 -4.13
CA PRO J 87 53.42 19.24 -4.71
C PRO J 87 52.41 18.52 -5.60
N GLU J 88 52.94 17.61 -6.41
CA GLU J 88 52.09 16.85 -7.32
C GLU J 88 51.20 15.91 -6.53
N ALA J 89 49.91 15.90 -6.88
CA ALA J 89 48.92 15.11 -6.17
C ALA J 89 49.18 13.63 -6.42
N GLY J 90 49.61 12.93 -5.37
CA GLY J 90 49.71 11.49 -5.41
C GLY J 90 48.38 10.86 -5.05
N ILE J 91 48.44 9.65 -4.51
CA ILE J 91 47.22 9.01 -4.03
C ILE J 91 46.74 9.69 -2.76
N HIS J 92 47.67 10.16 -1.94
CA HIS J 92 47.38 10.63 -0.58
C HIS J 92 47.41 12.16 -0.48
N TYR J 93 46.94 12.86 -1.51
CA TYR J 93 46.85 14.31 -1.38
C TYR J 93 45.67 14.72 -0.51
N ALA J 94 44.52 14.06 -0.69
CA ALA J 94 43.36 14.32 0.14
C ALA J 94 43.63 13.94 1.59
N ASP J 95 44.49 12.93 1.81
CA ASP J 95 44.94 12.62 3.15
C ASP J 95 45.80 13.74 3.73
N SER J 96 46.55 14.43 2.87
CA SER J 96 47.42 15.51 3.32
C SER J 96 46.66 16.79 3.58
N THR J 97 45.48 16.96 2.99
CA THR J 97 44.70 18.17 3.23
C THR J 97 43.74 18.05 4.42
N THR J 98 43.31 16.85 4.77
CA THR J 98 42.33 16.66 5.83
C THR J 98 42.94 15.89 6.99
N GLY J 99 42.27 15.98 8.14
CA GLY J 99 42.70 15.22 9.30
C GLY J 99 44.01 15.74 9.86
N ASP J 100 44.88 14.81 10.24
CA ASP J 100 46.20 15.18 10.73
C ASP J 100 47.22 15.39 9.61
N GLY J 101 46.81 15.25 8.35
CA GLY J 101 47.73 15.38 7.23
C GLY J 101 48.53 14.15 6.91
N LYS J 102 48.55 13.16 7.80
CA LYS J 102 49.30 11.94 7.54
C LYS J 102 48.58 11.10 6.48
N PRO J 103 49.32 10.31 5.70
CA PRO J 103 48.68 9.44 4.71
C PRO J 103 47.88 8.33 5.36
N LEU J 104 46.63 8.18 4.93
CA LEU J 104 45.78 7.10 5.38
C LEU J 104 46.25 5.78 4.75
N PRO J 105 45.86 4.64 5.31
CA PRO J 105 46.10 3.37 4.62
C PRO J 105 45.38 3.32 3.28
N VAL J 106 45.98 2.60 2.33
CA VAL J 106 45.56 2.68 0.93
C VAL J 106 44.20 2.08 0.67
N ARG J 107 43.64 1.30 1.59
CA ARG J 107 42.28 0.84 1.41
C ARG J 107 41.26 1.93 1.69
N PHE J 108 41.65 3.00 2.38
CA PHE J 108 40.76 4.12 2.63
C PHE J 108 40.91 5.24 1.62
N SER J 109 42.11 5.40 1.05
CA SER J 109 42.35 6.39 0.02
C SER J 109 43.01 5.72 -1.16
N GLY J 110 42.37 5.80 -2.32
CA GLY J 110 42.88 5.17 -3.51
C GLY J 110 42.27 3.83 -3.83
N ASN J 111 42.46 2.84 -2.94
CA ASN J 111 42.29 1.42 -3.22
C ASN J 111 43.06 1.06 -4.49
N CYS J 112 44.30 1.54 -4.55
CA CYS J 112 45.11 1.45 -5.75
C CYS J 112 46.57 1.64 -5.35
N SER J 113 47.46 1.32 -6.28
CA SER J 113 48.88 1.44 -6.04
C SER J 113 49.57 1.81 -7.35
N LEU J 114 50.45 2.80 -7.28
CA LEU J 114 51.25 3.15 -8.45
C LEU J 114 52.28 2.08 -8.75
N GLU J 115 52.83 1.45 -7.70
CA GLU J 115 53.85 0.43 -7.90
C GLU J 115 53.27 -0.86 -8.48
N LYS J 116 52.03 -1.19 -8.14
CA LYS J 116 51.42 -2.35 -8.78
C LYS J 116 51.00 -2.04 -10.20
N PHE J 117 50.74 -0.76 -10.51
CA PHE J 117 50.60 -0.36 -11.90
C PHE J 117 51.90 -0.49 -12.66
N TYR J 118 53.02 -0.18 -12.01
CA TYR J 118 54.33 -0.35 -12.65
C TYR J 118 54.68 -1.82 -12.81
N ASP J 119 54.24 -2.67 -11.90
CA ASP J 119 54.52 -4.10 -11.99
C ASP J 119 53.60 -4.77 -13.00
N ASP J 120 52.28 -4.70 -12.76
CA ASP J 120 51.29 -5.38 -13.58
C ASP J 120 50.35 -4.33 -14.15
N PRO J 121 50.64 -3.78 -15.33
CA PRO J 121 49.78 -2.73 -15.89
C PRO J 121 48.48 -3.27 -16.47
N LYS J 122 48.52 -4.50 -16.98
CA LYS J 122 47.36 -5.15 -17.60
C LYS J 122 46.65 -6.06 -16.62
N SER J 123 46.59 -5.65 -15.36
CA SER J 123 46.09 -6.49 -14.27
C SER J 123 44.59 -6.73 -14.40
N ASN J 124 44.15 -7.82 -13.78
CA ASN J 124 42.76 -8.24 -13.85
C ASN J 124 41.86 -7.39 -12.96
N ASP J 125 42.37 -6.90 -11.84
CA ASP J 125 41.55 -6.13 -10.91
C ASP J 125 41.28 -4.71 -11.37
N GLY J 126 41.86 -4.29 -12.50
CA GLY J 126 41.63 -2.95 -13.00
C GLY J 126 42.31 -1.88 -12.19
N ASN J 127 43.54 -2.12 -11.74
CA ASN J 127 44.25 -1.14 -10.92
C ASN J 127 44.64 0.09 -11.74
N SER J 128 44.76 -0.07 -13.05
CA SER J 128 45.27 1.01 -13.90
C SER J 128 44.30 2.17 -13.98
N TYR J 129 43.07 1.91 -14.41
CA TYR J 129 42.10 3.00 -14.50
C TYR J 129 41.62 3.43 -13.12
N ARG J 130 41.64 2.54 -12.14
CA ARG J 130 41.25 2.94 -10.79
C ARG J 130 42.27 3.92 -10.20
N LEU J 131 43.55 3.66 -10.44
CA LEU J 131 44.61 4.60 -10.08
C LEU J 131 44.46 5.91 -10.86
N GLN J 132 44.11 5.83 -12.14
CA GLN J 132 44.00 7.04 -12.94
C GLN J 132 42.81 7.90 -12.52
N ALA J 133 41.69 7.25 -12.16
CA ALA J 133 40.52 7.99 -11.72
C ALA J 133 40.74 8.61 -10.35
N TRP J 134 41.43 7.89 -9.45
CA TRP J 134 41.75 8.48 -8.16
C TRP J 134 42.73 9.63 -8.30
N LEU J 135 43.70 9.52 -9.21
CA LEU J 135 44.61 10.63 -9.43
C LEU J 135 43.92 11.81 -10.07
N TYR J 136 42.93 11.58 -10.94
CA TYR J 136 42.20 12.70 -11.51
C TYR J 136 41.36 13.41 -10.45
N ALA J 137 40.76 12.65 -9.54
CA ALA J 137 40.02 13.27 -8.44
C ALA J 137 40.95 14.03 -7.50
N SER J 138 42.15 13.50 -7.26
CA SER J 138 43.13 14.18 -6.41
C SER J 138 43.63 15.46 -7.07
N ARG J 139 43.83 15.45 -8.38
CA ARG J 139 44.26 16.67 -9.06
C ARG J 139 43.14 17.68 -9.16
N LEU J 140 41.89 17.22 -9.26
CA LEU J 140 40.75 18.13 -9.20
C LEU J 140 40.67 18.81 -7.84
N LEU J 141 40.93 18.05 -6.78
CA LEU J 141 40.99 18.60 -5.43
C LEU J 141 42.15 19.58 -5.28
N GLN J 142 43.30 19.26 -5.87
CA GLN J 142 44.46 20.14 -5.79
C GLN J 142 44.23 21.43 -6.57
N TYR J 143 43.55 21.32 -7.71
CA TYR J 143 43.27 22.51 -8.51
C TYR J 143 42.23 23.38 -7.82
N ALA J 144 41.28 22.76 -7.12
CA ALA J 144 40.37 23.51 -6.26
C ALA J 144 41.11 24.21 -5.12
N ASP J 145 42.08 23.54 -4.50
CA ASP J 145 42.87 24.18 -3.46
C ASP J 145 43.70 25.33 -4.02
N ALA J 146 44.21 25.18 -5.24
CA ALA J 146 44.99 26.21 -5.89
C ALA J 146 44.15 27.44 -6.19
N LEU J 147 42.96 27.24 -6.77
CA LEU J 147 42.08 28.38 -7.03
C LEU J 147 41.55 29.00 -5.76
N GLU J 148 41.37 28.20 -4.70
CA GLU J 148 40.91 28.76 -3.43
C GLU J 148 41.97 29.66 -2.83
N HIS J 149 43.24 29.24 -2.88
CA HIS J 149 44.33 30.08 -2.39
C HIS J 149 44.49 31.33 -3.26
N LEU J 150 44.37 31.17 -4.58
CA LEU J 150 44.54 32.29 -5.51
C LEU J 150 43.44 33.32 -5.37
N LEU J 151 42.20 32.89 -5.15
CA LEU J 151 41.09 33.81 -5.05
C LEU J 151 40.83 34.30 -3.64
N SER J 152 41.36 33.63 -2.62
CA SER J 152 41.17 34.10 -1.26
C SER J 152 42.32 34.98 -0.79
N THR J 153 43.56 34.64 -1.14
CA THR J 153 44.70 35.39 -0.64
C THR J 153 45.32 36.30 -1.69
N GLY J 154 45.10 36.04 -2.97
CA GLY J 154 45.77 36.79 -4.00
C GLY J 154 47.18 36.33 -4.30
N GLN J 155 47.64 35.26 -3.67
CA GLN J 155 48.94 34.69 -3.96
C GLN J 155 48.80 33.60 -5.02
N GLY J 156 49.60 33.70 -6.07
CA GLY J 156 49.56 32.69 -7.11
C GLY J 156 50.11 31.36 -6.64
N VAL J 157 49.69 30.30 -7.34
CA VAL J 157 50.00 28.94 -6.95
C VAL J 157 50.76 28.28 -8.10
N VAL J 158 51.83 27.57 -7.77
CA VAL J 158 52.59 26.80 -8.74
C VAL J 158 52.25 25.33 -8.54
N LEU J 159 51.54 24.77 -9.52
CA LEU J 159 51.12 23.38 -9.53
C LEU J 159 52.07 22.54 -10.38
N GLU J 160 51.95 21.23 -10.22
CA GLU J 160 52.69 20.27 -11.04
C GLU J 160 51.67 19.29 -11.60
N ARG J 161 51.47 19.32 -12.92
CA ARG J 161 50.56 18.45 -13.66
C ARG J 161 49.12 18.59 -13.16
N SER J 162 48.51 19.73 -13.50
CA SER J 162 47.12 19.98 -13.16
C SER J 162 46.18 19.08 -13.97
N ILE J 163 44.87 19.30 -13.78
CA ILE J 163 43.84 18.49 -14.43
C ILE J 163 43.81 18.65 -15.94
N TYR J 164 44.35 19.74 -16.47
CA TYR J 164 44.40 19.92 -17.91
C TYR J 164 45.46 19.04 -18.56
N SER J 165 46.43 18.56 -17.79
CA SER J 165 47.48 17.68 -18.30
C SER J 165 47.35 16.26 -17.76
N ASP J 166 46.27 15.95 -17.06
CA ASP J 166 46.11 14.61 -16.51
C ASP J 166 45.71 13.59 -17.56
N PHE J 167 45.11 14.03 -18.66
CA PHE J 167 44.60 13.11 -19.67
C PHE J 167 45.71 12.45 -20.48
N VAL J 168 46.95 12.97 -20.42
CA VAL J 168 47.99 12.41 -21.25
C VAL J 168 48.43 11.05 -20.73
N PHE J 169 48.32 10.83 -19.41
CA PHE J 169 48.61 9.52 -18.86
C PHE J 169 47.52 8.53 -19.17
N LEU J 170 46.26 8.99 -19.19
CA LEU J 170 45.16 8.16 -19.63
C LEU J 170 45.35 7.71 -21.07
N GLU J 171 45.72 8.65 -21.94
CA GLU J 171 45.87 8.31 -23.35
C GLU J 171 47.10 7.44 -23.60
N ALA J 172 48.17 7.62 -22.82
CA ALA J 172 49.32 6.72 -22.92
C ALA J 172 48.96 5.32 -22.45
N MET J 173 48.21 5.21 -21.36
CA MET J 173 47.74 3.91 -20.88
C MET J 173 46.78 3.24 -21.86
N TYR J 174 45.98 4.04 -22.58
CA TYR J 174 45.07 3.45 -23.56
C TYR J 174 45.80 3.04 -24.83
N ARG J 175 46.82 3.80 -25.24
CA ARG J 175 47.63 3.40 -26.38
C ARG J 175 48.46 2.16 -26.08
N GLN J 176 48.91 2.01 -24.83
CA GLN J 176 49.62 0.80 -24.43
C GLN J 176 48.70 -0.36 -24.11
N GLY J 177 47.39 -0.18 -24.23
CA GLY J 177 46.46 -1.26 -23.97
C GLY J 177 46.30 -1.61 -22.52
N PHE J 178 46.66 -0.70 -21.61
CA PHE J 178 46.59 -1.01 -20.19
C PHE J 178 45.15 -0.97 -19.71
N ILE J 179 44.31 -0.14 -20.32
CA ILE J 179 42.92 0.04 -19.94
C ILE J 179 42.04 -0.25 -21.14
N ARG J 180 40.73 -0.10 -20.98
CA ARG J 180 39.78 -0.34 -22.05
C ARG J 180 39.29 0.99 -22.62
N LYS J 181 38.42 0.91 -23.62
CA LYS J 181 37.83 2.11 -24.20
C LYS J 181 36.71 2.64 -23.32
N GLN J 182 36.05 1.76 -22.56
CA GLN J 182 35.03 2.21 -21.61
C GLN J 182 35.64 3.02 -20.47
N CYS J 183 36.89 2.73 -20.11
CA CYS J 183 37.59 3.54 -19.12
C CYS J 183 37.86 4.94 -19.66
N VAL J 184 38.22 5.04 -20.95
CA VAL J 184 38.43 6.33 -21.58
C VAL J 184 37.12 7.10 -21.68
N ASP J 185 36.01 6.40 -21.93
CA ASP J 185 34.71 7.07 -22.00
C ASP J 185 34.26 7.56 -20.63
N HIS J 186 34.52 6.77 -19.59
CA HIS J 186 34.23 7.21 -18.22
C HIS J 186 35.05 8.43 -17.83
N TYR J 187 36.34 8.42 -18.17
CA TYR J 187 37.20 9.55 -17.90
C TYR J 187 36.75 10.79 -18.66
N ASN J 188 36.32 10.60 -19.90
CA ASN J 188 35.88 11.74 -20.70
C ASN J 188 34.57 12.31 -20.20
N GLN J 189 33.68 11.47 -19.68
CA GLN J 189 32.45 11.99 -19.10
C GLN J 189 32.72 12.78 -17.83
N VAL J 190 33.56 12.23 -16.94
CA VAL J 190 33.91 12.92 -15.69
C VAL J 190 34.64 14.23 -15.97
N LYS J 191 35.56 14.20 -16.94
CA LYS J 191 36.29 15.42 -17.29
C LYS J 191 35.38 16.44 -17.95
N LYS J 192 34.44 15.99 -18.79
CA LYS J 192 33.52 16.88 -19.48
C LYS J 192 32.61 17.61 -18.50
N VAL J 193 32.22 16.94 -17.41
CA VAL J 193 31.33 17.60 -16.46
C VAL J 193 32.07 18.21 -15.27
N THR J 194 33.39 18.03 -15.16
CA THR J 194 34.13 18.70 -14.10
C THR J 194 35.04 19.83 -14.55
N VAL J 195 35.77 19.70 -15.67
CA VAL J 195 36.75 20.73 -16.01
C VAL J 195 36.11 21.96 -16.64
N CYS J 196 34.84 21.86 -17.05
CA CYS J 196 34.16 22.97 -17.71
C CYS J 196 33.86 24.13 -16.77
N GLU J 197 33.90 23.89 -15.46
CA GLU J 197 33.60 24.92 -14.49
C GLU J 197 34.83 25.69 -14.02
N TYR J 198 36.03 25.30 -14.44
CA TYR J 198 37.26 25.92 -13.99
C TYR J 198 37.91 26.70 -15.12
N LEU J 199 38.90 27.46 -14.76
CA LEU J 199 39.74 28.27 -15.62
C LEU J 199 41.05 27.54 -15.90
N PRO J 200 41.72 27.81 -17.01
CA PRO J 200 43.06 27.27 -17.21
C PRO J 200 44.06 28.04 -16.37
N PRO J 201 45.30 27.55 -16.25
CA PRO J 201 46.33 28.35 -15.60
C PRO J 201 46.71 29.56 -16.44
N HIS J 202 47.44 30.49 -15.81
CA HIS J 202 47.96 31.62 -16.56
C HIS J 202 49.17 31.18 -17.39
N VAL J 203 50.09 30.45 -16.77
CA VAL J 203 51.34 30.01 -17.39
C VAL J 203 51.39 28.51 -17.31
N VAL J 204 51.71 27.85 -18.42
CA VAL J 204 52.02 26.43 -18.43
C VAL J 204 53.47 26.28 -18.88
N ILE J 205 54.29 25.71 -18.01
CA ILE J 205 55.70 25.49 -18.29
C ILE J 205 55.89 24.01 -18.62
N TYR J 206 56.47 23.73 -19.77
CA TYR J 206 56.70 22.36 -20.21
C TYR J 206 58.20 22.15 -20.41
N VAL J 207 58.67 20.95 -20.10
CA VAL J 207 60.09 20.64 -20.09
C VAL J 207 60.34 19.51 -21.09
N ASP J 208 60.99 19.84 -22.20
CA ASP J 208 61.40 18.83 -23.19
C ASP J 208 62.52 17.99 -22.60
N VAL J 209 62.23 16.73 -22.29
CA VAL J 209 63.24 15.74 -21.95
C VAL J 209 62.99 14.53 -22.84
N PRO J 210 63.98 14.05 -23.60
CA PRO J 210 63.76 12.90 -24.47
C PRO J 210 63.61 11.61 -23.67
N VAL J 211 63.19 10.56 -24.39
CA VAL J 211 62.85 9.28 -23.76
C VAL J 211 64.10 8.62 -23.18
N SER J 212 65.23 8.73 -23.89
CA SER J 212 66.48 8.14 -23.41
C SER J 212 66.98 8.84 -22.15
N GLU J 213 66.82 10.16 -22.07
CA GLU J 213 67.21 10.87 -20.86
C GLU J 213 66.27 10.57 -19.70
N VAL J 214 64.98 10.38 -20.00
CA VAL J 214 64.01 9.95 -18.97
C VAL J 214 64.40 8.59 -18.42
N GLN J 215 64.77 7.66 -19.30
CA GLN J 215 65.17 6.32 -18.85
C GLN J 215 66.48 6.37 -18.08
N SER J 216 67.40 7.25 -18.48
CA SER J 216 68.64 7.41 -17.72
C SER J 216 68.38 7.96 -16.33
N ARG J 217 67.45 8.90 -16.21
CA ARG J 217 67.13 9.43 -14.89
C ARG J 217 66.31 8.46 -14.06
N ILE J 218 65.56 7.57 -14.70
CA ILE J 218 64.88 6.49 -13.99
C ILE J 218 65.90 5.48 -13.44
N GLN J 219 66.90 5.12 -14.27
CA GLN J 219 67.94 4.21 -13.82
C GLN J 219 68.81 4.83 -12.73
N LYS J 220 69.02 6.15 -12.80
CA LYS J 220 69.73 6.84 -11.72
C LYS J 220 68.83 7.15 -10.52
N LYS J 221 67.52 6.97 -10.65
CA LYS J 221 66.62 7.24 -9.53
C LYS J 221 66.73 6.16 -8.47
N GLY J 222 66.73 4.90 -8.88
CA GLY J 222 66.88 3.79 -7.96
C GLY J 222 65.59 3.12 -7.52
N ASN J 223 64.44 3.61 -7.99
CA ASN J 223 63.17 2.99 -7.64
C ASN J 223 62.98 1.72 -8.46
N PRO J 224 62.90 0.54 -7.84
CA PRO J 224 62.83 -0.70 -8.63
C PRO J 224 61.51 -0.90 -9.33
N HIS J 225 60.43 -0.29 -8.85
CA HIS J 225 59.16 -0.38 -9.57
C HIS J 225 59.16 0.55 -10.77
N GLU J 226 59.76 1.73 -10.63
CA GLU J 226 59.74 2.73 -11.69
C GLU J 226 60.64 2.35 -12.86
N MET J 227 61.59 1.44 -12.65
CA MET J 227 62.43 0.98 -13.75
C MET J 227 61.72 -0.01 -14.68
N LYS J 228 60.52 -0.45 -14.33
CA LYS J 228 59.73 -1.33 -15.18
C LYS J 228 58.87 -0.56 -16.17
N ILE J 229 59.01 0.75 -16.25
CA ILE J 229 58.26 1.54 -17.22
C ILE J 229 58.83 1.28 -18.62
N THR J 230 57.96 0.89 -19.54
CA THR J 230 58.39 0.61 -20.90
C THR J 230 58.72 1.90 -21.64
N SER J 231 59.48 1.75 -22.73
CA SER J 231 59.84 2.90 -23.56
C SER J 231 58.64 3.45 -24.31
N ALA J 232 57.73 2.57 -24.73
CA ALA J 232 56.59 3.00 -25.53
C ALA J 232 55.60 3.80 -24.70
N TYR J 233 55.52 3.52 -23.40
CA TYR J 233 54.67 4.31 -22.52
C TYR J 233 55.19 5.74 -22.37
N LEU J 234 56.50 5.89 -22.22
CA LEU J 234 57.13 7.22 -22.17
C LEU J 234 56.97 7.95 -23.49
N GLN J 235 57.11 7.22 -24.61
CA GLN J 235 56.94 7.83 -25.92
C GLN J 235 55.50 8.26 -26.15
N ASP J 236 54.53 7.49 -25.64
CA ASP J 236 53.14 7.90 -25.75
C ASP J 236 52.81 9.08 -24.88
N ILE J 237 53.43 9.19 -23.70
CA ILE J 237 53.27 10.39 -22.87
C ILE J 237 53.79 11.62 -23.61
N GLU J 238 54.97 11.50 -24.22
CA GLU J 238 55.53 12.62 -24.96
C GLU J 238 54.71 12.94 -26.21
N ASN J 239 54.10 11.94 -26.84
CA ASN J 239 53.28 12.18 -28.02
C ASN J 239 51.97 12.86 -27.68
N VAL J 240 51.32 12.46 -26.58
CA VAL J 240 50.06 13.11 -26.22
C VAL J 240 50.34 14.51 -25.65
N TYR J 241 51.51 14.71 -25.06
CA TYR J 241 51.99 16.06 -24.75
C TYR J 241 52.10 16.92 -26.01
N LYS J 242 52.99 16.54 -26.92
CA LYS J 242 53.33 17.42 -28.04
C LYS J 242 52.26 17.48 -29.12
N GLY J 243 51.32 16.54 -29.13
CA GLY J 243 50.37 16.48 -30.22
C GLY J 243 48.95 16.85 -29.84
N THR J 244 48.59 16.70 -28.58
CA THR J 244 47.23 16.97 -28.14
C THR J 244 47.14 18.00 -27.02
N PHE J 245 48.04 17.95 -26.06
CA PHE J 245 47.97 18.84 -24.90
C PHE J 245 48.39 20.26 -25.23
N LEU J 246 49.64 20.43 -25.64
CA LEU J 246 50.16 21.77 -25.93
C LEU J 246 49.50 22.49 -27.10
N PRO J 247 49.13 21.86 -28.24
CA PRO J 247 48.38 22.60 -29.25
C PRO J 247 46.97 23.03 -28.84
N GLU J 248 46.37 22.43 -27.81
CA GLU J 248 45.08 22.95 -27.35
C GLU J 248 45.21 23.84 -26.14
N MET J 249 46.35 23.83 -25.46
CA MET J 249 46.55 24.76 -24.36
C MET J 249 47.23 26.04 -24.77
N SER J 250 47.88 26.07 -25.95
CA SER J 250 48.53 27.30 -26.38
C SER J 250 47.56 28.42 -26.74
N GLU J 251 46.27 28.13 -26.91
CA GLU J 251 45.29 29.18 -27.17
C GLU J 251 44.70 29.76 -25.89
N LYS J 252 44.51 28.94 -24.86
CA LYS J 252 43.85 29.39 -23.64
C LYS J 252 44.82 29.76 -22.53
N CYS J 253 46.13 29.63 -22.76
CA CYS J 253 47.14 30.11 -21.82
C CYS J 253 48.43 30.33 -22.60
N GLU J 254 49.52 30.50 -21.86
CA GLU J 254 50.82 30.80 -22.44
C GLU J 254 51.80 29.68 -22.13
N VAL J 255 52.18 28.93 -23.16
CA VAL J 255 53.14 27.85 -22.98
C VAL J 255 54.54 28.41 -22.91
N LEU J 256 55.39 27.76 -22.12
CA LEU J 256 56.82 28.07 -22.04
C LEU J 256 57.56 26.74 -22.08
N GLN J 257 57.98 26.34 -23.26
CA GLN J 257 58.51 25.01 -23.50
C GLN J 257 60.03 25.07 -23.46
N TYR J 258 60.63 24.45 -22.45
CA TYR J 258 62.06 24.47 -22.23
C TYR J 258 62.66 23.09 -22.47
N SER J 259 63.98 23.05 -22.64
CA SER J 259 64.70 21.79 -22.75
C SER J 259 65.18 21.38 -21.37
N ALA J 260 66.04 20.37 -21.30
CA ALA J 260 66.47 19.84 -20.02
C ALA J 260 67.53 20.70 -19.37
N TRP J 261 68.48 21.23 -20.16
CA TRP J 261 69.59 21.97 -19.58
C TRP J 261 69.20 23.39 -19.19
N GLU J 262 68.29 24.02 -19.93
CA GLU J 262 67.86 25.37 -19.61
C GLU J 262 66.76 25.41 -18.56
N ALA J 263 66.16 24.26 -18.23
CA ALA J 263 65.29 24.19 -17.07
C ALA J 263 66.06 23.99 -15.77
N GLU J 264 67.38 23.76 -15.86
CA GLU J 264 68.19 23.69 -14.65
C GLU J 264 68.42 25.06 -14.05
N ASP J 265 68.38 26.12 -14.87
CA ASP J 265 68.53 27.49 -14.40
C ASP J 265 67.15 28.11 -14.25
N ALA J 266 66.72 28.29 -12.99
CA ALA J 266 65.40 28.84 -12.74
C ALA J 266 65.31 30.33 -12.99
N GLU J 267 66.45 31.03 -12.97
CA GLU J 267 66.42 32.49 -13.15
C GLU J 267 65.99 32.87 -14.56
N LYS J 268 66.40 32.09 -15.56
CA LYS J 268 65.97 32.35 -16.94
C LYS J 268 64.48 32.09 -17.11
N VAL J 269 63.96 31.05 -16.45
CA VAL J 269 62.54 30.72 -16.55
C VAL J 269 61.69 31.78 -15.87
N VAL J 270 62.09 32.21 -14.68
CA VAL J 270 61.35 33.25 -13.96
C VAL J 270 61.47 34.60 -14.67
N GLU J 271 62.62 34.87 -15.29
CA GLU J 271 62.77 36.08 -16.09
C GLU J 271 61.88 36.05 -17.33
N ASP J 272 61.67 34.87 -17.91
CA ASP J 272 60.74 34.78 -19.03
C ASP J 272 59.30 34.88 -18.56
N ILE J 273 59.01 34.46 -17.32
CA ILE J 273 57.66 34.60 -16.78
C ILE J 273 57.33 36.06 -16.52
N GLN J 274 58.27 36.79 -15.92
CA GLN J 274 58.02 38.18 -15.51
C GLN J 274 57.86 39.13 -16.68
N TYR J 275 58.26 38.75 -17.88
CA TYR J 275 58.09 39.56 -19.07
C TYR J 275 57.15 38.92 -20.06
N LEU J 276 56.03 38.38 -19.56
CA LEU J 276 54.97 37.86 -20.41
C LEU J 276 53.90 38.91 -20.63
N LYS J 277 53.24 38.82 -21.77
CA LYS J 277 52.17 39.74 -22.15
C LYS J 277 50.87 38.96 -22.12
N TYR J 278 50.24 38.93 -20.94
CA TYR J 278 49.07 38.09 -20.69
C TYR J 278 47.87 38.64 -21.46
N ASP J 279 47.55 37.99 -22.57
CA ASP J 279 46.49 38.45 -23.46
C ASP J 279 45.53 37.36 -23.91
N LYS J 280 45.91 36.09 -23.85
CA LYS J 280 45.03 35.00 -24.23
C LYS J 280 44.28 34.47 -23.03
N GLY J 281 43.35 33.57 -23.29
CA GLY J 281 42.69 32.83 -22.25
C GLY J 281 41.54 33.58 -21.62
N PRO J 282 40.67 32.87 -20.91
CA PRO J 282 39.48 33.49 -20.31
C PRO J 282 39.71 34.15 -18.96
N TRP J 283 40.96 34.37 -18.54
CA TRP J 283 41.20 35.11 -17.31
C TRP J 283 41.02 36.61 -17.47
N LEU J 284 41.06 37.11 -18.70
CA LEU J 284 40.97 38.55 -18.92
C LEU J 284 39.55 39.06 -18.74
N ASP J 285 38.56 38.30 -19.18
CA ASP J 285 37.15 38.65 -19.00
C ASP J 285 36.56 37.97 -17.76
N GLN J 286 37.18 38.22 -16.62
CA GLN J 286 36.71 37.75 -15.31
C GLN J 286 36.46 38.97 -14.44
N ASP J 287 35.21 39.22 -14.09
CA ASP J 287 34.85 40.30 -13.19
C ASP J 287 34.75 39.77 -11.76
N ASP J 288 34.19 40.58 -10.86
CA ASP J 288 33.97 40.14 -9.48
C ASP J 288 32.92 39.04 -9.40
N ARG J 289 31.93 39.07 -10.29
CA ARG J 289 30.81 38.15 -10.20
C ARG J 289 31.20 36.74 -10.59
N LYS J 290 31.93 36.61 -11.71
CA LYS J 290 32.36 35.29 -12.18
C LYS J 290 33.33 34.65 -11.21
N LEU J 291 34.27 35.43 -10.67
CA LEU J 291 35.22 34.88 -9.72
C LEU J 291 34.57 34.65 -8.36
N HIS J 292 33.52 35.38 -8.02
CA HIS J 292 32.72 35.04 -6.85
C HIS J 292 32.00 33.71 -7.01
N ASN J 293 31.41 33.48 -8.18
CA ASN J 293 30.74 32.20 -8.43
C ASN J 293 31.74 31.05 -8.43
N LEU J 294 32.93 31.30 -9.00
CA LEU J 294 33.99 30.30 -8.98
C LEU J 294 34.47 30.02 -7.57
N ARG J 295 34.56 31.07 -6.73
CA ARG J 295 35.02 30.86 -5.36
C ARG J 295 33.97 30.17 -4.51
N MET J 296 32.69 30.40 -4.79
CA MET J 296 31.64 29.67 -4.10
C MET J 296 31.57 28.21 -4.52
N LEU J 297 31.92 27.92 -5.77
CA LEU J 297 32.09 26.52 -6.17
C LEU J 297 33.29 25.89 -5.51
N VAL J 298 34.41 26.60 -5.51
CA VAL J 298 35.72 26.03 -5.23
C VAL J 298 35.88 25.68 -3.75
N GLN J 299 35.36 26.50 -2.85
CA GLN J 299 35.53 26.25 -1.43
C GLN J 299 34.67 25.08 -0.92
N ASP J 300 33.65 24.68 -1.68
CA ASP J 300 32.83 23.53 -1.31
C ASP J 300 33.42 22.30 -1.97
N LYS J 301 34.05 21.44 -1.16
CA LYS J 301 34.82 20.33 -1.73
C LYS J 301 33.94 19.18 -2.18
N LEU J 302 32.78 19.00 -1.56
CA LEU J 302 31.88 17.94 -2.03
C LEU J 302 31.18 18.31 -3.32
N GLU J 303 31.12 19.59 -3.66
CA GLU J 303 30.58 20.02 -4.94
C GLU J 303 31.65 20.01 -6.02
N VAL J 304 32.91 20.20 -5.64
CA VAL J 304 34.04 19.95 -6.52
C VAL J 304 34.08 18.47 -6.92
N LEU J 305 34.02 17.60 -5.92
CA LEU J 305 34.10 16.16 -6.10
C LEU J 305 32.73 15.53 -6.36
N ASN J 306 31.78 16.32 -6.84
CA ASN J 306 30.41 15.84 -7.01
C ASN J 306 30.32 14.82 -8.14
N TYR J 307 31.04 15.07 -9.23
CA TYR J 307 30.89 14.28 -10.44
C TYR J 307 32.04 13.32 -10.67
N THR J 308 32.96 13.19 -9.71
CA THR J 308 33.95 12.13 -9.82
C THR J 308 33.30 10.77 -9.56
N SER J 309 32.32 10.73 -8.68
CA SER J 309 31.57 9.50 -8.39
C SER J 309 30.21 9.52 -9.11
N ILE J 310 30.23 9.54 -10.43
CA ILE J 310 28.98 9.43 -11.18
C ILE J 310 28.59 7.96 -11.24
N PRO J 311 27.30 7.62 -11.27
CA PRO J 311 26.87 6.21 -11.27
C PRO J 311 27.03 5.53 -12.63
N VAL J 312 28.27 5.49 -13.11
CA VAL J 312 28.61 4.73 -14.31
C VAL J 312 29.30 3.47 -13.83
N PHE J 313 28.60 2.35 -13.94
CA PHE J 313 29.04 1.10 -13.35
C PHE J 313 30.13 0.50 -14.23
N LEU J 314 31.37 0.80 -13.89
CA LEU J 314 32.53 0.34 -14.60
C LEU J 314 33.32 -0.58 -13.69
N PRO J 315 33.73 -1.77 -14.14
CA PRO J 315 34.30 -2.77 -13.21
C PRO J 315 35.63 -2.37 -12.60
N GLU J 316 36.33 -1.38 -13.14
CA GLU J 316 37.57 -0.93 -12.55
C GLU J 316 37.32 -0.09 -11.30
N VAL J 317 36.27 0.73 -11.30
CA VAL J 317 36.06 1.70 -10.22
C VAL J 317 34.84 1.40 -9.37
N THR J 318 33.95 0.51 -9.79
CA THR J 318 32.77 0.19 -9.00
C THR J 318 33.16 -0.74 -7.87
N ILE J 319 33.03 -0.27 -6.63
CA ILE J 319 33.22 -1.09 -5.45
C ILE J 319 31.86 -1.55 -4.98
N GLY J 320 31.70 -2.85 -4.77
CA GLY J 320 30.41 -3.41 -4.42
C GLY J 320 29.95 -3.02 -3.02
N ALA J 321 28.77 -3.51 -2.68
CA ALA J 321 28.05 -2.99 -1.52
C ALA J 321 28.69 -3.39 -0.20
N HIS J 322 29.09 -4.66 -0.06
CA HIS J 322 29.60 -5.14 1.21
C HIS J 322 31.00 -4.62 1.47
N GLN J 323 31.82 -4.50 0.43
CA GLN J 323 33.16 -3.94 0.59
C GLN J 323 33.09 -2.45 0.90
N SER J 324 32.17 -1.74 0.27
CA SER J 324 32.00 -0.31 0.55
C SER J 324 31.50 -0.08 1.97
N ASP J 325 30.56 -0.93 2.42
CA ASP J 325 30.07 -0.84 3.79
C ASP J 325 31.17 -1.13 4.80
N ARG J 326 31.98 -2.16 4.53
CA ARG J 326 33.05 -2.53 5.45
C ARG J 326 34.14 -1.47 5.53
N VAL J 327 34.57 -0.93 4.38
CA VAL J 327 35.61 0.08 4.39
C VAL J 327 35.10 1.40 4.93
N PHE J 328 33.81 1.71 4.73
CA PHE J 328 33.26 2.95 5.30
C PHE J 328 33.14 2.86 6.82
N GLN J 329 32.72 1.71 7.34
CA GLN J 329 32.66 1.56 8.79
C GLN J 329 34.05 1.45 9.41
N GLU J 330 35.04 0.97 8.66
CA GLU J 330 36.41 1.02 9.17
C GLU J 330 36.99 2.42 9.08
N PHE J 331 36.52 3.23 8.14
CA PHE J 331 36.98 4.62 8.05
C PHE J 331 36.40 5.47 9.16
N THR J 332 35.17 5.18 9.58
CA THR J 332 34.57 5.93 10.67
C THR J 332 35.32 5.71 11.98
N GLU J 333 35.90 4.53 12.17
CA GLU J 333 36.60 4.19 13.41
C GLU J 333 38.03 4.71 13.46
N LEU J 334 38.48 5.45 12.46
CA LEU J 334 39.80 6.04 12.50
C LEU J 334 39.83 7.22 13.48
N PRO J 335 40.99 7.54 14.03
CA PRO J 335 41.07 8.71 14.93
C PRO J 335 40.94 10.02 14.16
N GLY J 336 40.03 10.87 14.63
CA GLY J 336 39.77 12.14 13.99
C GLY J 336 38.87 12.08 12.78
N ARG J 337 38.28 10.93 12.49
CA ARG J 337 37.43 10.77 11.33
C ARG J 337 36.00 10.41 11.67
N LYS J 338 35.68 10.20 12.95
CA LYS J 338 34.34 9.75 13.31
C LYS J 338 33.33 10.88 13.22
N TYR J 339 33.74 12.11 13.48
CA TYR J 339 32.82 13.24 13.41
C TYR J 339 33.40 14.34 12.54
N ARG J 340 32.76 15.51 12.56
CA ARG J 340 33.29 16.69 11.89
C ARG J 340 34.59 17.12 12.57
N ALA J 341 35.39 17.91 11.87
CA ALA J 341 36.77 18.25 12.17
C ALA J 341 36.95 19.07 13.45
N GLY J 342 35.97 19.34 14.30
CA GLY J 342 36.26 19.92 15.59
C GLY J 342 35.46 19.28 16.70
N TYR J 343 35.12 18.00 16.54
CA TYR J 343 34.13 17.35 17.39
C TYR J 343 34.58 15.96 17.82
N ASN J 344 35.88 15.79 18.05
CA ASN J 344 36.45 14.47 18.28
C ASN J 344 37.19 14.46 19.61
N GLU J 345 36.63 13.76 20.60
CA GLU J 345 37.27 13.69 21.91
C GLU J 345 38.53 12.83 21.88
N ASP J 346 38.63 11.88 20.95
CA ASP J 346 39.78 11.00 20.92
C ASP J 346 41.03 11.66 20.37
N VAL J 347 40.93 12.84 19.77
CA VAL J 347 42.10 13.60 19.36
C VAL J 347 42.31 14.85 20.21
N GLY J 348 41.36 15.19 21.08
CA GLY J 348 41.56 16.29 22.01
C GLY J 348 40.82 17.56 21.64
N ASP J 349 39.57 17.44 21.21
CA ASP J 349 38.73 18.60 20.93
C ASP J 349 37.93 18.94 22.18
N LYS J 350 38.07 20.17 22.65
CA LYS J 350 37.38 20.63 23.86
C LYS J 350 36.17 21.45 23.48
N TRP J 351 35.32 21.69 24.49
CA TRP J 351 34.15 22.57 24.41
C TRP J 351 33.15 22.10 23.35
N ILE J 352 32.98 20.79 23.23
CA ILE J 352 32.10 20.23 22.22
C ILE J 352 30.64 20.55 22.54
N TRP J 353 30.28 20.60 23.82
CA TRP J 353 28.92 20.92 24.23
C TRP J 353 28.52 22.36 23.97
N LEU J 354 29.45 23.24 23.60
CA LEU J 354 29.14 24.58 23.13
C LEU J 354 29.48 24.77 21.66
N LYS J 355 29.60 23.70 20.90
CA LYS J 355 29.82 23.82 19.47
C LYS J 355 28.77 23.07 18.67
N PRO K 2 -6.10 32.14 1.23
CA PRO K 2 -5.24 33.14 1.85
C PRO K 2 -5.54 34.54 1.35
N PHE K 3 -6.58 35.13 1.92
CA PHE K 3 -6.84 36.55 1.77
C PHE K 3 -6.30 37.23 3.02
N PHE K 4 -4.98 37.38 3.04
CA PHE K 4 -4.36 38.08 4.16
C PHE K 4 -4.66 39.56 4.03
N ASP K 5 -5.75 40.00 4.69
CA ASP K 5 -6.31 41.33 4.48
C ASP K 5 -5.42 42.36 5.18
N VAL K 6 -4.32 42.68 4.50
CA VAL K 6 -3.36 43.66 4.99
C VAL K 6 -3.93 45.07 4.90
N GLN K 7 -4.79 45.32 3.91
CA GLN K 7 -5.31 46.66 3.69
C GLN K 7 -6.29 47.09 4.78
N LYS K 8 -6.97 46.14 5.41
CA LYS K 8 -7.86 46.49 6.52
C LYS K 8 -7.16 46.37 7.86
N LYS K 9 -6.15 45.51 7.96
CA LYS K 9 -5.33 45.42 9.17
C LYS K 9 -4.53 46.69 9.38
N LEU K 10 -3.83 47.16 8.34
CA LEU K 10 -3.03 48.36 8.42
C LEU K 10 -3.82 49.62 8.12
N GLY K 11 -5.06 49.49 7.65
CA GLY K 11 -5.87 50.66 7.37
C GLY K 11 -5.45 51.43 6.14
N VAL K 12 -4.76 50.79 5.20
CA VAL K 12 -4.31 51.46 3.98
C VAL K 12 -5.29 51.19 2.87
N ASP K 13 -5.34 52.11 1.92
CA ASP K 13 -6.22 52.01 0.76
C ASP K 13 -5.31 51.79 -0.44
N LEU K 14 -5.00 50.53 -0.72
CA LEU K 14 -4.17 50.25 -1.88
C LEU K 14 -5.01 50.18 -3.14
N ASP K 15 -6.09 49.38 -3.13
CA ASP K 15 -6.89 49.24 -4.33
C ASP K 15 -8.39 49.14 -4.05
N HIS K 16 -8.87 49.76 -2.97
CA HIS K 16 -10.30 49.79 -2.73
C HIS K 16 -11.00 50.86 -3.54
N TRP K 17 -10.26 51.74 -4.19
CA TRP K 17 -10.80 52.90 -4.88
C TRP K 17 -11.21 52.60 -6.31
N MET K 18 -10.55 51.66 -6.99
CA MET K 18 -10.96 51.22 -8.31
C MET K 18 -11.83 49.97 -8.22
N THR K 19 -12.30 49.64 -7.02
CA THR K 19 -13.02 48.39 -6.82
C THR K 19 -14.41 48.44 -7.45
N ILE K 20 -15.16 49.51 -7.20
CA ILE K 20 -16.54 49.63 -7.67
C ILE K 20 -16.72 50.94 -8.39
N GLN K 21 -17.84 51.07 -9.10
CA GLN K 21 -18.17 52.30 -9.79
C GLN K 21 -18.72 53.37 -8.87
N SER K 22 -19.26 52.99 -7.72
CA SER K 22 -19.87 53.94 -6.81
C SER K 22 -18.87 54.57 -5.86
N ALA K 23 -17.58 54.35 -6.07
CA ALA K 23 -16.57 54.89 -5.18
C ALA K 23 -16.33 56.37 -5.50
N GLU K 24 -15.38 56.97 -4.78
CA GLU K 24 -15.03 58.36 -5.00
C GLU K 24 -14.34 58.51 -6.35
N GLN K 25 -14.96 59.25 -7.23
CA GLN K 25 -14.49 59.42 -8.59
C GLN K 25 -13.83 60.77 -8.76
N PRO K 26 -12.93 60.94 -9.73
CA PRO K 26 -12.32 62.24 -9.97
C PRO K 26 -13.34 63.21 -10.54
N HIS K 27 -13.38 64.41 -9.95
CA HIS K 27 -14.30 65.49 -10.31
C HIS K 27 -15.77 65.07 -10.21
N ARG K 28 -16.05 64.13 -9.30
CA ARG K 28 -17.39 63.66 -8.95
C ARG K 28 -18.15 63.14 -10.16
N ILE K 29 -17.44 62.45 -11.06
CA ILE K 29 -18.06 61.92 -12.27
C ILE K 29 -18.85 60.66 -11.93
N PRO K 30 -20.14 60.61 -12.21
CA PRO K 30 -20.89 59.39 -11.95
C PRO K 30 -20.77 58.40 -13.10
N ALA K 31 -20.86 57.13 -12.76
CA ALA K 31 -21.03 56.12 -13.79
C ALA K 31 -22.48 56.13 -14.28
N ARG K 32 -22.72 55.42 -15.39
CA ARG K 32 -24.08 55.35 -15.90
C ARG K 32 -24.98 54.46 -15.05
N CYS K 33 -24.39 53.62 -14.21
CA CYS K 33 -25.14 52.73 -13.33
C CYS K 33 -24.75 52.96 -11.89
N HIS K 34 -24.65 54.22 -11.49
CA HIS K 34 -24.27 54.53 -10.12
C HIS K 34 -25.39 54.23 -9.14
N ALA K 35 -26.64 54.57 -9.50
CA ALA K 35 -27.76 54.35 -8.59
C ALA K 35 -28.07 52.86 -8.45
N PHE K 36 -27.99 52.11 -9.56
CA PHE K 36 -28.23 50.68 -9.53
C PHE K 36 -27.18 49.95 -8.70
N GLU K 37 -25.92 50.33 -8.86
CA GLU K 37 -24.86 49.67 -8.11
C GLU K 37 -24.89 50.07 -6.65
N LYS K 38 -25.24 51.33 -6.36
CA LYS K 38 -25.39 51.74 -4.96
C LYS K 38 -26.52 50.99 -4.28
N GLU K 39 -27.64 50.79 -4.99
CA GLU K 39 -28.74 50.03 -4.42
C GLU K 39 -28.38 48.56 -4.22
N TRP K 40 -27.65 47.98 -5.16
CA TRP K 40 -27.25 46.57 -5.00
C TRP K 40 -26.26 46.38 -3.87
N ILE K 41 -25.30 47.30 -3.72
CA ILE K 41 -24.30 47.16 -2.66
C ILE K 41 -24.92 47.43 -1.30
N GLU K 42 -25.77 48.45 -1.19
CA GLU K 42 -26.43 48.71 0.08
C GLU K 42 -27.46 47.63 0.43
N CYS K 43 -28.01 46.93 -0.56
CA CYS K 43 -28.82 45.76 -0.28
C CYS K 43 -27.97 44.64 0.27
N ALA K 44 -26.92 44.26 -0.45
CA ALA K 44 -26.17 43.05 -0.18
C ALA K 44 -25.06 43.23 0.85
N HIS K 45 -25.03 44.36 1.55
CA HIS K 45 -23.94 44.62 2.49
C HIS K 45 -24.15 43.83 3.78
N GLY K 46 -23.17 43.00 4.11
CA GLY K 46 -23.14 42.33 5.40
C GLY K 46 -23.99 41.10 5.52
N ILE K 47 -24.91 40.84 4.58
CA ILE K 47 -25.78 39.68 4.66
C ILE K 47 -25.15 38.44 4.07
N GLY K 48 -23.92 38.52 3.60
CA GLY K 48 -23.25 37.38 3.04
C GLY K 48 -23.68 37.08 1.61
N SER K 49 -22.85 36.30 0.92
CA SER K 49 -23.09 36.02 -0.49
C SER K 49 -24.27 35.08 -0.69
N ILE K 50 -24.49 34.14 0.23
CA ILE K 50 -25.55 33.15 0.06
C ILE K 50 -26.92 33.81 0.17
N ARG K 51 -27.10 34.69 1.16
CA ARG K 51 -28.33 35.46 1.22
C ARG K 51 -28.37 36.57 0.17
N ALA K 52 -27.21 37.03 -0.30
CA ALA K 52 -27.20 38.10 -1.29
C ALA K 52 -27.53 37.62 -2.69
N GLU K 53 -27.34 36.34 -2.99
CA GLU K 53 -27.66 35.82 -4.31
C GLU K 53 -29.15 35.60 -4.52
N LYS K 54 -29.97 35.66 -3.47
CA LYS K 54 -31.39 35.43 -3.61
C LYS K 54 -32.27 36.46 -2.93
N GLU K 55 -31.76 37.23 -1.97
CA GLU K 55 -32.56 38.28 -1.36
C GLU K 55 -32.31 39.65 -1.97
N CYS K 56 -31.22 39.81 -2.72
CA CYS K 56 -30.94 41.02 -3.48
C CYS K 56 -30.84 40.70 -4.95
N LYS K 57 -31.71 39.80 -5.43
CA LYS K 57 -31.67 39.41 -6.83
C LYS K 57 -32.23 40.50 -7.73
N ILE K 58 -33.25 41.22 -7.25
CA ILE K 58 -33.95 42.20 -8.08
C ILE K 58 -33.06 43.41 -8.37
N GLU K 59 -32.36 43.91 -7.35
CA GLU K 59 -31.45 45.03 -7.56
C GLU K 59 -30.28 44.65 -8.45
N PHE K 60 -29.81 43.41 -8.34
CA PHE K 60 -28.71 42.98 -9.21
C PHE K 60 -29.18 42.73 -10.64
N GLU K 61 -30.45 42.34 -10.82
CA GLU K 61 -30.98 42.22 -12.18
C GLU K 61 -31.16 43.60 -12.81
N ASP K 62 -31.65 44.57 -12.05
CA ASP K 62 -31.73 45.94 -12.56
C ASP K 62 -30.36 46.52 -12.86
N PHE K 63 -29.37 46.17 -12.04
CA PHE K 63 -28.02 46.69 -12.28
C PHE K 63 -27.35 46.02 -13.47
N ARG K 64 -27.53 44.71 -13.63
CA ARG K 64 -26.97 44.02 -14.80
C ARG K 64 -27.66 44.48 -16.08
N GLU K 65 -28.96 44.76 -16.00
CA GLU K 65 -29.64 45.28 -17.17
C GLU K 65 -29.37 46.77 -17.37
N CYS K 66 -28.84 47.47 -16.38
CA CYS K 66 -28.27 48.77 -16.65
C CYS K 66 -26.93 48.65 -17.38
N LEU K 67 -26.12 47.68 -16.96
CA LEU K 67 -24.78 47.53 -17.53
C LEU K 67 -24.83 47.10 -18.99
N LEU K 68 -25.45 45.96 -19.27
CA LEU K 68 -25.39 45.44 -20.63
C LEU K 68 -26.57 45.87 -21.48
N ARG K 69 -27.66 46.34 -20.87
CA ARG K 69 -28.86 46.82 -21.55
C ARG K 69 -29.46 45.79 -22.51
N GLN K 70 -29.54 44.55 -22.03
CA GLN K 70 -29.98 43.46 -22.90
C GLN K 70 -31.48 43.48 -23.12
N LYS K 71 -32.26 43.72 -22.06
CA LYS K 71 -33.71 43.81 -22.22
C LYS K 71 -34.11 45.05 -22.99
N THR K 72 -33.37 46.15 -22.81
CA THR K 72 -33.65 47.38 -23.55
C THR K 72 -33.39 47.20 -25.03
N MET K 73 -32.25 46.59 -25.37
CA MET K 73 -31.95 46.36 -26.78
C MET K 73 -32.84 45.29 -27.39
N LYS K 74 -33.32 44.33 -26.59
CA LYS K 74 -34.27 43.35 -27.09
C LYS K 74 -35.63 44.00 -27.37
N ARG K 75 -36.05 44.92 -26.50
CA ARG K 75 -37.28 45.66 -26.71
C ARG K 75 -37.18 46.58 -27.90
N LEU K 76 -36.01 47.21 -28.09
CA LEU K 76 -35.81 48.05 -29.27
C LEU K 76 -35.71 47.23 -30.54
N ASN K 77 -35.16 46.01 -30.47
CA ASN K 77 -35.23 45.07 -31.58
C ASN K 77 -36.67 44.77 -31.96
N ALA K 78 -37.51 44.51 -30.96
CA ALA K 78 -38.92 44.22 -31.24
C ALA K 78 -39.64 45.43 -31.84
N ILE K 79 -39.39 46.62 -31.30
CA ILE K 79 -40.05 47.83 -31.79
C ILE K 79 -39.60 48.18 -33.21
N LYS K 80 -38.30 48.11 -33.46
CA LYS K 80 -37.76 48.45 -34.77
C LYS K 80 -38.12 47.40 -35.81
N ARG K 81 -38.18 46.12 -35.42
CA ARG K 81 -38.57 45.06 -36.34
C ARG K 81 -40.04 45.14 -36.70
N GLN K 82 -40.90 45.44 -35.71
CA GLN K 82 -42.32 45.62 -36.01
C GLN K 82 -42.56 46.87 -36.85
N ARG K 83 -41.78 47.93 -36.62
CA ARG K 83 -41.89 49.14 -37.42
C ARG K 83 -41.45 48.89 -38.86
N ASP K 84 -40.35 48.16 -39.05
CA ASP K 84 -39.91 47.82 -40.39
C ASP K 84 -40.88 46.89 -41.10
N LYS K 85 -41.54 46.00 -40.34
CA LYS K 85 -42.56 45.14 -40.95
C LYS K 85 -43.79 45.94 -41.36
N LEU K 86 -44.19 46.93 -40.56
CA LEU K 86 -45.34 47.74 -40.94
C LEU K 86 -45.00 48.72 -42.07
N ILE K 87 -43.73 49.12 -42.20
CA ILE K 87 -43.32 49.90 -43.37
C ILE K 87 -43.32 49.01 -44.61
N LYS K 88 -42.84 47.77 -44.49
CA LYS K 88 -42.79 46.85 -45.62
C LYS K 88 -44.18 46.46 -46.08
N GLU K 89 -45.11 46.29 -45.14
CA GLU K 89 -46.50 46.03 -45.52
C GLU K 89 -47.24 47.29 -45.93
N GLY K 90 -46.69 48.47 -45.62
CA GLY K 90 -47.35 49.71 -45.98
C GLY K 90 -48.54 50.06 -45.11
N LYS K 91 -48.69 49.41 -43.95
CA LYS K 91 -49.83 49.63 -43.06
C LYS K 91 -49.55 50.70 -42.02
N TYR K 92 -48.41 51.40 -42.11
CA TYR K 92 -48.05 52.43 -41.16
C TYR K 92 -47.12 53.41 -41.83
N THR K 93 -47.31 54.70 -41.54
CA THR K 93 -46.42 55.73 -42.00
C THR K 93 -45.78 56.44 -40.81
N PRO K 94 -44.50 56.80 -40.91
CA PRO K 94 -43.85 57.47 -39.79
C PRO K 94 -44.31 58.91 -39.68
N PRO K 95 -44.32 59.48 -38.47
CA PRO K 95 -44.77 60.85 -38.29
C PRO K 95 -43.70 61.82 -38.78
N PRO K 96 -44.05 63.10 -38.99
CA PRO K 96 -43.03 64.07 -39.44
C PRO K 96 -41.93 64.33 -38.43
N HIS K 97 -42.16 64.11 -37.13
CA HIS K 97 -41.08 64.29 -36.17
C HIS K 97 -40.15 63.09 -36.07
N HIS K 98 -40.45 61.99 -36.76
CA HIS K 98 -39.50 60.91 -36.97
C HIS K 98 -38.93 60.92 -38.38
N SER K 99 -39.05 62.05 -39.07
CA SER K 99 -38.44 62.25 -40.37
C SER K 99 -37.61 63.52 -40.48
N GLY K 100 -37.79 64.50 -39.59
CA GLY K 100 -36.94 65.66 -39.57
C GLY K 100 -37.66 67.00 -39.52
N GLN K 101 -38.79 67.11 -40.22
CA GLN K 101 -39.47 68.39 -40.40
C GLN K 101 -40.38 68.66 -39.21
N GLU K 102 -39.75 69.04 -38.09
CA GLU K 102 -40.52 69.16 -36.85
C GLU K 102 -40.21 70.36 -35.96
N ASP K 103 -39.17 71.17 -36.26
CA ASP K 103 -38.86 72.43 -35.56
C ASP K 103 -38.59 72.17 -34.07
N LEU K 104 -37.45 71.51 -33.83
CA LEU K 104 -37.13 70.85 -32.57
C LEU K 104 -37.04 71.84 -31.40
N ARG K 105 -37.25 71.30 -30.19
CA ARG K 105 -37.65 71.94 -28.94
C ARG K 105 -36.99 73.26 -28.55
N PRO K 106 -35.65 73.35 -28.39
CA PRO K 106 -35.19 74.50 -27.58
C PRO K 106 -35.12 75.82 -28.32
N VAL L 5 35.20 66.58 -2.32
CA VAL L 5 33.96 66.47 -3.08
C VAL L 5 34.02 67.42 -4.28
N ALA L 6 34.85 68.47 -4.15
CA ALA L 6 34.98 69.44 -5.23
C ALA L 6 35.86 68.92 -6.36
N ALA L 7 36.88 68.11 -6.04
CA ALA L 7 37.74 67.58 -7.08
C ALA L 7 37.04 66.51 -7.90
N PHE L 8 36.21 65.68 -7.25
CA PHE L 8 35.42 64.71 -7.98
C PHE L 8 34.35 65.40 -8.83
N LEU L 9 33.79 66.51 -8.32
CA LEU L 9 32.82 67.27 -9.09
C LEU L 9 33.45 67.89 -10.33
N LYS L 10 34.66 68.45 -10.18
CA LYS L 10 35.38 68.98 -11.33
C LYS L 10 35.76 67.87 -12.31
N ASN L 11 36.08 66.68 -11.79
CA ASN L 11 36.43 65.55 -12.65
C ASN L 11 35.23 65.09 -13.48
N VAL L 12 34.06 64.96 -12.85
CA VAL L 12 32.90 64.49 -13.58
C VAL L 12 32.34 65.61 -14.48
N TRP L 13 32.57 66.88 -14.14
CA TRP L 13 32.22 67.95 -15.06
C TRP L 13 33.17 68.00 -16.24
N ALA L 14 34.41 67.56 -16.06
CA ALA L 14 35.34 67.51 -17.18
C ALA L 14 35.08 66.31 -18.08
N LYS L 15 34.65 65.18 -17.51
CA LYS L 15 34.50 63.97 -18.31
C LYS L 15 33.09 63.81 -18.86
N GLU L 16 32.08 63.82 -17.98
CA GLU L 16 30.68 63.57 -18.35
C GLU L 16 29.85 64.78 -17.95
N PRO L 17 29.90 65.89 -18.68
CA PRO L 17 29.18 67.10 -18.25
C PRO L 17 27.68 67.03 -18.45
N VAL L 18 27.21 66.21 -19.40
CA VAL L 18 25.78 66.03 -19.63
C VAL L 18 25.14 65.38 -18.41
N LEU L 19 25.82 64.39 -17.84
CA LEU L 19 25.31 63.74 -16.64
C LEU L 19 25.36 64.65 -15.43
N VAL L 20 26.34 65.55 -15.36
CA VAL L 20 26.39 66.52 -14.27
C VAL L 20 25.22 67.48 -14.35
N ALA L 21 24.92 67.97 -15.56
CA ALA L 21 23.75 68.82 -15.76
C ALA L 21 22.46 68.05 -15.46
N SER L 22 22.42 66.76 -15.80
CA SER L 22 21.25 65.94 -15.54
C SER L 22 20.98 65.78 -14.05
N PHE L 23 22.02 65.40 -13.29
CA PHE L 23 21.83 65.24 -11.85
C PHE L 23 21.59 66.58 -11.15
N ALA L 24 22.11 67.68 -11.70
CA ALA L 24 21.84 69.00 -11.12
C ALA L 24 20.40 69.41 -11.32
N ILE L 25 19.88 69.26 -12.53
CA ILE L 25 18.48 69.60 -12.83
C ILE L 25 17.53 68.69 -12.06
N ALA L 26 17.87 67.41 -11.96
CA ALA L 26 17.05 66.46 -11.21
C ALA L 26 17.06 66.76 -9.71
N GLY L 27 18.21 67.13 -9.17
CA GLY L 27 18.28 67.49 -7.76
C GLY L 27 17.50 68.75 -7.45
N LEU L 28 17.54 69.74 -8.36
CA LEU L 28 16.72 70.94 -8.18
C LEU L 28 15.24 70.61 -8.24
N ALA L 29 14.84 69.77 -9.20
CA ALA L 29 13.44 69.39 -9.32
C ALA L 29 12.96 68.55 -8.13
N VAL L 30 13.87 67.86 -7.45
CA VAL L 30 13.49 67.16 -6.22
C VAL L 30 13.35 68.13 -5.05
N ILE L 31 14.39 68.91 -4.76
CA ILE L 31 14.41 69.62 -3.49
C ILE L 31 13.66 70.95 -3.54
N LEU L 32 13.59 71.60 -4.69
CA LEU L 32 13.11 72.97 -4.78
C LEU L 32 11.59 73.18 -4.62
N PRO L 33 10.69 72.28 -5.04
CA PRO L 33 9.27 72.48 -4.68
C PRO L 33 8.97 72.41 -3.20
N THR L 34 9.80 71.73 -2.41
CA THR L 34 9.65 71.73 -0.96
C THR L 34 10.19 73.00 -0.32
N LEU L 35 10.90 73.84 -1.08
CA LEU L 35 11.47 75.08 -0.57
C LEU L 35 10.86 76.31 -1.24
N SER L 36 9.68 76.18 -1.81
CA SER L 36 9.05 77.32 -2.45
C SER L 36 7.76 77.70 -1.74
N PRO L 37 7.49 79.00 -1.58
CA PRO L 37 6.21 79.42 -0.99
C PRO L 37 5.04 79.37 -1.96
N TYR L 38 5.29 79.16 -3.25
CA TYR L 38 4.25 79.18 -4.26
C TYR L 38 3.65 77.82 -4.55
N THR L 39 4.15 76.76 -3.92
CA THR L 39 3.59 75.43 -4.14
C THR L 39 2.22 75.31 -3.49
N LYS L 40 1.96 76.09 -2.44
CA LYS L 40 0.63 76.16 -1.85
C LYS L 40 -0.39 76.75 -2.82
N TYR L 41 0.02 77.78 -3.55
CA TYR L 41 -0.89 78.43 -4.47
C TYR L 41 -1.23 77.58 -5.68
N SER L 42 -0.37 76.61 -6.03
CA SER L 42 -0.72 75.66 -7.08
C SER L 42 -1.94 74.83 -6.68
N LEU L 43 -1.92 74.29 -5.48
CA LEU L 43 -3.04 73.51 -4.96
C LEU L 43 -4.26 74.38 -4.77
N MET L 44 -4.06 75.62 -4.33
CA MET L 44 -5.20 76.52 -4.11
C MET L 44 -5.84 76.97 -5.42
N ILE L 45 -5.05 77.08 -6.50
CA ILE L 45 -5.63 77.38 -7.81
C ILE L 45 -6.36 76.15 -8.36
N ASN L 46 -5.77 74.96 -8.18
CA ASN L 46 -6.39 73.76 -8.73
C ASN L 46 -7.68 73.38 -8.02
N ARG L 47 -7.81 73.67 -6.73
CA ARG L 47 -9.07 73.36 -6.06
C ARG L 47 -10.06 74.51 -6.12
N ALA L 48 -9.71 75.61 -6.78
CA ALA L 48 -10.63 76.71 -7.02
C ALA L 48 -10.99 76.83 -8.49
N THR L 49 -10.75 75.79 -9.27
CA THR L 49 -11.14 75.76 -10.68
C THR L 49 -12.45 75.00 -10.80
N PRO L 50 -13.56 75.68 -11.09
CA PRO L 50 -14.87 75.03 -10.98
C PRO L 50 -15.29 74.20 -12.18
N TYR L 51 -14.86 72.94 -12.24
CA TYR L 51 -15.32 72.05 -13.30
C TYR L 51 -16.78 71.67 -13.10
N ASN L 52 -17.14 71.21 -11.91
CA ASN L 52 -18.50 70.75 -11.66
C ASN L 52 -19.41 71.92 -11.34
N TYR L 53 -20.69 71.60 -11.20
CA TYR L 53 -21.65 72.60 -10.77
C TYR L 53 -21.63 72.70 -9.25
N PRO L 54 -21.58 73.91 -8.69
CA PRO L 54 -21.71 74.05 -7.24
C PRO L 54 -23.13 73.81 -6.78
N VAL L 55 -23.44 72.55 -6.52
CA VAL L 55 -24.77 72.05 -6.13
C VAL L 55 -25.20 72.74 -4.85
N PRO L 56 -26.33 73.44 -4.84
CA PRO L 56 -26.70 74.25 -3.68
C PRO L 56 -27.19 73.39 -2.52
N LEU L 57 -27.39 74.06 -1.40
CA LEU L 57 -27.77 73.40 -0.15
C LEU L 57 -29.20 73.79 0.22
N ARG L 58 -29.92 72.86 0.82
CA ARG L 58 -31.23 73.17 1.38
C ARG L 58 -31.05 73.95 2.67
N ASP L 59 -31.65 75.13 2.74
CA ASP L 59 -31.49 76.00 3.90
C ASP L 59 -32.32 75.43 5.05
N ASP L 60 -31.63 74.76 5.98
CA ASP L 60 -32.32 74.27 7.18
C ASP L 60 -32.67 75.39 8.14
N GLY L 61 -31.82 76.42 8.22
CA GLY L 61 -32.07 77.53 9.11
C GLY L 61 -30.82 78.03 9.81
N ASN L 62 -29.85 77.14 10.04
CA ASN L 62 -28.62 77.51 10.76
C ASN L 62 -27.42 77.14 9.90
N MET L 63 -27.08 78.03 8.96
CA MET L 63 -25.84 77.95 8.18
C MET L 63 -25.35 79.37 7.97
N PRO L 64 -24.60 79.92 8.93
CA PRO L 64 -24.16 81.32 8.80
C PRO L 64 -23.04 81.52 7.79
N ASP L 65 -22.30 80.49 7.45
CA ASP L 65 -21.17 80.64 6.54
C ASP L 65 -21.55 80.47 5.07
N VAL L 66 -22.69 79.85 4.79
CA VAL L 66 -23.13 79.59 3.43
C VAL L 66 -23.99 80.76 2.96
N PRO L 67 -23.68 81.39 1.83
CA PRO L 67 -24.45 82.55 1.38
C PRO L 67 -25.77 82.13 0.75
N SER L 68 -26.60 83.14 0.49
CA SER L 68 -27.84 82.94 -0.26
C SER L 68 -27.74 83.45 -1.68
N HIS L 69 -26.65 84.12 -2.03
CA HIS L 69 -26.43 84.68 -3.35
C HIS L 69 -24.93 84.70 -3.59
N PRO L 70 -24.47 84.55 -4.83
CA PRO L 70 -23.02 84.61 -5.09
C PRO L 70 -22.37 85.95 -4.76
N GLN L 71 -23.13 87.04 -4.80
CA GLN L 71 -22.59 88.36 -4.50
C GLN L 71 -22.72 88.72 -3.02
N ASP L 72 -22.93 87.73 -2.16
CA ASP L 72 -22.95 87.95 -0.72
C ASP L 72 -21.53 87.90 -0.17
N PRO L 73 -21.26 88.60 0.95
CA PRO L 73 -19.88 88.65 1.45
C PRO L 73 -19.37 87.34 2.03
N GLN L 74 -20.25 86.49 2.54
CA GLN L 74 -19.81 85.23 3.11
C GLN L 74 -19.62 84.17 2.03
N GLY L 75 -18.67 83.28 2.27
CA GLY L 75 -18.31 82.25 1.31
C GLY L 75 -16.86 82.35 0.91
N PRO L 76 -16.38 81.38 0.12
CA PRO L 76 -14.97 81.40 -0.31
C PRO L 76 -14.74 82.43 -1.41
N SER L 77 -13.66 83.20 -1.25
CA SER L 77 -13.33 84.30 -2.16
C SER L 77 -12.03 84.00 -2.90
N LEU L 78 -11.85 84.68 -4.03
CA LEU L 78 -10.63 84.52 -4.80
C LEU L 78 -9.91 85.85 -5.01
N GLU L 79 -9.79 86.65 -3.94
CA GLU L 79 -9.02 87.88 -4.05
C GLU L 79 -7.52 87.61 -4.04
N TRP L 80 -7.10 86.52 -3.39
CA TRP L 80 -5.68 86.15 -3.38
C TRP L 80 -5.18 85.81 -4.78
N LEU L 81 -6.06 85.26 -5.63
CA LEU L 81 -5.68 84.96 -7.00
C LEU L 81 -5.69 86.21 -7.87
N LYS L 82 -6.56 87.17 -7.55
CA LYS L 82 -6.59 88.41 -8.31
C LYS L 82 -5.36 89.26 -8.02
N ARG L 83 -4.92 89.30 -6.76
CA ARG L 83 -3.73 90.09 -6.44
C ARG L 83 -2.45 89.33 -6.77
N LEU L 84 -2.22 88.21 -6.09
CA LEU L 84 -0.98 87.41 -6.15
C LEU L 84 0.31 88.23 -5.97
N SER M 12 37.72 -67.39 21.96
CA SER M 12 37.43 -66.71 20.72
C SER M 12 37.20 -67.69 19.58
N LYS M 13 38.01 -68.75 19.57
CA LYS M 13 37.92 -69.76 18.53
C LYS M 13 36.71 -70.67 18.75
N MET M 14 35.90 -70.83 17.71
CA MET M 14 34.76 -71.74 17.72
C MET M 14 35.11 -72.92 16.82
N GLU M 15 35.26 -74.10 17.42
CA GLU M 15 35.61 -75.29 16.67
C GLU M 15 34.42 -75.80 15.89
N LEU M 16 34.60 -75.99 14.60
CA LEU M 16 33.55 -76.52 13.75
C LEU M 16 33.55 -78.05 13.83
N PRO M 17 32.40 -78.69 13.60
CA PRO M 17 32.40 -80.16 13.51
C PRO M 17 33.01 -80.66 12.22
N ASP M 18 33.08 -81.98 12.06
CA ASP M 18 33.70 -82.55 10.87
C ASP M 18 32.77 -82.40 9.67
N TYR M 19 33.35 -82.11 8.51
CA TYR M 19 32.56 -82.07 7.29
C TYR M 19 32.30 -83.45 6.71
N LYS M 20 33.09 -84.45 7.14
CA LYS M 20 32.96 -85.78 6.59
C LYS M 20 31.71 -86.51 7.09
N GLN M 21 31.16 -86.08 8.22
CA GLN M 21 30.03 -86.80 8.81
C GLN M 21 28.71 -86.47 8.13
N TRP M 22 28.64 -85.38 7.36
CA TRP M 22 27.35 -84.95 6.82
C TRP M 22 27.11 -85.65 5.49
N LYS M 23 26.75 -86.92 5.59
CA LYS M 23 26.35 -87.72 4.44
C LYS M 23 24.82 -87.77 4.37
N ILE M 24 24.30 -87.98 3.17
CA ILE M 24 22.87 -87.88 2.94
C ILE M 24 22.18 -89.23 2.87
N GLU M 25 22.88 -90.30 3.19
CA GLU M 25 22.27 -91.62 3.24
C GLU M 25 21.47 -91.76 4.53
N GLY M 26 20.18 -92.04 4.39
CA GLY M 26 19.27 -92.08 5.52
C GLY M 26 18.44 -90.83 5.71
N THR M 27 18.53 -89.87 4.79
CA THR M 27 17.81 -88.60 4.86
C THR M 27 16.87 -88.52 3.66
N PRO M 28 15.92 -87.57 3.64
CA PRO M 28 15.17 -87.33 2.39
C PRO M 28 16.01 -86.81 1.23
N LEU M 29 17.23 -86.31 1.46
CA LEU M 29 18.13 -86.01 0.36
C LEU M 29 18.53 -87.26 -0.40
N GLU M 30 18.52 -88.43 0.24
CA GLU M 30 18.73 -89.68 -0.48
C GLU M 30 17.60 -89.95 -1.47
N THR M 31 16.35 -89.71 -1.04
CA THR M 31 15.21 -89.86 -1.94
C THR M 31 15.25 -88.85 -3.07
N VAL M 32 15.68 -87.62 -2.76
CA VAL M 32 15.86 -86.60 -3.79
C VAL M 32 16.94 -86.99 -4.79
N GLN M 33 18.05 -87.54 -4.31
CA GLN M 33 19.13 -87.94 -5.21
C GLN M 33 18.74 -89.14 -6.05
N GLU M 34 17.92 -90.04 -5.51
CA GLU M 34 17.43 -91.16 -6.30
C GLU M 34 16.47 -90.69 -7.38
N LYS M 35 15.58 -89.74 -7.07
CA LYS M 35 14.68 -89.23 -8.09
C LYS M 35 15.39 -88.35 -9.12
N LEU M 36 16.54 -87.77 -8.76
CA LEU M 36 17.34 -87.05 -9.75
C LEU M 36 18.18 -87.98 -10.60
N ALA M 37 18.69 -89.07 -10.03
CA ALA M 37 19.42 -90.06 -10.79
C ALA M 37 18.49 -90.93 -11.64
N ALA M 38 17.19 -90.92 -11.37
CA ALA M 38 16.24 -91.57 -12.26
C ALA M 38 16.18 -90.90 -13.62
N ARG M 39 16.47 -89.60 -13.68
CA ARG M 39 16.52 -88.87 -14.94
C ARG M 39 17.93 -88.37 -15.25
N GLY M 40 18.94 -89.05 -14.72
CA GLY M 40 20.31 -88.81 -15.11
C GLY M 40 20.96 -87.56 -14.55
N LEU M 41 20.34 -86.92 -13.57
CA LEU M 41 20.91 -85.73 -12.98
C LEU M 41 21.73 -86.09 -11.74
N ARG M 42 22.24 -85.07 -11.06
CA ARG M 42 23.10 -85.26 -9.91
C ARG M 42 22.89 -84.09 -8.96
N ASP M 43 23.04 -84.36 -7.67
CA ASP M 43 22.67 -83.42 -6.62
C ASP M 43 23.93 -82.88 -5.94
N PRO M 44 24.41 -81.68 -6.31
CA PRO M 44 25.71 -81.24 -5.81
C PRO M 44 25.69 -80.73 -4.38
N TRP M 45 24.62 -80.07 -3.95
CA TRP M 45 24.55 -79.44 -2.63
C TRP M 45 23.79 -80.29 -1.62
N GLY M 46 23.90 -81.61 -1.70
CA GLY M 46 23.19 -82.46 -0.76
C GLY M 46 23.86 -82.50 0.60
N ARG M 47 25.18 -82.68 0.60
CA ARG M 47 25.93 -82.77 1.85
C ARG M 47 25.94 -81.45 2.61
N ASN M 48 25.72 -80.33 1.92
CA ASN M 48 25.56 -79.06 2.60
C ASN M 48 24.26 -79.01 3.39
N GLU M 49 23.17 -79.49 2.78
CA GLU M 49 21.87 -79.51 3.43
C GLU M 49 21.70 -80.68 4.38
N ALA M 50 22.69 -81.59 4.44
CA ALA M 50 22.55 -82.81 5.22
C ALA M 50 22.47 -82.58 6.72
N TRP M 51 22.90 -81.42 7.21
CA TRP M 51 22.91 -81.23 8.66
C TRP M 51 21.51 -81.02 9.22
N ARG M 52 20.62 -80.49 8.39
CA ARG M 52 19.27 -80.18 8.82
C ARG M 52 18.47 -81.43 9.13
N TYR M 53 18.82 -82.56 8.53
CA TYR M 53 18.03 -83.77 8.64
C TYR M 53 18.71 -84.82 9.50
N MET M 54 19.82 -84.49 10.15
CA MET M 54 20.62 -85.43 10.92
C MET M 54 20.76 -84.94 12.36
N GLY M 55 21.09 -85.88 13.24
CA GLY M 55 21.42 -85.56 14.61
C GLY M 55 20.23 -85.19 15.47
N GLY M 56 20.36 -84.12 16.24
CA GLY M 56 19.30 -83.69 17.13
C GLY M 56 18.12 -83.02 16.47
N PHE M 57 18.21 -82.74 15.16
CA PHE M 57 17.07 -82.21 14.42
C PHE M 57 16.33 -83.28 13.64
N ALA M 58 16.75 -84.53 13.74
CA ALA M 58 16.16 -85.62 12.96
C ALA M 58 14.94 -86.18 13.68
N ASN M 59 13.95 -86.58 12.87
CA ASN M 59 12.70 -87.20 13.30
C ASN M 59 11.93 -86.29 14.26
N ASN M 60 11.52 -85.13 13.75
CA ASN M 60 10.74 -84.19 14.53
C ASN M 60 9.30 -84.69 14.63
N VAL M 61 8.57 -84.15 15.60
CA VAL M 61 7.22 -84.62 15.88
C VAL M 61 6.26 -84.12 14.81
N SER M 62 5.10 -84.78 14.74
CA SER M 62 4.04 -84.36 13.86
C SER M 62 3.19 -83.28 14.54
N PHE M 63 2.12 -82.86 13.88
CA PHE M 63 1.30 -81.78 14.44
C PHE M 63 0.43 -82.26 15.59
N VAL M 64 -0.19 -83.44 15.43
CA VAL M 64 -0.93 -84.02 16.54
C VAL M 64 0.01 -84.56 17.62
N GLY M 65 1.27 -84.81 17.28
CA GLY M 65 2.27 -85.04 18.31
C GLY M 65 2.76 -83.77 18.97
N ALA M 66 2.54 -82.63 18.33
CA ALA M 66 2.92 -81.35 18.93
C ALA M 66 1.83 -80.82 19.85
N LEU M 67 0.56 -80.96 19.45
CA LEU M 67 -0.52 -80.51 20.31
C LEU M 67 -0.65 -81.35 21.56
N LEU M 68 -0.35 -82.65 21.47
CA LEU M 68 -0.44 -83.57 22.59
C LEU M 68 0.84 -83.60 23.43
N LYS M 69 1.63 -82.55 23.39
CA LYS M 69 2.78 -82.42 24.28
C LYS M 69 2.29 -82.32 25.72
N GLY M 70 2.92 -83.09 26.60
CA GLY M 70 2.53 -83.10 28.00
C GLY M 70 1.19 -83.73 28.29
N PHE M 71 0.63 -84.49 27.35
CA PHE M 71 -0.66 -85.10 27.58
C PHE M 71 -0.56 -86.29 28.53
N LYS M 72 0.61 -86.93 28.58
CA LYS M 72 0.80 -88.10 29.45
C LYS M 72 0.78 -87.70 30.91
N TRP M 73 1.61 -86.72 31.29
CA TRP M 73 1.64 -86.27 32.67
C TRP M 73 0.37 -85.51 33.04
N GLY M 74 -0.24 -84.83 32.07
CA GLY M 74 -1.51 -84.17 32.33
C GLY M 74 -2.63 -85.16 32.62
N PHE M 75 -2.69 -86.23 31.85
CA PHE M 75 -3.69 -87.28 32.10
C PHE M 75 -3.39 -88.03 33.39
N ALA M 76 -2.11 -88.20 33.73
CA ALA M 76 -1.74 -88.83 34.99
C ALA M 76 -2.18 -87.99 36.19
N ALA M 77 -1.91 -86.69 36.14
CA ALA M 77 -2.36 -85.79 37.19
C ALA M 77 -3.88 -85.69 37.23
N PHE M 78 -4.54 -85.82 36.08
CA PHE M 78 -6.00 -85.86 36.05
C PHE M 78 -6.55 -87.09 36.77
N VAL M 79 -5.96 -88.26 36.50
CA VAL M 79 -6.41 -89.49 37.17
C VAL M 79 -6.16 -89.42 38.67
N VAL M 80 -5.01 -88.89 39.07
CA VAL M 80 -4.69 -88.75 40.49
C VAL M 80 -5.64 -87.77 41.18
N ALA M 81 -5.98 -86.66 40.52
CA ALA M 81 -6.87 -85.68 41.13
C ALA M 81 -8.31 -86.17 41.20
N VAL M 82 -8.76 -86.92 40.19
CA VAL M 82 -10.11 -87.48 40.23
C VAL M 82 -10.21 -88.55 41.30
N GLY M 83 -9.17 -89.37 41.46
CA GLY M 83 -9.16 -90.32 42.56
C GLY M 83 -9.11 -89.65 43.93
N ALA M 84 -8.41 -88.52 44.02
CA ALA M 84 -8.32 -87.78 45.27
C ALA M 84 -9.66 -87.16 45.64
N GLU M 85 -10.36 -86.58 44.68
CA GLU M 85 -11.68 -86.02 45.00
C GLU M 85 -12.74 -87.11 45.17
N TYR M 86 -12.53 -88.30 44.61
CA TYR M 86 -13.43 -89.41 44.89
C TYR M 86 -13.22 -89.94 46.30
N TYR M 87 -11.97 -89.94 46.78
CA TYR M 87 -11.70 -90.25 48.18
C TYR M 87 -12.09 -89.11 49.11
N LEU M 88 -12.26 -87.89 48.59
CA LEU M 88 -12.53 -86.73 49.43
C LEU M 88 -13.99 -86.71 49.88
N GLU M 89 -14.92 -87.08 49.01
CA GLU M 89 -16.33 -87.07 49.37
C GLU M 89 -16.69 -88.22 50.31
N SER M 90 -15.88 -89.27 50.35
CA SER M 90 -16.13 -90.40 51.25
C SER M 90 -15.73 -90.03 52.68
N MET N 3 -14.98 27.47 6.30
CA MET N 3 -16.22 27.41 7.06
C MET N 3 -16.43 28.67 7.86
N MET N 4 -15.53 28.92 8.82
CA MET N 4 -15.63 30.06 9.72
C MET N 4 -14.97 31.31 9.17
N THR N 5 -14.87 31.45 7.85
CA THR N 5 -14.14 32.55 7.25
C THR N 5 -14.87 33.88 7.40
N GLY N 6 -16.19 33.86 7.52
CA GLY N 6 -16.91 35.11 7.73
C GLY N 6 -16.89 35.61 9.14
N ARG N 7 -16.51 34.76 10.09
CA ARG N 7 -16.28 35.20 11.46
C ARG N 7 -15.07 36.10 11.55
N GLN N 8 -13.92 35.61 11.10
CA GLN N 8 -12.68 36.40 11.07
C GLN N 8 -12.56 37.18 9.76
N ALA N 9 -13.53 38.07 9.55
CA ALA N 9 -13.48 39.05 8.48
C ALA N 9 -13.78 40.45 8.94
N ARG N 10 -14.47 40.62 10.07
CA ARG N 10 -14.61 41.93 10.69
C ARG N 10 -13.35 42.30 11.48
N ALA N 11 -12.60 41.29 11.92
CA ALA N 11 -11.32 41.47 12.61
C ALA N 11 -10.26 40.69 11.84
N PRO N 12 -9.67 41.27 10.80
CA PRO N 12 -8.75 40.51 9.94
C PRO N 12 -7.33 40.51 10.47
N LEU N 13 -6.63 39.42 10.13
CA LEU N 13 -5.22 39.18 10.46
C LEU N 13 -4.92 39.26 11.94
N GLN N 14 -5.88 38.90 12.79
CA GLN N 14 -5.65 38.77 14.21
C GLN N 14 -5.33 37.31 14.49
N PHE N 15 -4.10 37.05 14.93
CA PHE N 15 -3.72 35.70 15.33
C PHE N 15 -4.51 35.28 16.56
N LEU N 16 -4.52 36.12 17.59
CA LEU N 16 -5.35 35.92 18.76
C LEU N 16 -6.17 37.18 19.01
N PRO N 17 -7.49 37.13 18.87
CA PRO N 17 -8.31 38.31 19.16
C PRO N 17 -8.44 38.62 20.64
N ASP N 18 -9.26 39.61 20.97
CA ASP N 18 -9.43 40.00 22.36
C ASP N 18 -10.26 38.98 23.13
N GLU N 19 -11.27 38.40 22.49
CA GLU N 19 -12.11 37.39 23.13
C GLU N 19 -11.35 36.10 23.41
N ALA N 20 -10.24 35.87 22.72
CA ALA N 20 -9.33 34.77 23.04
C ALA N 20 -8.67 34.92 24.40
N ARG N 21 -8.72 36.10 25.01
CA ARG N 21 -8.25 36.25 26.38
C ARG N 21 -9.30 35.87 27.40
N SER N 22 -10.52 35.55 26.97
CA SER N 22 -11.56 35.10 27.89
C SER N 22 -11.53 33.60 28.12
N LEU N 23 -10.65 32.91 27.50
CA LEU N 23 -10.41 31.47 27.50
C LEU N 23 -9.21 31.13 28.37
N PRO N 24 -9.18 29.95 28.98
CA PRO N 24 -8.00 29.55 29.72
C PRO N 24 -6.87 29.22 28.76
N PRO N 25 -5.69 29.74 29.01
CA PRO N 25 -4.55 29.41 28.17
C PRO N 25 -4.10 27.99 28.43
N PRO N 26 -3.37 27.38 27.49
CA PRO N 26 -2.79 26.07 27.76
C PRO N 26 -1.79 26.15 28.90
N LYS N 27 -1.74 25.09 29.68
CA LYS N 27 -0.75 24.97 30.72
C LYS N 27 0.63 24.80 30.10
N LEU N 28 1.66 25.14 30.86
CA LEU N 28 3.00 24.87 30.36
C LEU N 28 3.36 23.40 30.46
N THR N 29 2.59 22.62 31.21
CA THR N 29 2.69 21.16 31.23
C THR N 29 1.64 20.50 30.36
N ASP N 30 1.17 21.20 29.34
CA ASP N 30 0.25 20.62 28.35
C ASP N 30 0.98 19.52 27.60
N PRO N 31 0.45 18.29 27.54
CA PRO N 31 1.13 17.22 26.79
C PRO N 31 1.25 17.48 25.30
N ARG N 32 0.37 18.29 24.71
CA ARG N 32 0.58 18.74 23.35
C ARG N 32 1.81 19.64 23.27
N LEU N 33 1.98 20.52 24.25
CA LEU N 33 3.15 21.39 24.28
C LEU N 33 4.41 20.61 24.62
N ALA N 34 4.29 19.57 25.45
CA ALA N 34 5.44 18.71 25.72
C ALA N 34 5.82 17.90 24.50
N TYR N 35 4.85 17.52 23.67
CA TYR N 35 5.17 16.86 22.42
C TYR N 35 5.83 17.81 21.43
N ILE N 36 5.43 19.08 21.42
CA ILE N 36 6.10 20.06 20.54
C ILE N 36 7.53 20.33 21.02
N GLY N 37 7.74 20.33 22.33
CA GLY N 37 9.10 20.41 22.85
C GLY N 37 9.93 19.19 22.52
N PHE N 38 9.31 18.02 22.53
CA PHE N 38 9.99 16.81 22.07
C PHE N 38 10.32 16.88 20.59
N LEU N 39 9.47 17.54 19.79
CA LEU N 39 9.80 17.78 18.39
C LEU N 39 11.00 18.71 18.27
N GLY N 40 11.11 19.69 19.16
CA GLY N 40 12.29 20.54 19.17
C GLY N 40 13.55 19.78 19.52
N TYR N 41 13.46 18.87 20.48
CA TYR N 41 14.61 18.06 20.83
C TYR N 41 15.00 17.11 19.70
N CYS N 42 14.01 16.55 19.00
CA CYS N 42 14.31 15.70 17.86
C CYS N 42 14.90 16.48 16.70
N SER N 43 14.49 17.74 16.52
CA SER N 43 15.13 18.60 15.53
C SER N 43 16.57 18.89 15.91
N GLY N 44 16.85 19.09 17.19
CA GLY N 44 18.24 19.28 17.62
C GLY N 44 19.08 18.04 17.40
N LEU N 45 18.50 16.87 17.62
CA LEU N 45 19.23 15.62 17.38
C LEU N 45 19.50 15.40 15.89
N ILE N 46 18.51 15.66 15.03
CA ILE N 46 18.72 15.54 13.59
C ILE N 46 19.72 16.59 13.10
N ASP N 47 19.72 17.78 13.71
CA ASP N 47 20.66 18.82 13.35
C ASP N 47 22.08 18.41 13.70
N ASN N 48 22.29 17.78 14.84
CA ASN N 48 23.62 17.27 15.14
C ASN N 48 23.96 16.03 14.33
N ALA N 49 22.96 15.30 13.85
CA ALA N 49 23.24 14.09 13.08
C ALA N 49 23.68 14.42 11.66
N ILE N 50 23.01 15.36 11.00
CA ILE N 50 23.30 15.61 9.59
C ILE N 50 24.60 16.39 9.39
N ARG N 51 25.05 17.12 10.40
CA ARG N 51 26.33 17.81 10.33
C ARG N 51 27.43 17.00 10.98
N ARG N 52 27.15 15.73 11.31
CA ARG N 52 28.10 14.75 11.84
C ARG N 52 28.77 15.25 13.11
N ARG N 53 28.00 15.89 13.95
CA ARG N 53 28.36 16.18 15.32
C ARG N 53 27.99 14.99 16.18
N PRO N 54 28.57 14.86 17.39
CA PRO N 54 28.02 13.89 18.34
C PRO N 54 26.63 14.31 18.77
N VAL N 55 25.68 13.38 18.63
CA VAL N 55 24.27 13.72 18.53
C VAL N 55 23.73 14.20 19.87
N LEU N 56 24.17 13.57 20.96
CA LEU N 56 23.67 13.94 22.28
C LEU N 56 24.52 14.97 22.99
N SER N 57 25.81 15.06 22.65
CA SER N 57 26.74 15.87 23.42
C SER N 57 27.00 17.25 22.80
N ALA N 58 27.06 17.34 21.47
CA ALA N 58 27.44 18.60 20.84
C ALA N 58 26.25 19.55 20.76
N GLY N 59 26.53 20.83 20.98
CA GLY N 59 25.57 21.89 20.78
C GLY N 59 24.38 21.85 21.72
N LEU N 60 24.63 21.86 23.02
CA LEU N 60 23.53 21.85 23.97
C LEU N 60 22.79 23.18 23.98
N HIS N 61 23.50 24.27 23.69
CA HIS N 61 22.84 25.56 23.51
C HIS N 61 21.93 25.54 22.28
N ARG N 62 22.35 24.84 21.23
CA ARG N 62 21.58 24.78 20.00
C ARG N 62 20.37 23.89 20.16
N GLN N 63 20.53 22.73 20.82
CA GLN N 63 19.41 21.88 21.16
C GLN N 63 18.43 22.60 22.08
N PHE N 64 18.94 23.38 23.01
CA PHE N 64 18.08 24.10 23.94
C PHE N 64 17.33 25.22 23.24
N LEU N 65 17.93 25.86 22.24
CA LEU N 65 17.18 26.86 21.49
C LEU N 65 16.20 26.22 20.53
N TYR N 66 16.48 25.02 20.00
CA TYR N 66 15.46 24.26 19.28
C TYR N 66 14.25 23.97 20.15
N ILE N 67 14.47 23.45 21.36
CA ILE N 67 13.38 23.13 22.29
C ILE N 67 12.62 24.39 22.67
N THR N 68 13.35 25.46 23.00
CA THR N 68 12.75 26.72 23.40
C THR N 68 11.92 27.34 22.27
N SER N 69 12.44 27.28 21.05
CA SER N 69 11.73 27.87 19.92
C SER N 69 10.48 27.08 19.57
N PHE N 70 10.54 25.74 19.66
CA PHE N 70 9.33 24.99 19.36
C PHE N 70 8.27 25.15 20.44
N VAL N 71 8.68 25.18 21.72
CA VAL N 71 7.73 25.42 22.81
C VAL N 71 7.11 26.81 22.69
N PHE N 72 7.93 27.79 22.31
CA PHE N 72 7.44 29.17 22.19
C PHE N 72 6.44 29.31 21.04
N VAL N 73 6.73 28.70 19.89
CA VAL N 73 5.78 28.79 18.78
C VAL N 73 4.53 27.96 19.08
N GLY N 74 4.71 26.76 19.61
CA GLY N 74 3.62 25.85 19.87
C GLY N 74 2.66 26.31 20.94
N TYR N 75 3.12 27.14 21.89
CA TYR N 75 2.22 27.70 22.88
C TYR N 75 1.16 28.59 22.24
N TYR N 76 1.59 29.48 21.35
CA TYR N 76 0.63 30.34 20.66
C TYR N 76 -0.18 29.57 19.63
N LEU N 77 0.40 28.52 19.04
CA LEU N 77 -0.38 27.70 18.12
C LEU N 77 -1.48 26.94 18.87
N LEU N 78 -1.20 26.46 20.07
CA LEU N 78 -2.24 25.82 20.87
C LEU N 78 -3.27 26.82 21.37
N LYS N 79 -2.85 28.06 21.66
CA LYS N 79 -3.83 29.10 22.02
C LYS N 79 -4.79 29.39 20.87
N ARG N 80 -4.27 29.50 19.65
CA ARG N 80 -5.15 29.76 18.50
C ARG N 80 -6.02 28.56 18.18
N GLN N 81 -5.49 27.34 18.36
CA GLN N 81 -6.28 26.12 18.20
C GLN N 81 -7.47 26.08 19.15
N ASP N 82 -7.21 26.31 20.44
CA ASP N 82 -8.27 26.28 21.44
C ASP N 82 -9.26 27.41 21.23
N TYR N 83 -8.78 28.57 20.76
CA TYR N 83 -9.67 29.67 20.41
C TYR N 83 -10.61 29.32 19.27
N MET N 84 -10.09 28.69 18.22
CA MET N 84 -10.94 28.41 17.06
C MET N 84 -11.93 27.30 17.36
N TYR N 85 -11.57 26.34 18.21
CA TYR N 85 -12.59 25.36 18.60
C TYR N 85 -13.63 25.95 19.54
N ALA N 86 -13.24 26.89 20.41
CA ALA N 86 -14.23 27.56 21.25
C ALA N 86 -15.17 28.45 20.43
N VAL N 87 -14.65 29.07 19.36
CA VAL N 87 -15.49 29.82 18.44
C VAL N 87 -16.46 28.90 17.71
N ARG N 88 -15.97 27.73 17.29
CA ARG N 88 -16.83 26.74 16.62
C ARG N 88 -17.98 26.32 17.51
N ASP N 89 -17.70 26.04 18.78
CA ASP N 89 -18.75 25.64 19.71
C ASP N 89 -19.69 26.78 20.06
N HIS N 90 -19.16 28.00 20.18
CA HIS N 90 -20.00 29.16 20.49
C HIS N 90 -20.98 29.45 19.36
N ASP N 91 -20.51 29.38 18.11
CA ASP N 91 -21.39 29.61 16.97
C ASP N 91 -22.38 28.49 16.79
N MET N 92 -21.97 27.25 17.08
CA MET N 92 -22.88 26.11 17.04
C MET N 92 -24.03 26.29 18.03
N PHE N 93 -23.70 26.64 19.28
CA PHE N 93 -24.72 26.75 20.31
C PHE N 93 -25.62 27.96 20.08
N SER N 94 -25.05 29.06 19.59
CA SER N 94 -25.87 30.23 19.28
C SER N 94 -26.79 29.97 18.09
N TYR N 95 -26.35 29.18 17.12
CA TYR N 95 -27.21 28.87 15.98
C TYR N 95 -28.32 27.90 16.36
N ILE N 96 -28.03 26.95 17.26
CA ILE N 96 -29.08 26.06 17.75
C ILE N 96 -30.09 26.84 18.59
N LYS N 97 -29.60 27.80 19.39
CA LYS N 97 -30.51 28.58 20.23
C LYS N 97 -31.35 29.54 19.41
N SER N 98 -30.77 30.17 18.39
CA SER N 98 -31.51 31.14 17.59
C SER N 98 -32.41 30.48 16.55
N HIS N 99 -32.33 29.16 16.37
CA HIS N 99 -33.20 28.42 15.45
C HIS N 99 -33.79 27.22 16.15
N PRO N 100 -34.83 27.40 16.97
CA PRO N 100 -35.42 26.26 17.67
C PRO N 100 -36.25 25.37 16.76
N GLU N 101 -36.82 25.93 15.69
CA GLU N 101 -37.66 25.15 14.80
C GLU N 101 -36.88 24.17 13.96
N ASP N 102 -35.58 24.38 13.79
CA ASP N 102 -34.73 23.46 13.06
C ASP N 102 -34.16 22.35 13.95
N PHE N 103 -34.29 22.49 15.27
CA PHE N 103 -33.73 21.54 16.22
C PHE N 103 -34.82 21.18 17.22
N PRO N 104 -35.72 20.27 16.86
CA PRO N 104 -36.81 19.92 17.77
C PRO N 104 -36.33 19.05 18.91
N GLU N 105 -36.98 19.20 20.06
CA GLU N 105 -36.65 18.40 21.22
C GLU N 105 -37.19 16.99 21.03
N LYS N 106 -36.30 16.02 20.91
CA LYS N 106 -36.70 14.66 20.64
C LYS N 106 -37.26 13.98 21.89
N ASP N 107 -38.25 13.13 21.68
CA ASP N 107 -38.87 12.37 22.76
C ASP N 107 -38.31 10.95 22.71
N LYS N 108 -37.34 10.69 23.57
CA LYS N 108 -36.64 9.41 23.55
C LYS N 108 -37.53 8.32 24.13
N LYS N 109 -38.02 7.44 23.27
CA LYS N 109 -38.86 6.34 23.71
C LYS N 109 -38.02 5.27 24.39
N THR N 110 -38.56 4.67 25.43
CA THR N 110 -37.89 3.55 26.06
C THR N 110 -37.99 2.30 25.18
N TYR N 111 -37.19 1.29 25.51
CA TYR N 111 -37.18 0.07 24.71
C TYR N 111 -38.38 -0.84 24.95
N ARG N 112 -39.32 -0.46 25.81
CA ARG N 112 -40.54 -1.24 25.90
C ARG N 112 -41.55 -0.85 24.84
N GLU N 113 -41.41 0.33 24.22
CA GLU N 113 -42.21 0.68 23.07
C GLU N 113 -41.46 0.54 21.75
N VAL N 114 -40.14 0.69 21.77
CA VAL N 114 -39.34 0.61 20.55
C VAL N 114 -39.28 -0.84 20.08
N PHE N 115 -39.80 -1.09 18.88
CA PHE N 115 -39.77 -2.42 18.30
C PHE N 115 -38.55 -2.55 17.40
N GLU N 116 -37.71 -3.53 17.70
CA GLU N 116 -36.56 -3.87 16.87
C GLU N 116 -36.73 -5.29 16.35
N GLU N 117 -36.43 -5.49 15.09
CA GLU N 117 -36.55 -6.81 14.49
C GLU N 117 -35.41 -7.69 14.95
N PHE N 118 -35.73 -8.84 15.52
CA PHE N 118 -34.71 -9.78 15.96
C PHE N 118 -34.23 -10.62 14.79
N HIS N 119 -32.92 -10.67 14.61
CA HIS N 119 -32.29 -11.43 13.54
C HIS N 119 -31.47 -12.55 14.15
N PRO N 120 -31.96 -13.79 14.14
CA PRO N 120 -31.28 -14.87 14.86
C PRO N 120 -30.05 -15.36 14.15
N VAL N 121 -28.98 -15.56 14.93
CA VAL N 121 -27.73 -16.12 14.43
C VAL N 121 -27.79 -17.62 14.72
N ARG N 122 -28.18 -18.39 13.71
CA ARG N 122 -28.26 -19.84 13.86
C ARG N 122 -27.64 -20.53 12.65
N SER O 3 0.20 -68.26 -24.86
CA SER O 3 1.22 -68.83 -23.98
C SER O 3 1.03 -68.33 -22.55
N PHE O 4 1.46 -67.10 -22.30
CA PHE O 4 1.43 -66.47 -20.99
C PHE O 4 0.64 -65.17 -21.03
N PRO O 5 0.02 -64.77 -19.91
CA PRO O 5 -0.59 -63.44 -19.83
C PRO O 5 0.49 -62.37 -19.86
N LYS O 6 0.44 -61.54 -20.90
CA LYS O 6 1.42 -60.48 -21.07
C LYS O 6 1.25 -59.41 -20.01
N TYR O 7 2.36 -58.98 -19.42
CA TYR O 7 2.32 -57.94 -18.39
C TYR O 7 1.94 -56.61 -19.02
N GLU O 8 0.85 -56.03 -18.54
CA GLU O 8 0.43 -54.71 -18.99
C GLU O 8 0.91 -53.68 -17.97
N PRO O 9 1.89 -52.84 -18.31
CA PRO O 9 2.32 -51.81 -17.38
C PRO O 9 1.29 -50.70 -17.26
N SER O 10 1.30 -50.04 -16.11
CA SER O 10 0.35 -48.97 -15.85
C SER O 10 1.08 -47.72 -15.36
N ARG O 11 0.31 -46.71 -14.95
CA ARG O 11 0.89 -45.46 -14.48
C ARG O 11 1.60 -45.65 -13.15
N LEU O 12 1.01 -46.45 -12.26
CA LEU O 12 1.56 -46.69 -10.93
C LEU O 12 2.07 -48.11 -10.76
N ALA O 13 2.10 -48.89 -11.84
CA ALA O 13 2.74 -50.20 -11.86
C ALA O 13 3.49 -50.27 -13.18
N SER O 14 4.75 -49.87 -13.17
CA SER O 14 5.52 -49.69 -14.38
C SER O 14 5.93 -51.04 -14.97
N LEU O 15 6.57 -50.98 -16.12
CA LEU O 15 7.14 -52.18 -16.71
C LEU O 15 8.47 -52.50 -16.06
N PRO O 16 8.77 -53.77 -15.79
CA PRO O 16 10.08 -54.12 -15.22
C PRO O 16 11.19 -53.91 -16.24
N THR O 17 12.42 -53.81 -15.71
CA THR O 17 13.59 -53.70 -16.56
C THR O 17 13.78 -54.97 -17.37
N THR O 18 13.50 -56.13 -16.78
CA THR O 18 13.70 -57.42 -17.41
C THR O 18 12.65 -57.74 -18.47
N LEU O 19 11.55 -57.00 -18.54
CA LEU O 19 10.52 -57.24 -19.53
C LEU O 19 10.48 -56.17 -20.63
N ASP O 20 11.41 -55.22 -20.61
CA ASP O 20 11.43 -54.17 -21.62
C ASP O 20 12.13 -54.70 -22.87
N PRO O 21 11.49 -54.68 -24.05
CA PRO O 21 12.17 -55.14 -25.26
C PRO O 21 13.30 -54.23 -25.72
N ALA O 22 13.33 -52.97 -25.27
CA ALA O 22 14.40 -52.06 -25.62
C ALA O 22 15.68 -52.31 -24.83
N GLU O 23 15.63 -53.17 -23.81
CA GLU O 23 16.83 -53.49 -23.04
C GLU O 23 17.72 -54.48 -23.77
N TYR O 24 17.13 -55.43 -24.51
CA TYR O 24 17.88 -56.53 -25.12
C TYR O 24 18.40 -56.17 -26.51
N ASP O 25 18.60 -54.88 -26.80
CA ASP O 25 19.25 -54.44 -28.02
C ASP O 25 20.70 -54.09 -27.69
N ILE O 26 21.63 -54.74 -28.39
CA ILE O 26 23.05 -54.60 -28.09
C ILE O 26 23.73 -53.76 -29.17
N SER O 27 22.96 -52.89 -29.81
CA SER O 27 23.49 -52.05 -30.87
C SER O 27 24.42 -50.98 -30.32
N SER O 28 25.41 -50.61 -31.14
CA SER O 28 26.43 -49.67 -30.70
C SER O 28 25.91 -48.24 -30.60
N GLU O 29 24.86 -47.89 -31.34
CA GLU O 29 24.28 -46.55 -31.22
C GLU O 29 23.47 -46.39 -29.94
N THR O 30 22.97 -47.49 -29.36
CA THR O 30 22.36 -47.46 -28.05
C THR O 30 23.35 -47.79 -26.94
N ARG O 31 24.53 -48.29 -27.29
CA ARG O 31 25.59 -48.51 -26.32
C ARG O 31 26.42 -47.26 -26.10
N LYS O 32 26.56 -46.43 -27.14
CA LYS O 32 27.26 -45.15 -26.98
C LYS O 32 26.47 -44.21 -26.09
N ALA O 33 25.13 -44.29 -26.12
CA ALA O 33 24.31 -43.49 -25.22
C ALA O 33 24.50 -43.93 -23.76
N GLN O 34 24.57 -45.24 -23.52
CA GLN O 34 24.81 -45.75 -22.18
C GLN O 34 26.20 -45.39 -21.70
N ALA O 35 27.19 -45.43 -22.59
CA ALA O 35 28.55 -45.05 -22.23
C ALA O 35 28.65 -43.56 -21.93
N GLU O 36 27.93 -42.74 -22.68
CA GLU O 36 27.95 -41.29 -22.44
C GLU O 36 27.24 -40.94 -21.14
N ARG O 37 26.13 -41.63 -20.84
CA ARG O 37 25.45 -41.43 -19.56
C ARG O 37 26.32 -41.88 -18.38
N LEU O 38 27.03 -43.00 -18.53
CA LEU O 38 27.96 -43.44 -17.50
C LEU O 38 29.12 -42.47 -17.34
N ALA O 39 29.56 -41.84 -18.43
CA ALA O 39 30.63 -40.85 -18.34
C ALA O 39 30.16 -39.58 -17.62
N ILE O 40 28.94 -39.12 -17.90
CA ILE O 40 28.38 -37.96 -17.22
C ILE O 40 28.21 -38.25 -15.73
N ARG O 41 27.74 -39.45 -15.41
CA ARG O 41 27.53 -39.83 -14.01
C ARG O 41 28.86 -39.97 -13.28
N SER O 42 29.89 -40.48 -13.96
CA SER O 42 31.21 -40.60 -13.35
C SER O 42 31.85 -39.24 -13.13
N ARG O 43 31.63 -38.31 -14.07
CA ARG O 43 32.17 -36.97 -13.94
C ARG O 43 31.51 -36.22 -12.78
N LEU O 44 30.18 -36.32 -12.67
CA LEU O 44 29.50 -35.69 -11.54
C LEU O 44 29.84 -36.35 -10.22
N LYS O 45 30.05 -37.68 -10.22
CA LYS O 45 30.47 -38.39 -9.02
C LYS O 45 31.84 -37.92 -8.55
N ARG O 46 32.78 -37.77 -9.49
CA ARG O 46 34.12 -37.28 -9.15
C ARG O 46 34.07 -35.85 -8.65
N GLU O 47 33.28 -35.00 -9.30
CA GLU O 47 33.13 -33.61 -8.87
C GLU O 47 32.50 -33.51 -7.50
N TYR O 48 31.59 -34.43 -7.16
CA TYR O 48 31.04 -34.48 -5.82
C TYR O 48 32.06 -34.91 -4.79
N GLN O 49 32.65 -36.09 -4.97
CA GLN O 49 33.46 -36.65 -3.91
C GLN O 49 34.89 -36.12 -3.89
N LEU O 50 35.27 -35.22 -4.80
CA LEU O 50 36.44 -34.40 -4.56
C LEU O 50 36.15 -33.26 -3.59
N GLN O 51 34.88 -32.93 -3.39
CA GLN O 51 34.48 -31.97 -2.38
C GLN O 51 34.05 -32.64 -1.08
N TYR O 52 33.47 -33.82 -1.18
CA TYR O 52 32.97 -34.53 -0.01
C TYR O 52 34.11 -35.08 0.85
N ASN O 53 35.27 -35.36 0.26
CA ASN O 53 36.40 -35.90 0.99
C ASN O 53 37.45 -34.85 1.34
N ASP O 54 37.14 -33.58 1.14
CA ASP O 54 38.09 -32.50 1.42
C ASP O 54 38.14 -32.24 2.93
N PRO O 55 39.30 -32.33 3.57
CA PRO O 55 39.37 -31.97 5.00
C PRO O 55 39.18 -30.49 5.27
N SER O 56 39.55 -29.63 4.32
CA SER O 56 39.39 -28.20 4.53
C SER O 56 37.93 -27.79 4.49
N ARG O 57 37.09 -28.55 3.81
CA ARG O 57 35.67 -28.23 3.72
C ARG O 57 34.97 -28.58 5.03
N ARG O 58 34.21 -27.63 5.56
CA ARG O 58 33.31 -27.89 6.68
C ARG O 58 32.03 -27.11 6.41
N GLY O 59 31.05 -27.78 5.81
CA GLY O 59 29.81 -27.13 5.48
C GLY O 59 28.95 -27.99 4.60
N VAL O 60 28.10 -27.35 3.81
CA VAL O 60 27.21 -28.02 2.89
C VAL O 60 27.85 -28.03 1.52
N VAL O 61 28.03 -29.21 0.93
CA VAL O 61 28.35 -29.31 -0.49
C VAL O 61 27.14 -28.81 -1.26
N GLU O 62 27.29 -27.69 -1.96
CA GLU O 62 26.16 -27.14 -2.70
C GLU O 62 25.83 -28.04 -3.88
N ASP O 63 24.56 -28.38 -4.01
CA ASP O 63 24.11 -29.17 -5.14
C ASP O 63 23.36 -28.24 -6.07
N PRO O 64 23.87 -27.96 -7.26
CA PRO O 64 23.14 -27.11 -8.19
C PRO O 64 21.89 -27.75 -8.73
N ALA O 65 21.79 -29.09 -8.69
CA ALA O 65 20.56 -29.74 -9.12
C ALA O 65 19.45 -29.51 -8.10
N LEU O 66 19.78 -29.46 -6.82
CA LEU O 66 18.76 -29.22 -5.80
C LEU O 66 18.31 -27.77 -5.80
N ILE O 67 19.24 -26.82 -5.92
CA ILE O 67 18.91 -25.40 -6.02
C ILE O 67 18.12 -25.15 -7.29
N ARG O 68 18.50 -25.83 -8.37
CA ARG O 68 17.83 -25.70 -9.66
C ARG O 68 16.42 -26.27 -9.60
N TRP O 69 16.24 -27.37 -8.87
CA TRP O 69 14.93 -27.97 -8.68
C TRP O 69 14.02 -27.07 -7.86
N THR O 70 14.53 -26.49 -6.77
CA THR O 70 13.69 -25.62 -5.94
C THR O 70 13.34 -24.33 -6.68
N CYS O 71 14.28 -23.79 -7.47
CA CYS O 71 13.98 -22.59 -8.25
C CYS O 71 13.00 -22.89 -9.39
N ALA O 72 13.03 -24.11 -9.93
CA ALA O 72 12.05 -24.47 -10.94
C ALA O 72 10.67 -24.67 -10.32
N ARG O 73 10.63 -25.29 -9.15
CA ARG O 73 9.35 -25.54 -8.49
C ARG O 73 8.70 -24.27 -7.95
N SER O 74 9.50 -23.29 -7.55
CA SER O 74 8.93 -22.10 -6.91
C SER O 74 9.11 -20.84 -7.77
N ALA O 75 10.34 -20.48 -8.10
CA ALA O 75 10.63 -19.16 -8.65
C ALA O 75 10.52 -19.08 -10.15
N ASN O 76 10.11 -20.15 -10.82
CA ASN O 76 10.08 -20.16 -12.28
C ASN O 76 8.80 -20.85 -12.77
N VAL O 77 7.67 -20.49 -12.17
CA VAL O 77 6.37 -21.01 -12.56
C VAL O 77 5.56 -19.97 -13.31
N TYR O 78 5.46 -18.76 -12.76
CA TYR O 78 4.79 -17.67 -13.45
C TYR O 78 5.51 -17.17 -14.71
N PRO O 79 6.85 -17.03 -14.78
CA PRO O 79 7.44 -16.61 -16.07
C PRO O 79 7.33 -17.62 -17.19
N ASN O 80 6.93 -18.85 -16.93
CA ASN O 80 6.72 -19.85 -17.96
C ASN O 80 5.25 -20.12 -18.21
N PHE O 81 4.39 -19.18 -17.82
CA PHE O 81 2.94 -19.31 -17.96
C PHE O 81 2.44 -18.52 -19.16
N ARG O 82 1.57 -19.14 -19.95
CA ARG O 82 0.87 -18.46 -21.03
C ARG O 82 -0.62 -18.74 -20.86
N PRO O 83 -1.46 -17.73 -20.67
CA PRO O 83 -2.90 -17.98 -20.59
C PRO O 83 -3.50 -18.40 -21.91
N ASN O 84 -3.91 -19.67 -21.97
CA ASN O 84 -4.50 -20.25 -23.17
C ASN O 84 -5.75 -21.05 -22.79
N THR O 85 -6.27 -21.84 -23.72
CA THR O 85 -7.53 -22.57 -23.47
C THR O 85 -7.34 -23.63 -22.40
N LYS O 86 -6.18 -24.30 -22.40
CA LYS O 86 -5.90 -25.35 -21.43
C LYS O 86 -5.82 -24.80 -20.00
N THR O 87 -5.00 -23.78 -19.78
CA THR O 87 -4.82 -23.26 -18.43
C THR O 87 -6.03 -22.48 -17.94
N SER O 88 -6.82 -21.92 -18.85
CA SER O 88 -8.04 -21.23 -18.41
C SER O 88 -9.14 -22.23 -18.07
N LEU O 89 -9.33 -23.27 -18.89
CA LEU O 89 -10.32 -24.28 -18.55
C LEU O 89 -9.87 -25.21 -17.42
N LEU O 90 -8.59 -25.19 -17.05
CA LEU O 90 -8.17 -25.83 -15.82
C LEU O 90 -8.25 -24.92 -14.61
N GLY O 91 -7.98 -23.63 -14.76
CA GLY O 91 -8.02 -22.72 -13.63
C GLY O 91 -9.42 -22.38 -13.18
N ALA O 92 -10.38 -22.38 -14.10
CA ALA O 92 -11.76 -22.13 -13.73
C ALA O 92 -12.42 -23.37 -13.16
N LEU O 93 -12.14 -24.53 -13.74
CA LEU O 93 -12.74 -25.78 -13.28
C LEU O 93 -12.19 -26.21 -11.93
N PHE O 94 -10.99 -25.75 -11.56
CA PHE O 94 -10.39 -26.10 -10.29
C PHE O 94 -10.37 -24.97 -9.27
N GLY O 95 -10.47 -23.72 -9.72
CA GLY O 95 -10.40 -22.60 -8.82
C GLY O 95 -11.74 -22.11 -8.31
N ILE O 96 -12.66 -21.78 -9.22
CA ILE O 96 -13.98 -21.31 -8.82
C ILE O 96 -15.02 -22.44 -8.84
N GLY O 97 -14.71 -23.57 -9.48
CA GLY O 97 -15.59 -24.72 -9.54
C GLY O 97 -16.00 -25.29 -8.19
N PRO O 98 -15.02 -25.75 -7.39
CA PRO O 98 -15.37 -26.24 -6.04
C PRO O 98 -15.94 -25.18 -5.12
N LEU O 99 -15.61 -23.91 -5.35
CA LEU O 99 -16.21 -22.85 -4.54
C LEU O 99 -17.70 -22.70 -4.83
N ILE O 100 -18.08 -22.74 -6.11
CA ILE O 100 -19.49 -22.71 -6.49
C ILE O 100 -20.21 -23.95 -5.99
N PHE O 101 -19.53 -25.11 -6.05
CA PHE O 101 -20.12 -26.36 -5.59
C PHE O 101 -20.42 -26.34 -4.10
N TRP O 102 -19.41 -25.97 -3.28
CA TRP O 102 -19.64 -25.93 -1.84
C TRP O 102 -20.56 -24.79 -1.45
N TYR O 103 -20.59 -23.71 -2.24
CA TYR O 103 -21.55 -22.64 -2.02
C TYR O 103 -22.98 -23.14 -2.15
N TYR O 104 -23.28 -23.85 -3.24
CA TYR O 104 -24.64 -24.34 -3.41
C TYR O 104 -24.97 -25.46 -2.43
N VAL O 105 -23.99 -26.27 -2.03
CA VAL O 105 -24.23 -27.32 -1.04
C VAL O 105 -24.60 -26.72 0.32
N PHE O 106 -23.77 -25.79 0.82
CA PHE O 106 -24.03 -25.20 2.12
C PHE O 106 -25.22 -24.26 2.10
N LYS O 107 -25.49 -23.63 0.95
CA LYS O 107 -26.66 -22.77 0.83
C LYS O 107 -27.94 -23.57 0.83
N THR O 108 -27.98 -24.70 0.11
CA THR O 108 -29.17 -25.55 0.12
C THR O 108 -29.39 -26.17 1.49
N ASP O 109 -28.30 -26.61 2.14
CA ASP O 109 -28.41 -27.19 3.48
C ASP O 109 -28.90 -26.17 4.50
N ARG O 110 -28.40 -24.94 4.44
CA ARG O 110 -28.83 -23.96 5.41
C ARG O 110 -30.20 -23.38 5.12
N ASP O 111 -30.61 -23.32 3.84
CA ASP O 111 -31.98 -22.95 3.54
C ASP O 111 -32.96 -24.01 4.04
N ARG O 112 -32.60 -25.29 3.88
CA ARG O 112 -33.42 -26.38 4.39
C ARG O 112 -33.51 -26.33 5.92
N LYS O 113 -32.36 -26.15 6.59
CA LYS O 113 -32.36 -26.13 8.04
C LYS O 113 -33.06 -24.90 8.60
N GLU O 114 -32.93 -23.75 7.93
CA GLU O 114 -33.60 -22.54 8.36
C GLU O 114 -35.11 -22.66 8.20
N LYS O 115 -35.55 -23.28 7.10
CA LYS O 115 -36.98 -23.48 6.87
C LYS O 115 -37.56 -24.48 7.89
N LEU O 116 -36.77 -25.49 8.27
CA LEU O 116 -37.25 -26.42 9.29
C LEU O 116 -37.31 -25.76 10.66
N ILE O 117 -36.37 -24.86 10.97
CA ILE O 117 -36.36 -24.23 12.28
C ILE O 117 -37.49 -23.21 12.40
N GLN O 118 -37.68 -22.37 11.38
CA GLN O 118 -38.71 -21.35 11.48
C GLN O 118 -40.11 -21.89 11.26
N GLU O 119 -40.26 -23.17 10.90
CA GLU O 119 -41.54 -23.86 10.97
C GLU O 119 -41.66 -24.73 12.21
N GLY O 120 -40.61 -24.81 13.02
CA GLY O 120 -40.65 -25.66 14.20
C GLY O 120 -40.58 -27.14 13.92
N LYS O 121 -40.15 -27.53 12.73
CA LYS O 121 -40.13 -28.93 12.33
C LYS O 121 -38.75 -29.57 12.50
N LEU O 122 -37.83 -28.92 13.21
CA LEU O 122 -36.53 -29.49 13.50
C LEU O 122 -36.40 -29.70 14.99
N ASP O 123 -35.99 -30.90 15.39
CA ASP O 123 -35.80 -31.26 16.79
C ASP O 123 -34.63 -30.47 17.33
N ARG O 124 -34.93 -29.44 18.11
CA ARG O 124 -33.92 -28.54 18.68
C ARG O 124 -34.19 -28.40 20.17
N THR O 125 -34.38 -29.56 20.83
CA THR O 125 -34.89 -29.59 22.20
C THR O 125 -33.82 -29.21 23.21
N PHE O 126 -32.68 -29.88 23.19
CA PHE O 126 -31.63 -29.65 24.15
C PHE O 126 -30.47 -28.86 23.58
N ASN O 127 -30.68 -28.24 22.42
CA ASN O 127 -29.67 -27.42 21.75
C ASN O 127 -29.69 -26.05 22.40
N ILE O 128 -28.75 -25.80 23.31
CA ILE O 128 -28.59 -24.46 23.89
C ILE O 128 -27.12 -24.07 23.85
N SER O 129 -26.28 -24.88 23.22
CA SER O 129 -24.90 -24.51 22.94
C SER O 129 -24.75 -24.35 21.44
N TYR O 130 -24.19 -23.22 21.02
CA TYR O 130 -24.18 -22.89 19.60
C TYR O 130 -22.96 -22.05 19.24
N ARG P 28 38.05 82.00 -31.19
CA ARG P 28 36.99 83.00 -31.19
C ARG P 28 35.85 82.60 -30.25
N GLY P 29 34.84 83.46 -30.16
CA GLY P 29 33.66 83.17 -29.36
C GLY P 29 33.78 83.63 -27.93
N LEU P 30 32.69 83.44 -27.20
CA LEU P 30 32.63 83.79 -25.79
C LEU P 30 33.28 82.69 -24.95
N SER P 31 33.36 82.93 -23.65
CA SER P 31 33.84 81.93 -22.71
C SER P 31 32.69 81.00 -22.35
N GLY P 32 32.95 80.05 -21.46
CA GLY P 32 31.93 79.11 -21.05
C GLY P 32 30.92 79.72 -20.10
N TYR P 33 31.43 80.47 -19.12
CA TYR P 33 30.57 81.05 -18.08
C TYR P 33 29.63 82.10 -18.65
N SER P 34 30.06 82.82 -19.68
CA SER P 34 29.19 83.81 -20.30
C SER P 34 28.02 83.15 -21.02
N MET P 35 28.28 82.05 -21.74
CA MET P 35 27.23 81.37 -22.46
C MET P 35 26.26 80.66 -21.51
N PHE P 36 26.79 80.06 -20.43
CA PHE P 36 25.89 79.48 -19.43
C PHE P 36 25.09 80.55 -18.70
N ALA P 37 25.66 81.74 -18.48
CA ALA P 37 24.91 82.81 -17.84
C ALA P 37 23.80 83.32 -18.74
N VAL P 38 24.07 83.46 -20.04
CA VAL P 38 23.04 83.87 -20.99
C VAL P 38 21.93 82.81 -21.09
N GLY P 39 22.31 81.53 -21.07
CA GLY P 39 21.31 80.48 -21.13
C GLY P 39 20.43 80.40 -19.90
N ILE P 40 21.03 80.54 -18.71
CA ILE P 40 20.24 80.51 -17.49
C ILE P 40 19.40 81.78 -17.35
N GLY P 41 19.88 82.91 -17.86
CA GLY P 41 19.05 84.12 -17.87
C GLY P 41 17.86 84.01 -18.82
N ALA P 42 18.06 83.36 -19.96
CA ALA P 42 16.94 83.09 -20.86
C ALA P 42 15.93 82.14 -20.23
N LEU P 43 16.43 81.15 -19.48
CA LEU P 43 15.55 80.27 -18.71
C LEU P 43 14.72 81.06 -17.70
N LEU P 44 15.36 81.95 -16.95
CA LEU P 44 14.64 82.69 -15.90
C LEU P 44 13.62 83.66 -16.49
N PHE P 45 13.96 84.29 -17.62
CA PHE P 45 13.00 85.16 -18.30
C PHE P 45 11.81 84.37 -18.82
N GLY P 46 12.06 83.21 -19.44
CA GLY P 46 10.96 82.40 -19.93
C GLY P 46 10.08 81.87 -18.81
N TYR P 47 10.69 81.53 -17.67
CA TYR P 47 9.92 81.00 -16.54
C TYR P 47 9.06 82.10 -15.93
N TRP P 48 9.59 83.31 -15.84
CA TRP P 48 8.81 84.45 -15.32
C TRP P 48 7.63 84.78 -16.24
N SER P 49 7.88 84.84 -17.55
CA SER P 49 6.84 85.20 -18.50
C SER P 49 5.75 84.14 -18.55
N MET P 50 6.15 82.85 -18.55
CA MET P 50 5.16 81.79 -18.52
C MET P 50 4.43 81.72 -17.19
N MET P 51 5.08 82.14 -16.10
CA MET P 51 4.40 82.22 -14.80
C MET P 51 3.25 83.21 -14.84
N ARG P 52 3.54 84.44 -15.29
CA ARG P 52 2.51 85.47 -15.39
C ARG P 52 1.40 85.06 -16.35
N TRP P 53 1.77 84.51 -17.51
CA TRP P 53 0.75 84.21 -18.51
C TRP P 53 -0.08 82.99 -18.14
N ASN P 54 0.50 81.99 -17.47
CA ASN P 54 -0.32 80.85 -17.06
C ASN P 54 -1.21 81.19 -15.88
N ARG P 55 -0.78 82.08 -14.98
CA ARG P 55 -1.71 82.54 -13.93
C ARG P 55 -2.87 83.31 -14.52
N GLU P 56 -2.60 84.15 -15.54
CA GLU P 56 -3.68 84.86 -16.23
C GLU P 56 -4.61 83.90 -16.95
N ARG P 57 -4.04 82.84 -17.56
CA ARG P 57 -4.86 81.84 -18.24
C ARG P 57 -5.72 81.05 -17.27
N ARG P 58 -5.23 80.77 -16.07
CA ARG P 58 -6.05 80.08 -15.07
C ARG P 58 -7.21 80.95 -14.61
N ARG P 59 -6.96 82.26 -14.45
CA ARG P 59 -8.06 83.17 -14.10
C ARG P 59 -9.10 83.25 -15.22
N LEU P 60 -8.65 83.25 -16.47
CA LEU P 60 -9.58 83.26 -17.60
C LEU P 60 -10.37 81.96 -17.70
N GLN P 61 -9.74 80.84 -17.34
CA GLN P 61 -10.43 79.55 -17.32
C GLN P 61 -11.51 79.53 -16.26
N ILE P 62 -11.23 80.10 -15.09
CA ILE P 62 -12.24 80.18 -14.03
C ILE P 62 -13.39 81.07 -14.44
N GLU P 63 -13.10 82.14 -15.18
CA GLU P 63 -14.19 83.00 -15.70
C GLU P 63 -15.07 82.25 -16.70
N ASP P 64 -14.45 81.49 -17.61
CA ASP P 64 -15.23 80.70 -18.58
C ASP P 64 -16.04 79.61 -17.90
N PHE P 65 -15.49 79.00 -16.86
CA PHE P 65 -16.20 77.95 -16.15
C PHE P 65 -17.38 78.51 -15.36
N GLU P 66 -17.23 79.73 -14.82
CA GLU P 66 -18.36 80.32 -14.11
C GLU P 66 -19.44 80.79 -15.07
N ALA P 67 -19.06 81.19 -16.29
CA ALA P 67 -20.08 81.43 -17.32
C ALA P 67 -20.84 80.14 -17.65
N ARG P 68 -20.11 79.02 -17.77
CA ARG P 68 -20.73 77.71 -17.96
C ARG P 68 -21.69 77.36 -16.82
N ILE P 69 -21.26 77.62 -15.59
CA ILE P 69 -22.06 77.31 -14.41
C ILE P 69 -23.34 78.14 -14.38
N ALA P 70 -23.23 79.43 -14.69
CA ALA P 70 -24.40 80.28 -14.72
C ALA P 70 -25.36 79.91 -15.84
N LEU P 71 -24.86 79.32 -16.93
CA LEU P 71 -25.77 78.89 -17.98
C LEU P 71 -26.42 77.54 -17.69
N MET P 72 -25.73 76.64 -16.96
CA MET P 72 -26.19 75.26 -16.69
C MET P 72 -27.60 75.03 -16.17
N PRO P 73 -28.23 75.89 -15.35
CA PRO P 73 -29.63 75.61 -14.99
C PRO P 73 -30.60 75.71 -16.16
N LEU P 74 -30.44 76.71 -17.02
CA LEU P 74 -31.29 76.84 -18.19
C LEU P 74 -31.07 75.69 -19.17
N LEU P 75 -29.81 75.31 -19.37
CA LEU P 75 -29.49 74.19 -20.25
C LEU P 75 -30.01 72.88 -19.67
N GLN P 76 -29.97 72.73 -18.34
CA GLN P 76 -30.48 71.51 -17.72
C GLN P 76 -31.99 71.42 -17.81
N ALA P 77 -32.69 72.55 -17.64
CA ALA P 77 -34.15 72.54 -17.78
C ALA P 77 -34.56 72.25 -19.22
N GLU P 78 -33.87 72.85 -20.19
CA GLU P 78 -34.16 72.57 -21.58
C GLU P 78 -33.80 71.14 -21.97
N LYS P 79 -32.75 70.58 -21.35
CA LYS P 79 -32.37 69.20 -21.63
C LYS P 79 -33.40 68.22 -21.06
N ASP P 80 -33.95 68.55 -19.88
CA ASP P 80 -35.00 67.72 -19.30
C ASP P 80 -36.25 67.72 -20.16
N ARG P 81 -36.70 68.91 -20.58
CA ARG P 81 -37.87 68.98 -21.45
C ARG P 81 -37.60 68.38 -22.83
N ARG P 82 -36.36 68.45 -23.30
CA ARG P 82 -35.93 67.82 -24.54
C ARG P 82 -36.09 66.31 -24.48
N VAL P 83 -35.52 65.68 -23.44
CA VAL P 83 -35.56 64.22 -23.39
C VAL P 83 -36.96 63.72 -23.03
N LEU P 84 -37.74 64.51 -22.29
CA LEU P 84 -39.10 64.07 -22.02
C LEU P 84 -40.00 64.22 -23.23
N GLN P 85 -39.76 65.26 -24.04
CA GLN P 85 -40.39 65.41 -25.34
C GLN P 85 -40.11 64.22 -26.24
N MET P 86 -38.84 63.80 -26.31
CA MET P 86 -38.47 62.71 -27.19
C MET P 86 -39.00 61.37 -26.70
N LEU P 87 -39.01 61.16 -25.37
CA LEU P 87 -39.56 59.91 -24.85
C LEU P 87 -41.07 59.84 -24.98
N ARG P 88 -41.76 60.98 -24.87
CA ARG P 88 -43.20 60.96 -25.11
C ARG P 88 -43.53 60.77 -26.58
N GLU P 89 -42.70 61.30 -27.48
CA GLU P 89 -42.90 61.05 -28.91
C GLU P 89 -42.60 59.60 -29.26
N ASN P 90 -41.61 59.00 -28.60
CA ASN P 90 -41.34 57.58 -28.80
C ASN P 90 -42.39 56.71 -28.14
N LEU P 91 -43.13 57.22 -27.16
CA LEU P 91 -44.16 56.46 -26.49
C LEU P 91 -45.51 56.55 -27.21
N GLU P 92 -45.86 57.72 -27.72
CA GLU P 92 -47.11 57.87 -28.44
C GLU P 92 -47.07 57.23 -29.82
N GLU P 93 -45.87 56.95 -30.34
CA GLU P 93 -45.73 56.22 -31.59
C GLU P 93 -45.42 54.74 -31.37
N GLU P 94 -45.10 54.34 -30.14
CA GLU P 94 -44.95 52.92 -29.84
C GLU P 94 -46.30 52.23 -29.81
N ALA P 95 -47.35 52.93 -29.34
CA ALA P 95 -48.67 52.31 -29.25
C ALA P 95 -49.30 52.13 -30.63
N THR P 96 -48.90 52.96 -31.60
CA THR P 96 -49.47 52.83 -32.95
C THR P 96 -48.79 51.71 -33.72
N ILE P 97 -47.48 51.56 -33.57
CA ILE P 97 -46.77 50.43 -34.17
C ILE P 97 -47.17 49.13 -33.50
N MET P 98 -47.14 49.11 -32.17
CA MET P 98 -47.46 47.92 -31.39
C MET P 98 -48.96 47.87 -31.09
N LYS P 99 -49.72 47.52 -32.12
CA LYS P 99 -51.15 47.32 -31.96
C LYS P 99 -51.59 45.91 -32.31
N ASP P 100 -50.99 45.32 -33.35
CA ASP P 100 -51.31 43.95 -33.74
C ASP P 100 -50.61 42.91 -32.88
N VAL P 101 -49.52 43.28 -32.22
CA VAL P 101 -48.69 42.30 -31.50
C VAL P 101 -49.41 41.87 -30.23
N PRO P 102 -49.62 40.56 -30.02
CA PRO P 102 -50.34 40.11 -28.82
C PRO P 102 -49.44 40.15 -27.58
N GLY P 103 -50.07 40.46 -26.45
CA GLY P 103 -49.36 40.48 -25.19
C GLY P 103 -48.39 41.62 -24.99
N TRP P 104 -48.36 42.60 -25.89
CA TRP P 104 -47.44 43.71 -25.75
C TRP P 104 -47.98 44.71 -24.74
N LYS P 105 -47.07 45.30 -23.98
CA LYS P 105 -47.40 46.26 -22.94
C LYS P 105 -46.65 47.55 -23.27
N VAL P 106 -47.38 48.57 -23.73
CA VAL P 106 -46.75 49.76 -24.27
C VAL P 106 -46.16 50.59 -23.14
N GLY P 107 -44.89 50.96 -23.30
CA GLY P 107 -44.21 51.70 -22.25
C GLY P 107 -43.87 50.89 -21.03
N GLU P 108 -43.77 49.57 -21.17
CA GLU P 108 -43.35 48.73 -20.06
C GLU P 108 -41.88 48.96 -19.76
N SER P 109 -41.57 49.25 -18.50
CA SER P 109 -40.18 49.41 -18.12
C SER P 109 -39.48 48.06 -18.14
N VAL P 110 -38.17 48.09 -18.41
CA VAL P 110 -37.38 46.87 -18.40
C VAL P 110 -36.65 46.78 -17.07
N PHE P 111 -36.96 47.71 -16.18
CA PHE P 111 -36.38 47.77 -14.85
C PHE P 111 -37.45 47.49 -13.82
N HIS P 112 -37.09 46.78 -12.76
CA HIS P 112 -38.05 46.49 -11.70
C HIS P 112 -38.37 47.72 -10.88
N THR P 113 -37.42 48.64 -10.76
CA THR P 113 -37.61 49.84 -9.96
C THR P 113 -38.47 50.85 -10.72
N THR P 114 -39.06 51.77 -9.96
CA THR P 114 -39.81 52.88 -10.53
C THR P 114 -39.01 54.17 -10.53
N ARG P 115 -37.71 54.09 -10.22
CA ARG P 115 -36.84 55.25 -10.27
C ARG P 115 -36.64 55.69 -11.72
N TRP P 116 -36.40 56.98 -11.90
CA TRP P 116 -35.98 57.50 -13.20
C TRP P 116 -34.64 56.94 -13.59
N VAL P 117 -34.54 56.44 -14.82
CA VAL P 117 -33.30 56.01 -15.42
C VAL P 117 -32.99 56.98 -16.55
N THR P 118 -31.74 57.42 -16.63
CA THR P 118 -31.30 58.27 -17.72
C THR P 118 -31.45 57.51 -19.04
N PRO P 119 -32.07 58.09 -20.06
CA PRO P 119 -32.37 57.33 -21.28
C PRO P 119 -31.12 56.96 -22.06
N MET P 120 -31.22 55.84 -22.75
CA MET P 120 -30.16 55.35 -23.60
C MET P 120 -30.25 56.08 -24.94
N MET P 121 -29.23 55.93 -25.78
CA MET P 121 -29.27 56.60 -27.08
C MET P 121 -30.29 55.95 -27.99
N GLY P 122 -30.44 54.62 -27.91
CA GLY P 122 -31.47 53.94 -28.65
C GLY P 122 -32.87 54.17 -28.12
N GLU P 123 -32.99 54.56 -26.84
CA GLU P 123 -34.31 54.85 -26.30
C GLU P 123 -34.84 56.18 -26.84
N LEU P 124 -33.96 57.11 -27.18
CA LEU P 124 -34.37 58.40 -27.72
C LEU P 124 -34.41 58.39 -29.24
N TYR P 125 -33.28 58.07 -29.88
CA TYR P 125 -33.17 58.14 -31.33
C TYR P 125 -33.38 56.78 -31.98
N GLY P 126 -34.21 55.94 -31.40
CA GLY P 126 -34.43 54.62 -31.97
C GLY P 126 -35.43 54.60 -33.11
N LEU P 127 -36.28 55.61 -33.21
CA LEU P 127 -37.32 55.67 -34.22
C LEU P 127 -37.09 56.79 -35.22
N ARG P 128 -35.92 57.43 -35.19
CA ARG P 128 -35.64 58.60 -35.99
C ARG P 128 -34.67 58.26 -37.12
N THR P 129 -34.44 59.24 -37.99
CA THR P 129 -33.63 59.02 -39.18
C THR P 129 -32.15 58.92 -38.83
N GLY P 130 -31.39 58.31 -39.76
CA GLY P 130 -29.98 58.07 -39.55
C GLY P 130 -29.13 59.32 -39.50
N GLU P 131 -29.59 60.41 -40.10
CA GLU P 131 -28.87 61.67 -40.02
C GLU P 131 -28.89 62.22 -38.60
N GLU P 132 -30.07 62.21 -37.96
CA GLU P 132 -30.18 62.64 -36.58
C GLU P 132 -29.47 61.70 -35.64
N ILE P 133 -29.49 60.39 -35.96
CA ILE P 133 -28.80 59.39 -35.14
C ILE P 133 -27.30 59.63 -35.16
N LEU P 134 -26.71 59.77 -36.36
CA LEU P 134 -25.27 60.00 -36.47
C LEU P 134 -24.86 61.34 -35.86
N SER P 135 -25.63 62.40 -36.14
CA SER P 135 -25.29 63.71 -35.59
C SER P 135 -25.49 63.80 -34.10
N SER P 136 -26.30 62.92 -33.51
CA SER P 136 -26.52 62.94 -32.07
C SER P 136 -25.63 61.98 -31.30
N THR P 137 -25.14 60.91 -31.93
CA THR P 137 -24.37 59.94 -31.17
C THR P 137 -22.92 59.83 -31.60
N TYR P 138 -22.53 60.33 -32.77
CA TYR P 138 -21.14 60.42 -33.17
C TYR P 138 -20.76 61.85 -33.54
N GLY P 139 -21.59 62.83 -33.18
CA GLY P 139 -21.38 64.18 -33.67
C GLY P 139 -20.18 64.85 -33.04
N PHE P 140 -20.04 64.73 -31.72
CA PHE P 140 -18.94 65.38 -31.02
C PHE P 140 -17.60 64.74 -31.36
N ILE P 141 -17.56 63.42 -31.49
CA ILE P 141 -16.31 62.73 -31.76
C ILE P 141 -15.83 63.02 -33.18
N TRP P 142 -16.74 62.96 -34.14
CA TRP P 142 -16.37 63.16 -35.53
C TRP P 142 -16.16 64.62 -35.88
N TYR P 143 -16.47 65.55 -34.99
CA TYR P 143 -16.42 66.97 -35.34
C TYR P 143 -14.96 67.43 -35.34
N THR P 144 -14.34 67.26 -36.50
CA THR P 144 -13.15 67.99 -36.93
C THR P 144 -11.94 67.87 -36.00
N SER Q 2 34.85 -63.18 -15.28
CA SER Q 2 36.04 -62.57 -14.73
C SER Q 2 35.73 -61.89 -13.41
N GLY Q 3 36.77 -61.68 -12.60
CA GLY Q 3 36.62 -61.05 -11.31
C GLY Q 3 37.04 -59.59 -11.31
N TYR Q 4 37.93 -59.23 -10.39
CA TYR Q 4 38.41 -57.87 -10.32
C TYR Q 4 39.56 -57.65 -11.29
N THR Q 5 39.80 -56.39 -11.60
CA THR Q 5 41.06 -55.98 -12.23
C THR Q 5 42.14 -55.94 -11.15
N PRO Q 6 43.43 -55.94 -11.52
CA PRO Q 6 44.48 -55.78 -10.50
C PRO Q 6 44.43 -54.43 -9.78
N ASP Q 7 43.95 -53.38 -10.46
CA ASP Q 7 43.73 -52.10 -9.79
C ASP Q 7 42.65 -52.20 -8.73
N GLU Q 8 41.56 -52.93 -9.03
CA GLU Q 8 40.50 -53.11 -8.06
C GLU Q 8 40.94 -53.95 -6.89
N LYS Q 9 41.71 -55.02 -7.13
CA LYS Q 9 42.23 -55.84 -6.05
C LYS Q 9 43.18 -55.05 -5.16
N LEU Q 10 44.05 -54.24 -5.78
CA LEU Q 10 44.99 -53.45 -5.01
C LEU Q 10 44.29 -52.38 -4.18
N ARG Q 11 43.26 -51.74 -4.77
CA ARG Q 11 42.53 -50.71 -4.02
C ARG Q 11 41.70 -51.31 -2.90
N LEU Q 12 41.05 -52.46 -3.13
CA LEU Q 12 40.30 -53.09 -2.06
C LEU Q 12 41.20 -53.62 -0.96
N GLN Q 13 42.40 -54.09 -1.30
CA GLN Q 13 43.36 -54.52 -0.30
C GLN Q 13 43.83 -53.35 0.56
N GLN Q 14 44.10 -52.21 -0.06
CA GLN Q 14 44.60 -51.06 0.69
C GLN Q 14 43.49 -50.42 1.53
N LEU Q 15 42.28 -50.30 0.98
CA LEU Q 15 41.13 -49.84 1.76
C LEU Q 15 40.79 -50.79 2.88
N ARG Q 16 41.01 -52.10 2.67
CA ARG Q 16 40.74 -53.08 3.71
C ARG Q 16 41.74 -52.98 4.84
N GLU Q 17 43.01 -52.73 4.51
CA GLU Q 17 44.03 -52.55 5.55
C GLU Q 17 43.78 -51.28 6.35
N LEU Q 18 43.41 -50.18 5.67
CA LEU Q 18 43.07 -48.95 6.38
C LEU Q 18 41.81 -49.09 7.22
N ARG Q 19 40.83 -49.85 6.72
CA ARG Q 19 39.58 -50.07 7.45
C ARG Q 19 39.80 -50.92 8.68
N ARG Q 20 40.69 -51.92 8.59
CA ARG Q 20 41.00 -52.70 9.77
C ARG Q 20 41.82 -51.91 10.78
N ARG Q 21 42.70 -51.01 10.32
CA ARG Q 21 43.37 -50.13 11.28
C ARG Q 21 42.38 -49.17 11.96
N TRP Q 22 41.40 -48.67 11.21
CA TRP Q 22 40.38 -47.80 11.80
C TRP Q 22 39.56 -48.53 12.85
N LEU Q 23 39.06 -49.72 12.50
CA LEU Q 23 38.23 -50.48 13.43
C LEU Q 23 39.03 -50.97 14.63
N LYS Q 24 40.32 -51.26 14.45
CA LYS Q 24 41.18 -51.56 15.59
C LYS Q 24 41.36 -50.35 16.49
N ASP Q 25 41.48 -49.16 15.89
CA ASP Q 25 41.63 -47.95 16.68
C ASP Q 25 40.33 -47.52 17.35
N GLN Q 26 39.19 -48.07 16.92
CA GLN Q 26 37.94 -47.77 17.60
C GLN Q 26 37.77 -48.49 18.94
N GLU Q 27 38.71 -49.33 19.35
CA GLU Q 27 38.59 -50.03 20.63
C GLU Q 27 38.85 -49.07 21.79
N LEU Q 28 38.55 -49.57 22.99
CA LEU Q 28 38.72 -48.81 24.21
C LEU Q 28 40.01 -49.20 24.91
N SER Q 29 40.70 -48.21 25.46
CA SER Q 29 41.78 -48.48 26.40
C SER Q 29 41.18 -49.01 27.70
N PRO Q 30 41.93 -49.83 28.46
CA PRO Q 30 41.40 -50.35 29.73
C PRO Q 30 41.22 -49.29 30.81
N ARG Q 31 41.80 -48.11 30.67
CA ARG Q 31 41.56 -47.04 31.64
C ARG Q 31 40.37 -46.17 31.26
N GLU Q 32 39.91 -46.24 30.01
CA GLU Q 32 38.79 -45.49 29.45
C GLU Q 32 37.48 -46.24 29.65
N PRO Q 33 36.36 -45.55 29.88
CA PRO Q 33 36.17 -44.09 30.01
C PRO Q 33 36.64 -43.52 31.34
N VAL Q 34 37.50 -42.49 31.27
CA VAL Q 34 38.00 -41.83 32.46
C VAL Q 34 36.87 -41.02 33.06
N LEU Q 35 36.33 -41.50 34.15
CA LEU Q 35 35.13 -40.88 34.66
C LEU Q 35 35.47 -39.77 35.66
N PRO Q 36 34.65 -38.73 35.70
CA PRO Q 36 34.80 -37.70 36.74
C PRO Q 36 34.45 -38.25 38.11
N PRO Q 37 34.95 -37.64 39.18
CA PRO Q 37 34.63 -38.14 40.53
C PRO Q 37 33.17 -37.91 40.90
N ARG Q 38 32.52 -38.98 41.35
CA ARG Q 38 31.11 -38.92 41.74
C ARG Q 38 30.96 -38.25 43.11
N ARG Q 66 16.52 -48.98 53.96
CA ARG Q 66 16.35 -48.69 52.54
C ARG Q 66 16.34 -50.01 51.75
N HIS Q 67 15.25 -50.74 51.88
CA HIS Q 67 15.05 -51.96 51.11
C HIS Q 67 13.68 -51.97 50.47
N SER Q 68 12.71 -51.32 51.12
CA SER Q 68 11.34 -51.19 50.64
C SER Q 68 10.93 -49.72 50.63
N ILE Q 69 11.81 -48.87 50.10
CA ILE Q 69 11.49 -47.45 49.98
C ILE Q 69 10.60 -47.18 48.77
N PHE Q 70 10.49 -48.15 47.86
CA PHE Q 70 9.56 -48.00 46.74
C PHE Q 70 8.11 -48.02 47.20
N ALA Q 71 7.78 -48.88 48.16
CA ALA Q 71 6.42 -48.93 48.67
C ALA Q 71 6.08 -47.72 49.53
N PHE Q 72 7.08 -46.98 49.98
CA PHE Q 72 6.87 -45.79 50.79
C PHE Q 72 6.76 -44.54 49.93
N THR Q 73 7.65 -44.38 48.95
CA THR Q 73 7.68 -43.16 48.16
C THR Q 73 6.74 -43.18 46.97
N HIS Q 74 6.44 -44.36 46.42
CA HIS Q 74 5.62 -44.45 45.23
C HIS Q 74 4.20 -44.89 45.51
N VAL Q 75 3.93 -45.50 46.65
CA VAL Q 75 2.58 -45.91 47.02
C VAL Q 75 2.09 -45.09 48.20
N LEU Q 76 2.76 -45.19 49.35
CA LEU Q 76 2.19 -44.76 50.61
C LEU Q 76 2.12 -43.24 50.70
N ILE Q 77 3.11 -42.52 50.18
CA ILE Q 77 3.05 -41.07 50.09
C ILE Q 77 2.02 -40.64 49.03
N PRO Q 78 1.92 -41.24 47.83
CA PRO Q 78 0.76 -40.91 46.99
C PRO Q 78 -0.60 -41.33 47.53
N VAL Q 79 -0.71 -42.43 48.30
CA VAL Q 79 -2.01 -42.75 48.91
C VAL Q 79 -2.37 -41.71 49.94
N TRP Q 80 -1.38 -41.24 50.72
CA TRP Q 80 -1.60 -40.13 51.66
C TRP Q 80 -2.05 -38.85 50.95
N ILE Q 81 -1.33 -38.45 49.89
CA ILE Q 81 -1.63 -37.21 49.18
C ILE Q 81 -3.00 -37.28 48.51
N ILE Q 82 -3.30 -38.40 47.84
CA ILE Q 82 -4.54 -38.52 47.13
C ILE Q 82 -5.72 -38.72 48.07
N HIS Q 83 -5.52 -39.38 49.22
CA HIS Q 83 -6.61 -39.50 50.18
C HIS Q 83 -6.90 -38.17 50.84
N TYR Q 84 -5.86 -37.36 51.09
CA TYR Q 84 -6.09 -36.01 51.60
C TYR Q 84 -6.85 -35.16 50.57
N TYR Q 85 -6.43 -35.23 49.31
CA TYR Q 85 -7.06 -34.47 48.24
C TYR Q 85 -8.51 -34.88 48.02
N LEU Q 86 -8.80 -36.17 48.10
CA LEU Q 86 -10.17 -36.62 47.87
C LEU Q 86 -11.05 -36.39 49.08
N LYS Q 87 -10.50 -36.56 50.30
CA LYS Q 87 -11.34 -36.47 51.48
C LYS Q 87 -11.65 -35.03 51.84
N TYR Q 88 -10.70 -34.11 51.64
CA TYR Q 88 -10.90 -32.75 52.14
C TYR Q 88 -11.00 -31.69 51.05
N HIS Q 89 -10.97 -32.08 49.77
CA HIS Q 89 -11.13 -31.07 48.73
C HIS Q 89 -12.09 -31.51 47.64
N VAL Q 90 -12.25 -32.81 47.43
CA VAL Q 90 -13.11 -33.33 46.38
C VAL Q 90 -14.46 -33.76 46.93
N THR Q 91 -14.47 -34.51 48.03
CA THR Q 91 -15.73 -34.87 48.66
C THR Q 91 -16.37 -33.75 49.47
N THR Q 92 -15.70 -32.60 49.61
CA THR Q 92 -16.32 -31.44 50.21
C THR Q 92 -17.09 -30.60 49.22
N LYS Q 93 -16.97 -30.88 47.95
CA LYS Q 93 -17.70 -30.27 46.86
C LYS Q 93 -18.79 -31.21 46.37
N PRO Q 94 -19.94 -30.69 45.94
CA PRO Q 94 -21.06 -31.58 45.58
C PRO Q 94 -20.86 -32.25 44.24
N TYR Q 95 -21.30 -33.51 44.19
CA TYR Q 95 -21.41 -34.33 42.97
C TYR Q 95 -20.07 -34.59 42.30
N THR Q 96 -18.96 -34.46 43.03
CA THR Q 96 -17.66 -34.72 42.43
C THR Q 96 -17.34 -36.21 42.46
N ILE Q 97 -17.43 -36.84 43.63
CA ILE Q 97 -17.38 -38.29 43.73
C ILE Q 97 -18.81 -38.75 43.93
N VAL Q 98 -19.46 -39.14 42.83
CA VAL Q 98 -20.80 -39.68 42.86
C VAL Q 98 -20.72 -41.19 42.66
N GLU Q 99 -21.25 -41.92 43.63
CA GLU Q 99 -21.11 -43.37 43.69
C GLU Q 99 -22.47 -43.98 43.40
N LYS Q 100 -22.46 -45.11 42.68
CA LYS Q 100 -23.69 -45.86 42.48
C LYS Q 100 -24.18 -46.40 43.81
N LYS Q 101 -25.49 -46.32 44.04
CA LYS Q 101 -26.02 -46.76 45.31
C LYS Q 101 -25.92 -48.28 45.39
N PRO Q 102 -25.63 -48.82 46.57
CA PRO Q 102 -25.36 -50.25 46.67
C PRO Q 102 -26.61 -51.09 46.47
N ARG Q 103 -26.39 -52.26 45.89
CA ARG Q 103 -27.46 -53.09 45.36
C ARG Q 103 -28.22 -53.76 46.50
N ILE Q 104 -29.54 -53.57 46.53
CA ILE Q 104 -30.38 -54.02 47.63
C ILE Q 104 -31.13 -55.27 47.20
N PHE Q 105 -31.02 -56.32 48.00
CA PHE Q 105 -31.69 -57.58 47.78
C PHE Q 105 -32.75 -57.83 48.85
N PRO Q 106 -33.72 -58.69 48.57
CA PRO Q 106 -34.64 -59.12 49.63
C PRO Q 106 -33.92 -59.94 50.69
N GLY Q 107 -34.22 -59.65 51.95
CA GLY Q 107 -33.56 -60.27 53.06
C GLY Q 107 -32.45 -59.43 53.69
N ASP Q 108 -32.03 -58.36 53.02
CA ASP Q 108 -30.97 -57.52 53.54
C ASP Q 108 -31.48 -56.64 54.68
N THR Q 109 -30.54 -55.97 55.33
CA THR Q 109 -30.82 -55.06 56.42
C THR Q 109 -30.06 -53.77 56.17
N ILE Q 110 -30.79 -52.66 56.17
CA ILE Q 110 -30.19 -51.35 55.90
C ILE Q 110 -29.41 -50.91 57.14
N LEU Q 111 -28.16 -50.49 56.94
CA LEU Q 111 -27.35 -50.05 58.06
C LEU Q 111 -27.75 -48.66 58.56
N GLU Q 112 -28.22 -47.79 57.67
CA GLU Q 112 -28.64 -46.45 58.09
C GLU Q 112 -30.01 -46.44 58.74
N THR Q 113 -30.79 -47.50 58.61
CA THR Q 113 -32.13 -47.53 59.19
C THR Q 113 -32.33 -48.69 60.16
N GLY Q 114 -31.87 -49.88 59.82
CA GLY Q 114 -32.24 -51.08 60.53
C GLY Q 114 -33.43 -51.80 59.95
N GLU Q 115 -34.04 -51.26 58.89
CA GLU Q 115 -35.23 -51.83 58.28
C GLU Q 115 -34.82 -53.04 57.44
N VAL Q 116 -35.41 -54.18 57.72
CA VAL Q 116 -35.10 -55.41 56.99
C VAL Q 116 -35.97 -55.48 55.75
N ILE Q 117 -35.35 -55.65 54.59
CA ILE Q 117 -36.10 -55.85 53.35
C ILE Q 117 -36.78 -57.21 53.39
N PRO Q 118 -38.09 -57.30 53.14
CA PRO Q 118 -38.77 -58.59 53.25
C PRO Q 118 -38.38 -59.52 52.11
N PRO Q 119 -38.37 -60.82 52.34
CA PRO Q 119 -37.93 -61.76 51.30
C PRO Q 119 -38.99 -61.92 50.21
N MET Q 120 -38.61 -62.67 49.18
CA MET Q 120 -39.45 -62.82 48.01
C MET Q 120 -40.60 -63.77 48.28
N LYS Q 121 -41.53 -63.82 47.32
CA LYS Q 121 -42.68 -64.70 47.37
C LYS Q 121 -42.22 -66.15 47.25
N GLU Q 122 -43.03 -67.07 47.78
CA GLU Q 122 -42.72 -68.50 47.70
C GLU Q 122 -42.74 -68.96 46.25
N PHE Q 123 -41.69 -69.68 45.86
CA PHE Q 123 -41.47 -69.96 44.44
C PHE Q 123 -42.38 -71.09 43.97
N PRO Q 124 -43.01 -70.93 42.81
CA PRO Q 124 -43.68 -72.08 42.18
C PRO Q 124 -42.65 -73.03 41.59
N ASP Q 125 -42.17 -73.96 42.43
CA ASP Q 125 -40.98 -74.79 42.20
C ASP Q 125 -41.01 -75.55 40.89
N GLN Q 126 -40.09 -75.20 40.00
CA GLN Q 126 -40.08 -75.69 38.63
C GLN Q 126 -39.39 -77.03 38.47
N HIS Q 127 -38.61 -77.46 39.45
CA HIS Q 127 -37.83 -78.68 39.32
C HIS Q 127 -37.54 -79.30 40.68
N GLY R 2 -33.60 -74.42 12.12
CA GLY R 2 -32.92 -74.03 10.90
C GLY R 2 -33.68 -74.44 9.66
N ALA R 3 -34.46 -75.51 9.77
CA ALA R 3 -35.29 -75.95 8.66
C ALA R 3 -36.41 -74.95 8.38
N HIS R 4 -36.83 -74.18 9.40
CA HIS R 4 -37.86 -73.17 9.20
C HIS R 4 -37.36 -72.01 8.36
N LEU R 5 -36.05 -71.76 8.36
CA LEU R 5 -35.48 -70.77 7.44
C LEU R 5 -35.66 -71.22 5.99
N ALA R 6 -35.44 -72.51 5.72
CA ALA R 6 -35.64 -73.02 4.38
C ALA R 6 -37.12 -73.12 4.03
N ARG R 7 -37.98 -73.34 5.02
CA ARG R 7 -39.40 -73.41 4.74
C ARG R 7 -40.02 -72.04 4.54
N ARG R 8 -39.45 -70.99 5.12
CA ARG R 8 -39.95 -69.65 4.88
C ARG R 8 -39.33 -69.00 3.66
N TYR R 9 -38.05 -69.26 3.38
CA TYR R 9 -37.38 -68.59 2.29
C TYR R 9 -37.53 -69.33 0.97
N LEU R 10 -37.26 -70.64 0.98
CA LEU R 10 -37.41 -71.43 -0.24
C LEU R 10 -38.82 -71.94 -0.44
N GLY R 11 -39.58 -72.12 0.65
CA GLY R 11 -40.97 -72.52 0.56
C GLY R 11 -41.88 -71.33 0.33
N ASP R 12 -42.95 -71.23 1.12
CA ASP R 12 -43.87 -70.09 1.04
C ASP R 12 -44.00 -69.42 2.40
N ALA R 13 -44.17 -68.10 2.37
CA ALA R 13 -44.25 -67.31 3.59
C ALA R 13 -45.67 -67.21 4.13
N SER R 14 -46.66 -67.75 3.42
CA SER R 14 -48.04 -67.67 3.88
C SER R 14 -48.34 -68.66 5.01
N VAL R 15 -47.51 -69.68 5.17
CA VAL R 15 -47.72 -70.70 6.20
C VAL R 15 -46.67 -70.62 7.30
N GLU R 16 -45.56 -69.92 7.07
CA GLU R 16 -44.52 -69.74 8.07
C GLU R 16 -44.72 -68.43 8.80
N PRO R 17 -44.60 -68.40 10.13
CA PRO R 17 -44.87 -67.16 10.86
C PRO R 17 -43.72 -66.17 10.78
N GLU R 18 -44.08 -64.91 10.62
CA GLU R 18 -43.10 -63.83 10.60
C GLU R 18 -42.75 -63.47 12.04
N PRO R 19 -41.45 -63.45 12.40
CA PRO R 19 -41.09 -63.29 13.81
C PRO R 19 -41.35 -61.89 14.35
N LEU R 20 -41.32 -60.88 13.50
CA LEU R 20 -41.43 -59.51 13.98
C LEU R 20 -42.87 -59.15 14.35
N ARG R 21 -43.85 -59.77 13.69
CA ARG R 21 -45.26 -59.58 14.05
C ARG R 21 -45.88 -60.95 14.33
N MET R 22 -45.70 -61.42 15.57
CA MET R 22 -46.30 -62.64 16.07
C MET R 22 -46.25 -62.60 17.58
N PRO R 23 -47.23 -63.17 18.28
CA PRO R 23 -48.45 -63.88 17.86
C PRO R 23 -49.55 -62.98 17.29
N THR R 24 -50.10 -63.39 16.14
CA THR R 24 -51.21 -62.68 15.52
C THR R 24 -52.55 -63.26 15.90
N PHE R 25 -52.61 -64.56 16.17
CA PHE R 25 -53.83 -65.19 16.64
C PHE R 25 -54.11 -64.76 18.08
N PRO R 26 -55.38 -64.76 18.50
CA PRO R 26 -55.68 -64.45 19.89
C PRO R 26 -55.17 -65.54 20.81
N PRO R 27 -54.76 -65.18 22.04
CA PRO R 27 -54.22 -66.19 22.95
C PRO R 27 -55.27 -67.12 23.52
N ASP R 28 -56.54 -66.73 23.52
CA ASP R 28 -57.61 -67.58 23.97
C ASP R 28 -58.14 -68.51 22.89
N TYR R 29 -57.67 -68.36 21.66
CA TYR R 29 -58.15 -69.15 20.53
C TYR R 29 -57.59 -70.56 20.64
N GLY R 30 -58.42 -71.50 21.09
CA GLY R 30 -58.03 -72.86 21.29
C GLY R 30 -57.72 -73.23 22.73
N PHE R 31 -57.73 -72.26 23.63
CA PHE R 31 -57.45 -72.48 25.05
C PHE R 31 -58.67 -72.17 25.90
N PRO R 32 -59.41 -73.16 26.36
CA PRO R 32 -60.46 -72.90 27.35
C PRO R 32 -59.88 -72.56 28.70
N GLU R 33 -60.09 -71.31 29.14
CA GLU R 33 -59.63 -70.77 30.42
C GLU R 33 -58.11 -70.87 30.59
N ARG R 34 -57.41 -70.15 29.71
CA ARG R 34 -55.96 -70.13 29.76
C ARG R 34 -55.49 -69.24 30.89
N LYS R 35 -54.43 -69.66 31.58
CA LYS R 35 -53.92 -68.94 32.73
C LYS R 35 -52.79 -68.00 32.33
N GLU R 36 -52.62 -66.94 33.10
CA GLU R 36 -51.56 -65.97 32.87
C GLU R 36 -50.24 -66.47 33.45
N ARG R 37 -49.16 -65.78 33.11
CA ARG R 37 -47.88 -66.06 33.72
C ARG R 37 -47.75 -65.22 34.98
N GLU R 38 -47.22 -65.83 36.04
CA GLU R 38 -47.18 -65.21 37.35
C GLU R 38 -45.76 -64.75 37.65
N MET R 39 -45.57 -63.43 37.67
CA MET R 39 -44.30 -62.85 38.07
C MET R 39 -44.11 -63.00 39.57
N VAL R 40 -42.94 -63.49 39.98
CA VAL R 40 -42.67 -63.73 41.39
C VAL R 40 -42.04 -62.52 42.05
N ALA R 41 -41.01 -61.95 41.43
CA ALA R 41 -40.31 -60.81 42.01
C ALA R 41 -41.17 -59.56 41.90
N THR R 42 -41.25 -58.81 42.98
CA THR R 42 -41.94 -57.53 43.00
C THR R 42 -41.18 -56.55 42.12
N GLN R 43 -41.92 -55.61 41.51
CA GLN R 43 -41.32 -54.57 40.69
C GLN R 43 -40.35 -53.71 41.48
N GLN R 44 -40.66 -53.47 42.76
CA GLN R 44 -39.73 -52.75 43.63
C GLN R 44 -38.52 -53.60 44.00
N GLU R 45 -38.68 -54.93 44.07
CA GLU R 45 -37.56 -55.80 44.44
C GLU R 45 -36.50 -55.84 43.35
N MET R 46 -36.92 -55.90 42.09
CA MET R 46 -35.96 -55.83 41.00
C MET R 46 -35.66 -54.41 40.56
N ASN R 47 -36.38 -53.42 41.10
CA ASN R 47 -35.94 -52.04 41.00
C ASN R 47 -34.76 -51.79 41.93
N ASP R 48 -34.85 -52.30 43.17
CA ASP R 48 -33.78 -52.09 44.14
C ASP R 48 -32.55 -52.93 43.82
N ALA R 49 -32.76 -54.08 43.17
CA ALA R 49 -31.65 -54.96 42.81
C ALA R 49 -30.93 -54.50 41.55
N GLN R 50 -31.40 -53.44 40.90
CA GLN R 50 -30.73 -52.78 39.77
C GLN R 50 -30.49 -53.73 38.61
N LEU R 51 -31.45 -54.60 38.35
CA LEU R 51 -31.30 -55.55 37.25
C LEU R 51 -31.34 -54.83 35.91
N VAL R 52 -30.63 -55.40 34.94
CA VAL R 52 -30.69 -54.89 33.58
C VAL R 52 -32.10 -55.12 33.06
N LEU R 53 -32.60 -54.16 32.27
CA LEU R 53 -33.99 -54.24 31.81
C LEU R 53 -34.23 -55.40 30.85
N GLN R 54 -33.19 -55.92 30.21
CA GLN R 54 -33.32 -57.20 29.52
C GLN R 54 -33.50 -58.33 30.51
N GLN R 55 -32.84 -58.25 31.67
CA GLN R 55 -32.85 -59.32 32.66
C GLN R 55 -34.09 -59.29 33.55
N ARG R 56 -34.98 -58.33 33.39
CA ARG R 56 -36.19 -58.27 34.21
C ARG R 56 -37.35 -59.00 33.55
N ASP R 57 -37.11 -60.26 33.18
CA ASP R 57 -38.14 -61.09 32.57
C ASP R 57 -38.88 -61.88 33.65
N TYR R 58 -39.65 -62.89 33.24
CA TYR R 58 -40.60 -63.53 34.15
C TYR R 58 -39.97 -64.42 35.20
N CYS R 59 -38.66 -64.67 35.18
CA CYS R 59 -38.02 -65.32 36.32
C CYS R 59 -36.71 -64.64 36.66
N ALA R 60 -36.74 -63.33 36.82
CA ALA R 60 -35.63 -62.59 37.39
C ALA R 60 -35.43 -62.86 38.89
N HIS R 61 -36.35 -63.56 39.55
CA HIS R 61 -36.19 -63.84 40.97
C HIS R 61 -35.08 -64.86 41.24
N TYR R 62 -34.91 -65.83 40.33
CA TYR R 62 -33.74 -66.70 40.41
C TYR R 62 -32.46 -65.93 40.20
N LEU R 63 -32.50 -64.91 39.34
CA LEU R 63 -31.34 -64.03 39.16
C LEU R 63 -31.05 -63.21 40.40
N ILE R 64 -32.09 -62.78 41.10
CA ILE R 64 -31.89 -62.01 42.34
C ILE R 64 -31.30 -62.90 43.43
N ARG R 65 -31.78 -64.15 43.53
CA ARG R 65 -31.17 -65.11 44.46
C ARG R 65 -29.72 -65.41 44.09
N PHE R 66 -29.45 -65.55 42.78
CA PHE R 66 -28.08 -65.82 42.34
C PHE R 66 -27.15 -64.65 42.60
N LEU R 67 -27.60 -63.42 42.38
CA LEU R 67 -26.75 -62.26 42.64
C LEU R 67 -26.54 -62.03 44.12
N LYS R 68 -27.55 -62.33 44.95
CA LYS R 68 -27.36 -62.25 46.40
C LYS R 68 -26.37 -63.31 46.88
N CYS R 69 -26.41 -64.50 46.28
CA CYS R 69 -25.42 -65.52 46.60
C CYS R 69 -24.03 -65.10 46.15
N LYS R 70 -23.92 -64.52 44.95
CA LYS R 70 -22.63 -64.11 44.40
C LYS R 70 -22.01 -62.98 45.21
N ARG R 71 -22.84 -62.09 45.77
CA ARG R 71 -22.31 -61.08 46.67
C ARG R 71 -21.92 -61.67 48.01
N ASP R 72 -22.76 -62.56 48.56
CA ASP R 72 -22.54 -63.03 49.92
C ASP R 72 -21.43 -64.08 50.03
N SER R 73 -21.02 -64.69 48.93
CA SER R 73 -20.02 -65.76 48.97
C SER R 73 -18.67 -65.32 48.43
N PHE R 74 -18.42 -64.01 48.36
CA PHE R 74 -17.11 -63.51 47.96
C PHE R 74 -16.10 -63.79 49.08
N PRO R 75 -14.86 -64.17 48.75
CA PRO R 75 -14.19 -64.35 47.46
C PRO R 75 -14.35 -65.73 46.83
N ASN R 76 -15.13 -66.60 47.45
CA ASN R 76 -15.34 -67.95 46.91
C ASN R 76 -16.29 -67.83 45.72
N PHE R 77 -15.73 -67.48 44.57
CA PHE R 77 -16.52 -67.23 43.37
C PHE R 77 -16.97 -68.51 42.67
N LEU R 78 -16.66 -69.67 43.23
CA LEU R 78 -17.11 -70.96 42.70
C LEU R 78 -18.09 -71.63 43.65
N ALA R 79 -18.90 -70.83 44.35
CA ALA R 79 -19.74 -71.35 45.41
C ALA R 79 -21.23 -71.17 45.15
N CYS R 80 -21.63 -70.60 44.02
CA CYS R 80 -23.02 -70.34 43.73
C CYS R 80 -23.38 -70.86 42.34
N LYS R 81 -22.99 -72.09 42.06
CA LYS R 81 -23.31 -72.72 40.79
C LYS R 81 -24.71 -73.31 40.78
N HIS R 82 -25.27 -73.63 41.95
CA HIS R 82 -26.62 -74.18 41.99
C HIS R 82 -27.66 -73.12 41.68
N GLU R 83 -27.46 -71.90 42.18
CA GLU R 83 -28.38 -70.81 41.89
C GLU R 83 -28.28 -70.38 40.43
N GLN R 84 -27.06 -70.40 39.87
CA GLN R 84 -26.90 -70.11 38.46
C GLN R 84 -27.52 -71.20 37.59
N HIS R 85 -27.41 -72.46 38.02
CA HIS R 85 -28.08 -73.53 37.29
C HIS R 85 -29.59 -73.44 37.38
N ASP R 86 -30.12 -72.98 38.51
CA ASP R 86 -31.56 -72.76 38.64
C ASP R 86 -32.03 -71.65 37.70
N TRP R 87 -31.30 -70.54 37.66
CA TRP R 87 -31.68 -69.43 36.78
C TRP R 87 -31.52 -69.80 35.31
N ASP R 88 -30.51 -70.59 34.98
CA ASP R 88 -30.33 -71.02 33.60
C ASP R 88 -31.39 -72.04 33.19
N TYR R 89 -31.81 -72.91 34.11
CA TYR R 89 -32.89 -73.82 33.80
C TYR R 89 -34.22 -73.10 33.66
N CYS R 90 -34.41 -72.02 34.41
CA CYS R 90 -35.63 -71.24 34.23
C CYS R 90 -35.62 -70.48 32.91
N GLU R 91 -34.46 -69.96 32.50
CA GLU R 91 -34.37 -69.32 31.19
C GLU R 91 -34.53 -70.36 30.07
N HIS R 92 -34.09 -71.60 30.31
CA HIS R 92 -34.39 -72.70 29.39
C HIS R 92 -35.89 -72.93 29.27
N LEU R 93 -36.61 -72.92 30.39
CA LEU R 93 -38.05 -73.14 30.33
C LEU R 93 -38.76 -71.98 29.64
N ASP R 94 -38.26 -70.75 29.82
CA ASP R 94 -38.81 -69.60 29.10
C ASP R 94 -38.55 -69.72 27.61
N TYR R 95 -37.37 -70.20 27.23
CA TYR R 95 -37.07 -70.41 25.81
C TYR R 95 -37.91 -71.53 25.21
N VAL R 96 -38.23 -72.54 26.01
CA VAL R 96 -39.16 -73.59 25.58
C VAL R 96 -40.56 -73.03 25.39
N LYS R 97 -40.97 -72.10 26.26
CA LYS R 97 -42.27 -71.45 26.09
C LYS R 97 -42.30 -70.60 24.83
N ARG R 98 -41.19 -69.93 24.50
CA ARG R 98 -41.12 -69.16 23.26
C ARG R 98 -41.16 -70.07 22.04
N MET R 99 -40.51 -71.23 22.12
CA MET R 99 -40.59 -72.21 21.05
C MET R 99 -42.01 -72.77 20.90
N LYS R 100 -42.72 -72.93 22.02
CA LYS R 100 -44.11 -73.37 21.95
C LYS R 100 -45.01 -72.32 21.35
N GLU R 101 -44.73 -71.04 21.60
CA GLU R 101 -45.48 -69.97 20.93
C GLU R 101 -45.24 -69.98 19.44
N PHE R 102 -43.99 -70.22 19.03
CA PHE R 102 -43.66 -70.33 17.60
C PHE R 102 -44.36 -71.52 16.95
N GLU R 103 -44.37 -72.66 17.64
CA GLU R 103 -45.00 -73.86 17.10
C GLU R 103 -46.52 -73.72 17.07
N ARG R 104 -47.10 -73.02 18.03
CA ARG R 104 -48.53 -72.73 18.03
C ARG R 104 -48.90 -71.85 16.85
N GLU R 105 -48.07 -70.83 16.57
CA GLU R 105 -48.34 -69.97 15.42
C GLU R 105 -48.18 -70.72 14.10
N ARG R 106 -47.19 -71.62 14.03
CA ARG R 106 -46.99 -72.40 12.80
C ARG R 106 -48.16 -73.36 12.57
N ARG R 107 -48.64 -74.01 13.63
CA ARG R 107 -49.74 -74.96 13.46
C ARG R 107 -51.06 -74.24 13.21
N LEU R 108 -51.25 -73.04 13.75
CA LEU R 108 -52.48 -72.30 13.41
C LEU R 108 -52.42 -71.73 12.00
N LEU R 109 -51.24 -71.40 11.49
CA LEU R 109 -51.16 -71.02 10.08
C LEU R 109 -51.40 -72.21 9.17
N GLN R 110 -50.95 -73.41 9.57
CA GLN R 110 -51.31 -74.61 8.82
C GLN R 110 -52.81 -74.89 8.90
N ARG R 111 -53.44 -74.59 10.04
CA ARG R 111 -54.88 -74.74 10.16
C ARG R 111 -55.61 -73.76 9.25
N LYS R 112 -55.15 -72.52 9.17
CA LYS R 112 -55.74 -71.53 8.26
C LYS R 112 -55.55 -71.94 6.81
N LYS R 113 -54.39 -72.53 6.48
CA LYS R 113 -54.15 -73.01 5.13
C LYS R 113 -55.09 -74.15 4.76
N ARG R 114 -55.26 -75.13 5.66
CA ARG R 114 -56.19 -76.22 5.42
C ARG R 114 -57.63 -75.74 5.40
N ARG R 115 -57.95 -74.70 6.18
CA ARG R 115 -59.30 -74.14 6.20
C ARG R 115 -59.64 -73.46 4.88
N GLU R 116 -58.71 -72.67 4.35
CA GLU R 116 -58.99 -72.01 3.07
C GLU R 116 -58.94 -72.99 1.91
N GLN R 117 -58.14 -74.06 2.02
CA GLN R 117 -58.18 -75.10 1.00
C GLN R 117 -59.49 -75.88 1.03
N ARG R 118 -60.02 -76.14 2.24
CA ARG R 118 -61.31 -76.81 2.34
C ARG R 118 -62.44 -75.91 1.87
N GLU R 119 -62.34 -74.60 2.10
CA GLU R 119 -63.34 -73.66 1.61
C GLU R 119 -63.26 -73.52 0.09
N ALA R 120 -62.06 -73.63 -0.48
CA ALA R 120 -61.93 -73.56 -1.93
C ALA R 120 -62.41 -74.84 -2.60
N ASP R 121 -62.14 -75.99 -1.98
CA ASP R 121 -62.57 -77.26 -2.56
C ASP R 121 -64.05 -77.51 -2.37
N MET R 122 -64.65 -76.99 -1.29
CA MET R 122 -66.07 -77.18 -1.05
C MET R 122 -66.90 -76.24 -1.94
N ALA R 123 -66.68 -74.94 -1.79
CA ALA R 123 -67.40 -73.95 -2.58
C ALA R 123 -66.66 -73.64 -3.88
N ALA S 2 22.44 -51.73 -18.25
CA ALA S 2 21.83 -50.42 -18.40
C ALA S 2 22.16 -49.53 -17.21
N PHE S 3 22.55 -50.13 -16.10
CA PHE S 3 22.83 -49.36 -14.88
C PHE S 3 23.81 -50.18 -14.03
N LEU S 4 25.08 -49.82 -14.08
CA LEU S 4 26.14 -50.39 -13.25
C LEU S 4 27.14 -49.31 -12.89
N PRO S 5 27.83 -49.42 -11.77
CA PRO S 5 28.81 -48.38 -11.41
C PRO S 5 30.06 -48.38 -12.27
N SER S 6 30.61 -49.55 -12.59
CA SER S 6 31.86 -49.62 -13.35
C SER S 6 31.62 -49.67 -14.85
N ALA S 7 30.76 -50.59 -15.30
CA ALA S 7 30.40 -50.67 -16.70
C ALA S 7 29.13 -49.88 -16.98
N ALA S 8 28.89 -49.61 -18.25
CA ALA S 8 27.70 -48.88 -18.66
C ALA S 8 26.54 -49.79 -19.01
N TYR S 9 26.70 -51.10 -18.88
CA TYR S 9 25.71 -52.05 -19.36
C TYR S 9 25.88 -53.37 -18.65
N LEU S 10 24.83 -54.19 -18.72
CA LEU S 10 24.90 -55.59 -18.33
C LEU S 10 25.16 -56.41 -19.59
N THR S 11 26.13 -57.32 -19.51
CA THR S 11 26.36 -58.20 -20.65
C THR S 11 25.26 -59.27 -20.70
N HIS S 12 25.27 -60.05 -21.78
CA HIS S 12 24.33 -61.16 -21.91
C HIS S 12 24.59 -62.23 -20.85
N GLN S 13 25.87 -62.49 -20.57
CA GLN S 13 26.26 -63.46 -19.56
C GLN S 13 25.83 -63.02 -18.17
N GLN S 14 25.94 -61.72 -17.89
CA GLN S 14 25.49 -61.19 -16.61
C GLN S 14 23.98 -61.23 -16.47
N LYS S 15 23.25 -60.99 -17.57
CA LYS S 15 21.79 -61.09 -17.54
C LYS S 15 21.33 -62.52 -17.27
N VAL S 16 21.99 -63.49 -17.91
CA VAL S 16 21.65 -64.89 -17.69
C VAL S 16 21.95 -65.32 -16.25
N LEU S 17 23.08 -64.85 -15.69
CA LEU S 17 23.40 -65.23 -14.32
C LEU S 17 22.46 -64.56 -13.32
N GLN S 18 22.07 -63.32 -13.55
CA GLN S 18 21.14 -62.67 -12.64
C GLN S 18 19.75 -63.27 -12.73
N LEU S 19 19.34 -63.71 -13.93
CA LEU S 19 18.09 -64.46 -14.05
C LEU S 19 18.17 -65.80 -13.33
N TYR S 20 19.32 -66.46 -13.40
CA TYR S 20 19.51 -67.73 -12.72
C TYR S 20 19.42 -67.58 -11.20
N LYS S 21 20.03 -66.51 -10.66
CA LYS S 21 19.98 -66.32 -9.22
C LYS S 21 18.59 -65.85 -8.76
N ARG S 22 17.93 -64.98 -9.53
CA ARG S 22 16.56 -64.59 -9.20
C ARG S 22 15.61 -65.77 -9.30
N ALA S 23 15.82 -66.65 -10.28
CA ALA S 23 14.99 -67.82 -10.44
C ALA S 23 15.18 -68.79 -9.28
N LEU S 24 16.41 -68.95 -8.81
CA LEU S 24 16.63 -69.85 -7.68
C LEU S 24 16.10 -69.26 -6.37
N ARG S 25 16.21 -67.94 -6.18
CA ARG S 25 15.69 -67.36 -4.95
C ARG S 25 14.17 -67.33 -4.92
N HIS S 26 13.54 -67.01 -6.04
CA HIS S 26 12.08 -67.08 -6.13
C HIS S 26 11.59 -68.52 -6.12
N LEU S 27 12.42 -69.48 -6.55
CA LEU S 27 12.05 -70.88 -6.43
C LEU S 27 12.09 -71.32 -4.97
N GLU S 28 13.12 -70.90 -4.23
CA GLU S 28 13.20 -71.19 -2.81
C GLU S 28 12.07 -70.50 -2.04
N SER S 29 11.61 -69.36 -2.53
CA SER S 29 10.42 -68.74 -1.95
C SER S 29 9.15 -69.52 -2.29
N ARG S 30 9.06 -70.04 -3.52
CA ARG S 30 7.97 -70.94 -3.90
C ARG S 30 7.98 -72.18 -3.04
N CYS S 31 9.03 -72.98 -3.14
CA CYS S 31 9.09 -74.28 -2.50
C CYS S 31 9.99 -74.21 -1.27
N VAL S 32 9.39 -74.45 -0.10
CA VAL S 32 9.97 -73.98 1.15
C VAL S 32 11.01 -74.94 1.68
N HIS S 33 10.73 -76.24 1.65
CA HIS S 33 11.57 -77.22 2.31
C HIS S 33 12.83 -77.49 1.51
N ARG S 34 13.91 -77.84 2.22
CA ARG S 34 15.23 -77.83 1.61
C ARG S 34 15.48 -78.99 0.66
N ASP S 35 14.92 -80.18 0.94
CA ASP S 35 15.07 -81.30 0.02
C ASP S 35 14.28 -81.07 -1.25
N LYS S 36 13.08 -80.51 -1.13
CA LYS S 36 12.20 -80.28 -2.27
C LYS S 36 12.71 -79.10 -3.10
N TYR S 37 13.25 -78.09 -2.42
CA TYR S 37 13.98 -77.03 -3.12
C TYR S 37 15.21 -77.56 -3.84
N ARG S 38 15.92 -78.50 -3.22
CA ARG S 38 17.16 -78.99 -3.82
C ARG S 38 16.85 -79.84 -5.05
N TYR S 39 15.75 -80.58 -5.02
CA TYR S 39 15.25 -81.29 -6.20
C TYR S 39 14.90 -80.34 -7.33
N PHE S 40 14.04 -79.35 -7.06
CA PHE S 40 13.66 -78.44 -8.13
C PHE S 40 14.77 -77.48 -8.55
N ALA S 41 15.76 -77.26 -7.68
CA ALA S 41 16.91 -76.45 -8.06
C ALA S 41 17.84 -77.22 -8.99
N CYS S 42 18.00 -78.53 -8.77
CA CYS S 42 18.73 -79.33 -9.74
C CYS S 42 17.98 -79.43 -11.07
N LEU S 43 16.64 -79.47 -11.02
CA LEU S 43 15.87 -79.44 -12.27
C LEU S 43 16.03 -78.11 -13.00
N LEU S 44 16.06 -77.00 -12.25
CA LEU S 44 16.24 -75.69 -12.87
C LEU S 44 17.65 -75.53 -13.43
N ARG S 45 18.64 -76.08 -12.73
CA ARG S 45 20.00 -76.09 -13.25
C ARG S 45 20.12 -76.92 -14.51
N ALA S 46 19.37 -78.03 -14.60
CA ALA S 46 19.33 -78.81 -15.83
C ALA S 46 18.68 -78.03 -16.96
N ARG S 47 17.64 -77.25 -16.65
CA ARG S 47 16.99 -76.42 -17.67
C ARG S 47 17.93 -75.31 -18.17
N PHE S 48 18.76 -74.76 -17.28
CA PHE S 48 19.74 -73.78 -17.72
C PHE S 48 20.89 -74.41 -18.50
N ASP S 49 21.31 -75.61 -18.10
CA ASP S 49 22.39 -76.29 -18.80
C ASP S 49 21.94 -76.95 -20.11
N GLU S 50 20.63 -76.98 -20.37
CA GLU S 50 20.16 -77.47 -21.67
C GLU S 50 20.61 -76.56 -22.81
N HIS S 51 20.58 -75.25 -22.61
CA HIS S 51 20.89 -74.28 -23.64
C HIS S 51 22.13 -73.48 -23.30
N LYS S 52 23.11 -74.12 -22.67
CA LYS S 52 24.31 -73.41 -22.24
C LYS S 52 25.23 -73.10 -23.41
N ASN S 53 25.46 -74.08 -24.29
CA ASN S 53 26.36 -73.89 -25.42
C ASN S 53 25.55 -73.54 -26.67
N GLU S 54 24.93 -72.38 -26.62
CA GLU S 54 24.16 -71.83 -27.74
C GLU S 54 24.95 -70.63 -28.28
N LYS S 55 25.69 -70.84 -29.36
CA LYS S 55 26.59 -69.83 -29.87
C LYS S 55 25.88 -68.70 -30.59
N ASP S 56 24.66 -68.93 -31.08
CA ASP S 56 23.89 -67.89 -31.73
C ASP S 56 23.42 -66.89 -30.68
N MET S 57 23.88 -65.63 -30.80
CA MET S 57 23.54 -64.64 -29.80
C MET S 57 22.10 -64.16 -29.93
N VAL S 58 21.54 -64.19 -31.14
CA VAL S 58 20.14 -63.83 -31.32
C VAL S 58 19.24 -64.89 -30.70
N LYS S 59 19.56 -66.17 -30.92
CA LYS S 59 18.79 -67.25 -30.32
C LYS S 59 18.95 -67.28 -28.80
N ALA S 60 20.15 -66.97 -28.31
CA ALA S 60 20.37 -66.94 -26.87
C ALA S 60 19.66 -65.76 -26.21
N THR S 61 19.62 -64.61 -26.90
CA THR S 61 18.85 -63.47 -26.39
C THR S 61 17.36 -63.76 -26.40
N GLN S 62 16.89 -64.51 -27.41
CA GLN S 62 15.50 -64.93 -27.44
C GLN S 62 15.17 -65.88 -26.29
N LEU S 63 16.07 -66.84 -26.03
CA LEU S 63 15.86 -67.76 -24.91
C LEU S 63 15.88 -67.03 -23.57
N LEU S 64 16.77 -66.05 -23.43
CA LEU S 64 16.79 -65.21 -22.23
C LEU S 64 15.49 -64.43 -22.07
N ARG S 65 14.94 -63.94 -23.18
CA ARG S 65 13.74 -63.12 -23.12
C ARG S 65 12.51 -63.94 -22.75
N GLU S 66 12.30 -65.08 -23.39
CA GLU S 66 11.18 -65.92 -22.97
C GLU S 66 11.42 -66.59 -21.63
N ALA S 67 12.68 -66.74 -21.19
CA ALA S 67 12.90 -67.21 -19.83
C ALA S 67 12.58 -66.12 -18.81
N GLU S 68 12.76 -64.85 -19.16
CA GLU S 68 12.28 -63.78 -18.30
C GLU S 68 10.77 -63.76 -18.22
N LYS S 69 10.09 -64.04 -19.34
CA LYS S 69 8.64 -64.17 -19.31
C LYS S 69 8.19 -65.34 -18.45
N GLU S 70 8.89 -66.47 -18.56
CA GLU S 70 8.67 -67.64 -17.70
C GLU S 70 8.84 -67.30 -16.23
N PHE S 71 9.90 -66.56 -15.90
CA PHE S 71 10.14 -66.14 -14.53
C PHE S 71 9.05 -65.21 -14.03
N TRP S 72 8.64 -64.25 -14.85
CA TRP S 72 7.66 -63.27 -14.42
C TRP S 72 6.29 -63.90 -14.21
N HIS S 73 5.95 -64.93 -14.99
CA HIS S 73 4.74 -65.66 -14.69
C HIS S 73 4.91 -66.53 -13.46
N GLY S 74 6.10 -67.10 -13.26
CA GLY S 74 6.30 -68.03 -12.17
C GLY S 74 7.01 -67.50 -10.95
N GLN S 75 6.92 -66.20 -10.70
CA GLN S 75 7.57 -65.61 -9.53
C GLN S 75 6.70 -65.79 -8.29
N HIS S 76 7.14 -65.23 -7.18
CA HIS S 76 6.42 -65.33 -5.93
C HIS S 76 5.93 -63.95 -5.53
N PRO S 77 4.72 -63.85 -4.96
CA PRO S 77 4.24 -62.52 -4.53
C PRO S 77 5.02 -61.95 -3.36
N GLN S 78 5.32 -62.77 -2.36
CA GLN S 78 6.23 -62.38 -1.27
C GLN S 78 7.47 -63.25 -1.39
N PRO S 79 8.48 -62.84 -2.14
CA PRO S 79 9.72 -63.59 -2.17
C PRO S 79 10.46 -63.46 -0.85
N TYR S 80 11.34 -64.42 -0.58
CA TYR S 80 12.16 -64.32 0.60
C TYR S 80 13.19 -63.22 0.43
N ILE S 81 13.21 -62.29 1.35
CA ILE S 81 14.18 -61.22 1.40
C ILE S 81 14.96 -61.39 2.69
N PHE S 82 16.28 -61.28 2.60
CA PHE S 82 17.10 -61.28 3.80
C PHE S 82 16.79 -60.04 4.63
N PRO S 83 16.94 -60.10 5.96
CA PRO S 83 16.49 -58.99 6.81
C PRO S 83 17.20 -57.67 6.56
N GLU S 84 18.51 -57.67 6.36
CA GLU S 84 19.21 -56.44 6.05
C GLU S 84 19.32 -56.18 4.55
N SER S 85 18.80 -57.09 3.73
CA SER S 85 18.64 -56.82 2.31
C SER S 85 17.51 -55.82 2.11
N PRO S 86 17.59 -54.95 1.10
CA PRO S 86 16.56 -53.94 0.86
C PRO S 86 15.18 -54.53 0.61
N GLY S 87 14.23 -54.09 1.41
CA GLY S 87 12.93 -54.70 1.49
C GLY S 87 12.75 -55.61 2.67
N GLY S 88 13.85 -56.01 3.31
CA GLY S 88 13.78 -56.85 4.48
C GLY S 88 13.32 -56.09 5.71
N THR S 89 13.11 -56.84 6.79
CA THR S 89 12.55 -56.24 7.99
C THR S 89 13.60 -55.50 8.81
N SER S 90 14.85 -55.94 8.78
CA SER S 90 15.92 -55.27 9.49
C SER S 90 16.72 -54.34 8.59
N TYR S 91 16.25 -54.10 7.36
CA TYR S 91 16.95 -53.22 6.43
C TYR S 91 16.87 -51.79 6.89
N GLU S 92 18.01 -51.10 6.82
CA GLU S 92 18.31 -49.74 7.30
C GLU S 92 17.70 -49.45 8.67
N ARG S 93 17.73 -50.46 9.54
CA ARG S 93 17.23 -50.32 10.90
C ARG S 93 18.19 -49.49 11.75
N TYR S 94 19.48 -49.70 11.58
CA TYR S 94 20.48 -49.12 12.45
C TYR S 94 21.03 -47.80 11.93
N GLU S 95 20.41 -47.24 10.88
CA GLU S 95 20.88 -45.97 10.33
C GLU S 95 20.65 -44.81 11.27
N CYS S 96 19.72 -44.95 12.21
CA CYS S 96 19.55 -43.96 13.26
C CYS S 96 20.60 -44.05 14.35
N TYR S 97 21.51 -45.04 14.28
CA TYR S 97 22.62 -45.12 15.21
C TYR S 97 23.96 -44.90 14.52
N LYS S 98 23.95 -44.70 13.21
CA LYS S 98 25.19 -44.50 12.45
C LYS S 98 25.54 -43.01 12.45
N VAL S 99 26.00 -42.56 13.60
CA VAL S 99 26.45 -41.18 13.76
C VAL S 99 27.79 -41.01 13.05
N PRO S 100 27.94 -39.99 12.20
CA PRO S 100 29.21 -39.80 11.51
C PRO S 100 30.32 -39.32 12.45
N GLU S 101 31.55 -39.46 11.99
CA GLU S 101 32.70 -39.25 12.83
C GLU S 101 33.00 -37.79 13.11
N TRP S 102 32.59 -36.88 12.23
CA TRP S 102 32.85 -35.45 12.43
C TRP S 102 32.11 -34.88 13.64
N CYS S 103 31.07 -35.57 14.12
CA CYS S 103 30.40 -35.16 15.35
C CYS S 103 31.33 -35.24 16.55
N LEU S 104 32.34 -36.12 16.49
CA LEU S 104 33.36 -36.17 17.53
C LEU S 104 34.19 -34.90 17.58
N ASP S 105 34.22 -34.12 16.51
CA ASP S 105 34.87 -32.82 16.54
C ASP S 105 34.03 -31.76 17.25
N ASP S 106 32.73 -31.99 17.41
CA ASP S 106 31.87 -31.04 18.07
C ASP S 106 31.68 -31.35 19.55
N TRP S 107 32.40 -32.33 20.09
CA TRP S 107 32.30 -32.63 21.50
C TRP S 107 32.95 -31.54 22.33
N HIS S 108 32.55 -31.48 23.58
CA HIS S 108 33.13 -30.59 24.57
C HIS S 108 34.45 -31.19 25.06
N PRO S 109 35.42 -30.36 25.46
CA PRO S 109 36.67 -30.90 26.00
C PRO S 109 36.53 -31.68 27.29
N SER S 110 35.44 -31.49 28.03
CA SER S 110 35.20 -32.32 29.22
C SER S 110 34.80 -33.74 28.82
N GLU S 111 34.05 -33.89 27.74
CA GLU S 111 33.68 -35.21 27.26
C GLU S 111 34.64 -35.76 26.22
N LYS S 112 35.58 -34.94 25.73
CA LYS S 112 36.72 -35.50 25.02
C LYS S 112 37.76 -36.06 26.00
N ALA S 113 37.86 -35.47 27.18
CA ALA S 113 38.82 -35.94 28.18
C ALA S 113 38.40 -37.25 28.82
N MET S 114 37.14 -37.67 28.65
CA MET S 114 36.70 -38.96 29.12
C MET S 114 37.33 -40.10 28.33
N TYR S 115 37.74 -39.83 27.08
CA TYR S 115 38.42 -40.81 26.23
C TYR S 115 39.72 -40.18 25.75
N PRO S 116 40.78 -40.18 26.57
CA PRO S 116 42.02 -39.49 26.18
C PRO S 116 42.76 -40.18 25.03
N ASP S 117 42.93 -41.50 25.15
CA ASP S 117 43.71 -42.25 24.18
C ASP S 117 42.99 -42.34 22.84
N TYR S 118 41.65 -42.39 22.86
CA TYR S 118 40.89 -42.46 21.61
C TYR S 118 41.03 -41.20 20.79
N PHE S 119 40.92 -40.03 21.42
CA PHE S 119 41.06 -38.80 20.65
C PHE S 119 42.52 -38.52 20.32
N ALA S 120 43.45 -38.94 21.17
CA ALA S 120 44.86 -38.83 20.83
C ALA S 120 45.24 -39.72 19.64
N LYS S 121 44.52 -40.81 19.46
CA LYS S 121 44.69 -41.69 18.30
C LYS S 121 43.85 -41.25 17.11
N ARG S 122 42.78 -40.48 17.35
CA ARG S 122 41.99 -39.90 16.29
C ARG S 122 42.75 -38.78 15.59
N GLU S 123 43.53 -38.01 16.36
CA GLU S 123 44.24 -36.87 15.77
C GLU S 123 45.33 -37.31 14.80
N GLN S 124 45.90 -38.50 14.99
CA GLN S 124 46.86 -38.96 13.99
C GLN S 124 46.18 -39.50 12.75
N TRP S 125 44.94 -39.99 12.85
CA TRP S 125 44.15 -40.28 11.65
C TRP S 125 43.81 -39.02 10.88
N LYS S 126 43.45 -37.95 11.58
CA LYS S 126 43.14 -36.70 10.89
C LYS S 126 44.39 -36.06 10.29
N LYS S 127 45.54 -36.20 10.97
CA LYS S 127 46.82 -35.76 10.41
C LYS S 127 47.20 -36.58 9.18
N LEU S 128 46.97 -37.89 9.23
CA LEU S 128 47.22 -38.74 8.08
C LEU S 128 46.35 -38.35 6.89
N ARG S 129 45.10 -37.99 7.16
CA ARG S 129 44.17 -37.62 6.10
C ARG S 129 44.56 -36.28 5.47
N ARG S 130 44.86 -35.27 6.30
CA ARG S 130 45.19 -33.97 5.73
C ARG S 130 46.61 -33.89 5.20
N GLU S 131 47.50 -34.82 5.55
CA GLU S 131 48.78 -34.91 4.85
C GLU S 131 48.76 -35.88 3.67
N SER S 132 47.69 -36.63 3.46
CA SER S 132 47.59 -37.44 2.25
C SER S 132 46.66 -36.86 1.20
N TRP S 133 45.87 -35.83 1.56
CA TRP S 133 44.85 -35.30 0.66
C TRP S 133 45.44 -34.68 -0.60
N GLU S 134 46.47 -33.85 -0.47
CA GLU S 134 46.99 -33.19 -1.66
C GLU S 134 47.74 -34.16 -2.57
N ARG S 135 48.39 -35.17 -1.99
CA ARG S 135 49.04 -36.21 -2.80
C ARG S 135 48.02 -37.03 -3.56
N GLU S 136 46.89 -37.35 -2.94
CA GLU S 136 45.92 -38.15 -3.67
C GLU S 136 45.11 -37.33 -4.66
N VAL S 137 44.95 -36.02 -4.42
CA VAL S 137 44.34 -35.16 -5.43
C VAL S 137 45.24 -35.02 -6.65
N LYS S 138 46.54 -34.81 -6.44
CA LYS S 138 47.42 -34.76 -7.60
C LYS S 138 47.67 -36.13 -8.21
N GLN S 139 47.34 -37.22 -7.51
CA GLN S 139 47.30 -38.53 -8.15
C GLN S 139 46.09 -38.65 -9.07
N LEU S 140 44.92 -38.15 -8.63
CA LEU S 140 43.73 -38.24 -9.47
C LEU S 140 43.83 -37.35 -10.70
N GLN S 141 44.33 -36.13 -10.55
CA GLN S 141 44.29 -35.20 -11.68
C GLN S 141 45.35 -35.50 -12.73
N GLU S 142 46.38 -36.29 -12.40
CA GLU S 142 47.36 -36.68 -13.40
C GLU S 142 47.01 -38.01 -14.06
N GLU S 143 45.98 -38.70 -13.57
CA GLU S 143 45.57 -39.98 -14.10
C GLU S 143 44.22 -39.94 -14.80
N THR S 144 43.38 -38.98 -14.44
CA THR S 144 42.10 -38.80 -15.10
C THR S 144 42.32 -38.24 -16.51
N PRO S 145 41.76 -38.88 -17.55
CA PRO S 145 41.92 -38.36 -18.92
C PRO S 145 41.12 -37.10 -19.18
N VAL S 146 41.17 -36.62 -20.43
CA VAL S 146 40.47 -35.39 -20.80
C VAL S 146 38.97 -35.68 -20.85
N GLY S 147 38.18 -34.67 -20.50
CA GLY S 147 36.74 -34.84 -20.40
C GLY S 147 36.28 -35.49 -19.12
N GLY S 148 37.09 -35.44 -18.07
CA GLY S 148 36.74 -36.06 -16.82
C GLY S 148 36.93 -37.56 -16.85
N PRO S 149 36.63 -38.23 -15.74
CA PRO S 149 36.79 -39.68 -15.70
C PRO S 149 35.68 -40.36 -16.50
N ARG S 150 36.04 -41.47 -17.15
CA ARG S 150 35.07 -42.21 -17.94
C ARG S 150 34.20 -43.08 -17.05
N THR S 151 34.82 -43.87 -16.17
CA THR S 151 34.12 -44.76 -15.26
C THR S 151 34.24 -44.27 -13.83
N GLU S 152 33.45 -44.88 -12.95
CA GLU S 152 33.45 -44.53 -11.54
C GLU S 152 34.53 -45.25 -10.74
N ALA S 153 35.37 -46.03 -11.40
CA ALA S 153 36.39 -46.79 -10.68
C ALA S 153 37.51 -45.85 -10.22
N LEU S 154 37.84 -45.93 -8.94
CA LEU S 154 38.96 -45.14 -8.44
C LEU S 154 40.25 -45.94 -8.55
N PRO S 155 41.36 -45.30 -8.89
CA PRO S 155 42.64 -46.01 -8.94
C PRO S 155 43.15 -46.28 -7.54
N PRO S 156 44.01 -47.28 -7.35
CA PRO S 156 44.62 -47.52 -6.05
C PRO S 156 45.80 -46.58 -5.84
N ALA S 157 46.46 -46.74 -4.69
CA ALA S 157 47.69 -46.01 -4.44
C ALA S 157 48.83 -46.66 -5.20
N ARG S 158 49.50 -45.88 -6.05
CA ARG S 158 50.52 -46.43 -6.94
C ARG S 158 51.92 -46.33 -6.37
N LYS S 159 52.13 -45.56 -5.31
CA LYS S 159 53.43 -45.38 -4.70
C LYS S 159 53.45 -46.02 -3.31
N GLN S 160 54.64 -46.07 -2.74
CA GLN S 160 54.83 -46.55 -1.37
C GLN S 160 54.79 -45.33 -0.45
N GLY S 161 53.74 -45.26 0.40
CA GLY S 161 53.52 -44.13 1.28
C GLY S 161 52.22 -43.41 1.01
N ASP S 162 51.76 -43.45 -0.24
CA ASP S 162 50.48 -42.84 -0.57
C ASP S 162 49.33 -43.71 -0.10
N LEU S 163 48.27 -43.07 0.32
CA LEU S 163 47.00 -43.71 0.57
C LEU S 163 46.19 -43.72 -0.71
N PRO S 164 45.19 -44.59 -0.85
CA PRO S 164 44.36 -44.57 -2.04
C PRO S 164 43.54 -43.30 -2.09
N PRO S 165 43.27 -42.76 -3.27
CA PRO S 165 42.51 -41.52 -3.35
C PRO S 165 41.06 -41.71 -2.95
N LEU S 166 40.54 -40.70 -2.25
CA LEU S 166 39.15 -40.61 -1.80
C LEU S 166 38.80 -41.79 -0.89
N TRP S 167 39.55 -41.89 0.21
CA TRP S 167 39.50 -43.05 1.08
C TRP S 167 38.80 -42.80 2.41
N TRP S 168 38.54 -41.55 2.77
CA TRP S 168 38.17 -41.23 4.15
C TRP S 168 36.77 -41.73 4.50
N HIS S 169 35.80 -41.49 3.64
CA HIS S 169 34.44 -41.89 3.92
C HIS S 169 34.14 -43.32 3.52
N ILE S 170 35.16 -44.08 3.14
CA ILE S 170 35.06 -45.52 3.04
C ILE S 170 35.65 -46.20 4.27
N VAL S 171 36.76 -45.68 4.77
CA VAL S 171 37.43 -46.24 5.93
C VAL S 171 36.73 -45.82 7.21
N THR S 172 36.40 -44.54 7.32
CA THR S 172 35.76 -44.04 8.53
C THR S 172 34.24 -44.09 8.46
N ARG S 173 33.68 -45.00 7.67
CA ARG S 173 32.25 -45.17 7.64
C ARG S 173 31.79 -45.86 8.92
N PRO S 174 30.55 -45.66 9.33
CA PRO S 174 30.07 -46.30 10.56
C PRO S 174 29.95 -47.80 10.39
N ARG S 175 29.96 -48.48 11.54
CA ARG S 175 29.76 -49.92 11.55
C ARG S 175 28.29 -50.23 11.28
N GLU S 176 28.02 -51.51 10.97
CA GLU S 176 26.63 -51.91 10.75
C GLU S 176 25.86 -51.95 12.07
N ARG S 177 26.51 -52.34 13.17
CA ARG S 177 25.87 -52.44 14.47
C ARG S 177 26.61 -51.55 15.46
N PRO S 178 26.34 -50.23 15.48
CA PRO S 178 26.96 -49.42 16.53
C PRO S 178 26.31 -49.65 17.90
N ALA T 41 26.75 -71.39 33.48
CA ALA T 41 27.18 -70.27 32.64
C ALA T 41 26.20 -70.03 31.51
N HIS T 42 26.65 -69.33 30.48
CA HIS T 42 25.82 -69.06 29.32
C HIS T 42 25.78 -70.27 28.39
N ILE T 43 24.93 -70.19 27.38
CA ILE T 43 24.79 -71.26 26.40
C ILE T 43 25.70 -70.95 25.22
N GLU T 44 26.67 -71.83 24.99
CA GLU T 44 27.59 -71.66 23.87
C GLU T 44 26.87 -71.98 22.57
N PRO T 45 26.99 -71.15 21.53
CA PRO T 45 26.35 -71.46 20.26
C PRO T 45 27.02 -72.62 19.57
N ARG T 46 26.24 -73.36 18.78
CA ARG T 46 26.70 -74.54 18.10
C ARG T 46 26.48 -74.40 16.60
N TYR T 47 27.27 -75.13 15.82
CA TYR T 47 27.33 -74.97 14.39
C TYR T 47 26.79 -76.23 13.73
N ARG T 48 25.70 -76.07 12.96
CA ARG T 48 25.06 -77.12 12.17
C ARG T 48 24.58 -78.30 13.02
N GLN T 49 24.27 -78.06 14.29
CA GLN T 49 23.84 -79.14 15.16
C GLN T 49 22.95 -78.58 16.26
N PHE T 50 22.31 -79.48 16.99
CA PHE T 50 21.23 -79.12 17.90
C PHE T 50 21.79 -78.38 19.11
N PRO T 51 21.15 -77.29 19.54
CA PRO T 51 21.73 -76.44 20.58
C PRO T 51 21.69 -77.08 21.96
N GLN T 52 22.44 -76.46 22.87
CA GLN T 52 22.56 -76.93 24.24
C GLN T 52 21.33 -76.50 25.03
N LEU T 53 20.46 -77.45 25.34
CA LEU T 53 19.27 -77.14 26.12
C LEU T 53 19.57 -77.19 27.62
N THR T 54 19.04 -76.22 28.34
CA THR T 54 19.06 -76.26 29.79
C THR T 54 17.98 -77.24 30.27
N ARG T 55 18.23 -77.88 31.41
CA ARG T 55 17.23 -78.74 32.03
C ARG T 55 16.00 -77.94 32.43
N SER T 56 16.21 -76.69 32.86
CA SER T 56 15.16 -75.89 33.46
C SER T 56 14.06 -75.54 32.46
N GLN T 57 14.45 -75.13 31.25
CA GLN T 57 13.45 -74.80 30.23
C GLN T 57 12.68 -76.03 29.77
N VAL T 58 13.31 -77.20 29.78
CA VAL T 58 12.63 -78.43 29.38
C VAL T 58 11.60 -78.83 30.43
N ILE T 59 11.96 -78.75 31.72
CA ILE T 59 10.98 -79.14 32.73
C ILE T 59 9.88 -78.10 32.88
N GLN T 60 10.18 -76.81 32.64
CA GLN T 60 9.12 -75.80 32.65
C GLN T 60 8.16 -75.99 31.47
N ALA T 61 8.69 -76.32 30.29
CA ALA T 61 7.84 -76.57 29.13
C ALA T 61 6.96 -77.79 29.33
N GLU T 62 7.53 -78.88 29.86
CA GLU T 62 6.73 -80.07 30.14
C GLU T 62 5.71 -79.82 31.24
N PHE T 63 6.06 -79.00 32.24
CA PHE T 63 5.12 -78.71 33.32
C PHE T 63 3.94 -77.89 32.83
N PHE T 64 4.17 -76.92 31.95
CA PHE T 64 3.03 -76.13 31.50
C PHE T 64 2.22 -76.84 30.42
N SER T 65 2.82 -77.74 29.64
CA SER T 65 2.01 -78.58 28.75
C SER T 65 1.15 -79.55 29.56
N ALA T 66 1.71 -80.14 30.62
CA ALA T 66 0.93 -80.97 31.52
C ALA T 66 -0.14 -80.17 32.24
N THR T 67 0.14 -78.90 32.55
CA THR T 67 -0.86 -78.06 33.22
C THR T 67 -2.01 -77.73 32.26
N MET T 68 -1.70 -77.49 30.98
CA MET T 68 -2.75 -77.27 29.99
C MET T 68 -3.65 -78.48 29.84
N TRP T 69 -3.06 -79.67 29.68
CA TRP T 69 -3.90 -80.84 29.47
C TRP T 69 -4.61 -81.27 30.75
N PHE T 70 -4.01 -81.05 31.92
CA PHE T 70 -4.70 -81.28 33.18
C PHE T 70 -5.91 -80.37 33.33
N TRP T 71 -5.75 -79.09 32.98
CA TRP T 71 -6.85 -78.14 33.13
C TRP T 71 -7.97 -78.42 32.14
N ILE T 72 -7.62 -78.81 30.90
CA ILE T 72 -8.63 -79.14 29.91
C ILE T 72 -9.40 -80.39 30.32
N LEU T 73 -8.69 -81.45 30.75
CA LEU T 73 -9.38 -82.68 31.16
C LEU T 73 -10.16 -82.48 32.45
N TRP T 74 -9.67 -81.66 33.36
CA TRP T 74 -10.34 -81.40 34.63
C TRP T 74 -11.65 -80.63 34.41
N ARG T 75 -11.59 -79.55 33.64
CA ARG T 75 -12.80 -78.79 33.37
C ARG T 75 -13.77 -79.55 32.48
N PHE T 76 -13.26 -80.39 31.57
CA PHE T 76 -14.16 -81.21 30.76
C PHE T 76 -14.77 -82.34 31.58
N TRP T 77 -14.12 -82.74 32.67
CA TRP T 77 -14.73 -83.68 33.60
C TRP T 77 -15.81 -83.01 34.43
N HIS T 78 -15.57 -81.75 34.84
CA HIS T 78 -16.48 -81.12 35.78
C HIS T 78 -17.55 -80.27 35.12
N ASP T 79 -17.19 -79.42 34.16
CA ASP T 79 -18.22 -78.63 33.50
C ASP T 79 -19.01 -79.47 32.51
N SER T 80 -18.35 -79.98 31.47
CA SER T 80 -18.85 -80.97 30.50
C SER T 80 -20.06 -80.52 29.69
N ASP T 81 -20.52 -79.28 29.90
CA ASP T 81 -21.74 -78.79 29.29
C ASP T 81 -21.55 -77.48 28.55
N ALA T 82 -20.47 -76.76 28.79
CA ALA T 82 -20.13 -75.62 27.94
C ALA T 82 -19.64 -76.07 26.57
N VAL T 83 -19.27 -77.33 26.42
CA VAL T 83 -18.88 -77.90 25.14
C VAL T 83 -20.06 -78.66 24.53
N LEU T 84 -20.54 -79.67 25.24
CA LEU T 84 -21.53 -80.60 24.70
C LEU T 84 -22.97 -80.12 24.81
N GLY T 85 -23.21 -78.98 25.43
CA GLY T 85 -24.58 -78.52 25.53
C GLY T 85 -25.09 -78.61 26.96
N HIS T 86 -25.94 -77.66 27.32
CA HIS T 86 -26.42 -77.54 28.69
C HIS T 86 -27.75 -78.26 28.92
N PHE T 87 -28.77 -77.85 28.17
CA PHE T 87 -30.14 -78.31 28.39
C PHE T 87 -30.66 -79.00 27.14
N PRO T 88 -31.55 -79.99 27.29
CA PRO T 88 -32.05 -80.71 26.11
C PRO T 88 -32.97 -79.82 25.26
N TYR T 89 -32.58 -79.65 24.00
CA TYR T 89 -33.38 -78.87 23.06
C TYR T 89 -34.60 -79.68 22.64
N PRO T 90 -35.81 -79.23 22.96
CA PRO T 90 -36.99 -80.06 22.71
C PRO T 90 -37.37 -80.08 21.24
N ASP T 91 -38.06 -81.16 20.86
CA ASP T 91 -38.47 -81.36 19.47
C ASP T 91 -39.80 -80.66 19.26
N PRO T 92 -39.90 -79.69 18.33
CA PRO T 92 -41.19 -79.02 18.11
C PRO T 92 -42.24 -79.91 17.45
N SER T 93 -41.85 -81.03 16.84
CA SER T 93 -42.83 -81.93 16.24
C SER T 93 -43.44 -82.89 17.25
N GLN T 94 -42.80 -83.09 18.39
CA GLN T 94 -43.29 -84.02 19.41
C GLN T 94 -44.24 -83.36 20.40
N TRP T 95 -44.75 -82.18 20.08
CA TRP T 95 -45.66 -81.46 20.94
C TRP T 95 -47.10 -81.71 20.51
N THR T 96 -47.94 -82.11 21.46
CA THR T 96 -49.31 -82.47 21.15
C THR T 96 -50.13 -81.23 20.85
N ASP T 97 -51.25 -81.44 20.16
CA ASP T 97 -52.14 -80.34 19.81
C ASP T 97 -52.95 -79.86 21.00
N GLU T 98 -53.07 -80.67 22.06
CA GLU T 98 -53.81 -80.26 23.24
C GLU T 98 -53.03 -79.24 24.06
N GLU T 99 -51.71 -79.43 24.18
CA GLU T 99 -50.89 -78.50 24.95
C GLU T 99 -50.54 -77.24 24.17
N LEU T 100 -50.87 -77.18 22.88
CA LEU T 100 -50.66 -75.99 22.08
C LEU T 100 -51.96 -75.33 21.67
N GLY T 101 -53.11 -75.90 22.03
CA GLY T 101 -54.39 -75.31 21.73
C GLY T 101 -54.74 -75.32 20.26
N ILE T 102 -54.83 -76.50 19.67
CA ILE T 102 -55.15 -76.66 18.26
C ILE T 102 -56.44 -77.47 18.17
N PRO T 103 -57.60 -76.80 18.05
CA PRO T 103 -58.86 -77.52 17.88
C PRO T 103 -58.95 -78.13 16.49
N PRO T 104 -59.15 -79.45 16.39
CA PRO T 104 -59.19 -80.10 15.07
C PRO T 104 -60.53 -79.87 14.38
N ASP T 105 -60.51 -78.99 13.37
CA ASP T 105 -61.70 -78.72 12.57
C ASP T 105 -61.37 -78.82 11.09
N ILE U 32 26.39 -20.18 -7.52
CA ILE U 32 25.36 -20.39 -8.52
C ILE U 32 25.12 -19.06 -9.24
N THR U 33 24.63 -19.12 -10.47
CA THR U 33 24.50 -17.94 -11.32
C THR U 33 23.24 -18.07 -12.17
N LYS U 34 23.06 -17.13 -13.10
CA LYS U 34 21.80 -16.98 -13.80
C LYS U 34 21.60 -18.05 -14.88
N ASP U 35 22.64 -18.34 -15.66
CA ASP U 35 22.52 -19.32 -16.73
C ASP U 35 22.76 -20.76 -16.26
N MET U 36 22.75 -21.00 -14.95
CA MET U 36 22.66 -22.34 -14.40
C MET U 36 21.33 -22.59 -13.71
N LEU U 37 20.51 -21.55 -13.55
CA LEU U 37 19.15 -21.66 -13.07
C LEU U 37 18.23 -22.01 -14.23
N PRO U 38 17.01 -22.50 -13.98
CA PRO U 38 16.09 -22.79 -15.08
C PRO U 38 15.63 -21.53 -15.79
N GLY U 39 15.09 -21.73 -16.99
CA GLY U 39 14.66 -20.62 -17.81
C GLY U 39 13.43 -20.94 -18.64
N PRO U 40 13.25 -20.21 -19.74
CA PRO U 40 12.07 -20.42 -20.60
C PRO U 40 12.23 -21.67 -21.45
N TYR U 41 11.20 -21.96 -22.21
CA TYR U 41 11.16 -23.18 -23.01
C TYR U 41 12.17 -23.11 -24.15
N PRO U 42 12.97 -24.16 -24.36
CA PRO U 42 13.95 -24.13 -25.46
C PRO U 42 13.27 -24.36 -26.81
N LYS U 43 13.59 -23.50 -27.77
CA LYS U 43 12.96 -23.54 -29.08
C LYS U 43 13.94 -23.86 -30.20
N THR U 44 15.07 -23.17 -30.26
CA THR U 44 16.10 -23.52 -31.22
C THR U 44 16.93 -24.69 -30.70
N PRO U 45 17.45 -25.55 -31.59
CA PRO U 45 18.18 -26.74 -31.12
C PRO U 45 19.49 -26.45 -30.42
N GLU U 46 20.15 -25.30 -30.70
CA GLU U 46 21.32 -24.95 -29.92
C GLU U 46 20.93 -24.53 -28.51
N GLU U 47 19.75 -23.91 -28.35
CA GLU U 47 19.25 -23.58 -27.03
C GLU U 47 18.85 -24.84 -26.27
N ARG U 48 18.23 -25.81 -26.97
CA ARG U 48 17.92 -27.09 -26.36
C ARG U 48 19.18 -27.85 -25.97
N ALA U 49 20.24 -27.73 -26.77
CA ALA U 49 21.50 -28.40 -26.46
C ALA U 49 22.19 -27.77 -25.25
N ALA U 50 22.20 -26.44 -25.16
CA ALA U 50 22.86 -25.81 -24.03
C ALA U 50 22.03 -25.95 -22.75
N ALA U 51 20.71 -26.04 -22.85
CA ALA U 51 19.94 -26.33 -21.66
C ALA U 51 20.04 -27.78 -21.24
N ALA U 52 20.24 -28.70 -22.19
CA ALA U 52 20.55 -30.08 -21.81
C ALA U 52 21.93 -30.17 -21.16
N LYS U 53 22.87 -29.34 -21.59
CA LYS U 53 24.16 -29.23 -20.90
C LYS U 53 23.99 -28.68 -19.50
N LYS U 54 23.02 -27.78 -19.31
CA LYS U 54 22.80 -27.16 -18.00
C LYS U 54 22.30 -28.16 -16.97
N TYR U 55 21.39 -29.06 -17.36
CA TYR U 55 20.81 -30.01 -16.43
C TYR U 55 21.64 -31.28 -16.30
N ASN U 56 22.86 -31.30 -16.84
CA ASN U 56 23.82 -32.41 -16.72
C ASN U 56 23.26 -33.72 -17.28
N MET U 57 22.79 -33.66 -18.52
CA MET U 57 22.18 -34.83 -19.15
C MET U 57 22.34 -34.72 -20.66
N ARG U 58 22.20 -35.86 -21.33
CA ARG U 58 22.39 -35.90 -22.77
C ARG U 58 21.25 -35.19 -23.49
N VAL U 59 21.57 -34.66 -24.68
CA VAL U 59 20.58 -33.92 -25.47
C VAL U 59 19.51 -34.87 -26.00
N GLU U 60 19.91 -36.08 -26.38
CA GLU U 60 18.96 -37.06 -26.87
C GLU U 60 18.06 -37.61 -25.76
N ASP U 61 18.52 -37.55 -24.51
CA ASP U 61 17.73 -37.97 -23.36
C ASP U 61 17.01 -36.80 -22.71
N TYR U 62 17.23 -35.58 -23.19
CA TYR U 62 16.59 -34.39 -22.65
C TYR U 62 15.33 -34.08 -23.43
N GLU U 63 14.17 -34.34 -22.82
CA GLU U 63 12.94 -33.73 -23.26
C GLU U 63 12.40 -32.85 -22.15
N PRO U 64 11.97 -31.64 -22.46
CA PRO U 64 11.26 -30.82 -21.47
C PRO U 64 9.76 -31.15 -21.51
N TYR U 65 9.05 -30.58 -20.55
CA TYR U 65 7.60 -30.62 -20.60
C TYR U 65 7.11 -29.78 -21.77
N PRO U 66 6.02 -30.20 -22.42
CA PRO U 66 5.57 -29.49 -23.63
C PRO U 66 5.08 -28.09 -23.31
N ASP U 67 5.37 -27.16 -24.22
CA ASP U 67 5.11 -25.74 -24.00
C ASP U 67 3.61 -25.50 -24.18
N ASP U 68 2.86 -25.85 -23.14
CA ASP U 68 1.41 -25.64 -23.12
C ASP U 68 1.00 -24.62 -22.07
N GLY U 69 1.95 -23.86 -21.53
CA GLY U 69 1.63 -22.80 -20.59
C GLY U 69 1.41 -23.24 -19.18
N MET U 70 1.80 -24.46 -18.80
CA MET U 70 1.60 -24.89 -17.43
C MET U 70 2.63 -24.32 -16.47
N GLY U 71 3.75 -23.81 -16.96
CA GLY U 71 4.73 -23.18 -16.12
C GLY U 71 5.97 -23.98 -15.82
N TYR U 72 6.24 -25.05 -16.57
CA TYR U 72 7.42 -25.85 -16.30
C TYR U 72 8.68 -25.18 -16.83
N GLY U 73 8.67 -24.79 -18.10
CA GLY U 73 9.83 -24.16 -18.70
C GLY U 73 10.75 -25.16 -19.36
N ASP U 74 12.05 -24.97 -19.19
CA ASP U 74 13.05 -25.86 -19.77
C ASP U 74 13.37 -27.05 -18.89
N TYR U 75 12.61 -27.26 -17.82
CA TYR U 75 12.97 -28.30 -16.86
C TYR U 75 12.66 -29.67 -17.47
N PRO U 76 13.55 -30.65 -17.28
CA PRO U 76 13.43 -31.90 -18.04
C PRO U 76 12.26 -32.76 -17.59
N LYS U 77 11.84 -33.63 -18.50
CA LYS U 77 10.76 -34.58 -18.25
C LYS U 77 11.40 -35.94 -18.01
N LEU U 78 11.76 -36.18 -16.76
CA LEU U 78 12.38 -37.42 -16.34
C LEU U 78 11.34 -38.55 -16.41
N PRO U 79 11.78 -39.85 -16.50
CA PRO U 79 10.83 -40.94 -16.83
C PRO U 79 9.69 -41.27 -15.87
N ASP U 80 9.49 -40.49 -14.81
CA ASP U 80 8.29 -40.50 -13.96
C ASP U 80 8.18 -41.74 -13.09
N ARG U 81 9.27 -42.48 -12.90
CA ARG U 81 9.22 -43.61 -11.98
C ARG U 81 9.59 -43.15 -10.57
N SER U 82 9.28 -44.00 -9.60
CA SER U 82 9.58 -43.70 -8.22
C SER U 82 11.06 -43.90 -7.94
N GLN U 83 11.51 -43.38 -6.80
CA GLN U 83 12.86 -43.66 -6.34
C GLN U 83 12.99 -45.04 -5.73
N GLN U 84 11.86 -45.70 -5.46
CA GLN U 84 11.86 -47.09 -5.00
C GLN U 84 12.41 -48.05 -6.05
N GLU U 85 12.19 -47.75 -7.33
CA GLU U 85 12.68 -48.61 -8.41
C GLU U 85 14.17 -48.48 -8.66
N ARG U 86 14.85 -47.54 -8.01
CA ARG U 86 16.28 -47.40 -8.19
C ARG U 86 17.02 -48.61 -7.63
N ASP U 87 18.22 -48.82 -8.12
CA ASP U 87 19.06 -49.93 -7.71
C ASP U 87 19.57 -49.69 -6.31
N PRO U 88 19.13 -50.45 -5.30
CA PRO U 88 19.48 -50.10 -3.91
C PRO U 88 20.91 -50.43 -3.55
N TRP U 89 21.58 -51.27 -4.33
CA TRP U 89 22.95 -51.65 -4.04
C TRP U 89 23.97 -50.71 -4.65
N TYR U 90 23.53 -49.76 -5.46
CA TYR U 90 24.42 -48.73 -5.99
C TYR U 90 24.82 -47.78 -4.88
N ASP U 91 26.08 -47.32 -4.94
CA ASP U 91 26.57 -46.33 -3.98
C ASP U 91 25.97 -44.98 -4.35
N TRP U 92 24.76 -44.75 -3.85
CA TRP U 92 24.09 -43.48 -4.08
C TRP U 92 24.72 -42.39 -3.23
N ASP U 93 24.65 -41.16 -3.72
CA ASP U 93 25.12 -40.04 -2.92
C ASP U 93 24.14 -39.73 -1.80
N HIS U 94 22.85 -39.94 -2.04
CA HIS U 94 21.80 -39.81 -1.04
C HIS U 94 21.13 -41.17 -0.92
N PRO U 95 21.59 -42.03 0.00
CA PRO U 95 21.13 -43.42 0.01
C PRO U 95 19.68 -43.59 0.39
N ASP U 96 19.14 -42.73 1.25
CA ASP U 96 17.72 -42.81 1.60
C ASP U 96 16.84 -42.38 0.44
N LEU U 97 17.27 -41.41 -0.35
CA LEU U 97 16.50 -40.92 -1.48
C LEU U 97 16.82 -41.66 -2.77
N ARG U 98 17.94 -42.39 -2.81
CA ARG U 98 18.48 -43.07 -3.99
C ARG U 98 18.68 -42.07 -5.14
N LEU U 99 19.58 -41.13 -4.91
CA LEU U 99 19.71 -39.97 -5.77
C LEU U 99 21.14 -39.46 -5.69
N ASN U 100 21.73 -39.16 -6.84
CA ASN U 100 23.12 -38.73 -6.88
C ASN U 100 23.24 -37.23 -6.72
N TRP U 101 24.48 -36.75 -6.69
CA TRP U 101 24.80 -35.33 -6.66
C TRP U 101 24.85 -34.80 -8.07
N GLY U 102 24.11 -33.73 -8.35
CA GLY U 102 24.11 -33.13 -9.67
C GLY U 102 23.23 -33.80 -10.68
N GLU U 103 22.73 -35.01 -10.39
CA GLU U 103 21.72 -35.64 -11.23
C GLU U 103 20.47 -34.78 -11.24
N PRO U 104 19.87 -34.52 -12.40
CA PRO U 104 18.65 -33.69 -12.45
C PRO U 104 17.49 -34.41 -11.77
N MET U 105 16.90 -33.73 -10.79
CA MET U 105 15.80 -34.30 -10.05
C MET U 105 14.52 -34.26 -10.89
N HIS U 106 13.63 -35.22 -10.63
CA HIS U 106 12.31 -35.20 -11.22
C HIS U 106 11.53 -34.02 -10.67
N TRP U 107 10.55 -33.54 -11.45
CA TRP U 107 9.73 -32.42 -11.03
C TRP U 107 8.94 -32.74 -9.75
N ASP U 108 8.54 -33.99 -9.61
CA ASP U 108 7.80 -34.49 -8.46
C ASP U 108 8.69 -35.39 -7.61
N LEU U 109 9.93 -34.97 -7.38
CA LEU U 109 10.86 -35.76 -6.60
C LEU U 109 10.42 -35.89 -5.14
N ASP U 110 9.75 -34.87 -4.60
CA ASP U 110 9.21 -34.98 -3.25
C ASP U 110 8.00 -35.89 -3.19
N MET U 111 7.42 -36.24 -4.33
CA MET U 111 6.29 -37.12 -4.44
C MET U 111 6.70 -38.57 -4.63
N TYR U 112 7.79 -38.81 -5.37
CA TYR U 112 8.29 -40.15 -5.60
C TYR U 112 9.36 -40.56 -4.60
N ILE U 113 9.40 -39.92 -3.43
CA ILE U 113 10.22 -40.42 -2.34
C ILE U 113 9.68 -41.76 -1.85
N ARG U 114 10.55 -42.53 -1.21
CA ARG U 114 10.18 -43.87 -0.75
C ARG U 114 9.28 -43.84 0.48
N ASN U 115 9.08 -42.67 1.09
CA ASN U 115 8.05 -42.45 2.09
C ASN U 115 6.68 -42.22 1.49
N ARG U 116 6.59 -42.18 0.15
CA ARG U 116 5.38 -41.78 -0.57
C ARG U 116 5.22 -42.72 -1.75
N VAL U 117 4.49 -42.26 -2.76
CA VAL U 117 4.00 -42.98 -3.94
C VAL U 117 5.05 -43.90 -4.56
N ASP U 118 4.68 -45.18 -4.71
CA ASP U 118 5.53 -46.19 -5.30
C ASP U 118 4.98 -46.55 -6.67
N THR U 119 5.86 -46.59 -7.67
CA THR U 119 5.46 -46.96 -9.03
C THR U 119 6.08 -48.27 -9.48
N SER U 120 6.62 -49.04 -8.55
CA SER U 120 7.35 -50.27 -8.86
C SER U 120 6.42 -51.33 -9.43
N PRO U 121 6.91 -52.21 -10.31
CA PRO U 121 6.04 -53.22 -10.91
C PRO U 121 5.56 -54.26 -9.91
N THR U 122 4.33 -54.58 -10.02
CA THR U 122 3.52 -55.46 -9.21
C THR U 122 3.46 -56.85 -9.83
N PRO U 123 3.36 -57.90 -9.02
CA PRO U 123 3.25 -59.27 -9.56
C PRO U 123 1.97 -59.53 -10.33
N VAL U 124 0.91 -58.77 -10.06
CA VAL U 124 -0.34 -58.85 -10.81
C VAL U 124 -0.46 -57.56 -11.59
N ASN U 125 -1.09 -57.63 -12.76
CA ASN U 125 -1.42 -56.44 -13.53
C ASN U 125 -2.34 -55.53 -12.73
N TRP U 126 -2.27 -54.22 -13.04
CA TRP U 126 -3.04 -53.23 -12.29
C TRP U 126 -4.54 -53.37 -12.54
N ASN U 127 -4.92 -53.63 -13.79
CA ASN U 127 -6.33 -53.75 -14.12
C ASN U 127 -6.94 -55.00 -13.50
N LEU U 128 -6.17 -56.09 -13.44
CA LEU U 128 -6.67 -57.30 -12.80
C LEU U 128 -6.78 -57.12 -11.29
N MET U 129 -5.87 -56.37 -10.69
CA MET U 129 -5.98 -56.02 -9.27
C MET U 129 -7.23 -55.21 -9.00
N CYS U 130 -7.49 -54.20 -9.83
CA CYS U 130 -8.67 -53.35 -9.65
C CYS U 130 -9.95 -54.15 -9.84
N LYS U 131 -9.99 -55.04 -10.84
CA LYS U 131 -11.17 -55.86 -11.08
C LYS U 131 -11.42 -56.84 -9.93
N HIS U 132 -10.37 -57.49 -9.42
CA HIS U 132 -10.54 -58.44 -8.33
C HIS U 132 -10.96 -57.75 -7.03
N LEU U 133 -10.34 -56.61 -6.71
CA LEU U 133 -10.69 -55.91 -5.47
C LEU U 133 -12.10 -55.33 -5.52
N PHE U 134 -12.46 -54.69 -6.64
CA PHE U 134 -13.80 -54.12 -6.75
C PHE U 134 -14.87 -55.21 -6.83
N GLY U 135 -14.57 -56.32 -7.51
CA GLY U 135 -15.52 -57.41 -7.56
C GLY U 135 -15.74 -58.07 -6.22
N PHE U 136 -14.66 -58.20 -5.44
CA PHE U 136 -14.78 -58.80 -4.11
C PHE U 136 -15.58 -57.91 -3.17
N VAL U 137 -15.27 -56.61 -3.17
CA VAL U 137 -15.99 -55.68 -2.29
C VAL U 137 -17.45 -55.56 -2.69
N ALA U 138 -17.72 -55.52 -4.01
CA ALA U 138 -19.10 -55.40 -4.48
C ALA U 138 -19.90 -56.67 -4.21
N PHE U 139 -19.28 -57.84 -4.36
CA PHE U 139 -19.97 -59.09 -4.07
C PHE U 139 -20.25 -59.22 -2.58
N MET U 140 -19.32 -58.81 -1.73
CA MET U 140 -19.55 -58.89 -0.30
C MET U 140 -20.65 -57.91 0.14
N LEU U 141 -20.66 -56.69 -0.41
CA LEU U 141 -21.71 -55.74 -0.05
C LEU U 141 -23.08 -56.19 -0.55
N PHE U 142 -23.12 -56.79 -1.75
CA PHE U 142 -24.38 -57.33 -2.25
C PHE U 142 -24.86 -58.50 -1.40
N MET U 143 -23.95 -59.35 -0.93
CA MET U 143 -24.40 -60.47 -0.12
C MET U 143 -24.75 -60.06 1.29
N PHE U 144 -24.15 -58.99 1.84
CA PHE U 144 -24.67 -58.45 3.10
C PHE U 144 -26.04 -57.84 2.92
N TRP U 145 -26.32 -57.24 1.76
CA TRP U 145 -27.66 -56.76 1.50
C TRP U 145 -28.66 -57.91 1.37
N VAL U 146 -28.23 -59.02 0.75
CA VAL U 146 -29.09 -60.19 0.62
C VAL U 146 -29.38 -60.82 1.98
N GLY U 147 -28.35 -60.99 2.80
CA GLY U 147 -28.55 -61.55 4.12
C GLY U 147 -29.31 -60.63 5.06
N GLU U 148 -29.22 -59.32 4.85
CA GLU U 148 -30.05 -58.41 5.62
C GLU U 148 -31.50 -58.48 5.17
N THR U 149 -31.73 -58.71 3.87
CA THR U 149 -33.08 -58.87 3.37
C THR U 149 -33.71 -60.17 3.86
N TYR U 150 -32.92 -61.25 3.93
CA TYR U 150 -33.38 -62.55 4.42
C TYR U 150 -32.55 -62.93 5.63
N PRO U 151 -32.91 -62.45 6.82
CA PRO U 151 -32.10 -62.69 8.01
C PRO U 151 -32.36 -64.06 8.61
N THR U 152 -31.39 -64.53 9.38
CA THR U 152 -31.58 -65.75 10.14
C THR U 152 -32.13 -65.43 11.53
N TYR U 153 -32.81 -66.41 12.11
CA TYR U 153 -33.40 -66.27 13.43
C TYR U 153 -33.58 -67.68 14.00
N GLN U 154 -34.33 -67.78 15.08
CA GLN U 154 -34.56 -69.03 15.80
C GLN U 154 -36.06 -69.34 15.90
N PRO U 155 -36.44 -70.63 16.02
CA PRO U 155 -37.90 -70.92 15.99
C PRO U 155 -38.58 -70.64 17.32
N VAL U 156 -38.60 -69.35 17.71
CA VAL U 156 -39.09 -68.93 19.01
C VAL U 156 -40.13 -67.84 18.81
N GLY U 157 -40.85 -67.54 19.89
CA GLY U 157 -41.76 -66.42 19.90
C GLY U 157 -41.05 -65.14 20.25
N PRO U 158 -41.80 -64.16 20.76
CA PRO U 158 -41.16 -62.95 21.28
C PRO U 158 -40.73 -63.13 22.72
N LYS U 159 -39.76 -62.33 23.11
CA LYS U 159 -39.35 -62.32 24.51
C LYS U 159 -40.43 -61.63 25.34
N GLN U 160 -40.93 -62.33 26.35
CA GLN U 160 -42.06 -61.85 27.14
C GLN U 160 -41.54 -61.21 28.43
N TYR U 161 -41.90 -59.96 28.64
CA TYR U 161 -41.56 -59.20 29.83
C TYR U 161 -42.81 -58.90 30.64
N PRO U 162 -42.72 -58.92 31.96
CA PRO U 162 -43.90 -58.66 32.80
C PRO U 162 -44.17 -57.17 32.89
N TYR U 163 -45.24 -56.85 33.62
CA TYR U 163 -45.63 -55.48 33.99
C TYR U 163 -45.82 -54.59 32.77
N ASN U 164 -46.67 -55.06 31.85
CA ASN U 164 -47.09 -54.36 30.63
C ASN U 164 -45.88 -54.02 29.74
N ASN U 165 -45.08 -55.06 29.47
CA ASN U 165 -43.82 -54.98 28.71
C ASN U 165 -42.85 -53.98 29.37
N LEU U 166 -42.82 -54.00 30.71
CA LEU U 166 -41.98 -53.15 31.55
C LEU U 166 -42.22 -51.66 31.25
N TYR U 167 -43.44 -51.21 31.55
CA TYR U 167 -43.84 -49.86 31.19
C TYR U 167 -43.08 -48.82 32.01
N LEU U 168 -43.08 -48.98 33.33
CA LEU U 168 -42.44 -47.98 34.17
C LEU U 168 -40.92 -48.07 34.11
N GLU U 169 -40.39 -49.27 33.84
CA GLU U 169 -38.95 -49.46 33.80
C GLU U 169 -38.34 -48.81 32.56
N ARG U 170 -39.04 -48.87 31.43
CA ARG U 170 -38.59 -48.23 30.20
C ARG U 170 -38.82 -46.72 30.18
N GLY U 171 -39.21 -46.11 31.30
CA GLY U 171 -39.40 -44.68 31.34
C GLY U 171 -40.81 -44.23 31.01
N GLY U 172 -41.81 -45.07 31.28
CA GLY U 172 -43.18 -44.65 31.08
C GLY U 172 -43.68 -43.78 32.22
N ASP U 173 -44.51 -42.81 31.86
CA ASP U 173 -45.02 -41.88 32.86
C ASP U 173 -46.09 -42.55 33.72
N PRO U 174 -45.98 -42.48 35.05
CA PRO U 174 -46.94 -43.18 35.91
C PRO U 174 -48.28 -42.49 36.02
N ASN U 175 -48.42 -41.24 35.57
CA ASN U 175 -49.70 -40.55 35.67
C ASN U 175 -50.72 -41.12 34.70
N LYS U 176 -50.28 -41.58 33.53
CA LYS U 176 -51.16 -42.23 32.58
C LYS U 176 -51.26 -43.71 32.92
N GLU U 177 -51.86 -44.50 32.03
CA GLU U 177 -52.02 -45.92 32.23
C GLU U 177 -51.62 -46.63 30.94
N PRO U 178 -50.75 -47.65 31.02
CA PRO U 178 -50.40 -48.41 29.82
C PRO U 178 -51.55 -49.30 29.39
N GLU U 179 -51.49 -49.73 28.14
CA GLU U 179 -52.43 -50.74 27.66
C GLU U 179 -52.14 -52.07 28.33
N PRO U 180 -53.17 -52.86 28.65
CA PRO U 180 -52.92 -54.12 29.34
C PRO U 180 -52.27 -55.15 28.44
N VAL U 181 -50.98 -55.37 28.66
CA VAL U 181 -50.20 -56.34 27.89
C VAL U 181 -50.13 -57.60 28.75
N VAL U 182 -50.96 -58.58 28.43
CA VAL U 182 -51.12 -59.78 29.23
C VAL U 182 -50.50 -60.95 28.49
N HIS U 183 -49.51 -61.58 29.11
CA HIS U 183 -48.88 -62.77 28.56
C HIS U 183 -49.37 -63.99 29.32
N TYR U 184 -49.63 -65.07 28.60
CA TYR U 184 -50.23 -66.27 29.15
C TYR U 184 -49.24 -67.44 29.15
N GLU U 185 -49.56 -68.45 29.96
CA GLU U 185 -48.79 -69.67 29.99
C GLU U 185 -49.00 -70.47 28.72
N ILE U 186 -48.01 -71.30 28.39
CA ILE U 186 -48.13 -72.24 27.28
C ILE U 186 -47.31 -73.49 27.58
N THR V 52 36.74 -7.67 -16.74
CA THR V 52 35.77 -8.76 -16.70
C THR V 52 35.30 -8.94 -15.26
N LEU V 53 36.19 -8.65 -14.32
CA LEU V 53 35.92 -8.81 -12.89
C LEU V 53 34.94 -7.72 -12.47
N ARG V 54 33.66 -8.06 -12.49
CA ARG V 54 32.57 -7.10 -12.40
C ARG V 54 32.20 -6.86 -10.94
N TRP V 55 32.05 -5.58 -10.57
CA TRP V 55 31.68 -5.09 -9.24
C TRP V 55 32.58 -5.64 -8.13
N GLN V 56 33.82 -5.10 -8.06
CA GLN V 56 34.81 -5.31 -7.00
C GLN V 56 34.17 -5.45 -5.63
N GLU V 57 34.54 -6.52 -4.92
CA GLU V 57 33.69 -7.01 -3.86
C GLU V 57 34.52 -7.79 -2.85
N ASP V 58 34.20 -7.64 -1.56
CA ASP V 58 34.75 -8.52 -0.55
C ASP V 58 34.24 -9.95 -0.78
N PRO V 59 35.11 -10.95 -0.66
CA PRO V 59 34.65 -12.33 -0.79
C PRO V 59 33.77 -12.71 0.39
N GLU V 60 32.87 -13.64 0.14
CA GLU V 60 31.88 -14.00 1.14
C GLU V 60 32.53 -14.80 2.26
N PRO V 61 32.39 -14.37 3.51
CA PRO V 61 33.17 -14.97 4.60
C PRO V 61 32.68 -16.37 4.95
N GLU V 62 33.52 -17.08 5.69
CA GLU V 62 33.18 -18.43 6.09
C GLU V 62 32.21 -18.40 7.27
N ASP V 63 31.49 -19.51 7.43
CA ASP V 63 30.54 -19.64 8.53
C ASP V 63 31.30 -19.83 9.84
N GLU V 64 31.18 -18.86 10.75
CA GLU V 64 31.95 -18.85 11.97
C GLU V 64 31.28 -19.69 13.05
N ASN V 65 32.09 -20.43 13.79
CA ASN V 65 31.62 -21.34 14.83
C ASN V 65 31.89 -20.72 16.19
N LEU V 66 30.83 -20.57 16.99
CA LEU V 66 30.99 -20.01 18.33
C LEU V 66 31.64 -21.00 19.28
N TYR V 67 31.64 -22.29 18.95
CA TYR V 67 32.24 -23.26 19.86
C TYR V 67 33.75 -23.38 19.70
N GLU V 68 34.33 -22.87 18.61
CA GLU V 68 35.76 -23.05 18.39
C GLU V 68 36.57 -22.14 19.30
N LYS V 69 36.26 -20.84 19.32
CA LYS V 69 36.94 -19.91 20.19
C LYS V 69 36.34 -19.86 21.58
N ASN V 70 35.27 -20.60 21.83
CA ASN V 70 34.61 -20.66 23.12
C ASN V 70 33.85 -21.97 23.23
N PRO V 71 34.46 -23.06 23.70
CA PRO V 71 33.74 -24.33 23.81
C PRO V 71 32.65 -24.34 24.86
N ASP V 72 32.64 -23.37 25.77
CA ASP V 72 31.59 -23.24 26.78
C ASP V 72 30.52 -22.22 26.36
N SER V 73 30.28 -22.09 25.07
CA SER V 73 29.40 -21.04 24.58
C SER V 73 27.95 -21.39 24.79
N HIS V 74 27.16 -20.38 25.14
CA HIS V 74 25.71 -20.51 25.20
C HIS V 74 25.04 -19.96 23.96
N GLY V 75 25.80 -19.40 23.04
CA GLY V 75 25.27 -18.92 21.79
C GLY V 75 24.79 -17.49 21.78
N TYR V 76 25.10 -16.71 22.81
CA TYR V 76 24.58 -15.36 22.90
C TYR V 76 25.55 -14.33 22.33
N ASP V 77 26.84 -14.45 22.61
CA ASP V 77 27.81 -13.47 22.17
C ASP V 77 29.18 -14.12 22.11
N LYS V 78 30.04 -13.59 21.24
CA LYS V 78 31.40 -14.10 21.10
C LYS V 78 32.27 -13.80 22.31
N ASP V 79 31.91 -12.79 23.10
CA ASP V 79 32.59 -12.55 24.38
C ASP V 79 32.03 -13.51 25.41
N PRO V 80 32.85 -14.34 26.05
CA PRO V 80 32.30 -15.38 26.95
C PRO V 80 31.64 -14.83 28.21
N ALA V 81 32.12 -13.72 28.77
CA ALA V 81 31.46 -13.14 29.95
C ALA V 81 30.10 -12.57 29.61
N VAL V 82 30.01 -11.87 28.47
CA VAL V 82 28.74 -11.36 27.97
C VAL V 82 27.80 -12.52 27.63
N ASP V 83 28.37 -13.62 27.13
CA ASP V 83 27.57 -14.80 26.79
C ASP V 83 26.97 -15.44 28.03
N VAL V 84 27.76 -15.62 29.08
CA VAL V 84 27.26 -16.25 30.29
C VAL V 84 26.28 -15.34 31.01
N TRP V 85 26.53 -14.02 31.00
CA TRP V 85 25.58 -13.15 31.67
C TRP V 85 24.28 -12.97 30.88
N ASN V 86 24.34 -13.05 29.55
CA ASN V 86 23.11 -13.04 28.76
C ASN V 86 22.32 -14.31 28.99
N MET V 87 23.01 -15.44 29.15
CA MET V 87 22.34 -16.69 29.54
C MET V 87 21.65 -16.56 30.89
N ARG V 88 22.34 -15.96 31.87
CA ARG V 88 21.75 -15.82 33.20
C ARG V 88 20.56 -14.87 33.17
N VAL V 89 20.65 -13.80 32.38
CA VAL V 89 19.55 -12.85 32.25
C VAL V 89 18.33 -13.50 31.61
N VAL V 90 18.54 -14.25 30.53
CA VAL V 90 17.45 -14.93 29.83
C VAL V 90 16.80 -15.98 30.73
N PHE V 91 17.61 -16.78 31.41
CA PHE V 91 17.03 -17.83 32.26
C PHE V 91 16.41 -17.29 33.53
N PHE V 92 16.93 -16.21 34.10
CA PHE V 92 16.35 -15.72 35.34
C PHE V 92 15.09 -14.91 35.08
N PHE V 93 15.15 -13.95 34.16
CA PHE V 93 13.96 -13.16 33.91
C PHE V 93 13.02 -13.83 32.93
N GLY V 94 13.36 -14.98 32.39
CA GLY V 94 12.46 -15.69 31.51
C GLY V 94 11.74 -16.82 32.21
N PHE V 95 12.47 -17.61 32.99
CA PHE V 95 11.89 -18.76 33.66
C PHE V 95 11.62 -18.53 35.14
N SER V 96 12.56 -17.92 35.85
CA SER V 96 12.38 -17.74 37.28
C SER V 96 11.41 -16.62 37.62
N ILE V 97 11.09 -15.75 36.67
CA ILE V 97 10.30 -14.55 36.92
C ILE V 97 9.01 -14.53 36.11
N VAL V 98 9.10 -14.76 34.81
CA VAL V 98 7.87 -14.69 34.02
C VAL V 98 7.11 -16.01 34.10
N LEU V 99 7.76 -17.14 33.88
CA LEU V 99 7.04 -18.40 33.83
C LEU V 99 6.58 -18.86 35.21
N VAL V 100 7.48 -18.88 36.20
CA VAL V 100 7.11 -19.40 37.52
C VAL V 100 6.16 -18.45 38.24
N LEU V 101 6.56 -17.18 38.39
CA LEU V 101 5.69 -16.22 39.05
C LEU V 101 4.47 -15.87 38.20
N GLY V 102 4.55 -16.03 36.89
CA GLY V 102 3.39 -15.80 36.05
C GLY V 102 2.38 -16.92 36.15
N SER V 103 2.84 -18.16 36.24
CA SER V 103 1.93 -19.28 36.45
C SER V 103 1.31 -19.20 37.84
N THR V 104 2.08 -18.73 38.83
CA THR V 104 1.53 -18.53 40.16
C THR V 104 0.53 -17.37 40.17
N PHE V 105 0.75 -16.36 39.33
CA PHE V 105 -0.18 -15.24 39.27
C PHE V 105 -1.48 -15.64 38.58
N VAL V 106 -1.39 -16.40 37.48
CA VAL V 106 -2.59 -16.80 36.76
C VAL V 106 -3.36 -17.87 37.53
N ALA V 107 -2.65 -18.69 38.32
CA ALA V 107 -3.32 -19.72 39.11
C ALA V 107 -4.17 -19.11 40.22
N TYR V 108 -3.82 -17.92 40.70
CA TYR V 108 -4.51 -17.27 41.81
C TYR V 108 -5.15 -15.97 41.36
N LEU V 109 -5.73 -15.97 40.17
CA LEU V 109 -6.49 -14.81 39.73
C LEU V 109 -7.74 -14.65 40.59
N PRO V 110 -8.06 -13.43 40.98
CA PRO V 110 -9.22 -13.22 41.86
C PRO V 110 -10.53 -13.42 41.14
N ASP V 111 -10.97 -14.67 40.98
CA ASP V 111 -12.26 -15.05 40.41
C ASP V 111 -12.41 -14.48 39.00
N TYR V 112 -11.59 -15.01 38.09
CA TYR V 112 -11.46 -14.49 36.73
C TYR V 112 -12.79 -14.50 36.00
N ARG V 113 -13.29 -13.29 35.72
CA ARG V 113 -14.55 -13.02 35.04
C ARG V 113 -15.74 -13.63 35.77
N MET V 114 -15.67 -13.65 37.10
CA MET V 114 -16.81 -13.89 38.00
C MET V 114 -17.45 -15.25 37.79
N GLN V 115 -16.67 -16.25 37.38
CA GLN V 115 -17.26 -17.55 37.08
C GLN V 115 -17.50 -18.38 38.33
N GLU V 116 -16.74 -18.14 39.41
CA GLU V 116 -17.07 -18.78 40.67
C GLU V 116 -18.29 -18.14 41.30
N TRP V 117 -18.32 -16.80 41.33
CA TRP V 117 -19.44 -16.02 41.84
C TRP V 117 -20.75 -16.44 41.18
N ALA V 118 -20.74 -16.53 39.84
CA ALA V 118 -21.92 -16.91 39.07
C ALA V 118 -22.40 -18.30 39.44
N ARG V 119 -21.51 -19.20 39.86
CA ARG V 119 -21.98 -20.47 40.37
C ARG V 119 -22.63 -20.28 41.73
N ARG V 120 -21.96 -19.55 42.62
CA ARG V 120 -22.39 -19.44 44.00
C ARG V 120 -23.70 -18.69 44.11
N GLU V 121 -23.85 -17.61 43.33
CA GLU V 121 -25.11 -16.91 43.22
C GLU V 121 -26.22 -17.82 42.69
N ALA V 122 -25.88 -18.67 41.72
CA ALA V 122 -26.86 -19.62 41.21
C ALA V 122 -27.27 -20.60 42.30
N GLU V 123 -26.32 -20.99 43.14
CA GLU V 123 -26.61 -21.88 44.26
C GLU V 123 -27.47 -21.21 45.31
N ARG V 124 -27.55 -19.87 45.30
CA ARG V 124 -28.53 -19.20 46.11
C ARG V 124 -29.89 -19.21 45.42
N LEU V 125 -29.92 -18.87 44.13
CA LEU V 125 -31.18 -18.53 43.49
C LEU V 125 -32.04 -19.76 43.26
N VAL V 126 -31.41 -20.88 42.84
CA VAL V 126 -32.10 -22.17 42.78
C VAL V 126 -32.66 -22.53 44.15
N LYS V 127 -31.84 -22.32 45.20
CA LYS V 127 -32.28 -22.58 46.56
C LYS V 127 -33.38 -21.63 46.99
N TYR V 128 -33.47 -20.45 46.36
CA TYR V 128 -34.62 -19.59 46.65
C TYR V 128 -35.87 -20.09 45.95
N ARG V 129 -35.76 -20.61 44.74
CA ARG V 129 -36.95 -20.88 43.97
C ARG V 129 -37.31 -22.36 43.89
N GLU V 130 -36.46 -23.25 44.39
CA GLU V 130 -36.92 -24.60 44.70
C GLU V 130 -37.90 -24.57 45.85
N ALA V 131 -37.61 -23.78 46.88
CA ALA V 131 -38.39 -23.83 48.11
C ALA V 131 -39.72 -23.10 47.99
N HIS V 132 -39.82 -22.12 47.09
CA HIS V 132 -41.01 -21.29 46.97
C HIS V 132 -41.91 -21.70 45.82
N GLY V 133 -41.69 -22.90 45.26
CA GLY V 133 -42.54 -23.42 44.21
C GLY V 133 -42.37 -22.78 42.86
N LEU V 134 -41.46 -21.83 42.71
CA LEU V 134 -41.23 -21.13 41.46
C LEU V 134 -40.50 -22.05 40.48
N PRO V 135 -40.68 -21.84 39.18
CA PRO V 135 -39.83 -22.57 38.22
C PRO V 135 -38.42 -22.03 38.25
N LEU V 136 -37.48 -22.90 37.88
CA LEU V 136 -36.06 -22.58 38.00
C LEU V 136 -35.60 -21.51 37.02
N MET V 137 -36.34 -21.31 35.93
CA MET V 137 -36.04 -20.25 34.98
C MET V 137 -37.31 -19.98 34.18
N GLU V 138 -37.58 -18.71 33.92
CA GLU V 138 -38.68 -18.32 33.07
C GLU V 138 -38.23 -18.29 31.62
N SER V 139 -39.18 -18.59 30.71
CA SER V 139 -38.89 -18.47 29.28
C SER V 139 -38.72 -17.02 28.86
N ASN V 140 -39.31 -16.08 29.60
CA ASN V 140 -39.15 -14.65 29.34
C ASN V 140 -38.04 -14.10 30.20
N CYS V 141 -37.11 -13.38 29.57
CA CYS V 141 -36.02 -12.76 30.33
C CYS V 141 -36.52 -11.56 31.11
N PHE V 142 -37.47 -10.82 30.55
CA PHE V 142 -38.01 -9.62 31.16
C PHE V 142 -39.47 -9.86 31.50
N ASP V 143 -40.02 -8.99 32.34
CA ASP V 143 -41.41 -9.08 32.75
C ASP V 143 -42.31 -8.78 31.56
N PRO V 144 -43.24 -9.66 31.19
CA PRO V 144 -44.15 -9.37 30.09
C PRO V 144 -45.14 -8.25 30.37
N SER V 145 -45.27 -7.80 31.63
CA SER V 145 -46.15 -6.68 31.91
C SER V 145 -45.55 -5.36 31.46
N LYS V 146 -44.22 -5.25 31.47
CA LYS V 146 -43.53 -4.01 31.14
C LYS V 146 -43.04 -3.96 29.70
N ILE V 147 -43.75 -4.59 28.78
CA ILE V 147 -43.41 -4.58 27.36
C ILE V 147 -44.66 -4.22 26.57
N GLN V 148 -44.60 -3.13 25.81
CA GLN V 148 -45.65 -2.76 24.87
C GLN V 148 -45.40 -3.45 23.55
N LEU V 149 -46.31 -4.25 23.14
CA LEU V 149 -46.15 -4.89 21.85
C LEU V 149 -46.73 -4.00 20.76
N PRO V 150 -46.21 -4.09 19.53
CA PRO V 150 -46.88 -3.42 18.41
C PRO V 150 -48.21 -4.12 18.10
N GLU V 151 -49.26 -3.31 18.00
CA GLU V 151 -50.61 -3.84 17.86
C GLU V 151 -50.81 -4.44 16.47
N ASP V 152 -51.74 -5.39 16.40
CA ASP V 152 -52.04 -6.07 15.15
C ASP V 152 -53.46 -6.62 15.19
N LYS W 28 47.82 19.49 19.47
CA LYS W 28 47.40 19.80 18.11
C LYS W 28 47.38 18.55 17.25
N PHE W 29 46.21 18.25 16.70
CA PHE W 29 46.01 17.09 15.83
C PHE W 29 45.79 17.48 14.38
N TYR W 30 44.83 18.36 14.12
CA TYR W 30 44.43 18.67 12.75
C TYR W 30 45.48 19.51 12.05
N ILE W 31 45.76 19.16 10.80
CA ILE W 31 46.81 19.85 10.05
C ILE W 31 46.34 21.24 9.63
N GLN W 32 45.04 21.44 9.48
CA GLN W 32 44.46 22.75 9.24
C GLN W 32 43.59 23.13 10.43
N GLU W 33 43.55 24.42 10.72
CA GLU W 33 42.65 24.92 11.75
C GLU W 33 41.22 24.80 11.26
N PRO W 34 40.38 23.99 11.90
CA PRO W 34 39.02 23.78 11.40
C PRO W 34 38.16 25.00 11.65
N PRO W 35 37.04 25.15 10.94
CA PRO W 35 36.11 26.24 11.25
C PRO W 35 35.46 26.12 12.61
N HIS W 36 35.37 24.92 13.16
CA HIS W 36 34.74 24.68 14.44
C HIS W 36 35.75 24.20 15.47
N GLY W 37 36.95 24.76 15.44
CA GLY W 37 37.94 24.42 16.45
C GLY W 37 37.61 25.05 17.80
N SER W 38 37.30 26.32 17.79
CA SER W 38 36.84 27.03 18.97
C SER W 38 35.35 27.34 18.83
N PRO W 39 34.60 27.34 19.93
CA PRO W 39 33.20 27.74 19.86
C PRO W 39 33.06 29.23 19.56
N ASN W 40 32.15 29.54 18.65
CA ASN W 40 31.87 30.91 18.26
C ASN W 40 31.12 31.57 19.41
N TRP W 41 31.87 32.27 20.28
CA TRP W 41 31.32 32.76 21.53
C TRP W 41 30.27 33.85 21.32
N LEU W 42 30.38 34.60 20.22
CA LEU W 42 29.31 35.51 19.84
C LEU W 42 28.03 34.74 19.55
N LYS W 43 28.14 33.63 18.83
CA LYS W 43 26.97 32.84 18.46
C LYS W 43 26.42 32.05 19.65
N VAL W 44 27.29 31.59 20.55
CA VAL W 44 26.85 30.95 21.78
C VAL W 44 26.13 31.95 22.67
N GLY W 45 26.65 33.18 22.76
CA GLY W 45 25.99 34.21 23.55
C GLY W 45 24.65 34.62 22.98
N LEU W 46 24.57 34.73 21.64
CA LEU W 46 23.28 35.02 21.00
C LEU W 46 22.29 33.89 21.21
N THR W 47 22.76 32.64 21.15
CA THR W 47 21.87 31.49 21.34
C THR W 47 21.31 31.44 22.75
N LEU W 48 22.18 31.58 23.75
CA LEU W 48 21.71 31.51 25.14
C LEU W 48 20.88 32.74 25.51
N GLY W 49 21.22 33.91 24.98
CA GLY W 49 20.42 35.10 25.26
C GLY W 49 19.05 35.03 24.62
N THR W 50 18.98 34.54 23.37
CA THR W 50 17.70 34.38 22.70
C THR W 50 16.83 33.35 23.40
N SER W 51 17.43 32.25 23.84
CA SER W 51 16.66 31.20 24.50
C SER W 51 16.16 31.65 25.87
N ALA W 52 17.00 32.36 26.63
CA ALA W 52 16.57 32.88 27.92
C ALA W 52 15.50 33.95 27.76
N PHE W 53 15.61 34.79 26.73
CA PHE W 53 14.59 35.80 26.47
C PHE W 53 13.27 35.16 26.08
N LEU W 54 13.30 34.12 25.26
CA LEU W 54 12.06 33.46 24.87
C LEU W 54 11.42 32.73 26.04
N TRP W 55 12.22 32.16 26.95
CA TRP W 55 11.61 31.53 28.13
C TRP W 55 11.00 32.56 29.07
N ILE W 56 11.68 33.69 29.32
CA ILE W 56 11.12 34.64 30.26
C ILE W 56 9.91 35.35 29.65
N TYR W 57 9.91 35.57 28.33
CA TYR W 57 8.76 36.15 27.68
C TYR W 57 7.59 35.17 27.64
N LEU W 58 7.87 33.87 27.48
CA LEU W 58 6.81 32.87 27.50
C LEU W 58 6.17 32.76 28.89
N ILE W 59 6.98 32.76 29.94
CA ILE W 59 6.43 32.64 31.29
C ILE W 59 5.70 33.92 31.69
N LYS W 60 6.20 35.09 31.27
CA LYS W 60 5.49 36.34 31.51
C LYS W 60 4.17 36.39 30.75
N GLN W 61 4.16 35.91 29.50
CA GLN W 61 2.93 35.84 28.72
C GLN W 61 1.92 34.89 29.34
N HIS W 62 2.39 33.76 29.85
CA HIS W 62 1.47 32.79 30.46
C HIS W 62 0.91 33.31 31.78
N ASN W 63 1.73 34.01 32.57
CA ASN W 63 1.21 34.60 33.81
C ASN W 63 0.21 35.71 33.52
N GLU W 64 0.47 36.51 32.49
CA GLU W 64 -0.47 37.54 32.07
C GLU W 64 -1.76 36.92 31.55
N ASP W 65 -1.66 35.78 30.86
CA ASP W 65 -2.85 35.13 30.33
C ASP W 65 -3.70 34.49 31.42
N VAL W 66 -3.08 33.85 32.41
CA VAL W 66 -3.88 33.27 33.48
C VAL W 66 -4.46 34.37 34.36
N LEU W 67 -3.75 35.50 34.51
CA LEU W 67 -4.30 36.60 35.29
C LEU W 67 -5.46 37.27 34.56
N GLU W 68 -5.37 37.36 33.24
CA GLU W 68 -6.46 37.93 32.46
C GLU W 68 -7.67 37.00 32.41
N TYR W 69 -7.43 35.68 32.37
CA TYR W 69 -8.53 34.72 32.47
C TYR W 69 -9.23 34.82 33.81
N LYS W 70 -8.46 34.87 34.90
CA LYS W 70 -9.04 35.01 36.23
C LYS W 70 -9.68 36.37 36.44
N ARG W 71 -9.30 37.39 35.67
CA ARG W 71 -9.96 38.68 35.79
C ARG W 71 -11.25 38.73 34.98
N ARG W 72 -11.24 38.20 33.76
CA ARG W 72 -12.42 38.23 32.90
C ARG W 72 -13.48 37.25 33.36
N ASN W 73 -13.13 36.24 34.17
CA ASN W 73 -14.12 35.30 34.66
C ASN W 73 -14.31 35.38 36.17
N GLY W 74 -13.55 36.21 36.87
CA GLY W 74 -13.68 36.32 38.31
C GLY W 74 -13.25 35.10 39.08
N LEU W 75 -12.33 34.30 38.53
CA LEU W 75 -11.95 33.03 39.12
C LEU W 75 -10.71 33.25 40.00
N GLU W 76 -10.89 34.08 41.01
CA GLU W 76 -9.79 34.39 41.94
C GLU W 76 -10.18 33.99 43.36
N ARG X 9 25.30 6.85 40.03
CA ARG X 9 24.98 5.42 39.98
C ARG X 9 25.58 4.80 38.73
N ASP X 10 26.22 3.65 38.89
CA ASP X 10 26.85 2.94 37.78
C ASP X 10 25.91 1.98 37.08
N HIS X 11 24.64 1.94 37.48
CA HIS X 11 23.60 1.13 36.84
C HIS X 11 22.39 2.00 36.55
N TRP X 12 22.63 3.19 36.00
CA TRP X 12 21.57 4.16 35.82
C TRP X 12 20.67 3.86 34.64
N ILE X 13 21.04 2.91 33.79
CA ILE X 13 20.22 2.63 32.63
C ILE X 13 19.13 1.60 32.96
N HIS X 14 19.38 0.73 33.94
CA HIS X 14 18.42 -0.29 34.35
C HIS X 14 17.26 0.28 35.14
N VAL X 15 17.22 1.59 35.38
CA VAL X 15 16.07 2.24 35.99
C VAL X 15 15.45 3.19 34.97
N LEU X 16 15.62 2.90 33.68
CA LEU X 16 14.81 3.61 32.70
C LEU X 16 13.43 2.97 32.59
N VAL X 17 13.39 1.68 32.26
CA VAL X 17 12.15 0.94 32.03
C VAL X 17 11.34 0.69 33.32
N PRO X 18 11.93 0.37 34.49
CA PRO X 18 11.07 0.32 35.70
C PRO X 18 10.50 1.67 36.12
N VAL X 19 11.32 2.72 36.18
CA VAL X 19 10.83 4.04 36.57
C VAL X 19 9.84 4.57 35.54
N GLY X 20 10.12 4.35 34.25
CA GLY X 20 9.16 4.64 33.22
C GLY X 20 7.88 3.82 33.33
N PHE X 21 7.95 2.66 33.96
CA PHE X 21 6.74 1.98 34.36
C PHE X 21 5.99 2.75 35.43
N VAL X 22 6.69 3.11 36.52
CA VAL X 22 6.04 3.63 37.72
C VAL X 22 5.39 4.97 37.43
N PHE X 23 6.13 5.85 36.75
CA PHE X 23 5.58 7.12 36.27
C PHE X 23 4.35 6.90 35.39
N GLY X 24 4.43 5.93 34.47
CA GLY X 24 3.27 5.60 33.67
C GLY X 24 2.13 5.08 34.52
N TYR X 25 2.46 4.25 35.50
CA TYR X 25 1.48 3.78 36.48
C TYR X 25 0.87 4.95 37.22
N TYR X 26 1.70 5.92 37.59
CA TYR X 26 1.24 7.15 38.25
C TYR X 26 0.24 7.88 37.38
N LEU X 27 0.52 7.97 36.07
CA LEU X 27 -0.35 8.70 35.17
C LEU X 27 -1.70 8.01 35.05
N ASP X 28 -1.72 6.67 35.16
CA ASP X 28 -2.99 5.96 35.13
C ASP X 28 -3.85 6.33 36.33
N ARG X 29 -3.23 6.42 37.51
CA ARG X 29 -3.96 6.89 38.68
C ARG X 29 -4.37 8.33 38.49
N LYS X 30 -3.49 9.12 37.87
CA LYS X 30 -3.77 10.52 37.60
C LYS X 30 -4.89 10.67 36.58
N ASN X 31 -5.14 9.65 35.76
CA ASN X 31 -6.24 9.77 34.83
C ASN X 31 -7.56 9.42 35.50
N ASP X 32 -7.53 8.57 36.53
CA ASP X 32 -8.78 8.08 37.11
C ASP X 32 -9.50 9.17 37.87
N GLU X 33 -8.75 10.08 38.50
CA GLU X 33 -9.35 11.24 39.14
C GLU X 33 -9.98 12.21 38.13
N LYS X 34 -9.59 12.13 36.85
CA LYS X 34 -10.32 12.90 35.84
C LYS X 34 -11.59 12.20 35.43
N LEU X 35 -11.65 10.88 35.56
CA LEU X 35 -12.81 10.09 35.15
C LEU X 35 -13.65 9.69 36.35
N ALA X 36 -13.74 10.57 37.33
CA ALA X 36 -14.43 10.31 38.58
C ALA X 36 -15.73 11.10 38.68
N ALA X 37 -16.41 11.29 37.55
CA ALA X 37 -17.66 12.05 37.56
C ALA X 37 -18.79 11.26 38.20
N PHE X 38 -18.79 9.94 38.07
CA PHE X 38 -19.82 9.10 38.65
C PHE X 38 -19.31 8.30 39.83
N ARG X 39 -18.31 8.82 40.55
CA ARG X 39 -17.88 8.18 41.79
C ARG X 39 -18.98 8.31 42.83
N ASN X 40 -19.44 7.16 43.32
CA ASN X 40 -20.56 7.02 44.26
C ASN X 40 -21.85 7.62 43.69
N LYS X 41 -22.03 7.50 42.37
CA LYS X 41 -23.24 7.98 41.71
C LYS X 41 -23.89 6.93 40.82
N SER X 42 -23.26 5.77 40.62
CA SER X 42 -23.87 4.71 39.85
C SER X 42 -25.04 4.12 40.62
N LEU X 43 -26.10 3.75 39.89
CA LEU X 43 -27.28 3.16 40.53
C LEU X 43 -27.00 1.79 41.14
N LEU X 44 -25.90 1.16 40.75
CA LEU X 44 -25.56 -0.14 41.31
C LEU X 44 -24.78 0.01 42.60
N TYR X 45 -23.83 0.94 42.65
CA TYR X 45 -22.88 1.00 43.75
C TYR X 45 -22.99 2.27 44.58
N LYS X 46 -24.09 3.02 44.48
CA LYS X 46 -24.23 4.19 45.34
C LYS X 46 -24.60 3.76 46.75
N ARG X 47 -23.99 4.43 47.72
CA ARG X 47 -24.13 4.03 49.12
C ARG X 47 -23.80 5.21 50.00
N GLU X 48 -24.25 5.14 51.24
CA GLU X 48 -23.89 6.15 52.23
C GLU X 48 -22.42 5.99 52.60
N LEU X 49 -21.75 7.12 52.82
CA LEU X 49 -20.33 7.10 53.12
C LEU X 49 -20.10 6.65 54.55
N LYS X 50 -19.11 5.78 54.72
CA LYS X 50 -18.69 5.38 56.05
C LYS X 50 -17.96 6.55 56.73
N PRO X 51 -17.90 6.57 58.06
CA PRO X 51 -17.10 7.59 58.75
C PRO X 51 -15.62 7.45 58.44
N GLN X 52 -14.91 8.58 58.53
CA GLN X 52 -13.51 8.74 58.12
C GLN X 52 -13.31 8.30 56.67
N GLU X 53 -14.22 8.71 55.80
CA GLU X 53 -14.15 8.40 54.38
C GLU X 53 -14.80 9.53 53.60
N GLU X 54 -14.15 9.99 52.54
CA GLU X 54 -14.71 11.01 51.68
C GLU X 54 -14.96 10.55 50.25
N VAL X 55 -14.23 9.54 49.77
CA VAL X 55 -14.39 9.01 48.42
C VAL X 55 -14.51 7.49 48.50
N THR X 56 -15.27 6.92 47.57
CA THR X 56 -15.42 5.47 47.55
C THR X 56 -14.31 4.77 46.80
N TRP X 57 -13.62 5.46 45.89
CA TRP X 57 -12.42 4.93 45.27
C TRP X 57 -11.52 6.09 44.87
N LYS X 58 -10.27 5.76 44.54
CA LYS X 58 -9.30 6.78 44.17
C LYS X 58 -8.67 6.48 42.82
N MET Y 1 24.13 86.09 -57.82
CA MET Y 1 24.94 85.49 -56.77
C MET Y 1 24.09 84.67 -55.81
N TRP Y 2 24.24 84.95 -54.51
CA TRP Y 2 23.54 84.17 -53.49
C TRP Y 2 22.04 84.43 -53.50
N PHE Y 3 21.61 85.58 -54.00
CA PHE Y 3 20.22 85.99 -54.00
C PHE Y 3 19.38 85.33 -55.09
N GLU Y 4 19.94 84.35 -55.81
CA GLU Y 4 19.16 83.61 -56.78
C GLU Y 4 18.41 82.44 -56.18
N VAL Y 5 18.66 82.11 -54.91
CA VAL Y 5 17.80 81.17 -54.21
C VAL Y 5 16.50 81.83 -53.78
N LEU Y 6 16.47 83.17 -53.74
CA LEU Y 6 15.28 83.88 -53.31
C LEU Y 6 14.04 83.71 -54.22
N PRO Y 7 14.14 83.53 -55.55
CA PRO Y 7 12.92 83.11 -56.28
C PRO Y 7 12.37 81.77 -55.85
N GLY Y 8 13.23 80.76 -55.66
CA GLY Y 8 12.74 79.46 -55.23
C GLY Y 8 12.18 79.48 -53.82
N ILE Y 9 12.87 80.19 -52.91
CA ILE Y 9 12.39 80.35 -51.54
C ILE Y 9 11.08 81.14 -51.52
N ALA Y 10 10.94 82.12 -52.42
CA ALA Y 10 9.71 82.89 -52.49
C ALA Y 10 8.55 82.05 -52.99
N VAL Y 11 8.79 81.20 -54.00
CA VAL Y 11 7.71 80.35 -54.52
C VAL Y 11 7.32 79.28 -53.50
N MET Y 12 8.31 78.75 -52.76
CA MET Y 12 8.01 77.82 -51.67
C MET Y 12 7.25 78.50 -50.55
N GLY Y 13 7.57 79.76 -50.25
CA GLY Y 13 6.85 80.48 -49.23
C GLY Y 13 5.42 80.80 -49.62
N VAL Y 14 5.20 81.09 -50.91
CA VAL Y 14 3.83 81.25 -51.41
C VAL Y 14 3.06 79.94 -51.30
N CYS Y 15 3.71 78.82 -51.67
CA CYS Y 15 3.05 77.53 -51.61
C CYS Y 15 2.82 77.05 -50.18
N LEU Y 16 3.53 77.61 -49.20
CA LEU Y 16 3.19 77.34 -47.80
C LEU Y 16 2.19 78.35 -47.24
N PHE Y 17 2.11 79.55 -47.81
CA PHE Y 17 1.09 80.51 -47.40
C PHE Y 17 -0.30 80.08 -47.87
N ILE Y 18 -0.38 79.38 -49.01
CA ILE Y 18 -1.69 78.99 -49.55
C ILE Y 18 -2.53 78.09 -48.64
N PRO Y 19 -2.00 77.04 -47.97
CA PRO Y 19 -2.90 76.23 -47.12
C PRO Y 19 -3.49 76.95 -45.91
N GLY Y 20 -2.71 77.77 -45.21
CA GLY Y 20 -3.22 78.43 -44.03
C GLY Y 20 -4.23 79.53 -44.36
N MET Y 21 -3.88 80.37 -45.34
CA MET Y 21 -4.81 81.38 -45.85
C MET Y 21 -6.07 80.74 -46.42
N ALA Y 22 -5.91 79.59 -47.07
CA ALA Y 22 -7.04 78.89 -47.67
C ALA Y 22 -7.98 78.35 -46.61
N THR Y 23 -7.44 77.70 -45.57
CA THR Y 23 -8.33 77.15 -44.55
C THR Y 23 -8.93 78.25 -43.67
N ALA Y 24 -8.27 79.39 -43.54
CA ALA Y 24 -8.88 80.51 -42.82
C ALA Y 24 -10.05 81.10 -43.61
N ARG Y 25 -9.87 81.29 -44.92
CA ARG Y 25 -10.98 81.80 -45.73
C ARG Y 25 -12.11 80.79 -45.87
N ILE Y 26 -11.79 79.50 -45.84
CA ILE Y 26 -12.83 78.48 -45.93
C ILE Y 26 -13.61 78.38 -44.62
N HIS Y 27 -12.91 78.52 -43.48
CA HIS Y 27 -13.61 78.59 -42.19
C HIS Y 27 -14.47 79.84 -42.08
N ARG Y 28 -14.04 80.96 -42.66
CA ARG Y 28 -14.91 82.13 -42.63
C ARG Y 28 -16.05 82.04 -43.63
N PHE Y 29 -15.87 81.31 -44.73
CA PHE Y 29 -16.94 81.20 -45.71
C PHE Y 29 -18.02 80.22 -45.26
N SER Y 30 -17.62 79.10 -44.65
CA SER Y 30 -18.58 78.07 -44.26
C SER Y 30 -19.27 78.37 -42.95
N ASN Y 31 -19.00 79.51 -42.31
CA ASN Y 31 -19.51 79.78 -40.98
C ASN Y 31 -20.06 81.20 -40.84
N GLY Y 32 -20.46 81.81 -41.95
CA GLY Y 32 -21.08 83.12 -41.89
C GLY Y 32 -20.14 84.26 -41.55
N GLY Y 33 -18.92 84.24 -42.08
CA GLY Y 33 -18.02 85.35 -41.87
C GLY Y 33 -17.35 85.39 -40.51
N ARG Y 34 -17.19 84.23 -39.87
CA ARG Y 34 -16.61 84.15 -38.54
C ARG Y 34 -15.70 82.94 -38.46
N GLU Y 35 -15.08 82.76 -37.29
CA GLU Y 35 -14.22 81.60 -37.08
C GLU Y 35 -15.05 80.34 -36.99
N LYS Y 36 -14.39 79.21 -37.20
CA LYS Y 36 -15.05 77.93 -37.03
C LYS Y 36 -15.19 77.64 -35.55
N ARG Y 37 -16.37 77.17 -35.15
CA ARG Y 37 -16.63 76.87 -33.75
C ARG Y 37 -15.78 75.68 -33.34
N VAL Y 38 -14.97 75.87 -32.30
CA VAL Y 38 -14.10 74.82 -31.79
C VAL Y 38 -14.85 74.09 -30.69
N ALA Y 39 -15.04 72.79 -30.87
CA ALA Y 39 -15.68 71.95 -29.87
C ALA Y 39 -14.69 70.86 -29.47
N HIS Y 40 -13.82 71.20 -28.54
CA HIS Y 40 -12.92 70.21 -27.96
C HIS Y 40 -13.58 69.42 -26.84
N TYR Y 41 -14.59 70.00 -26.22
CA TYR Y 41 -15.25 69.45 -25.05
C TYR Y 41 -16.73 69.35 -25.34
N SER Y 42 -17.39 68.41 -24.66
CA SER Y 42 -18.78 68.07 -25.00
C SER Y 42 -19.75 69.17 -24.62
N TYR Y 43 -19.37 70.07 -23.72
CA TYR Y 43 -20.21 71.23 -23.43
C TYR Y 43 -20.22 72.20 -24.60
N GLN Y 44 -19.07 72.42 -25.22
CA GLN Y 44 -18.97 73.28 -26.40
C GLN Y 44 -19.77 72.70 -27.55
N TRP Y 45 -19.74 71.38 -27.70
CA TRP Y 45 -20.55 70.72 -28.71
C TRP Y 45 -22.04 70.80 -28.38
N TYR Y 46 -22.38 70.74 -27.10
CA TYR Y 46 -23.79 70.86 -26.72
C TYR Y 46 -24.32 72.26 -27.00
N LEU Y 47 -23.49 73.28 -26.76
CA LEU Y 47 -23.90 74.64 -27.10
C LEU Y 47 -24.01 74.82 -28.60
N MET Y 48 -23.13 74.18 -29.36
CA MET Y 48 -23.17 74.26 -30.82
C MET Y 48 -24.40 73.55 -31.38
N GLU Y 49 -24.73 72.38 -30.85
CA GLU Y 49 -25.95 71.69 -31.25
C GLU Y 49 -27.20 72.45 -30.82
N ARG Y 50 -27.14 73.13 -29.68
CA ARG Y 50 -28.24 73.99 -29.28
C ARG Y 50 -28.41 75.16 -30.25
N ASP Y 51 -27.30 75.72 -30.73
CA ASP Y 51 -27.36 76.79 -31.72
C ASP Y 51 -27.96 76.29 -33.04
N ARG Y 52 -27.60 75.08 -33.43
CA ARG Y 52 -28.19 74.47 -34.62
C ARG Y 52 -29.68 74.22 -34.44
N ARG Y 53 -30.11 73.87 -33.23
CA ARG Y 53 -31.54 73.65 -32.99
C ARG Y 53 -32.32 74.97 -32.94
N VAL Y 54 -31.72 76.03 -32.37
CA VAL Y 54 -32.46 77.29 -32.20
C VAL Y 54 -32.32 78.22 -33.38
N SER Y 55 -31.48 77.91 -34.37
CA SER Y 55 -31.37 78.79 -35.53
C SER Y 55 -32.59 78.68 -36.44
N GLY Y 56 -33.22 77.51 -36.47
CA GLY Y 56 -34.37 77.30 -37.33
C GLY Y 56 -34.04 76.92 -38.76
N VAL Y 57 -32.79 77.06 -39.19
CA VAL Y 57 -32.36 76.74 -40.54
C VAL Y 57 -31.37 75.58 -40.56
N ASN Y 58 -31.25 74.86 -39.43
CA ASN Y 58 -30.39 73.68 -39.27
C ASN Y 58 -28.92 74.00 -39.55
N ARG Y 59 -28.51 75.20 -39.15
CA ARG Y 59 -27.13 75.65 -39.28
C ARG Y 59 -26.71 76.31 -37.98
N TYR Y 60 -25.62 75.84 -37.38
CA TYR Y 60 -25.23 76.33 -36.06
C TYR Y 60 -24.75 77.77 -36.12
N TYR Y 61 -24.22 78.19 -37.25
CA TYR Y 61 -23.58 79.50 -37.35
C TYR Y 61 -24.59 80.63 -37.49
N VAL Y 62 -25.81 80.35 -37.90
CA VAL Y 62 -26.82 81.40 -37.99
C VAL Y 62 -27.26 81.75 -36.56
N SER Y 63 -26.83 82.91 -36.08
CA SER Y 63 -27.07 83.30 -34.70
C SER Y 63 -28.36 84.08 -34.58
N LYS Y 64 -29.07 83.86 -33.48
CA LYS Y 64 -30.32 84.55 -33.18
C LYS Y 64 -30.15 85.28 -31.86
N GLY Y 65 -30.30 86.59 -31.89
CA GLY Y 65 -30.09 87.43 -30.72
C GLY Y 65 -31.38 87.77 -30.01
N LEU Y 66 -31.46 89.00 -29.50
CA LEU Y 66 -32.64 89.43 -28.76
C LEU Y 66 -33.83 89.71 -29.68
N GLU Y 67 -33.62 89.79 -30.99
CA GLU Y 67 -34.73 89.96 -31.92
C GLU Y 67 -35.57 88.69 -32.04
N ASN Y 68 -35.06 87.55 -31.61
CA ASN Y 68 -35.82 86.31 -31.71
C ASN Y 68 -36.88 86.23 -30.61
N ILE Y 69 -36.56 86.72 -29.41
CA ILE Y 69 -37.54 86.80 -28.35
C ILE Y 69 -38.30 88.12 -28.50
N ASP Y 70 -39.41 88.25 -27.79
CA ASP Y 70 -40.26 89.43 -27.91
C ASP Y 70 -39.64 90.69 -27.28
N MET Z 1 -15.76 62.02 -39.33
CA MET Z 1 -16.23 61.97 -40.70
C MET Z 1 -15.23 62.65 -41.62
N ASN Z 2 -14.87 63.88 -41.27
CA ASN Z 2 -13.92 64.64 -42.08
C ASN Z 2 -12.52 64.04 -42.04
N LEU Z 3 -12.19 63.36 -40.93
CA LEU Z 3 -10.90 62.69 -40.81
C LEU Z 3 -10.78 61.54 -41.79
N MET Z 4 -11.84 60.74 -41.92
CA MET Z 4 -11.80 59.62 -42.86
C MET Z 4 -11.85 60.09 -44.31
N ILE Z 5 -12.51 61.21 -44.58
CA ILE Z 5 -12.47 61.82 -45.91
C ILE Z 5 -11.06 62.30 -46.24
N THR Z 6 -10.38 62.88 -45.26
CA THR Z 6 -9.01 63.37 -45.49
C THR Z 6 -8.03 62.23 -45.70
N LEU Z 7 -8.15 61.17 -44.89
CA LEU Z 7 -7.29 60.01 -45.06
C LEU Z 7 -7.60 59.26 -46.36
N LEU Z 8 -8.87 59.23 -46.78
CA LEU Z 8 -9.22 58.62 -48.05
C LEU Z 8 -8.66 59.42 -49.21
N THR Z 9 -8.66 60.75 -49.10
CA THR Z 9 -8.06 61.60 -50.14
C THR Z 9 -6.55 61.41 -50.22
N ASN Z 10 -5.89 61.34 -49.06
CA ASN Z 10 -4.43 61.17 -49.04
C ASN Z 10 -4.04 59.81 -49.61
N PHE Z 11 -4.73 58.75 -49.18
CA PHE Z 11 -4.48 57.41 -49.72
C PHE Z 11 -4.83 57.32 -51.20
N THR Z 12 -5.88 58.05 -51.62
CA THR Z 12 -6.33 57.98 -53.01
C THR Z 12 -5.33 58.62 -53.94
N LEU Z 13 -4.89 59.84 -53.65
CA LEU Z 13 -3.90 60.45 -54.54
C LEU Z 13 -2.46 60.14 -54.11
N ALA Z 14 -2.26 59.19 -53.18
CA ALA Z 14 -0.98 58.52 -53.11
C ALA Z 14 -0.96 57.23 -53.91
N THR Z 15 -2.10 56.56 -54.07
CA THR Z 15 -2.12 55.38 -54.92
C THR Z 15 -2.44 55.71 -56.38
N LEU Z 16 -2.94 56.90 -56.67
CA LEU Z 16 -3.13 57.34 -58.05
C LEU Z 16 -1.92 58.11 -58.59
N LEU Z 17 -0.89 58.30 -57.77
CA LEU Z 17 0.42 58.63 -58.31
C LEU Z 17 1.24 57.39 -58.61
N VAL Z 18 0.77 56.22 -58.16
CA VAL Z 18 1.44 54.96 -58.45
C VAL Z 18 0.86 54.30 -59.69
N THR Z 19 -0.47 54.31 -59.83
CA THR Z 19 -1.10 53.68 -60.98
C THR Z 19 -0.88 54.45 -62.29
N ILE Z 20 -0.48 55.72 -62.22
CA ILE Z 20 -0.01 56.43 -63.40
C ILE Z 20 1.51 56.48 -63.46
N ALA Z 21 2.20 55.80 -62.53
CA ALA Z 21 3.64 55.63 -62.61
C ALA Z 21 4.02 54.30 -63.22
N PHE Z 22 3.17 53.28 -63.06
CA PHE Z 22 3.38 51.99 -63.68
C PHE Z 22 2.77 51.90 -65.08
N TRP Z 23 1.56 52.42 -65.26
CA TRP Z 23 0.81 52.19 -66.48
C TRP Z 23 1.05 53.25 -67.56
N LEU Z 24 1.62 54.40 -67.21
CA LEU Z 24 1.93 55.41 -68.21
C LEU Z 24 3.23 55.16 -69.02
N PRO Z 25 4.40 54.83 -68.45
CA PRO Z 25 5.56 54.62 -69.30
C PRO Z 25 5.52 53.28 -70.03
N GLN Z 26 6.44 53.14 -70.98
CA GLN Z 26 6.55 51.94 -71.78
C GLN Z 26 7.42 50.92 -71.04
N LEU Z 27 6.90 49.71 -70.88
CA LEU Z 27 7.60 48.67 -70.13
C LEU Z 27 8.41 47.80 -71.08
N ASN Z 28 9.66 47.52 -70.69
CA ASN Z 28 10.53 46.59 -71.39
C ASN Z 28 11.08 45.64 -70.33
N VAL Z 29 10.46 44.47 -70.21
CA VAL Z 29 10.79 43.51 -69.15
C VAL Z 29 11.67 42.43 -69.74
N TYR Z 30 12.85 42.25 -69.16
CA TYR Z 30 13.70 41.10 -69.45
C TYR Z 30 14.41 40.71 -68.15
N SER Z 31 14.71 39.42 -68.02
CA SER Z 31 15.12 38.88 -66.73
C SER Z 31 16.59 39.10 -66.41
N GLU Z 32 17.08 40.32 -66.59
CA GLU Z 32 18.34 40.77 -66.02
C GLU Z 32 18.23 42.16 -65.44
N LYS Z 33 17.30 42.99 -65.92
CA LYS Z 33 17.08 44.32 -65.37
C LYS Z 33 16.32 44.26 -64.04
N THR Z 34 15.46 43.26 -63.88
CA THR Z 34 14.71 43.06 -62.65
C THR Z 34 15.45 42.20 -61.64
N SER Z 35 16.72 41.90 -61.89
CA SER Z 35 17.54 41.17 -60.94
C SER Z 35 17.89 42.07 -59.76
N PRO Z 36 18.24 41.49 -58.61
CA PRO Z 36 18.67 42.32 -57.47
C PRO Z 36 20.00 43.02 -57.72
N TYR Z 37 20.31 43.96 -56.84
CA TYR Z 37 21.46 44.84 -56.98
C TYR Z 37 22.52 44.44 -55.96
N GLU Z 38 23.71 44.10 -56.45
CA GLU Z 38 24.88 43.83 -55.62
C GLU Z 38 26.08 44.50 -56.27
N CYS Z 39 25.89 45.77 -56.66
CA CYS Z 39 26.90 46.62 -57.32
C CYS Z 39 27.40 45.99 -58.62
N GLY Z 40 26.47 45.51 -59.43
CA GLY Z 40 26.79 44.93 -60.73
C GLY Z 40 26.98 43.43 -60.76
N PHE Z 41 27.68 42.88 -59.77
CA PHE Z 41 27.85 41.44 -59.71
C PHE Z 41 26.58 40.78 -59.17
N ASP Z 42 26.48 39.47 -59.38
CA ASP Z 42 25.32 38.73 -58.90
C ASP Z 42 25.38 38.58 -57.39
N PRO Z 43 24.26 38.70 -56.69
CA PRO Z 43 24.27 38.61 -55.22
C PRO Z 43 24.54 37.19 -54.76
N MET Z 44 25.49 37.05 -53.84
CA MET Z 44 25.84 35.75 -53.27
C MET Z 44 24.85 35.43 -52.16
N GLY Z 45 23.96 34.48 -52.41
CA GLY Z 45 22.98 34.09 -51.43
C GLY Z 45 21.80 35.05 -51.38
N SER Z 46 20.79 34.64 -50.62
CA SER Z 46 19.59 35.44 -50.48
C SER Z 46 19.74 36.47 -49.39
N ALA Z 47 18.97 37.54 -49.49
CA ALA Z 47 18.89 38.55 -48.44
C ALA Z 47 17.86 38.18 -47.37
N ARG Z 48 17.28 36.98 -47.46
CA ARG Z 48 16.43 36.44 -46.42
C ARG Z 48 17.21 35.55 -45.46
N LEU Z 49 18.52 35.68 -45.44
CA LEU Z 49 19.31 35.06 -44.40
C LEU Z 49 19.17 35.87 -43.12
N PRO Z 50 19.37 35.24 -41.94
CA PRO Z 50 19.30 36.01 -40.69
C PRO Z 50 20.40 37.05 -40.56
N PHE Z 51 20.02 38.32 -40.59
CA PHE Z 51 20.94 39.44 -40.44
C PHE Z 51 20.97 39.79 -38.95
N SER Z 52 22.04 39.38 -38.27
CA SER Z 52 22.08 39.35 -36.82
C SER Z 52 22.08 40.75 -36.22
N MET Z 53 21.18 40.98 -35.28
CA MET Z 53 21.00 42.29 -34.63
C MET Z 53 21.99 42.43 -33.49
N LYS Z 54 22.81 43.48 -33.55
CA LYS Z 54 23.76 43.76 -32.48
C LYS Z 54 23.11 44.56 -31.36
N PHE Z 55 22.14 45.39 -31.69
CA PHE Z 55 21.44 46.25 -30.76
C PHE Z 55 20.17 45.59 -30.22
N PHE Z 56 20.26 44.33 -29.80
CA PHE Z 56 19.04 43.62 -29.47
C PHE Z 56 18.57 43.91 -28.05
N LEU Z 57 19.51 44.08 -27.13
CA LEU Z 57 19.13 44.39 -25.75
C LEU Z 57 18.57 45.79 -25.64
N VAL Z 58 19.10 46.73 -26.44
CA VAL Z 58 18.54 48.06 -26.53
C VAL Z 58 17.17 48.03 -27.18
N ALA Z 59 16.96 47.11 -28.14
CA ALA Z 59 15.66 47.00 -28.79
C ALA Z 59 14.60 46.44 -27.86
N ILE Z 60 14.97 45.49 -26.98
CA ILE Z 60 14.02 45.00 -26.00
C ILE Z 60 13.76 46.03 -24.91
N THR Z 61 14.79 46.79 -24.52
CA THR Z 61 14.58 47.82 -23.51
C THR Z 61 13.80 49.02 -24.07
N PHE Z 62 13.83 49.21 -25.39
CA PHE Z 62 12.95 50.20 -26.01
C PHE Z 62 11.48 49.84 -25.82
N LEU Z 63 11.15 48.55 -25.81
CA LEU Z 63 9.77 48.13 -25.55
C LEU Z 63 9.32 48.51 -24.15
N LEU Z 64 10.25 48.56 -23.20
CA LEU Z 64 9.89 48.90 -21.83
C LEU Z 64 9.88 50.39 -21.62
N PHE Z 65 10.82 51.12 -22.22
CA PHE Z 65 10.83 52.56 -22.09
C PHE Z 65 9.76 53.26 -22.91
N ASP Z 66 9.21 52.58 -23.92
CA ASP Z 66 8.09 53.16 -24.65
C ASP Z 66 6.80 53.05 -23.87
N LEU Z 67 6.73 52.14 -22.90
CA LEU Z 67 5.58 52.08 -22.02
C LEU Z 67 5.56 53.24 -21.04
N GLU Z 68 6.74 53.79 -20.77
CA GLU Z 68 6.85 54.89 -19.83
C GLU Z 68 6.21 56.16 -20.37
N ILE Z 69 6.15 56.32 -21.70
CA ILE Z 69 5.48 57.46 -22.28
C ILE Z 69 4.02 57.10 -22.58
N ALA Z 70 3.58 55.96 -22.07
CA ALA Z 70 2.17 55.72 -21.84
C ALA Z 70 1.80 55.94 -20.38
N LEU Z 71 2.80 56.05 -19.50
CA LEU Z 71 2.59 56.36 -18.09
C LEU Z 71 2.91 57.81 -17.76
N LEU Z 72 3.99 58.35 -18.32
CA LEU Z 72 4.35 59.75 -18.10
C LEU Z 72 3.55 60.71 -18.96
N LEU Z 73 2.79 60.21 -19.88
CA LEU Z 73 2.05 61.11 -20.76
C LEU Z 73 0.85 61.83 -20.13
N PRO Z 74 0.09 61.27 -19.14
CA PRO Z 74 -0.96 62.08 -18.51
C PRO Z 74 -0.51 63.17 -17.55
N LEU Z 75 0.78 63.50 -17.50
CA LEU Z 75 1.25 64.56 -16.60
C LEU Z 75 0.70 65.97 -16.87
N PRO Z 76 0.44 66.43 -18.11
CA PRO Z 76 -0.28 67.71 -18.26
C PRO Z 76 -1.68 67.69 -17.66
N TRP Z 77 -2.30 66.53 -17.59
CA TRP Z 77 -3.60 66.36 -16.97
C TRP Z 77 -3.49 66.02 -15.49
N ALA Z 78 -2.40 65.34 -15.10
CA ALA Z 78 -2.20 65.04 -13.69
C ALA Z 78 -1.82 66.28 -12.90
N SER Z 79 -1.25 67.29 -13.54
CA SER Z 79 -0.96 68.53 -12.85
C SER Z 79 -2.20 69.33 -12.47
N GLN Z 80 -3.37 68.98 -13.02
CA GLN Z 80 -4.62 69.66 -12.74
C GLN Z 80 -5.35 69.11 -11.52
N THR Z 81 -4.70 68.28 -10.72
CA THR Z 81 -5.39 67.59 -9.64
C THR Z 81 -5.41 68.43 -8.37
N THR Z 82 -6.24 68.00 -7.42
CA THR Z 82 -6.36 68.64 -6.12
C THR Z 82 -5.71 67.83 -5.02
N ASN Z 83 -4.99 66.76 -5.37
CA ASN Z 83 -4.07 66.06 -4.48
C ASN Z 83 -2.73 66.14 -5.18
N LEU Z 84 -2.05 67.26 -5.02
CA LEU Z 84 -1.00 67.65 -5.97
C LEU Z 84 0.40 67.27 -5.52
N ASN Z 85 0.67 67.30 -4.22
CA ASN Z 85 1.96 66.82 -3.74
C ASN Z 85 2.10 65.32 -3.95
N THR Z 86 0.99 64.59 -3.83
CA THR Z 86 0.99 63.16 -4.11
C THR Z 86 1.25 62.88 -5.58
N MET Z 87 0.61 63.66 -6.47
CA MET Z 87 0.88 63.58 -7.90
C MET Z 87 2.34 63.88 -8.22
N LEU Z 88 2.89 64.92 -7.61
CA LEU Z 88 4.27 65.31 -7.85
C LEU Z 88 5.24 64.23 -7.40
N THR Z 89 4.94 63.62 -6.23
CA THR Z 89 5.77 62.53 -5.73
C THR Z 89 5.71 61.31 -6.64
N MET Z 90 4.52 60.96 -7.14
CA MET Z 90 4.41 59.80 -8.02
C MET Z 90 5.01 60.06 -9.40
N ALA Z 91 4.94 61.30 -9.89
CA ALA Z 91 5.57 61.64 -11.17
C ALA Z 91 7.09 61.56 -11.05
N LEU Z 92 7.66 62.19 -10.03
CA LEU Z 92 9.10 62.11 -9.82
C LEU Z 92 9.53 60.69 -9.50
N LEU Z 93 8.65 59.88 -8.91
CA LEU Z 93 8.95 58.47 -8.71
C LEU Z 93 9.03 57.72 -10.02
N LEU Z 94 8.14 58.02 -10.97
CA LEU Z 94 8.19 57.33 -12.26
C LEU Z 94 9.40 57.74 -13.10
N ILE Z 95 9.72 59.04 -13.15
CA ILE Z 95 10.92 59.44 -13.90
C ILE Z 95 12.18 58.95 -13.17
N PHE Z 96 12.18 58.91 -11.84
CA PHE Z 96 13.33 58.37 -11.11
C PHE Z 96 13.49 56.88 -11.32
N LEU Z 97 12.39 56.13 -11.43
CA LEU Z 97 12.50 54.70 -11.70
C LEU Z 97 12.95 54.44 -13.12
N LEU Z 98 12.54 55.28 -14.08
CA LEU Z 98 13.08 55.20 -15.44
C LEU Z 98 14.57 55.49 -15.44
N ALA Z 99 15.01 56.45 -14.62
CA ALA Z 99 16.41 56.82 -14.58
C ALA Z 99 17.26 55.77 -13.89
N VAL Z 100 16.73 55.13 -12.84
CA VAL Z 100 17.41 54.01 -12.20
C VAL Z 100 17.52 52.84 -13.16
N SER Z 101 16.48 52.62 -13.97
CA SER Z 101 16.53 51.61 -15.02
C SER Z 101 17.62 51.91 -16.05
N LEU Z 102 17.70 53.17 -16.49
CA LEU Z 102 18.71 53.55 -17.48
C LEU Z 102 20.12 53.49 -16.90
N ALA Z 103 20.27 53.82 -15.61
CA ALA Z 103 21.57 53.71 -14.97
C ALA Z 103 22.01 52.27 -14.83
N TYR Z 104 21.08 51.38 -14.48
CA TYR Z 104 21.39 49.96 -14.40
C TYR Z 104 21.75 49.39 -15.77
N GLU Z 105 21.07 49.87 -16.82
CA GLU Z 105 21.38 49.36 -18.15
C GLU Z 105 22.70 49.91 -18.66
N TRP Z 106 23.05 51.15 -18.27
CA TRP Z 106 24.36 51.70 -18.57
C TRP Z 106 25.46 50.86 -17.94
N THR Z 107 25.47 50.80 -16.60
CA THR Z 107 26.62 50.30 -15.86
C THR Z 107 26.86 48.81 -16.05
N GLN Z 108 25.83 48.05 -16.40
CA GLN Z 108 25.99 46.64 -16.73
C GLN Z 108 26.27 46.43 -18.22
N LYS Z 109 26.67 47.50 -18.93
CA LYS Z 109 27.05 47.49 -20.34
C LYS Z 109 25.93 47.01 -21.25
N GLY Z 110 24.68 47.28 -20.88
CA GLY Z 110 23.57 46.89 -21.73
C GLY Z 110 23.34 47.80 -22.91
N LEU Z 111 23.87 49.01 -22.87
CA LEU Z 111 23.69 49.94 -23.97
C LEU Z 111 24.71 49.74 -25.08
N GLU Z 112 25.81 49.06 -24.79
CA GLU Z 112 26.79 48.75 -25.81
C GLU Z 112 26.26 47.68 -26.76
N TRP Z 113 26.84 47.62 -27.94
CA TRP Z 113 26.45 46.61 -28.91
C TRP Z 113 27.40 45.42 -28.82
N THR Z 114 26.90 44.26 -29.23
CA THR Z 114 27.69 43.04 -29.20
C THR Z 114 28.67 43.01 -30.37
N GLU Z 115 29.57 42.02 -30.33
CA GLU Z 115 30.73 41.91 -31.23
C GLU Z 115 31.58 43.17 -31.26
N MET AA 1 -17.79 71.75 -48.37
CA MET AA 1 -16.74 72.44 -49.11
C MET AA 1 -15.41 72.07 -48.43
N PHE AA 2 -15.47 71.00 -47.64
CA PHE AA 2 -14.29 70.51 -46.95
C PHE AA 2 -13.33 69.82 -47.91
N MET AA 3 -13.84 69.27 -49.01
CA MET AA 3 -12.98 68.61 -49.99
C MET AA 3 -12.05 69.59 -50.67
N ILE AA 4 -12.54 70.82 -50.91
CA ILE AA 4 -11.67 71.88 -51.40
C ILE AA 4 -10.64 72.26 -50.34
N ASN AA 5 -11.05 72.22 -49.06
CA ASN AA 5 -10.13 72.55 -47.98
C ASN AA 5 -9.04 71.48 -47.82
N VAL AA 6 -9.32 70.25 -48.22
CA VAL AA 6 -8.26 69.25 -48.28
C VAL AA 6 -7.39 69.47 -49.51
N LEU AA 7 -8.01 69.73 -50.67
CA LEU AA 7 -7.23 69.93 -51.90
C LEU AA 7 -6.42 71.22 -51.88
N THR AA 8 -6.82 72.22 -51.10
CA THR AA 8 -5.99 73.40 -50.90
C THR AA 8 -4.97 73.21 -49.80
N LEU AA 9 -4.87 72.01 -49.22
CA LEU AA 9 -3.79 71.69 -48.30
C LEU AA 9 -2.70 70.87 -48.98
N ILE AA 10 -3.06 69.72 -49.55
CA ILE AA 10 -2.06 68.76 -49.98
C ILE AA 10 -1.44 69.14 -51.32
N ILE AA 11 -2.19 69.78 -52.21
CA ILE AA 11 -1.65 70.24 -53.49
C ILE AA 11 -0.66 71.40 -53.31
N PRO AA 12 -0.89 72.42 -52.45
CA PRO AA 12 0.19 73.39 -52.22
C PRO AA 12 1.40 72.83 -51.48
N ILE AA 13 1.31 71.66 -50.86
CA ILE AA 13 2.48 71.05 -50.23
C ILE AA 13 2.97 69.83 -51.01
N LEU AA 14 2.39 69.57 -52.18
CA LEU AA 14 3.08 68.81 -53.20
C LEU AA 14 3.79 69.73 -54.19
N LEU AA 15 3.51 71.04 -54.11
CA LEU AA 15 4.29 72.03 -54.83
C LEU AA 15 5.45 72.55 -54.00
N ALA AA 16 5.23 72.74 -52.69
CA ALA AA 16 6.29 73.22 -51.83
C ALA AA 16 7.39 72.19 -51.65
N VAL AA 17 7.06 70.91 -51.79
CA VAL AA 17 8.09 69.86 -51.85
C VAL AA 17 8.88 69.97 -53.14
N ALA AA 18 8.19 70.22 -54.26
CA ALA AA 18 8.83 70.35 -55.56
C ALA AA 18 9.82 71.51 -55.57
N PHE AA 19 9.39 72.69 -55.15
CA PHE AA 19 10.31 73.80 -55.08
C PHE AA 19 11.28 73.69 -53.91
N LEU AA 20 10.98 72.84 -52.92
CA LEU AA 20 11.97 72.54 -51.89
C LEU AA 20 13.15 71.75 -52.45
N THR AA 21 12.90 70.89 -53.44
CA THR AA 21 14.01 70.22 -54.13
C THR AA 21 14.94 71.23 -54.80
N LEU AA 22 14.35 72.25 -55.44
CA LEU AA 22 15.14 73.30 -56.07
C LEU AA 22 15.89 74.14 -55.04
N VAL AA 23 15.23 74.50 -53.93
CA VAL AA 23 15.88 75.27 -52.88
C VAL AA 23 16.99 74.47 -52.23
N GLU AA 24 16.78 73.16 -52.05
CA GLU AA 24 17.79 72.26 -51.50
C GLU AA 24 19.01 72.21 -52.40
N ARG AA 25 18.79 72.03 -53.71
CA ARG AA 25 19.92 71.94 -54.64
C ARG AA 25 20.64 73.27 -54.79
N LYS AA 26 19.91 74.40 -54.77
CA LYS AA 26 20.60 75.67 -54.96
C LYS AA 26 21.31 76.15 -53.70
N VAL AA 27 20.72 75.98 -52.52
CA VAL AA 27 21.41 76.35 -51.28
C VAL AA 27 22.58 75.41 -51.03
N LEU AA 28 22.41 74.12 -51.37
CA LEU AA 28 23.51 73.17 -51.36
C LEU AA 28 24.60 73.55 -52.35
N GLY AA 29 24.23 74.19 -53.47
CA GLY AA 29 25.23 74.62 -54.42
C GLY AA 29 25.99 75.84 -53.96
N TYR AA 30 25.27 76.87 -53.50
CA TYR AA 30 25.94 78.10 -53.09
C TYR AA 30 26.69 77.95 -51.77
N MET AA 31 26.38 76.93 -50.97
CA MET AA 31 27.26 76.63 -49.84
C MET AA 31 28.44 75.75 -50.24
N GLN AA 32 28.35 75.09 -51.40
CA GLN AA 32 29.47 74.34 -51.96
C GLN AA 32 30.15 75.10 -53.10
N PHE AA 33 30.06 76.43 -53.08
CA PHE AA 33 30.82 77.38 -53.90
C PHE AA 33 30.39 77.39 -55.37
N ARG AA 34 29.52 76.48 -55.76
CA ARG AA 34 29.03 76.37 -57.12
C ARG AA 34 27.65 77.01 -57.21
N LYS AA 35 26.98 76.83 -58.34
CA LYS AA 35 25.61 77.24 -58.51
C LYS AA 35 24.71 76.02 -58.54
N GLY AA 36 23.43 76.24 -58.29
CA GLY AA 36 22.44 75.20 -58.41
C GLY AA 36 21.90 75.14 -59.82
N PRO AA 37 20.69 74.57 -59.98
CA PRO AA 37 20.02 74.62 -61.29
C PRO AA 37 19.63 76.05 -61.64
N ASN AA 38 20.12 76.51 -62.79
CA ASN AA 38 19.70 77.79 -63.35
C ASN AA 38 19.55 77.71 -64.86
N VAL AA 39 19.27 76.52 -65.39
CA VAL AA 39 19.30 76.26 -66.81
C VAL AA 39 17.90 75.99 -67.36
N VAL AA 40 17.09 75.21 -66.64
CA VAL AA 40 15.82 74.75 -67.18
C VAL AA 40 14.79 75.87 -67.21
N GLY AA 41 14.55 76.49 -66.07
CA GLY AA 41 13.66 77.64 -66.02
C GLY AA 41 14.43 78.91 -65.80
N PRO AA 42 13.74 80.01 -65.51
CA PRO AA 42 14.45 81.24 -65.15
C PRO AA 42 15.07 81.11 -63.76
N TYR AA 43 16.40 80.91 -63.75
CA TYR AA 43 17.19 80.58 -62.56
C TYR AA 43 16.62 79.36 -61.84
N GLY AA 44 16.24 78.35 -62.62
CA GLY AA 44 15.90 77.04 -62.08
C GLY AA 44 14.47 76.82 -61.68
N LEU AA 45 13.56 77.72 -62.04
CA LEU AA 45 12.18 77.62 -61.59
C LEU AA 45 11.34 76.62 -62.37
N LEU AA 46 11.96 75.73 -63.15
CA LEU AA 46 11.25 74.69 -63.86
C LEU AA 46 11.93 73.33 -63.71
N GLN AA 47 13.14 73.29 -63.16
CA GLN AA 47 13.79 72.03 -62.76
C GLN AA 47 12.95 71.10 -61.88
N PRO AA 48 12.14 71.56 -60.89
CA PRO AA 48 11.22 70.63 -60.23
C PRO AA 48 10.17 70.02 -61.15
N ILE AA 49 9.66 70.80 -62.10
CA ILE AA 49 8.70 70.27 -63.06
C ILE AA 49 9.38 69.28 -64.00
N ALA AA 50 10.64 69.54 -64.34
CA ALA AA 50 11.40 68.62 -65.18
C ALA AA 50 11.64 67.29 -64.48
N ASP AA 51 11.99 67.33 -63.20
CA ASP AA 51 12.17 66.09 -62.45
C ASP AA 51 10.85 65.37 -62.22
N ALA AA 52 9.77 66.12 -61.96
CA ALA AA 52 8.47 65.50 -61.74
C ALA AA 52 7.88 64.90 -63.01
N ILE AA 53 8.26 65.39 -64.18
CA ILE AA 53 7.86 64.72 -65.41
C ILE AA 53 8.80 63.54 -65.71
N LYS AA 54 10.09 63.67 -65.39
CA LYS AA 54 11.05 62.62 -65.70
C LYS AA 54 10.83 61.38 -64.85
N LEU AA 55 10.46 61.55 -63.59
CA LEU AA 55 10.37 60.40 -62.69
C LEU AA 55 9.13 59.56 -62.97
N PHE AA 56 8.09 60.13 -63.55
CA PHE AA 56 6.84 59.41 -63.77
C PHE AA 56 6.68 58.88 -65.19
N ILE AA 57 7.69 59.02 -66.05
CA ILE AA 57 7.68 58.38 -67.36
C ILE AA 57 8.86 57.42 -67.52
N LYS AA 58 9.58 57.13 -66.44
CA LYS AA 58 10.67 56.18 -66.46
C LYS AA 58 10.14 54.80 -66.07
N GLU AA 59 10.80 53.75 -66.58
CA GLU AA 59 10.35 52.38 -66.36
C GLU AA 59 10.44 52.02 -64.87
N PRO AA 60 9.37 51.48 -64.27
CA PRO AA 60 9.32 51.41 -62.81
C PRO AA 60 10.19 50.33 -62.19
N LEU AA 61 10.50 49.26 -62.94
CA LEU AA 61 11.46 48.21 -62.55
C LEU AA 61 11.06 47.53 -61.25
N ARG AA 62 9.96 46.79 -61.31
CA ARG AA 62 9.64 45.96 -60.16
C ARG AA 62 10.53 44.71 -60.19
N PRO AA 63 11.23 44.40 -59.11
CA PRO AA 63 12.19 43.28 -59.14
C PRO AA 63 11.50 41.93 -59.22
N ALA AA 64 12.31 40.92 -59.51
CA ALA AA 64 11.78 39.56 -59.59
C ALA AA 64 11.72 38.91 -58.21
N THR AA 65 12.64 39.25 -57.32
CA THR AA 65 12.65 38.71 -55.98
C THR AA 65 11.79 39.48 -55.01
N SER AA 66 11.21 40.60 -55.44
CA SER AA 66 10.52 41.49 -54.52
C SER AA 66 9.13 40.97 -54.18
N SER AA 67 8.77 41.04 -52.91
CA SER AA 67 7.41 40.79 -52.47
C SER AA 67 6.56 41.96 -52.94
N ILE AA 68 5.82 41.75 -54.04
CA ILE AA 68 5.32 42.86 -54.83
C ILE AA 68 4.21 43.65 -54.12
N SER AA 69 3.43 42.99 -53.25
CA SER AA 69 2.34 43.68 -52.58
C SER AA 69 2.87 44.68 -51.55
N MET AA 70 3.85 44.27 -50.76
CA MET AA 70 4.51 45.21 -49.86
C MET AA 70 5.42 46.16 -50.60
N PHE AA 71 5.88 45.77 -51.80
CA PHE AA 71 6.74 46.65 -52.60
C PHE AA 71 5.94 47.83 -53.14
N ILE AA 72 4.68 47.61 -53.49
CA ILE AA 72 3.84 48.70 -53.97
C ILE AA 72 3.17 49.44 -52.81
N LEU AA 73 2.80 48.72 -51.74
CA LEU AA 73 2.10 49.35 -50.62
C LEU AA 73 2.99 50.29 -49.81
N ALA AA 74 4.31 50.10 -49.85
CA ALA AA 74 5.18 50.92 -49.03
C ALA AA 74 5.39 52.36 -49.52
N PRO AA 75 5.53 52.68 -50.82
CA PRO AA 75 5.52 54.10 -51.19
C PRO AA 75 4.16 54.76 -51.14
N ILE AA 76 3.07 53.98 -51.23
CA ILE AA 76 1.73 54.55 -51.09
C ILE AA 76 1.53 55.04 -49.66
N LEU AA 77 1.91 54.21 -48.70
CA LEU AA 77 1.78 54.57 -47.29
C LEU AA 77 2.79 55.65 -46.90
N ALA AA 78 3.91 55.76 -47.61
CA ALA AA 78 4.88 56.82 -47.36
C ALA AA 78 4.29 58.19 -47.68
N LEU AA 79 3.73 58.35 -48.88
CA LEU AA 79 3.17 59.63 -49.26
C LEU AA 79 1.85 59.88 -48.54
N THR AA 80 1.12 58.82 -48.20
CA THR AA 80 -0.09 58.95 -47.40
C THR AA 80 0.21 59.53 -46.02
N LEU AA 81 1.19 58.98 -45.33
CA LEU AA 81 1.53 59.50 -44.01
C LEU AA 81 2.37 60.76 -44.07
N ALA AA 82 2.97 61.07 -45.22
CA ALA AA 82 3.56 62.39 -45.37
C ALA AA 82 2.49 63.46 -45.48
N LEU AA 83 1.41 63.17 -46.22
CA LEU AA 83 0.36 64.17 -46.39
C LEU AA 83 -0.50 64.31 -45.12
N THR AA 84 -0.74 63.22 -44.41
CA THR AA 84 -1.76 63.22 -43.38
C THR AA 84 -1.25 63.74 -42.04
N MET AA 85 0.01 64.13 -41.93
CA MET AA 85 0.49 64.77 -40.72
C MET AA 85 0.41 66.27 -40.79
N TRP AA 86 -0.18 66.81 -41.84
CA TRP AA 86 -0.39 68.24 -42.00
C TRP AA 86 -1.74 68.69 -41.48
N ILE AA 87 -2.63 67.75 -41.19
CA ILE AA 87 -4.01 68.04 -40.81
C ILE AA 87 -4.20 68.56 -39.38
N PRO AA 88 -3.43 68.24 -38.33
CA PRO AA 88 -3.67 68.95 -37.07
C PRO AA 88 -2.82 70.20 -36.88
N LEU AA 89 -2.01 70.57 -37.86
CA LEU AA 89 -1.11 71.71 -37.71
C LEU AA 89 -1.90 73.00 -37.80
N PRO AA 90 -1.86 73.86 -36.78
CA PRO AA 90 -2.62 75.12 -36.81
C PRO AA 90 -1.91 76.14 -37.69
N MET AA 91 -2.62 76.64 -38.70
CA MET AA 91 -2.04 77.63 -39.62
C MET AA 91 -2.90 78.89 -39.80
N PRO AA 92 -3.41 79.52 -38.70
CA PRO AA 92 -3.58 79.34 -37.25
C PRO AA 92 -4.70 78.36 -36.95
N TYR AA 93 -5.49 78.05 -37.98
CA TYR AA 93 -6.60 77.14 -37.87
C TYR AA 93 -6.23 75.84 -38.56
N PRO AA 94 -6.24 74.71 -37.87
CA PRO AA 94 -5.88 73.46 -38.53
C PRO AA 94 -7.00 72.96 -39.42
N LEU AA 95 -6.64 72.05 -40.33
CA LEU AA 95 -7.63 71.41 -41.18
C LEU AA 95 -8.59 70.57 -40.36
N ILE AA 96 -8.05 69.74 -39.48
CA ILE AA 96 -8.83 68.90 -38.58
C ILE AA 96 -8.37 69.23 -37.18
N ASN AA 97 -9.20 69.96 -36.45
CA ASN AA 97 -8.86 70.48 -35.14
C ASN AA 97 -9.01 69.35 -34.13
N MET AA 98 -7.90 68.72 -33.78
CA MET AA 98 -7.90 67.58 -32.89
C MET AA 98 -7.66 68.04 -31.47
N ASN AA 99 -8.35 67.40 -30.52
CA ASN AA 99 -8.13 67.67 -29.11
C ASN AA 99 -6.77 67.14 -28.66
N LEU AA 100 -6.25 66.12 -29.35
CA LEU AA 100 -5.00 65.44 -29.04
C LEU AA 100 -4.12 65.37 -30.28
N GLY AA 101 -3.92 66.52 -30.92
CA GLY AA 101 -3.23 66.55 -32.21
C GLY AA 101 -1.76 66.20 -32.11
N VAL AA 102 -1.14 66.49 -30.96
CA VAL AA 102 0.27 66.15 -30.72
C VAL AA 102 0.47 64.64 -30.76
N LEU AA 103 -0.43 63.90 -30.13
CA LEU AA 103 -0.30 62.44 -30.12
C LEU AA 103 -0.65 61.84 -31.48
N PHE AA 104 -1.47 62.53 -32.27
CA PHE AA 104 -1.68 62.13 -33.65
C PHE AA 104 -0.40 62.30 -34.46
N MET AA 105 0.31 63.42 -34.26
CA MET AA 105 1.61 63.62 -34.89
C MET AA 105 2.60 62.55 -34.49
N LEU AA 106 2.62 62.20 -33.20
CA LEU AA 106 3.58 61.22 -32.69
C LEU AA 106 3.26 59.81 -33.20
N ALA AA 107 1.97 59.44 -33.21
CA ALA AA 107 1.58 58.12 -33.68
C ALA AA 107 1.77 57.96 -35.18
N MET AA 108 1.52 59.02 -35.96
CA MET AA 108 1.75 58.89 -37.39
C MET AA 108 3.23 58.97 -37.74
N SER AA 109 4.03 59.62 -36.89
CA SER AA 109 5.48 59.51 -37.02
C SER AA 109 5.93 58.07 -36.78
N SER AA 110 5.32 57.39 -35.81
CA SER AA 110 5.66 56.00 -35.57
C SER AA 110 5.18 55.09 -36.70
N LEU AA 111 4.05 55.43 -37.34
CA LEU AA 111 3.55 54.61 -38.43
C LEU AA 111 4.30 54.83 -39.73
N ALA AA 112 4.86 56.03 -39.95
CA ALA AA 112 5.57 56.32 -41.19
C ALA AA 112 6.90 55.60 -41.30
N VAL AA 113 7.40 55.01 -40.21
CA VAL AA 113 8.62 54.22 -40.27
C VAL AA 113 8.40 52.95 -41.08
N TYR AA 114 7.18 52.41 -41.06
CA TYR AA 114 6.89 51.16 -41.74
C TYR AA 114 6.90 51.27 -43.25
N SER AA 115 6.75 52.47 -43.80
CA SER AA 115 6.93 52.64 -45.24
C SER AA 115 8.37 52.35 -45.64
N ILE AA 116 9.33 53.00 -44.97
CA ILE AA 116 10.75 52.73 -45.14
C ILE AA 116 11.05 51.26 -44.84
N LEU AA 117 10.39 50.72 -43.83
CA LEU AA 117 10.74 49.44 -43.27
C LEU AA 117 10.28 48.30 -44.16
N TRP AA 118 9.03 48.36 -44.61
CA TRP AA 118 8.48 47.40 -45.56
C TRP AA 118 9.01 47.60 -46.96
N SER AA 119 9.46 48.81 -47.31
CA SER AA 119 10.13 48.98 -48.59
C SER AA 119 11.50 48.34 -48.59
N GLY AA 120 12.20 48.42 -47.46
CA GLY AA 120 13.49 47.76 -47.35
C GLY AA 120 13.38 46.25 -47.25
N TRP AA 121 12.33 45.76 -46.61
CA TRP AA 121 12.16 44.31 -46.56
C TRP AA 121 11.64 43.74 -47.87
N ALA AA 122 10.70 44.44 -48.49
CA ALA AA 122 9.97 43.87 -49.63
C ALA AA 122 10.88 43.70 -50.84
N SER AA 123 11.66 44.72 -51.16
CA SER AA 123 12.69 44.60 -52.19
C SER AA 123 13.78 43.69 -51.64
N ASN AA 124 13.76 42.43 -52.05
CA ASN AA 124 14.62 41.39 -51.50
C ASN AA 124 16.05 41.61 -52.00
N SER AA 125 16.71 42.60 -51.40
CA SER AA 125 18.08 42.94 -51.74
C SER AA 125 18.88 43.11 -50.46
N LYS AA 126 20.17 42.88 -50.56
CA LYS AA 126 21.01 42.89 -49.37
C LYS AA 126 21.31 44.31 -48.91
N TYR AA 127 21.47 45.25 -49.84
CA TYR AA 127 21.66 46.64 -49.45
C TYR AA 127 20.36 47.27 -48.96
N ALA AA 128 19.23 46.87 -49.52
CA ALA AA 128 17.95 47.34 -49.01
C ALA AA 128 17.57 46.67 -47.71
N LEU AA 129 18.18 45.54 -47.38
CA LEU AA 129 17.96 44.94 -46.07
C LEU AA 129 18.70 45.72 -44.99
N ILE AA 130 19.92 46.14 -45.27
CA ILE AA 130 20.72 46.89 -44.30
C ILE AA 130 20.12 48.27 -44.08
N GLY AA 131 19.64 48.90 -45.15
CA GLY AA 131 18.94 50.17 -45.02
C GLY AA 131 17.58 50.05 -44.37
N ALA AA 132 17.03 48.85 -44.27
CA ALA AA 132 15.79 48.65 -43.53
C ALA AA 132 16.04 48.57 -42.04
N LEU AA 133 17.01 47.77 -41.63
CA LEU AA 133 17.24 47.59 -40.20
C LEU AA 133 18.08 48.69 -39.58
N ARG AA 134 18.58 49.63 -40.39
CA ARG AA 134 19.11 50.85 -39.82
C ARG AA 134 18.00 51.83 -39.46
N ALA AA 135 16.82 51.68 -40.06
CA ALA AA 135 15.67 52.45 -39.62
C ALA AA 135 15.15 51.95 -38.28
N VAL AA 136 15.29 50.65 -37.99
CA VAL AA 136 14.93 50.13 -36.67
C VAL AA 136 15.86 50.71 -35.61
N ALA AA 137 17.17 50.73 -35.89
CA ALA AA 137 18.14 51.29 -34.95
C ALA AA 137 17.96 52.80 -34.80
N GLN AA 138 17.49 53.48 -35.84
CA GLN AA 138 17.26 54.90 -35.70
C GLN AA 138 15.98 55.18 -34.95
N THR AA 139 14.94 54.38 -35.17
CA THR AA 139 13.65 54.61 -34.55
C THR AA 139 13.62 54.20 -33.10
N ILE AA 140 14.42 53.21 -32.69
CA ILE AA 140 14.48 52.90 -31.26
C ILE AA 140 15.38 53.91 -30.56
N SER AA 141 16.07 54.76 -31.32
CA SER AA 141 16.91 55.79 -30.74
C SER AA 141 16.18 57.13 -30.59
N TYR AA 142 15.46 57.61 -31.60
CA TYR AA 142 14.85 58.93 -31.41
C TYR AA 142 13.53 58.87 -30.66
N GLU AA 143 12.72 57.80 -30.85
CA GLU AA 143 11.40 57.71 -30.24
C GLU AA 143 11.46 57.68 -28.72
N VAL AA 144 12.57 57.18 -28.16
CA VAL AA 144 12.71 57.12 -26.71
C VAL AA 144 13.01 58.48 -26.10
N THR AA 145 13.22 59.51 -26.93
CA THR AA 145 13.30 60.89 -26.44
C THR AA 145 12.37 61.82 -27.19
N LEU AA 146 11.81 61.41 -28.33
CA LEU AA 146 10.87 62.26 -29.07
C LEU AA 146 9.59 62.49 -28.30
N ALA AA 147 9.27 61.63 -27.34
CA ALA AA 147 8.03 61.71 -26.59
C ALA AA 147 8.19 62.44 -25.26
N ILE AA 148 9.35 62.37 -24.61
CA ILE AA 148 9.51 63.03 -23.32
C ILE AA 148 9.84 64.51 -23.49
N ILE AA 149 10.61 64.87 -24.54
CA ILE AA 149 10.81 66.28 -24.89
C ILE AA 149 9.48 66.93 -25.20
N LEU AA 150 8.69 66.27 -26.05
CA LEU AA 150 7.38 66.75 -26.43
C LEU AA 150 6.39 66.69 -25.27
N LEU AA 151 6.64 65.83 -24.28
CA LEU AA 151 5.88 65.89 -23.04
C LEU AA 151 6.23 67.13 -22.24
N SER AA 152 7.52 67.39 -22.06
CA SER AA 152 7.99 68.45 -21.17
C SER AA 152 7.66 69.82 -21.70
N VAL AA 153 7.61 69.97 -23.03
CA VAL AA 153 7.25 71.26 -23.58
C VAL AA 153 5.75 71.51 -23.52
N LEU AA 154 4.92 70.46 -23.41
CA LEU AA 154 3.48 70.62 -23.27
C LEU AA 154 3.03 70.71 -21.83
N LEU AA 155 3.93 70.53 -20.87
CA LEU AA 155 3.64 70.82 -19.47
C LEU AA 155 3.55 72.30 -19.20
N MET AA 156 3.99 73.14 -20.12
CA MET AA 156 3.72 74.57 -20.11
C MET AA 156 2.53 74.95 -20.96
N ASN AA 157 2.02 74.02 -21.77
CA ASN AA 157 0.84 74.25 -22.60
C ASN AA 157 -0.45 73.89 -21.86
N GLY AA 158 -0.46 72.73 -21.23
CA GLY AA 158 -1.63 72.26 -20.50
C GLY AA 158 -2.37 71.14 -21.17
N SER AA 159 -2.12 70.88 -22.44
CA SER AA 159 -2.85 69.87 -23.18
C SER AA 159 -1.99 69.38 -24.32
N PHE AA 160 -2.58 68.50 -25.15
CA PHE AA 160 -1.96 68.01 -26.37
C PHE AA 160 -2.52 68.68 -27.60
N THR AA 161 -3.22 69.79 -27.43
CA THR AA 161 -3.82 70.50 -28.53
C THR AA 161 -2.79 71.45 -29.13
N LEU AA 162 -2.62 71.36 -30.45
CA LEU AA 162 -1.67 72.22 -31.14
C LEU AA 162 -2.17 73.65 -31.29
N SER AA 163 -3.48 73.86 -31.30
CA SER AA 163 -4.00 75.21 -31.45
C SER AA 163 -3.85 76.00 -30.16
N THR AA 164 -3.88 75.32 -29.01
CA THR AA 164 -3.67 75.94 -27.71
C THR AA 164 -2.21 76.34 -27.52
N LEU AA 165 -1.31 75.79 -28.34
CA LEU AA 165 0.10 76.12 -28.31
C LEU AA 165 0.40 77.46 -28.98
N ILE AA 166 -0.62 78.14 -29.50
CA ILE AA 166 -0.51 79.53 -29.91
C ILE AA 166 -0.90 80.46 -28.76
N ILE AA 167 -1.95 80.09 -28.02
CA ILE AA 167 -2.36 80.83 -26.83
C ILE AA 167 -1.29 80.73 -25.75
N THR AA 168 -0.61 79.58 -25.68
CA THR AA 168 0.48 79.38 -24.74
C THR AA 168 1.61 80.36 -24.98
N GLN AA 169 1.92 80.63 -26.24
CA GLN AA 169 3.08 81.42 -26.61
C GLN AA 169 2.67 82.82 -27.06
N GLU AA 170 1.65 83.39 -26.41
CA GLU AA 170 1.16 84.70 -26.82
C GLU AA 170 2.00 85.82 -26.22
N GLN AA 171 2.57 85.60 -25.04
CA GLN AA 171 3.47 86.58 -24.44
C GLN AA 171 4.90 86.40 -24.94
N VAL AA 172 5.48 85.23 -24.70
CA VAL AA 172 6.86 84.94 -25.04
C VAL AA 172 6.88 83.68 -25.90
N TRP AA 173 7.92 83.54 -26.71
CA TRP AA 173 8.18 82.27 -27.37
C TRP AA 173 8.47 81.19 -26.34
N LEU AA 174 8.07 79.96 -26.65
CA LEU AA 174 8.31 78.86 -25.73
C LEU AA 174 9.72 78.27 -25.91
N ILE AA 175 10.54 78.89 -26.74
CA ILE AA 175 11.96 78.54 -26.81
C ILE AA 175 12.73 79.20 -25.67
N PHE AA 176 12.23 80.29 -25.10
CA PHE AA 176 12.90 80.92 -23.98
C PHE AA 176 12.81 80.11 -22.68
N PRO AA 177 11.66 79.53 -22.27
CA PRO AA 177 11.72 78.64 -21.12
C PRO AA 177 12.21 77.23 -21.43
N ALA AA 178 12.33 76.85 -22.70
CA ALA AA 178 12.64 75.47 -23.04
C ALA AA 178 13.66 75.39 -24.16
N TRP AA 179 14.70 76.22 -24.11
CA TRP AA 179 15.77 76.08 -25.10
C TRP AA 179 16.62 74.80 -25.01
N PRO AA 180 16.84 74.13 -23.86
CA PRO AA 180 17.51 72.82 -23.97
C PRO AA 180 16.62 71.80 -24.64
N LEU AA 181 15.33 71.83 -24.31
CA LEU AA 181 14.34 71.02 -25.00
C LEU AA 181 14.24 71.39 -26.47
N ALA AA 182 14.44 72.67 -26.81
CA ALA AA 182 14.39 73.08 -28.21
C ALA AA 182 15.60 72.57 -28.99
N MET AA 183 16.80 72.76 -28.44
CA MET AA 183 18.00 72.31 -29.13
C MET AA 183 18.22 70.81 -29.04
N MET AA 184 17.41 70.11 -28.26
CA MET AA 184 17.39 68.65 -28.27
C MET AA 184 16.27 68.11 -29.16
N TRP AA 185 15.14 68.80 -29.20
CA TRP AA 185 14.05 68.48 -30.12
C TRP AA 185 14.46 68.67 -31.57
N PHE AA 186 15.26 69.69 -31.85
CA PHE AA 186 15.68 69.96 -33.22
C PHE AA 186 16.57 68.84 -33.75
N ILE AA 187 17.46 68.32 -32.90
CA ILE AA 187 18.30 67.20 -33.27
C ILE AA 187 17.48 65.92 -33.34
N SER AA 188 16.48 65.79 -32.47
CA SER AA 188 15.59 64.64 -32.53
C SER AA 188 14.76 64.63 -33.80
N THR AA 189 14.39 65.80 -34.32
CA THR AA 189 13.68 65.87 -35.58
C THR AA 189 14.60 65.71 -36.78
N LEU AA 190 15.88 66.04 -36.63
CA LEU AA 190 16.87 65.62 -37.63
C LEU AA 190 16.97 64.11 -37.69
N ALA AA 191 17.05 63.45 -36.53
CA ALA AA 191 17.19 62.01 -36.48
C ALA AA 191 15.90 61.30 -36.88
N GLU AA 192 14.75 61.95 -36.69
CA GLU AA 192 13.48 61.39 -37.11
C GLU AA 192 13.34 61.40 -38.61
N THR AA 193 13.68 62.52 -39.24
CA THR AA 193 13.29 62.81 -40.60
C THR AA 193 14.32 62.32 -41.61
N ASN AA 194 15.35 61.62 -41.13
CA ASN AA 194 16.42 61.00 -41.94
C ASN AA 194 17.19 62.03 -42.76
N ARG AA 195 17.37 63.21 -42.18
CA ARG AA 195 18.23 64.25 -42.75
C ARG AA 195 19.61 64.16 -42.14
N ALA AA 196 20.60 64.68 -42.86
CA ALA AA 196 21.98 64.64 -42.41
C ALA AA 196 22.17 65.52 -41.16
N PRO AA 197 23.06 65.11 -40.24
CA PRO AA 197 24.03 64.00 -40.19
C PRO AA 197 23.44 62.65 -39.81
N PHE AA 198 22.12 62.54 -39.81
CA PHE AA 198 21.42 61.33 -39.41
C PHE AA 198 20.70 60.69 -40.60
N ASP AA 199 21.35 60.65 -41.77
CA ASP AA 199 20.73 60.04 -42.94
C ASP AA 199 20.51 58.57 -42.70
N LEU AA 200 21.59 57.79 -42.68
CA LEU AA 200 21.73 56.50 -42.02
C LEU AA 200 20.81 55.38 -42.52
N THR AA 201 19.84 55.69 -43.38
CA THR AA 201 19.02 54.71 -44.07
C THR AA 201 19.22 54.82 -45.57
N GLU AA 202 19.17 56.03 -46.11
CA GLU AA 202 19.70 56.33 -47.43
C GLU AA 202 21.10 56.90 -47.26
N GLY AA 203 22.00 56.05 -46.76
CA GLY AA 203 23.35 56.48 -46.50
C GLY AA 203 24.27 56.20 -47.65
N GLU AA 204 24.49 57.21 -48.50
CA GLU AA 204 24.95 57.02 -49.87
C GLU AA 204 26.38 56.47 -49.93
N SER AA 205 27.23 56.85 -48.98
CA SER AA 205 28.62 56.39 -49.02
C SER AA 205 28.72 54.92 -48.62
N GLU AA 206 27.87 54.47 -47.69
CA GLU AA 206 27.88 53.07 -47.27
C GLU AA 206 26.97 52.24 -48.16
N LEU AA 207 25.70 52.63 -48.27
CA LEU AA 207 24.69 51.89 -49.00
C LEU AA 207 24.34 52.72 -50.23
N VAL AA 208 24.46 52.09 -51.42
CA VAL AA 208 24.42 52.73 -52.74
C VAL AA 208 23.23 53.68 -52.91
N SER AA 209 22.04 53.20 -52.56
CA SER AA 209 20.92 54.11 -52.34
C SER AA 209 20.13 53.76 -51.10
N GLY AA 210 20.49 52.70 -50.38
CA GLY AA 210 19.92 52.43 -49.07
C GLY AA 210 18.69 51.56 -49.14
N PHE AA 211 17.62 52.00 -48.48
CA PHE AA 211 16.41 51.19 -48.41
C PHE AA 211 15.64 51.19 -49.72
N ASN AA 212 15.71 52.28 -50.48
CA ASN AA 212 15.02 52.40 -51.76
C ASN AA 212 15.98 52.23 -52.93
N VAL AA 213 16.94 51.30 -52.79
CA VAL AA 213 17.91 51.07 -53.84
C VAL AA 213 17.29 50.33 -55.02
N GLU AA 214 16.21 49.59 -54.79
CA GLU AA 214 15.52 48.89 -55.87
C GLU AA 214 14.40 49.69 -56.48
N TYR AA 215 13.91 50.71 -55.77
CA TYR AA 215 12.84 51.55 -56.27
C TYR AA 215 13.37 52.43 -57.38
N ALA AA 216 13.03 52.10 -58.62
CA ALA AA 216 13.28 53.00 -59.74
C ALA AA 216 12.22 54.09 -59.75
N ALA AA 217 12.32 54.99 -60.72
CA ALA AA 217 11.55 56.21 -60.73
C ALA AA 217 10.05 55.93 -60.91
N GLY AA 218 9.24 56.83 -60.36
CA GLY AA 218 7.83 56.60 -60.16
C GLY AA 218 7.49 56.19 -58.74
N PRO AA 219 7.90 54.99 -58.30
CA PRO AA 219 7.84 54.70 -56.86
C PRO AA 219 8.97 55.33 -56.06
N PHE AA 220 10.10 55.66 -56.70
CA PHE AA 220 11.15 56.41 -56.02
C PHE AA 220 10.71 57.84 -55.75
N ALA AA 221 9.82 58.38 -56.57
CA ALA AA 221 9.33 59.73 -56.37
C ALA AA 221 8.52 59.85 -55.08
N LEU AA 222 7.75 58.81 -54.74
CA LEU AA 222 6.92 58.86 -53.54
C LEU AA 222 7.67 58.58 -52.26
N PHE AA 223 8.95 58.23 -52.32
CA PHE AA 223 9.80 58.32 -51.15
C PHE AA 223 10.61 59.61 -51.13
N PHE AA 224 10.76 60.24 -52.29
CA PHE AA 224 11.52 61.46 -52.41
C PHE AA 224 10.65 62.69 -52.17
N MET AA 225 9.36 62.61 -52.49
CA MET AA 225 8.45 63.69 -52.14
C MET AA 225 7.74 63.45 -50.82
N ALA AA 226 7.99 62.32 -50.17
CA ALA AA 226 7.45 62.11 -48.83
C ALA AA 226 8.38 62.65 -47.77
N GLU AA 227 9.69 62.40 -47.91
CA GLU AA 227 10.68 62.85 -46.94
C GLU AA 227 10.73 64.37 -46.86
N TYR AA 228 10.62 65.04 -48.00
CA TYR AA 228 10.63 66.50 -48.00
C TYR AA 228 9.34 67.07 -47.42
N ALA AA 229 8.21 66.39 -47.64
CA ALA AA 229 6.98 66.75 -46.95
C ALA AA 229 7.13 66.57 -45.46
N ASN AA 230 7.87 65.54 -45.05
CA ASN AA 230 8.15 65.36 -43.63
C ASN AA 230 9.04 66.47 -43.08
N ILE AA 231 9.99 66.99 -43.87
CA ILE AA 231 10.82 68.05 -43.27
C ILE AA 231 10.06 69.37 -43.22
N ILE AA 232 9.17 69.66 -44.18
CA ILE AA 232 8.42 70.91 -44.10
C ILE AA 232 7.40 70.85 -42.97
N MET AA 233 6.70 69.72 -42.85
CA MET AA 233 5.77 69.50 -41.75
C MET AA 233 6.49 69.52 -40.41
N MET AA 234 7.71 69.01 -40.36
CA MET AA 234 8.43 68.91 -39.11
C MET AA 234 8.96 70.25 -38.67
N ASN AA 235 9.39 71.10 -39.61
CA ASN AA 235 9.79 72.44 -39.22
C ASN AA 235 8.60 73.33 -38.91
N ILE AA 236 7.45 73.10 -39.55
CA ILE AA 236 6.21 73.77 -39.13
C ILE AA 236 5.80 73.34 -37.72
N PHE AA 237 6.04 72.07 -37.40
CA PHE AA 237 5.71 71.57 -36.06
C PHE AA 237 6.67 72.12 -35.01
N THR AA 238 7.95 72.23 -35.36
CA THR AA 238 8.92 72.83 -34.46
C THR AA 238 8.66 74.32 -34.28
N THR AA 239 8.20 74.99 -35.35
CA THR AA 239 7.83 76.40 -35.25
C THR AA 239 6.60 76.58 -34.36
N THR AA 240 5.63 75.67 -34.46
CA THR AA 240 4.46 75.74 -33.60
C THR AA 240 4.81 75.50 -32.14
N LEU AA 241 5.73 74.56 -31.89
CA LEU AA 241 6.16 74.29 -30.51
C LEU AA 241 6.94 75.43 -29.92
N PHE AA 242 7.98 75.92 -30.59
CA PHE AA 242 8.94 76.79 -29.93
C PHE AA 242 8.98 78.22 -30.43
N LEU AA 243 8.39 78.51 -31.59
CA LEU AA 243 8.50 79.83 -32.21
C LEU AA 243 7.11 80.34 -32.58
N GLY AA 244 6.18 80.25 -31.64
CA GLY AA 244 4.80 80.57 -31.92
C GLY AA 244 4.61 82.05 -32.13
N ALA AA 245 3.88 82.40 -33.19
CA ALA AA 245 3.83 83.76 -33.67
C ALA AA 245 2.63 84.49 -33.09
N PHE AA 246 2.51 85.76 -33.46
CA PHE AA 246 1.36 86.56 -33.04
C PHE AA 246 0.14 86.14 -33.85
N HIS AA 247 -0.96 85.87 -33.15
CA HIS AA 247 -2.23 85.54 -33.80
C HIS AA 247 -3.22 86.66 -33.53
N ASN AA 248 -3.66 87.31 -34.60
CA ASN AA 248 -4.79 88.21 -34.54
C ASN AA 248 -5.99 87.44 -35.06
N PRO AA 249 -7.06 87.29 -34.28
CA PRO AA 249 -8.22 86.50 -34.75
C PRO AA 249 -8.96 87.13 -35.91
N TYR AA 250 -8.78 88.43 -36.16
CA TYR AA 250 -9.40 89.08 -37.31
C TYR AA 250 -8.49 89.09 -38.52
N MET AA 251 -7.19 88.87 -38.35
CA MET AA 251 -6.23 88.83 -39.44
C MET AA 251 -5.38 87.57 -39.32
N PRO AA 252 -5.87 86.43 -39.81
CA PRO AA 252 -5.08 85.19 -39.72
C PRO AA 252 -3.86 85.19 -40.63
N GLU AA 253 -3.86 86.00 -41.68
CA GLU AA 253 -2.76 86.00 -42.64
C GLU AA 253 -1.47 86.53 -42.05
N LEU AA 254 -1.56 87.37 -41.00
CA LEU AA 254 -0.36 87.81 -40.29
C LEU AA 254 0.34 86.64 -39.60
N TYR AA 255 -0.44 85.79 -38.92
CA TYR AA 255 0.13 84.58 -38.33
C TYR AA 255 0.65 83.64 -39.41
N THR AA 256 -0.06 83.53 -40.54
CA THR AA 256 0.34 82.61 -41.58
C THR AA 256 1.66 83.02 -42.22
N ILE AA 257 1.81 84.32 -42.51
CA ILE AA 257 3.07 84.84 -43.03
C ILE AA 257 4.21 84.68 -42.02
N ASN AA 258 3.92 84.92 -40.74
CA ASN AA 258 4.97 84.89 -39.73
C ASN AA 258 5.49 83.47 -39.50
N PHE AA 259 4.59 82.50 -39.30
CA PHE AA 259 5.09 81.15 -39.08
C PHE AA 259 5.60 80.54 -40.38
N THR AA 260 5.13 81.04 -41.54
CA THR AA 260 5.66 80.58 -42.82
C THR AA 260 7.12 80.97 -42.97
N ILE AA 261 7.46 82.22 -42.67
CA ILE AA 261 8.85 82.63 -42.83
C ILE AA 261 9.73 82.00 -41.75
N LYS AA 262 9.18 81.75 -40.55
CA LYS AA 262 9.95 81.04 -39.53
C LYS AA 262 10.23 79.58 -39.92
N SER AA 263 9.22 78.89 -40.46
CA SER AA 263 9.41 77.52 -40.91
C SER AA 263 10.32 77.44 -42.12
N LEU AA 264 10.31 78.47 -42.98
CA LEU AA 264 11.28 78.51 -44.06
C LEU AA 264 12.69 78.69 -43.54
N LEU AA 265 12.88 79.52 -42.51
CA LEU AA 265 14.20 79.64 -41.91
C LEU AA 265 14.66 78.35 -41.25
N LEU AA 266 13.75 77.58 -40.66
CA LEU AA 266 14.15 76.29 -40.12
C LEU AA 266 14.43 75.25 -41.21
N SER AA 267 13.73 75.33 -42.35
CA SER AA 267 14.05 74.43 -43.46
C SER AA 267 15.40 74.77 -44.08
N ILE AA 268 15.70 76.06 -44.24
CA ILE AA 268 17.03 76.51 -44.64
C ILE AA 268 18.08 76.10 -43.61
N THR AA 269 17.71 76.01 -42.33
CA THR AA 269 18.65 75.51 -41.33
C THR AA 269 18.91 74.02 -41.50
N PHE AA 270 17.88 73.24 -41.87
CA PHE AA 270 18.11 71.84 -42.24
C PHE AA 270 19.05 71.72 -43.44
N LEU AA 271 18.90 72.62 -44.42
CA LEU AA 271 19.78 72.59 -45.58
C LEU AA 271 21.19 73.04 -45.22
N TRP AA 272 21.31 73.94 -44.23
CA TRP AA 272 22.60 74.37 -43.72
C TRP AA 272 23.32 73.21 -43.03
N ILE AA 273 22.56 72.39 -42.29
CA ILE AA 273 23.16 71.28 -41.57
C ILE AA 273 23.52 70.14 -42.50
N ARG AA 274 22.70 69.89 -43.53
CA ARG AA 274 22.99 68.81 -44.48
C ARG AA 274 24.22 69.12 -45.31
N ALA AA 275 24.53 70.40 -45.53
CA ALA AA 275 25.63 70.81 -46.37
C ALA AA 275 26.91 71.07 -45.59
N SER AA 276 26.94 70.77 -44.30
CA SER AA 276 28.11 71.17 -43.51
C SER AA 276 28.65 70.13 -42.54
N TYR AA 277 27.92 69.07 -42.22
CA TYR AA 277 28.37 68.21 -41.14
C TYR AA 277 28.63 66.77 -41.61
N PRO AA 278 29.64 66.11 -41.04
CA PRO AA 278 29.87 64.70 -41.36
C PRO AA 278 28.78 63.83 -40.78
N ARG AA 279 28.51 62.73 -41.47
CA ARG AA 279 27.40 61.87 -41.11
C ARG AA 279 27.81 60.88 -40.03
N PHE AA 280 26.92 60.66 -39.07
CA PHE AA 280 27.14 59.75 -37.96
C PHE AA 280 27.26 58.30 -38.44
N ARG AA 281 27.72 57.46 -37.52
CA ARG AA 281 27.56 56.03 -37.65
C ARG AA 281 26.36 55.63 -36.80
N TYR AA 282 25.62 54.63 -37.26
CA TYR AA 282 24.30 54.40 -36.69
C TYR AA 282 24.33 53.70 -35.33
N ASP AA 283 25.51 53.42 -34.76
CA ASP AA 283 25.58 53.15 -33.33
C ASP AA 283 25.88 54.41 -32.52
N GLN AA 284 26.71 55.31 -33.08
CA GLN AA 284 26.98 56.60 -32.45
C GLN AA 284 25.74 57.47 -32.43
N LEU AA 285 24.84 57.27 -33.39
CA LEU AA 285 23.48 57.77 -33.29
C LEU AA 285 22.82 57.29 -32.00
N MET AA 286 22.92 55.99 -31.72
CA MET AA 286 22.19 55.43 -30.59
C MET AA 286 22.83 55.79 -29.27
N HIS AA 287 24.14 55.95 -29.22
CA HIS AA 287 24.80 56.40 -28.00
C HIS AA 287 24.71 57.90 -27.81
N LEU AA 288 24.00 58.61 -28.67
CA LEU AA 288 23.70 60.03 -28.51
C LEU AA 288 22.33 60.25 -27.91
N LEU AA 289 21.32 59.57 -28.44
CA LEU AA 289 19.95 59.73 -28.02
C LEU AA 289 19.62 58.91 -26.77
N TRP AA 290 20.55 58.10 -26.29
CA TRP AA 290 20.38 57.28 -25.10
C TRP AA 290 21.34 57.64 -23.99
N LYS AA 291 22.60 57.87 -24.32
CA LYS AA 291 23.58 58.21 -23.31
C LYS AA 291 23.65 59.70 -23.01
N ASN AA 292 23.27 60.55 -23.96
CA ASN AA 292 23.35 61.99 -23.79
C ASN AA 292 21.97 62.63 -23.70
N PHE AA 293 21.11 62.43 -24.69
CA PHE AA 293 19.86 63.19 -24.70
C PHE AA 293 18.83 62.61 -23.74
N LEU AA 294 18.85 61.31 -23.52
CA LEU AA 294 17.84 60.69 -22.65
C LEU AA 294 18.02 61.00 -21.16
N PRO AA 295 19.23 60.99 -20.55
CA PRO AA 295 19.30 61.42 -19.14
C PRO AA 295 18.94 62.88 -18.92
N LEU AA 296 19.40 63.77 -19.80
CA LEU AA 296 19.07 65.17 -19.65
C LEU AA 296 17.61 65.44 -19.97
N THR AA 297 17.02 64.61 -20.84
CA THR AA 297 15.60 64.70 -21.12
C THR AA 297 14.77 64.24 -19.92
N LEU AA 298 15.24 63.21 -19.20
CA LEU AA 298 14.57 62.81 -17.96
C LEU AA 298 14.69 63.87 -16.89
N ALA AA 299 15.86 64.52 -16.80
CA ALA AA 299 16.04 65.60 -15.82
C ALA AA 299 15.14 66.79 -16.13
N LEU AA 300 15.06 67.18 -17.40
CA LEU AA 300 14.17 68.27 -17.79
C LEU AA 300 12.71 67.87 -17.71
N CYS AA 301 12.41 66.58 -17.76
CA CYS AA 301 11.04 66.14 -17.51
C CYS AA 301 10.66 66.30 -16.05
N MET AA 302 11.57 65.92 -15.14
CA MET AA 302 11.37 66.21 -13.72
C MET AA 302 11.21 67.70 -13.48
N TRP AA 303 12.03 68.51 -14.15
CA TRP AA 303 11.99 69.95 -13.93
C TRP AA 303 10.71 70.56 -14.48
N HIS AA 304 10.24 70.13 -15.65
CA HIS AA 304 9.03 70.70 -16.20
C HIS AA 304 7.76 70.07 -15.65
N VAL AA 305 7.86 68.98 -14.88
CA VAL AA 305 6.75 68.59 -14.02
C VAL AA 305 6.71 69.48 -12.79
N SER AA 306 7.84 69.59 -12.09
CA SER AA 306 7.84 70.21 -10.77
C SER AA 306 7.80 71.72 -10.81
N LEU AA 307 8.23 72.35 -11.90
CA LEU AA 307 8.32 73.79 -11.99
C LEU AA 307 6.98 74.53 -12.11
N PRO AA 308 5.97 74.08 -12.88
CA PRO AA 308 4.66 74.76 -12.79
C PRO AA 308 3.97 74.59 -11.45
N ILE AA 309 4.28 73.53 -10.70
CA ILE AA 309 3.79 73.44 -9.33
C ILE AA 309 4.60 74.34 -8.42
N LEU AA 310 5.88 74.54 -8.74
CA LEU AA 310 6.77 75.33 -7.90
C LEU AA 310 6.48 76.82 -7.97
N LEU AA 311 5.92 77.28 -9.09
CA LEU AA 311 5.71 78.70 -9.32
C LEU AA 311 4.24 79.07 -9.39
N SER AA 312 3.34 78.13 -9.09
CA SER AA 312 1.89 78.27 -9.28
C SER AA 312 1.55 78.67 -10.70
N SER AA 313 2.23 78.06 -11.65
CA SER AA 313 2.07 78.37 -13.07
C SER AA 313 1.66 77.13 -13.84
N ILE AA 314 0.72 76.36 -13.28
CA ILE AA 314 0.20 75.20 -13.99
C ILE AA 314 -0.73 75.72 -15.07
N PRO AA 315 -0.49 75.37 -16.33
CA PRO AA 315 -1.33 75.90 -17.40
C PRO AA 315 -2.70 75.24 -17.39
N PRO AA 316 -3.73 75.92 -17.89
CA PRO AA 316 -5.06 75.32 -17.93
C PRO AA 316 -5.17 74.24 -18.99
N GLN AA 317 -6.06 73.29 -18.74
CA GLN AA 317 -6.37 72.26 -19.72
C GLN AA 317 -7.55 72.63 -20.59
N THR AA 318 -8.06 73.85 -20.47
CA THR AA 318 -9.18 74.30 -21.27
C THR AA 318 -8.91 75.68 -21.85
N MET BA 1 -25.81 52.64 -42.97
CA MET BA 1 -24.75 51.67 -42.73
C MET BA 1 -23.57 52.43 -42.15
N MET BA 2 -23.76 53.73 -41.95
CA MET BA 2 -22.76 54.57 -41.30
C MET BA 2 -22.92 54.57 -39.78
N THR BA 3 -24.12 54.22 -39.29
CA THR BA 3 -24.30 53.99 -37.86
C THR BA 3 -23.61 52.71 -37.40
N TYR BA 4 -23.31 51.80 -38.32
CA TYR BA 4 -22.59 50.56 -38.04
C TYR BA 4 -21.08 50.72 -38.17
N ILE BA 5 -20.55 51.94 -38.02
CA ILE BA 5 -19.14 52.20 -38.32
C ILE BA 5 -18.22 51.50 -37.32
N VAL BA 6 -18.63 51.39 -36.05
CA VAL BA 6 -17.82 50.70 -35.07
C VAL BA 6 -17.87 49.21 -35.33
N PHE BA 7 -19.02 48.72 -35.79
CA PHE BA 7 -19.13 47.34 -36.21
C PHE BA 7 -18.28 47.04 -37.43
N ILE BA 8 -18.24 47.94 -38.42
CA ILE BA 8 -17.44 47.73 -39.62
C ILE BA 8 -15.95 47.74 -39.30
N LEU BA 9 -15.52 48.68 -38.46
CA LEU BA 9 -14.14 48.68 -37.97
C LEU BA 9 -13.83 47.44 -37.14
N SER BA 10 -14.84 46.88 -36.48
CA SER BA 10 -14.61 45.66 -35.73
C SER BA 10 -14.53 44.44 -36.63
N ILE BA 11 -15.19 44.49 -37.79
CA ILE BA 11 -15.00 43.45 -38.81
C ILE BA 11 -13.58 43.50 -39.34
N ILE BA 12 -13.07 44.70 -39.59
CA ILE BA 12 -11.68 44.82 -40.06
C ILE BA 12 -10.70 44.39 -38.95
N PHE BA 13 -11.09 44.58 -37.68
CA PHE BA 13 -10.30 44.11 -36.54
C PHE BA 13 -10.19 42.59 -36.54
N VAL BA 14 -11.33 41.91 -36.72
CA VAL BA 14 -11.31 40.44 -36.77
C VAL BA 14 -10.58 39.95 -38.03
N MET BA 15 -10.69 40.68 -39.14
CA MET BA 15 -9.96 40.29 -40.35
C MET BA 15 -8.45 40.39 -40.16
N GLY BA 16 -7.99 41.44 -39.47
CA GLY BA 16 -6.58 41.51 -39.13
C GLY BA 16 -6.15 40.42 -38.18
N PHE BA 17 -7.03 40.03 -37.26
CA PHE BA 17 -6.72 38.94 -36.33
C PHE BA 17 -6.67 37.58 -37.01
N VAL BA 18 -7.50 37.36 -38.01
CA VAL BA 18 -7.37 36.15 -38.83
C VAL BA 18 -6.12 36.25 -39.70
N GLY BA 19 -5.73 37.48 -40.05
CA GLY BA 19 -4.52 37.68 -40.85
C GLY BA 19 -3.25 37.29 -40.11
N PHE BA 20 -3.10 37.72 -38.86
CA PHE BA 20 -1.87 37.34 -38.17
C PHE BA 20 -2.02 36.09 -37.33
N SER BA 21 -3.25 35.60 -37.10
CA SER BA 21 -3.45 34.42 -36.28
C SER BA 21 -3.30 33.14 -37.06
N SER BA 22 -3.42 33.20 -38.38
CA SER BA 22 -3.07 32.09 -39.26
C SER BA 22 -1.58 31.85 -39.31
N LYS BA 23 -0.79 32.82 -38.84
CA LYS BA 23 0.68 32.84 -38.78
C LYS BA 23 1.34 32.57 -40.12
N PRO BA 24 1.24 33.48 -41.10
CA PRO BA 24 2.02 33.27 -42.34
C PRO BA 24 3.52 33.43 -42.11
N SER BA 25 3.92 34.57 -41.58
CA SER BA 25 5.29 34.98 -41.35
C SER BA 25 5.18 36.22 -40.47
N PRO BA 26 6.09 36.43 -39.52
CA PRO BA 26 5.95 37.56 -38.61
C PRO BA 26 6.16 38.92 -39.27
N ILE BA 27 6.66 38.97 -40.50
CA ILE BA 27 6.52 40.18 -41.32
C ILE BA 27 5.05 40.49 -41.54
N TYR BA 28 4.33 39.52 -42.12
CA TYR BA 28 2.92 39.70 -42.37
C TYR BA 28 2.09 39.53 -41.11
N GLY BA 29 2.63 38.86 -40.09
CA GLY BA 29 2.01 38.91 -38.78
C GLY BA 29 2.06 40.30 -38.17
N GLY BA 30 3.20 40.98 -38.31
CA GLY BA 30 3.28 42.37 -37.87
C GLY BA 30 2.42 43.29 -38.70
N LEU BA 31 2.31 43.03 -40.00
CA LEU BA 31 1.39 43.76 -40.86
C LEU BA 31 -0.06 43.63 -40.39
N GLY BA 32 -0.52 42.40 -40.17
CA GLY BA 32 -1.89 42.18 -39.74
C GLY BA 32 -2.17 42.71 -38.35
N LEU BA 33 -1.19 42.66 -37.45
CA LEU BA 33 -1.39 43.21 -36.12
C LEU BA 33 -1.36 44.73 -36.11
N ILE BA 34 -0.60 45.35 -37.01
CA ILE BA 34 -0.68 46.80 -37.18
C ILE BA 34 -2.04 47.21 -37.73
N VAL BA 35 -2.57 46.46 -38.70
CA VAL BA 35 -3.89 46.77 -39.26
C VAL BA 35 -4.97 46.62 -38.21
N SER BA 36 -4.88 45.56 -37.39
CA SER BA 36 -5.88 45.38 -36.34
C SER BA 36 -5.73 46.41 -35.23
N GLY BA 37 -4.50 46.72 -34.82
CA GLY BA 37 -4.31 47.76 -33.81
C GLY BA 37 -4.55 49.17 -34.31
N GLY BA 38 -4.69 49.36 -35.62
CA GLY BA 38 -5.01 50.65 -36.18
C GLY BA 38 -6.48 50.84 -36.47
N VAL BA 39 -7.21 49.75 -36.68
CA VAL BA 39 -8.66 49.87 -36.69
C VAL BA 39 -9.23 49.73 -35.28
N GLY BA 40 -8.48 49.14 -34.35
CA GLY BA 40 -8.90 49.06 -32.97
C GLY BA 40 -8.77 50.38 -32.23
N CYS BA 41 -7.94 51.28 -32.72
CA CYS BA 41 -7.93 52.66 -32.25
C CYS BA 41 -8.91 53.52 -33.02
N GLY BA 42 -9.82 52.90 -33.77
CA GLY BA 42 -10.91 53.60 -34.39
C GLY BA 42 -12.22 53.07 -33.86
N ILE BA 43 -12.21 51.80 -33.45
CA ILE BA 43 -13.29 51.25 -32.66
C ILE BA 43 -13.42 52.03 -31.36
N VAL BA 44 -12.34 52.06 -30.59
CA VAL BA 44 -12.38 52.60 -29.23
C VAL BA 44 -12.31 54.11 -29.22
N LEU BA 45 -11.99 54.73 -30.35
CA LEU BA 45 -11.97 56.19 -30.41
C LEU BA 45 -13.37 56.74 -30.61
N ASN BA 46 -14.30 55.92 -31.08
CA ASN BA 46 -15.69 56.31 -31.23
C ASN BA 46 -16.51 56.09 -29.96
N PHE BA 47 -15.88 55.65 -28.88
CA PHE BA 47 -16.50 55.57 -27.57
C PHE BA 47 -16.09 56.72 -26.65
N GLY BA 48 -15.19 57.58 -27.11
CA GLY BA 48 -14.72 58.70 -26.32
C GLY BA 48 -13.27 58.61 -25.93
N GLY BA 49 -12.64 57.47 -26.12
CA GLY BA 49 -11.26 57.28 -25.72
C GLY BA 49 -10.29 57.68 -26.80
N SER BA 50 -10.13 58.98 -27.01
CA SER BA 50 -9.15 59.44 -27.98
C SER BA 50 -7.73 59.33 -27.45
N PHE BA 51 -7.52 59.52 -26.15
CA PHE BA 51 -6.20 59.28 -25.59
C PHE BA 51 -5.89 57.81 -25.54
N LEU BA 52 -6.90 57.00 -25.26
CA LEU BA 52 -6.72 55.61 -24.93
C LEU BA 52 -6.77 54.72 -26.15
N GLY BA 53 -6.96 55.31 -27.32
CA GLY BA 53 -6.82 54.62 -28.59
C GLY BA 53 -5.52 54.95 -29.28
N LEU BA 54 -5.14 56.23 -29.26
CA LEU BA 54 -3.86 56.65 -29.82
C LEU BA 54 -2.68 55.99 -29.11
N MET BA 55 -2.84 55.66 -27.84
CA MET BA 55 -1.77 54.97 -27.13
C MET BA 55 -1.67 53.50 -27.50
N VAL BA 56 -2.78 52.79 -27.66
CA VAL BA 56 -2.65 51.40 -28.11
C VAL BA 56 -2.24 51.33 -29.58
N PHE BA 57 -2.45 52.42 -30.32
CA PHE BA 57 -1.88 52.50 -31.66
C PHE BA 57 -0.37 52.69 -31.57
N LEU BA 58 0.08 53.64 -30.76
CA LEU BA 58 1.48 54.06 -30.75
C LEU BA 58 2.40 53.02 -30.10
N ILE BA 59 1.96 52.45 -28.97
CA ILE BA 59 2.73 51.42 -28.28
C ILE BA 59 2.90 50.20 -29.17
N TYR BA 60 1.85 49.82 -29.89
CA TYR BA 60 1.96 48.68 -30.79
C TYR BA 60 2.68 49.00 -32.09
N LEU BA 61 2.77 50.27 -32.49
CA LEU BA 61 3.67 50.59 -33.59
C LEU BA 61 5.12 50.43 -33.20
N GLY BA 62 5.49 50.91 -32.02
CA GLY BA 62 6.83 50.65 -31.50
C GLY BA 62 7.09 49.16 -31.30
N GLY BA 63 6.07 48.45 -30.83
CA GLY BA 63 6.19 47.02 -30.62
C GLY BA 63 6.40 46.23 -31.90
N MET BA 64 5.64 46.57 -32.96
CA MET BA 64 5.81 45.83 -34.19
C MET BA 64 7.05 46.24 -34.96
N MET BA 65 7.58 47.45 -34.74
CA MET BA 65 8.89 47.77 -35.28
C MET BA 65 9.98 46.93 -34.61
N VAL BA 66 9.88 46.75 -33.30
CA VAL BA 66 10.84 45.88 -32.60
C VAL BA 66 10.69 44.43 -33.07
N VAL BA 67 9.45 43.94 -33.16
CA VAL BA 67 9.19 42.58 -33.63
C VAL BA 67 9.64 42.37 -35.07
N PHE BA 68 9.52 43.40 -35.91
CA PHE BA 68 10.08 43.36 -37.27
C PHE BA 68 11.59 43.16 -37.23
N GLY BA 69 12.27 43.94 -36.39
CA GLY BA 69 13.71 43.81 -36.29
C GLY BA 69 14.15 42.42 -35.84
N TYR BA 70 13.39 41.82 -34.93
CA TYR BA 70 13.74 40.48 -34.47
C TYR BA 70 13.39 39.41 -35.51
N THR BA 71 12.26 39.55 -36.21
CA THR BA 71 11.94 38.55 -37.21
C THR BA 71 12.71 38.75 -38.50
N THR BA 72 13.43 39.84 -38.64
CA THR BA 72 14.43 39.93 -39.69
C THR BA 72 15.78 39.44 -39.19
N ALA BA 73 16.01 39.50 -37.88
CA ALA BA 73 17.28 39.03 -37.32
C ALA BA 73 17.24 37.58 -36.86
N MET BA 74 16.17 37.14 -36.18
CA MET BA 74 16.10 35.79 -35.65
C MET BA 74 15.12 34.90 -36.38
N ALA BA 75 13.90 35.36 -36.61
CA ALA BA 75 12.85 34.51 -37.18
C ALA BA 75 12.73 34.68 -38.68
N THR BA 76 13.81 34.34 -39.39
CA THR BA 76 13.85 34.55 -40.82
C THR BA 76 14.13 33.22 -41.52
N GLU BA 77 13.39 32.97 -42.60
CA GLU BA 77 13.62 31.83 -43.47
C GLU BA 77 13.81 32.34 -44.90
N GLN BA 78 14.27 31.45 -45.77
CA GLN BA 78 14.65 31.86 -47.12
C GLN BA 78 13.44 32.25 -47.95
N TYR BA 79 12.35 31.50 -47.85
CA TYR BA 79 11.11 31.79 -48.56
C TYR BA 79 10.02 32.03 -47.54
N PRO BA 80 9.81 33.27 -47.10
CA PRO BA 80 8.76 33.55 -46.12
C PRO BA 80 7.38 33.39 -46.71
N GLU BA 81 6.46 32.89 -45.90
CA GLU BA 81 5.11 32.58 -46.34
C GLU BA 81 4.27 33.86 -46.31
N VAL BA 82 3.75 34.28 -47.45
CA VAL BA 82 3.22 35.62 -47.57
C VAL BA 82 1.84 35.70 -46.93
N TRP BA 83 0.84 35.08 -47.58
CA TRP BA 83 -0.41 34.63 -46.99
C TRP BA 83 -0.86 33.30 -47.56
N VAL BA 84 -0.31 32.88 -48.70
CA VAL BA 84 -0.87 31.82 -49.51
C VAL BA 84 0.14 30.75 -49.86
N SER BA 85 1.39 30.87 -49.37
CA SER BA 85 2.44 29.94 -49.75
C SER BA 85 2.19 28.55 -49.17
N ASN BA 86 1.75 28.50 -47.93
CA ASN BA 86 1.42 27.24 -47.27
C ASN BA 86 -0.08 26.99 -47.39
N LYS BA 87 -0.44 25.71 -47.55
CA LYS BA 87 -1.85 25.35 -47.60
C LYS BA 87 -2.50 25.45 -46.21
N VAL BA 88 -1.71 25.26 -45.15
CA VAL BA 88 -2.27 25.32 -43.80
C VAL BA 88 -2.45 26.77 -43.35
N VAL BA 89 -1.72 27.71 -43.93
CA VAL BA 89 -1.96 29.12 -43.64
C VAL BA 89 -3.21 29.61 -44.35
N LEU BA 90 -3.28 29.35 -45.67
CA LEU BA 90 -4.39 29.84 -46.48
C LEU BA 90 -5.70 29.15 -46.10
N GLY BA 91 -5.63 27.87 -45.72
CA GLY BA 91 -6.84 27.15 -45.34
C GLY BA 91 -7.49 27.72 -44.09
N THR BA 92 -6.69 27.95 -43.05
CA THR BA 92 -7.27 28.53 -41.84
C THR BA 92 -7.52 30.03 -41.98
N PHE BA 93 -6.85 30.71 -42.91
CA PHE BA 93 -7.17 32.11 -43.19
C PHE BA 93 -8.54 32.24 -43.82
N ILE BA 94 -8.80 31.43 -44.87
CA ILE BA 94 -10.12 31.37 -45.49
C ILE BA 94 -11.17 30.87 -44.50
N THR BA 95 -10.80 29.94 -43.61
CA THR BA 95 -11.72 29.41 -42.62
C THR BA 95 -12.16 30.49 -41.63
N GLY BA 96 -11.19 31.24 -41.10
CA GLY BA 96 -11.52 32.33 -40.19
C GLY BA 96 -12.32 33.43 -40.86
N LEU BA 97 -12.01 33.75 -42.12
CA LEU BA 97 -12.78 34.78 -42.81
C LEU BA 97 -14.19 34.31 -43.13
N LEU BA 98 -14.37 33.05 -43.53
CA LEU BA 98 -15.71 32.59 -43.88
C LEU BA 98 -16.57 32.44 -42.63
N MET BA 99 -15.97 32.03 -41.51
CA MET BA 99 -16.74 31.93 -40.28
C MET BA 99 -17.07 33.31 -39.71
N GLU BA 100 -16.16 34.28 -39.87
CA GLU BA 100 -16.44 35.65 -39.45
C GLU BA 100 -17.56 36.28 -40.28
N PHE BA 101 -17.49 36.17 -41.60
CA PHE BA 101 -18.59 36.74 -42.39
C PHE BA 101 -19.86 35.90 -42.30
N LEU BA 102 -19.75 34.64 -41.88
CA LEU BA 102 -20.93 33.84 -41.56
C LEU BA 102 -21.65 34.40 -40.33
N MET BA 103 -20.90 34.73 -39.27
CA MET BA 103 -21.57 35.34 -38.13
C MET BA 103 -21.85 36.82 -38.33
N VAL BA 104 -21.32 37.43 -39.39
CA VAL BA 104 -21.86 38.72 -39.83
C VAL BA 104 -23.24 38.53 -40.45
N TYR BA 105 -23.37 37.54 -41.33
CA TYR BA 105 -24.64 37.28 -42.02
C TYR BA 105 -25.73 36.85 -41.05
N TYR BA 106 -25.37 36.06 -40.04
CA TYR BA 106 -26.39 35.62 -39.09
C TYR BA 106 -26.80 36.69 -38.08
N VAL BA 107 -26.07 37.80 -37.98
CA VAL BA 107 -26.41 38.83 -37.01
C VAL BA 107 -27.03 40.06 -37.67
N LEU BA 108 -26.88 40.24 -38.98
CA LEU BA 108 -27.60 41.30 -39.67
C LEU BA 108 -28.94 40.84 -40.23
N LYS BA 109 -29.10 39.54 -40.45
CA LYS BA 109 -30.37 39.01 -40.92
C LYS BA 109 -31.34 38.80 -39.77
N ASP BA 110 -30.84 38.44 -38.59
CA ASP BA 110 -31.69 38.04 -37.48
C ASP BA 110 -31.75 39.08 -36.38
N LYS BA 111 -30.79 40.02 -36.34
CA LYS BA 111 -30.64 41.11 -35.39
C LYS BA 111 -30.37 40.64 -33.96
N GLU BA 112 -30.16 39.34 -33.77
CA GLU BA 112 -29.72 38.71 -32.54
C GLU BA 112 -28.90 37.49 -32.92
N VAL BA 113 -27.95 37.12 -32.05
CA VAL BA 113 -27.14 35.94 -32.27
C VAL BA 113 -26.71 35.42 -30.91
N GLU BA 114 -26.26 34.17 -30.86
CA GLU BA 114 -25.81 33.58 -29.59
C GLU BA 114 -24.62 32.67 -29.84
N ILE BA 115 -23.43 33.17 -29.52
CA ILE BA 115 -22.21 32.38 -29.37
C ILE BA 115 -21.63 32.88 -28.07
N VAL BA 116 -21.10 31.99 -27.25
CA VAL BA 116 -21.59 31.66 -25.90
C VAL BA 116 -22.54 32.68 -25.29
N PHE BA 117 -22.18 33.95 -25.29
CA PHE BA 117 -23.11 34.97 -24.87
C PHE BA 117 -24.15 35.24 -25.95
N LYS BA 118 -25.16 36.02 -25.58
CA LYS BA 118 -26.12 36.52 -26.55
C LYS BA 118 -25.68 37.92 -26.96
N PHE BA 119 -25.76 38.21 -28.25
CA PHE BA 119 -25.36 39.50 -28.80
C PHE BA 119 -26.51 40.10 -29.60
N ASN BA 120 -26.64 41.42 -29.50
CA ASN BA 120 -27.58 42.18 -30.29
C ASN BA 120 -27.07 42.27 -31.73
N GLY BA 121 -27.95 42.69 -32.63
CA GLY BA 121 -27.56 42.87 -34.01
C GLY BA 121 -27.75 44.29 -34.49
N MET BA 122 -28.36 45.14 -33.66
CA MET BA 122 -28.44 46.55 -33.97
C MET BA 122 -27.07 47.19 -33.88
N GLY BA 123 -26.93 48.34 -34.53
CA GLY BA 123 -25.69 49.08 -34.43
C GLY BA 123 -25.47 49.56 -33.00
N ASP BA 124 -24.21 49.53 -32.58
CA ASP BA 124 -23.83 49.82 -31.21
C ASP BA 124 -23.83 51.31 -30.86
N TRP BA 125 -24.39 52.14 -31.73
CA TRP BA 125 -24.72 53.51 -31.39
C TRP BA 125 -25.81 53.59 -30.33
N VAL BA 126 -26.59 52.51 -30.14
CA VAL BA 126 -27.77 52.54 -29.30
C VAL BA 126 -27.42 52.76 -27.83
N ILE BA 127 -26.23 52.32 -27.41
CA ILE BA 127 -25.90 52.24 -26.00
C ILE BA 127 -25.13 53.46 -25.51
N TYR BA 128 -25.04 54.52 -26.29
CA TYR BA 128 -24.22 55.63 -25.83
C TYR BA 128 -25.01 56.53 -24.89
N ASP BA 129 -24.28 57.35 -24.15
CA ASP BA 129 -24.90 58.26 -23.20
C ASP BA 129 -25.53 59.43 -23.94
N THR BA 130 -26.70 59.86 -23.46
CA THR BA 130 -27.40 60.99 -24.03
C THR BA 130 -27.05 62.31 -23.34
N GLY BA 131 -25.93 62.37 -22.65
CA GLY BA 131 -25.52 63.56 -21.94
C GLY BA 131 -24.14 64.02 -22.37
N ASP BA 132 -23.71 65.14 -21.79
CA ASP BA 132 -22.40 65.71 -22.04
C ASP BA 132 -21.58 65.75 -20.76
N SER BA 133 -20.26 65.71 -20.92
CA SER BA 133 -19.35 65.65 -19.79
C SER BA 133 -18.80 67.01 -19.40
N GLY BA 134 -19.24 68.08 -20.03
CA GLY BA 134 -18.76 69.41 -19.65
C GLY BA 134 -17.42 69.75 -20.24
N PHE BA 135 -16.55 70.38 -19.44
CA PHE BA 135 -15.23 70.79 -19.89
C PHE BA 135 -14.15 69.79 -19.51
N PHE BA 136 -14.47 68.50 -19.49
CA PHE BA 136 -13.47 67.48 -19.33
C PHE BA 136 -13.91 66.22 -20.07
N SER BA 137 -12.98 65.63 -20.82
CA SER BA 137 -13.18 64.29 -21.32
C SER BA 137 -12.84 63.32 -20.19
N GLU BA 138 -13.78 62.44 -19.87
CA GLU BA 138 -13.74 61.75 -18.59
C GLU BA 138 -12.67 60.66 -18.57
N GLU BA 139 -12.33 60.11 -19.73
CA GLU BA 139 -11.26 59.13 -19.76
C GLU BA 139 -9.90 59.78 -19.53
N ALA BA 140 -9.73 61.03 -19.96
CA ALA BA 140 -8.51 61.76 -19.64
C ALA BA 140 -8.42 62.05 -18.15
N MET BA 141 -9.55 62.33 -17.50
CA MET BA 141 -9.54 62.56 -16.06
C MET BA 141 -9.24 61.28 -15.31
N GLY BA 142 -9.75 60.15 -15.81
CA GLY BA 142 -9.47 58.89 -15.15
C GLY BA 142 -8.04 58.42 -15.32
N ILE BA 143 -7.44 58.68 -16.47
CA ILE BA 143 -6.04 58.32 -16.63
C ILE BA 143 -5.14 59.33 -15.92
N ALA BA 144 -5.60 60.57 -15.77
CA ALA BA 144 -4.90 61.56 -14.96
C ALA BA 144 -4.93 61.20 -13.48
N ALA BA 145 -5.96 60.49 -13.04
CA ALA BA 145 -6.05 60.03 -11.66
C ALA BA 145 -5.09 58.90 -11.31
N LEU BA 146 -4.27 58.44 -12.25
CA LEU BA 146 -3.25 57.44 -11.97
C LEU BA 146 -2.16 57.98 -11.06
N TYR BA 147 -2.00 59.30 -10.98
CA TYR BA 147 -1.00 59.90 -10.12
C TYR BA 147 -1.56 60.32 -8.77
N SER BA 148 -2.82 60.77 -8.73
CA SER BA 148 -3.42 61.18 -7.48
C SER BA 148 -4.00 59.99 -6.73
N TYR BA 149 -4.79 59.17 -7.41
CA TYR BA 149 -5.42 58.02 -6.75
C TYR BA 149 -4.62 56.74 -6.92
N GLY BA 150 -3.92 56.57 -8.04
CA GLY BA 150 -3.28 55.32 -8.33
C GLY BA 150 -1.85 55.18 -7.87
N THR BA 151 -1.57 55.53 -6.62
CA THR BA 151 -0.18 55.57 -6.15
C THR BA 151 0.41 54.17 -6.00
N TRP BA 152 -0.35 53.24 -5.43
CA TRP BA 152 0.10 51.86 -5.34
C TRP BA 152 0.23 51.22 -6.72
N LEU BA 153 -0.64 51.62 -7.65
CA LEU BA 153 -0.57 51.12 -9.01
C LEU BA 153 0.67 51.66 -9.71
N VAL BA 154 1.03 52.92 -9.43
CA VAL BA 154 2.29 53.51 -9.90
C VAL BA 154 3.48 52.74 -9.34
N ILE BA 155 3.44 52.41 -8.05
CA ILE BA 155 4.58 51.75 -7.40
C ILE BA 155 4.79 50.37 -7.97
N VAL BA 156 3.71 49.59 -8.12
CA VAL BA 156 3.87 48.23 -8.62
C VAL BA 156 4.18 48.22 -10.11
N THR BA 157 3.68 49.20 -10.88
CA THR BA 157 3.96 49.22 -12.31
C THR BA 157 5.38 49.69 -12.60
N GLY BA 158 5.84 50.73 -11.89
CA GLY BA 158 7.21 51.19 -12.05
C GLY BA 158 8.22 50.18 -11.54
N TRP BA 159 7.88 49.46 -10.45
CA TRP BA 159 8.76 48.40 -9.99
C TRP BA 159 8.78 47.25 -10.98
N SER BA 160 7.65 46.92 -11.60
CA SER BA 160 7.62 45.86 -12.59
C SER BA 160 8.40 46.22 -13.85
N LEU BA 161 8.39 47.48 -14.24
CA LEU BA 161 9.20 47.88 -15.39
C LEU BA 161 10.69 47.92 -15.07
N LEU BA 162 11.04 48.36 -13.85
CA LEU BA 162 12.43 48.32 -13.39
C LEU BA 162 12.97 46.90 -13.35
N ILE BA 163 12.24 45.99 -12.71
CA ILE BA 163 12.73 44.62 -12.69
C ILE BA 163 12.52 43.94 -14.01
N GLY BA 164 11.68 44.47 -14.91
CA GLY BA 164 11.64 43.94 -16.26
C GLY BA 164 12.94 44.20 -16.99
N VAL BA 165 13.49 45.41 -16.85
CA VAL BA 165 14.81 45.71 -17.42
C VAL BA 165 15.88 44.84 -16.78
N VAL BA 166 15.83 44.68 -15.45
CA VAL BA 166 16.84 43.87 -14.76
C VAL BA 166 16.74 42.40 -15.14
N VAL BA 167 15.51 41.87 -15.21
CA VAL BA 167 15.22 40.49 -15.61
C VAL BA 167 15.71 40.21 -17.02
N ILE BA 168 15.45 41.13 -17.95
CA ILE BA 168 15.84 40.93 -19.33
C ILE BA 168 17.35 40.98 -19.49
N MET BA 169 18.03 41.88 -18.76
CA MET BA 169 19.47 41.88 -18.83
C MET BA 169 20.10 40.69 -18.10
N GLU BA 170 19.38 40.07 -17.16
CA GLU BA 170 19.88 38.82 -16.57
C GLU BA 170 19.64 37.62 -17.49
N ILE BA 171 18.59 37.65 -18.30
CA ILE BA 171 18.36 36.55 -19.23
C ILE BA 171 19.35 36.59 -20.37
N THR BA 172 19.42 37.73 -21.07
CA THR BA 172 20.24 37.86 -22.28
C THR BA 172 21.71 38.09 -21.95
N ARG BA 173 22.29 37.14 -21.23
CA ARG BA 173 23.69 37.16 -20.86
C ARG BA 173 24.43 35.93 -21.38
N GLY BA 174 23.88 34.74 -21.17
CA GLY BA 174 24.48 33.52 -21.65
C GLY BA 174 25.46 32.88 -20.70
N ASN BA 175 25.92 33.59 -19.68
CA ASN BA 175 26.90 33.07 -18.74
C ASN BA 175 26.85 33.78 -17.38
N FME CA 1 -25.90 41.26 -25.28
CN FME CA 1 -27.23 41.15 -25.64
O1 FME CA 1 -27.91 42.15 -25.94
CA FME CA 1 -25.20 42.51 -25.21
CB FME CA 1 -23.86 42.40 -24.45
CG FME CA 1 -22.87 41.49 -25.11
SD FME CA 1 -22.06 40.56 -23.85
CE FME CA 1 -23.43 39.63 -23.28
C FME CA 1 -24.92 43.10 -26.58
O FME CA 1 -25.36 42.63 -27.62
N SER CA 2 -24.15 44.19 -26.57
CA SER CA 2 -23.92 45.00 -27.76
C SER CA 2 -23.13 44.26 -28.84
N LEU CA 3 -23.25 44.77 -30.07
CA LEU CA 3 -22.81 44.04 -31.25
C LEU CA 3 -21.30 43.97 -31.36
N VAL CA 4 -20.59 45.00 -30.89
CA VAL CA 4 -19.14 45.06 -31.07
C VAL CA 4 -18.42 44.09 -30.15
N TYR CA 5 -19.05 43.72 -29.02
CA TYR CA 5 -18.40 42.78 -28.11
C TYR CA 5 -18.32 41.39 -28.71
N MET CA 6 -19.25 41.07 -29.62
CA MET CA 6 -19.20 39.83 -30.39
C MET CA 6 -17.89 39.72 -31.16
N ASN CA 7 -17.55 40.76 -31.91
CA ASN CA 7 -16.35 40.68 -32.73
C ASN CA 7 -15.08 40.88 -31.91
N ILE CA 8 -15.12 41.61 -30.80
CA ILE CA 8 -13.89 41.73 -30.02
C ILE CA 8 -13.60 40.43 -29.26
N MET CA 9 -14.64 39.78 -28.73
CA MET CA 9 -14.44 38.44 -28.18
C MET CA 9 -14.10 37.43 -29.27
N MET CA 10 -14.61 37.62 -30.48
CA MET CA 10 -14.26 36.76 -31.59
C MET CA 10 -12.78 36.91 -31.94
N ALA CA 11 -12.27 38.13 -31.92
CA ALA CA 11 -10.85 38.36 -32.16
C ALA CA 11 -9.98 37.79 -31.05
N PHE CA 12 -10.47 37.83 -29.81
CA PHE CA 12 -9.77 37.15 -28.72
C PHE CA 12 -9.69 35.65 -28.97
N THR CA 13 -10.81 35.03 -29.38
CA THR CA 13 -10.79 33.59 -29.63
C THR CA 13 -9.95 33.22 -30.84
N VAL CA 14 -9.95 34.07 -31.87
CA VAL CA 14 -9.10 33.83 -33.04
C VAL CA 14 -7.63 33.90 -32.68
N SER CA 15 -7.24 34.91 -31.89
CA SER CA 15 -5.87 35.00 -31.41
C SER CA 15 -5.54 33.90 -30.39
N LEU CA 16 -6.54 33.42 -29.66
CA LEU CA 16 -6.35 32.33 -28.72
C LEU CA 16 -6.00 31.04 -29.46
N THR CA 17 -6.81 30.66 -30.45
CA THR CA 17 -6.53 29.47 -31.25
C THR CA 17 -5.28 29.65 -32.10
N GLY CA 18 -4.93 30.88 -32.46
CA GLY CA 18 -3.67 31.09 -33.16
C GLY CA 18 -2.47 30.90 -32.26
N LEU CA 19 -2.58 31.33 -30.99
CA LEU CA 19 -1.53 31.08 -30.03
C LEU CA 19 -1.46 29.60 -29.67
N LEU CA 20 -2.61 28.99 -29.46
CA LEU CA 20 -2.69 27.67 -28.88
C LEU CA 20 -2.50 26.56 -29.91
N MET CA 21 -2.24 26.92 -31.16
CA MET CA 21 -1.90 25.99 -32.23
C MET CA 21 -0.64 26.53 -32.89
N TYR CA 22 0.51 25.99 -32.53
CA TYR CA 22 1.78 26.51 -33.01
C TYR CA 22 2.07 26.02 -34.42
N ARG CA 23 2.67 26.89 -35.23
CA ARG CA 23 3.12 26.53 -36.58
C ARG CA 23 4.63 26.43 -36.67
N SER CA 24 5.26 25.88 -35.62
CA SER CA 24 6.69 25.57 -35.59
C SER CA 24 7.55 26.81 -35.80
N HIS CA 25 7.14 27.92 -35.18
CA HIS CA 25 7.82 29.19 -35.37
C HIS CA 25 7.42 30.05 -34.18
N LEU CA 26 8.37 30.41 -33.31
CA LEU CA 26 7.99 30.95 -32.02
C LEU CA 26 7.61 32.43 -32.09
N MET CA 27 8.18 33.18 -33.04
CA MET CA 27 7.82 34.59 -33.18
C MET CA 27 6.40 34.77 -33.70
N SER CA 28 5.93 33.86 -34.54
CA SER CA 28 4.57 33.95 -35.08
C SER CA 28 3.51 33.75 -34.01
N SER CA 29 3.85 33.10 -32.90
CA SER CA 29 2.94 32.92 -31.79
C SER CA 29 3.14 33.93 -30.67
N LEU CA 30 4.34 34.51 -30.55
CA LEU CA 30 4.51 35.67 -29.68
C LEU CA 30 3.74 36.88 -30.19
N LEU CA 31 3.46 36.93 -31.50
CA LEU CA 31 2.51 37.92 -32.01
C LEU CA 31 1.10 37.62 -31.57
N CYS CA 32 0.78 36.36 -31.33
CA CYS CA 32 -0.58 36.02 -30.94
C CYS CA 32 -0.88 36.38 -29.50
N LEU CA 33 0.12 36.30 -28.60
CA LEU CA 33 -0.05 36.82 -27.24
C LEU CA 33 -0.25 38.33 -27.24
N GLU CA 34 0.48 39.03 -28.09
CA GLU CA 34 0.31 40.47 -28.24
C GLU CA 34 -1.04 40.81 -28.83
N GLY CA 35 -1.56 39.95 -29.70
CA GLY CA 35 -2.91 40.15 -30.20
C GLY CA 35 -3.97 39.88 -29.15
N MET CA 36 -3.74 38.90 -28.28
CA MET CA 36 -4.66 38.68 -27.17
C MET CA 36 -4.64 39.87 -26.22
N MET CA 37 -3.48 40.49 -26.00
CA MET CA 37 -3.43 41.71 -25.20
C MET CA 37 -4.17 42.85 -25.89
N LEU CA 38 -4.06 42.97 -27.21
CA LEU CA 38 -4.82 43.98 -27.94
C LEU CA 38 -6.33 43.78 -27.81
N SER CA 39 -6.78 42.53 -27.93
CA SER CA 39 -8.21 42.24 -27.83
C SER CA 39 -8.73 42.48 -26.42
N LEU CA 40 -7.94 42.13 -25.40
CA LEU CA 40 -8.33 42.40 -24.03
C LEU CA 40 -8.35 43.90 -23.74
N PHE CA 41 -7.40 44.64 -24.31
CA PHE CA 41 -7.37 46.10 -24.21
C PHE CA 41 -8.66 46.69 -24.76
N ILE CA 42 -8.99 46.36 -25.99
CA ILE CA 42 -10.15 46.95 -26.66
C ILE CA 42 -11.45 46.51 -25.99
N LEU CA 43 -11.51 45.28 -25.48
CA LEU CA 43 -12.73 44.80 -24.84
C LEU CA 43 -12.96 45.50 -23.51
N ALA CA 44 -11.94 45.52 -22.64
CA ALA CA 44 -12.03 46.23 -21.38
C ALA CA 44 -12.25 47.71 -21.57
N THR CA 45 -11.68 48.30 -22.62
CA THR CA 45 -11.79 49.73 -22.80
C THR CA 45 -13.16 50.11 -23.33
N LEU CA 46 -13.75 49.29 -24.20
CA LEU CA 46 -15.14 49.47 -24.60
C LEU CA 46 -16.08 49.38 -23.39
N MET CA 47 -15.82 48.43 -22.49
CA MET CA 47 -16.66 48.32 -21.30
C MET CA 47 -16.51 49.53 -20.37
N ILE CA 48 -15.29 50.03 -20.22
CA ILE CA 48 -15.03 51.13 -19.28
C ILE CA 48 -15.50 52.46 -19.85
N LEU CA 49 -15.23 52.72 -21.13
CA LEU CA 49 -15.71 53.94 -21.77
C LEU CA 49 -17.21 53.95 -21.94
N ASN CA 50 -17.81 52.77 -22.10
CA ASN CA 50 -19.27 52.65 -22.20
C ASN CA 50 -19.94 53.13 -20.91
N SER CA 51 -19.59 52.52 -19.80
CA SER CA 51 -20.30 52.71 -18.54
C SER CA 51 -19.88 53.98 -17.81
N HIS CA 52 -18.94 54.75 -18.37
CA HIS CA 52 -18.38 55.98 -17.79
C HIS CA 52 -17.79 55.75 -16.40
N PHE CA 53 -17.30 54.53 -16.15
CA PHE CA 53 -16.58 54.25 -14.92
C PHE CA 53 -15.16 54.77 -15.15
N THR CA 54 -15.01 56.08 -14.88
CA THR CA 54 -13.86 56.82 -15.36
C THR CA 54 -12.57 56.43 -14.66
N LEU CA 55 -12.66 55.98 -13.40
CA LEU CA 55 -11.46 55.70 -12.64
C LEU CA 55 -10.77 54.43 -13.11
N ALA CA 56 -11.50 53.52 -13.75
CA ALA CA 56 -10.89 52.36 -14.39
C ALA CA 56 -10.34 52.68 -15.77
N SER CA 57 -10.45 53.93 -16.22
CA SER CA 57 -9.86 54.33 -17.50
C SER CA 57 -8.34 54.25 -17.46
N MET CA 58 -7.73 54.36 -16.27
CA MET CA 58 -6.30 54.11 -16.15
C MET CA 58 -5.97 52.63 -16.23
N MET CA 59 -6.95 51.75 -16.09
CA MET CA 59 -6.72 50.30 -16.12
C MET CA 59 -6.19 49.76 -17.45
N PRO CA 60 -6.71 50.13 -18.64
CA PRO CA 60 -6.15 49.52 -19.85
C PRO CA 60 -4.71 49.94 -20.14
N ILE CA 61 -4.34 51.20 -19.85
CA ILE CA 61 -2.95 51.66 -19.91
C ILE CA 61 -2.04 50.73 -19.13
N ILE CA 62 -2.38 50.50 -17.85
CA ILE CA 62 -1.65 49.57 -17.00
C ILE CA 62 -1.61 48.19 -17.61
N LEU CA 63 -2.76 47.73 -18.14
CA LEU CA 63 -2.85 46.46 -18.85
C LEU CA 63 -1.88 46.42 -20.00
N LEU CA 64 -1.89 47.49 -20.82
CA LEU CA 64 -1.04 47.60 -21.99
C LEU CA 64 0.43 47.59 -21.59
N VAL CA 65 0.75 48.18 -20.42
CA VAL CA 65 2.12 48.20 -19.93
C VAL CA 65 2.62 46.79 -19.71
N PHE CA 66 1.83 45.97 -18.99
CA PHE CA 66 2.27 44.62 -18.71
C PHE CA 66 2.28 43.76 -19.96
N ALA CA 67 1.50 44.17 -20.98
CA ALA CA 67 1.57 43.58 -22.31
C ALA CA 67 3.00 43.56 -22.82
N ALA CA 68 3.60 44.74 -22.98
CA ALA CA 68 4.96 44.73 -23.47
C ALA CA 68 5.92 44.28 -22.40
N CYS CA 69 5.53 44.39 -21.12
CA CYS CA 69 6.42 43.98 -20.06
C CYS CA 69 6.54 42.47 -19.99
N GLU CA 70 5.65 41.73 -20.65
CA GLU CA 70 5.95 40.32 -20.86
C GLU CA 70 6.38 40.04 -22.28
N ALA CA 71 5.98 40.89 -23.24
CA ALA CA 71 6.33 40.66 -24.63
C ALA CA 71 7.82 40.80 -24.83
N ALA CA 72 8.39 41.88 -24.25
CA ALA CA 72 9.82 42.04 -24.15
C ALA CA 72 10.47 40.84 -23.47
N LEU CA 73 9.84 40.33 -22.41
CA LEU CA 73 10.30 39.11 -21.74
C LEU CA 73 10.38 37.95 -22.71
N GLY CA 74 9.34 37.79 -23.53
CA GLY CA 74 9.35 36.73 -24.53
C GLY CA 74 10.43 36.94 -25.57
N LEU CA 75 10.67 38.20 -25.94
CA LEU CA 75 11.74 38.46 -26.89
C LEU CA 75 13.10 38.24 -26.26
N SER CA 76 13.22 38.52 -24.95
CA SER CA 76 14.48 38.21 -24.27
C SER CA 76 14.64 36.72 -24.11
N LEU CA 77 13.54 35.97 -24.20
CA LEU CA 77 13.58 34.54 -24.19
C LEU CA 77 13.50 33.98 -25.59
N LEU CA 78 13.27 34.83 -26.60
CA LEU CA 78 13.34 34.40 -27.98
C LEU CA 78 14.78 34.38 -28.47
N VAL CA 79 15.62 35.29 -27.99
CA VAL CA 79 16.98 35.38 -28.49
C VAL CA 79 17.87 34.30 -27.90
N MET CA 80 17.54 33.76 -26.73
CA MET CA 80 18.33 32.68 -26.18
C MET CA 80 17.99 31.35 -26.86
N VAL CA 81 16.75 31.20 -27.33
CA VAL CA 81 16.41 30.06 -28.16
C VAL CA 81 17.10 30.17 -29.51
N SER CA 82 17.17 31.39 -30.05
CA SER CA 82 17.77 31.62 -31.35
C SER CA 82 19.26 31.90 -31.28
N ASN CA 83 19.88 31.75 -30.10
CA ASN CA 83 21.33 31.67 -30.02
C ASN CA 83 21.82 30.25 -29.81
N THR CA 84 21.05 29.43 -29.09
CA THR CA 84 21.37 28.02 -28.98
C THR CA 84 21.19 27.32 -30.33
N TYR CA 85 20.11 27.64 -31.02
CA TYR CA 85 19.81 27.10 -32.34
C TYR CA 85 19.81 28.23 -33.35
N GLY CA 86 20.06 27.90 -34.61
CA GLY CA 86 20.08 28.93 -35.64
C GLY CA 86 18.72 29.53 -35.93
N THR CA 87 17.64 28.81 -35.62
CA THR CA 87 16.28 29.26 -35.82
C THR CA 87 15.54 29.27 -34.49
N ASP CA 88 14.40 29.94 -34.45
CA ASP CA 88 13.54 29.92 -33.27
C ASP CA 88 12.39 28.93 -33.42
N TYR CA 89 12.63 27.82 -34.11
CA TYR CA 89 11.60 26.81 -34.27
C TYR CA 89 11.32 26.14 -32.94
N VAL CA 90 10.04 25.91 -32.64
CA VAL CA 90 9.68 25.37 -31.33
C VAL CA 90 9.94 23.88 -31.23
N GLN CA 91 10.20 23.19 -32.33
CA GLN CA 91 10.51 21.77 -32.26
C GLN CA 91 11.97 21.50 -31.97
N ASN CA 92 12.80 22.53 -31.88
CA ASN CA 92 14.14 22.38 -31.34
C ASN CA 92 14.14 22.35 -29.83
N LEU CA 93 13.06 22.78 -29.20
CA LEU CA 93 12.93 22.81 -27.75
C LEU CA 93 12.24 21.54 -27.27
N ASN CA 94 12.86 20.40 -27.53
CA ASN CA 94 12.32 19.11 -27.11
C ASN CA 94 13.35 18.29 -26.35
N LEU CA 95 14.32 18.93 -25.71
CA LEU CA 95 15.35 18.18 -25.01
C LEU CA 95 14.81 17.61 -23.71
N LEU CA 96 13.81 18.25 -23.13
CA LEU CA 96 13.24 17.85 -21.85
C LEU CA 96 12.07 16.89 -22.05
N GLN CA 97 12.29 15.88 -22.89
CA GLN CA 97 11.27 14.87 -23.15
C GLN CA 97 11.58 13.55 -22.47
N CYS CA 98 12.80 13.36 -22.01
CA CYS CA 98 13.28 12.07 -21.55
C CYS CA 98 12.69 11.68 -20.20
P 3PE DA . 2.97 -48.68 2.19
N 3PE DA . 6.60 -50.16 0.11
O11 3PE DA . 2.70 -47.15 2.57
O12 3PE DA . 2.67 -49.48 3.39
O13 3PE DA . 4.54 -48.77 1.95
O14 3PE DA . 2.27 -48.98 0.92
C11 3PE DA . 5.33 -49.96 2.21
C12 3PE DA . 6.66 -49.76 1.55
C1 3PE DA . 2.75 -46.15 1.54
C2 3PE DA . 1.57 -45.23 1.64
C3 3PE DA . 0.49 -45.74 2.56
O31 3PE DA . -0.74 -45.20 2.06
O32 3PE DA . -0.98 -43.95 3.89
C31 3PE DA . -1.34 -44.26 2.79
C32 3PE DA . -2.46 -43.61 2.03
C33 3PE DA . -3.79 -44.33 2.13
C34 3PE DA . -4.86 -43.71 1.24
C35 3PE DA . -6.23 -44.36 1.32
C36 3PE DA . -7.00 -44.02 2.57
C37 3PE DA . -8.27 -43.21 2.34
C38 3PE DA . -9.48 -44.01 1.88
C39 3PE DA . -9.83 -45.17 2.80
C3A 3PE DA . -11.24 -45.71 2.66
C3B 3PE DA . -12.29 -44.92 3.44
C3C 3PE DA . -13.66 -45.59 3.51
C3D 3PE DA . -13.67 -46.92 4.24
C3E 3PE DA . -14.32 -46.89 5.62
C3F 3PE DA . -15.84 -46.89 5.59
C3G 3PE DA . -16.50 -46.83 6.95
C3H 3PE DA . -18.02 -46.80 6.92
C3I 3PE DA . -18.65 -46.57 8.27
O21 3PE DA . 1.95 -43.92 2.16
O22 3PE DA . 2.39 -43.18 0.08
C21 3PE DA . 2.25 -42.96 1.25
C22 3PE DA . 2.34 -41.61 1.89
C23 3PE DA . 1.26 -40.67 1.39
C24 3PE DA . 1.20 -39.37 2.14
C25 3PE DA . 0.13 -38.43 1.60
C26 3PE DA . -1.26 -39.03 1.62
C27 3PE DA . -2.18 -38.49 0.56
C28 3PE DA . -3.54 -39.16 0.50
C29 3PE DA . -4.46 -38.78 1.64
C2A 3PE DA . -5.89 -39.24 1.49
C2B 3PE DA . -6.83 -38.61 2.50
C2C 3PE DA . -8.29 -39.01 2.39
C2D 3PE DA . -9.17 -38.20 3.31
C2E 3PE DA . -10.65 -38.53 3.30
C2F 3PE DA . -11.47 -37.55 4.12
C2G 3PE DA . -12.97 -37.80 4.12
C2H 3PE DA . -13.77 -36.72 4.82
C2I 3PE DA . -15.24 -37.04 4.94
O12 PC1 EA . -11.68 -25.98 43.05
P PC1 EA . -11.84 -26.42 41.65
O14 PC1 EA . -13.19 -26.70 41.14
O13 PC1 EA . -11.14 -25.33 40.71
C11 PC1 EA . -11.77 -24.80 39.52
C12 PC1 EA . -11.55 -23.32 39.70
N PC1 EA . -12.21 -22.43 38.69
C13 PC1 EA . -11.67 -21.04 38.84
C14 PC1 EA . -11.96 -22.90 37.29
C15 PC1 EA . -13.69 -22.40 38.94
O11 PC1 EA . -10.89 -27.68 41.39
C1 PC1 EA . -9.84 -28.02 42.30
C2 PC1 EA . -8.70 -27.01 42.20
O21 PC1 EA . -7.49 -27.46 41.48
C21 PC1 EA . -6.75 -28.53 41.84
O22 PC1 EA . -6.95 -29.19 42.82
C22 PC1 EA . -5.65 -28.78 40.85
C23 PC1 EA . -5.40 -30.26 40.66
C24 PC1 EA . -4.88 -30.59 39.27
C25 PC1 EA . -4.90 -32.08 38.98
C26 PC1 EA . -5.09 -32.41 37.51
C27 PC1 EA . -3.96 -32.04 36.58
C28 PC1 EA . -4.27 -32.31 35.12
C29 PC1 EA . -3.11 -32.12 34.17
C2A PC1 EA . -3.54 -32.01 32.72
C2B PC1 EA . -4.30 -30.73 32.42
C2C PC1 EA . -5.17 -30.76 31.18
C2D PC1 EA . -6.44 -31.57 31.36
C2E PC1 EA . -7.46 -31.28 30.27
C2F PC1 EA . -8.73 -32.12 30.38
C2G PC1 EA . -9.56 -31.90 31.61
C2H PC1 EA . -10.84 -32.72 31.61
C2I PC1 EA . -11.69 -32.51 30.39
C3 PC1 EA . -8.43 -26.28 43.49
O31 PC1 EA . -7.67 -27.05 44.43
C31 PC1 EA . -8.34 -27.64 45.42
O32 PC1 EA . -9.50 -27.43 45.67
C32 PC1 EA . -7.48 -28.62 46.15
C33 PC1 EA . -6.00 -28.38 45.95
C34 PC1 EA . -5.21 -29.62 46.24
C35 PC1 EA . -5.40 -30.15 47.64
C36 PC1 EA . -4.48 -29.52 48.66
C37 PC1 EA . -3.03 -29.82 48.36
C38 PC1 EA . -2.71 -31.30 48.31
C39 PC1 EA . -2.02 -31.81 49.54
C3A PC1 EA . -1.07 -32.96 49.27
C3B PC1 EA . 0.43 -32.62 49.31
C3C PC1 EA . 0.88 -31.45 48.47
C3D PC1 EA . 2.38 -31.36 48.30
C3E PC1 EA . 2.95 -32.50 47.48
C3F PC1 EA . 2.37 -32.61 46.07
C3G PC1 EA . 2.99 -33.70 45.23
C3H PC1 EA . 4.51 -33.67 45.21
C3I PC1 EA . 5.13 -34.80 44.43
C1 CDL FA . 15.99 -36.22 24.82
O1 CDL FA . 17.29 -36.14 24.23
CA2 CDL FA . 15.94 -35.29 26.01
OA2 CDL FA . 16.87 -35.76 27.00
PA1 CDL FA . 16.28 -36.31 28.39
OA3 CDL FA . 16.42 -37.78 28.49
OA4 CDL FA . 16.94 -35.53 29.52
OA5 CDL FA . 14.77 -35.85 28.32
CA3 CDL FA . 14.02 -35.18 29.35
CA4 CDL FA . 13.64 -33.81 28.86
OA6 CDL FA . 12.81 -33.16 29.89
CA5 CDL FA . 13.43 -32.36 30.76
OA7 CDL FA . 14.62 -32.27 30.86
C11 CDL FA . 12.44 -31.59 31.59
C12 CDL FA . 12.99 -30.24 32.02
C13 CDL FA . 12.04 -29.43 32.89
C14 CDL FA . 10.68 -29.22 32.27
C15 CDL FA . 9.78 -28.29 33.05
C16 CDL FA . 8.37 -28.22 32.51
C17 CDL FA . 7.49 -27.15 33.12
C18 CDL FA . 8.04 -25.76 32.94
C19 CDL FA . 7.11 -24.67 33.44
C20 CDL FA . 7.82 -23.58 34.22
C21 CDL FA . 6.89 -22.61 34.93
C22 CDL FA . 5.92 -23.26 35.89
C23 CDL FA . 6.58 -24.04 37.01
C24 CDL FA . 6.33 -25.53 36.94
C25 CDL FA . 7.59 -26.37 36.75
C26 CDL FA . 7.35 -27.87 36.80
C27 CDL FA . 8.62 -28.66 37.01
CA6 CDL FA . 12.76 -33.86 27.65
OA8 CDL FA . 11.92 -32.69 27.76
CA7 CDL FA . 11.97 -31.79 26.79
OA9 CDL FA . 12.45 -31.99 25.70
C31 CDL FA . 11.38 -30.48 27.24
C32 CDL FA . 9.93 -30.27 26.85
C33 CDL FA . 8.98 -31.25 27.51
C34 CDL FA . 8.81 -31.03 29.00
C35 CDL FA . 7.77 -30.00 29.36
C36 CDL FA . 6.35 -30.53 29.36
C37 CDL FA . 5.47 -29.96 30.46
C38 CDL FA . 5.11 -28.47 30.31
C39 CDL FA . 4.28 -27.93 31.46
C40 CDL FA . 3.10 -28.80 31.82
C41 CDL FA . 2.68 -28.71 33.27
C42 CDL FA . 3.84 -28.88 34.25
C43 CDL FA . 3.41 -29.15 35.69
C44 CDL FA . 3.58 -27.97 36.66
C45 CDL FA . 2.68 -26.80 36.36
C46 CDL FA . 2.66 -25.72 37.40
C47 CDL FA . 1.72 -24.60 37.06
CB2 CDL FA . 14.96 -35.88 23.77
OB2 CDL FA . 13.65 -35.89 24.39
PB2 CDL FA . 12.70 -37.18 24.25
OB3 CDL FA . 12.60 -37.70 22.88
OB4 CDL FA . 13.15 -38.18 25.30
OB5 CDL FA . 11.27 -36.62 24.72
CB3 CDL FA . 10.23 -36.48 23.75
CB4 CDL FA . 8.93 -36.84 24.43
OB6 CDL FA . 8.59 -35.73 25.32
CB5 CDL FA . 8.04 -36.05 26.51
OB7 CDL FA . 7.86 -37.17 26.89
C51 CDL FA . 7.63 -34.81 27.25
C52 CDL FA . 6.63 -35.12 28.36
C53 CDL FA . 5.56 -34.04 28.47
C54 CDL FA . 4.73 -33.88 27.21
C55 CDL FA . 3.52 -32.97 27.40
C56 CDL FA . 2.67 -32.87 26.15
C57 CDL FA . 3.39 -32.26 24.97
C58 CDL FA . 2.85 -32.73 23.62
C59 CDL FA . 2.27 -31.63 22.73
C60 CDL FA . 1.00 -31.00 23.27
C61 CDL FA . -0.04 -32.00 23.76
C62 CDL FA . -1.22 -31.36 24.44
C63 CDL FA . -0.89 -30.43 25.59
C64 CDL FA . -0.55 -31.12 26.89
C65 CDL FA . -0.48 -30.16 28.07
C66 CDL FA . -0.18 -30.81 29.39
C67 CDL FA . -0.25 -29.83 30.54
CB6 CDL FA . 7.81 -36.96 23.43
OB8 CDL FA . 6.65 -37.54 24.06
CB7 CDL FA . 5.46 -37.11 23.63
OB9 CDL FA . 5.31 -36.22 22.84
C71 CDL FA . 4.35 -37.89 24.25
C72 CDL FA . 3.54 -37.10 25.27
C73 CDL FA . 2.47 -36.25 24.61
C74 CDL FA . 1.43 -37.04 23.85
C75 CDL FA . 0.61 -37.97 24.71
C76 CDL FA . -0.04 -37.29 25.90
C77 CDL FA . -1.12 -36.28 25.55
C78 CDL FA . -1.64 -35.55 26.76
C79 CDL FA . -2.04 -36.46 27.90
C80 CDL FA . -1.36 -36.13 29.20
C81 CDL FA . -1.85 -34.84 29.83
C82 CDL FA . -3.23 -34.96 30.46
C83 CDL FA . -3.31 -35.95 31.61
C84 CDL FA . -4.40 -35.63 32.63
C85 CDL FA . -5.56 -36.60 32.67
C86 CDL FA . -6.37 -36.69 31.40
C87 CDL FA . -6.93 -35.35 30.99
P 3PE GA . -5.23 -86.83 10.98
N 3PE GA . -3.07 -88.69 13.88
O11 3PE GA . -5.94 -86.98 12.40
O12 3PE GA . -4.20 -85.79 11.10
O13 3PE GA . -4.45 -88.22 10.79
O14 3PE GA . -6.27 -86.71 9.93
C11 3PE GA . -3.19 -88.52 11.43
C12 3PE GA . -3.52 -89.35 12.63
C1 3PE GA . -5.89 -85.91 13.37
C2 3PE GA . -6.79 -84.80 12.91
C3 3PE GA . -8.26 -85.20 12.82
O31 3PE GA . -8.76 -85.73 14.07
O32 3PE GA . -10.62 -84.52 13.84
C31 3PE GA . -9.93 -85.26 14.49
C32 3PE GA . -10.27 -85.78 15.85
C33 3PE GA . -11.45 -85.04 16.47
C34 3PE GA . -11.72 -85.46 17.91
C35 3PE GA . -10.58 -85.15 18.87
C36 3PE GA . -10.30 -83.66 19.03
C37 3PE GA . -11.42 -82.89 19.71
C38 3PE GA . -11.09 -81.45 20.02
O21 3PE GA . -6.55 -83.50 13.58
O22 3PE GA . -7.12 -84.14 15.68
C21 3PE GA . -6.74 -83.30 14.90
C22 3PE GA . -6.39 -81.90 15.29
C23 3PE GA . -7.56 -81.13 15.90
C24 3PE GA . -7.13 -80.11 16.92
C25 3PE GA . -8.26 -79.24 17.46
C26 3PE GA . -7.85 -78.30 18.57
C27 3PE GA . -8.84 -77.16 18.83
C28 3PE GA . -10.26 -77.62 19.12
P 3PE HA . -29.99 -10.31 -4.06
N 3PE HA . -29.71 -5.81 -2.11
O11 3PE HA . -29.30 -10.96 -5.35
O12 3PE HA . -31.30 -9.79 -4.50
O13 3PE HA . -29.09 -9.04 -3.70
O14 3PE HA . -29.93 -11.28 -2.95
C11 3PE HA . -29.62 -7.70 -3.68
C12 3PE HA . -28.93 -6.99 -2.55
C1 3PE HA . -28.18 -11.86 -5.19
C2 3PE HA . -26.92 -11.14 -5.57
C3 3PE HA . -25.69 -11.91 -5.20
O31 3PE HA . -25.48 -11.95 -3.76
O32 3PE HA . -24.34 -10.02 -3.80
C31 3PE HA . -24.64 -11.05 -3.25
C32 3PE HA . -24.07 -11.51 -1.95
C33 3PE HA . -23.24 -12.78 -2.10
C34 3PE HA . -22.33 -12.78 -3.33
C35 3PE HA . -21.19 -11.76 -3.31
C36 3PE HA . -20.49 -11.60 -4.65
C37 3PE HA . -19.61 -12.78 -5.07
C38 3PE HA . -18.36 -12.93 -4.22
C39 3PE HA . -17.49 -11.68 -4.18
C3A 3PE HA . -16.75 -11.51 -2.86
C3B 3PE HA . -15.83 -12.67 -2.51
C3C 3PE HA . -14.55 -12.72 -3.30
C3D 3PE HA . -13.64 -11.53 -3.09
C3E 3PE HA . -12.28 -11.68 -3.76
C3F 3PE HA . -11.49 -12.89 -3.26
C3G 3PE HA . -10.17 -13.08 -3.96
C3H 3PE HA . -10.29 -13.46 -5.43
C3I 3PE HA . -10.96 -14.79 -5.64
O21 3PE HA . -26.83 -11.09 -7.04
O22 3PE HA . -27.90 -9.13 -7.12
C21 3PE HA . -27.27 -9.99 -7.65
C22 3PE HA . -26.86 -9.99 -9.09
C23 3PE HA . -25.39 -9.64 -9.31
C24 3PE HA . -25.06 -8.19 -8.99
C25 3PE HA . -23.62 -7.79 -9.31
C26 3PE HA . -22.57 -8.59 -8.55
C27 3PE HA . -21.13 -8.16 -8.82
C28 3PE HA . -20.77 -6.77 -8.35
C29 3PE HA . -20.96 -6.54 -6.85
C2A 3PE HA . -20.10 -7.42 -5.95
C2B 3PE HA . -18.60 -7.16 -6.08
O12 PC1 IA . -24.94 6.41 1.96
P PC1 IA . -24.76 7.43 0.90
O14 PC1 IA . -23.86 8.58 1.15
O13 PC1 IA . -26.20 7.97 0.46
C11 PC1 IA . -27.17 8.51 1.39
C12 PC1 IA . -28.10 7.36 1.73
N PC1 IA . -29.09 6.92 0.65
C13 PC1 IA . -30.34 6.48 1.34
C14 PC1 IA . -29.43 8.00 -0.32
C15 PC1 IA . -28.52 5.75 -0.11
O11 PC1 IA . -24.28 6.67 -0.41
C1 PC1 IA . -24.15 5.23 -0.39
C2 PC1 IA . -22.73 4.90 -0.03
O21 PC1 IA . -22.08 4.12 -1.09
C21 PC1 IA . -21.49 4.80 -2.08
O22 PC1 IA . -21.58 5.99 -2.23
C22 PC1 IA . -20.72 3.89 -2.99
C23 PC1 IA . -20.37 2.55 -2.39
C24 PC1 IA . -19.64 1.68 -3.39
C25 PC1 IA . -18.35 2.28 -3.91
C26 PC1 IA . -18.00 1.92 -5.33
C27 PC1 IA . -16.63 2.40 -5.76
C28 PC1 IA . -15.50 1.49 -5.29
C29 PC1 IA . -15.52 0.11 -5.94
C2A PC1 IA . -14.70 -0.94 -5.21
C2B PC1 IA . -13.25 -0.57 -4.93
C2C PC1 IA . -12.52 -1.64 -4.13
C2D PC1 IA . -11.02 -1.41 -3.97
C2E PC1 IA . -10.29 -1.20 -5.27
C2F PC1 IA . -8.78 -1.41 -5.20
C2G PC1 IA . -8.32 -2.81 -5.56
C2H PC1 IA . -6.82 -2.98 -5.55
C2I PC1 IA . -6.10 -1.97 -6.40
C3 PC1 IA . -22.65 4.04 1.19
O31 PC1 IA . -21.25 3.77 1.40
C31 PC1 IA . -20.84 3.70 2.66
O32 PC1 IA . -21.59 3.75 3.60
C32 PC1 IA . -19.36 3.55 2.76
C33 PC1 IA . -18.87 2.43 1.88
C34 PC1 IA . -17.39 2.52 1.57
C35 PC1 IA . -17.07 1.79 0.30
C36 PC1 IA . -15.62 1.81 -0.13
C37 PC1 IA . -15.48 1.39 -1.56
C38 PC1 IA . -16.07 0.02 -1.87
C39 PC1 IA . -15.15 -1.12 -1.51
C3A PC1 IA . -15.74 -2.48 -1.77
C3B PC1 IA . -14.72 -3.59 -1.80
C3C PC1 IA . -13.81 -3.58 -0.59
C3D PC1 IA . -12.34 -3.54 -0.93
C3E PC1 IA . -11.92 -4.62 -1.91
C3F PC1 IA . -10.42 -4.69 -2.11
C3G PC1 IA . -9.96 -5.90 -2.89
C3H PC1 IA . -8.47 -6.15 -2.78
C3I PC1 IA . -8.03 -6.25 -1.34
C1 CDL JA . -3.39 11.30 30.35
O1 CDL JA . -4.25 11.76 31.39
CA2 CDL JA . -3.68 9.85 30.06
OA2 CDL JA . -4.81 9.79 29.16
PA1 CDL JA . -4.96 8.57 28.10
OA3 CDL JA . -5.03 7.27 28.79
OA4 CDL JA . -6.18 8.90 27.27
OA5 CDL JA . -3.71 8.60 27.12
CA3 CDL JA . -3.44 9.59 26.10
CA4 CDL JA . -1.95 9.76 25.95
OA6 CDL JA . -1.42 8.51 25.39
CA5 CDL JA . -1.26 8.43 24.07
OA7 CDL JA . -1.72 9.22 23.29
C11 CDL JA . -0.42 7.25 23.70
C12 CDL JA . 1.07 7.57 23.60
C13 CDL JA . 1.76 7.81 24.94
C14 CDL JA . 1.86 9.27 25.35
C15 CDL JA . 3.28 9.79 25.54
C16 CDL JA . 4.00 9.28 26.79
C17 CDL JA . 4.69 10.38 27.58
C18 CDL JA . 5.89 9.91 28.38
C19 CDL JA . 6.97 9.30 27.51
C20 CDL JA . 8.19 8.83 28.26
C21 CDL JA . 9.10 7.92 27.45
C22 CDL JA . 9.73 8.59 26.24
C23 CDL JA . 10.69 7.69 25.48
C24 CDL JA . 11.45 8.40 24.36
C25 CDL JA . 10.55 9.00 23.30
C26 CDL JA . 9.83 7.97 22.44
C27 CDL JA . 10.76 7.27 21.49
CA6 CDL JA . -1.28 9.92 27.28
OA8 CDL JA . -0.69 11.23 27.46
CA7 CDL JA . 0.47 11.24 28.13
OA9 CDL JA . 1.08 10.25 28.44
C31 CDL JA . 0.90 12.64 28.48
C32 CDL JA . 1.03 12.84 29.98
C33 CDL JA . 1.98 13.97 30.37
C34 CDL JA . 3.41 13.73 29.95
C35 CDL JA . 4.43 14.63 30.66
C36 CDL JA . 4.15 16.11 30.50
C37 CDL JA . 5.11 17.02 31.25
C38 CDL JA . 4.69 17.39 32.67
C39 CDL JA . 5.14 16.42 33.76
C40 CDL JA . 4.79 16.90 35.16
C41 CDL JA . 3.30 17.01 35.42
C42 CDL JA . 2.94 17.77 36.69
C43 CDL JA . 3.46 19.21 36.70
C44 CDL JA . 2.81 20.09 37.76
C45 CDL JA . 3.22 21.55 37.66
C46 CDL JA . 2.40 22.50 38.51
C47 CDL JA . 2.49 22.21 40.00
CB2 CDL JA . -3.53 12.19 29.14
OB2 CDL JA . -3.90 13.51 29.57
PB2 CDL JA . -4.60 14.52 28.52
OB3 CDL JA . -6.02 14.20 28.30
OB4 CDL JA . -4.32 15.92 29.05
OB5 CDL JA . -3.74 14.38 27.15
CB3 CDL JA . -4.07 15.21 26.02
CB4 CDL JA . -4.03 14.37 24.77
OB6 CDL JA . -2.64 14.34 24.32
CB5 CDL JA . -2.35 15.05 23.23
OB7 CDL JA . -3.17 15.59 22.54
C51 CDL JA . -0.87 15.08 22.98
C52 CDL JA . -0.38 13.99 22.03
C53 CDL JA . 0.43 12.94 22.74
C54 CDL JA . 1.67 13.49 23.41
C55 CDL JA . 1.78 13.15 24.89
C56 CDL JA . 2.91 13.85 25.61
C57 CDL JA . 4.29 13.36 25.23
C58 CDL JA . 5.41 14.11 25.90
C59 CDL JA . 6.77 13.46 25.70
C60 CDL JA . 7.03 13.07 24.26
C61 CDL JA . 7.82 11.79 24.10
C62 CDL JA . 7.40 10.98 22.89
C63 CDL JA . 5.93 10.62 22.91
C64 CDL JA . 5.47 9.81 21.72
C65 CDL JA . 5.39 10.57 20.42
C66 CDL JA . 4.02 10.59 19.80
C67 CDL JA . 2.96 11.21 20.67
CB6 CDL JA . -4.50 12.97 25.08
OB8 CDL JA . -4.30 12.08 23.96
CB7 CDL JA . -5.29 11.95 23.08
OB9 CDL JA . -6.22 12.71 23.01
C71 CDL JA . -5.09 10.74 22.22
C72 CDL JA . -4.37 11.04 20.92
C73 CDL JA . -2.91 11.39 21.10
C74 CDL JA . -2.15 11.39 19.80
C75 CDL JA . -2.28 10.09 19.03
C76 CDL JA . -1.62 10.12 17.68
C77 CDL JA . -1.66 8.78 16.97
C78 CDL JA . -0.91 8.77 15.66
C79 CDL JA . 0.56 9.11 15.78
C80 CDL JA . 1.36 8.13 16.62
C81 CDL JA . 2.85 8.42 16.59
C82 CDL JA . 3.71 7.25 17.00
C83 CDL JA . 3.54 6.82 18.45
C84 CDL JA . 4.78 7.07 19.30
C85 CDL JA . 6.06 6.46 18.75
C86 CDL JA . 7.31 6.88 19.49
C87 CDL JA . 7.87 8.19 19.01
C1 CDL KA . 26.48 7.06 14.70
O1 CDL KA . 27.84 6.84 14.33
CA2 CDL KA . 26.30 8.51 15.07
OA2 CDL KA . 27.09 8.78 16.26
PA1 CDL KA . 26.44 8.51 17.71
OA3 CDL KA . 27.07 7.33 18.36
OA4 CDL KA . 26.57 9.82 18.49
OA5 CDL KA . 24.89 8.28 17.38
CA3 CDL KA . 23.87 7.80 18.27
CA4 CDL KA . 22.65 8.66 18.06
OA6 CDL KA . 21.48 8.02 18.66
CA5 CDL KA . 20.99 8.57 19.78
OA7 CDL KA . 21.60 9.33 20.47
C11 CDL KA . 19.58 8.11 20.02
C12 CDL KA . 18.87 8.92 21.11
C13 CDL KA . 19.11 8.38 22.51
C14 CDL KA . 18.80 9.36 23.64
C15 CDL KA . 17.38 9.90 23.63
C16 CDL KA . 17.10 10.84 24.79
C17 CDL KA . 15.70 11.45 24.77
C18 CDL KA . 15.47 12.47 25.89
C19 CDL KA . 14.06 13.05 25.92
C20 CDL KA . 13.78 13.94 27.13
C21 CDL KA . 14.52 15.27 27.12
C22 CDL KA . 13.94 16.29 26.17
C23 CDL KA . 12.54 16.76 26.53
C24 CDL KA . 11.91 17.68 25.49
C25 CDL KA . 10.53 18.20 25.88
C26 CDL KA . 10.56 19.25 26.97
C27 CDL KA . 9.19 19.80 27.26
CA6 CDL KA . 22.33 8.80 16.60
OA8 CDL KA . 20.92 9.12 16.52
CA7 CDL KA . 20.54 9.98 15.59
OA9 CDL KA . 21.30 10.53 14.84
C31 CDL KA . 19.05 10.15 15.58
C32 CDL KA . 18.58 11.59 15.61
C33 CDL KA . 17.06 11.70 15.57
C34 CDL KA . 16.34 10.88 16.62
C35 CDL KA . 14.83 10.99 16.54
C36 CDL KA . 14.08 10.09 17.52
C37 CDL KA . 14.40 10.37 18.98
CB2 CDL KA . 25.58 6.65 13.57
OB2 CDL KA . 26.39 6.20 12.46
PB2 CDL KA . 26.23 6.91 11.02
OB3 CDL KA . 25.29 8.05 11.10
OB4 CDL KA . 27.62 7.27 10.54
OB5 CDL KA . 25.69 5.77 10.01
CB3 CDL KA . 24.79 4.76 10.49
CB4 CDL KA . 23.39 5.05 10.00
OB6 CDL KA . 22.75 6.18 10.69
CB5 CDL KA . 22.41 6.13 12.01
OB7 CDL KA . 22.65 5.21 12.75
C51 CDL KA . 21.68 7.37 12.43
C52 CDL KA . 20.77 7.07 13.61
C53 CDL KA . 19.31 7.30 13.31
C54 CDL KA . 18.39 6.58 14.26
C55 CDL KA . 17.05 7.26 14.50
C56 CDL KA . 16.33 7.72 13.25
C57 CDL KA . 15.56 9.01 13.47
C58 CDL KA . 14.65 9.41 12.33
C59 CDL KA . 13.49 8.46 12.11
C60 CDL KA . 12.59 8.27 13.33
C61 CDL KA . 11.92 9.54 13.81
C62 CDL KA . 10.99 10.19 12.81
C63 CDL KA . 9.75 9.39 12.48
C64 CDL KA . 8.95 8.97 13.70
C65 CDL KA . 7.46 8.91 13.45
C66 CDL KA . 6.65 8.52 14.67
C67 CDL KA . 7.06 7.18 15.22
CB6 CDL KA . 22.51 3.83 9.92
OB8 CDL KA . 21.49 4.03 8.91
CB7 CDL KA . 21.35 3.04 8.02
OB9 CDL KA . 22.02 2.05 8.02
C71 CDL KA . 20.29 3.35 7.01
C72 CDL KA . 18.89 2.96 7.45
C73 CDL KA . 18.76 1.52 7.92
C74 CDL KA . 17.38 0.94 7.65
C75 CDL KA . 16.24 1.79 8.15
C76 CDL KA . 15.97 1.64 9.63
C77 CDL KA . 14.87 2.55 10.11
C78 CDL KA . 15.26 4.01 10.15
C79 CDL KA . 14.10 4.99 10.10
C80 CDL KA . 13.11 4.84 11.23
C81 CDL KA . 11.75 4.38 10.77
C82 CDL KA . 10.72 4.22 11.87
C83 CDL KA . 10.15 5.52 12.38
C84 CDL KA . 8.66 5.62 12.16
C85 CDL KA . 8.26 5.55 10.72
C86 CDL KA . 8.88 6.63 9.86
C87 CDL KA . 8.97 6.22 8.42
P 3PE LA . 10.01 -2.94 -10.97
N 3PE LA . 12.22 -6.26 -9.74
O11 3PE LA . 8.61 -3.65 -10.67
O12 3PE LA . 10.37 -3.23 -12.37
O13 3PE LA . 11.04 -3.72 -10.04
O14 3PE LA . 9.94 -1.52 -10.53
C11 3PE LA . 12.45 -3.88 -10.34
C12 3PE LA . 12.63 -5.29 -10.79
C1 3PE LA . 7.75 -4.05 -11.75
C2 3PE LA . 6.46 -4.52 -11.17
C3 3PE LA . 6.70 -5.42 -9.99
O31 3PE LA . 5.52 -5.52 -9.17
O32 3PE LA . 6.80 -6.00 -7.41
C31 3PE LA . 5.72 -5.82 -7.88
C32 3PE LA . 4.42 -5.92 -7.13
C33 3PE LA . 3.53 -4.71 -7.35
C34 3PE LA . 2.70 -4.39 -6.12
C35 3PE LA . 1.82 -5.53 -5.63
C36 3PE LA . 0.75 -5.95 -6.61
C37 3PE LA . -0.20 -4.83 -7.02
C38 3PE LA . -1.01 -4.28 -5.88
C39 3PE LA . -1.88 -5.30 -5.18
C3A 3PE LA . -3.05 -5.78 -6.02
C3B 3PE LA . -3.89 -6.83 -5.34
C3C 3PE LA . -4.50 -6.38 -4.03
C3D 3PE LA . -5.11 -7.53 -3.26
O21 3PE LA . 5.75 -3.33 -10.71
O22 3PE LA . 4.41 -3.37 -12.51
C21 3PE LA . 4.76 -2.86 -11.49
C22 3PE LA . 4.18 -1.60 -10.91
C23 3PE LA . 2.78 -1.80 -10.34
C24 3PE LA . 2.38 -0.74 -9.34
C25 3PE LA . 1.03 -0.98 -8.70
C26 3PE LA . 0.80 -0.19 -7.43
C27 3PE LA . -0.58 -0.37 -6.82
C28 3PE LA . -1.68 0.38 -7.56
C29 3PE LA . -3.06 0.19 -6.98
C2A 3PE LA . -4.08 1.21 -7.43
C2B 3PE LA . -4.45 1.18 -8.90
C2C 3PE LA . -5.41 2.29 -9.32
P 3PE MA . 21.40 26.81 -1.65
N 3PE MA . 20.77 27.79 -5.64
O11 3PE MA . 19.87 26.91 -1.17
O12 3PE MA . 22.11 27.98 -1.09
O13 3PE MA . 21.31 27.02 -3.23
O14 3PE MA . 21.91 25.45 -1.37
C11 3PE MA . 22.41 26.72 -4.13
C12 3PE MA . 22.21 27.60 -5.34
C1 3PE MA . 18.89 27.52 -2.04
C2 3PE MA . 17.89 28.29 -1.21
C3 3PE MA . 16.88 29.02 -2.07
O31 3PE MA . 15.60 29.15 -1.38
O32 3PE MA . 14.65 27.90 -2.97
C31 3PE MA . 14.56 28.54 -1.96
C32 3PE MA . 13.29 28.76 -1.20
C33 3PE MA . 12.13 27.99 -1.81
C34 3PE MA . 10.78 28.33 -1.20
C35 3PE MA . 10.57 27.73 0.16
C36 3PE MA . 9.36 28.29 0.89
C37 3PE MA . 8.03 27.73 0.45
C38 3PE MA . 6.84 28.51 0.98
C39 3PE MA . 6.88 28.80 2.48
C3A 3PE MA . 6.99 30.27 2.83
C3B 3PE MA . 6.83 30.60 4.31
C3C 3PE MA . 5.47 30.21 4.87
C3D 3PE MA . 4.28 30.79 4.12
C3E 3PE MA . 2.99 30.03 4.38
C3F 3PE MA . 1.82 30.43 3.50
C3G 3PE MA . 0.62 29.51 3.66
C3H 3PE MA . -0.58 29.88 2.81
C3I 3PE MA . -1.74 28.95 3.03
O21 3PE MA . 17.34 27.50 -0.10
O22 3PE MA . 16.18 26.01 -1.35
C21 3PE MA . 16.59 26.38 -0.29
C22 3PE MA . 16.34 25.68 1.01
C23 3PE MA . 14.91 25.80 1.49
C24 3PE MA . 14.65 27.08 2.26
C25 3PE MA . 13.20 27.29 2.66
C26 3PE MA . 12.56 26.10 3.32
C27 3PE MA . 11.85 26.42 4.62
C28 3PE MA . 10.56 27.21 4.49
C29 3PE MA . 9.37 26.38 4.07
C2A 3PE MA . 9.17 25.09 4.85
C2B 3PE MA . 8.19 25.13 6.01
C2C 3PE MA . 8.65 25.86 7.27
C2D 3PE MA . 7.68 25.84 8.43
C2E 3PE MA . 6.91 27.13 8.68
C2F 3PE MA . 5.95 27.54 7.57
C2G 3PE MA . 4.90 26.50 7.25
C2H 3PE MA . 4.11 26.77 5.99
C2I 3PE MA . 4.91 26.53 4.73
C1 CDL NA . 21.73 25.22 12.96
O1 CDL NA . 20.87 25.25 14.10
CA2 CDL NA . 22.51 26.50 12.90
OA2 CDL NA . 23.30 26.63 14.10
PA1 CDL NA . 24.32 27.86 14.22
OA3 CDL NA . 24.00 28.92 13.25
OA4 CDL NA . 25.72 27.29 14.12
OA5 CDL NA . 24.12 28.32 15.71
CA3 CDL NA . 22.96 28.05 16.51
CA4 CDL NA . 21.88 29.02 16.12
OA6 CDL NA . 20.67 28.58 16.80
CA5 CDL NA . 19.89 27.69 16.17
OA7 CDL NA . 20.10 27.31 15.05
C11 CDL NA . 18.78 27.22 17.05
C12 CDL NA . 17.70 26.39 16.35
C13 CDL NA . 16.87 27.17 15.36
C14 CDL NA . 15.54 26.51 15.08
C15 CDL NA . 14.84 27.01 13.83
C16 CDL NA . 13.35 26.74 13.85
C17 CDL NA . 12.64 27.48 14.96
C18 CDL NA . 11.18 27.12 15.10
C19 CDL NA . 10.40 27.18 13.81
C20 CDL NA . 8.93 26.91 13.99
C21 CDL NA . 8.62 25.55 14.56
C22 CDL NA . 7.15 25.34 14.79
C23 CDL NA . 6.79 23.98 15.34
C24 CDL NA . 5.31 23.82 15.57
C25 CDL NA . 4.87 22.38 15.73
C26 CDL NA . 3.38 22.24 15.64
C27 CDL NA . 2.81 22.76 14.35
CA6 CDL NA . 22.23 30.41 16.56
OA8 CDL NA . 21.14 31.33 16.31
CA7 CDL NA . 21.04 32.36 17.14
OA9 CDL NA . 21.76 32.54 18.08
C31 CDL NA . 19.93 33.28 16.74
C32 CDL NA . 20.02 34.63 17.45
C33 CDL NA . 19.02 35.65 16.93
C34 CDL NA . 17.57 35.26 17.12
C35 CDL NA . 16.58 36.35 16.73
C36 CDL NA . 16.70 37.62 17.56
C37 CDL NA . 17.10 38.84 16.77
CB2 CDL NA . 20.91 25.00 11.74
OB2 CDL NA . 19.92 26.05 11.67
PB2 CDL NA . 19.07 26.22 10.32
OB3 CDL NA . 19.78 25.74 9.14
OB4 CDL NA . 17.73 25.59 10.60
OB5 CDL NA . 18.83 27.82 10.28
CB3 CDL NA . 18.84 28.54 11.52
CB4 CDL NA . 17.48 29.18 11.71
OB6 CDL NA . 17.30 29.83 13.03
CB5 CDL NA . 17.98 30.94 13.40
OB7 CDL NA . 18.90 31.42 12.80
C51 CDL NA . 17.42 31.51 14.67
C52 CDL NA . 16.16 30.79 15.15
C53 CDL NA . 15.37 31.59 16.17
C54 CDL NA . 14.02 30.97 16.48
C55 CDL NA . 13.02 31.93 17.11
C56 CDL NA . 11.62 31.34 17.23
C57 CDL NA . 10.60 32.32 17.77
C58 CDL NA . 10.40 33.55 16.91
C59 CDL NA . 9.38 34.53 17.45
CB6 CDL NA . 17.09 30.09 10.57
OB8 CDL NA . 15.73 30.51 10.78
CB7 CDL NA . 14.90 30.41 9.73
OB9 CDL NA . 15.23 29.93 8.68
C71 CDL NA . 13.56 31.00 10.02
C72 CDL NA . 12.63 30.07 10.78
C73 CDL NA . 12.82 30.13 12.28
C74 CDL NA . 12.49 31.48 12.87
C75 CDL NA . 11.04 31.91 12.69
C76 CDL NA . 10.04 31.00 13.37
C77 CDL NA . 8.61 31.47 13.23
C78 CDL NA . 8.36 32.86 13.80
C79 CDL NA . 6.93 33.33 13.69
C80 CDL NA . 6.69 34.73 14.24
P 3PE OA . -29.82 11.17 -10.84
N 3PE OA . -30.04 14.98 -12.04
O11 3PE OA . -29.63 9.60 -11.04
O12 3PE OA . -31.23 11.39 -10.43
O13 3PE OA . -29.67 11.74 -12.33
O14 3PE OA . -28.73 11.70 -9.98
C11 3PE OA . -30.55 12.73 -12.90
C12 3PE OA . -29.72 13.97 -13.08
C1 3PE OA . -28.91 9.12 -12.19
C2 3PE OA . -27.44 9.21 -11.91
C3 3PE OA . -26.93 8.03 -11.12
O31 3PE OA . -25.53 8.22 -10.83
O32 3PE OA . -24.97 6.74 -12.40
C31 3PE OA . -24.65 7.53 -11.55
C32 3PE OA . -23.25 7.89 -11.20
C33 3PE OA . -22.66 7.06 -10.05
C34 3PE OA . -22.71 5.58 -10.30
C35 3PE OA . -21.66 4.78 -9.57
C36 3PE OA . -20.28 4.86 -10.18
C37 3PE OA . -19.26 3.94 -9.54
C38 3PE OA . -17.93 3.91 -10.28
C39 3PE OA . -16.87 3.01 -9.67
C3A 3PE OA . -15.56 3.00 -10.44
C3B 3PE OA . -14.45 2.19 -9.78
O21 3PE OA . -26.77 9.25 -13.20
O22 3PE OA . -26.12 11.37 -12.85
C21 3PE OA . -26.22 10.41 -13.57
C22 3PE OA . -25.77 10.36 -15.00
C23 3PE OA . -25.15 9.03 -15.39
C24 3PE OA . -23.78 8.82 -14.77
C25 3PE OA . -23.01 7.66 -15.38
C26 3PE OA . -21.62 7.49 -14.81
C27 3PE OA . -20.80 6.43 -15.54
C28 3PE OA . -20.44 6.80 -16.97
C29 3PE OA . -19.78 5.67 -17.75
C2A 3PE OA . -18.60 5.01 -17.06
C2B 3PE OA . -17.39 5.92 -16.87
C1 CDL PA . -0.97 2.36 -28.97
O1 CDL PA . 0.14 2.64 -29.83
CA2 CDL PA . -1.42 3.63 -28.31
OA2 CDL PA . -0.33 4.18 -27.55
PA1 CDL PA . -0.09 5.78 -27.47
OA3 CDL PA . 0.52 6.16 -26.18
OA4 CDL PA . 0.71 6.17 -28.70
OA5 CDL PA . -1.53 6.43 -27.63
CA3 CDL PA . -2.42 6.77 -26.55
CA4 CDL PA . -2.33 8.24 -26.28
OA6 CDL PA . -2.21 8.40 -24.83
CA5 CDL PA . -1.69 9.53 -24.35
OA7 CDL PA . -1.23 10.40 -25.03
C11 CDL PA . -1.74 9.55 -22.86
C12 CDL PA . -1.36 10.89 -22.26
C13 CDL PA . -2.52 11.86 -22.18
C14 CDL PA . -2.35 12.89 -21.09
C15 CDL PA . -3.51 13.83 -20.94
C16 CDL PA . -4.85 13.14 -20.86
C17 CDL PA . -5.99 14.08 -20.57
C18 CDL PA . -7.36 13.47 -20.77
C19 CDL PA . -8.48 14.42 -20.45
C20 CDL PA . -9.83 13.95 -20.90
C21 CDL PA . -10.97 14.71 -20.28
C22 CDL PA . -10.86 16.22 -20.48
C23 CDL PA . -11.67 16.99 -19.46
C24 CDL PA . -11.72 18.47 -19.72
C25 CDL PA . -12.37 19.23 -18.60
C26 CDL PA . -11.47 19.44 -17.41
C27 CDL PA . -10.30 20.32 -17.75
CA6 CDL PA . -3.58 8.96 -26.69
OA8 CDL PA . -4.61 8.63 -25.74
CA7 CDL PA . -5.04 9.63 -24.96
OA9 CDL PA . -4.70 10.77 -25.08
C31 CDL PA . -5.95 9.12 -23.88
C32 CDL PA . -7.40 9.53 -24.04
C33 CDL PA . -7.73 10.83 -23.34
C34 CDL PA . -9.16 10.89 -22.85
C35 CDL PA . -9.53 9.70 -21.98
C36 CDL PA . -10.97 9.63 -21.55
C37 CDL PA . -11.35 10.63 -20.49
C38 CDL PA . -12.72 10.39 -19.88
C39 CDL PA . -13.86 10.48 -20.87
C40 CDL PA . -13.97 11.84 -21.54
C41 CDL PA . -15.37 12.20 -22.01
C42 CDL PA . -16.31 12.64 -20.90
C43 CDL PA . -17.32 11.57 -20.47
C44 CDL PA . -18.21 11.11 -21.60
C45 CDL PA . -19.06 12.22 -22.19
C46 CDL PA . -19.63 11.89 -23.54
C47 CDL PA . -20.56 10.72 -23.50
CB2 CDL PA . -2.05 1.70 -29.79
OB2 CDL PA . -3.09 1.21 -28.90
PB2 CDL PA . -4.61 1.23 -29.40
OB3 CDL PA . -4.70 0.90 -30.84
OB4 CDL PA . -5.40 0.30 -28.49
OB5 CDL PA . -5.15 2.72 -29.09
CB3 CDL PA . -5.06 3.31 -27.78
CB4 CDL PA . -6.42 3.78 -27.34
OB6 CDL PA . -6.50 3.54 -25.90
CB5 CDL PA . -6.07 4.51 -25.07
OB7 CDL PA . -5.67 5.58 -25.45
C51 CDL PA . -6.12 4.05 -23.64
C52 CDL PA . -6.19 5.19 -22.63
C53 CDL PA . -7.48 5.98 -22.68
C54 CDL PA . -8.71 5.22 -22.19
C55 CDL PA . -9.99 6.03 -22.27
C56 CDL PA . -11.22 5.35 -21.70
C57 CDL PA . -12.48 6.20 -21.80
C58 CDL PA . -13.72 5.56 -21.21
C59 CDL PA . -14.96 6.44 -21.27
C60 CDL PA . -16.19 5.83 -20.63
C61 CDL PA . -17.41 6.74 -20.65
CB6 CDL PA . -7.51 2.98 -27.99
OB8 CDL PA . -8.68 2.98 -27.13
CB7 CDL PA . -9.87 2.98 -27.72
OB9 CDL PA . -10.03 3.08 -28.91
C71 CDL PA . -10.96 2.84 -26.71
C72 CDL PA . -11.93 4.01 -26.67
C73 CDL PA . -12.87 3.95 -25.48
C74 CDL PA . -13.50 2.58 -25.28
C75 CDL PA . -14.48 2.50 -24.13
C76 CDL PA . -15.73 3.34 -24.33
C77 CDL PA . -16.82 3.04 -23.31
C78 CDL PA . -18.00 3.98 -23.38
C79 CDL PA . -19.00 3.78 -22.26
C80 CDL PA . -20.02 2.69 -22.52
C81 CDL PA . -21.14 3.14 -23.43
C82 CDL PA . -22.52 3.13 -22.78
C83 CDL PA . -22.62 3.99 -21.54
C84 CDL PA . -23.98 3.97 -20.88
C85 CDL PA . -24.06 4.74 -19.58
C86 CDL PA . -23.17 4.17 -18.49
C87 CDL PA . -23.51 2.74 -18.13
C1 CDL QA . 0.62 -7.55 -24.11
O1 CDL QA . 0.61 -7.77 -25.52
CA2 CDL QA . -0.37 -6.47 -23.78
OA2 CDL QA . 0.29 -5.19 -23.77
PA1 CDL QA . 0.47 -4.30 -25.12
OA3 CDL QA . 1.84 -3.73 -25.23
OA4 CDL QA . 0.07 -5.16 -26.32
OA5 CDL QA . -0.62 -3.15 -25.02
CA3 CDL QA . -1.35 -2.63 -26.16
CA4 CDL QA . -2.83 -2.73 -25.89
OA6 CDL QA . -3.33 -1.42 -25.49
CA5 CDL QA . -4.59 -1.12 -25.80
OA7 CDL QA . -5.30 -1.82 -26.46
C11 CDL QA . -5.00 0.20 -25.21
C12 CDL QA . -6.51 0.38 -25.14
C13 CDL QA . -7.17 -0.42 -24.05
C14 CDL QA . -8.68 -0.23 -24.00
C15 CDL QA . -9.10 1.22 -23.89
C16 CDL QA . -9.64 1.61 -22.52
C17 CDL QA . -11.05 1.13 -22.25
C18 CDL QA . -11.64 1.73 -20.98
C19 CDL QA . -13.12 1.41 -20.77
C20 CDL QA . -13.69 2.07 -19.52
C21 CDL QA . -12.88 1.79 -18.27
C22 CDL QA . -13.44 2.36 -16.99
C23 CDL QA . -12.56 2.09 -15.78
C24 CDL QA . -12.33 0.60 -15.53
C25 CDL QA . -11.18 0.31 -14.58
C26 CDL QA . -11.31 0.95 -13.22
C27 CDL QA . -12.46 0.40 -12.42
CA6 CDL QA . -3.15 -3.73 -24.81
OA8 CDL QA . -3.11 -3.08 -23.51
CA7 CDL QA . -4.29 -2.82 -22.94
OA9 CDL QA . -5.34 -3.10 -23.44
C31 CDL QA . -4.12 -2.10 -21.64
C32 CDL QA . -4.67 -2.84 -20.42
C33 CDL QA . -6.19 -2.85 -20.35
C34 CDL QA . -6.81 -1.48 -20.09
C35 CDL QA . -8.32 -1.47 -20.23
C36 CDL QA . -9.03 -2.62 -19.54
C37 CDL QA . -10.53 -2.47 -19.46
C38 CDL QA . -10.99 -1.39 -18.50
CB2 CDL QA . 0.37 -8.86 -23.40
OB2 CDL QA . -0.64 -9.60 -24.12
PB2 CDL QA . -2.13 -9.71 -23.52
OB3 CDL QA . -3.04 -8.75 -24.19
OB4 CDL QA . -2.56 -11.17 -23.66
OB5 CDL QA . -1.98 -9.41 -21.93
CB3 CDL QA . -2.60 -8.25 -21.31
CB4 CDL QA . -3.49 -8.70 -20.19
OB6 CDL QA . -4.44 -7.66 -19.85
CB5 CDL QA . -4.10 -6.78 -18.90
OB7 CDL QA . -2.99 -6.72 -18.41
C51 CDL QA . -5.26 -5.93 -18.48
C52 CDL QA . -5.52 -6.02 -16.98
C53 CDL QA . -6.78 -5.32 -16.52
C54 CDL QA . -6.81 -3.84 -16.84
C55 CDL QA . -7.66 -3.03 -15.91
C56 CDL QA . -7.21 -3.08 -14.46
C57 CDL QA . -7.73 -1.93 -13.62
C58 CDL QA . -7.33 -1.99 -12.17
C59 CDL QA . -7.84 -0.83 -11.35
C60 CDL QA . -7.66 -1.01 -9.85
C61 CDL QA . -8.43 -2.22 -9.31
CB6 CDL QA . -4.28 -9.92 -20.58
OB8 CDL QA . -4.51 -10.75 -19.41
CB7 CDL QA . -3.98 -11.97 -19.44
OB9 CDL QA . -3.32 -12.39 -20.35
C71 CDL QA . -4.30 -12.72 -18.18
C72 CDL QA . -5.48 -12.15 -17.42
C73 CDL QA . -6.83 -12.67 -17.91
C74 CDL QA . -7.93 -11.64 -17.80
C75 CDL QA . -7.98 -10.92 -16.45
C76 CDL QA . -8.82 -11.60 -15.39
C77 CDL QA . -9.20 -10.67 -14.25
C78 CDL QA . -10.27 -11.22 -13.33
C79 CDL QA . -10.79 -10.20 -12.33
C80 CDL QA . -9.76 -9.74 -11.30
C81 CDL QA . -9.94 -10.37 -9.93
C82 CDL QA . -11.25 -10.02 -9.26
C83 CDL QA . -11.46 -10.66 -7.91
C84 CDL QA . -12.77 -10.28 -7.26
C85 CDL QA . -14.00 -10.67 -8.06
C86 CDL QA . -15.30 -10.19 -7.48
C87 CDL QA . -15.38 -8.68 -7.39
C1 CDL RA . -6.69 -24.92 49.43
O1 CDL RA . -7.11 -23.56 49.38
CA2 CDL RA . -5.80 -25.12 50.63
OA2 CDL RA . -5.67 -26.54 50.88
PA1 CDL RA . -5.31 -27.06 52.35
OA3 CDL RA . -6.35 -27.92 52.94
OA4 CDL RA . -5.03 -25.81 53.16
OA5 CDL RA . -3.92 -27.81 52.19
CA3 CDL RA . -2.67 -27.12 52.14
CA4 CDL RA . -1.57 -28.00 51.63
OA6 CDL RA . -1.11 -28.77 52.79
CA5 CDL RA . -0.42 -29.92 52.60
OA7 CDL RA . 0.03 -30.25 51.54
C11 CDL RA . -0.32 -30.71 53.85
C12 CDL RA . -1.04 -32.05 53.73
C13 CDL RA . -0.18 -33.15 53.14
C14 CDL RA . -0.92 -34.46 52.93
C15 CDL RA . -0.02 -35.65 52.65
C16 CDL RA . 0.70 -36.19 53.88
C17 CDL RA . -0.24 -36.51 55.04
C18 CDL RA . 0.22 -37.66 55.93
C19 CDL RA . 1.52 -37.42 56.67
C20 CDL RA . 1.78 -38.46 57.76
C21 CDL RA . 3.08 -38.26 58.53
C22 CDL RA . 3.01 -37.21 59.62
C23 CDL RA . 2.05 -37.56 60.74
C24 CDL RA . 2.07 -36.58 61.91
C25 CDL RA . 1.73 -35.15 61.52
C26 CDL RA . 1.65 -34.19 62.69
C27 CDL RA . 1.31 -32.78 62.28
CA6 CDL RA . -0.45 -27.14 51.12
OA8 CDL RA . -0.77 -26.79 49.75
CA7 CDL RA . 0.08 -27.18 48.81
OA9 CDL RA . 1.11 -27.77 49.05
C31 CDL RA . -0.40 -26.79 47.45
C32 CDL RA . 0.69 -26.22 46.55
C33 CDL RA . 1.46 -27.27 45.78
C34 CDL RA . 1.51 -27.00 44.29
C35 CDL RA . 2.49 -27.88 43.52
C36 CDL RA . 2.52 -27.63 42.02
C37 CDL RA . 3.77 -28.18 41.34
C38 CDL RA . 3.52 -29.34 40.38
C39 CDL RA . 2.82 -30.54 41.02
C40 CDL RA . 2.69 -31.74 40.09
C41 CDL RA . 4.01 -32.44 39.80
C42 CDL RA . 4.71 -32.97 41.04
C43 CDL RA . 5.89 -33.88 40.75
C44 CDL RA . 5.52 -35.17 40.06
C45 CDL RA . 4.57 -36.06 40.86
C46 CDL RA . 4.12 -37.30 40.12
C47 CDL RA . 3.41 -36.98 38.84
CB2 CDL RA . -6.02 -25.28 48.12
OB2 CDL RA . -4.69 -24.74 48.12
PB2 CDL RA . -4.16 -23.97 46.82
OB3 CDL RA . -5.24 -23.22 46.18
OB4 CDL RA . -2.96 -23.14 47.23
OB5 CDL RA . -3.60 -25.12 45.82
CB3 CDL RA . -4.38 -25.33 44.62
CB4 CDL RA . -3.72 -26.34 43.72
OB6 CDL RA . -2.80 -27.18 44.48
CB5 CDL RA . -2.65 -28.45 44.06
OB7 CDL RA . -3.23 -28.91 43.12
C51 CDL RA . -1.68 -29.20 44.92
C52 CDL RA . -0.97 -30.32 44.16
C53 CDL RA . -1.45 -31.72 44.56
C54 CDL RA . -2.92 -31.97 44.29
C55 CDL RA . -3.30 -33.43 44.29
C56 CDL RA . -2.45 -34.27 43.36
C57 CDL RA . -3.06 -35.59 42.95
C58 CDL RA . -4.23 -35.45 42.00
C59 CDL RA . -4.65 -36.76 41.35
C60 CDL RA . -5.86 -36.67 40.44
C61 CDL RA . -5.69 -35.69 39.30
C62 CDL RA . -4.65 -36.10 38.26
C63 CDL RA . -4.96 -37.42 37.58
C64 CDL RA . -3.92 -37.83 36.54
C65 CDL RA . -4.20 -39.18 35.94
C66 CDL RA . -3.09 -39.73 35.07
C67 CDL RA . -2.97 -39.04 33.75
CB6 CDL RA . -2.97 -25.69 42.60
OB8 CDL RA . -1.88 -24.89 43.12
CB7 CDL RA . -1.22 -24.16 42.23
OB9 CDL RA . -1.50 -24.14 41.06
C71 CDL RA . -0.13 -23.37 42.85
C72 CDL RA . 0.68 -22.57 41.84
C73 CDL RA . 1.74 -23.38 41.15
C74 CDL RA . 2.51 -22.60 40.08
C75 CDL RA . 3.89 -23.14 39.79
C76 CDL RA . 4.87 -22.94 40.93
C77 CDL RA . 6.26 -23.49 40.65
C78 CDL RA . 6.34 -25.01 40.60
C79 CDL RA . 7.75 -25.54 40.42
C80 CDL RA . 7.84 -27.05 40.34
C81 CDL RA . 7.57 -27.76 41.64
C82 CDL RA . 8.71 -27.69 42.63
C83 CDL RA . 8.48 -28.47 43.91
C84 CDL RA . 8.26 -29.96 43.72
C85 CDL RA . 6.84 -30.42 44.02
C86 CDL RA . 6.36 -29.99 45.39
C87 CDL RA . 4.87 -29.97 45.50
O7 ZMP SA . 29.84 -69.84 -18.36
P1 ZMP SA . 29.07 -68.80 -17.42
O6 ZMP SA . 29.84 -67.54 -17.39
O5 ZMP SA . 27.71 -68.57 -18.23
C21 ZMP SA . 27.77 -68.45 -19.65
C18 ZMP SA . 26.40 -68.75 -20.26
C19 ZMP SA . 25.78 -69.92 -19.51
C20 ZMP SA . 25.50 -67.53 -20.11
C17 ZMP SA . 26.56 -69.15 -21.73
O4 ZMP SA . 27.77 -69.89 -21.88
C16 ZMP SA . 26.58 -67.94 -22.68
O3 ZMP SA . 27.53 -67.15 -22.68
N2 ZMP SA . 25.55 -67.82 -23.53
C15 ZMP SA . 24.40 -68.74 -23.58
C14 ZMP SA . 23.16 -68.01 -23.06
C13 ZMP SA . 22.01 -69.00 -22.89
O2 ZMP SA . 21.44 -69.49 -23.86
N1 ZMP SA . 21.67 -69.25 -21.62
C12 ZMP SA . 20.59 -70.17 -21.25
C11 ZMP SA . 19.23 -69.47 -21.39
S1 ZMP SA . 17.85 -70.66 -21.41
C10 ZMP SA . 17.06 -70.19 -19.96
O1 ZMP SA . 17.38 -69.20 -19.32
C9 ZMP SA . 15.91 -71.10 -19.50
C8 ZMP SA . 15.62 -70.80 -18.04
C7 ZMP SA . 14.22 -71.28 -17.66
C6 ZMP SA . 13.44 -70.14 -17.00
C5 ZMP SA . 13.71 -70.14 -15.50
C4 ZMP SA . 12.71 -69.22 -14.79
C3 ZMP SA . 11.64 -70.07 -14.10
C2 ZMP SA . 11.24 -69.42 -12.77
P AMP TA . 57.94 13.05 -10.52
O1P AMP TA . 59.02 12.31 -9.79
O2P AMP TA . 56.88 13.65 -9.62
O3P AMP TA . 58.42 13.96 -11.62
O5' AMP TA . 57.17 11.90 -11.31
C5' AMP TA . 55.76 11.73 -11.15
C4' AMP TA . 55.40 10.29 -10.90
O4' AMP TA . 53.96 10.16 -10.81
C3' AMP TA . 55.84 9.32 -12.00
O3' AMP TA . 56.15 8.05 -11.41
C2' AMP TA . 54.58 9.19 -12.85
O2' AMP TA . 54.51 8.00 -13.60
C1' AMP TA . 53.49 9.24 -11.78
N9 AMP TA . 52.19 9.69 -12.27
C8 AMP TA . 51.74 10.96 -12.24
N7 AMP TA . 50.50 11.03 -12.78
C5 AMP TA . 50.15 9.79 -13.17
C6 AMP TA . 48.97 9.16 -13.81
N6 AMP TA . 47.89 9.90 -14.15
N1 AMP TA . 49.01 7.84 -14.04
C2 AMP TA . 50.08 7.10 -13.71
N3 AMP TA . 51.18 7.60 -13.13
C4 AMP TA . 51.27 8.91 -12.83
P 3PE UA . -7.23 35.62 8.84
N 3PE UA . -7.80 32.73 5.15
O11 3PE UA . -6.17 35.90 9.97
O12 3PE UA . -8.27 34.76 9.44
O13 3PE UA . -6.44 34.73 7.76
O14 3PE UA . -7.62 36.90 8.21
C11 3PE UA . -6.88 33.42 7.32
C12 3PE UA . -6.65 33.36 5.85
C1 3PE UA . -5.58 34.82 10.71
C2 3PE UA . -4.12 34.71 10.37
C3 3PE UA . -3.34 35.90 10.86
O31 3PE UA . -1.95 35.50 10.83
O32 3PE UA . -1.37 37.27 12.06
C31 3PE UA . -1.07 36.26 11.48
C32 3PE UA . 0.31 35.69 11.39
C33 3PE UA . 1.04 35.66 12.72
C34 3PE UA . 2.20 34.68 12.73
C35 3PE UA . 1.76 33.23 12.53
C36 3PE UA . 2.88 32.22 12.55
C37 3PE UA . 2.42 30.79 12.33
C38 3PE UA . 3.53 29.75 12.37
O21 3PE UA . -3.58 33.59 11.12
O22 3PE UA . -3.56 32.29 9.29
C21 3PE UA . -3.32 32.46 10.46
C22 3PE UA . -2.69 31.45 11.37
C23 3PE UA . -2.27 30.15 10.69
C24 3PE UA . -1.04 30.28 9.82
C25 3PE UA . -0.23 29.00 9.74
C26 3PE UA . 0.84 28.98 8.66
C27 3PE UA . 1.90 27.93 8.91
C28 3PE UA . 1.36 26.57 9.33
P 3PE VA . -5.64 -18.10 -26.86
O11 3PE VA . -6.77 -17.92 -25.76
O12 3PE VA . -4.66 -19.08 -26.34
O13 3PE VA . -6.40 -18.78 -28.08
O14 3PE VA . -5.15 -16.75 -27.27
C1 3PE VA . -6.46 -17.31 -24.49
C2 3PE VA . -7.69 -17.32 -23.62
C3 3PE VA . -8.29 -18.69 -23.52
O31 3PE VA . -9.28 -18.68 -22.46
O32 3PE VA . -10.84 -19.42 -23.87
C31 3PE VA . -10.51 -19.08 -22.77
C32 3PE VA . -11.41 -19.05 -21.57
O21 3PE VA . -7.25 -16.93 -22.27
O22 3PE VA . -7.84 -14.81 -22.67
C21 3PE VA . -7.40 -15.65 -21.93
C22 3PE VA . -6.94 -15.38 -20.53
C23 3PE VA . -7.83 -16.01 -19.47
C24 3PE VA . -9.30 -15.94 -19.80
C25 3PE VA . -10.22 -15.93 -18.60
C26 3PE VA . -10.05 -17.10 -17.65
C27 3PE VA . -10.98 -17.03 -16.45
C28 3PE VA . -10.74 -18.09 -15.39
C29 3PE VA . -9.29 -18.13 -14.91
C2A 3PE VA . -9.06 -18.88 -13.61
C2B 3PE VA . -9.60 -18.17 -12.39
C2C 3PE VA . -9.25 -18.85 -11.07
C2D 3PE VA . -9.79 -18.14 -9.84
C1 MYR WA . -31.62 -74.25 10.80
O1 MYR WA . -31.14 -74.72 9.79
C2 MYR WA . -31.38 -72.85 11.27
C3 MYR WA . -30.19 -72.73 12.20
C4 MYR WA . -29.65 -71.31 12.32
C5 MYR WA . -29.19 -70.72 11.00
C6 MYR WA . -28.10 -71.49 10.28
C7 MYR WA . -26.82 -71.68 11.08
C8 MYR WA . -25.68 -72.29 10.25
C9 MYR WA . -24.44 -72.59 11.07
C10 MYR WA . -24.54 -73.88 11.89
C11 MYR WA . -24.08 -75.12 11.13
C12 MYR WA . -22.63 -75.02 10.67
C13 MYR WA . -22.14 -76.23 9.92
C14 MYR WA . -20.71 -76.08 9.44
O12 PC1 XA . -8.14 -25.58 38.85
P PC1 XA . -7.35 -24.33 38.96
O14 PC1 XA . -7.83 -23.11 38.26
O13 PC1 XA . -7.15 -24.01 40.51
C11 PC1 XA . -8.20 -23.36 41.26
C12 PC1 XA . -7.64 -22.01 41.58
N PC1 XA . -6.96 -21.86 42.93
C13 PC1 XA . -7.01 -20.42 43.32
C14 PC1 XA . -7.64 -22.67 43.98
C15 PC1 XA . -5.53 -22.29 42.82
O11 PC1 XA . -5.86 -24.61 38.50
C1 PC1 XA . -5.03 -23.47 38.27
C2 PC1 XA . -4.02 -23.76 37.20
O21 PC1 XA . -2.94 -24.47 37.86
C21 PC1 XA . -3.02 -25.81 37.90
O22 PC1 XA . -3.92 -26.44 37.40
C22 PC1 XA . -1.88 -26.40 38.65
C23 PC1 XA . -2.15 -27.83 39.07
C24 PC1 XA . -0.94 -28.48 39.72
C25 PC1 XA . 0.29 -28.47 38.83
C26 PC1 XA . 0.18 -29.31 37.58
C27 PC1 XA . -0.27 -30.73 37.84
C28 PC1 XA . -0.24 -31.62 36.63
C29 PC1 XA . 1.14 -32.08 36.23
C2A PC1 XA . 1.13 -33.44 35.56
C2B PC1 XA . 0.41 -34.51 36.37
C2C PC1 XA . 0.28 -35.83 35.64
C2D PC1 XA . -0.47 -35.73 34.33
C2E PC1 XA . -0.04 -36.76 33.31
C2F PC1 XA . 1.38 -36.60 32.83
C2G PC1 XA . 1.83 -37.65 31.83
C2H PC1 XA . 3.12 -37.29 31.12
C2I PC1 XA . 3.00 -36.05 30.27
C3 PC1 XA . -3.45 -22.49 36.66
O31 PC1 XA . -2.33 -22.75 35.78
C31 PC1 XA . -1.64 -21.68 35.40
O32 PC1 XA . -1.86 -20.57 35.80
C32 PC1 XA . -0.59 -22.04 34.40
C33 PC1 XA . -0.71 -21.21 33.12
C34 PC1 XA . 0.04 -19.91 33.16
C35 PC1 XA . 0.04 -19.20 31.82
C36 PC1 XA . 0.91 -17.97 31.81
C37 PC1 XA . 2.37 -18.28 32.09
C38 PC1 XA . 3.18 -17.08 32.54
C39 PC1 XA . 3.23 -15.94 31.55
C3A PC1 XA . 3.76 -16.35 30.19
C3B PC1 XA . 3.66 -15.27 29.15
C3C PC1 XA . 3.43 -15.83 27.76
C3D PC1 XA . 2.00 -16.15 27.44
C3E PC1 XA . 1.76 -16.51 25.99
C3F PC1 XA . 0.30 -16.54 25.61
C3G PC1 XA . -0.39 -15.19 25.74
C3H PC1 XA . -1.80 -15.26 26.25
C3I PC1 XA . -1.88 -15.66 27.70
P 3PE YA . 31.46 55.77 -18.35
N 3PE YA . 31.74 56.64 -21.59
O11 3PE YA . 30.59 57.01 -17.84
O12 3PE YA . 32.62 56.31 -19.10
O13 3PE YA . 30.47 55.07 -19.40
O14 3PE YA . 31.69 54.86 -17.21
C11 3PE YA . 30.91 54.52 -20.66
C12 3PE YA . 30.69 55.59 -21.68
C1 3PE YA . 30.78 57.50 -16.50
C2 3PE YA . 29.48 57.45 -15.76
C3 3PE YA . 28.94 56.04 -15.68
O31 3PE YA . 27.83 55.99 -14.76
O32 3PE YA . 26.41 56.41 -16.44
C31 3PE YA . 26.61 56.19 -15.28
C32 3PE YA . 25.56 56.08 -14.22
C33 3PE YA . 24.53 57.22 -14.24
C34 3PE YA . 23.49 57.07 -15.33
C35 3PE YA . 22.29 57.97 -15.15
C36 3PE YA . 21.31 57.89 -16.30
C37 3PE YA . 19.97 58.53 -15.99
C38 3PE YA . 20.07 59.89 -15.34
C39 3PE YA . 18.80 60.70 -15.49
C3A 3PE YA . 18.81 62.03 -14.77
C3B 3PE YA . 17.97 62.02 -13.50
C3C 3PE YA . 18.66 61.42 -12.29
C3D 3PE YA . 17.75 61.24 -11.10
C3E 3PE YA . 18.46 60.76 -9.85
C3F 3PE YA . 19.11 61.85 -9.02
C3G 3PE YA . 18.12 62.83 -8.41
C3H 3PE YA . 18.75 63.83 -7.45
C3I 3PE YA . 19.42 63.17 -6.27
O21 3PE YA . 29.70 57.92 -14.40
O22 3PE YA . 29.42 60.05 -15.02
C21 3PE YA . 29.58 59.23 -14.16
C22 3PE YA . 29.65 59.52 -12.70
C23 3PE YA . 28.28 59.46 -12.03
C24 3PE YA . 28.34 59.74 -10.55
C25 3PE YA . 28.70 61.17 -10.20
C26 3PE YA . 27.71 62.21 -10.69
C27 3PE YA . 27.83 63.53 -9.96
C28 3PE YA . 26.80 64.58 -10.35
C29 3PE YA . 26.77 65.74 -9.36
C2A 3PE YA . 25.88 66.90 -9.79
C2B 3PE YA . 25.72 67.96 -8.71
C2C 3PE YA . 24.96 67.48 -7.48
C2D 3PE YA . 23.52 67.09 -7.77
C2E 3PE YA . 22.74 66.56 -6.57
C2F 3PE YA . 22.66 65.05 -6.42
C2G 3PE YA . 23.85 64.37 -5.75
C2H 3PE YA . 24.89 63.82 -6.70
C2I 3PE YA . 26.02 63.09 -5.99
O12 PC1 ZA . 30.61 65.16 -27.45
P PC1 ZA . 29.30 64.52 -27.18
O14 PC1 ZA . 28.82 63.44 -28.06
O13 PC1 ZA . 29.33 64.03 -25.67
C11 PC1 ZA . 30.45 63.30 -25.13
C12 PC1 ZA . 29.78 62.17 -24.39
N PC1 ZA . 30.69 61.06 -23.93
C13 PC1 ZA . 29.89 60.02 -23.20
C14 PC1 ZA . 31.33 60.40 -25.11
C15 PC1 ZA . 31.75 61.59 -23.02
O11 PC1 ZA . 28.22 65.69 -27.12
C1 PC1 ZA . 26.89 65.45 -27.59
C2 PC1 ZA . 26.23 66.78 -27.90
O21 PC1 ZA . 25.83 67.57 -26.72
C21 PC1 ZA . 24.77 67.23 -25.93
O22 PC1 ZA . 24.39 66.11 -25.76
C22 PC1 ZA . 24.15 68.45 -25.31
C23 PC1 ZA . 22.70 68.60 -25.71
C24 PC1 ZA . 22.08 69.92 -25.27
C25 PC1 ZA . 22.47 70.29 -23.85
C26 PC1 ZA . 21.64 71.41 -23.24
C27 PC1 ZA . 22.12 71.76 -21.85
C28 PC1 ZA . 21.34 72.88 -21.21
C29 PC1 ZA . 21.93 73.38 -19.91
C2A PC1 ZA . 22.00 72.32 -18.83
C2B PC1 ZA . 22.42 72.87 -17.48
C2C PC1 ZA . 23.84 73.40 -17.42
C2D PC1 ZA . 24.23 74.04 -16.08
C2E PC1 ZA . 24.37 73.09 -14.89
C2F PC1 ZA . 23.17 73.06 -13.96
C2G PC1 ZA . 22.71 74.45 -13.52
C2H PC1 ZA . 21.47 74.44 -12.65
C2I PC1 ZA . 21.07 75.82 -12.18
C3 PC1 ZA . 25.05 66.65 -28.82
O31 PC1 ZA . 25.49 66.21 -30.12
C31 PC1 ZA . 25.11 66.95 -31.16
O32 PC1 ZA . 24.48 67.97 -31.05
C32 PC1 ZA . 25.54 66.34 -32.46
C33 PC1 ZA . 24.53 66.51 -33.58
C34 PC1 ZA . 24.64 67.86 -34.29
C35 PC1 ZA . 23.61 68.04 -35.39
C36 PC1 ZA . 23.62 69.43 -36.02
C37 PC1 ZA . 23.55 70.58 -35.02
C38 PC1 ZA . 23.62 71.95 -35.66
C39 PC1 ZA . 23.31 73.10 -34.71
C3A PC1 ZA . 21.85 73.21 -34.34
C3B PC1 ZA . 21.50 74.49 -33.60
C3C PC1 ZA . 20.02 74.83 -33.63
C3D PC1 ZA . 19.19 74.16 -32.56
C3E PC1 ZA . 18.62 75.15 -31.55
C3F PC1 ZA . 17.11 75.18 -31.48
C3G PC1 ZA . 16.44 75.48 -32.80
C3H PC1 ZA . 14.93 75.65 -32.70
C3I PC1 ZA . 14.26 74.46 -32.11
P 3PE AB . -10.06 63.78 -30.76
N 3PE AB . -13.74 66.47 -30.01
O11 3PE AB . -9.16 63.71 -32.07
O12 3PE AB . -10.95 62.60 -30.79
O13 3PE AB . -10.99 65.05 -30.95
O14 3PE AB . -9.17 63.97 -29.59
C11 3PE AB . -12.36 64.94 -31.35
C12 3PE AB . -13.17 65.11 -30.11
C1 3PE AB . -8.40 62.52 -32.36
C2 3PE AB . -8.39 62.29 -33.84
C3 3PE AB . -7.22 61.46 -34.27
O31 3PE AB . -7.52 60.07 -34.46
O32 3PE AB . -6.86 60.25 -36.58
C31 3PE AB . -7.21 59.57 -35.66
C32 3PE AB . -7.34 58.08 -35.72
C33 3PE AB . -6.32 57.47 -36.68
C34 3PE AB . -6.56 55.99 -36.94
C35 3PE AB . -5.48 55.33 -37.78
C36 3PE AB . -5.35 55.85 -39.20
C37 3PE AB . -4.27 55.17 -40.02
C38 3PE AB . -3.98 55.82 -41.37
C39 3PE AB . -2.92 55.12 -42.20
C3A 3PE AB . -3.41 53.90 -42.96
C3B 3PE AB . -4.22 54.21 -44.21
C3C 3PE AB . -4.81 53.00 -44.90
C3D 3PE AB . -3.80 51.92 -45.25
C3E 3PE AB . -4.40 50.72 -45.97
C3F 3PE AB . -3.44 49.55 -46.17
C3G 3PE AB . -2.95 48.92 -44.89
C3H 3PE AB . -2.11 47.67 -45.08
C3I 3PE AB . -2.87 46.53 -45.72
O21 3PE AB . -9.64 61.64 -34.22
O22 3PE AB . -10.60 63.63 -34.65
C21 3PE AB . -10.67 62.44 -34.55
C22 3PE AB . -11.93 61.65 -34.73
C23 3PE AB . -12.40 61.57 -36.18
C24 3PE AB . -13.07 60.26 -36.51
C25 3PE AB . -12.17 59.06 -36.28
C26 3PE AB . -12.75 57.76 -36.81
C27 3PE AB . -12.01 56.52 -36.33
C28 3PE AB . -10.65 56.28 -36.96
C29 3PE AB . -10.70 55.69 -38.34
C2A 3PE AB . -9.68 54.59 -38.59
C2B 3PE AB . -9.63 54.10 -40.03
C2C 3PE AB . -8.88 52.81 -40.27
C2D 3PE AB . -7.42 52.81 -39.84
C2E 3PE AB . -6.59 51.69 -40.45
C2F 3PE AB . -5.16 51.60 -39.96
C2G 3PE AB . -4.26 50.74 -40.83
C2H 3PE AB . -2.80 50.78 -40.44
C2I 3PE AB . -1.89 50.17 -41.47
P 3PE BB . 1.76 23.06 -39.34
N 3PE BB . -0.70 20.37 -41.10
O11 3PE BB . 0.51 22.86 -38.38
O12 3PE BB . 1.68 24.42 -39.89
O13 3PE BB . 1.43 22.04 -40.53
O14 3PE BB . 2.99 22.63 -38.64
C11 3PE BB . 1.66 20.62 -40.46
C12 3PE BB . 0.35 19.99 -40.12
C1 3PE BB . 0.12 23.93 -37.50
C2 3PE BB . -1.31 24.29 -37.74
C3 3PE BB . -2.24 23.21 -37.25
O31 3PE BB . -3.01 22.64 -38.34
O32 3PE BB . -4.55 24.24 -38.12
C31 3PE BB . -4.18 23.21 -38.61
C32 3PE BB . -4.96 22.42 -39.61
C33 3PE BB . -6.34 21.96 -39.12
C34 3PE BB . -7.41 23.06 -39.16
C35 3PE BB . -7.71 23.70 -37.82
C36 3PE BB . -7.71 25.23 -37.84
C37 3PE BB . -9.06 25.86 -38.12
C38 3PE BB . -10.08 25.60 -37.02
C39 3PE BB . -9.64 26.07 -35.65
C3A 3PE BB . -10.48 25.55 -34.50
C3B 3PE BB . -10.52 24.03 -34.41
C3C 3PE BB . -11.21 23.49 -33.18
C3D 3PE BB . -12.64 23.96 -33.01
O21 3PE BB . -1.61 25.47 -36.92
O22 3PE BB . -2.75 26.45 -38.58
C21 3PE BB . -2.34 26.45 -37.46
C22 3PE BB . -2.58 27.55 -36.46
C23 3PE BB . -3.48 28.66 -36.97
C24 3PE BB . -4.91 28.57 -36.49
C25 3PE BB . -5.70 29.86 -36.68
C26 3PE BB . -7.19 29.76 -36.40
C27 3PE BB . -7.97 31.02 -36.74
C28 3PE BB . -9.42 30.79 -37.17
C29 3PE BB . -10.49 30.91 -36.09
C2A 3PE BB . -10.57 29.76 -35.09
C2B 3PE BB . -11.76 29.82 -34.16
C2C 3PE BB . -11.92 31.15 -33.43
#